data_7QNM
#
_entry.id   7QNM
#
_cell.length_a   76.165
_cell.length_b   132.789
_cell.length_c   275.698
_cell.angle_alpha   90.00
_cell.angle_beta   92.31
_cell.angle_gamma   90.00
#
_symmetry.space_group_name_H-M   'P 1 21 1'
#
loop_
_entity.id
_entity.type
_entity.pdbx_description
1 polymer '(S)-2-haloacid dehalogenase'
2 non-polymer 'PHOSPHATE ION'
3 water water
#
_entity_poly.entity_id   1
_entity_poly.type   'polypeptide(L)'
_entity_poly.pdbx_seq_one_letter_code
;MSAKVKKPELLIFDVNETLLDMGPLENAINESLNSEHAFSLWFRTLLHYSLTETLTGNYVDFGTIGKATLKMTMRKFGKN
LSEDRLDAILGNIKKLPAHEDVKEGLKMLKEAQIKLVALSNSNGKLLNAQLQFAGLADYFDAIFSVEAVGRYKPELASYR
AVLETMKVPAENTMMVAANGWDILGAKRAGLRTAFVAREGHAIYPLDGTPELEAKTVLEVARTLLKN
;
_entity_poly.pdbx_strand_id   A,B,C,D,E,F,G,H,I,J,K,L,M,N,O,P,Q,R,S,T,U,V,W,X,Y,Z
#
# COMPACT_ATOMS: atom_id res chain seq x y z
N VAL A 5 -46.18 -98.96 -44.24
CA VAL A 5 -45.18 -99.57 -45.16
C VAL A 5 -45.88 -99.99 -46.45
N LYS A 6 -45.39 -99.45 -47.55
CA LYS A 6 -45.86 -99.72 -48.93
C LYS A 6 -45.61 -101.19 -49.27
N LYS A 7 -46.58 -101.86 -49.90
CA LYS A 7 -46.40 -103.28 -50.31
C LYS A 7 -45.65 -103.35 -51.63
N PRO A 8 -44.69 -104.29 -51.75
CA PRO A 8 -44.02 -104.52 -53.02
C PRO A 8 -44.92 -105.32 -53.97
N GLU A 9 -44.83 -104.99 -55.26
CA GLU A 9 -45.53 -105.73 -56.35
C GLU A 9 -44.87 -107.09 -56.55
N LEU A 10 -43.55 -107.17 -56.32
CA LEU A 10 -42.74 -108.39 -56.63
C LEU A 10 -41.80 -108.71 -55.46
N LEU A 11 -41.76 -109.97 -55.04
CA LEU A 11 -40.79 -110.51 -54.06
C LEU A 11 -39.86 -111.51 -54.76
N ILE A 12 -38.55 -111.28 -54.68
CA ILE A 12 -37.49 -112.19 -55.16
C ILE A 12 -36.89 -112.88 -53.95
N PHE A 13 -36.96 -114.22 -53.89
CA PHE A 13 -36.41 -115.05 -52.79
C PHE A 13 -35.12 -115.73 -53.24
N ASP A 14 -34.04 -115.56 -52.46
CA ASP A 14 -32.91 -116.51 -52.44
C ASP A 14 -33.48 -117.87 -52.05
N VAL A 15 -32.88 -118.97 -52.49
CA VAL A 15 -33.42 -120.34 -52.27
C VAL A 15 -32.57 -121.05 -51.20
N ASN A 16 -31.27 -121.25 -51.46
CA ASN A 16 -30.38 -122.00 -50.53
C ASN A 16 -30.29 -121.22 -49.23
N GLU A 17 -30.68 -121.79 -48.09
CA GLU A 17 -30.58 -121.15 -46.75
C GLU A 17 -31.79 -120.28 -46.43
N THR A 18 -32.15 -119.35 -47.32
CA THR A 18 -33.33 -118.47 -47.11
C THR A 18 -34.59 -119.33 -47.03
N LEU A 19 -34.80 -120.21 -48.01
CA LEU A 19 -36.00 -121.09 -48.09
C LEU A 19 -35.62 -122.51 -47.67
N LEU A 20 -34.48 -123.02 -48.15
CA LEU A 20 -34.10 -124.46 -47.97
C LEU A 20 -33.24 -124.60 -46.70
N ASP A 21 -33.53 -125.61 -45.88
CA ASP A 21 -32.75 -125.97 -44.67
C ASP A 21 -31.56 -126.81 -45.16
N MET A 22 -30.34 -126.34 -44.91
CA MET A 22 -29.08 -126.93 -45.43
C MET A 22 -28.68 -128.13 -44.54
N GLY A 23 -29.43 -128.39 -43.46
CA GLY A 23 -29.15 -129.43 -42.45
C GLY A 23 -28.63 -130.74 -43.05
N PRO A 24 -29.39 -131.44 -43.93
CA PRO A 24 -28.94 -132.72 -44.47
C PRO A 24 -27.55 -132.66 -45.12
N LEU A 25 -27.25 -131.56 -45.83
CA LEU A 25 -25.94 -131.31 -46.48
C LEU A 25 -24.91 -130.92 -45.42
N GLU A 26 -25.26 -129.97 -44.56
CA GLU A 26 -24.39 -129.47 -43.45
C GLU A 26 -23.93 -130.64 -42.57
N ASN A 27 -24.86 -131.50 -42.12
CA ASN A 27 -24.58 -132.67 -41.24
C ASN A 27 -23.68 -133.65 -41.99
N ALA A 28 -23.98 -133.96 -43.26
CA ALA A 28 -23.24 -134.95 -44.09
C ALA A 28 -21.77 -134.53 -44.25
N ILE A 29 -21.50 -133.22 -44.36
CA ILE A 29 -20.12 -132.67 -44.58
C ILE A 29 -19.39 -132.62 -43.23
N ASN A 30 -20.05 -132.06 -42.22
CA ASN A 30 -19.51 -131.91 -40.84
C ASN A 30 -19.09 -133.26 -40.27
N GLU A 31 -19.88 -134.31 -40.47
CA GLU A 31 -19.55 -135.65 -39.88
C GLU A 31 -18.54 -136.38 -40.77
N SER A 32 -18.52 -136.18 -42.09
CA SER A 32 -17.50 -136.79 -42.98
C SER A 32 -16.12 -136.17 -42.78
N LEU A 33 -16.06 -134.91 -42.38
CA LEU A 33 -14.79 -134.17 -42.19
C LEU A 33 -14.51 -133.99 -40.71
N ASN A 34 -15.46 -134.37 -39.86
CA ASN A 34 -15.24 -134.52 -38.39
C ASN A 34 -15.01 -133.16 -37.76
N SER A 35 -15.84 -132.17 -38.11
CA SER A 35 -15.80 -130.77 -37.57
C SER A 35 -17.16 -130.11 -37.79
N GLU A 36 -17.59 -129.26 -36.85
CA GLU A 36 -18.86 -128.48 -36.97
C GLU A 36 -18.68 -127.33 -37.96
N HIS A 37 -17.44 -126.96 -38.27
CA HIS A 37 -17.10 -125.75 -39.08
C HIS A 37 -16.82 -126.15 -40.53
N ALA A 38 -16.80 -127.45 -40.83
CA ALA A 38 -16.44 -128.00 -42.17
C ALA A 38 -17.36 -127.40 -43.24
N PHE A 39 -18.67 -127.40 -42.98
CA PHE A 39 -19.70 -126.95 -43.94
C PHE A 39 -19.53 -125.47 -44.22
N SER A 40 -19.46 -124.66 -43.16
CA SER A 40 -19.29 -123.18 -43.24
C SER A 40 -18.10 -122.84 -44.14
N LEU A 41 -16.95 -123.48 -43.92
CA LEU A 41 -15.69 -123.17 -44.66
C LEU A 41 -15.85 -123.60 -46.12
N TRP A 42 -16.51 -124.72 -46.37
CA TRP A 42 -16.71 -125.27 -47.75
C TRP A 42 -17.63 -124.34 -48.54
N PHE A 43 -18.81 -124.04 -47.98
CA PHE A 43 -19.85 -123.23 -48.65
C PHE A 43 -19.27 -121.86 -48.96
N ARG A 44 -18.55 -121.24 -48.02
CA ARG A 44 -17.92 -119.92 -48.22
C ARG A 44 -16.85 -120.03 -49.31
N THR A 45 -16.17 -121.16 -49.39
CA THR A 45 -15.16 -121.40 -50.46
C THR A 45 -15.90 -121.53 -51.81
N LEU A 46 -17.01 -122.28 -51.83
CA LEU A 46 -17.88 -122.45 -53.02
C LEU A 46 -18.35 -121.07 -53.51
N LEU A 47 -18.90 -120.25 -52.62
CA LEU A 47 -19.36 -118.86 -52.94
C LEU A 47 -18.17 -118.02 -53.42
N HIS A 48 -17.00 -118.11 -52.77
CA HIS A 48 -15.81 -117.33 -53.19
C HIS A 48 -15.45 -117.70 -54.63
N TYR A 49 -15.32 -118.99 -54.95
CA TYR A 49 -14.85 -119.47 -56.28
C TYR A 49 -15.93 -119.22 -57.34
N SER A 50 -17.21 -119.18 -56.95
CA SER A 50 -18.33 -118.84 -57.87
C SER A 50 -18.16 -117.39 -58.35
N LEU A 51 -17.74 -116.49 -57.46
CA LEU A 51 -17.47 -115.07 -57.78
C LEU A 51 -16.13 -114.94 -58.52
N THR A 52 -15.18 -115.85 -58.26
CA THR A 52 -13.87 -115.96 -58.95
C THR A 52 -14.11 -116.28 -60.44
N GLU A 53 -14.97 -117.27 -60.72
CA GLU A 53 -15.35 -117.69 -62.09
C GLU A 53 -15.93 -116.49 -62.85
N THR A 54 -16.87 -115.77 -62.24
CA THR A 54 -17.57 -114.62 -62.88
C THR A 54 -16.56 -113.49 -63.17
N LEU A 55 -15.70 -113.15 -62.23
CA LEU A 55 -14.71 -112.04 -62.39
C LEU A 55 -13.61 -112.42 -63.38
N THR A 56 -13.45 -113.71 -63.68
CA THR A 56 -12.44 -114.22 -64.66
C THR A 56 -13.12 -114.55 -66.00
N GLY A 57 -14.37 -114.12 -66.18
CA GLY A 57 -15.14 -114.20 -67.44
C GLY A 57 -15.53 -115.62 -67.80
N ASN A 58 -15.88 -116.43 -66.81
CA ASN A 58 -16.24 -117.86 -67.01
C ASN A 58 -17.47 -118.20 -66.16
N TYR A 59 -18.25 -119.19 -66.58
CA TYR A 59 -19.36 -119.77 -65.79
C TYR A 59 -19.14 -121.28 -65.64
N VAL A 60 -19.37 -121.78 -64.43
CA VAL A 60 -19.37 -123.24 -64.13
C VAL A 60 -20.62 -123.50 -63.29
N ASP A 61 -21.33 -124.58 -63.56
CA ASP A 61 -22.58 -124.85 -62.82
C ASP A 61 -22.21 -124.97 -61.33
N PHE A 62 -23.11 -124.56 -60.45
CA PHE A 62 -22.90 -124.50 -58.98
C PHE A 62 -22.46 -125.88 -58.45
N GLY A 63 -23.14 -126.95 -58.87
CA GLY A 63 -22.85 -128.32 -58.41
C GLY A 63 -21.40 -128.67 -58.66
N THR A 64 -20.86 -128.27 -59.82
CA THR A 64 -19.47 -128.61 -60.25
C THR A 64 -18.49 -127.90 -59.31
N ILE A 65 -18.65 -126.59 -59.11
CA ILE A 65 -17.79 -125.78 -58.21
C ILE A 65 -17.87 -126.40 -56.82
N GLY A 66 -19.07 -126.76 -56.37
CA GLY A 66 -19.30 -127.42 -55.08
C GLY A 66 -18.38 -128.62 -54.91
N LYS A 67 -18.28 -129.48 -55.92
CA LYS A 67 -17.48 -130.73 -55.87
C LYS A 67 -15.98 -130.40 -55.83
N ALA A 68 -15.52 -129.49 -56.68
CA ALA A 68 -14.12 -129.00 -56.69
C ALA A 68 -13.74 -128.41 -55.33
N THR A 69 -14.58 -127.57 -54.74
CA THR A 69 -14.26 -126.88 -53.47
C THR A 69 -14.35 -127.88 -52.31
N LEU A 70 -15.17 -128.92 -52.44
CA LEU A 70 -15.29 -129.94 -51.36
C LEU A 70 -14.01 -130.76 -51.32
N LYS A 71 -13.46 -131.15 -52.48
CA LYS A 71 -12.15 -131.82 -52.61
C LYS A 71 -11.05 -130.95 -51.99
N MET A 72 -11.05 -129.64 -52.22
CA MET A 72 -10.05 -128.72 -51.64
C MET A 72 -10.24 -128.64 -50.12
N THR A 73 -11.50 -128.61 -49.65
CA THR A 73 -11.84 -128.38 -48.22
C THR A 73 -11.49 -129.64 -47.41
N MET A 74 -11.77 -130.83 -47.96
CA MET A 74 -11.57 -132.11 -47.23
C MET A 74 -10.08 -132.27 -46.85
N ARG A 75 -9.18 -131.72 -47.63
CA ARG A 75 -7.72 -131.85 -47.39
C ARG A 75 -7.26 -130.99 -46.22
N LYS A 76 -7.89 -129.85 -46.01
CA LYS A 76 -7.61 -129.00 -44.83
C LYS A 76 -7.99 -129.70 -43.53
N PHE A 77 -8.89 -130.68 -43.60
CA PHE A 77 -9.37 -131.44 -42.40
C PHE A 77 -8.67 -132.81 -42.34
N GLY A 78 -7.67 -133.02 -43.20
CA GLY A 78 -6.82 -134.23 -43.22
C GLY A 78 -7.54 -135.45 -43.77
N LYS A 79 -8.74 -135.30 -44.33
CA LYS A 79 -9.52 -136.43 -44.91
C LYS A 79 -9.21 -136.53 -46.40
N ASN A 80 -9.40 -137.73 -46.96
CA ASN A 80 -9.28 -137.99 -48.42
C ASN A 80 -10.41 -138.97 -48.81
N LEU A 81 -11.62 -138.44 -49.02
CA LEU A 81 -12.82 -139.25 -49.33
C LEU A 81 -12.73 -139.72 -50.78
N SER A 82 -13.33 -140.88 -51.06
CA SER A 82 -13.50 -141.45 -52.42
C SER A 82 -14.54 -140.62 -53.16
N GLU A 83 -14.54 -140.71 -54.48
CA GLU A 83 -15.47 -139.93 -55.33
C GLU A 83 -16.92 -140.37 -55.10
N ASP A 84 -17.14 -141.66 -54.84
CA ASP A 84 -18.48 -142.23 -54.50
C ASP A 84 -19.05 -141.49 -53.29
N ARG A 85 -18.21 -141.20 -52.31
CA ARG A 85 -18.64 -140.61 -51.03
C ARG A 85 -18.88 -139.09 -51.15
N LEU A 86 -18.01 -138.40 -51.89
CA LEU A 86 -18.18 -136.96 -52.25
C LEU A 86 -19.53 -136.77 -52.95
N ASP A 87 -19.83 -137.63 -53.93
CA ASP A 87 -21.10 -137.59 -54.72
C ASP A 87 -22.29 -137.84 -53.79
N ALA A 88 -22.17 -138.79 -52.85
CA ALA A 88 -23.22 -139.16 -51.89
C ALA A 88 -23.50 -137.96 -50.98
N ILE A 89 -22.45 -137.31 -50.48
CA ILE A 89 -22.55 -136.12 -49.58
C ILE A 89 -23.18 -134.95 -50.32
N LEU A 90 -22.69 -134.64 -51.53
CA LEU A 90 -23.20 -133.50 -52.35
C LEU A 90 -24.65 -133.77 -52.73
N GLY A 91 -25.02 -135.05 -52.92
CA GLY A 91 -26.37 -135.47 -53.34
C GLY A 91 -27.44 -134.84 -52.47
N ASN A 92 -27.09 -134.46 -51.24
CA ASN A 92 -28.00 -133.85 -50.24
C ASN A 92 -28.46 -132.45 -50.70
N ILE A 93 -27.75 -131.82 -51.63
CA ILE A 93 -28.16 -130.51 -52.22
C ILE A 93 -29.56 -130.64 -52.84
N LYS A 94 -29.90 -131.81 -53.39
CA LYS A 94 -31.20 -132.07 -54.07
C LYS A 94 -32.27 -132.49 -53.06
N LYS A 95 -31.89 -132.77 -51.81
CA LYS A 95 -32.80 -133.32 -50.77
C LYS A 95 -32.86 -132.39 -49.56
N LEU A 96 -32.95 -131.07 -49.80
CA LEU A 96 -33.06 -130.07 -48.72
C LEU A 96 -34.53 -129.75 -48.50
N PRO A 97 -35.08 -130.07 -47.32
CA PRO A 97 -36.47 -129.74 -47.02
C PRO A 97 -36.57 -128.24 -46.80
N ALA A 98 -37.75 -127.67 -47.05
CA ALA A 98 -38.08 -126.26 -46.75
C ALA A 98 -38.04 -126.03 -45.25
N HIS A 99 -37.56 -124.87 -44.80
CA HIS A 99 -37.73 -124.40 -43.41
C HIS A 99 -39.22 -124.42 -43.08
N GLU A 100 -39.51 -124.68 -41.81
CA GLU A 100 -40.84 -125.00 -41.24
C GLU A 100 -41.79 -123.82 -41.45
N ASP A 101 -41.25 -122.61 -41.61
CA ASP A 101 -42.02 -121.33 -41.65
C ASP A 101 -42.32 -120.90 -43.09
N VAL A 102 -41.66 -121.46 -44.10
CA VAL A 102 -41.66 -120.86 -45.47
C VAL A 102 -43.04 -121.04 -46.13
N LYS A 103 -43.57 -122.25 -46.11
CA LYS A 103 -44.83 -122.57 -46.85
C LYS A 103 -45.96 -121.66 -46.37
N GLU A 104 -46.13 -121.48 -45.06
CA GLU A 104 -47.14 -120.53 -44.51
C GLU A 104 -46.85 -119.11 -44.99
N GLY A 105 -45.60 -118.66 -44.89
CA GLY A 105 -45.17 -117.31 -45.29
C GLY A 105 -45.48 -117.03 -46.76
N LEU A 106 -45.16 -117.98 -47.65
CA LEU A 106 -45.36 -117.84 -49.12
C LEU A 106 -46.85 -117.81 -49.44
N LYS A 107 -47.60 -118.74 -48.84
CA LYS A 107 -49.09 -118.89 -48.97
C LYS A 107 -49.77 -117.55 -48.64
N MET A 108 -49.34 -116.93 -47.55
CA MET A 108 -49.82 -115.61 -47.06
C MET A 108 -49.53 -114.52 -48.11
N LEU A 109 -48.31 -114.50 -48.65
CA LEU A 109 -47.84 -113.46 -49.60
C LEU A 109 -48.50 -113.62 -50.97
N LYS A 110 -48.69 -114.87 -51.42
CA LYS A 110 -49.33 -115.18 -52.74
C LYS A 110 -50.82 -114.83 -52.67
N GLU A 111 -51.41 -114.99 -51.49
CA GLU A 111 -52.84 -114.71 -51.20
C GLU A 111 -53.10 -113.19 -51.22
N ALA A 112 -52.11 -112.38 -50.83
CA ALA A 112 -52.17 -110.90 -50.86
C ALA A 112 -51.89 -110.37 -52.27
N GLN A 113 -51.88 -111.25 -53.29
CA GLN A 113 -51.75 -110.88 -54.72
C GLN A 113 -50.36 -110.27 -54.99
N ILE A 114 -49.33 -110.78 -54.31
CA ILE A 114 -47.91 -110.38 -54.57
C ILE A 114 -47.29 -111.44 -55.47
N LYS A 115 -46.65 -111.00 -56.56
CA LYS A 115 -45.81 -111.84 -57.45
C LYS A 115 -44.65 -112.43 -56.63
N LEU A 116 -44.51 -113.75 -56.59
CA LEU A 116 -43.38 -114.45 -55.91
C LEU A 116 -42.49 -115.14 -56.95
N VAL A 117 -41.22 -114.72 -57.05
CA VAL A 117 -40.21 -115.39 -57.91
C VAL A 117 -39.02 -115.81 -57.05
N ALA A 118 -38.32 -116.87 -57.48
CA ALA A 118 -37.05 -117.32 -56.87
C ALA A 118 -35.89 -116.90 -57.77
N LEU A 119 -34.76 -116.51 -57.16
CA LEU A 119 -33.49 -116.29 -57.89
C LEU A 119 -32.38 -117.01 -57.11
N SER A 120 -31.81 -118.08 -57.69
CA SER A 120 -30.84 -119.01 -57.03
C SER A 120 -29.54 -119.09 -57.84
N ASN A 121 -28.43 -119.36 -57.16
CA ASN A 121 -27.11 -119.58 -57.82
C ASN A 121 -27.12 -120.97 -58.48
N SER A 122 -27.98 -121.88 -58.00
CA SER A 122 -28.18 -123.24 -58.56
C SER A 122 -28.49 -123.13 -60.05
N ASN A 123 -28.00 -124.07 -60.87
CA ASN A 123 -28.34 -124.14 -62.33
C ASN A 123 -29.81 -124.57 -62.46
N GLY A 124 -30.42 -124.29 -63.61
CA GLY A 124 -31.86 -124.51 -63.89
C GLY A 124 -32.36 -125.85 -63.41
N LYS A 125 -31.65 -126.92 -63.71
CA LYS A 125 -32.11 -128.31 -63.46
C LYS A 125 -32.03 -128.59 -61.96
N LEU A 126 -30.92 -128.21 -61.34
CA LEU A 126 -30.72 -128.39 -59.88
C LEU A 126 -31.80 -127.60 -59.12
N LEU A 127 -32.06 -126.36 -59.51
CA LEU A 127 -33.05 -125.50 -58.85
C LEU A 127 -34.43 -126.18 -58.92
N ASN A 128 -34.76 -126.78 -60.07
CA ASN A 128 -36.07 -127.45 -60.29
C ASN A 128 -36.19 -128.66 -59.34
N ALA A 129 -35.14 -129.49 -59.27
CA ALA A 129 -35.03 -130.68 -58.40
C ALA A 129 -35.15 -130.29 -56.92
N GLN A 130 -34.51 -129.17 -56.55
CA GLN A 130 -34.49 -128.63 -55.16
C GLN A 130 -35.92 -128.25 -54.74
N LEU A 131 -36.60 -127.46 -55.56
CA LEU A 131 -37.92 -126.88 -55.23
C LEU A 131 -39.01 -127.96 -55.29
N GLN A 132 -38.82 -128.99 -56.11
CA GLN A 132 -39.80 -130.09 -56.26
C GLN A 132 -39.73 -130.98 -55.02
N PHE A 133 -38.51 -131.25 -54.56
CA PHE A 133 -38.27 -132.04 -53.34
C PHE A 133 -38.90 -131.36 -52.12
N ALA A 134 -38.75 -130.05 -51.97
CA ALA A 134 -39.22 -129.26 -50.82
C ALA A 134 -40.70 -128.87 -50.99
N GLY A 135 -41.24 -129.04 -52.21
CA GLY A 135 -42.63 -128.71 -52.58
C GLY A 135 -42.89 -127.22 -52.56
N LEU A 136 -41.96 -126.44 -53.12
CA LEU A 136 -42.04 -124.96 -53.14
C LEU A 136 -42.24 -124.43 -54.56
N ALA A 137 -42.14 -125.27 -55.59
CA ALA A 137 -42.21 -124.87 -57.02
C ALA A 137 -43.52 -124.13 -57.31
N ASP A 138 -44.64 -124.60 -56.74
CA ASP A 138 -46.00 -124.14 -57.10
C ASP A 138 -46.28 -122.74 -56.52
N TYR A 139 -45.50 -122.29 -55.54
CA TYR A 139 -45.68 -120.97 -54.88
C TYR A 139 -45.17 -119.84 -55.78
N PHE A 140 -44.27 -120.14 -56.71
CA PHE A 140 -43.55 -119.10 -57.49
C PHE A 140 -44.12 -119.01 -58.89
N ASP A 141 -44.34 -117.78 -59.36
CA ASP A 141 -44.83 -117.47 -60.72
C ASP A 141 -43.72 -117.78 -61.72
N ALA A 142 -42.47 -117.61 -61.30
CA ALA A 142 -41.26 -117.80 -62.13
C ALA A 142 -40.09 -118.12 -61.24
N ILE A 143 -39.20 -118.96 -61.76
CA ILE A 143 -37.97 -119.47 -61.09
C ILE A 143 -36.78 -119.06 -61.95
N PHE A 144 -35.95 -118.14 -61.47
CA PHE A 144 -34.74 -117.68 -62.21
C PHE A 144 -33.49 -118.40 -61.68
N SER A 145 -32.70 -118.95 -62.61
CA SER A 145 -31.35 -119.50 -62.37
C SER A 145 -30.33 -118.51 -62.94
N VAL A 146 -29.15 -118.44 -62.33
CA VAL A 146 -28.01 -117.59 -62.81
C VAL A 146 -27.48 -118.14 -64.16
N GLU A 147 -27.72 -119.41 -64.45
CA GLU A 147 -27.54 -119.98 -65.82
C GLU A 147 -28.29 -119.10 -66.83
N ALA A 148 -29.53 -118.73 -66.52
CA ALA A 148 -30.39 -117.86 -67.36
C ALA A 148 -29.91 -116.39 -67.36
N VAL A 149 -28.79 -116.05 -66.67
CA VAL A 149 -28.12 -114.71 -66.88
C VAL A 149 -26.62 -114.85 -67.13
N GLY A 150 -26.04 -116.05 -66.96
CA GLY A 150 -24.60 -116.33 -67.12
C GLY A 150 -23.75 -115.91 -65.93
N ARG A 151 -24.22 -115.05 -65.02
CA ARG A 151 -23.40 -114.44 -63.93
C ARG A 151 -24.05 -114.68 -62.56
N TYR A 152 -23.22 -115.09 -61.59
CA TYR A 152 -23.61 -115.37 -60.19
C TYR A 152 -24.05 -114.09 -59.48
N LYS A 153 -25.01 -114.23 -58.56
CA LYS A 153 -25.31 -113.19 -57.55
C LYS A 153 -24.06 -113.01 -56.70
N PRO A 154 -23.80 -111.80 -56.16
CA PRO A 154 -24.71 -110.66 -56.24
C PRO A 154 -24.41 -109.66 -57.36
N GLU A 155 -24.12 -110.15 -58.57
CA GLU A 155 -23.86 -109.24 -59.71
C GLU A 155 -25.18 -108.56 -60.09
N LEU A 156 -25.12 -107.25 -60.31
CA LEU A 156 -26.30 -106.35 -60.39
C LEU A 156 -27.22 -106.78 -61.54
N ALA A 157 -26.66 -107.27 -62.64
CA ALA A 157 -27.41 -107.72 -63.83
C ALA A 157 -28.34 -108.90 -63.51
N SER A 158 -28.06 -109.70 -62.46
CA SER A 158 -28.90 -110.86 -62.06
C SER A 158 -30.25 -110.36 -61.54
N TYR A 159 -30.25 -109.42 -60.60
CA TYR A 159 -31.48 -108.82 -60.02
C TYR A 159 -32.24 -108.11 -61.16
N ARG A 160 -31.56 -107.26 -61.95
CA ARG A 160 -32.15 -106.38 -62.98
C ARG A 160 -32.79 -107.20 -64.10
N ALA A 161 -32.26 -108.40 -64.39
CA ALA A 161 -32.84 -109.29 -65.42
C ALA A 161 -34.21 -109.76 -64.92
N VAL A 162 -34.35 -110.06 -63.63
CA VAL A 162 -35.63 -110.52 -63.01
C VAL A 162 -36.63 -109.36 -63.04
N LEU A 163 -36.19 -108.13 -62.78
CA LEU A 163 -37.06 -106.92 -62.80
C LEU A 163 -37.67 -106.75 -64.20
N GLU A 164 -36.84 -106.75 -65.24
CA GLU A 164 -37.26 -106.40 -66.61
C GLU A 164 -38.10 -107.55 -67.19
N THR A 165 -37.90 -108.78 -66.69
CA THR A 165 -38.64 -109.98 -67.17
C THR A 165 -40.05 -109.97 -66.55
N MET A 166 -40.14 -109.63 -65.27
CA MET A 166 -41.43 -109.59 -64.52
C MET A 166 -42.15 -108.26 -64.75
N LYS A 167 -41.51 -107.31 -65.45
CA LYS A 167 -42.07 -105.96 -65.80
C LYS A 167 -42.42 -105.17 -64.53
N VAL A 168 -41.64 -105.30 -63.47
CA VAL A 168 -41.83 -104.56 -62.19
C VAL A 168 -40.59 -103.70 -61.96
N PRO A 169 -40.74 -102.38 -61.73
CA PRO A 169 -39.60 -101.51 -61.45
C PRO A 169 -38.91 -101.89 -60.13
N ALA A 170 -37.65 -101.46 -59.99
CA ALA A 170 -36.76 -101.83 -58.87
C ALA A 170 -37.36 -101.40 -57.51
N GLU A 171 -37.99 -100.23 -57.46
CA GLU A 171 -38.47 -99.60 -56.21
C GLU A 171 -39.71 -100.35 -55.67
N ASN A 172 -40.43 -101.08 -56.53
CA ASN A 172 -41.63 -101.89 -56.16
C ASN A 172 -41.25 -103.35 -55.92
N THR A 173 -39.96 -103.71 -56.01
CA THR A 173 -39.45 -105.09 -55.81
C THR A 173 -38.70 -105.14 -54.48
N MET A 174 -38.89 -106.23 -53.73
CA MET A 174 -38.19 -106.51 -52.45
C MET A 174 -37.50 -107.87 -52.54
N MET A 175 -36.19 -107.89 -52.28
CA MET A 175 -35.34 -109.11 -52.25
C MET A 175 -35.41 -109.69 -50.82
N VAL A 176 -35.64 -111.00 -50.71
CA VAL A 176 -35.72 -111.73 -49.43
C VAL A 176 -34.56 -112.72 -49.40
N ALA A 177 -33.58 -112.48 -48.53
CA ALA A 177 -32.35 -113.30 -48.48
C ALA A 177 -31.89 -113.47 -47.04
N ALA A 178 -31.32 -114.63 -46.73
CA ALA A 178 -30.61 -114.95 -45.48
C ALA A 178 -29.11 -114.65 -45.59
N ASN A 179 -28.68 -113.99 -46.67
CA ASN A 179 -27.24 -113.74 -46.97
C ASN A 179 -26.99 -112.24 -47.00
N GLY A 180 -26.02 -111.77 -46.21
CA GLY A 180 -25.62 -110.36 -46.18
C GLY A 180 -25.27 -109.84 -47.58
N TRP A 181 -24.56 -110.64 -48.37
CA TRP A 181 -24.05 -110.28 -49.72
C TRP A 181 -25.21 -110.17 -50.72
N ASP A 182 -26.22 -111.02 -50.55
CA ASP A 182 -27.42 -111.03 -51.42
C ASP A 182 -28.24 -109.76 -51.13
N ILE A 183 -28.36 -109.37 -49.85
CA ILE A 183 -28.93 -108.06 -49.42
C ILE A 183 -28.12 -106.93 -50.07
N LEU A 184 -26.79 -106.92 -49.91
CA LEU A 184 -25.92 -105.85 -50.45
C LEU A 184 -26.12 -105.68 -51.97
N GLY A 185 -26.17 -106.77 -52.72
CA GLY A 185 -26.28 -106.75 -54.20
C GLY A 185 -27.61 -106.18 -54.64
N ALA A 186 -28.70 -106.69 -54.07
CA ALA A 186 -30.09 -106.27 -54.35
C ALA A 186 -30.23 -104.78 -54.03
N LYS A 187 -29.70 -104.36 -52.88
CA LYS A 187 -29.74 -102.95 -52.39
C LYS A 187 -29.08 -102.02 -53.41
N ARG A 188 -27.99 -102.46 -54.03
CA ARG A 188 -27.17 -101.66 -54.99
C ARG A 188 -27.77 -101.80 -56.40
N ALA A 189 -28.74 -102.68 -56.59
CA ALA A 189 -29.50 -102.81 -57.85
C ALA A 189 -30.77 -101.95 -57.79
N GLY A 190 -31.04 -101.34 -56.63
CA GLY A 190 -32.17 -100.42 -56.40
C GLY A 190 -33.34 -101.07 -55.68
N LEU A 191 -33.19 -102.31 -55.23
CA LEU A 191 -34.33 -103.10 -54.68
C LEU A 191 -34.46 -102.82 -53.19
N ARG A 192 -35.68 -102.95 -52.67
CA ARG A 192 -35.95 -103.03 -51.21
C ARG A 192 -35.41 -104.39 -50.78
N THR A 193 -35.17 -104.59 -49.49
CA THR A 193 -34.46 -105.77 -48.94
C THR A 193 -35.15 -106.23 -47.65
N ALA A 194 -35.29 -107.55 -47.48
CA ALA A 194 -35.73 -108.20 -46.23
C ALA A 194 -34.71 -109.29 -45.85
N PHE A 195 -34.01 -109.11 -44.73
CA PHE A 195 -33.03 -110.07 -44.21
C PHE A 195 -33.74 -111.09 -43.31
N VAL A 196 -33.58 -112.38 -43.62
CA VAL A 196 -34.14 -113.50 -42.80
C VAL A 196 -33.00 -113.99 -41.92
N ALA A 197 -33.03 -113.66 -40.62
CA ALA A 197 -31.92 -113.89 -39.68
C ALA A 197 -31.90 -115.37 -39.28
N ARG A 198 -31.67 -116.26 -40.24
CA ARG A 198 -31.44 -117.71 -40.02
C ARG A 198 -30.16 -117.90 -39.21
N GLU A 199 -30.08 -118.97 -38.43
CA GLU A 199 -28.93 -119.31 -37.56
C GLU A 199 -27.62 -119.27 -38.37
N GLY A 200 -26.59 -118.60 -37.82
CA GLY A 200 -25.22 -118.56 -38.36
C GLY A 200 -25.06 -117.65 -39.58
N HIS A 201 -25.92 -116.64 -39.72
CA HIS A 201 -25.91 -115.65 -40.83
C HIS A 201 -25.99 -114.24 -40.24
N ALA A 202 -25.13 -113.34 -40.71
CA ALA A 202 -24.99 -111.96 -40.20
C ALA A 202 -25.22 -110.98 -41.35
N ILE A 203 -25.67 -109.78 -41.01
CA ILE A 203 -25.78 -108.63 -41.95
C ILE A 203 -24.37 -108.09 -42.20
N TYR A 204 -24.04 -107.83 -43.46
CA TYR A 204 -22.76 -107.18 -43.85
C TYR A 204 -22.76 -105.76 -43.31
N PRO A 205 -21.89 -105.45 -42.32
CA PRO A 205 -21.91 -104.15 -41.66
C PRO A 205 -21.57 -102.95 -42.54
N LEU A 206 -20.97 -103.13 -43.73
CA LEU A 206 -20.52 -102.00 -44.59
C LEU A 206 -21.59 -101.65 -45.61
N ASP A 207 -22.64 -100.97 -45.15
CA ASP A 207 -23.76 -100.45 -45.97
C ASP A 207 -24.66 -101.60 -46.45
N GLY A 208 -24.74 -102.69 -45.66
CA GLY A 208 -25.52 -103.89 -46.00
C GLY A 208 -26.76 -104.03 -45.12
N THR A 209 -27.22 -102.95 -44.49
CA THR A 209 -28.43 -102.92 -43.61
C THR A 209 -29.66 -103.03 -44.49
N PRO A 210 -30.54 -104.02 -44.25
CA PRO A 210 -31.75 -104.19 -45.04
C PRO A 210 -32.85 -103.22 -44.59
N GLU A 211 -33.94 -103.10 -45.36
CA GLU A 211 -35.13 -102.30 -44.98
C GLU A 211 -35.86 -102.99 -43.81
N LEU A 212 -36.04 -104.31 -43.89
CA LEU A 212 -36.66 -105.14 -42.82
C LEU A 212 -35.69 -106.22 -42.36
N GLU A 213 -35.83 -106.62 -41.11
CA GLU A 213 -35.13 -107.78 -40.52
C GLU A 213 -36.20 -108.60 -39.81
N ALA A 214 -36.20 -109.91 -40.02
CA ALA A 214 -37.09 -110.85 -39.32
C ALA A 214 -36.40 -112.20 -39.26
N LYS A 215 -36.94 -113.09 -38.44
CA LYS A 215 -36.25 -114.32 -38.04
C LYS A 215 -36.66 -115.49 -38.94
N THR A 216 -37.85 -115.38 -39.54
CA THR A 216 -38.44 -116.39 -40.45
C THR A 216 -39.10 -115.68 -41.62
N VAL A 217 -39.40 -116.41 -42.69
CA VAL A 217 -40.09 -115.90 -43.91
C VAL A 217 -41.54 -115.56 -43.52
N LEU A 218 -42.12 -116.40 -42.65
CA LEU A 218 -43.46 -116.15 -42.04
C LEU A 218 -43.46 -114.77 -41.40
N GLU A 219 -42.45 -114.48 -40.59
CA GLU A 219 -42.29 -113.19 -39.86
C GLU A 219 -42.20 -112.05 -40.88
N VAL A 220 -41.52 -112.28 -42.01
CA VAL A 220 -41.35 -111.26 -43.09
C VAL A 220 -42.74 -111.00 -43.70
N ALA A 221 -43.49 -112.07 -43.96
CA ALA A 221 -44.85 -112.01 -44.52
C ALA A 221 -45.73 -111.17 -43.60
N ARG A 222 -45.71 -111.45 -42.30
CA ARG A 222 -46.51 -110.75 -41.26
C ARG A 222 -46.17 -109.26 -41.22
N THR A 223 -44.89 -108.90 -41.21
CA THR A 223 -44.42 -107.49 -41.18
C THR A 223 -44.90 -106.73 -42.42
N LEU A 224 -45.03 -107.40 -43.57
CA LEU A 224 -45.43 -106.72 -44.83
C LEU A 224 -46.96 -106.58 -44.88
N LEU A 225 -47.68 -107.44 -44.14
CA LEU A 225 -49.18 -107.50 -44.12
C LEU A 225 -49.71 -107.16 -42.72
N VAL B 5 13.24 -124.50 -68.65
CA VAL B 5 12.13 -123.54 -68.89
C VAL B 5 12.72 -122.16 -69.20
N LYS B 6 11.98 -121.39 -70.00
CA LYS B 6 12.24 -119.96 -70.28
C LYS B 6 12.26 -119.18 -68.98
N LYS B 7 13.18 -118.24 -68.89
CA LYS B 7 13.29 -117.32 -67.74
C LYS B 7 12.30 -116.18 -67.98
N PRO B 8 11.39 -115.87 -67.04
CA PRO B 8 10.47 -114.74 -67.21
C PRO B 8 11.17 -113.39 -67.02
N GLU B 9 10.75 -112.36 -67.79
CA GLU B 9 11.28 -110.96 -67.70
C GLU B 9 10.72 -110.27 -66.46
N LEU B 10 9.53 -110.69 -65.98
CA LEU B 10 8.82 -110.07 -64.83
C LEU B 10 8.20 -111.17 -63.96
N LEU B 11 8.38 -111.07 -62.64
CA LEU B 11 7.69 -111.93 -61.65
C LEU B 11 6.77 -111.06 -60.79
N ILE B 12 5.49 -111.44 -60.70
CA ILE B 12 4.46 -110.77 -59.86
C ILE B 12 4.18 -111.68 -58.68
N PHE B 13 4.38 -111.17 -57.46
CA PHE B 13 4.20 -111.92 -56.20
C PHE B 13 2.93 -111.46 -55.48
N ASP B 14 2.01 -112.39 -55.20
CA ASP B 14 0.98 -112.20 -54.14
C ASP B 14 1.77 -111.90 -52.86
N VAL B 15 1.21 -111.10 -51.96
CA VAL B 15 1.87 -110.68 -50.70
C VAL B 15 1.32 -111.49 -49.51
N ASN B 16 0.02 -111.40 -49.21
CA ASN B 16 -0.58 -111.93 -47.96
C ASN B 16 -0.68 -113.45 -47.97
N GLU B 17 0.40 -114.21 -47.99
CA GLU B 17 0.37 -115.67 -47.75
C GLU B 17 1.53 -116.28 -48.51
N THR B 18 1.71 -115.82 -49.74
CA THR B 18 2.80 -116.23 -50.64
C THR B 18 4.13 -115.75 -50.06
N LEU B 19 4.19 -114.55 -49.50
CA LEU B 19 5.42 -113.95 -48.91
C LEU B 19 5.30 -113.84 -47.38
N LEU B 20 4.23 -113.24 -46.88
CA LEU B 20 4.08 -112.96 -45.42
C LEU B 20 3.48 -114.18 -44.73
N ASP B 21 4.03 -114.52 -43.56
CA ASP B 21 3.49 -115.56 -42.65
C ASP B 21 2.33 -114.90 -41.91
N MET B 22 1.13 -115.48 -42.05
CA MET B 22 -0.13 -114.97 -41.45
C MET B 22 -0.18 -115.35 -39.96
N GLY B 23 0.79 -116.15 -39.51
CA GLY B 23 0.90 -116.67 -38.13
C GLY B 23 0.33 -115.72 -37.08
N PRO B 24 0.94 -114.53 -36.87
CA PRO B 24 0.47 -113.58 -35.86
C PRO B 24 -1.03 -113.26 -35.94
N LEU B 25 -1.60 -113.15 -37.15
CA LEU B 25 -3.04 -112.80 -37.33
C LEU B 25 -3.88 -114.05 -37.12
N GLU B 26 -3.42 -115.18 -37.65
CA GLU B 26 -4.08 -116.50 -37.54
C GLU B 26 -4.22 -116.89 -36.05
N ASN B 27 -3.13 -116.76 -35.27
CA ASN B 27 -3.10 -117.12 -33.83
C ASN B 27 -3.95 -116.14 -33.01
N ALA B 28 -3.88 -114.85 -33.31
CA ALA B 28 -4.66 -113.81 -32.62
C ALA B 28 -6.16 -114.10 -32.75
N ILE B 29 -6.60 -114.58 -33.92
CA ILE B 29 -8.05 -114.79 -34.26
C ILE B 29 -8.52 -116.12 -33.66
N ASN B 30 -7.76 -117.19 -33.89
CA ASN B 30 -8.07 -118.57 -33.45
C ASN B 30 -8.17 -118.62 -31.92
N GLU B 31 -7.25 -117.96 -31.22
CA GLU B 31 -7.27 -117.78 -29.74
C GLU B 31 -8.54 -117.06 -29.30
N SER B 32 -8.84 -115.92 -29.93
CA SER B 32 -9.92 -114.98 -29.54
C SER B 32 -11.29 -115.64 -29.71
N LEU B 33 -11.43 -116.50 -30.73
CA LEU B 33 -12.71 -117.16 -31.11
C LEU B 33 -12.71 -118.62 -30.66
N ASN B 34 -11.55 -119.14 -30.25
CA ASN B 34 -11.42 -120.41 -29.48
C ASN B 34 -11.62 -121.60 -30.42
N SER B 35 -11.08 -121.51 -31.63
CA SER B 35 -11.21 -122.54 -32.69
C SER B 35 -10.03 -122.41 -33.66
N GLU B 36 -9.50 -123.53 -34.14
CA GLU B 36 -8.36 -123.52 -35.09
C GLU B 36 -8.86 -123.24 -36.50
N HIS B 37 -10.19 -123.22 -36.72
CA HIS B 37 -10.83 -122.99 -38.04
C HIS B 37 -11.36 -121.55 -38.19
N ALA B 38 -11.28 -120.72 -37.14
CA ALA B 38 -11.83 -119.34 -37.12
C ALA B 38 -11.11 -118.48 -38.16
N PHE B 39 -9.80 -118.60 -38.31
CA PHE B 39 -9.01 -117.76 -39.24
C PHE B 39 -9.41 -118.08 -40.68
N SER B 40 -9.40 -119.37 -41.03
CA SER B 40 -9.81 -119.89 -42.35
C SER B 40 -11.19 -119.32 -42.73
N LEU B 41 -12.19 -119.47 -41.86
CA LEU B 41 -13.57 -119.07 -42.18
C LEU B 41 -13.61 -117.56 -42.41
N TRP B 42 -12.94 -116.79 -41.54
CA TRP B 42 -12.99 -115.31 -41.55
C TRP B 42 -12.32 -114.81 -42.83
N PHE B 43 -11.14 -115.35 -43.13
CA PHE B 43 -10.33 -114.89 -44.29
C PHE B 43 -11.08 -115.22 -45.58
N ARG B 44 -11.68 -116.41 -45.66
CA ARG B 44 -12.49 -116.81 -46.84
C ARG B 44 -13.67 -115.84 -46.97
N THR B 45 -14.29 -115.50 -45.84
CA THR B 45 -15.42 -114.53 -45.77
C THR B 45 -14.93 -113.17 -46.25
N LEU B 46 -13.75 -112.76 -45.81
CA LEU B 46 -13.13 -111.47 -46.21
C LEU B 46 -12.97 -111.45 -47.74
N LEU B 47 -12.40 -112.50 -48.32
CA LEU B 47 -12.16 -112.60 -49.79
C LEU B 47 -13.51 -112.62 -50.52
N HIS B 48 -14.49 -113.41 -50.03
CA HIS B 48 -15.84 -113.48 -50.62
C HIS B 48 -16.44 -112.07 -50.73
N TYR B 49 -16.45 -111.29 -49.65
CA TYR B 49 -17.09 -109.95 -49.61
C TYR B 49 -16.26 -108.96 -50.42
N SER B 50 -14.96 -109.21 -50.58
CA SER B 50 -14.09 -108.34 -51.41
C SER B 50 -14.57 -108.43 -52.86
N LEU B 51 -14.79 -109.65 -53.36
CA LEU B 51 -15.30 -109.89 -54.74
C LEU B 51 -16.75 -109.42 -54.85
N THR B 52 -17.54 -109.57 -53.79
CA THR B 52 -18.91 -109.01 -53.69
C THR B 52 -18.88 -107.50 -53.92
N GLU B 53 -17.97 -106.78 -53.26
CA GLU B 53 -17.81 -105.32 -53.45
C GLU B 53 -17.54 -105.01 -54.93
N THR B 54 -16.57 -105.68 -55.55
CA THR B 54 -16.19 -105.46 -56.98
C THR B 54 -17.35 -105.74 -57.91
N LEU B 55 -18.09 -106.83 -57.69
CA LEU B 55 -19.21 -107.28 -58.58
C LEU B 55 -20.44 -106.37 -58.43
N THR B 56 -20.51 -105.58 -57.35
CA THR B 56 -21.61 -104.62 -57.08
C THR B 56 -21.16 -103.17 -57.36
N GLY B 57 -20.09 -102.98 -58.14
CA GLY B 57 -19.60 -101.68 -58.63
C GLY B 57 -19.13 -100.76 -57.51
N ASN B 58 -18.43 -101.29 -56.51
CA ASN B 58 -17.95 -100.52 -55.33
C ASN B 58 -16.52 -100.98 -55.00
N TYR B 59 -15.75 -100.13 -54.30
CA TYR B 59 -14.44 -100.50 -53.70
C TYR B 59 -14.42 -100.08 -52.23
N VAL B 60 -13.95 -100.95 -51.34
CA VAL B 60 -13.73 -100.66 -49.90
C VAL B 60 -12.33 -101.19 -49.55
N ASP B 61 -11.54 -100.46 -48.77
CA ASP B 61 -10.15 -100.88 -48.47
C ASP B 61 -10.21 -102.23 -47.74
N PHE B 62 -9.21 -103.07 -47.96
CA PHE B 62 -9.11 -104.47 -47.48
C PHE B 62 -9.23 -104.56 -45.95
N GLY B 63 -8.62 -103.61 -45.24
CA GLY B 63 -8.68 -103.51 -43.77
C GLY B 63 -10.10 -103.37 -43.26
N THR B 64 -10.92 -102.51 -43.88
CA THR B 64 -12.32 -102.25 -43.49
C THR B 64 -13.18 -103.52 -43.66
N ILE B 65 -13.02 -104.24 -44.78
CA ILE B 65 -13.82 -105.47 -45.07
C ILE B 65 -13.44 -106.51 -44.04
N GLY B 66 -12.15 -106.57 -43.69
CA GLY B 66 -11.59 -107.51 -42.70
C GLY B 66 -12.25 -107.32 -41.34
N LYS B 67 -12.42 -106.08 -40.90
CA LYS B 67 -13.07 -105.75 -39.61
C LYS B 67 -14.55 -106.16 -39.67
N ALA B 68 -15.28 -105.68 -40.68
CA ALA B 68 -16.72 -106.00 -40.88
C ALA B 68 -16.89 -107.52 -40.85
N THR B 69 -16.13 -108.25 -41.67
CA THR B 69 -16.25 -109.72 -41.81
C THR B 69 -15.81 -110.43 -40.52
N LEU B 70 -14.96 -109.81 -39.69
CA LEU B 70 -14.55 -110.39 -38.39
C LEU B 70 -15.69 -110.28 -37.37
N LYS B 71 -16.39 -109.14 -37.37
CA LYS B 71 -17.62 -108.92 -36.56
C LYS B 71 -18.68 -109.95 -36.92
N MET B 72 -18.83 -110.26 -38.21
CA MET B 72 -19.77 -111.30 -38.71
C MET B 72 -19.29 -112.69 -38.24
N THR B 73 -18.00 -113.00 -38.37
CA THR B 73 -17.41 -114.33 -38.08
C THR B 73 -17.44 -114.65 -36.58
N MET B 74 -17.12 -113.69 -35.71
CA MET B 74 -17.08 -113.88 -34.23
C MET B 74 -18.45 -114.33 -33.70
N ARG B 75 -19.54 -113.85 -34.29
CA ARG B 75 -20.93 -114.13 -33.86
C ARG B 75 -21.24 -115.60 -34.07
N LYS B 76 -20.62 -116.16 -35.07
CA LYS B 76 -20.82 -117.53 -35.55
C LYS B 76 -20.04 -118.50 -34.64
N PHE B 77 -19.13 -117.97 -33.81
CA PHE B 77 -18.35 -118.70 -32.77
C PHE B 77 -18.82 -118.29 -31.36
N GLY B 78 -19.95 -117.58 -31.27
CA GLY B 78 -20.64 -117.28 -29.99
C GLY B 78 -19.88 -116.27 -29.15
N LYS B 79 -18.87 -115.60 -29.70
CA LYS B 79 -18.12 -114.53 -29.01
C LYS B 79 -18.69 -113.16 -29.41
N ASN B 80 -18.44 -112.16 -28.57
CA ASN B 80 -18.79 -110.73 -28.83
C ASN B 80 -17.61 -109.87 -28.37
N LEU B 81 -16.59 -109.72 -29.22
CA LEU B 81 -15.35 -108.99 -28.92
C LEU B 81 -15.63 -107.49 -29.02
N SER B 82 -14.98 -106.72 -28.15
CA SER B 82 -15.04 -105.24 -28.08
C SER B 82 -14.21 -104.67 -29.25
N GLU B 83 -14.45 -103.41 -29.62
CA GLU B 83 -13.75 -102.74 -30.75
C GLU B 83 -12.25 -102.64 -30.48
N ASP B 84 -11.87 -102.37 -29.23
CA ASP B 84 -10.46 -102.37 -28.76
C ASP B 84 -9.81 -103.71 -29.15
N ARG B 85 -10.49 -104.79 -28.80
CA ARG B 85 -10.06 -106.19 -29.00
C ARG B 85 -9.91 -106.47 -30.51
N LEU B 86 -10.94 -106.16 -31.30
CA LEU B 86 -10.96 -106.37 -32.76
C LEU B 86 -9.77 -105.64 -33.41
N ASP B 87 -9.55 -104.37 -33.05
CA ASP B 87 -8.46 -103.52 -33.57
C ASP B 87 -7.09 -104.10 -33.20
N ALA B 88 -6.95 -104.65 -31.98
CA ALA B 88 -5.70 -105.29 -31.50
C ALA B 88 -5.39 -106.52 -32.37
N ILE B 89 -6.40 -107.38 -32.58
CA ILE B 89 -6.29 -108.62 -33.41
C ILE B 89 -5.95 -108.19 -34.84
N LEU B 90 -6.72 -107.27 -35.43
CA LEU B 90 -6.56 -106.85 -36.83
C LEU B 90 -5.24 -106.08 -37.03
N GLY B 91 -4.71 -105.46 -35.98
CA GLY B 91 -3.41 -104.77 -35.99
C GLY B 91 -2.29 -105.66 -36.47
N ASN B 92 -2.42 -106.99 -36.27
CA ASN B 92 -1.38 -107.99 -36.61
C ASN B 92 -1.09 -108.02 -38.12
N ILE B 93 -2.04 -107.58 -38.94
CA ILE B 93 -1.90 -107.57 -40.43
C ILE B 93 -0.64 -106.76 -40.79
N LYS B 94 -0.34 -105.72 -40.01
CA LYS B 94 0.82 -104.82 -40.24
C LYS B 94 2.12 -105.46 -39.77
N LYS B 95 2.03 -106.49 -38.92
CA LYS B 95 3.20 -107.07 -38.22
C LYS B 95 3.41 -108.53 -38.65
N LEU B 96 3.30 -108.81 -39.94
CA LEU B 96 3.49 -110.16 -40.47
C LEU B 96 4.93 -110.27 -40.94
N PRO B 97 5.70 -111.23 -40.40
CA PRO B 97 7.07 -111.46 -40.84
C PRO B 97 7.06 -112.21 -42.17
N ALA B 98 8.09 -112.05 -42.98
CA ALA B 98 8.30 -112.86 -44.19
C ALA B 98 8.44 -114.33 -43.78
N HIS B 99 7.97 -115.27 -44.62
CA HIS B 99 8.31 -116.71 -44.56
C HIS B 99 9.84 -116.85 -44.65
N GLU B 100 10.44 -117.85 -43.98
CA GLU B 100 11.94 -117.98 -43.88
C GLU B 100 12.59 -118.00 -45.26
N ASP B 101 11.92 -118.58 -46.25
CA ASP B 101 12.50 -118.91 -47.58
C ASP B 101 12.52 -117.66 -48.48
N VAL B 102 11.76 -116.62 -48.14
CA VAL B 102 11.40 -115.53 -49.09
C VAL B 102 12.66 -114.72 -49.45
N LYS B 103 13.27 -114.09 -48.45
CA LYS B 103 14.41 -113.15 -48.64
C LYS B 103 15.49 -113.81 -49.51
N GLU B 104 15.77 -115.09 -49.29
CA GLU B 104 16.83 -115.84 -50.03
C GLU B 104 16.36 -116.07 -51.47
N GLY B 105 15.10 -116.45 -51.65
CA GLY B 105 14.45 -116.62 -52.98
C GLY B 105 14.50 -115.33 -53.78
N LEU B 106 14.07 -114.22 -53.19
CA LEU B 106 13.96 -112.90 -53.88
C LEU B 106 15.35 -112.43 -54.31
N LYS B 107 16.34 -112.50 -53.43
CA LYS B 107 17.76 -112.14 -53.70
C LYS B 107 18.29 -112.89 -54.92
N MET B 108 18.05 -114.20 -54.97
CA MET B 108 18.50 -115.09 -56.07
C MET B 108 17.93 -114.58 -57.40
N LEU B 109 16.63 -114.25 -57.41
CA LEU B 109 15.87 -113.81 -58.61
C LEU B 109 16.31 -112.40 -59.03
N LYS B 110 16.56 -111.52 -58.06
CA LYS B 110 16.97 -110.12 -58.31
C LYS B 110 18.37 -110.11 -58.92
N GLU B 111 19.26 -110.97 -58.42
CA GLU B 111 20.64 -111.14 -58.95
C GLU B 111 20.59 -111.66 -60.38
N ALA B 112 19.62 -112.53 -60.69
CA ALA B 112 19.43 -113.08 -62.06
C ALA B 112 18.87 -111.98 -62.98
N GLN B 113 18.67 -110.76 -62.46
CA GLN B 113 18.27 -109.54 -63.22
C GLN B 113 16.84 -109.67 -63.71
N ILE B 114 15.99 -110.33 -62.91
CA ILE B 114 14.54 -110.46 -63.17
C ILE B 114 13.82 -109.34 -62.41
N LYS B 115 12.98 -108.56 -63.11
CA LYS B 115 12.13 -107.51 -62.48
C LYS B 115 11.13 -108.19 -61.55
N LEU B 116 11.13 -107.78 -60.28
CA LEU B 116 10.23 -108.32 -59.24
C LEU B 116 9.26 -107.21 -58.83
N VAL B 117 7.97 -107.51 -58.88
CA VAL B 117 6.89 -106.60 -58.40
C VAL B 117 5.96 -107.42 -57.50
N ALA B 118 5.29 -106.72 -56.57
CA ALA B 118 4.20 -107.25 -55.74
C ALA B 118 2.85 -106.76 -56.29
N LEU B 119 1.81 -107.62 -56.20
CA LEU B 119 0.38 -107.27 -56.41
C LEU B 119 -0.45 -107.82 -55.25
N SER B 120 -1.00 -106.94 -54.40
CA SER B 120 -1.75 -107.30 -53.17
C SER B 120 -3.14 -106.68 -53.19
N ASN B 121 -4.10 -107.36 -52.55
CA ASN B 121 -5.47 -106.84 -52.29
C ASN B 121 -5.43 -105.74 -51.21
N SER B 122 -4.40 -105.72 -50.38
CA SER B 122 -4.16 -104.65 -49.37
C SER B 122 -4.10 -103.30 -50.07
N ASN B 123 -4.60 -102.23 -49.43
CA ASN B 123 -4.50 -100.84 -49.95
C ASN B 123 -3.02 -100.45 -49.98
N GLY B 124 -2.67 -99.37 -50.68
CA GLY B 124 -1.29 -98.88 -50.85
C GLY B 124 -0.57 -98.63 -49.53
N LYS B 125 -1.20 -97.93 -48.58
CA LYS B 125 -0.58 -97.58 -47.27
C LYS B 125 -0.28 -98.86 -46.50
N LEU B 126 -1.28 -99.73 -46.33
CA LEU B 126 -1.16 -101.04 -45.64
C LEU B 126 -0.07 -101.88 -46.31
N LEU B 127 -0.03 -101.92 -47.64
CA LEU B 127 0.93 -102.76 -48.41
C LEU B 127 2.35 -102.25 -48.18
N ASN B 128 2.49 -100.94 -48.05
CA ASN B 128 3.80 -100.30 -47.80
C ASN B 128 4.26 -100.70 -46.39
N ALA B 129 3.36 -100.60 -45.39
CA ALA B 129 3.62 -100.90 -43.97
C ALA B 129 4.00 -102.38 -43.79
N GLN B 130 3.28 -103.29 -44.45
CA GLN B 130 3.47 -104.75 -44.39
C GLN B 130 4.87 -105.14 -44.90
N LEU B 131 5.31 -104.56 -46.02
CA LEU B 131 6.58 -104.94 -46.71
C LEU B 131 7.77 -104.27 -46.04
N GLN B 132 7.55 -103.13 -45.37
CA GLN B 132 8.58 -102.42 -44.57
C GLN B 132 8.89 -103.27 -43.34
N PHE B 133 7.84 -103.71 -42.64
CA PHE B 133 7.95 -104.51 -41.40
C PHE B 133 8.66 -105.85 -41.68
N ALA B 134 8.35 -106.48 -42.81
CA ALA B 134 8.92 -107.78 -43.24
C ALA B 134 10.28 -107.56 -43.90
N GLY B 135 10.68 -106.30 -44.12
CA GLY B 135 11.94 -105.93 -44.78
C GLY B 135 12.03 -106.53 -46.18
N LEU B 136 10.92 -106.47 -46.93
CA LEU B 136 10.83 -107.02 -48.31
C LEU B 136 10.71 -105.89 -49.35
N ALA B 137 10.51 -104.64 -48.92
CA ALA B 137 10.15 -103.52 -49.81
C ALA B 137 11.25 -103.31 -50.86
N ASP B 138 12.51 -103.44 -50.46
CA ASP B 138 13.70 -103.08 -51.29
C ASP B 138 13.92 -104.11 -52.40
N TYR B 139 13.28 -105.28 -52.33
CA TYR B 139 13.44 -106.38 -53.32
C TYR B 139 12.61 -106.13 -54.59
N PHE B 140 11.58 -105.28 -54.52
CA PHE B 140 10.61 -105.03 -55.62
C PHE B 140 10.88 -103.67 -56.28
N ASP B 141 10.86 -103.64 -57.62
CA ASP B 141 11.01 -102.40 -58.42
C ASP B 141 9.75 -101.52 -58.24
N ALA B 142 8.59 -102.16 -58.08
CA ALA B 142 7.29 -101.49 -57.85
C ALA B 142 6.38 -102.40 -57.03
N ILE B 143 5.44 -101.81 -56.28
CA ILE B 143 4.43 -102.54 -55.46
C ILE B 143 3.02 -102.04 -55.82
N PHE B 144 2.25 -102.89 -56.50
CA PHE B 144 0.88 -102.59 -57.00
C PHE B 144 -0.15 -102.98 -55.95
N SER B 145 -0.98 -102.01 -55.57
CA SER B 145 -2.20 -102.21 -54.75
C SER B 145 -3.40 -102.24 -55.70
N VAL B 146 -4.45 -102.95 -55.32
CA VAL B 146 -5.74 -103.01 -56.07
C VAL B 146 -6.42 -101.64 -56.01
N GLU B 147 -6.08 -100.82 -55.02
CA GLU B 147 -6.45 -99.38 -54.97
C GLU B 147 -5.96 -98.70 -56.26
N ALA B 148 -4.74 -99.03 -56.70
CA ALA B 148 -4.09 -98.52 -57.94
C ALA B 148 -4.64 -99.21 -59.19
N VAL B 149 -5.79 -99.90 -59.07
CA VAL B 149 -6.51 -100.47 -60.25
C VAL B 149 -8.03 -100.52 -60.01
N GLY B 150 -8.53 -100.03 -58.86
CA GLY B 150 -9.97 -99.98 -58.51
C GLY B 150 -10.57 -101.33 -58.15
N ARG B 151 -10.01 -102.45 -58.66
CA ARG B 151 -10.66 -103.80 -58.64
C ARG B 151 -9.77 -104.86 -58.00
N TYR B 152 -10.39 -105.67 -57.14
CA TYR B 152 -9.77 -106.81 -56.42
C TYR B 152 -9.37 -107.92 -57.39
N LYS B 153 -8.25 -108.57 -57.10
CA LYS B 153 -7.86 -109.88 -57.67
C LYS B 153 -8.93 -110.90 -57.27
N PRO B 154 -9.25 -111.89 -58.13
CA PRO B 154 -8.50 -112.16 -59.35
C PRO B 154 -9.07 -111.57 -60.64
N GLU B 155 -9.61 -110.36 -60.60
CA GLU B 155 -10.14 -109.70 -61.82
C GLU B 155 -8.98 -109.47 -62.81
N LEU B 156 -9.19 -109.88 -64.07
CA LEU B 156 -8.14 -109.98 -65.11
C LEU B 156 -7.49 -108.61 -65.29
N ALA B 157 -8.24 -107.53 -65.09
CA ALA B 157 -7.74 -106.15 -65.29
C ALA B 157 -6.59 -105.84 -64.32
N SER B 158 -6.56 -106.48 -63.16
CA SER B 158 -5.56 -106.22 -62.07
C SER B 158 -4.16 -106.66 -62.53
N TYR B 159 -4.05 -107.85 -63.13
CA TYR B 159 -2.77 -108.40 -63.64
C TYR B 159 -2.32 -107.61 -64.87
N ARG B 160 -3.21 -107.36 -65.83
CA ARG B 160 -2.91 -106.63 -67.09
C ARG B 160 -2.43 -105.20 -66.80
N ALA B 161 -2.93 -104.57 -65.73
CA ALA B 161 -2.50 -103.21 -65.32
C ALA B 161 -1.02 -103.25 -64.95
N VAL B 162 -0.54 -104.36 -64.39
CA VAL B 162 0.89 -104.57 -64.01
C VAL B 162 1.72 -104.77 -65.29
N LEU B 163 1.31 -105.68 -66.17
CA LEU B 163 1.98 -105.92 -67.48
C LEU B 163 2.21 -104.58 -68.20
N GLU B 164 1.14 -103.83 -68.44
CA GLU B 164 1.19 -102.61 -69.28
C GLU B 164 2.11 -101.60 -68.60
N THR B 165 2.02 -101.46 -67.27
CA THR B 165 2.83 -100.47 -66.50
C THR B 165 4.31 -100.84 -66.59
N MET B 166 4.64 -102.12 -66.42
CA MET B 166 6.05 -102.64 -66.39
C MET B 166 6.57 -102.85 -67.82
N LYS B 167 5.72 -102.66 -68.84
CA LYS B 167 6.10 -102.77 -70.28
C LYS B 167 6.56 -104.19 -70.59
N VAL B 168 6.02 -105.21 -69.92
CA VAL B 168 6.36 -106.63 -70.18
C VAL B 168 5.12 -107.35 -70.71
N PRO B 169 5.25 -108.15 -71.80
CA PRO B 169 4.14 -108.97 -72.30
C PRO B 169 3.69 -110.09 -71.35
N ALA B 170 2.45 -110.54 -71.48
CA ALA B 170 1.78 -111.53 -70.59
C ALA B 170 2.57 -112.84 -70.56
N GLU B 171 3.06 -113.31 -71.71
CA GLU B 171 3.77 -114.60 -71.89
C GLU B 171 5.19 -114.55 -71.29
N ASN B 172 5.74 -113.36 -71.04
CA ASN B 172 7.08 -113.17 -70.41
C ASN B 172 6.93 -112.89 -68.91
N THR B 173 5.70 -112.85 -68.41
CA THR B 173 5.41 -112.55 -66.98
C THR B 173 4.93 -113.83 -66.30
N MET B 174 5.43 -114.08 -65.10
CA MET B 174 5.02 -115.23 -64.26
C MET B 174 4.45 -114.70 -62.93
N MET B 175 3.20 -115.07 -62.62
CA MET B 175 2.55 -114.79 -61.33
C MET B 175 3.00 -115.86 -60.33
N VAL B 176 3.47 -115.45 -59.15
CA VAL B 176 3.81 -116.37 -58.03
C VAL B 176 2.76 -116.15 -56.94
N ALA B 177 2.00 -117.20 -56.59
CA ALA B 177 0.90 -117.10 -55.60
C ALA B 177 0.65 -118.45 -54.91
N ALA B 178 0.33 -118.41 -53.62
CA ALA B 178 -0.09 -119.55 -52.80
C ALA B 178 -1.62 -119.75 -52.84
N ASN B 179 -2.34 -118.97 -53.65
CA ASN B 179 -3.83 -118.99 -53.71
C ASN B 179 -4.26 -119.60 -55.04
N GLY B 180 -5.18 -120.57 -55.03
CA GLY B 180 -5.67 -121.25 -56.24
C GLY B 180 -6.38 -120.30 -57.19
N TRP B 181 -7.14 -119.35 -56.63
CA TRP B 181 -7.92 -118.32 -57.38
C TRP B 181 -6.99 -117.28 -57.99
N ASP B 182 -5.88 -116.98 -57.31
CA ASP B 182 -4.85 -116.02 -57.81
C ASP B 182 -4.09 -116.68 -58.97
N ILE B 183 -3.89 -117.98 -58.93
CA ILE B 183 -3.31 -118.76 -60.07
C ILE B 183 -4.31 -118.71 -61.23
N LEU B 184 -5.58 -119.03 -60.95
CA LEU B 184 -6.64 -119.07 -61.98
C LEU B 184 -6.71 -117.70 -62.67
N GLY B 185 -6.76 -116.62 -61.88
CA GLY B 185 -6.87 -115.23 -62.38
C GLY B 185 -5.76 -114.92 -63.37
N ALA B 186 -4.51 -115.11 -62.93
CA ALA B 186 -3.30 -114.82 -63.72
C ALA B 186 -3.29 -115.69 -64.98
N LYS B 187 -3.65 -116.96 -64.84
CA LYS B 187 -3.64 -117.94 -65.94
C LYS B 187 -4.52 -117.41 -67.06
N ARG B 188 -5.74 -116.98 -66.72
CA ARG B 188 -6.78 -116.50 -67.68
C ARG B 188 -6.48 -115.07 -68.18
N ALA B 189 -5.59 -114.33 -67.53
CA ALA B 189 -5.06 -113.04 -68.03
C ALA B 189 -3.87 -113.26 -68.97
N GLY B 190 -3.49 -114.53 -69.20
CA GLY B 190 -2.44 -114.93 -70.17
C GLY B 190 -1.05 -114.98 -69.56
N LEU B 191 -0.94 -114.91 -68.23
CA LEU B 191 0.36 -114.95 -67.49
C LEU B 191 0.77 -116.40 -67.24
N ARG B 192 2.08 -116.62 -67.08
CA ARG B 192 2.66 -117.89 -66.54
C ARG B 192 2.44 -117.90 -65.03
N THR B 193 2.22 -119.07 -64.46
CA THR B 193 1.85 -119.24 -63.03
C THR B 193 2.86 -120.13 -62.32
N ALA B 194 3.22 -119.75 -61.09
CA ALA B 194 3.97 -120.58 -60.12
C ALA B 194 3.14 -120.67 -58.84
N PHE B 195 2.67 -121.87 -58.50
CA PHE B 195 1.96 -122.14 -57.22
C PHE B 195 2.98 -122.44 -56.12
N VAL B 196 2.96 -121.67 -55.04
CA VAL B 196 3.73 -121.94 -53.78
C VAL B 196 2.79 -122.71 -52.84
N ALA B 197 3.03 -124.02 -52.67
CA ALA B 197 2.18 -124.97 -51.92
C ALA B 197 2.35 -124.79 -50.41
N ARG B 198 2.06 -123.58 -49.90
CA ARG B 198 2.05 -123.25 -48.46
C ARG B 198 0.99 -124.10 -47.75
N GLU B 199 1.11 -124.24 -46.43
CA GLU B 199 0.23 -125.10 -45.59
C GLU B 199 -1.21 -124.62 -45.72
N GLY B 200 -2.14 -125.54 -46.01
CA GLY B 200 -3.59 -125.32 -45.95
C GLY B 200 -4.11 -124.60 -47.18
N HIS B 201 -3.36 -124.63 -48.28
CA HIS B 201 -3.74 -124.06 -49.61
C HIS B 201 -3.71 -125.17 -50.65
N ALA B 202 -4.75 -125.27 -51.46
CA ALA B 202 -4.90 -126.28 -52.54
C ALA B 202 -4.90 -125.56 -53.89
N ILE B 203 -4.66 -126.31 -54.95
CA ILE B 203 -4.87 -125.85 -56.35
C ILE B 203 -6.35 -126.02 -56.66
N TYR B 204 -6.93 -125.04 -57.35
CA TYR B 204 -8.33 -125.08 -57.83
C TYR B 204 -8.43 -126.15 -58.90
N PRO B 205 -9.16 -127.26 -58.65
CA PRO B 205 -9.18 -128.40 -59.57
C PRO B 205 -9.75 -128.10 -60.97
N LEU B 206 -10.62 -127.09 -61.09
CA LEU B 206 -11.31 -126.71 -62.35
C LEU B 206 -10.43 -125.77 -63.18
N ASP B 207 -9.45 -126.33 -63.90
CA ASP B 207 -8.56 -125.63 -64.86
C ASP B 207 -7.66 -124.61 -64.15
N GLY B 208 -7.28 -124.89 -62.90
CA GLY B 208 -6.46 -123.98 -62.07
C GLY B 208 -5.05 -124.50 -61.86
N THR B 209 -4.64 -125.51 -62.63
CA THR B 209 -3.28 -126.12 -62.57
C THR B 209 -2.26 -125.10 -63.06
N PRO B 210 -1.23 -124.79 -62.25
CA PRO B 210 -0.19 -123.84 -62.66
C PRO B 210 0.84 -124.51 -63.57
N GLU B 211 1.74 -123.71 -64.16
CA GLU B 211 2.91 -124.19 -64.94
C GLU B 211 3.89 -124.86 -63.97
N LEU B 212 4.24 -124.18 -62.87
CA LEU B 212 5.16 -124.69 -61.82
C LEU B 212 4.39 -124.85 -60.51
N GLU B 213 4.75 -125.91 -59.78
CA GLU B 213 4.35 -126.13 -58.37
C GLU B 213 5.64 -126.30 -57.57
N ALA B 214 5.81 -125.46 -56.55
CA ALA B 214 6.92 -125.57 -55.59
C ALA B 214 6.37 -125.30 -54.21
N LYS B 215 7.21 -125.46 -53.21
CA LYS B 215 6.74 -125.53 -51.83
C LYS B 215 7.09 -124.25 -51.09
N THR B 216 8.14 -123.60 -51.57
CA THR B 216 8.66 -122.32 -51.04
C THR B 216 8.95 -121.40 -52.23
N VAL B 217 9.10 -120.11 -51.96
CA VAL B 217 9.52 -119.11 -52.97
C VAL B 217 10.96 -119.46 -53.38
N LEU B 218 11.79 -119.86 -52.41
CA LEU B 218 13.19 -120.30 -52.64
C LEU B 218 13.20 -121.44 -53.67
N GLU B 219 12.33 -122.44 -53.51
CA GLU B 219 12.21 -123.59 -54.45
C GLU B 219 11.81 -123.10 -55.84
N VAL B 220 10.97 -122.06 -55.92
CA VAL B 220 10.51 -121.46 -57.20
C VAL B 220 11.74 -120.89 -57.91
N ALA B 221 12.52 -120.08 -57.19
CA ALA B 221 13.74 -119.41 -57.69
C ALA B 221 14.74 -120.45 -58.22
N ARG B 222 14.91 -121.55 -57.50
CA ARG B 222 15.83 -122.65 -57.89
C ARG B 222 15.32 -123.32 -59.17
N THR B 223 14.01 -123.55 -59.28
CA THR B 223 13.38 -124.22 -60.45
C THR B 223 13.60 -123.35 -61.70
N LEU B 224 13.54 -122.03 -61.56
CA LEU B 224 13.63 -121.11 -62.72
C LEU B 224 15.09 -120.99 -63.23
N LEU B 225 16.09 -121.39 -62.42
CA LEU B 225 17.53 -121.07 -62.67
C LEU B 225 18.42 -122.32 -62.83
N VAL C 5 18.62 -76.22 -55.81
CA VAL C 5 17.38 -77.00 -55.56
C VAL C 5 17.72 -78.47 -55.31
N LYS C 6 16.97 -79.08 -54.40
CA LYS C 6 16.99 -80.51 -54.08
C LYS C 6 16.55 -81.30 -55.33
N LYS C 7 17.35 -82.24 -55.82
CA LYS C 7 16.93 -83.01 -57.03
C LYS C 7 15.96 -84.09 -56.57
N PRO C 8 14.90 -84.33 -57.35
CA PRO C 8 13.86 -85.27 -56.96
C PRO C 8 14.34 -86.71 -57.18
N GLU C 9 13.75 -87.60 -56.40
CA GLU C 9 13.97 -89.07 -56.42
C GLU C 9 13.23 -89.67 -57.62
N LEU C 10 12.04 -89.14 -57.93
CA LEU C 10 11.15 -89.63 -59.02
C LEU C 10 10.66 -88.45 -59.86
N LEU C 11 10.70 -88.58 -61.19
CA LEU C 11 10.05 -87.63 -62.14
C LEU C 11 8.89 -88.31 -62.86
N ILE C 12 7.68 -87.74 -62.75
CA ILE C 12 6.46 -88.18 -63.49
C ILE C 12 6.25 -87.20 -64.64
N PHE C 13 6.18 -87.73 -65.87
CA PHE C 13 6.00 -86.97 -67.12
C PHE C 13 4.60 -87.19 -67.71
N ASP C 14 3.84 -86.11 -67.94
CA ASP C 14 2.69 -86.07 -68.89
C ASP C 14 3.26 -86.41 -70.27
N VAL C 15 2.49 -87.15 -71.08
CA VAL C 15 2.96 -87.68 -72.38
C VAL C 15 2.48 -86.77 -73.50
N ASN C 16 1.15 -86.63 -73.69
CA ASN C 16 0.54 -85.83 -74.77
C ASN C 16 0.95 -84.37 -74.57
N GLU C 17 1.65 -83.76 -75.52
CA GLU C 17 2.03 -82.31 -75.55
C GLU C 17 3.33 -82.07 -74.79
N THR C 18 3.44 -82.57 -73.56
CA THR C 18 4.65 -82.41 -72.71
C THR C 18 5.82 -83.13 -73.40
N LEU C 19 5.63 -84.36 -73.88
CA LEU C 19 6.69 -85.17 -74.54
C LEU C 19 6.41 -85.29 -76.05
N LEU C 20 5.17 -85.61 -76.45
CA LEU C 20 4.81 -85.86 -77.87
C LEU C 20 4.36 -84.55 -78.52
N ASP C 21 4.79 -84.33 -79.77
CA ASP C 21 4.39 -83.19 -80.62
C ASP C 21 3.04 -83.54 -81.26
N MET C 22 2.00 -82.75 -80.98
CA MET C 22 0.62 -83.01 -81.45
C MET C 22 0.46 -82.57 -82.92
N GLY C 23 1.50 -81.96 -83.50
CA GLY C 23 1.54 -81.45 -84.89
C GLY C 23 0.76 -82.29 -85.89
N PRO C 24 1.08 -83.59 -86.09
CA PRO C 24 0.41 -84.42 -87.09
C PRO C 24 -1.12 -84.48 -86.91
N LEU C 25 -1.58 -84.61 -85.67
CA LEU C 25 -3.03 -84.64 -85.31
C LEU C 25 -3.60 -83.23 -85.45
N GLU C 26 -2.93 -82.23 -84.87
CA GLU C 26 -3.36 -80.80 -84.89
C GLU C 26 -3.60 -80.35 -86.33
N ASN C 27 -2.64 -80.62 -87.21
CA ASN C 27 -2.70 -80.28 -88.66
C ASN C 27 -3.86 -81.06 -89.30
N ALA C 28 -3.96 -82.36 -89.04
CA ALA C 28 -5.01 -83.23 -89.63
C ALA C 28 -6.40 -82.67 -89.28
N ILE C 29 -6.62 -82.24 -88.04
CA ILE C 29 -7.94 -81.75 -87.53
C ILE C 29 -8.24 -80.39 -88.17
N ASN C 30 -7.27 -79.47 -88.06
CA ASN C 30 -7.41 -78.04 -88.45
C ASN C 30 -7.72 -77.96 -89.94
N GLU C 31 -7.11 -78.79 -90.78
CA GLU C 31 -7.29 -78.69 -92.25
C GLU C 31 -8.57 -79.44 -92.68
N SER C 32 -9.02 -80.47 -91.97
CA SER C 32 -10.31 -81.15 -92.26
C SER C 32 -11.50 -80.32 -91.77
N LEU C 33 -11.32 -79.47 -90.75
CA LEU C 33 -12.38 -78.56 -90.21
C LEU C 33 -12.18 -77.15 -90.75
N ASN C 34 -11.08 -76.90 -91.46
CA ASN C 34 -10.83 -75.62 -92.17
C ASN C 34 -10.82 -74.47 -91.16
N SER C 35 -10.06 -74.62 -90.07
CA SER C 35 -9.87 -73.61 -89.00
C SER C 35 -8.62 -73.94 -88.18
N GLU C 36 -7.84 -72.94 -87.79
CA GLU C 36 -6.60 -73.14 -86.99
C GLU C 36 -6.97 -73.29 -85.51
N HIS C 37 -8.25 -73.10 -85.16
CA HIS C 37 -8.76 -73.21 -83.77
C HIS C 37 -9.49 -74.54 -83.54
N ALA C 38 -9.62 -75.40 -84.54
CA ALA C 38 -10.45 -76.63 -84.48
C ALA C 38 -9.84 -77.61 -83.48
N PHE C 39 -8.52 -77.79 -83.51
CA PHE C 39 -7.80 -78.72 -82.60
C PHE C 39 -7.97 -78.25 -81.15
N SER C 40 -7.68 -76.98 -80.89
CA SER C 40 -7.79 -76.36 -79.55
C SER C 40 -9.17 -76.67 -78.94
N LEU C 41 -10.26 -76.45 -79.70
CA LEU C 41 -11.66 -76.59 -79.21
C LEU C 41 -11.99 -78.08 -79.03
N TRP C 42 -11.60 -78.93 -79.97
CA TRP C 42 -11.86 -80.39 -79.88
C TRP C 42 -11.17 -80.98 -78.65
N PHE C 43 -9.88 -80.71 -78.50
CA PHE C 43 -9.04 -81.30 -77.42
C PHE C 43 -9.57 -80.83 -76.07
N ARG C 44 -9.95 -79.55 -75.98
CA ARG C 44 -10.51 -78.98 -74.72
C ARG C 44 -11.87 -79.63 -74.47
N THR C 45 -12.63 -79.96 -75.51
CA THR C 45 -13.91 -80.72 -75.38
C THR C 45 -13.60 -82.14 -74.91
N LEU C 46 -12.63 -82.80 -75.53
CA LEU C 46 -12.19 -84.17 -75.15
C LEU C 46 -11.88 -84.20 -73.66
N LEU C 47 -11.02 -83.31 -73.18
CA LEU C 47 -10.60 -83.26 -71.76
C LEU C 47 -11.85 -83.06 -70.91
N HIS C 48 -12.71 -82.09 -71.25
CA HIS C 48 -13.90 -81.72 -70.45
C HIS C 48 -14.78 -82.96 -70.26
N TYR C 49 -14.97 -83.74 -71.31
CA TYR C 49 -15.87 -84.93 -71.32
C TYR C 49 -15.19 -86.10 -70.61
N SER C 50 -13.85 -86.17 -70.66
CA SER C 50 -13.05 -87.16 -69.90
C SER C 50 -13.33 -87.01 -68.40
N LEU C 51 -13.29 -85.77 -67.89
CA LEU C 51 -13.60 -85.46 -66.46
C LEU C 51 -15.10 -85.59 -66.19
N THR C 52 -15.96 -85.34 -67.19
CA THR C 52 -17.43 -85.59 -67.09
C THR C 52 -17.67 -87.08 -66.83
N GLU C 53 -16.99 -87.95 -67.57
CA GLU C 53 -17.14 -89.42 -67.41
C GLU C 53 -16.77 -89.79 -65.97
N THR C 54 -15.66 -89.29 -65.45
CA THR C 54 -15.19 -89.61 -64.08
C THR C 54 -16.21 -89.14 -63.03
N LEU C 55 -16.67 -87.89 -63.11
CA LEU C 55 -17.62 -87.28 -62.12
C LEU C 55 -19.01 -87.92 -62.20
N THR C 56 -19.35 -88.61 -63.29
CA THR C 56 -20.63 -89.37 -63.43
C THR C 56 -20.41 -90.86 -63.14
N GLY C 57 -19.20 -91.22 -62.69
CA GLY C 57 -18.86 -92.56 -62.15
C GLY C 57 -18.68 -93.59 -63.25
N ASN C 58 -18.09 -93.20 -64.38
CA ASN C 58 -17.86 -94.08 -65.55
C ASN C 58 -16.45 -93.85 -66.13
N TYR C 59 -15.92 -94.90 -66.74
CA TYR C 59 -14.63 -94.85 -67.49
C TYR C 59 -14.91 -95.22 -68.94
N VAL C 60 -14.46 -94.36 -69.85
CA VAL C 60 -14.45 -94.65 -71.30
C VAL C 60 -13.02 -94.42 -71.78
N ASP C 61 -12.50 -95.34 -72.59
CA ASP C 61 -11.21 -95.26 -73.30
C ASP C 61 -11.03 -93.86 -73.91
N PHE C 62 -9.85 -93.25 -73.75
CA PHE C 62 -9.53 -91.86 -74.22
C PHE C 62 -9.76 -91.75 -75.73
N GLY C 63 -9.35 -92.76 -76.49
CA GLY C 63 -9.57 -92.81 -77.96
C GLY C 63 -11.04 -92.64 -78.30
N THR C 64 -11.91 -93.40 -77.63
CA THR C 64 -13.38 -93.42 -77.86
C THR C 64 -13.98 -92.05 -77.59
N ILE C 65 -13.61 -91.40 -76.49
CA ILE C 65 -14.13 -90.05 -76.14
C ILE C 65 -13.68 -89.08 -77.23
N GLY C 66 -12.44 -89.21 -77.68
CA GLY C 66 -11.83 -88.37 -78.73
C GLY C 66 -12.62 -88.44 -80.02
N LYS C 67 -13.02 -89.63 -80.43
CA LYS C 67 -13.85 -89.81 -81.65
C LYS C 67 -15.21 -89.12 -81.45
N ALA C 68 -15.90 -89.38 -80.34
CA ALA C 68 -17.24 -88.83 -80.02
C ALA C 68 -17.21 -87.31 -80.03
N THR C 69 -16.20 -86.71 -79.38
CA THR C 69 -16.09 -85.25 -79.23
C THR C 69 -15.63 -84.63 -80.56
N LEU C 70 -14.96 -85.39 -81.43
CA LEU C 70 -14.60 -84.91 -82.79
C LEU C 70 -15.88 -84.75 -83.61
N LYS C 71 -16.78 -85.75 -83.55
CA LYS C 71 -18.10 -85.72 -84.24
C LYS C 71 -18.93 -84.53 -83.76
N MET C 72 -18.86 -84.18 -82.48
CA MET C 72 -19.55 -82.98 -81.90
C MET C 72 -18.89 -81.69 -82.41
N THR C 73 -17.55 -81.63 -82.47
CA THR C 73 -16.77 -80.42 -82.81
C THR C 73 -16.90 -80.15 -84.32
N MET C 74 -16.87 -81.17 -85.18
CA MET C 74 -16.96 -80.99 -86.65
C MET C 74 -18.28 -80.31 -87.01
N ARG C 75 -19.39 -80.69 -86.37
CA ARG C 75 -20.75 -80.12 -86.56
C ARG C 75 -20.68 -78.60 -86.42
N LYS C 76 -19.85 -78.17 -85.49
CA LYS C 76 -19.76 -76.79 -84.98
C LYS C 76 -18.94 -75.94 -85.98
N PHE C 77 -18.24 -76.60 -86.90
CA PHE C 77 -17.49 -75.98 -88.03
C PHE C 77 -18.17 -76.29 -89.38
N GLY C 78 -19.43 -76.76 -89.34
CA GLY C 78 -20.29 -76.97 -90.52
C GLY C 78 -19.84 -78.13 -91.40
N LYS C 79 -18.90 -78.96 -90.92
CA LYS C 79 -18.41 -80.16 -91.65
C LYS C 79 -19.15 -81.41 -91.18
N ASN C 80 -19.13 -82.47 -91.99
CA ASN C 80 -19.76 -83.77 -91.66
C ASN C 80 -18.87 -84.88 -92.25
N LEU C 81 -17.77 -85.18 -91.57
CA LEU C 81 -16.72 -86.11 -92.06
C LEU C 81 -17.25 -87.55 -91.94
N SER C 82 -16.83 -88.42 -92.86
CA SER C 82 -17.15 -89.87 -92.87
C SER C 82 -16.38 -90.56 -91.74
N GLU C 83 -16.86 -91.74 -91.32
CA GLU C 83 -16.19 -92.60 -90.31
C GLU C 83 -14.77 -92.92 -90.75
N ASP C 84 -14.55 -93.23 -92.03
CA ASP C 84 -13.22 -93.55 -92.60
C ASP C 84 -12.26 -92.39 -92.35
N ARG C 85 -12.77 -91.17 -92.57
CA ARG C 85 -12.04 -89.90 -92.43
C ARG C 85 -11.68 -89.67 -90.96
N LEU C 86 -12.69 -89.75 -90.07
CA LEU C 86 -12.54 -89.56 -88.60
C LEU C 86 -11.46 -90.50 -88.05
N ASP C 87 -11.45 -91.76 -88.49
CA ASP C 87 -10.47 -92.80 -88.07
C ASP C 87 -9.08 -92.41 -88.58
N ALA C 88 -8.98 -92.01 -89.85
CA ALA C 88 -7.70 -91.60 -90.50
C ALA C 88 -7.11 -90.42 -89.70
N ILE C 89 -7.93 -89.42 -89.39
CA ILE C 89 -7.55 -88.20 -88.62
C ILE C 89 -7.02 -88.65 -87.26
N LEU C 90 -7.81 -89.46 -86.53
CA LEU C 90 -7.52 -89.88 -85.14
C LEU C 90 -6.35 -90.88 -85.11
N GLY C 91 -6.11 -91.59 -86.21
CA GLY C 91 -4.96 -92.51 -86.35
C GLY C 91 -3.65 -91.81 -86.00
N ASN C 92 -3.57 -90.51 -86.22
CA ASN C 92 -2.34 -89.68 -86.01
C ASN C 92 -1.91 -89.71 -84.54
N ILE C 93 -2.81 -90.05 -83.61
CA ILE C 93 -2.50 -90.05 -82.15
C ILE C 93 -1.47 -91.16 -81.84
N LYS C 94 -1.37 -92.18 -82.69
CA LYS C 94 -0.39 -93.29 -82.57
C LYS C 94 0.95 -92.92 -83.21
N LYS C 95 0.96 -91.90 -84.09
CA LYS C 95 2.14 -91.50 -84.90
C LYS C 95 2.57 -90.08 -84.54
N LEU C 96 2.63 -89.76 -83.25
CA LEU C 96 3.13 -88.45 -82.78
C LEU C 96 4.62 -88.60 -82.50
N PRO C 97 5.48 -87.80 -83.18
CA PRO C 97 6.91 -87.79 -82.89
C PRO C 97 7.15 -87.02 -81.59
N ALA C 98 8.22 -87.37 -80.88
CA ALA C 98 8.71 -86.65 -79.68
C ALA C 98 9.13 -85.24 -80.08
N HIS C 99 8.86 -84.25 -79.22
CA HIS C 99 9.53 -82.92 -79.28
C HIS C 99 11.04 -83.14 -79.31
N GLU C 100 11.72 -82.18 -79.91
CA GLU C 100 13.08 -82.34 -80.45
C GLU C 100 14.08 -82.23 -79.30
N ASP C 101 13.60 -81.78 -78.12
CA ASP C 101 14.39 -81.57 -76.89
C ASP C 101 14.31 -82.80 -75.96
N VAL C 102 13.25 -83.60 -76.02
CA VAL C 102 12.92 -84.58 -74.94
C VAL C 102 13.99 -85.66 -74.84
N LYS C 103 14.36 -86.31 -75.95
CA LYS C 103 15.30 -87.46 -75.92
C LYS C 103 16.58 -87.06 -75.18
N GLU C 104 17.09 -85.85 -75.46
CA GLU C 104 18.33 -85.32 -74.84
C GLU C 104 18.11 -85.05 -73.35
N GLY C 105 16.96 -84.42 -73.02
CA GLY C 105 16.55 -84.11 -71.64
C GLY C 105 16.35 -85.36 -70.81
N LEU C 106 15.69 -86.39 -71.36
CA LEU C 106 15.40 -87.66 -70.64
C LEU C 106 16.72 -88.38 -70.39
N LYS C 107 17.56 -88.48 -71.42
CA LYS C 107 18.90 -89.12 -71.37
C LYS C 107 19.71 -88.52 -70.20
N MET C 108 19.79 -87.20 -70.15
CA MET C 108 20.47 -86.40 -69.11
C MET C 108 19.95 -86.76 -67.72
N LEU C 109 18.62 -86.87 -67.57
CA LEU C 109 17.92 -87.14 -66.28
C LEU C 109 18.14 -88.61 -65.85
N LYS C 110 18.15 -89.52 -66.81
CA LYS C 110 18.36 -90.97 -66.55
C LYS C 110 19.81 -91.18 -66.10
N GLU C 111 20.74 -90.45 -66.71
CA GLU C 111 22.19 -90.41 -66.38
C GLU C 111 22.39 -90.01 -64.90
N ALA C 112 21.57 -89.08 -64.41
CA ALA C 112 21.63 -88.55 -63.03
C ALA C 112 20.98 -89.52 -62.03
N GLN C 113 20.66 -90.75 -62.44
CA GLN C 113 20.15 -91.83 -61.55
C GLN C 113 18.78 -91.42 -60.96
N ILE C 114 18.00 -90.63 -61.70
CA ILE C 114 16.61 -90.26 -61.31
C ILE C 114 15.65 -91.22 -62.02
N LYS C 115 14.75 -91.84 -61.25
CA LYS C 115 13.69 -92.73 -61.78
C LYS C 115 12.71 -91.88 -62.59
N LEU C 116 12.45 -92.30 -63.84
CA LEU C 116 11.55 -91.59 -64.80
C LEU C 116 10.33 -92.47 -65.10
N VAL C 117 9.13 -91.95 -64.85
CA VAL C 117 7.87 -92.64 -65.22
C VAL C 117 7.02 -91.67 -66.04
N ALA C 118 6.19 -92.23 -66.92
CA ALA C 118 5.11 -91.54 -67.66
C ALA C 118 3.76 -91.79 -66.98
N LEU C 119 2.89 -90.78 -66.99
CA LEU C 119 1.46 -90.84 -66.56
C LEU C 119 0.60 -90.12 -67.61
N SER C 120 -0.17 -90.88 -68.40
CA SER C 120 -1.02 -90.38 -69.52
C SER C 120 -2.49 -90.75 -69.27
N ASN C 121 -3.41 -89.94 -69.80
CA ASN C 121 -4.86 -90.25 -69.87
C ASN C 121 -5.11 -91.30 -70.95
N SER C 122 -4.18 -91.49 -71.88
CA SER C 122 -4.24 -92.57 -72.90
C SER C 122 -4.34 -93.92 -72.17
N ASN C 123 -5.05 -94.89 -72.77
CA ASN C 123 -5.18 -96.26 -72.22
C ASN C 123 -3.82 -96.97 -72.36
N GLY C 124 -3.64 -98.11 -71.68
CA GLY C 124 -2.36 -98.85 -71.58
C GLY C 124 -1.77 -99.16 -72.94
N LYS C 125 -2.59 -99.70 -73.86
CA LYS C 125 -2.16 -100.15 -75.22
C LYS C 125 -1.74 -98.95 -76.07
N LEU C 126 -2.57 -97.91 -76.10
CA LEU C 126 -2.34 -96.68 -76.91
C LEU C 126 -1.05 -96.01 -76.43
N LEU C 127 -0.90 -95.84 -75.11
CA LEU C 127 0.27 -95.18 -74.49
C LEU C 127 1.54 -95.95 -74.88
N ASN C 128 1.48 -97.28 -74.87
CA ASN C 128 2.61 -98.16 -75.25
C ASN C 128 2.98 -97.91 -76.72
N ALA C 129 1.97 -97.86 -77.59
CA ALA C 129 2.14 -97.64 -79.04
C ALA C 129 2.73 -96.25 -79.29
N GLN C 130 2.23 -95.24 -78.57
CA GLN C 130 2.64 -93.81 -78.71
C GLN C 130 4.14 -93.69 -78.44
N LEU C 131 4.61 -94.25 -77.32
CA LEU C 131 6.02 -94.11 -76.84
C LEU C 131 6.96 -94.99 -77.67
N GLN C 132 6.49 -96.14 -78.17
CA GLN C 132 7.29 -97.03 -79.05
C GLN C 132 7.58 -96.28 -80.34
N PHE C 133 6.57 -95.61 -80.88
CA PHE C 133 6.65 -94.85 -82.16
C PHE C 133 7.63 -93.69 -81.98
N ALA C 134 7.55 -92.98 -80.87
CA ALA C 134 8.36 -91.77 -80.58
C ALA C 134 9.75 -92.17 -80.11
N GLY C 135 9.98 -93.47 -79.88
CA GLY C 135 11.23 -94.02 -79.30
C GLY C 135 11.52 -93.41 -77.94
N LEU C 136 10.53 -93.39 -77.04
CA LEU C 136 10.68 -92.84 -75.66
C LEU C 136 10.51 -93.93 -74.59
N ALA C 137 10.09 -95.15 -74.97
CA ALA C 137 9.62 -96.19 -74.04
C ALA C 137 10.75 -96.57 -73.08
N ASP C 138 11.98 -96.70 -73.60
CA ASP C 138 13.16 -97.29 -72.89
C ASP C 138 13.68 -96.31 -71.82
N TYR C 139 13.32 -95.03 -71.88
CA TYR C 139 13.78 -93.99 -70.91
C TYR C 139 13.03 -94.11 -69.58
N PHE C 140 11.87 -94.77 -69.53
CA PHE C 140 10.98 -94.83 -68.33
C PHE C 140 11.04 -96.22 -67.69
N ASP C 141 11.18 -96.26 -66.35
CA ASP C 141 11.16 -97.51 -65.54
C ASP C 141 9.74 -98.10 -65.52
N ALA C 142 8.73 -97.23 -65.58
CA ALA C 142 7.30 -97.61 -65.60
C ALA C 142 6.50 -96.53 -66.34
N ILE C 143 5.44 -96.94 -67.04
CA ILE C 143 4.47 -96.04 -67.73
C ILE C 143 3.07 -96.32 -67.20
N PHE C 144 2.49 -95.36 -66.49
CA PHE C 144 1.14 -95.45 -65.87
C PHE C 144 0.06 -94.89 -66.80
N SER C 145 -0.91 -95.72 -67.17
CA SER C 145 -2.17 -95.31 -67.84
C SER C 145 -3.25 -95.07 -66.77
N VAL C 146 -4.26 -94.26 -67.09
CA VAL C 146 -5.43 -94.02 -66.19
C VAL C 146 -6.27 -95.30 -66.09
N GLU C 147 -6.06 -96.28 -66.98
CA GLU C 147 -6.57 -97.66 -66.82
C GLU C 147 -5.95 -98.28 -65.57
N ALA C 148 -4.64 -98.09 -65.37
CA ALA C 148 -3.84 -98.57 -64.22
C ALA C 148 -4.03 -97.67 -63.00
N VAL C 149 -5.06 -96.80 -62.99
CA VAL C 149 -5.48 -95.98 -61.81
C VAL C 149 -7.02 -95.89 -61.69
N GLY C 150 -7.79 -96.27 -62.71
CA GLY C 150 -9.27 -96.24 -62.68
C GLY C 150 -9.84 -94.90 -63.14
N ARG C 151 -9.18 -93.78 -62.80
CA ARG C 151 -9.76 -92.42 -62.99
C ARG C 151 -8.73 -91.46 -63.61
N TYR C 152 -9.26 -90.50 -64.38
CA TYR C 152 -8.52 -89.52 -65.23
C TYR C 152 -7.77 -88.51 -64.35
N LYS C 153 -6.62 -88.06 -64.85
CA LYS C 153 -5.96 -86.80 -64.38
C LYS C 153 -6.86 -85.62 -64.73
N PRO C 154 -6.90 -84.55 -63.90
CA PRO C 154 -6.02 -84.40 -62.74
C PRO C 154 -6.59 -84.81 -61.39
N GLU C 155 -7.31 -85.93 -61.31
CA GLU C 155 -7.80 -86.42 -59.99
C GLU C 155 -6.63 -86.87 -59.11
N LEU C 156 -6.60 -86.40 -57.86
CA LEU C 156 -5.44 -86.54 -56.94
C LEU C 156 -4.99 -88.01 -56.88
N ALA C 157 -5.93 -88.96 -56.86
CA ALA C 157 -5.62 -90.39 -56.69
C ALA C 157 -4.72 -90.88 -57.83
N SER C 158 -4.77 -90.28 -59.02
CA SER C 158 -3.96 -90.72 -60.19
C SER C 158 -2.47 -90.57 -59.87
N TYR C 159 -2.05 -89.41 -59.30
CA TYR C 159 -0.64 -89.12 -58.93
C TYR C 159 -0.25 -90.01 -57.74
N ARG C 160 -1.15 -90.12 -56.75
CA ARG C 160 -0.90 -90.90 -55.52
C ARG C 160 -0.66 -92.37 -55.86
N ALA C 161 -1.31 -92.88 -56.90
CA ALA C 161 -1.16 -94.29 -57.33
C ALA C 161 0.26 -94.51 -57.83
N VAL C 162 0.86 -93.49 -58.46
CA VAL C 162 2.25 -93.58 -59.00
C VAL C 162 3.21 -93.53 -57.81
N LEU C 163 3.02 -92.58 -56.89
CA LEU C 163 3.88 -92.42 -55.68
C LEU C 163 4.00 -93.77 -54.96
N GLU C 164 2.87 -94.36 -54.56
CA GLU C 164 2.79 -95.58 -53.71
C GLU C 164 3.37 -96.80 -54.45
N THR C 165 3.14 -96.89 -55.76
CA THR C 165 3.62 -97.98 -56.64
C THR C 165 5.15 -97.93 -56.76
N MET C 166 5.71 -96.74 -56.97
CA MET C 166 7.18 -96.51 -57.13
C MET C 166 7.85 -96.35 -55.75
N LYS C 167 7.09 -96.40 -54.66
CA LYS C 167 7.63 -96.35 -53.27
C LYS C 167 8.41 -95.06 -53.03
N VAL C 168 7.96 -93.94 -53.62
CA VAL C 168 8.60 -92.60 -53.46
C VAL C 168 7.58 -91.66 -52.82
N PRO C 169 7.97 -90.90 -51.78
CA PRO C 169 7.08 -89.92 -51.17
C PRO C 169 6.72 -88.81 -52.15
N ALA C 170 5.62 -88.12 -51.86
CA ALA C 170 5.12 -86.97 -52.64
C ALA C 170 6.19 -85.88 -52.74
N GLU C 171 6.82 -85.50 -51.61
CA GLU C 171 7.77 -84.35 -51.50
C GLU C 171 9.07 -84.64 -52.27
N ASN C 172 9.37 -85.89 -52.59
CA ASN C 172 10.58 -86.27 -53.38
C ASN C 172 10.21 -86.58 -54.83
N THR C 173 8.97 -86.29 -55.25
CA THR C 173 8.48 -86.54 -56.63
C THR C 173 8.12 -85.20 -57.29
N MET C 174 8.55 -85.01 -58.55
CA MET C 174 8.26 -83.80 -59.35
C MET C 174 7.50 -84.20 -60.61
N MET C 175 6.32 -83.61 -60.82
CA MET C 175 5.49 -83.80 -62.04
C MET C 175 5.94 -82.79 -63.10
N VAL C 176 6.27 -83.29 -64.29
CA VAL C 176 6.63 -82.46 -65.47
C VAL C 176 5.46 -82.53 -66.46
N ALA C 177 4.78 -81.39 -66.68
CA ALA C 177 3.57 -81.27 -67.51
C ALA C 177 3.54 -79.92 -68.23
N ALA C 178 3.07 -79.91 -69.47
CA ALA C 178 2.81 -78.69 -70.29
C ALA C 178 1.35 -78.21 -70.12
N ASN C 179 0.58 -78.80 -69.20
CA ASN C 179 -0.86 -78.46 -68.97
C ASN C 179 -0.99 -77.80 -67.59
N GLY C 180 -1.75 -76.71 -67.51
CA GLY C 180 -1.92 -75.95 -66.27
C GLY C 180 -2.70 -76.76 -65.26
N TRP C 181 -3.64 -77.57 -65.73
CA TRP C 181 -4.53 -78.42 -64.88
C TRP C 181 -3.72 -79.57 -64.30
N ASP C 182 -2.79 -80.11 -65.10
CA ASP C 182 -1.91 -81.22 -64.70
C ASP C 182 -0.95 -80.73 -63.62
N ILE C 183 -0.51 -79.48 -63.71
CA ILE C 183 0.32 -78.81 -62.66
C ILE C 183 -0.52 -78.67 -61.40
N LEU C 184 -1.75 -78.18 -61.53
CA LEU C 184 -2.65 -77.89 -60.39
C LEU C 184 -2.91 -79.19 -59.64
N GLY C 185 -3.17 -80.28 -60.38
CA GLY C 185 -3.51 -81.60 -59.81
C GLY C 185 -2.34 -82.16 -59.02
N ALA C 186 -1.18 -82.25 -59.66
CA ALA C 186 0.08 -82.74 -59.06
C ALA C 186 0.41 -81.91 -57.82
N LYS C 187 0.30 -80.59 -57.92
CA LYS C 187 0.58 -79.63 -56.82
C LYS C 187 -0.32 -79.93 -55.61
N ARG C 188 -1.58 -80.29 -55.82
CA ARG C 188 -2.59 -80.52 -54.75
C ARG C 188 -2.54 -81.97 -54.24
N ALA C 189 -1.80 -82.85 -54.91
CA ALA C 189 -1.47 -84.20 -54.42
C ALA C 189 -0.13 -84.20 -53.64
N GLY C 190 0.49 -83.05 -53.43
CA GLY C 190 1.72 -82.90 -52.62
C GLY C 190 3.00 -82.96 -53.43
N LEU C 191 2.93 -83.07 -54.77
CA LEU C 191 4.12 -83.23 -55.65
C LEU C 191 4.72 -81.87 -55.94
N ARG C 192 6.01 -81.87 -56.24
CA ARG C 192 6.74 -80.72 -56.85
C ARG C 192 6.31 -80.68 -58.32
N THR C 193 6.39 -79.50 -58.94
CA THR C 193 5.83 -79.25 -60.29
C THR C 193 6.86 -78.51 -61.16
N ALA C 194 6.99 -78.96 -62.41
CA ALA C 194 7.83 -78.36 -63.46
C ALA C 194 6.97 -78.14 -64.71
N PHE C 195 6.68 -76.88 -65.01
CA PHE C 195 5.84 -76.47 -66.17
C PHE C 195 6.75 -76.29 -67.38
N VAL C 196 6.52 -77.08 -68.43
CA VAL C 196 7.16 -76.95 -69.78
C VAL C 196 6.29 -76.01 -70.64
N ALA C 197 6.68 -74.74 -70.73
CA ALA C 197 5.91 -73.67 -71.40
C ALA C 197 6.00 -73.85 -72.92
N ARG C 198 5.42 -74.93 -73.43
CA ARG C 198 5.26 -75.19 -74.88
C ARG C 198 4.23 -74.22 -75.45
N GLU C 199 4.25 -74.04 -76.77
CA GLU C 199 3.44 -73.02 -77.47
C GLU C 199 1.95 -73.32 -77.26
N GLY C 200 1.19 -72.28 -76.90
CA GLY C 200 -0.28 -72.31 -76.81
C GLY C 200 -0.78 -72.84 -75.48
N HIS C 201 0.09 -72.96 -74.48
CA HIS C 201 -0.26 -73.45 -73.10
C HIS C 201 0.08 -72.37 -72.08
N ALA C 202 -0.80 -72.16 -71.09
CA ALA C 202 -0.64 -71.16 -70.03
C ALA C 202 -0.69 -71.83 -68.66
N ILE C 203 -0.11 -71.17 -67.66
CA ILE C 203 -0.26 -71.56 -66.23
C ILE C 203 -1.64 -71.12 -65.77
N TYR C 204 -2.33 -71.97 -65.02
CA TYR C 204 -3.63 -71.65 -64.38
C TYR C 204 -3.39 -70.59 -63.31
N PRO C 205 -3.94 -69.37 -63.47
CA PRO C 205 -3.72 -68.26 -62.53
C PRO C 205 -4.17 -68.48 -61.07
N LEU C 206 -5.11 -69.40 -60.85
CA LEU C 206 -5.70 -69.66 -59.51
C LEU C 206 -4.92 -70.77 -58.84
N ASP C 207 -3.78 -70.41 -58.25
CA ASP C 207 -2.95 -71.28 -57.38
C ASP C 207 -2.39 -72.43 -58.22
N GLY C 208 -2.12 -72.18 -59.50
CA GLY C 208 -1.58 -73.18 -60.43
C GLY C 208 -0.11 -72.95 -60.73
N THR C 209 0.55 -72.02 -60.02
CA THR C 209 1.97 -71.67 -60.24
C THR C 209 2.85 -72.89 -59.90
N PRO C 210 3.74 -73.32 -60.82
CA PRO C 210 4.63 -74.45 -60.54
C PRO C 210 5.86 -74.00 -59.74
N GLU C 211 6.65 -74.96 -59.24
CA GLU C 211 7.97 -74.69 -58.61
C GLU C 211 8.93 -74.17 -59.69
N LEU C 212 9.01 -74.86 -60.82
CA LEU C 212 9.91 -74.50 -61.97
C LEU C 212 9.06 -74.22 -63.20
N GLU C 213 9.54 -73.30 -64.04
CA GLU C 213 9.01 -73.02 -65.39
C GLU C 213 10.18 -73.07 -66.38
N ALA C 214 10.00 -73.67 -67.56
CA ALA C 214 11.03 -73.75 -68.62
C ALA C 214 10.33 -73.93 -69.96
N LYS C 215 11.06 -73.75 -71.06
CA LYS C 215 10.50 -73.74 -72.43
C LYS C 215 10.45 -75.17 -72.98
N THR C 216 11.40 -75.99 -72.58
CA THR C 216 11.60 -77.36 -73.13
C THR C 216 11.89 -78.30 -71.97
N VAL C 217 11.82 -79.60 -72.23
CA VAL C 217 12.11 -80.67 -71.23
C VAL C 217 13.61 -80.64 -70.95
N LEU C 218 14.42 -80.42 -71.99
CA LEU C 218 15.90 -80.26 -71.92
C LEU C 218 16.27 -79.18 -70.92
N GLU C 219 15.57 -78.03 -70.97
CA GLU C 219 15.75 -76.89 -70.03
C GLU C 219 15.36 -77.31 -68.59
N VAL C 220 14.35 -78.17 -68.44
CA VAL C 220 13.89 -78.66 -67.11
C VAL C 220 15.01 -79.55 -66.55
N ALA C 221 15.54 -80.45 -67.39
CA ALA C 221 16.69 -81.31 -67.03
C ALA C 221 17.86 -80.45 -66.56
N ARG C 222 18.25 -79.45 -67.35
CA ARG C 222 19.41 -78.56 -67.05
C ARG C 222 19.21 -77.86 -65.70
N THR C 223 18.03 -77.31 -65.46
CA THR C 223 17.70 -76.52 -64.23
C THR C 223 17.82 -77.42 -63.00
N LEU C 224 17.46 -78.70 -63.11
CA LEU C 224 17.42 -79.64 -61.97
C LEU C 224 18.83 -80.13 -61.66
N LEU C 225 19.61 -80.41 -62.70
CA LEU C 225 20.93 -81.10 -62.62
C LEU C 225 22.03 -80.06 -62.35
N LYS C 226 21.66 -78.93 -61.76
CA LYS C 226 22.58 -77.99 -61.09
C LYS C 226 21.87 -76.67 -60.79
N VAL D 5 -47.12 -90.11 -73.04
CA VAL D 5 -45.91 -89.73 -72.29
C VAL D 5 -46.29 -89.23 -70.90
N LYS D 6 -45.77 -89.91 -69.88
CA LYS D 6 -46.00 -89.60 -68.46
C LYS D 6 -45.45 -88.20 -68.19
N LYS D 7 -46.18 -87.41 -67.41
CA LYS D 7 -45.84 -86.00 -67.15
C LYS D 7 -45.02 -85.94 -65.87
N PRO D 8 -43.86 -85.26 -65.86
CA PRO D 8 -42.98 -85.25 -64.70
C PRO D 8 -43.52 -84.34 -63.58
N GLU D 9 -43.34 -84.77 -62.32
CA GLU D 9 -43.69 -83.99 -61.09
C GLU D 9 -42.79 -82.77 -60.94
N LEU D 10 -41.51 -82.89 -61.32
CA LEU D 10 -40.47 -81.83 -61.14
C LEU D 10 -39.68 -81.65 -62.44
N LEU D 11 -39.40 -80.40 -62.79
CA LEU D 11 -38.51 -80.06 -63.93
C LEU D 11 -37.32 -79.26 -63.41
N ILE D 12 -36.10 -79.77 -63.63
CA ILE D 12 -34.82 -79.06 -63.32
C ILE D 12 -34.30 -78.42 -64.60
N PHE D 13 -34.03 -77.12 -64.58
CA PHE D 13 -33.58 -76.32 -65.75
C PHE D 13 -32.12 -75.91 -65.59
N ASP D 14 -31.26 -76.31 -66.55
CA ASP D 14 -29.95 -75.65 -66.72
C ASP D 14 -30.28 -74.18 -67.02
N VAL D 15 -29.42 -73.26 -66.60
CA VAL D 15 -29.68 -71.80 -66.68
C VAL D 15 -28.84 -71.21 -67.83
N ASN D 16 -27.51 -71.40 -67.77
CA ASN D 16 -26.52 -70.58 -68.53
C ASN D 16 -26.46 -70.94 -70.02
N GLU D 17 -27.53 -71.40 -70.66
CA GLU D 17 -27.53 -71.56 -72.14
C GLU D 17 -28.89 -72.09 -72.55
N THR D 18 -29.43 -72.95 -71.70
CA THR D 18 -30.80 -73.48 -71.79
C THR D 18 -31.79 -72.29 -71.73
N LEU D 19 -31.64 -71.40 -70.75
CA LEU D 19 -32.58 -70.28 -70.50
C LEU D 19 -32.00 -68.94 -70.95
N LEU D 20 -30.76 -68.61 -70.56
CA LEU D 20 -30.14 -67.28 -70.85
C LEU D 20 -29.41 -67.32 -72.20
N ASP D 21 -29.53 -66.23 -72.96
CA ASP D 21 -28.81 -66.01 -74.24
C ASP D 21 -27.42 -65.47 -73.89
N MET D 22 -26.38 -66.20 -74.28
CA MET D 22 -24.97 -65.88 -73.98
C MET D 22 -24.49 -64.75 -74.91
N GLY D 23 -25.34 -64.33 -75.85
CA GLY D 23 -25.04 -63.37 -76.94
C GLY D 23 -24.20 -62.17 -76.48
N PRO D 24 -24.68 -61.38 -75.48
CA PRO D 24 -23.95 -60.22 -74.99
C PRO D 24 -22.53 -60.54 -74.50
N LEU D 25 -22.35 -61.69 -73.83
CA LEU D 25 -21.02 -62.17 -73.34
C LEU D 25 -20.21 -62.73 -74.51
N GLU D 26 -20.83 -63.61 -75.33
CA GLU D 26 -20.21 -64.21 -76.54
C GLU D 26 -19.60 -63.12 -77.42
N ASN D 27 -20.37 -62.08 -77.75
CA ASN D 27 -19.94 -60.99 -78.67
C ASN D 27 -18.79 -60.22 -78.00
N ALA D 28 -18.90 -59.89 -76.71
CA ALA D 28 -17.89 -59.09 -75.97
C ALA D 28 -16.53 -59.78 -76.09
N ILE D 29 -16.48 -61.11 -75.94
CA ILE D 29 -15.22 -61.90 -75.99
C ILE D 29 -14.76 -61.97 -77.45
N ASN D 30 -15.65 -62.34 -78.37
CA ASN D 30 -15.34 -62.56 -79.81
C ASN D 30 -14.75 -61.29 -80.42
N GLU D 31 -15.33 -60.14 -80.06
CA GLU D 31 -14.89 -58.78 -80.47
C GLU D 31 -13.49 -58.51 -79.91
N SER D 32 -13.33 -58.63 -78.59
CA SER D 32 -12.10 -58.27 -77.84
C SER D 32 -10.92 -59.12 -78.31
N LEU D 33 -11.18 -60.38 -78.69
CA LEU D 33 -10.14 -61.36 -79.08
C LEU D 33 -10.09 -61.51 -80.61
N ASN D 34 -10.96 -60.80 -81.36
CA ASN D 34 -10.95 -60.79 -82.84
C ASN D 34 -11.11 -62.21 -83.40
N SER D 35 -12.08 -62.97 -82.90
CA SER D 35 -12.37 -64.30 -83.44
C SER D 35 -13.77 -64.69 -83.00
N GLU D 36 -14.54 -65.32 -83.88
CA GLU D 36 -15.89 -65.85 -83.56
C GLU D 36 -15.77 -67.13 -82.74
N HIS D 37 -14.59 -67.75 -82.68
CA HIS D 37 -14.35 -69.04 -81.96
C HIS D 37 -13.86 -68.79 -80.52
N ALA D 38 -13.45 -67.55 -80.20
CA ALA D 38 -12.90 -67.15 -78.88
C ALA D 38 -13.82 -67.62 -77.74
N PHE D 39 -15.11 -67.27 -77.79
CA PHE D 39 -16.09 -67.58 -76.71
C PHE D 39 -16.15 -69.10 -76.50
N SER D 40 -16.27 -69.86 -77.59
CA SER D 40 -16.39 -71.35 -77.54
C SER D 40 -15.20 -71.95 -76.80
N LEU D 41 -13.98 -71.52 -77.14
CA LEU D 41 -12.71 -72.04 -76.55
C LEU D 41 -12.63 -71.64 -75.08
N TRP D 42 -12.95 -70.38 -74.76
CA TRP D 42 -12.89 -69.85 -73.37
C TRP D 42 -13.88 -70.62 -72.48
N PHE D 43 -15.14 -70.76 -72.92
CA PHE D 43 -16.23 -71.33 -72.11
C PHE D 43 -15.94 -72.82 -71.86
N ARG D 44 -15.44 -73.50 -72.88
CA ARG D 44 -15.05 -74.93 -72.77
C ARG D 44 -13.90 -75.04 -71.76
N THR D 45 -12.95 -74.11 -71.82
CA THR D 45 -11.83 -74.03 -70.86
C THR D 45 -12.40 -73.77 -69.47
N LEU D 46 -13.37 -72.86 -69.32
CA LEU D 46 -13.99 -72.54 -68.02
C LEU D 46 -14.63 -73.81 -67.42
N LEU D 47 -15.37 -74.57 -68.22
CA LEU D 47 -16.07 -75.81 -67.79
C LEU D 47 -15.04 -76.87 -67.39
N HIS D 48 -13.98 -77.04 -68.20
CA HIS D 48 -12.90 -78.03 -67.95
C HIS D 48 -12.26 -77.75 -66.59
N TYR D 49 -11.91 -76.48 -66.32
CA TYR D 49 -11.21 -76.09 -65.08
C TYR D 49 -12.19 -76.17 -63.89
N SER D 50 -13.49 -76.00 -64.12
CA SER D 50 -14.54 -76.13 -63.08
C SER D 50 -14.59 -77.58 -62.60
N LEU D 51 -14.53 -78.53 -63.52
CA LEU D 51 -14.45 -79.97 -63.19
C LEU D 51 -13.07 -80.31 -62.61
N THR D 52 -12.01 -79.63 -63.06
CA THR D 52 -10.62 -79.77 -62.55
C THR D 52 -10.60 -79.42 -61.06
N GLU D 53 -11.25 -78.32 -60.68
CA GLU D 53 -11.32 -77.85 -59.27
C GLU D 53 -12.05 -78.90 -58.42
N THR D 54 -13.19 -79.40 -58.86
CA THR D 54 -13.95 -80.43 -58.12
C THR D 54 -13.07 -81.67 -57.89
N LEU D 55 -12.41 -82.16 -58.95
CA LEU D 55 -11.68 -83.46 -58.94
C LEU D 55 -10.40 -83.36 -58.08
N THR D 56 -9.93 -82.14 -57.79
CA THR D 56 -8.73 -81.86 -56.96
C THR D 56 -9.17 -81.36 -55.58
N GLY D 57 -10.45 -81.53 -55.24
CA GLY D 57 -10.97 -81.33 -53.87
C GLY D 57 -11.04 -79.86 -53.47
N ASN D 58 -11.42 -79.00 -54.41
CA ASN D 58 -11.50 -77.53 -54.18
C ASN D 58 -12.76 -77.00 -54.86
N TYR D 59 -13.32 -75.91 -54.33
CA TYR D 59 -14.40 -75.11 -54.95
C TYR D 59 -13.95 -73.66 -55.12
N VAL D 60 -14.10 -73.13 -56.34
CA VAL D 60 -13.83 -71.71 -56.70
C VAL D 60 -15.08 -71.20 -57.41
N ASP D 61 -15.62 -70.04 -57.02
CA ASP D 61 -16.90 -69.55 -57.60
C ASP D 61 -16.69 -69.45 -59.12
N PHE D 62 -17.78 -69.64 -59.88
CA PHE D 62 -17.79 -69.78 -61.37
C PHE D 62 -17.22 -68.52 -62.03
N GLY D 63 -17.49 -67.34 -61.46
CA GLY D 63 -17.01 -66.02 -61.94
C GLY D 63 -15.51 -65.91 -61.90
N THR D 64 -14.88 -66.41 -60.83
CA THR D 64 -13.41 -66.33 -60.61
C THR D 64 -12.70 -67.22 -61.62
N ILE D 65 -13.25 -68.42 -61.89
CA ILE D 65 -12.68 -69.39 -62.87
C ILE D 65 -12.83 -68.79 -64.26
N GLY D 66 -13.97 -68.13 -64.51
CA GLY D 66 -14.25 -67.39 -65.76
C GLY D 66 -13.12 -66.41 -66.04
N LYS D 67 -12.88 -65.50 -65.10
CA LYS D 67 -11.82 -64.47 -65.21
C LYS D 67 -10.47 -65.12 -65.51
N ALA D 68 -10.05 -66.08 -64.68
CA ALA D 68 -8.74 -66.75 -64.78
C ALA D 68 -8.60 -67.39 -66.16
N THR D 69 -9.62 -68.11 -66.64
CA THR D 69 -9.58 -68.86 -67.92
C THR D 69 -9.61 -67.89 -69.10
N LEU D 70 -10.21 -66.71 -68.92
CA LEU D 70 -10.22 -65.66 -69.98
C LEU D 70 -8.78 -65.14 -70.19
N LYS D 71 -8.07 -64.82 -69.10
CA LYS D 71 -6.64 -64.38 -69.14
C LYS D 71 -5.81 -65.46 -69.83
N MET D 72 -6.14 -66.74 -69.62
CA MET D 72 -5.44 -67.89 -70.27
C MET D 72 -5.79 -67.85 -71.76
N THR D 73 -7.06 -67.63 -72.07
CA THR D 73 -7.61 -67.72 -73.45
C THR D 73 -7.12 -66.54 -74.29
N MET D 74 -7.17 -65.31 -73.77
CA MET D 74 -6.74 -64.10 -74.53
C MET D 74 -5.30 -64.28 -75.03
N ARG D 75 -4.43 -64.92 -74.24
CA ARG D 75 -2.99 -65.13 -74.57
C ARG D 75 -2.86 -65.94 -75.86
N LYS D 76 -3.74 -66.94 -76.05
CA LYS D 76 -3.75 -67.81 -77.25
C LYS D 76 -4.07 -67.01 -78.51
N PHE D 77 -4.81 -65.92 -78.36
CA PHE D 77 -5.29 -65.07 -79.48
C PHE D 77 -4.34 -63.86 -79.62
N GLY D 78 -3.21 -63.89 -78.92
CA GLY D 78 -2.15 -62.87 -79.02
C GLY D 78 -2.57 -61.53 -78.42
N LYS D 79 -3.64 -61.51 -77.63
CA LYS D 79 -4.14 -60.28 -76.95
C LYS D 79 -3.62 -60.23 -75.50
N ASN D 80 -3.65 -59.04 -74.90
CA ASN D 80 -3.27 -58.78 -73.48
C ASN D 80 -4.19 -57.66 -72.95
N LEU D 81 -5.43 -58.01 -72.62
CA LEU D 81 -6.46 -57.04 -72.18
C LEU D 81 -6.14 -56.60 -70.74
N SER D 82 -6.51 -55.35 -70.39
CA SER D 82 -6.37 -54.78 -69.03
C SER D 82 -7.47 -55.34 -68.12
N GLU D 83 -7.24 -55.33 -66.80
CA GLU D 83 -8.20 -55.83 -65.78
C GLU D 83 -9.55 -55.14 -65.94
N ASP D 84 -9.54 -53.83 -66.19
CA ASP D 84 -10.75 -52.99 -66.42
C ASP D 84 -11.56 -53.61 -67.56
N ARG D 85 -10.87 -53.94 -68.64
CA ARG D 85 -11.45 -54.51 -69.89
C ARG D 85 -12.06 -55.89 -69.59
N LEU D 86 -11.30 -56.75 -68.90
CA LEU D 86 -11.72 -58.13 -68.55
C LEU D 86 -13.00 -58.06 -67.71
N ASP D 87 -13.06 -57.16 -66.73
CA ASP D 87 -14.20 -57.01 -65.78
C ASP D 87 -15.44 -56.50 -66.53
N ALA D 88 -15.25 -55.61 -67.49
CA ALA D 88 -16.31 -55.06 -68.38
C ALA D 88 -16.93 -56.21 -69.18
N ILE D 89 -16.08 -57.03 -69.82
CA ILE D 89 -16.51 -58.17 -70.67
C ILE D 89 -17.31 -59.16 -69.80
N LEU D 90 -16.73 -59.60 -68.67
CA LEU D 90 -17.33 -60.66 -67.81
C LEU D 90 -18.58 -60.12 -67.11
N GLY D 91 -18.65 -58.79 -66.91
CA GLY D 91 -19.83 -58.11 -66.36
C GLY D 91 -21.10 -58.50 -67.09
N ASN D 92 -20.98 -58.86 -68.37
CA ASN D 92 -22.12 -59.25 -69.25
C ASN D 92 -22.82 -60.52 -68.76
N ILE D 93 -22.15 -61.35 -67.94
CA ILE D 93 -22.76 -62.62 -67.44
C ILE D 93 -23.94 -62.27 -66.52
N LYS D 94 -23.89 -61.09 -65.92
CA LYS D 94 -24.90 -60.58 -64.96
C LYS D 94 -26.08 -59.99 -65.76
N LYS D 95 -25.82 -59.60 -67.01
CA LYS D 95 -26.78 -58.90 -67.91
C LYS D 95 -27.07 -59.77 -69.12
N LEU D 96 -27.38 -61.05 -68.87
CA LEU D 96 -27.79 -62.01 -69.91
C LEU D 96 -29.30 -62.11 -69.89
N PRO D 97 -29.91 -61.69 -70.99
CA PRO D 97 -31.38 -61.71 -71.11
C PRO D 97 -31.86 -63.10 -71.58
N ALA D 98 -33.11 -63.47 -71.25
CA ALA D 98 -33.76 -64.78 -71.55
C ALA D 98 -33.91 -64.97 -73.07
N HIS D 99 -33.85 -66.23 -73.55
CA HIS D 99 -34.21 -66.60 -74.94
C HIS D 99 -35.71 -66.33 -75.14
N GLU D 100 -36.12 -66.06 -76.37
CA GLU D 100 -37.48 -65.59 -76.73
C GLU D 100 -38.56 -66.57 -76.27
N ASP D 101 -38.23 -67.85 -76.22
CA ASP D 101 -39.22 -68.94 -76.08
C ASP D 101 -39.45 -69.27 -74.60
N VAL D 102 -38.55 -68.89 -73.69
CA VAL D 102 -38.51 -69.48 -72.31
C VAL D 102 -39.73 -69.01 -71.52
N LYS D 103 -39.99 -67.71 -71.49
CA LYS D 103 -41.02 -67.08 -70.62
C LYS D 103 -42.37 -67.78 -70.85
N GLU D 104 -42.76 -67.97 -72.11
CA GLU D 104 -43.99 -68.69 -72.53
C GLU D 104 -43.91 -70.16 -72.09
N GLY D 105 -42.78 -70.82 -72.35
CA GLY D 105 -42.53 -72.22 -72.01
C GLY D 105 -42.72 -72.47 -70.52
N LEU D 106 -42.07 -71.63 -69.70
CA LEU D 106 -42.10 -71.70 -68.21
C LEU D 106 -43.55 -71.55 -67.72
N LYS D 107 -44.27 -70.55 -68.25
CA LYS D 107 -45.69 -70.25 -67.88
C LYS D 107 -46.56 -71.49 -68.08
N MET D 108 -46.49 -72.05 -69.27
CA MET D 108 -47.27 -73.24 -69.69
C MET D 108 -47.08 -74.35 -68.64
N LEU D 109 -45.82 -74.66 -68.33
CA LEU D 109 -45.45 -75.77 -67.41
C LEU D 109 -45.89 -75.44 -65.98
N LYS D 110 -45.80 -74.16 -65.58
CA LYS D 110 -46.20 -73.68 -64.22
C LYS D 110 -47.72 -73.78 -64.07
N GLU D 111 -48.46 -73.49 -65.14
CA GLU D 111 -49.94 -73.58 -65.20
C GLU D 111 -50.37 -75.05 -65.15
N ALA D 112 -49.58 -75.95 -65.73
CA ALA D 112 -49.84 -77.41 -65.70
C ALA D 112 -49.54 -78.00 -64.30
N GLN D 113 -49.23 -77.15 -63.31
CA GLN D 113 -48.97 -77.51 -61.89
C GLN D 113 -47.75 -78.42 -61.79
N ILE D 114 -46.68 -78.11 -62.56
CA ILE D 114 -45.38 -78.83 -62.48
C ILE D 114 -44.39 -77.94 -61.69
N LYS D 115 -43.80 -78.50 -60.64
CA LYS D 115 -42.71 -77.84 -59.85
C LYS D 115 -41.58 -77.49 -60.82
N LEU D 116 -41.15 -76.22 -60.83
CA LEU D 116 -40.03 -75.76 -61.68
C LEU D 116 -38.89 -75.26 -60.79
N VAL D 117 -37.70 -75.84 -60.96
CA VAL D 117 -36.46 -75.44 -60.23
C VAL D 117 -35.33 -75.21 -61.24
N ALA D 118 -34.40 -74.34 -60.87
CA ALA D 118 -33.12 -74.11 -61.58
C ALA D 118 -31.99 -74.81 -60.82
N LEU D 119 -30.98 -75.29 -61.56
CA LEU D 119 -29.69 -75.80 -61.02
C LEU D 119 -28.58 -75.30 -61.96
N SER D 120 -27.74 -74.37 -61.48
CA SER D 120 -26.67 -73.71 -62.28
C SER D 120 -25.32 -73.85 -61.57
N ASN D 121 -24.23 -73.78 -62.35
CA ASN D 121 -22.82 -73.76 -61.86
C ASN D 121 -22.47 -72.36 -61.33
N SER D 122 -23.29 -71.35 -61.62
CA SER D 122 -23.17 -70.00 -61.04
C SER D 122 -23.38 -70.09 -59.53
N ASN D 123 -22.69 -69.26 -58.74
CA ASN D 123 -22.85 -69.18 -57.26
C ASN D 123 -24.21 -68.57 -56.95
N GLY D 124 -24.66 -68.69 -55.70
CA GLY D 124 -26.02 -68.34 -55.24
C GLY D 124 -26.41 -66.92 -55.61
N LYS D 125 -25.52 -65.96 -55.40
CA LYS D 125 -25.80 -64.52 -55.60
C LYS D 125 -25.79 -64.18 -57.09
N LEU D 126 -24.81 -64.68 -57.84
CA LEU D 126 -24.72 -64.48 -59.31
C LEU D 126 -25.96 -65.06 -59.97
N LEU D 127 -26.42 -66.24 -59.53
CA LEU D 127 -27.61 -66.92 -60.11
C LEU D 127 -28.85 -66.04 -59.90
N ASN D 128 -29.00 -65.48 -58.70
CA ASN D 128 -30.13 -64.59 -58.32
C ASN D 128 -30.13 -63.37 -59.24
N ALA D 129 -28.99 -62.70 -59.41
CA ALA D 129 -28.83 -61.50 -60.26
C ALA D 129 -29.14 -61.83 -61.73
N GLN D 130 -28.74 -63.01 -62.19
CA GLN D 130 -28.93 -63.44 -63.61
C GLN D 130 -30.43 -63.59 -63.91
N LEU D 131 -31.15 -64.30 -63.05
CA LEU D 131 -32.58 -64.67 -63.26
C LEU D 131 -33.46 -63.44 -63.03
N GLN D 132 -33.08 -62.60 -62.07
CA GLN D 132 -33.74 -61.34 -61.67
C GLN D 132 -33.67 -60.37 -62.85
N PHE D 133 -32.53 -60.35 -63.54
CA PHE D 133 -32.25 -59.53 -64.75
C PHE D 133 -33.08 -59.99 -65.95
N ALA D 134 -33.18 -61.30 -66.18
CA ALA D 134 -33.91 -61.92 -67.31
C ALA D 134 -35.42 -61.95 -67.02
N GLY D 135 -35.81 -61.69 -65.77
CA GLY D 135 -37.20 -61.75 -65.28
C GLY D 135 -37.74 -63.18 -65.28
N LEU D 136 -36.92 -64.15 -64.86
CA LEU D 136 -37.29 -65.60 -64.82
C LEU D 136 -37.46 -66.09 -63.37
N ALA D 137 -37.03 -65.33 -62.37
CA ALA D 137 -36.90 -65.77 -60.96
C ALA D 137 -38.25 -66.22 -60.38
N ASP D 138 -39.35 -65.56 -60.75
CA ASP D 138 -40.72 -65.81 -60.18
C ASP D 138 -41.32 -67.10 -60.72
N TYR D 139 -40.79 -67.67 -61.81
CA TYR D 139 -41.32 -68.91 -62.45
C TYR D 139 -40.87 -70.16 -61.68
N PHE D 140 -39.79 -70.09 -60.88
CA PHE D 140 -39.22 -71.26 -60.17
C PHE D 140 -39.66 -71.27 -58.70
N ASP D 141 -39.94 -72.45 -58.15
CA ASP D 141 -40.27 -72.64 -56.72
C ASP D 141 -39.00 -72.53 -55.88
N ALA D 142 -37.86 -72.91 -56.47
CA ALA D 142 -36.53 -72.85 -55.84
C ALA D 142 -35.45 -72.72 -56.92
N ILE D 143 -34.31 -72.11 -56.57
CA ILE D 143 -33.11 -72.01 -57.45
C ILE D 143 -31.91 -72.57 -56.72
N PHE D 144 -31.31 -73.61 -57.28
CA PHE D 144 -30.16 -74.35 -56.71
C PHE D 144 -28.87 -73.86 -57.38
N SER D 145 -27.91 -73.49 -56.54
CA SER D 145 -26.51 -73.22 -56.93
C SER D 145 -25.65 -74.43 -56.56
N VAL D 146 -24.55 -74.64 -57.27
CA VAL D 146 -23.55 -75.69 -56.94
C VAL D 146 -22.84 -75.31 -55.65
N GLU D 147 -22.91 -74.03 -55.27
CA GLU D 147 -22.46 -73.51 -53.96
C GLU D 147 -23.29 -74.18 -52.84
N ALA D 148 -24.59 -74.35 -53.09
CA ALA D 148 -25.55 -75.04 -52.19
C ALA D 148 -25.55 -76.55 -52.48
N VAL D 149 -24.46 -77.10 -53.03
CA VAL D 149 -24.25 -78.58 -53.17
C VAL D 149 -22.76 -78.95 -53.10
N GLY D 150 -21.83 -77.97 -53.04
CA GLY D 150 -20.38 -78.15 -52.87
C GLY D 150 -19.64 -78.39 -54.18
N ARG D 151 -20.25 -79.15 -55.10
CA ARG D 151 -19.60 -79.74 -56.30
C ARG D 151 -20.33 -79.34 -57.57
N TYR D 152 -19.56 -79.10 -58.64
CA TYR D 152 -20.05 -78.69 -59.99
C TYR D 152 -20.85 -79.83 -60.64
N LYS D 153 -21.82 -79.45 -61.48
CA LYS D 153 -22.43 -80.34 -62.50
C LYS D 153 -21.34 -80.72 -63.50
N PRO D 154 -21.37 -81.93 -64.10
CA PRO D 154 -22.49 -82.87 -63.95
C PRO D 154 -22.32 -83.97 -62.89
N GLU D 155 -21.82 -83.63 -61.71
CA GLU D 155 -21.60 -84.67 -60.68
C GLU D 155 -22.97 -85.12 -60.19
N LEU D 156 -23.18 -86.43 -60.05
CA LEU D 156 -24.51 -87.02 -59.79
C LEU D 156 -25.11 -86.44 -58.50
N ALA D 157 -24.28 -86.09 -57.52
CA ALA D 157 -24.70 -85.58 -56.19
C ALA D 157 -25.47 -84.26 -56.33
N SER D 158 -25.19 -83.46 -57.37
CA SER D 158 -25.83 -82.13 -57.59
C SER D 158 -27.32 -82.37 -57.91
N TYR D 159 -27.64 -83.31 -58.80
CA TYR D 159 -29.04 -83.62 -59.21
C TYR D 159 -29.79 -84.25 -58.02
N ARG D 160 -29.15 -85.22 -57.35
CA ARG D 160 -29.72 -85.97 -56.20
C ARG D 160 -30.06 -85.01 -55.06
N ALA D 161 -29.26 -83.96 -54.87
CA ALA D 161 -29.49 -82.89 -53.88
C ALA D 161 -30.85 -82.23 -54.16
N VAL D 162 -31.16 -81.94 -55.43
CA VAL D 162 -32.43 -81.26 -55.84
C VAL D 162 -33.61 -82.21 -55.60
N LEU D 163 -33.49 -83.47 -56.01
CA LEU D 163 -34.54 -84.52 -55.82
C LEU D 163 -34.94 -84.58 -54.35
N GLU D 164 -33.98 -84.88 -53.47
CA GLU D 164 -34.23 -85.13 -52.03
C GLU D 164 -34.78 -83.86 -51.37
N THR D 165 -34.38 -82.67 -51.85
CA THR D 165 -34.82 -81.35 -51.31
C THR D 165 -36.25 -81.05 -51.73
N MET D 166 -36.60 -81.34 -53.00
CA MET D 166 -37.97 -81.10 -53.57
C MET D 166 -38.89 -82.29 -53.25
N LYS D 167 -38.37 -83.36 -52.64
CA LYS D 167 -39.16 -84.56 -52.20
C LYS D 167 -39.76 -85.27 -53.41
N VAL D 168 -39.08 -85.22 -54.56
CA VAL D 168 -39.56 -85.88 -55.81
C VAL D 168 -38.56 -86.99 -56.15
N PRO D 169 -39.02 -88.23 -56.42
CA PRO D 169 -38.13 -89.29 -56.91
C PRO D 169 -37.52 -88.94 -58.29
N ALA D 170 -36.48 -89.68 -58.67
CA ALA D 170 -35.65 -89.43 -59.88
C ALA D 170 -36.49 -89.67 -61.15
N GLU D 171 -37.21 -90.80 -61.19
CA GLU D 171 -38.00 -91.27 -62.36
C GLU D 171 -39.12 -90.28 -62.69
N ASN D 172 -39.55 -89.47 -61.70
CA ASN D 172 -40.64 -88.45 -61.85
C ASN D 172 -40.05 -87.05 -62.04
N THR D 173 -38.72 -86.95 -62.20
CA THR D 173 -38.03 -85.66 -62.47
C THR D 173 -37.48 -85.70 -63.89
N MET D 174 -37.48 -84.56 -64.58
CA MET D 174 -36.84 -84.42 -65.91
C MET D 174 -35.90 -83.22 -65.89
N MET D 175 -34.65 -83.44 -66.32
CA MET D 175 -33.62 -82.39 -66.50
C MET D 175 -33.79 -81.78 -67.91
N VAL D 176 -33.85 -80.45 -67.97
CA VAL D 176 -33.92 -79.66 -69.23
C VAL D 176 -32.61 -78.87 -69.37
N ALA D 177 -31.84 -79.18 -70.42
CA ALA D 177 -30.48 -78.63 -70.62
C ALA D 177 -30.14 -78.57 -72.12
N ALA D 178 -29.34 -77.57 -72.50
CA ALA D 178 -28.81 -77.38 -73.87
C ALA D 178 -27.37 -77.94 -73.96
N ASN D 179 -26.93 -78.68 -72.95
CA ASN D 179 -25.55 -79.23 -72.81
C ASN D 179 -25.62 -80.76 -72.80
N GLY D 180 -24.81 -81.43 -73.62
CA GLY D 180 -24.76 -82.90 -73.70
C GLY D 180 -24.29 -83.53 -72.40
N TRP D 181 -23.37 -82.87 -71.70
CA TRP D 181 -22.78 -83.35 -70.41
C TRP D 181 -23.80 -83.21 -69.28
N ASP D 182 -24.63 -82.17 -69.34
CA ASP D 182 -25.70 -81.94 -68.34
C ASP D 182 -26.75 -83.03 -68.51
N ILE D 183 -27.02 -83.45 -69.76
CA ILE D 183 -27.91 -84.59 -70.12
C ILE D 183 -27.30 -85.89 -69.58
N LEU D 184 -26.02 -86.13 -69.86
CA LEU D 184 -25.31 -87.37 -69.46
C LEU D 184 -25.40 -87.53 -67.94
N GLY D 185 -25.07 -86.47 -67.19
CA GLY D 185 -25.08 -86.44 -65.72
C GLY D 185 -26.45 -86.78 -65.16
N ALA D 186 -27.48 -86.05 -65.57
CA ALA D 186 -28.90 -86.26 -65.21
C ALA D 186 -29.31 -87.72 -65.50
N LYS D 187 -29.04 -88.25 -66.71
CA LYS D 187 -29.39 -89.64 -67.08
C LYS D 187 -28.85 -90.60 -66.02
N ARG D 188 -27.56 -90.52 -65.73
CA ARG D 188 -26.84 -91.46 -64.84
C ARG D 188 -27.23 -91.23 -63.38
N ALA D 189 -27.88 -90.10 -63.08
CA ALA D 189 -28.48 -89.82 -61.76
C ALA D 189 -29.88 -90.44 -61.66
N GLY D 190 -30.41 -90.97 -62.78
CA GLY D 190 -31.71 -91.66 -62.85
C GLY D 190 -32.83 -90.73 -63.29
N LEU D 191 -32.51 -89.52 -63.74
CA LEU D 191 -33.52 -88.50 -64.17
C LEU D 191 -33.90 -88.72 -65.63
N ARG D 192 -35.10 -88.29 -65.99
CA ARG D 192 -35.54 -88.13 -67.39
C ARG D 192 -34.83 -86.90 -67.93
N THR D 193 -34.62 -86.82 -69.24
CA THR D 193 -33.77 -85.79 -69.89
C THR D 193 -34.51 -85.16 -71.06
N ALA D 194 -34.42 -83.84 -71.17
CA ALA D 194 -34.91 -83.04 -72.31
C ALA D 194 -33.76 -82.17 -72.82
N PHE D 195 -33.32 -82.42 -74.05
CA PHE D 195 -32.22 -81.67 -74.72
C PHE D 195 -32.82 -80.54 -75.56
N VAL D 196 -32.47 -79.30 -75.24
CA VAL D 196 -32.84 -78.07 -76.01
C VAL D 196 -31.73 -77.80 -77.05
N ALA D 197 -31.95 -78.22 -78.30
CA ALA D 197 -30.96 -78.16 -79.40
C ALA D 197 -30.75 -76.72 -79.84
N ARG D 198 -30.19 -75.88 -78.96
CA ARG D 198 -29.79 -74.50 -79.28
C ARG D 198 -28.61 -74.56 -80.25
N GLU D 199 -28.31 -73.44 -80.90
CA GLU D 199 -27.29 -73.33 -81.96
C GLU D 199 -25.90 -73.59 -81.35
N GLY D 200 -25.09 -74.43 -82.00
CA GLY D 200 -23.67 -74.67 -81.65
C GLY D 200 -23.51 -75.64 -80.48
N HIS D 201 -24.57 -76.38 -80.12
CA HIS D 201 -24.58 -77.42 -79.06
C HIS D 201 -25.03 -78.76 -79.67
N ALA D 202 -24.33 -79.84 -79.35
CA ALA D 202 -24.61 -81.21 -79.86
C ALA D 202 -24.83 -82.15 -78.67
N ILE D 203 -25.53 -83.27 -78.90
CA ILE D 203 -25.70 -84.37 -77.91
C ILE D 203 -24.37 -85.14 -77.87
N TYR D 204 -24.01 -85.64 -76.69
CA TYR D 204 -22.79 -86.45 -76.46
C TYR D 204 -23.06 -87.86 -77.00
N PRO D 205 -22.38 -88.28 -78.10
CA PRO D 205 -22.68 -89.55 -78.76
C PRO D 205 -22.51 -90.83 -77.93
N LEU D 206 -21.71 -90.82 -76.86
CA LEU D 206 -21.46 -92.04 -76.02
C LEU D 206 -22.51 -92.15 -74.90
N ASP D 207 -23.68 -92.71 -75.23
CA ASP D 207 -24.78 -93.00 -74.27
C ASP D 207 -25.32 -91.69 -73.67
N GLY D 208 -25.36 -90.61 -74.45
CA GLY D 208 -25.83 -89.28 -74.00
C GLY D 208 -27.12 -88.86 -74.68
N THR D 209 -27.84 -89.81 -75.30
CA THR D 209 -29.14 -89.57 -75.98
C THR D 209 -30.21 -89.26 -74.94
N PRO D 210 -30.90 -88.10 -75.03
CA PRO D 210 -31.94 -87.75 -74.07
C PRO D 210 -33.24 -88.51 -74.35
N GLU D 211 -34.23 -88.38 -73.46
CA GLU D 211 -35.60 -88.96 -73.65
C GLU D 211 -36.33 -88.18 -74.73
N LEU D 212 -36.28 -86.84 -74.72
CA LEU D 212 -36.80 -86.03 -75.85
C LEU D 212 -35.85 -84.89 -76.22
N GLU D 213 -36.02 -84.42 -77.45
CA GLU D 213 -35.19 -83.40 -78.14
C GLU D 213 -36.14 -82.38 -78.77
N ALA D 214 -35.91 -81.09 -78.55
CA ALA D 214 -36.70 -79.97 -79.13
C ALA D 214 -35.78 -78.77 -79.34
N LYS D 215 -36.21 -77.80 -80.16
CA LYS D 215 -35.40 -76.63 -80.60
C LYS D 215 -35.42 -75.52 -79.55
N THR D 216 -36.47 -75.48 -78.74
CA THR D 216 -36.71 -74.40 -77.75
C THR D 216 -37.33 -75.02 -76.49
N VAL D 217 -37.29 -74.27 -75.40
CA VAL D 217 -37.91 -74.66 -74.10
C VAL D 217 -39.42 -74.69 -74.28
N LEU D 218 -39.97 -73.74 -75.06
CA LEU D 218 -41.41 -73.67 -75.41
C LEU D 218 -41.82 -74.99 -76.07
N GLU D 219 -41.01 -75.48 -77.02
CA GLU D 219 -41.31 -76.72 -77.78
C GLU D 219 -41.28 -77.93 -76.84
N VAL D 220 -40.37 -77.94 -75.87
CA VAL D 220 -40.26 -79.00 -74.83
C VAL D 220 -41.55 -79.02 -74.01
N ALA D 221 -41.99 -77.85 -73.54
CA ALA D 221 -43.21 -77.68 -72.71
C ALA D 221 -44.40 -78.23 -73.52
N ARG D 222 -44.42 -77.95 -74.81
CA ARG D 222 -45.51 -78.31 -75.74
C ARG D 222 -45.53 -79.83 -75.93
N THR D 223 -44.35 -80.42 -76.16
CA THR D 223 -44.16 -81.88 -76.34
C THR D 223 -44.65 -82.64 -75.10
N LEU D 224 -44.48 -82.08 -73.90
CA LEU D 224 -44.85 -82.78 -72.64
C LEU D 224 -46.34 -82.59 -72.36
N LEU D 225 -47.00 -81.64 -73.04
CA LEU D 225 -48.45 -81.35 -72.92
C LEU D 225 -49.13 -81.56 -74.28
N VAL E 5 -45.31 -57.57 -34.27
CA VAL E 5 -44.51 -58.57 -35.04
C VAL E 5 -45.02 -58.62 -36.46
N LYS E 6 -44.16 -58.29 -37.42
CA LYS E 6 -44.39 -58.67 -38.83
C LYS E 6 -44.30 -60.18 -38.96
N LYS E 7 -45.13 -60.74 -39.83
CA LYS E 7 -45.06 -62.20 -40.08
C LYS E 7 -43.98 -62.43 -41.13
N PRO E 8 -43.15 -63.47 -40.94
CA PRO E 8 -42.08 -63.79 -41.87
C PRO E 8 -42.62 -64.44 -43.15
N GLU E 9 -41.94 -64.26 -44.27
CA GLU E 9 -42.26 -64.88 -45.59
C GLU E 9 -41.90 -66.37 -45.58
N LEU E 10 -40.90 -66.77 -44.79
CA LEU E 10 -40.39 -68.17 -44.74
C LEU E 10 -40.10 -68.57 -43.29
N LEU E 11 -40.47 -69.79 -42.92
CA LEU E 11 -40.11 -70.44 -41.63
C LEU E 11 -39.23 -71.68 -41.88
N ILE E 12 -38.02 -71.68 -41.32
CA ILE E 12 -37.12 -72.86 -41.35
C ILE E 12 -37.34 -73.63 -40.03
N PHE E 13 -37.55 -74.93 -40.11
CA PHE E 13 -37.81 -75.80 -38.94
C PHE E 13 -36.66 -76.79 -38.77
N ASP E 14 -35.91 -76.70 -37.67
CA ASP E 14 -35.15 -77.84 -37.12
C ASP E 14 -36.16 -78.99 -36.94
N VAL E 15 -35.72 -80.23 -37.16
CA VAL E 15 -36.57 -81.44 -37.24
C VAL E 15 -36.40 -82.25 -35.95
N ASN E 16 -35.17 -82.60 -35.59
CA ASN E 16 -34.88 -83.68 -34.61
C ASN E 16 -35.47 -83.37 -33.24
N GLU E 17 -35.29 -82.23 -32.59
CA GLU E 17 -35.94 -82.06 -31.25
C GLU E 17 -37.20 -81.22 -31.39
N THR E 18 -37.15 -80.29 -32.34
CA THR E 18 -38.17 -79.22 -32.52
C THR E 18 -39.49 -79.83 -32.96
N LEU E 19 -39.49 -80.74 -33.94
CA LEU E 19 -40.73 -81.38 -34.50
C LEU E 19 -40.88 -82.82 -34.01
N LEU E 20 -39.82 -83.63 -34.05
CA LEU E 20 -39.90 -85.08 -33.71
C LEU E 20 -39.62 -85.27 -32.21
N ASP E 21 -40.35 -86.20 -31.58
CA ASP E 21 -40.15 -86.66 -30.20
C ASP E 21 -39.03 -87.71 -30.22
N MET E 22 -37.91 -87.44 -29.54
CA MET E 22 -36.73 -88.35 -29.46
C MET E 22 -37.01 -89.50 -28.49
N GLY E 23 -38.15 -89.46 -27.77
CA GLY E 23 -38.55 -90.43 -26.74
C GLY E 23 -38.17 -91.87 -27.09
N PRO E 24 -38.65 -92.42 -28.24
CA PRO E 24 -38.32 -93.79 -28.64
C PRO E 24 -36.81 -94.05 -28.58
N LEU E 25 -36.03 -93.15 -29.21
CA LEU E 25 -34.55 -93.25 -29.30
C LEU E 25 -33.94 -92.97 -27.91
N GLU E 26 -34.45 -91.96 -27.20
CA GLU E 26 -33.93 -91.56 -25.87
C GLU E 26 -34.08 -92.72 -24.87
N ASN E 27 -35.27 -93.37 -24.84
CA ASN E 27 -35.58 -94.46 -23.88
C ASN E 27 -34.77 -95.71 -24.22
N ALA E 28 -34.63 -96.03 -25.51
CA ALA E 28 -33.85 -97.19 -26.01
C ALA E 28 -32.41 -97.13 -25.51
N ILE E 29 -31.77 -95.95 -25.59
CA ILE E 29 -30.35 -95.73 -25.22
C ILE E 29 -30.23 -95.70 -23.69
N ASN E 30 -31.12 -94.99 -23.01
CA ASN E 30 -31.09 -94.80 -21.53
C ASN E 30 -31.24 -96.16 -20.82
N GLU E 31 -32.07 -97.07 -21.34
CA GLU E 31 -32.29 -98.36 -20.64
C GLU E 31 -31.22 -99.38 -21.09
N SER E 32 -30.65 -99.26 -22.30
CA SER E 32 -29.52 -100.10 -22.80
C SER E 32 -28.23 -99.80 -22.05
N LEU E 33 -28.02 -98.55 -21.66
CA LEU E 33 -26.80 -98.05 -20.96
C LEU E 33 -27.08 -97.95 -19.45
N ASN E 34 -28.33 -98.13 -19.01
CA ASN E 34 -28.78 -98.03 -17.59
C ASN E 34 -28.41 -96.69 -16.95
N SER E 35 -28.82 -95.59 -17.56
CA SER E 35 -28.65 -94.22 -16.98
C SER E 35 -29.60 -93.29 -17.73
N GLU E 36 -30.20 -92.33 -17.03
CA GLU E 36 -31.10 -91.34 -17.65
C GLU E 36 -30.28 -90.27 -18.39
N HIS E 37 -28.96 -90.27 -18.20
CA HIS E 37 -28.00 -89.30 -18.80
C HIS E 37 -27.32 -89.88 -20.05
N ALA E 38 -27.58 -91.14 -20.41
CA ALA E 38 -26.87 -91.83 -21.52
C ALA E 38 -27.18 -91.14 -22.85
N PHE E 39 -28.45 -90.81 -23.11
CA PHE E 39 -28.90 -90.19 -24.39
C PHE E 39 -28.33 -88.78 -24.54
N SER E 40 -28.35 -88.00 -23.46
CA SER E 40 -27.83 -86.61 -23.43
C SER E 40 -26.36 -86.60 -23.84
N LEU E 41 -25.54 -87.42 -23.18
CA LEU E 41 -24.06 -87.53 -23.42
C LEU E 41 -23.77 -88.07 -24.83
N TRP E 42 -24.49 -89.10 -25.28
CA TRP E 42 -24.32 -89.66 -26.64
C TRP E 42 -24.61 -88.58 -27.69
N PHE E 43 -25.78 -87.95 -27.62
CA PHE E 43 -26.28 -86.97 -28.64
C PHE E 43 -25.33 -85.76 -28.69
N ARG E 44 -24.92 -85.27 -27.52
CA ARG E 44 -23.95 -84.16 -27.44
C ARG E 44 -22.64 -84.62 -28.07
N THR E 45 -22.26 -85.88 -27.90
CA THR E 45 -21.01 -86.43 -28.51
C THR E 45 -21.17 -86.50 -30.04
N LEU E 46 -22.38 -86.85 -30.50
CA LEU E 46 -22.74 -86.96 -31.94
C LEU E 46 -22.61 -85.57 -32.57
N LEU E 47 -23.21 -84.54 -31.96
CA LEU E 47 -23.18 -83.15 -32.48
C LEU E 47 -21.73 -82.62 -32.48
N HIS E 48 -20.96 -82.87 -31.41
CA HIS E 48 -19.55 -82.45 -31.32
C HIS E 48 -18.75 -83.04 -32.50
N TYR E 49 -18.93 -84.34 -32.79
CA TYR E 49 -18.15 -85.04 -33.85
C TYR E 49 -18.69 -84.65 -35.24
N SER E 50 -19.96 -84.26 -35.31
CA SER E 50 -20.59 -83.71 -36.53
C SER E 50 -19.84 -82.42 -36.92
N LEU E 51 -19.64 -81.51 -35.98
CA LEU E 51 -18.93 -80.24 -36.24
C LEU E 51 -17.44 -80.52 -36.42
N THR E 52 -16.91 -81.54 -35.75
CA THR E 52 -15.50 -81.96 -35.91
C THR E 52 -15.26 -82.35 -37.38
N GLU E 53 -16.17 -83.12 -37.97
CA GLU E 53 -16.06 -83.58 -39.39
C GLU E 53 -15.94 -82.34 -40.28
N THR E 54 -16.86 -81.39 -40.15
CA THR E 54 -16.92 -80.16 -40.99
C THR E 54 -15.64 -79.32 -40.84
N LEU E 55 -15.15 -79.11 -39.62
CA LEU E 55 -13.94 -78.28 -39.35
C LEU E 55 -12.69 -78.98 -39.86
N THR E 56 -12.74 -80.31 -40.09
CA THR E 56 -11.60 -81.08 -40.67
C THR E 56 -11.87 -81.39 -42.14
N GLY E 57 -12.76 -80.63 -42.79
CA GLY E 57 -13.01 -80.64 -44.24
C GLY E 57 -13.49 -82.00 -44.74
N ASN E 58 -14.44 -82.60 -44.04
CA ASN E 58 -15.01 -83.92 -44.38
C ASN E 58 -16.52 -83.86 -44.12
N TYR E 59 -17.28 -84.69 -44.83
CA TYR E 59 -18.70 -84.97 -44.52
C TYR E 59 -18.89 -86.48 -44.31
N VAL E 60 -19.61 -86.84 -43.26
CA VAL E 60 -20.08 -88.22 -42.97
C VAL E 60 -21.58 -88.13 -42.68
N ASP E 61 -22.36 -89.05 -43.25
CA ASP E 61 -23.75 -89.39 -42.89
C ASP E 61 -24.02 -89.19 -41.40
N PHE E 62 -25.13 -88.56 -41.03
CA PHE E 62 -25.49 -88.30 -39.61
C PHE E 62 -25.69 -89.65 -38.90
N GLY E 63 -26.35 -90.59 -39.58
CA GLY E 63 -26.60 -91.96 -39.07
C GLY E 63 -25.30 -92.67 -38.71
N THR E 64 -24.27 -92.57 -39.56
CA THR E 64 -22.96 -93.26 -39.41
C THR E 64 -22.20 -92.69 -38.20
N ILE E 65 -22.18 -91.35 -38.03
CA ILE E 65 -21.55 -90.68 -36.86
C ILE E 65 -22.31 -91.14 -35.60
N GLY E 66 -23.64 -91.24 -35.70
CA GLY E 66 -24.52 -91.72 -34.61
C GLY E 66 -24.06 -93.06 -34.07
N LYS E 67 -23.75 -93.99 -34.98
CA LYS E 67 -23.34 -95.37 -34.65
C LYS E 67 -21.95 -95.36 -34.00
N ALA E 68 -21.00 -94.64 -34.60
CA ALA E 68 -19.60 -94.53 -34.14
C ALA E 68 -19.57 -93.96 -32.71
N THR E 69 -20.33 -92.88 -32.46
CA THR E 69 -20.34 -92.14 -31.17
C THR E 69 -21.06 -92.99 -30.12
N LEU E 70 -22.04 -93.80 -30.52
CA LEU E 70 -22.76 -94.69 -29.56
C LEU E 70 -21.78 -95.73 -29.03
N LYS E 71 -20.90 -96.25 -29.90
CA LYS E 71 -19.86 -97.25 -29.55
C LYS E 71 -18.84 -96.64 -28.58
N MET E 72 -18.55 -95.34 -28.69
CA MET E 72 -17.60 -94.61 -27.80
C MET E 72 -18.31 -94.33 -26.46
N THR E 73 -19.59 -93.95 -26.49
CA THR E 73 -20.43 -93.59 -25.32
C THR E 73 -20.73 -94.83 -24.45
N MET E 74 -21.06 -95.97 -25.07
CA MET E 74 -21.43 -97.19 -24.32
C MET E 74 -20.25 -97.62 -23.44
N ARG E 75 -19.02 -97.52 -23.94
CA ARG E 75 -17.75 -97.86 -23.21
C ARG E 75 -17.74 -97.16 -21.86
N LYS E 76 -18.23 -95.93 -21.88
CA LYS E 76 -18.14 -94.94 -20.79
C LYS E 76 -19.14 -95.32 -19.69
N PHE E 77 -20.15 -96.15 -20.00
CA PHE E 77 -21.18 -96.65 -19.06
C PHE E 77 -20.95 -98.14 -18.69
N GLY E 78 -19.83 -98.72 -19.16
CA GLY E 78 -19.41 -100.10 -18.85
C GLY E 78 -20.17 -101.16 -19.64
N LYS E 79 -20.84 -100.78 -20.73
CA LYS E 79 -21.60 -101.70 -21.63
C LYS E 79 -20.75 -102.01 -22.86
N ASN E 80 -21.06 -103.12 -23.54
CA ASN E 80 -20.42 -103.53 -24.81
C ASN E 80 -21.48 -104.22 -25.69
N LEU E 81 -22.39 -103.44 -26.26
CA LEU E 81 -23.57 -103.95 -27.01
C LEU E 81 -23.09 -104.58 -28.32
N SER E 82 -23.80 -105.59 -28.80
CA SER E 82 -23.61 -106.22 -30.14
C SER E 82 -24.09 -105.26 -31.23
N GLU E 83 -23.64 -105.46 -32.46
CA GLU E 83 -24.00 -104.59 -33.63
C GLU E 83 -25.48 -104.73 -33.96
N ASP E 84 -26.05 -105.92 -33.75
CA ASP E 84 -27.51 -106.16 -33.93
C ASP E 84 -28.27 -105.18 -33.05
N ARG E 85 -27.83 -105.05 -31.80
CA ARG E 85 -28.52 -104.22 -30.79
C ARG E 85 -28.33 -102.74 -31.08
N LEU E 86 -27.10 -102.34 -31.45
CA LEU E 86 -26.78 -100.94 -31.83
C LEU E 86 -27.72 -100.51 -32.97
N ASP E 87 -27.90 -101.35 -33.99
CA ASP E 87 -28.76 -101.07 -35.18
C ASP E 87 -30.24 -101.02 -34.78
N ALA E 88 -30.65 -101.89 -33.84
CA ALA E 88 -32.02 -101.94 -33.27
C ALA E 88 -32.32 -100.62 -32.55
N ILE E 89 -31.39 -100.18 -31.69
CA ILE E 89 -31.50 -98.90 -30.92
C ILE E 89 -31.56 -97.72 -31.91
N LEU E 90 -30.56 -97.61 -32.80
CA LEU E 90 -30.42 -96.48 -33.77
C LEU E 90 -31.55 -96.51 -34.80
N GLY E 91 -32.20 -97.68 -34.98
CA GLY E 91 -33.36 -97.85 -35.90
C GLY E 91 -34.48 -96.89 -35.57
N ASN E 92 -34.60 -96.53 -34.28
CA ASN E 92 -35.69 -95.66 -33.74
C ASN E 92 -35.65 -94.27 -34.39
N ILE E 93 -34.50 -93.83 -34.91
CA ILE E 93 -34.34 -92.49 -35.57
C ILE E 93 -35.34 -92.35 -36.72
N LYS E 94 -35.73 -93.46 -37.35
CA LYS E 94 -36.66 -93.47 -38.51
C LYS E 94 -38.12 -93.44 -38.05
N LYS E 95 -38.39 -93.86 -36.81
CA LYS E 95 -39.79 -93.96 -36.28
C LYS E 95 -39.91 -93.10 -35.02
N LEU E 96 -39.61 -91.81 -35.19
CA LEU E 96 -39.89 -90.76 -34.19
C LEU E 96 -41.24 -90.13 -34.54
N PRO E 97 -42.23 -90.18 -33.61
CA PRO E 97 -43.51 -89.53 -33.83
C PRO E 97 -43.33 -88.02 -33.65
N ALA E 98 -44.16 -87.21 -34.31
CA ALA E 98 -44.22 -85.74 -34.12
C ALA E 98 -44.68 -85.45 -32.68
N HIS E 99 -44.22 -84.34 -32.10
CA HIS E 99 -44.80 -83.78 -30.84
C HIS E 99 -46.28 -83.46 -31.13
N GLU E 100 -47.14 -83.54 -30.12
CA GLU E 100 -48.62 -83.41 -30.25
C GLU E 100 -49.03 -82.06 -30.83
N ASP E 101 -48.25 -81.01 -30.57
CA ASP E 101 -48.60 -79.60 -30.90
C ASP E 101 -48.25 -79.27 -32.36
N VAL E 102 -47.41 -80.09 -33.01
CA VAL E 102 -46.69 -79.74 -34.27
C VAL E 102 -47.69 -79.62 -35.41
N LYS E 103 -48.47 -80.67 -35.67
CA LYS E 103 -49.39 -80.78 -36.83
C LYS E 103 -50.35 -79.58 -36.86
N GLU E 104 -50.93 -79.25 -35.71
CA GLU E 104 -51.90 -78.13 -35.55
C GLU E 104 -51.17 -76.82 -35.86
N GLY E 105 -50.00 -76.61 -35.25
CA GLY E 105 -49.14 -75.43 -35.43
C GLY E 105 -48.76 -75.22 -36.89
N LEU E 106 -48.35 -76.29 -37.58
CA LEU E 106 -47.91 -76.24 -39.01
C LEU E 106 -49.10 -75.93 -39.91
N LYS E 107 -50.26 -76.52 -39.64
CA LYS E 107 -51.53 -76.28 -40.38
C LYS E 107 -51.89 -74.79 -40.36
N MET E 108 -51.89 -74.25 -39.15
CA MET E 108 -52.19 -72.82 -38.88
C MET E 108 -51.28 -71.93 -39.74
N LEU E 109 -49.97 -72.24 -39.75
CA LEU E 109 -48.92 -71.46 -40.46
C LEU E 109 -49.04 -71.66 -41.97
N LYS E 110 -49.33 -72.89 -42.41
CA LYS E 110 -49.45 -73.16 -43.87
C LYS E 110 -50.68 -72.41 -44.41
N GLU E 111 -51.78 -72.40 -43.65
CA GLU E 111 -53.04 -71.74 -44.06
C GLU E 111 -52.86 -70.22 -44.12
N ALA E 112 -51.92 -69.69 -43.32
CA ALA E 112 -51.63 -68.24 -43.26
C ALA E 112 -50.72 -67.80 -44.43
N GLN E 113 -50.47 -68.68 -45.42
CA GLN E 113 -49.70 -68.38 -46.67
C GLN E 113 -48.22 -68.15 -46.35
N ILE E 114 -47.68 -68.81 -45.31
CA ILE E 114 -46.24 -68.75 -44.94
C ILE E 114 -45.55 -69.99 -45.52
N LYS E 115 -44.49 -69.80 -46.31
CA LYS E 115 -43.64 -70.89 -46.85
C LYS E 115 -42.94 -71.60 -45.69
N LEU E 116 -43.14 -72.91 -45.57
CA LEU E 116 -42.56 -73.76 -44.50
C LEU E 116 -41.57 -74.73 -45.12
N VAL E 117 -40.32 -74.69 -44.65
CA VAL E 117 -39.23 -75.62 -45.08
C VAL E 117 -38.56 -76.16 -43.82
N ALA E 118 -38.01 -77.37 -43.91
CA ALA E 118 -37.20 -78.03 -42.86
C ALA E 118 -35.71 -77.91 -43.23
N LEU E 119 -34.85 -77.86 -42.22
CA LEU E 119 -33.37 -77.94 -42.37
C LEU E 119 -32.84 -78.80 -41.24
N SER E 120 -32.40 -80.02 -41.57
CA SER E 120 -31.93 -81.03 -40.59
C SER E 120 -30.51 -81.45 -40.94
N ASN E 121 -29.77 -81.96 -39.95
CA ASN E 121 -28.42 -82.57 -40.10
C ASN E 121 -28.54 -84.02 -40.61
N SER E 122 -29.75 -84.59 -40.60
CA SER E 122 -30.05 -85.93 -41.18
C SER E 122 -29.82 -85.87 -42.70
N ASN E 123 -29.33 -86.95 -43.32
CA ASN E 123 -29.15 -87.10 -44.80
C ASN E 123 -30.52 -86.97 -45.47
N GLY E 124 -30.55 -86.73 -46.78
CA GLY E 124 -31.79 -86.54 -47.57
C GLY E 124 -32.75 -87.71 -47.44
N LYS E 125 -32.25 -88.95 -47.54
CA LYS E 125 -33.07 -90.18 -47.49
C LYS E 125 -33.68 -90.29 -46.09
N LEU E 126 -32.84 -90.25 -45.05
CA LEU E 126 -33.28 -90.41 -43.64
C LEU E 126 -34.32 -89.34 -43.30
N LEU E 127 -34.11 -88.10 -43.76
CA LEU E 127 -35.00 -86.95 -43.44
C LEU E 127 -36.37 -87.20 -44.07
N ASN E 128 -36.42 -87.60 -45.34
CA ASN E 128 -37.69 -87.99 -46.01
C ASN E 128 -38.41 -89.08 -45.20
N ALA E 129 -37.69 -90.10 -44.74
CA ALA E 129 -38.23 -91.26 -43.99
C ALA E 129 -38.76 -90.81 -42.61
N GLN E 130 -38.04 -89.92 -41.93
CA GLN E 130 -38.41 -89.37 -40.59
C GLN E 130 -39.76 -88.63 -40.69
N LEU E 131 -39.92 -87.78 -41.69
CA LEU E 131 -41.06 -86.85 -41.84
C LEU E 131 -42.26 -87.56 -42.47
N GLN E 132 -42.05 -88.67 -43.18
CA GLN E 132 -43.15 -89.48 -43.74
C GLN E 132 -43.78 -90.33 -42.62
N PHE E 133 -42.95 -90.85 -41.72
CA PHE E 133 -43.39 -91.65 -40.55
C PHE E 133 -44.20 -90.79 -39.59
N ALA E 134 -43.79 -89.53 -39.38
CA ALA E 134 -44.44 -88.57 -38.47
C ALA E 134 -45.64 -87.91 -39.18
N GLY E 135 -45.75 -88.11 -40.50
CA GLY E 135 -46.81 -87.53 -41.35
C GLY E 135 -46.73 -86.02 -41.42
N LEU E 136 -45.51 -85.47 -41.40
CA LEU E 136 -45.25 -83.99 -41.45
C LEU E 136 -44.82 -83.59 -42.85
N ALA E 137 -44.47 -84.54 -43.72
CA ALA E 137 -43.79 -84.30 -45.02
C ALA E 137 -44.61 -83.32 -45.88
N ASP E 138 -45.94 -83.41 -45.85
CA ASP E 138 -46.82 -82.67 -46.79
C ASP E 138 -46.95 -81.19 -46.40
N TYR E 139 -46.63 -80.84 -45.15
CA TYR E 139 -46.73 -79.45 -44.62
C TYR E 139 -45.65 -78.55 -45.23
N PHE E 140 -44.51 -79.10 -45.68
CA PHE E 140 -43.30 -78.33 -46.08
C PHE E 140 -43.17 -78.22 -47.61
N ASP E 141 -42.88 -77.02 -48.11
CA ASP E 141 -42.70 -76.72 -49.55
C ASP E 141 -41.40 -77.38 -50.05
N ALA E 142 -40.38 -77.43 -49.17
CA ALA E 142 -39.06 -78.06 -49.43
C ALA E 142 -38.47 -78.57 -48.12
N ILE E 143 -37.68 -79.65 -48.20
CA ILE E 143 -36.98 -80.30 -47.04
C ILE E 143 -35.47 -80.26 -47.31
N PHE E 144 -34.71 -79.48 -46.54
CA PHE E 144 -33.24 -79.28 -46.78
C PHE E 144 -32.44 -80.20 -45.84
N SER E 145 -31.63 -81.06 -46.45
CA SER E 145 -30.60 -81.89 -45.78
C SER E 145 -29.25 -81.16 -45.88
N VAL E 146 -28.34 -81.45 -44.97
CA VAL E 146 -26.93 -80.94 -45.00
C VAL E 146 -26.19 -81.54 -46.20
N GLU E 147 -26.65 -82.67 -46.76
CA GLU E 147 -26.15 -83.18 -48.06
C GLU E 147 -26.42 -82.14 -49.15
N ALA E 148 -27.57 -81.47 -49.08
CA ALA E 148 -28.02 -80.43 -50.04
C ALA E 148 -27.37 -79.07 -49.70
N VAL E 149 -26.45 -79.01 -48.74
CA VAL E 149 -25.67 -77.78 -48.39
C VAL E 149 -24.17 -78.09 -48.25
N GLY E 150 -23.77 -79.36 -48.11
CA GLY E 150 -22.37 -79.79 -47.92
C GLY E 150 -21.96 -79.80 -46.46
N ARG E 151 -22.41 -78.80 -45.69
CA ARG E 151 -21.91 -78.50 -44.32
C ARG E 151 -23.04 -78.57 -43.29
N TYR E 152 -22.73 -79.16 -42.13
CA TYR E 152 -23.59 -79.27 -40.94
C TYR E 152 -23.92 -77.88 -40.37
N LYS E 153 -25.14 -77.72 -39.86
CA LYS E 153 -25.54 -76.62 -38.92
C LYS E 153 -24.75 -76.77 -37.62
N PRO E 154 -24.43 -75.66 -36.91
CA PRO E 154 -24.91 -74.32 -37.23
C PRO E 154 -24.02 -73.42 -38.08
N GLU E 155 -23.29 -73.98 -39.05
CA GLU E 155 -22.43 -73.15 -39.94
C GLU E 155 -23.33 -72.26 -40.79
N LEU E 156 -22.97 -70.98 -40.90
CA LEU E 156 -23.83 -69.89 -41.45
C LEU E 156 -24.23 -70.22 -42.89
N ALA E 157 -23.38 -70.90 -43.66
CA ALA E 157 -23.62 -71.24 -45.08
C ALA E 157 -24.85 -72.14 -45.23
N SER E 158 -25.21 -72.91 -44.19
CA SER E 158 -26.35 -73.88 -44.22
C SER E 158 -27.68 -73.13 -44.31
N TYR E 159 -27.89 -72.10 -43.45
CA TYR E 159 -29.09 -71.22 -43.47
C TYR E 159 -29.13 -70.44 -44.78
N ARG E 160 -28.00 -69.88 -45.21
CA ARG E 160 -27.90 -69.01 -46.41
C ARG E 160 -28.28 -69.78 -47.68
N ALA E 161 -27.97 -71.08 -47.74
CA ALA E 161 -28.31 -71.96 -48.88
C ALA E 161 -29.84 -72.02 -49.03
N VAL E 162 -30.55 -72.13 -47.89
CA VAL E 162 -32.05 -72.19 -47.82
C VAL E 162 -32.61 -70.84 -48.29
N LEU E 163 -32.13 -69.72 -47.71
CA LEU E 163 -32.54 -68.33 -48.05
C LEU E 163 -32.49 -68.13 -49.57
N GLU E 164 -31.34 -68.43 -50.19
CA GLU E 164 -31.07 -68.18 -51.62
C GLU E 164 -31.90 -69.13 -52.50
N THR E 165 -32.08 -70.38 -52.05
CA THR E 165 -32.85 -71.41 -52.79
C THR E 165 -34.35 -71.03 -52.81
N MET E 166 -34.90 -70.58 -51.67
CA MET E 166 -36.33 -70.22 -51.52
C MET E 166 -36.59 -68.76 -51.94
N LYS E 167 -35.54 -67.99 -52.25
CA LYS E 167 -35.60 -66.59 -52.77
C LYS E 167 -36.22 -65.64 -51.73
N VAL E 168 -35.97 -65.90 -50.44
CA VAL E 168 -36.44 -65.04 -49.30
C VAL E 168 -35.20 -64.43 -48.64
N PRO E 169 -35.14 -63.10 -48.45
CA PRO E 169 -34.02 -62.47 -47.74
C PRO E 169 -34.00 -62.86 -46.25
N ALA E 170 -32.85 -62.67 -45.60
CA ALA E 170 -32.53 -63.16 -44.24
C ALA E 170 -33.48 -62.56 -43.19
N GLU E 171 -33.81 -61.27 -43.35
CA GLU E 171 -34.64 -60.47 -42.40
C GLU E 171 -36.12 -60.90 -42.48
N ASN E 172 -36.54 -61.55 -43.59
CA ASN E 172 -37.95 -62.01 -43.81
C ASN E 172 -38.08 -63.50 -43.49
N THR E 173 -37.04 -64.14 -42.96
CA THR E 173 -37.01 -65.57 -42.63
C THR E 173 -36.84 -65.76 -41.12
N MET E 174 -37.61 -66.67 -40.53
CA MET E 174 -37.49 -67.04 -39.10
C MET E 174 -37.12 -68.52 -39.01
N MET E 175 -36.12 -68.81 -38.18
CA MET E 175 -35.66 -70.18 -37.85
C MET E 175 -36.38 -70.60 -36.56
N VAL E 176 -37.01 -71.78 -36.55
CA VAL E 176 -37.74 -72.33 -35.37
C VAL E 176 -36.98 -73.57 -34.91
N ALA E 177 -36.42 -73.55 -33.70
CA ALA E 177 -35.50 -74.60 -33.21
C ALA E 177 -35.61 -74.74 -31.70
N ALA E 178 -35.40 -75.95 -31.18
CA ALA E 178 -35.37 -76.29 -29.74
C ALA E 178 -33.92 -76.36 -29.25
N ASN E 179 -32.95 -75.95 -30.08
CA ASN E 179 -31.50 -76.00 -29.76
C ASN E 179 -31.00 -74.58 -29.61
N GLY E 180 -30.16 -74.34 -28.59
CA GLY E 180 -29.48 -73.06 -28.35
C GLY E 180 -28.52 -72.71 -29.46
N TRP E 181 -27.74 -73.70 -29.92
CA TRP E 181 -26.71 -73.55 -31.00
C TRP E 181 -27.39 -73.27 -32.35
N ASP E 182 -28.49 -73.94 -32.63
CA ASP E 182 -29.25 -73.72 -33.88
C ASP E 182 -29.79 -72.28 -33.90
N ILE E 183 -30.13 -71.75 -32.73
CA ILE E 183 -30.64 -70.36 -32.60
C ILE E 183 -29.47 -69.41 -32.89
N LEU E 184 -28.33 -69.69 -32.26
CA LEU E 184 -27.10 -68.85 -32.35
C LEU E 184 -26.64 -68.78 -33.81
N GLY E 185 -26.72 -69.91 -34.53
CA GLY E 185 -26.35 -70.01 -35.95
C GLY E 185 -27.23 -69.11 -36.80
N ALA E 186 -28.53 -69.34 -36.76
CA ALA E 186 -29.57 -68.59 -37.51
C ALA E 186 -29.42 -67.08 -37.25
N LYS E 187 -29.29 -66.70 -35.98
CA LYS E 187 -29.14 -65.28 -35.55
C LYS E 187 -28.01 -64.62 -36.32
N ARG E 188 -26.84 -65.27 -36.36
CA ARG E 188 -25.57 -64.68 -36.89
C ARG E 188 -25.53 -64.75 -38.42
N ALA E 189 -26.46 -65.50 -39.04
CA ALA E 189 -26.65 -65.57 -40.51
C ALA E 189 -27.64 -64.48 -40.94
N GLY E 190 -28.24 -63.79 -39.95
CA GLY E 190 -29.14 -62.64 -40.15
C GLY E 190 -30.61 -63.02 -40.11
N LEU E 191 -30.95 -64.20 -39.58
CA LEU E 191 -32.35 -64.69 -39.52
C LEU E 191 -33.02 -64.23 -38.23
N ARG E 192 -34.36 -64.18 -38.24
CA ARG E 192 -35.22 -64.07 -37.04
C ARG E 192 -35.27 -65.45 -36.40
N THR E 193 -35.45 -65.52 -35.09
CA THR E 193 -35.29 -66.76 -34.29
C THR E 193 -36.49 -66.94 -33.36
N ALA E 194 -37.10 -68.13 -33.40
CA ALA E 194 -38.12 -68.61 -32.43
C ALA E 194 -37.58 -69.88 -31.75
N PHE E 195 -37.30 -69.78 -30.46
CA PHE E 195 -36.87 -70.93 -29.62
C PHE E 195 -38.11 -71.64 -29.11
N VAL E 196 -38.19 -72.95 -29.34
CA VAL E 196 -39.22 -73.87 -28.77
C VAL E 196 -38.62 -74.50 -27.49
N ALA E 197 -39.10 -74.07 -26.32
CA ALA E 197 -38.57 -74.45 -25.00
C ALA E 197 -39.04 -75.87 -24.63
N ARG E 198 -38.67 -76.86 -25.43
CA ARG E 198 -38.87 -78.30 -25.11
C ARG E 198 -38.11 -78.65 -23.84
N GLU E 199 -38.60 -79.64 -23.11
CA GLU E 199 -38.01 -80.21 -21.88
C GLU E 199 -36.52 -80.51 -22.09
N GLY E 200 -35.66 -80.04 -21.18
CA GLY E 200 -34.22 -80.39 -21.12
C GLY E 200 -33.38 -79.62 -22.13
N HIS E 201 -33.93 -78.55 -22.72
CA HIS E 201 -33.25 -77.66 -23.69
C HIS E 201 -33.17 -76.23 -23.11
N ALA E 202 -31.97 -75.65 -23.14
CA ALA E 202 -31.67 -74.29 -22.61
C ALA E 202 -31.25 -73.37 -23.76
N ILE E 203 -31.41 -72.07 -23.56
CA ILE E 203 -30.88 -71.04 -24.48
C ILE E 203 -29.40 -70.87 -24.13
N TYR E 204 -28.56 -70.71 -25.14
CA TYR E 204 -27.11 -70.38 -24.98
C TYR E 204 -26.99 -68.98 -24.37
N PRO E 205 -26.43 -68.83 -23.15
CA PRO E 205 -26.37 -67.52 -22.49
C PRO E 205 -25.50 -66.45 -23.16
N LEU E 206 -24.61 -66.84 -24.09
CA LEU E 206 -23.62 -65.93 -24.73
C LEU E 206 -24.15 -65.42 -26.09
N ASP E 207 -25.04 -64.42 -26.06
CA ASP E 207 -25.63 -63.72 -27.23
C ASP E 207 -26.49 -64.69 -28.04
N GLY E 208 -27.17 -65.61 -27.36
CA GLY E 208 -27.97 -66.69 -27.96
C GLY E 208 -29.46 -66.51 -27.71
N THR E 209 -29.88 -65.29 -27.37
CA THR E 209 -31.30 -64.91 -27.10
C THR E 209 -32.05 -64.89 -28.42
N PRO E 210 -33.20 -65.60 -28.52
CA PRO E 210 -34.05 -65.53 -29.71
C PRO E 210 -34.99 -64.31 -29.69
N GLU E 211 -35.63 -64.04 -30.82
CA GLU E 211 -36.68 -62.99 -30.91
C GLU E 211 -37.90 -63.43 -30.10
N LEU E 212 -38.35 -64.69 -30.26
CA LEU E 212 -39.52 -65.30 -29.58
C LEU E 212 -39.11 -66.55 -28.80
N GLU E 213 -39.72 -66.75 -27.65
CA GLU E 213 -39.58 -67.97 -26.80
C GLU E 213 -41.00 -68.49 -26.54
N ALA E 214 -41.23 -69.78 -26.79
CA ALA E 214 -42.54 -70.46 -26.63
C ALA E 214 -42.29 -71.92 -26.24
N LYS E 215 -43.27 -72.53 -25.57
CA LYS E 215 -43.18 -73.90 -25.03
C LYS E 215 -43.31 -74.93 -26.16
N THR E 216 -44.10 -74.60 -27.18
CA THR E 216 -44.51 -75.53 -28.27
C THR E 216 -44.53 -74.79 -29.62
N VAL E 217 -44.49 -75.57 -30.71
CA VAL E 217 -44.54 -75.07 -32.12
C VAL E 217 -45.91 -74.42 -32.34
N LEU E 218 -46.95 -74.93 -31.70
CA LEU E 218 -48.33 -74.37 -31.73
C LEU E 218 -48.34 -72.97 -31.09
N GLU E 219 -47.67 -72.78 -29.95
CA GLU E 219 -47.50 -71.46 -29.27
C GLU E 219 -46.76 -70.49 -30.18
N VAL E 220 -45.76 -70.99 -30.94
CA VAL E 220 -44.98 -70.17 -31.91
C VAL E 220 -45.95 -69.70 -33.01
N ALA E 221 -46.75 -70.61 -33.57
CA ALA E 221 -47.72 -70.32 -34.65
C ALA E 221 -48.73 -69.25 -34.18
N ARG E 222 -49.22 -69.36 -32.94
CA ARG E 222 -50.23 -68.44 -32.33
C ARG E 222 -49.62 -67.04 -32.13
N THR E 223 -48.38 -66.96 -31.65
CA THR E 223 -47.65 -65.69 -31.39
C THR E 223 -47.41 -64.92 -32.70
N LEU E 224 -47.17 -65.64 -33.81
CA LEU E 224 -46.88 -65.01 -35.13
C LEU E 224 -48.17 -64.46 -35.73
N LEU E 225 -49.30 -65.15 -35.54
CA LEU E 225 -50.63 -64.74 -36.04
C LEU E 225 -51.48 -64.21 -34.88
N VAL F 5 10.65 -97.27 -36.63
CA VAL F 5 9.86 -96.00 -36.58
C VAL F 5 10.80 -94.82 -36.75
N LYS F 6 10.53 -94.01 -37.76
CA LYS F 6 11.22 -92.73 -37.96
C LYS F 6 10.87 -91.78 -36.81
N LYS F 7 11.86 -91.04 -36.34
CA LYS F 7 11.74 -90.16 -35.15
C LYS F 7 11.20 -88.81 -35.63
N PRO F 8 10.09 -88.29 -35.05
CA PRO F 8 9.56 -87.00 -35.47
C PRO F 8 10.48 -85.86 -35.02
N GLU F 9 10.52 -84.80 -35.83
CA GLU F 9 11.32 -83.57 -35.64
C GLU F 9 10.62 -82.68 -34.61
N LEU F 10 9.28 -82.76 -34.54
CA LEU F 10 8.38 -81.95 -33.67
C LEU F 10 7.27 -82.83 -33.07
N LEU F 11 7.01 -82.67 -31.77
CA LEU F 11 5.85 -83.28 -31.09
C LEU F 11 4.95 -82.16 -30.59
N ILE F 12 3.68 -82.21 -30.97
CA ILE F 12 2.61 -81.29 -30.48
C ILE F 12 1.78 -82.07 -29.46
N PHE F 13 1.68 -81.55 -28.25
CA PHE F 13 0.87 -82.16 -27.17
C PHE F 13 -0.42 -81.36 -26.97
N ASP F 14 -1.58 -82.02 -27.07
CA ASP F 14 -2.80 -81.55 -26.36
C ASP F 14 -2.43 -81.43 -24.88
N VAL F 15 -3.08 -80.50 -24.17
CA VAL F 15 -2.77 -80.15 -22.75
C VAL F 15 -3.83 -80.78 -21.83
N ASN F 16 -5.09 -80.33 -21.91
CA ASN F 16 -6.19 -80.82 -21.02
C ASN F 16 -6.40 -82.32 -21.24
N GLU F 17 -6.11 -83.17 -20.24
CA GLU F 17 -6.38 -84.64 -20.24
C GLU F 17 -5.15 -85.40 -20.71
N THR F 18 -4.62 -85.09 -21.90
CA THR F 18 -3.38 -85.70 -22.45
C THR F 18 -2.22 -85.50 -21.46
N LEU F 19 -2.02 -84.28 -20.93
CA LEU F 19 -0.92 -83.94 -19.98
C LEU F 19 -1.51 -83.73 -18.59
N LEU F 20 -2.57 -82.92 -18.47
CA LEU F 20 -3.16 -82.49 -17.16
C LEU F 20 -4.23 -83.51 -16.71
N ASP F 21 -4.17 -83.88 -15.43
CA ASP F 21 -5.18 -84.71 -14.74
C ASP F 21 -6.35 -83.78 -14.40
N MET F 22 -7.53 -84.04 -15.01
CA MET F 22 -8.76 -83.21 -14.85
C MET F 22 -9.43 -83.48 -13.50
N GLY F 23 -8.84 -84.37 -12.69
CA GLY F 23 -9.37 -84.91 -11.42
C GLY F 23 -9.99 -83.85 -10.52
N PRO F 24 -9.24 -82.80 -10.11
CA PRO F 24 -9.80 -81.70 -9.30
C PRO F 24 -11.07 -81.04 -9.88
N LEU F 25 -11.12 -80.81 -11.20
CA LEU F 25 -12.30 -80.21 -11.88
C LEU F 25 -13.43 -81.26 -11.98
N GLU F 26 -13.13 -82.43 -12.53
CA GLU F 26 -14.09 -83.54 -12.71
C GLU F 26 -14.79 -83.85 -11.37
N ASN F 27 -14.04 -83.98 -10.27
CA ASN F 27 -14.59 -84.31 -8.93
C ASN F 27 -15.46 -83.14 -8.45
N ALA F 28 -14.94 -81.90 -8.58
CA ALA F 28 -15.64 -80.65 -8.22
C ALA F 28 -17.03 -80.61 -8.86
N ILE F 29 -17.14 -80.92 -10.15
CA ILE F 29 -18.43 -80.84 -10.90
C ILE F 29 -19.31 -82.02 -10.52
N ASN F 30 -18.73 -83.21 -10.44
CA ASN F 30 -19.43 -84.50 -10.19
C ASN F 30 -20.06 -84.49 -8.80
N GLU F 31 -19.36 -83.91 -7.82
CA GLU F 31 -19.85 -83.78 -6.43
C GLU F 31 -21.00 -82.78 -6.34
N SER F 32 -20.89 -81.64 -7.03
CA SER F 32 -21.86 -80.51 -6.91
C SER F 32 -23.11 -80.80 -7.74
N LEU F 33 -23.00 -81.57 -8.82
CA LEU F 33 -24.16 -81.99 -9.67
C LEU F 33 -24.62 -83.40 -9.31
N ASN F 34 -23.90 -84.11 -8.42
CA ASN F 34 -24.36 -85.36 -7.77
C ASN F 34 -24.53 -86.48 -8.82
N SER F 35 -23.48 -86.68 -9.62
CA SER F 35 -23.43 -87.66 -10.73
C SER F 35 -21.98 -87.84 -11.18
N GLU F 36 -21.62 -89.06 -11.55
CA GLU F 36 -20.28 -89.37 -12.13
C GLU F 36 -20.24 -88.92 -13.59
N HIS F 37 -21.40 -88.69 -14.20
CA HIS F 37 -21.52 -88.34 -15.64
C HIS F 37 -21.64 -86.83 -15.85
N ALA F 38 -21.58 -86.01 -14.79
CA ALA F 38 -21.80 -84.54 -14.86
C ALA F 38 -20.63 -83.87 -15.61
N PHE F 39 -19.39 -84.24 -15.26
CA PHE F 39 -18.17 -83.67 -15.88
C PHE F 39 -18.11 -84.03 -17.38
N SER F 40 -18.39 -85.29 -17.73
CA SER F 40 -18.34 -85.78 -19.12
C SER F 40 -19.37 -85.03 -19.99
N LEU F 41 -20.61 -84.85 -19.52
CA LEU F 41 -21.70 -84.16 -20.26
C LEU F 41 -21.39 -82.66 -20.40
N TRP F 42 -20.93 -82.03 -19.32
CA TRP F 42 -20.55 -80.59 -19.32
C TRP F 42 -19.39 -80.33 -20.28
N PHE F 43 -18.31 -81.12 -20.18
CA PHE F 43 -17.07 -80.93 -20.99
C PHE F 43 -17.37 -81.15 -22.47
N ARG F 44 -18.22 -82.14 -22.80
CA ARG F 44 -18.66 -82.41 -24.19
C ARG F 44 -19.53 -81.24 -24.70
N THR F 45 -20.34 -80.62 -23.84
CA THR F 45 -21.20 -79.46 -24.20
C THR F 45 -20.31 -78.24 -24.43
N LEU F 46 -19.32 -78.04 -23.59
CA LEU F 46 -18.31 -76.96 -23.76
C LEU F 46 -17.66 -77.13 -25.14
N LEU F 47 -17.13 -78.32 -25.43
CA LEU F 47 -16.39 -78.57 -26.69
C LEU F 47 -17.35 -78.33 -27.86
N HIS F 48 -18.61 -78.76 -27.76
CA HIS F 48 -19.62 -78.63 -28.84
C HIS F 48 -19.85 -77.15 -29.12
N TYR F 49 -19.92 -76.34 -28.07
CA TYR F 49 -20.25 -74.90 -28.19
C TYR F 49 -19.02 -74.12 -28.62
N SER F 50 -17.83 -74.61 -28.27
CA SER F 50 -16.54 -74.05 -28.76
C SER F 50 -16.55 -74.11 -30.29
N LEU F 51 -16.91 -75.26 -30.89
CA LEU F 51 -16.94 -75.44 -32.37
C LEU F 51 -18.15 -74.68 -32.95
N THR F 52 -19.22 -74.57 -32.18
CA THR F 52 -20.42 -73.79 -32.58
C THR F 52 -19.95 -72.36 -32.86
N GLU F 53 -19.20 -71.78 -31.91
CA GLU F 53 -18.69 -70.39 -31.96
C GLU F 53 -17.90 -70.20 -33.27
N THR F 54 -16.93 -71.07 -33.54
CA THR F 54 -16.02 -70.99 -34.72
C THR F 54 -16.82 -71.07 -36.03
N LEU F 55 -17.76 -72.00 -36.14
CA LEU F 55 -18.59 -72.24 -37.35
C LEU F 55 -19.61 -71.10 -37.55
N THR F 56 -19.83 -70.25 -36.55
CA THR F 56 -20.74 -69.07 -36.63
C THR F 56 -19.89 -67.80 -36.69
N GLY F 57 -18.59 -67.95 -36.90
CA GLY F 57 -17.68 -66.83 -37.22
C GLY F 57 -17.45 -65.91 -36.03
N ASN F 58 -17.30 -66.49 -34.84
CA ASN F 58 -17.07 -65.75 -33.57
C ASN F 58 -16.02 -66.50 -32.76
N TYR F 59 -15.26 -65.81 -31.90
CA TYR F 59 -14.38 -66.42 -30.88
C TYR F 59 -14.81 -66.00 -29.47
N VAL F 60 -14.93 -66.96 -28.55
CA VAL F 60 -15.15 -66.66 -27.11
C VAL F 60 -14.12 -67.47 -26.31
N ASP F 61 -13.41 -66.79 -25.42
CA ASP F 61 -12.57 -67.37 -24.35
C ASP F 61 -13.12 -68.73 -23.88
N PHE F 62 -12.26 -69.76 -23.77
CA PHE F 62 -12.62 -71.16 -23.41
C PHE F 62 -13.20 -71.25 -21.98
N GLY F 63 -12.67 -70.45 -21.04
CA GLY F 63 -13.21 -70.33 -19.67
C GLY F 63 -14.63 -69.77 -19.65
N THR F 64 -14.93 -68.80 -20.53
CA THR F 64 -16.25 -68.10 -20.62
C THR F 64 -17.32 -69.05 -21.17
N ILE F 65 -16.97 -69.87 -22.17
CA ILE F 65 -17.89 -70.90 -22.74
C ILE F 65 -18.15 -71.92 -21.63
N GLY F 66 -17.09 -72.33 -20.91
CA GLY F 66 -17.12 -73.25 -19.77
C GLY F 66 -18.18 -72.87 -18.73
N LYS F 67 -18.16 -71.63 -18.27
CA LYS F 67 -19.10 -71.12 -17.25
C LYS F 67 -20.54 -71.07 -17.80
N ALA F 68 -20.72 -70.70 -19.07
CA ALA F 68 -22.06 -70.62 -19.70
C ALA F 68 -22.63 -72.03 -19.80
N THR F 69 -21.83 -73.00 -20.25
CA THR F 69 -22.27 -74.40 -20.56
C THR F 69 -22.39 -75.21 -19.27
N LEU F 70 -21.71 -74.80 -18.19
CA LEU F 70 -21.92 -75.36 -16.83
C LEU F 70 -23.27 -74.90 -16.26
N LYS F 71 -23.66 -73.63 -16.47
CA LYS F 71 -25.02 -73.13 -16.13
C LYS F 71 -26.10 -73.91 -16.87
N MET F 72 -25.85 -74.29 -18.13
CA MET F 72 -26.84 -75.03 -18.97
C MET F 72 -26.89 -76.51 -18.52
N THR F 73 -25.74 -77.09 -18.16
CA THR F 73 -25.59 -78.51 -17.73
C THR F 73 -26.16 -78.72 -16.32
N MET F 74 -25.92 -77.82 -15.35
CA MET F 74 -26.31 -78.01 -13.93
C MET F 74 -27.84 -78.14 -13.81
N ARG F 75 -28.60 -77.47 -14.68
CA ARG F 75 -30.09 -77.53 -14.69
C ARG F 75 -30.59 -78.92 -15.07
N LYS F 76 -29.84 -79.56 -15.92
CA LYS F 76 -30.05 -80.94 -16.38
C LYS F 76 -29.99 -81.90 -15.18
N PHE F 77 -29.21 -81.55 -14.14
CA PHE F 77 -29.00 -82.31 -12.88
C PHE F 77 -29.74 -81.65 -11.70
N GLY F 78 -30.73 -80.76 -11.99
CA GLY F 78 -31.67 -80.12 -11.03
C GLY F 78 -30.97 -79.34 -9.94
N LYS F 79 -29.71 -79.01 -10.18
CA LYS F 79 -28.89 -78.07 -9.38
C LYS F 79 -29.00 -76.66 -9.99
N ASN F 80 -28.86 -75.65 -9.15
CA ASN F 80 -28.80 -74.22 -9.54
C ASN F 80 -27.75 -73.58 -8.63
N LEU F 81 -26.49 -73.66 -9.07
CA LEU F 81 -25.32 -73.17 -8.29
C LEU F 81 -25.30 -71.64 -8.35
N SER F 82 -24.84 -71.00 -7.28
CA SER F 82 -24.59 -69.54 -7.22
C SER F 82 -23.35 -69.22 -8.07
N GLU F 83 -23.20 -67.95 -8.45
CA GLU F 83 -22.02 -67.43 -9.19
C GLU F 83 -20.72 -67.79 -8.47
N ASP F 84 -20.67 -67.59 -7.14
CA ASP F 84 -19.46 -67.82 -6.30
C ASP F 84 -18.99 -69.26 -6.49
N ARG F 85 -19.93 -70.20 -6.49
CA ARG F 85 -19.66 -71.66 -6.54
C ARG F 85 -19.15 -72.08 -7.92
N LEU F 86 -19.84 -71.62 -8.96
CA LEU F 86 -19.45 -71.86 -10.36
C LEU F 86 -18.01 -71.40 -10.53
N ASP F 87 -17.65 -70.26 -9.94
CA ASP F 87 -16.29 -69.65 -10.07
C ASP F 87 -15.28 -70.51 -9.30
N ALA F 88 -15.62 -70.90 -8.06
CA ALA F 88 -14.85 -71.82 -7.19
C ALA F 88 -14.55 -73.13 -7.94
N ILE F 89 -15.58 -73.77 -8.51
CA ILE F 89 -15.47 -75.05 -9.28
C ILE F 89 -14.54 -74.83 -10.48
N LEU F 90 -14.86 -73.88 -11.37
CA LEU F 90 -14.09 -73.68 -12.63
C LEU F 90 -12.66 -73.23 -12.31
N GLY F 91 -12.45 -72.65 -11.13
CA GLY F 91 -11.13 -72.20 -10.65
C GLY F 91 -10.13 -73.35 -10.63
N ASN F 92 -10.62 -74.59 -10.45
CA ASN F 92 -9.82 -75.84 -10.44
C ASN F 92 -9.14 -76.11 -11.79
N ILE F 93 -9.53 -75.41 -12.86
CA ILE F 93 -8.90 -75.58 -14.21
C ILE F 93 -7.45 -75.06 -14.15
N LYS F 94 -7.15 -74.10 -13.27
CA LYS F 94 -5.80 -73.52 -13.09
C LYS F 94 -4.96 -74.35 -12.09
N LYS F 95 -5.57 -75.31 -11.40
CA LYS F 95 -4.92 -76.16 -10.37
C LYS F 95 -5.02 -77.64 -10.77
N LEU F 96 -4.71 -77.98 -12.02
CA LEU F 96 -4.71 -79.39 -12.50
C LEU F 96 -3.27 -79.91 -12.45
N PRO F 97 -3.00 -80.99 -11.67
CA PRO F 97 -1.66 -81.58 -11.64
C PRO F 97 -1.43 -82.39 -12.93
N ALA F 98 -0.16 -82.55 -13.31
CA ALA F 98 0.31 -83.44 -14.39
C ALA F 98 0.05 -84.90 -14.01
N HIS F 99 -0.37 -85.73 -14.96
CA HIS F 99 -0.33 -87.21 -14.80
C HIS F 99 1.10 -87.55 -14.40
N GLU F 100 1.27 -88.60 -13.60
CA GLU F 100 2.58 -88.99 -13.02
C GLU F 100 3.59 -89.31 -14.12
N ASP F 101 3.12 -89.81 -15.27
CA ASP F 101 3.97 -90.32 -16.38
C ASP F 101 4.57 -89.16 -17.19
N VAL F 102 4.01 -87.96 -17.09
CA VAL F 102 4.21 -86.88 -18.10
C VAL F 102 5.66 -86.38 -18.01
N LYS F 103 6.05 -85.88 -16.84
CA LYS F 103 7.35 -85.18 -16.62
C LYS F 103 8.49 -86.05 -17.10
N GLU F 104 8.44 -87.34 -16.81
CA GLU F 104 9.49 -88.29 -17.22
C GLU F 104 9.42 -88.54 -18.73
N GLY F 105 8.22 -88.70 -19.28
CA GLY F 105 8.00 -88.84 -20.73
C GLY F 105 8.61 -87.67 -21.49
N LEU F 106 8.25 -86.44 -21.10
CA LEU F 106 8.71 -85.20 -21.78
C LEU F 106 10.23 -85.10 -21.68
N LYS F 107 10.79 -85.42 -20.52
CA LYS F 107 12.24 -85.37 -20.25
C LYS F 107 12.99 -86.26 -21.26
N MET F 108 12.57 -87.52 -21.41
CA MET F 108 13.13 -88.49 -22.39
C MET F 108 13.15 -87.87 -23.78
N LEU F 109 12.03 -87.26 -24.18
CA LEU F 109 11.83 -86.71 -25.56
C LEU F 109 12.70 -85.47 -25.76
N LYS F 110 12.79 -84.61 -24.75
CA LYS F 110 13.62 -83.38 -24.80
C LYS F 110 15.09 -83.77 -24.89
N GLU F 111 15.49 -84.82 -24.18
CA GLU F 111 16.89 -85.34 -24.17
C GLU F 111 17.25 -85.92 -25.54
N ALA F 112 16.27 -86.46 -26.27
CA ALA F 112 16.45 -87.06 -27.62
C ALA F 112 16.52 -85.96 -28.70
N GLN F 113 16.58 -84.68 -28.29
CA GLN F 113 16.71 -83.49 -29.18
C GLN F 113 15.47 -83.34 -30.07
N ILE F 114 14.29 -83.73 -29.56
CA ILE F 114 12.99 -83.55 -30.26
C ILE F 114 12.34 -82.28 -29.73
N LYS F 115 11.94 -81.37 -30.63
CA LYS F 115 11.17 -80.15 -30.29
C LYS F 115 9.81 -80.58 -29.71
N LEU F 116 9.44 -80.02 -28.55
CA LEU F 116 8.15 -80.30 -27.89
C LEU F 116 7.37 -78.98 -27.77
N VAL F 117 6.16 -78.94 -28.33
CA VAL F 117 5.23 -77.78 -28.18
C VAL F 117 3.89 -78.28 -27.64
N ALA F 118 3.14 -77.37 -27.03
CA ALA F 118 1.75 -77.62 -26.58
C ALA F 118 0.81 -76.86 -27.50
N LEU F 119 -0.40 -77.41 -27.70
CA LEU F 119 -1.51 -76.76 -28.46
C LEU F 119 -2.82 -76.98 -27.69
N SER F 120 -3.38 -75.92 -27.11
CA SER F 120 -4.57 -76.00 -26.22
C SER F 120 -5.64 -75.03 -26.71
N ASN F 121 -6.90 -75.37 -26.45
CA ASN F 121 -8.09 -74.51 -26.71
C ASN F 121 -8.18 -73.44 -25.62
N SER F 122 -7.49 -73.61 -24.49
CA SER F 122 -7.39 -72.60 -23.40
C SER F 122 -6.75 -71.33 -23.97
N ASN F 123 -7.20 -70.15 -23.52
CA ASN F 123 -6.57 -68.85 -23.89
C ASN F 123 -5.12 -68.84 -23.37
N GLY F 124 -4.31 -67.89 -23.84
CA GLY F 124 -2.83 -67.84 -23.67
C GLY F 124 -2.41 -67.64 -22.22
N LYS F 125 -3.14 -66.82 -21.45
CA LYS F 125 -2.88 -66.56 -20.01
C LYS F 125 -3.23 -67.81 -19.19
N LEU F 126 -4.40 -68.39 -19.44
CA LEU F 126 -4.87 -69.62 -18.75
C LEU F 126 -3.88 -70.76 -19.02
N LEU F 127 -3.44 -70.93 -20.28
CA LEU F 127 -2.49 -72.01 -20.70
C LEU F 127 -1.17 -71.87 -19.93
N ASN F 128 -0.63 -70.65 -19.81
CA ASN F 128 0.61 -70.37 -19.05
C ASN F 128 0.41 -70.76 -17.58
N ALA F 129 -0.74 -70.39 -16.98
CA ALA F 129 -1.09 -70.66 -15.56
C ALA F 129 -1.18 -72.18 -15.30
N GLN F 130 -1.86 -72.92 -16.19
CA GLN F 130 -2.03 -74.39 -16.11
C GLN F 130 -0.66 -75.09 -16.09
N LEU F 131 0.20 -74.77 -17.07
CA LEU F 131 1.50 -75.46 -17.28
C LEU F 131 2.52 -75.01 -16.21
N GLN F 132 2.43 -73.77 -15.70
CA GLN F 132 3.26 -73.29 -14.57
C GLN F 132 2.92 -74.10 -13.31
N PHE F 133 1.63 -74.30 -13.04
CA PHE F 133 1.08 -75.03 -11.86
C PHE F 133 1.46 -76.53 -11.89
N ALA F 134 1.44 -77.15 -13.06
CA ALA F 134 1.81 -78.57 -13.25
C ALA F 134 3.34 -78.73 -13.37
N GLY F 135 4.11 -77.64 -13.34
CA GLY F 135 5.56 -77.63 -13.61
C GLY F 135 5.91 -78.35 -14.91
N LEU F 136 5.21 -78.05 -16.00
CA LEU F 136 5.46 -78.62 -17.36
C LEU F 136 5.96 -77.53 -18.33
N ALA F 137 5.92 -76.26 -17.94
CA ALA F 137 6.10 -75.12 -18.87
C ALA F 137 7.49 -75.21 -19.52
N ASP F 138 8.52 -75.52 -18.72
CA ASP F 138 9.96 -75.45 -19.12
C ASP F 138 10.31 -76.59 -20.08
N TYR F 139 9.45 -77.60 -20.25
CA TYR F 139 9.69 -78.76 -21.15
C TYR F 139 9.43 -78.38 -22.63
N PHE F 140 8.66 -77.31 -22.87
CA PHE F 140 8.18 -76.92 -24.22
C PHE F 140 8.98 -75.72 -24.75
N ASP F 141 9.35 -75.76 -26.02
CA ASP F 141 10.06 -74.66 -26.73
C ASP F 141 9.06 -73.50 -26.96
N ALA F 142 7.78 -73.85 -27.06
CA ALA F 142 6.64 -72.92 -27.34
C ALA F 142 5.32 -73.56 -26.86
N ILE F 143 4.38 -72.73 -26.41
CA ILE F 143 2.99 -73.20 -26.04
C ILE F 143 1.94 -72.38 -26.79
N PHE F 144 1.21 -73.05 -27.69
CA PHE F 144 0.22 -72.42 -28.60
C PHE F 144 -1.18 -72.48 -27.97
N SER F 145 -1.82 -71.31 -27.90
CA SER F 145 -3.26 -71.13 -27.57
C SER F 145 -4.04 -70.85 -28.86
N VAL F 146 -5.36 -71.10 -28.85
CA VAL F 146 -6.27 -70.86 -30.01
C VAL F 146 -6.48 -69.35 -30.23
N GLU F 147 -6.11 -68.51 -29.26
CA GLU F 147 -5.94 -67.04 -29.45
C GLU F 147 -4.79 -66.77 -30.43
N ALA F 148 -3.69 -67.52 -30.31
CA ALA F 148 -2.50 -67.46 -31.18
C ALA F 148 -2.72 -68.21 -32.50
N VAL F 149 -3.98 -68.52 -32.86
CA VAL F 149 -4.39 -69.15 -34.16
C VAL F 149 -5.71 -68.54 -34.68
N GLY F 150 -6.53 -67.94 -33.82
CA GLY F 150 -7.86 -67.40 -34.16
C GLY F 150 -8.98 -68.43 -33.96
N ARG F 151 -8.70 -69.72 -34.21
CA ARG F 151 -9.72 -70.79 -34.37
C ARG F 151 -9.44 -72.02 -33.50
N TYR F 152 -10.54 -72.63 -33.03
CA TYR F 152 -10.56 -73.80 -32.13
C TYR F 152 -10.11 -75.04 -32.89
N LYS F 153 -9.37 -75.90 -32.21
CA LYS F 153 -9.18 -77.31 -32.59
C LYS F 153 -10.55 -77.97 -32.63
N PRO F 154 -10.79 -78.95 -33.54
CA PRO F 154 -9.74 -79.52 -34.38
C PRO F 154 -9.66 -78.92 -35.79
N GLU F 155 -9.92 -77.62 -35.96
CA GLU F 155 -9.86 -77.00 -37.30
C GLU F 155 -8.43 -77.07 -37.83
N LEU F 156 -8.26 -77.46 -39.09
CA LEU F 156 -6.97 -77.86 -39.70
C LEU F 156 -5.95 -76.71 -39.56
N ALA F 157 -6.39 -75.46 -39.68
CA ALA F 157 -5.49 -74.27 -39.64
C ALA F 157 -4.82 -74.14 -38.26
N SER F 158 -5.35 -74.78 -37.21
CA SER F 158 -4.77 -74.72 -35.84
C SER F 158 -3.43 -75.46 -35.82
N TYR F 159 -3.41 -76.71 -36.28
CA TYR F 159 -2.20 -77.56 -36.40
C TYR F 159 -1.20 -76.93 -37.38
N ARG F 160 -1.68 -76.48 -38.54
CA ARG F 160 -0.85 -75.91 -39.65
C ARG F 160 -0.09 -74.67 -39.16
N ALA F 161 -0.72 -73.86 -38.30
CA ALA F 161 -0.15 -72.61 -37.74
C ALA F 161 1.08 -72.96 -36.90
N VAL F 162 1.02 -74.11 -36.20
CA VAL F 162 2.13 -74.65 -35.37
C VAL F 162 3.25 -75.14 -36.29
N LEU F 163 2.93 -75.97 -37.28
CA LEU F 163 3.91 -76.48 -38.28
C LEU F 163 4.71 -75.30 -38.86
N GLU F 164 4.00 -74.31 -39.42
CA GLU F 164 4.62 -73.17 -40.14
C GLU F 164 5.43 -72.33 -39.14
N THR F 165 4.98 -72.24 -37.89
CA THR F 165 5.65 -71.44 -36.84
C THR F 165 6.96 -72.11 -36.44
N MET F 166 6.98 -73.44 -36.31
CA MET F 166 8.15 -74.21 -35.80
C MET F 166 9.08 -74.66 -36.93
N LYS F 167 8.74 -74.35 -38.18
CA LYS F 167 9.55 -74.57 -39.41
C LYS F 167 9.75 -76.07 -39.63
N VAL F 168 8.78 -76.87 -39.24
CA VAL F 168 8.81 -78.36 -39.35
C VAL F 168 7.66 -78.80 -40.25
N PRO F 169 7.94 -79.54 -41.35
CA PRO F 169 6.89 -80.06 -42.22
C PRO F 169 5.90 -80.95 -41.44
N ALA F 170 4.72 -81.19 -42.05
CA ALA F 170 3.60 -81.96 -41.47
C ALA F 170 4.02 -83.42 -41.24
N GLU F 171 4.72 -84.01 -42.21
CA GLU F 171 5.13 -85.45 -42.24
C GLU F 171 6.24 -85.72 -41.21
N ASN F 172 6.96 -84.68 -40.75
CA ASN F 172 8.02 -84.80 -39.71
C ASN F 172 7.49 -84.35 -38.34
N THR F 173 6.18 -84.10 -38.21
CA THR F 173 5.54 -83.70 -36.93
C THR F 173 4.60 -84.81 -36.49
N MET F 174 4.52 -85.05 -35.19
CA MET F 174 3.56 -86.01 -34.59
C MET F 174 2.74 -85.25 -33.54
N MET F 175 1.42 -85.40 -33.61
CA MET F 175 0.45 -84.85 -32.62
C MET F 175 0.24 -85.92 -31.53
N VAL F 176 0.37 -85.54 -30.26
CA VAL F 176 0.07 -86.42 -29.08
C VAL F 176 -1.20 -85.88 -28.41
N ALA F 177 -2.27 -86.66 -28.40
CA ALA F 177 -3.60 -86.27 -27.86
C ALA F 177 -4.32 -87.47 -27.25
N ALA F 178 -5.11 -87.22 -26.21
CA ALA F 178 -5.97 -88.22 -25.54
C ALA F 178 -7.42 -88.06 -26.02
N ASN F 179 -7.66 -87.30 -27.09
CA ASN F 179 -8.99 -87.14 -27.71
C ASN F 179 -8.96 -87.67 -29.15
N GLY F 180 -10.04 -88.32 -29.58
CA GLY F 180 -10.15 -88.88 -30.94
C GLY F 180 -10.24 -87.78 -31.97
N TRP F 181 -10.99 -86.72 -31.64
CA TRP F 181 -11.23 -85.56 -32.54
C TRP F 181 -9.91 -84.83 -32.79
N ASP F 182 -9.08 -84.73 -31.77
CA ASP F 182 -7.76 -84.06 -31.86
C ASP F 182 -6.85 -84.92 -32.75
N ILE F 183 -6.98 -86.25 -32.69
CA ILE F 183 -6.26 -87.20 -33.59
C ILE F 183 -6.83 -87.06 -35.01
N LEU F 184 -8.17 -87.02 -35.14
CA LEU F 184 -8.83 -86.90 -36.46
C LEU F 184 -8.32 -85.63 -37.16
N GLY F 185 -8.40 -84.49 -36.46
CA GLY F 185 -7.94 -83.18 -36.96
C GLY F 185 -6.51 -83.22 -37.43
N ALA F 186 -5.62 -83.72 -36.57
CA ALA F 186 -4.16 -83.73 -36.79
C ALA F 186 -3.83 -84.63 -37.98
N LYS F 187 -4.54 -85.74 -38.10
CA LYS F 187 -4.38 -86.73 -39.20
C LYS F 187 -4.68 -86.03 -40.53
N ARG F 188 -5.78 -85.25 -40.57
CA ARG F 188 -6.31 -84.61 -41.79
C ARG F 188 -5.50 -83.35 -42.14
N ALA F 189 -4.70 -82.84 -41.21
CA ALA F 189 -3.77 -81.71 -41.45
C ALA F 189 -2.43 -82.25 -41.96
N GLY F 190 -2.28 -83.58 -42.03
CA GLY F 190 -1.12 -84.29 -42.61
C GLY F 190 -0.10 -84.69 -41.56
N LEU F 191 -0.44 -84.55 -40.26
CA LEU F 191 0.49 -84.87 -39.14
C LEU F 191 0.44 -86.35 -38.87
N ARG F 192 1.51 -86.86 -38.24
CA ARG F 192 1.53 -88.18 -37.56
C ARG F 192 0.80 -88.01 -36.23
N THR F 193 0.23 -89.09 -35.72
CA THR F 193 -0.66 -89.08 -34.54
C THR F 193 -0.21 -90.13 -33.54
N ALA F 194 -0.26 -89.80 -32.26
CA ALA F 194 -0.06 -90.72 -31.12
C ALA F 194 -1.22 -90.51 -30.15
N PHE F 195 -2.08 -91.52 -29.98
CA PHE F 195 -3.24 -91.48 -29.05
C PHE F 195 -2.80 -91.99 -27.67
N VAL F 196 -2.98 -91.17 -26.64
CA VAL F 196 -2.80 -91.56 -25.20
C VAL F 196 -4.15 -92.06 -24.67
N ALA F 197 -4.25 -93.38 -24.47
CA ALA F 197 -5.46 -94.09 -24.01
C ALA F 197 -5.65 -93.83 -22.52
N ARG F 198 -5.99 -92.59 -22.16
CA ARG F 198 -6.40 -92.22 -20.78
C ARG F 198 -7.77 -92.84 -20.54
N GLU F 199 -8.13 -93.03 -19.27
CA GLU F 199 -9.43 -93.61 -18.86
C GLU F 199 -10.59 -92.76 -19.40
N GLY F 200 -11.60 -93.42 -19.98
CA GLY F 200 -12.87 -92.80 -20.42
C GLY F 200 -12.78 -92.16 -21.80
N HIS F 201 -11.68 -92.38 -22.53
CA HIS F 201 -11.42 -91.78 -23.87
C HIS F 201 -11.32 -92.90 -24.91
N ALA F 202 -11.98 -92.72 -26.06
CA ALA F 202 -12.09 -93.69 -27.17
C ALA F 202 -11.51 -93.06 -28.46
N ILE F 203 -10.94 -93.89 -29.33
CA ILE F 203 -10.56 -93.51 -30.72
C ILE F 203 -11.87 -93.29 -31.48
N TYR F 204 -11.93 -92.30 -32.37
CA TYR F 204 -13.06 -92.10 -33.31
C TYR F 204 -13.01 -93.21 -34.36
N PRO F 205 -14.04 -94.09 -34.45
CA PRO F 205 -14.01 -95.24 -35.36
C PRO F 205 -14.08 -94.89 -36.86
N LEU F 206 -14.46 -93.66 -37.21
CA LEU F 206 -14.56 -93.18 -38.61
C LEU F 206 -13.24 -92.51 -39.01
N ASP F 207 -12.26 -93.33 -39.39
CA ASP F 207 -10.98 -92.92 -40.01
C ASP F 207 -10.17 -92.09 -38.99
N GLY F 208 -10.28 -92.44 -37.72
CA GLY F 208 -9.60 -91.73 -36.62
C GLY F 208 -8.56 -92.58 -35.93
N THR F 209 -8.10 -93.65 -36.58
CA THR F 209 -7.04 -94.54 -36.05
C THR F 209 -5.71 -93.80 -36.10
N PRO F 210 -4.99 -93.70 -34.96
CA PRO F 210 -3.69 -93.04 -34.93
C PRO F 210 -2.57 -93.96 -35.43
N GLU F 211 -1.36 -93.41 -35.62
CA GLU F 211 -0.16 -94.18 -36.01
C GLU F 211 0.29 -95.03 -34.81
N LEU F 212 0.30 -94.43 -33.62
CA LEU F 212 0.65 -95.10 -32.34
C LEU F 212 -0.52 -94.99 -31.37
N GLU F 213 -0.59 -95.94 -30.44
CA GLU F 213 -1.54 -95.98 -29.31
C GLU F 213 -0.76 -96.47 -28.09
N ALA F 214 -0.82 -95.75 -26.98
CA ALA F 214 -0.17 -96.11 -25.69
C ALA F 214 -1.04 -95.62 -24.53
N LYS F 215 -0.79 -96.13 -23.33
CA LYS F 215 -1.57 -95.86 -22.10
C LYS F 215 -1.15 -94.53 -21.49
N THR F 216 0.12 -94.19 -21.64
CA THR F 216 0.75 -93.00 -21.02
C THR F 216 1.63 -92.30 -22.05
N VAL F 217 2.01 -91.04 -21.74
CA VAL F 217 2.99 -90.23 -22.52
C VAL F 217 4.36 -90.92 -22.44
N LEU F 218 4.66 -91.49 -21.28
CA LEU F 218 5.93 -92.21 -21.00
C LEU F 218 6.08 -93.37 -22.00
N GLU F 219 5.00 -94.12 -22.22
CA GLU F 219 4.96 -95.26 -23.18
C GLU F 219 5.07 -94.76 -24.62
N VAL F 220 4.53 -93.58 -24.90
CA VAL F 220 4.65 -92.92 -26.23
C VAL F 220 6.12 -92.55 -26.46
N ALA F 221 6.76 -91.93 -25.46
CA ALA F 221 8.18 -91.50 -25.50
C ALA F 221 9.04 -92.73 -25.79
N ARG F 222 8.65 -93.86 -25.22
CA ARG F 222 9.44 -95.10 -25.24
C ARG F 222 9.28 -95.79 -26.59
N THR F 223 8.08 -95.77 -27.18
CA THR F 223 7.77 -96.35 -28.52
C THR F 223 8.48 -95.57 -29.63
N LEU F 224 8.69 -94.26 -29.47
CA LEU F 224 9.37 -93.40 -30.48
C LEU F 224 10.88 -93.61 -30.42
N LEU F 225 11.40 -93.94 -29.23
CA LEU F 225 12.84 -94.25 -28.98
C LEU F 225 13.01 -95.75 -28.74
N VAL G 5 22.94 -52.73 -18.61
CA VAL G 5 21.70 -53.14 -19.34
C VAL G 5 21.40 -54.62 -19.03
N LYS G 6 20.22 -54.86 -18.48
CA LYS G 6 19.61 -56.20 -18.25
C LYS G 6 19.30 -56.85 -19.60
N LYS G 7 19.88 -58.00 -19.91
CA LYS G 7 19.70 -58.60 -21.25
C LYS G 7 18.32 -59.27 -21.26
N PRO G 8 17.58 -59.16 -22.39
CA PRO G 8 16.24 -59.72 -22.48
C PRO G 8 16.28 -61.25 -22.63
N GLU G 9 15.22 -61.92 -22.15
CA GLU G 9 15.02 -63.39 -22.28
C GLU G 9 14.61 -63.76 -23.71
N LEU G 10 13.93 -62.84 -24.40
CA LEU G 10 13.33 -63.07 -25.73
C LEU G 10 13.50 -61.84 -26.63
N LEU G 11 13.97 -62.07 -27.85
CA LEU G 11 14.08 -61.06 -28.93
C LEU G 11 13.12 -61.44 -30.06
N ILE G 12 12.21 -60.52 -30.40
CA ILE G 12 11.28 -60.64 -31.57
C ILE G 12 11.85 -59.78 -32.69
N PHE G 13 12.02 -60.37 -33.88
CA PHE G 13 12.61 -59.71 -35.06
C PHE G 13 11.53 -59.50 -36.12
N ASP G 14 11.33 -58.25 -36.53
CA ASP G 14 10.70 -57.95 -37.83
C ASP G 14 11.59 -58.59 -38.90
N VAL G 15 10.98 -59.03 -40.00
CA VAL G 15 11.67 -59.78 -41.09
C VAL G 15 11.94 -58.86 -42.28
N ASN G 16 10.91 -58.36 -42.96
CA ASN G 16 11.10 -57.51 -44.16
C ASN G 16 11.84 -56.24 -43.74
N GLU G 17 13.02 -55.99 -44.29
CA GLU G 17 13.85 -54.76 -44.11
C GLU G 17 14.77 -54.90 -42.90
N THR G 18 14.26 -55.37 -41.78
CA THR G 18 15.05 -55.54 -40.53
C THR G 18 16.12 -56.61 -40.78
N LEU G 19 15.74 -57.75 -41.34
CA LEU G 19 16.64 -58.91 -41.57
C LEU G 19 16.91 -59.09 -43.06
N LEU G 20 15.88 -59.04 -43.92
CA LEU G 20 16.04 -59.23 -45.39
C LEU G 20 16.31 -57.90 -46.06
N ASP G 21 17.19 -57.91 -47.08
CA ASP G 21 17.47 -56.78 -48.01
C ASP G 21 16.37 -56.78 -49.07
N MET G 22 15.60 -55.69 -49.12
CA MET G 22 14.45 -55.57 -50.06
C MET G 22 14.95 -55.29 -51.49
N GLY G 23 16.27 -55.11 -51.67
CA GLY G 23 16.92 -54.72 -52.94
C GLY G 23 16.30 -55.36 -54.18
N PRO G 24 16.33 -56.70 -54.32
CA PRO G 24 15.76 -57.37 -55.49
C PRO G 24 14.34 -56.93 -55.85
N LEU G 25 13.45 -56.83 -54.86
CA LEU G 25 12.05 -56.36 -55.05
C LEU G 25 12.06 -54.86 -55.34
N GLU G 26 12.79 -54.07 -54.54
CA GLU G 26 12.82 -52.59 -54.64
C GLU G 26 13.23 -52.19 -56.06
N ASN G 27 14.31 -52.78 -56.56
CA ASN G 27 14.88 -52.48 -57.90
C ASN G 27 13.85 -52.88 -58.97
N ALA G 28 13.31 -54.10 -58.88
CA ALA G 28 12.31 -54.64 -59.82
C ALA G 28 11.16 -53.65 -60.00
N ILE G 29 10.64 -53.07 -58.91
CA ILE G 29 9.47 -52.14 -58.94
C ILE G 29 9.94 -50.77 -59.45
N ASN G 30 11.05 -50.26 -58.94
CA ASN G 30 11.59 -48.93 -59.29
C ASN G 30 11.87 -48.84 -60.80
N GLU G 31 12.36 -49.92 -61.39
CA GLU G 31 12.73 -49.88 -62.81
C GLU G 31 11.48 -50.14 -63.67
N SER G 32 10.52 -50.95 -63.23
CA SER G 32 9.26 -51.19 -63.99
C SER G 32 8.39 -49.92 -64.05
N LEU G 33 8.44 -49.08 -63.00
CA LEU G 33 7.59 -47.86 -62.85
C LEU G 33 8.41 -46.59 -63.09
N ASN G 34 9.71 -46.72 -63.39
CA ASN G 34 10.59 -45.61 -63.83
C ASN G 34 10.70 -44.53 -62.77
N SER G 35 10.95 -44.91 -61.53
CA SER G 35 11.11 -43.96 -60.42
C SER G 35 11.82 -44.65 -59.27
N GLU G 36 12.73 -43.96 -58.60
CA GLU G 36 13.43 -44.49 -57.40
C GLU G 36 12.50 -44.44 -56.18
N HIS G 37 11.32 -43.80 -56.27
CA HIS G 37 10.36 -43.66 -55.13
C HIS G 37 9.18 -44.64 -55.27
N ALA G 38 9.12 -45.42 -56.35
CA ALA G 38 7.97 -46.31 -56.65
C ALA G 38 7.83 -47.31 -55.50
N PHE G 39 8.91 -47.95 -55.10
CA PHE G 39 8.88 -49.03 -54.08
C PHE G 39 8.38 -48.46 -52.76
N SER G 40 8.95 -47.35 -52.32
CA SER G 40 8.53 -46.66 -51.08
C SER G 40 7.01 -46.42 -51.12
N LEU G 41 6.50 -45.82 -52.20
CA LEU G 41 5.07 -45.41 -52.27
C LEU G 41 4.20 -46.67 -52.25
N TRP G 42 4.64 -47.72 -52.94
CA TRP G 42 3.87 -48.98 -53.09
C TRP G 42 3.78 -49.65 -51.72
N PHE G 43 4.94 -49.89 -51.10
CA PHE G 43 5.05 -50.61 -49.81
C PHE G 43 4.22 -49.88 -48.76
N ARG G 44 4.33 -48.55 -48.69
CA ARG G 44 3.57 -47.75 -47.71
C ARG G 44 2.07 -47.89 -47.98
N THR G 45 1.67 -48.09 -49.24
CA THR G 45 0.26 -48.32 -49.65
C THR G 45 -0.17 -49.74 -49.27
N LEU G 46 0.72 -50.71 -49.44
CA LEU G 46 0.50 -52.10 -48.96
C LEU G 46 0.17 -52.04 -47.46
N LEU G 47 1.02 -51.37 -46.69
CA LEU G 47 0.91 -51.31 -45.21
C LEU G 47 -0.38 -50.57 -44.80
N HIS G 48 -0.67 -49.44 -45.43
CA HIS G 48 -1.88 -48.64 -45.15
C HIS G 48 -3.13 -49.49 -45.36
N TYR G 49 -3.17 -50.28 -46.46
CA TYR G 49 -4.35 -51.11 -46.83
C TYR G 49 -4.41 -52.36 -45.95
N SER G 50 -3.27 -52.82 -45.43
CA SER G 50 -3.23 -53.94 -44.46
C SER G 50 -3.97 -53.50 -43.21
N LEU G 51 -3.64 -52.32 -42.69
CA LEU G 51 -4.29 -51.79 -41.47
C LEU G 51 -5.74 -51.43 -41.77
N THR G 52 -6.05 -51.10 -43.03
CA THR G 52 -7.43 -50.77 -43.48
C THR G 52 -8.26 -52.06 -43.40
N GLU G 53 -7.71 -53.18 -43.86
CA GLU G 53 -8.38 -54.51 -43.81
C GLU G 53 -8.70 -54.84 -42.34
N THR G 54 -7.76 -54.64 -41.43
CA THR G 54 -7.94 -54.97 -39.99
C THR G 54 -9.03 -54.07 -39.39
N LEU G 55 -9.04 -52.77 -39.70
CA LEU G 55 -9.97 -51.79 -39.06
C LEU G 55 -11.38 -51.88 -39.67
N THR G 56 -11.56 -52.64 -40.75
CA THR G 56 -12.88 -52.91 -41.35
C THR G 56 -13.31 -54.36 -41.06
N GLY G 57 -12.58 -55.04 -40.16
CA GLY G 57 -12.91 -56.38 -39.66
C GLY G 57 -12.67 -57.47 -40.69
N ASN G 58 -11.59 -57.38 -41.47
CA ASN G 58 -11.27 -58.39 -42.51
C ASN G 58 -9.78 -58.72 -42.46
N TYR G 59 -9.41 -59.94 -42.84
CA TYR G 59 -8.00 -60.33 -43.07
C TYR G 59 -7.85 -60.73 -44.54
N VAL G 60 -6.80 -60.23 -45.18
CA VAL G 60 -6.36 -60.67 -46.54
C VAL G 60 -4.86 -60.94 -46.46
N ASP G 61 -4.44 -62.09 -47.01
CA ASP G 61 -3.04 -62.47 -47.27
C ASP G 61 -2.25 -61.22 -47.70
N PHE G 62 -1.11 -60.98 -47.05
CA PHE G 62 -0.20 -59.84 -47.33
C PHE G 62 0.23 -59.84 -48.81
N GLY G 63 0.45 -61.02 -49.41
CA GLY G 63 0.86 -61.15 -50.82
C GLY G 63 -0.22 -60.60 -51.75
N THR G 64 -1.48 -60.90 -51.45
CA THR G 64 -2.65 -60.50 -52.26
C THR G 64 -2.81 -58.98 -52.21
N ILE G 65 -2.74 -58.38 -51.01
CA ILE G 65 -2.85 -56.91 -50.82
C ILE G 65 -1.69 -56.25 -51.57
N GLY G 66 -0.52 -56.90 -51.53
CA GLY G 66 0.69 -56.47 -52.26
C GLY G 66 0.39 -56.32 -53.73
N LYS G 67 -0.19 -57.35 -54.35
CA LYS G 67 -0.47 -57.35 -55.82
C LYS G 67 -1.52 -56.26 -56.10
N ALA G 68 -2.57 -56.19 -55.29
CA ALA G 68 -3.66 -55.21 -55.46
C ALA G 68 -3.07 -53.79 -55.47
N THR G 69 -2.27 -53.48 -54.45
CA THR G 69 -1.70 -52.14 -54.24
C THR G 69 -0.60 -51.85 -55.27
N LEU G 70 -0.05 -52.87 -55.92
CA LEU G 70 0.94 -52.65 -57.01
C LEU G 70 0.20 -52.20 -58.28
N LYS G 71 -0.91 -52.85 -58.60
CA LYS G 71 -1.83 -52.41 -59.70
C LYS G 71 -2.28 -50.97 -59.46
N MET G 72 -2.51 -50.58 -58.20
CA MET G 72 -2.95 -49.19 -57.84
C MET G 72 -1.80 -48.22 -58.08
N THR G 73 -0.59 -48.64 -57.70
CA THR G 73 0.61 -47.77 -57.71
C THR G 73 1.10 -47.60 -59.15
N MET G 74 1.12 -48.67 -59.95
CA MET G 74 1.65 -48.59 -61.34
C MET G 74 0.89 -47.49 -62.11
N ARG G 75 -0.42 -47.37 -61.90
CA ARG G 75 -1.29 -46.45 -62.66
C ARG G 75 -0.95 -45.00 -62.34
N LYS G 76 -0.52 -44.72 -61.11
CA LYS G 76 -0.06 -43.38 -60.72
C LYS G 76 1.21 -43.01 -61.46
N PHE G 77 1.94 -44.01 -61.96
CA PHE G 77 3.26 -43.82 -62.63
C PHE G 77 3.06 -43.93 -64.14
N GLY G 78 1.80 -43.94 -64.58
CA GLY G 78 1.41 -43.96 -66.00
C GLY G 78 1.70 -45.30 -66.66
N LYS G 79 1.98 -46.34 -65.87
CA LYS G 79 2.31 -47.71 -66.34
C LYS G 79 1.08 -48.62 -66.28
N ASN G 80 1.07 -49.65 -67.12
CA ASN G 80 -0.01 -50.68 -67.16
C ASN G 80 0.66 -52.02 -67.47
N LEU G 81 1.26 -52.63 -66.45
CA LEU G 81 2.05 -53.88 -66.56
C LEU G 81 1.09 -55.06 -66.68
N SER G 82 1.48 -56.08 -67.45
CA SER G 82 0.73 -57.34 -67.62
C SER G 82 0.77 -58.12 -66.30
N GLU G 83 -0.12 -59.09 -66.14
CA GLU G 83 -0.21 -59.96 -64.94
C GLU G 83 1.07 -60.77 -64.80
N ASP G 84 1.65 -61.22 -65.92
CA ASP G 84 2.90 -62.02 -65.98
C ASP G 84 4.02 -61.24 -65.30
N ARG G 85 4.15 -59.96 -65.63
CA ARG G 85 5.18 -59.07 -65.05
C ARG G 85 4.97 -58.78 -63.57
N LEU G 86 3.76 -58.36 -63.22
CA LEU G 86 3.39 -58.07 -61.80
C LEU G 86 3.81 -59.29 -60.97
N ASP G 87 3.53 -60.51 -61.45
CA ASP G 87 3.87 -61.78 -60.75
C ASP G 87 5.39 -61.90 -60.69
N ALA G 88 6.10 -61.62 -61.78
CA ALA G 88 7.58 -61.70 -61.90
C ALA G 88 8.24 -60.75 -60.87
N ILE G 89 7.75 -59.51 -60.81
CA ILE G 89 8.27 -58.44 -59.90
C ILE G 89 8.03 -58.88 -58.45
N LEU G 90 6.82 -59.34 -58.11
CA LEU G 90 6.40 -59.71 -56.72
C LEU G 90 7.10 -61.00 -56.30
N GLY G 91 7.49 -61.84 -57.25
CA GLY G 91 8.19 -63.11 -56.98
C GLY G 91 9.49 -62.89 -56.22
N ASN G 92 10.09 -61.71 -56.34
CA ASN G 92 11.34 -61.31 -55.62
C ASN G 92 11.13 -61.33 -54.10
N ILE G 93 9.91 -61.19 -53.59
CA ILE G 93 9.62 -61.23 -52.12
C ILE G 93 10.18 -62.55 -51.53
N LYS G 94 10.23 -63.62 -52.33
CA LYS G 94 10.70 -64.98 -51.90
C LYS G 94 12.21 -65.11 -52.03
N LYS G 95 12.88 -64.23 -52.80
CA LYS G 95 14.33 -64.33 -53.11
C LYS G 95 15.08 -63.13 -52.55
N LEU G 96 14.79 -62.75 -51.31
CA LEU G 96 15.46 -61.62 -50.60
C LEU G 96 16.59 -62.20 -49.77
N PRO G 97 17.86 -61.82 -50.06
CA PRO G 97 18.97 -62.20 -49.22
C PRO G 97 18.94 -61.43 -47.90
N ALA G 98 19.50 -62.01 -46.85
CA ALA G 98 19.73 -61.35 -45.55
C ALA G 98 20.67 -60.17 -45.79
N HIS G 99 20.54 -59.12 -44.98
CA HIS G 99 21.58 -58.07 -44.84
C HIS G 99 22.85 -58.77 -44.39
N GLU G 100 24.03 -58.24 -44.75
CA GLU G 100 25.34 -58.89 -44.48
C GLU G 100 25.62 -59.03 -42.99
N ASP G 101 25.09 -58.12 -42.17
CA ASP G 101 25.37 -58.05 -40.70
C ASP G 101 24.54 -59.09 -39.93
N VAL G 102 23.46 -59.61 -40.52
CA VAL G 102 22.37 -60.31 -39.78
C VAL G 102 22.93 -61.61 -39.20
N LYS G 103 23.51 -62.47 -40.04
CA LYS G 103 23.85 -63.87 -39.66
C LYS G 103 24.76 -63.86 -38.44
N GLU G 104 25.70 -62.93 -38.41
CA GLU G 104 26.71 -62.79 -37.33
C GLU G 104 26.07 -62.23 -36.05
N GLY G 105 25.18 -61.25 -36.18
CA GLY G 105 24.37 -60.72 -35.07
C GLY G 105 23.51 -61.80 -34.44
N LEU G 106 22.83 -62.62 -35.26
CA LEU G 106 21.87 -63.65 -34.78
C LEU G 106 22.65 -64.76 -34.08
N LYS G 107 23.83 -65.09 -34.61
CA LYS G 107 24.77 -66.12 -34.09
C LYS G 107 25.19 -65.73 -32.67
N MET G 108 25.70 -64.51 -32.52
CA MET G 108 26.17 -63.87 -31.27
C MET G 108 25.06 -63.94 -30.20
N LEU G 109 23.81 -63.67 -30.58
CA LEU G 109 22.65 -63.65 -29.66
C LEU G 109 22.20 -65.07 -29.33
N LYS G 110 22.38 -66.00 -30.27
CA LYS G 110 21.98 -67.42 -30.10
C LYS G 110 22.97 -68.12 -29.15
N GLU G 111 24.26 -67.80 -29.29
CA GLU G 111 25.35 -68.23 -28.38
C GLU G 111 25.14 -67.72 -26.95
N ALA G 112 24.56 -66.52 -26.78
CA ALA G 112 24.28 -65.91 -25.46
C ALA G 112 23.04 -66.54 -24.80
N GLN G 113 22.49 -67.61 -25.37
CA GLN G 113 21.32 -68.37 -24.81
C GLN G 113 20.10 -67.46 -24.73
N ILE G 114 19.93 -66.55 -25.69
CA ILE G 114 18.73 -65.68 -25.81
C ILE G 114 17.80 -66.34 -26.86
N LYS G 115 16.52 -66.50 -26.50
CA LYS G 115 15.46 -67.00 -27.43
C LYS G 115 15.23 -65.98 -28.54
N LEU G 116 15.32 -66.43 -29.79
CA LEU G 116 15.12 -65.60 -30.99
C LEU G 116 13.87 -66.11 -31.73
N VAL G 117 12.90 -65.21 -31.94
CA VAL G 117 11.70 -65.47 -32.78
C VAL G 117 11.56 -64.34 -33.80
N ALA G 118 10.90 -64.65 -34.91
CA ALA G 118 10.50 -63.68 -35.94
C ALA G 118 8.98 -63.42 -35.85
N LEU G 119 8.57 -62.20 -36.19
CA LEU G 119 7.14 -61.81 -36.30
C LEU G 119 6.98 -60.96 -37.57
N SER G 120 6.23 -61.48 -38.56
CA SER G 120 6.12 -60.90 -39.91
C SER G 120 4.64 -60.82 -40.27
N ASN G 121 4.26 -59.83 -41.07
CA ASN G 121 2.91 -59.69 -41.68
C ASN G 121 2.77 -60.73 -42.81
N SER G 122 3.89 -61.24 -43.34
CA SER G 122 3.90 -62.30 -44.37
C SER G 122 3.13 -63.51 -43.81
N ASN G 123 2.43 -64.26 -44.67
CA ASN G 123 1.70 -65.50 -44.27
C ASN G 123 2.74 -66.57 -43.94
N GLY G 124 2.33 -67.58 -43.18
CA GLY G 124 3.23 -68.64 -42.68
C GLY G 124 4.14 -69.19 -43.78
N LYS G 125 3.57 -69.55 -44.92
CA LYS G 125 4.30 -70.28 -46.00
C LYS G 125 5.29 -69.33 -46.66
N LEU G 126 4.87 -68.10 -46.94
CA LEU G 126 5.76 -67.08 -47.56
C LEU G 126 6.94 -66.82 -46.62
N LEU G 127 6.71 -66.80 -45.30
CA LEU G 127 7.73 -66.44 -44.29
C LEU G 127 8.77 -67.58 -44.20
N ASN G 128 8.32 -68.84 -44.20
CA ASN G 128 9.25 -70.00 -44.23
C ASN G 128 10.15 -69.88 -45.47
N ALA G 129 9.55 -69.68 -46.64
CA ALA G 129 10.23 -69.60 -47.95
C ALA G 129 11.28 -68.49 -47.92
N GLN G 130 10.92 -67.32 -47.37
CA GLN G 130 11.80 -66.13 -47.25
C GLN G 130 13.03 -66.51 -46.42
N LEU G 131 12.82 -67.04 -45.21
CA LEU G 131 13.92 -67.28 -44.23
C LEU G 131 14.78 -68.46 -44.69
N GLN G 132 14.15 -69.51 -45.24
CA GLN G 132 14.86 -70.65 -45.88
C GLN G 132 15.80 -70.12 -46.96
N PHE G 133 15.34 -69.18 -47.80
CA PHE G 133 16.13 -68.64 -48.93
C PHE G 133 17.33 -67.84 -48.40
N ALA G 134 17.12 -66.99 -47.42
CA ALA G 134 18.17 -66.10 -46.85
C ALA G 134 19.10 -66.91 -45.95
N GLY G 135 18.71 -68.15 -45.61
CA GLY G 135 19.41 -69.02 -44.65
C GLY G 135 19.36 -68.43 -43.25
N LEU G 136 18.17 -68.03 -42.78
CA LEU G 136 17.97 -67.45 -41.41
C LEU G 136 17.06 -68.35 -40.56
N ALA G 137 16.38 -69.34 -41.16
CA ALA G 137 15.31 -70.12 -40.51
C ALA G 137 15.84 -70.72 -39.20
N ASP G 138 17.05 -71.28 -39.23
CA ASP G 138 17.61 -72.15 -38.17
C ASP G 138 17.93 -71.33 -36.91
N TYR G 139 18.20 -70.02 -37.06
CA TYR G 139 18.55 -69.12 -35.93
C TYR G 139 17.36 -68.91 -34.99
N PHE G 140 16.13 -69.28 -35.39
CA PHE G 140 14.89 -68.90 -34.67
C PHE G 140 14.24 -70.14 -34.03
N ASP G 141 13.84 -70.02 -32.78
CA ASP G 141 13.15 -71.10 -32.03
C ASP G 141 11.75 -71.25 -32.62
N ALA G 142 11.18 -70.14 -33.10
CA ALA G 142 9.80 -70.01 -33.64
C ALA G 142 9.71 -68.83 -34.62
N ILE G 143 8.78 -68.93 -35.56
CA ILE G 143 8.53 -67.95 -36.65
C ILE G 143 7.02 -67.61 -36.66
N PHE G 144 6.62 -66.42 -36.23
CA PHE G 144 5.19 -66.04 -36.09
C PHE G 144 4.73 -65.23 -37.30
N SER G 145 3.70 -65.74 -37.96
CA SER G 145 2.95 -65.04 -39.03
C SER G 145 1.70 -64.41 -38.41
N VAL G 146 1.22 -63.32 -39.00
CA VAL G 146 -0.04 -62.65 -38.56
C VAL G 146 -1.24 -63.54 -38.87
N GLU G 147 -1.09 -64.56 -39.72
CA GLU G 147 -2.07 -65.68 -39.87
C GLU G 147 -2.22 -66.39 -38.52
N ALA G 148 -1.10 -66.74 -37.88
CA ALA G 148 -1.03 -67.41 -36.56
C ALA G 148 -1.22 -66.40 -35.41
N VAL G 149 -1.88 -65.27 -35.67
CA VAL G 149 -2.30 -64.27 -34.63
C VAL G 149 -3.68 -63.68 -34.95
N GLY G 150 -4.16 -63.77 -36.19
CA GLY G 150 -5.45 -63.16 -36.62
C GLY G 150 -5.26 -61.78 -37.26
N ARG G 151 -4.45 -60.90 -36.65
CA ARG G 151 -4.43 -59.45 -36.98
C ARG G 151 -3.00 -58.94 -37.25
N TYR G 152 -2.90 -57.92 -38.12
CA TYR G 152 -1.65 -57.32 -38.62
C TYR G 152 -0.96 -56.53 -37.51
N LYS G 153 0.37 -56.48 -37.56
CA LYS G 153 1.19 -55.47 -36.83
C LYS G 153 0.87 -54.09 -37.40
N PRO G 154 0.87 -53.02 -36.57
CA PRO G 154 1.33 -53.08 -35.18
C PRO G 154 0.23 -53.19 -34.12
N GLU G 155 -0.79 -53.99 -34.39
CA GLU G 155 -1.86 -54.18 -33.38
C GLU G 155 -1.28 -54.96 -32.20
N LEU G 156 -1.56 -54.47 -30.99
CA LEU G 156 -0.94 -54.89 -29.71
C LEU G 156 -1.10 -56.41 -29.54
N ALA G 157 -2.22 -56.97 -29.99
CA ALA G 157 -2.52 -58.41 -29.83
C ALA G 157 -1.48 -59.28 -30.55
N SER G 158 -0.84 -58.77 -31.62
CA SER G 158 0.19 -59.53 -32.39
C SER G 158 1.39 -59.83 -31.50
N TYR G 159 1.87 -58.85 -30.72
CA TYR G 159 3.08 -59.00 -29.88
C TYR G 159 2.72 -59.90 -28.68
N ARG G 160 1.60 -59.61 -28.02
CA ARG G 160 1.07 -60.33 -26.83
C ARG G 160 0.91 -61.83 -27.10
N ALA G 161 0.53 -62.21 -28.33
CA ALA G 161 0.40 -63.61 -28.78
C ALA G 161 1.79 -64.28 -28.77
N VAL G 162 2.84 -63.54 -29.17
CA VAL G 162 4.24 -64.05 -29.20
C VAL G 162 4.71 -64.21 -27.75
N LEU G 163 4.44 -63.24 -26.88
CA LEU G 163 4.79 -63.28 -25.44
C LEU G 163 4.19 -64.55 -24.81
N GLU G 164 2.86 -64.70 -24.90
CA GLU G 164 2.09 -65.75 -24.19
C GLU G 164 2.49 -67.12 -24.74
N THR G 165 2.83 -67.20 -26.02
CA THR G 165 3.26 -68.45 -26.71
C THR G 165 4.67 -68.85 -26.24
N MET G 166 5.62 -67.90 -26.15
CA MET G 166 7.02 -68.18 -25.74
C MET G 166 7.16 -68.16 -24.20
N LYS G 167 6.08 -67.85 -23.46
CA LYS G 167 6.03 -67.87 -21.97
C LYS G 167 7.02 -66.88 -21.37
N VAL G 168 7.25 -65.74 -22.04
CA VAL G 168 8.16 -64.66 -21.57
C VAL G 168 7.32 -63.41 -21.33
N PRO G 169 7.47 -62.74 -20.16
CA PRO G 169 6.76 -61.48 -19.92
C PRO G 169 7.24 -60.39 -20.90
N ALA G 170 6.40 -59.37 -21.06
CA ALA G 170 6.63 -58.20 -21.96
C ALA G 170 7.93 -57.47 -21.57
N GLU G 171 8.13 -57.18 -20.28
CA GLU G 171 9.30 -56.40 -19.78
C GLU G 171 10.61 -57.16 -19.98
N ASN G 172 10.58 -58.47 -20.24
CA ASN G 172 11.78 -59.30 -20.52
C ASN G 172 11.88 -59.61 -22.01
N THR G 173 11.04 -58.97 -22.84
CA THR G 173 11.03 -59.13 -24.30
C THR G 173 11.45 -57.82 -24.95
N MET G 174 12.27 -57.91 -26.01
CA MET G 174 12.69 -56.74 -26.82
C MET G 174 12.31 -57.01 -28.30
N MET G 175 11.62 -56.06 -28.92
CA MET G 175 11.29 -56.03 -30.36
C MET G 175 12.43 -55.36 -31.14
N VAL G 176 12.96 -56.04 -32.18
CA VAL G 176 14.02 -55.51 -33.07
C VAL G 176 13.37 -55.27 -34.44
N ALA G 177 13.28 -54.00 -34.87
CA ALA G 177 12.54 -53.58 -36.08
C ALA G 177 13.17 -52.31 -36.69
N ALA G 178 13.21 -52.27 -38.01
CA ALA G 178 13.71 -51.12 -38.79
C ALA G 178 12.54 -50.19 -39.17
N ASN G 179 11.35 -50.39 -38.56
CA ASN G 179 10.10 -49.64 -38.83
C ASN G 179 9.69 -48.86 -37.57
N GLY G 180 9.40 -47.57 -37.70
CA GLY G 180 9.00 -46.68 -36.59
C GLY G 180 7.70 -47.14 -35.94
N TRP G 181 6.76 -47.62 -36.76
CA TRP G 181 5.40 -48.06 -36.36
C TRP G 181 5.49 -49.40 -35.63
N ASP G 182 6.41 -50.26 -36.04
CA ASP G 182 6.63 -51.57 -35.39
C ASP G 182 7.26 -51.36 -33.99
N ILE G 183 8.09 -50.33 -33.84
CA ILE G 183 8.63 -49.88 -32.52
C ILE G 183 7.47 -49.34 -31.67
N LEU G 184 6.63 -48.48 -32.25
CA LEU G 184 5.54 -47.83 -31.50
C LEU G 184 4.58 -48.90 -30.98
N GLY G 185 4.20 -49.86 -31.82
CA GLY G 185 3.26 -50.93 -31.43
C GLY G 185 3.84 -51.79 -30.31
N ALA G 186 5.09 -52.22 -30.44
CA ALA G 186 5.78 -53.09 -29.45
C ALA G 186 5.86 -52.32 -28.13
N LYS G 187 6.28 -51.06 -28.21
CA LYS G 187 6.46 -50.15 -27.05
C LYS G 187 5.15 -50.11 -26.24
N ARG G 188 4.01 -50.00 -26.93
CA ARG G 188 2.67 -49.84 -26.32
C ARG G 188 2.08 -51.21 -25.94
N ALA G 189 2.72 -52.31 -26.32
CA ALA G 189 2.38 -53.67 -25.85
C ALA G 189 3.18 -54.02 -24.58
N GLY G 190 4.08 -53.14 -24.16
CA GLY G 190 4.90 -53.32 -22.94
C GLY G 190 6.28 -53.89 -23.24
N LEU G 191 6.69 -53.93 -24.50
CA LEU G 191 8.00 -54.52 -24.88
C LEU G 191 9.11 -53.46 -24.84
N ARG G 192 10.34 -53.91 -24.58
CA ARG G 192 11.57 -53.17 -24.87
C ARG G 192 11.72 -53.11 -26.39
N THR G 193 12.39 -52.10 -26.91
CA THR G 193 12.47 -51.81 -28.37
C THR G 193 13.94 -51.55 -28.75
N ALA G 194 14.34 -52.09 -29.88
CA ALA G 194 15.61 -51.81 -30.59
C ALA G 194 15.28 -51.41 -32.03
N PHE G 195 15.60 -50.17 -32.40
CA PHE G 195 15.46 -49.64 -33.78
C PHE G 195 16.74 -49.91 -34.56
N VAL G 196 16.64 -50.67 -35.66
CA VAL G 196 17.74 -50.85 -36.66
C VAL G 196 17.57 -49.75 -37.72
N ALA G 197 18.48 -48.76 -37.73
CA ALA G 197 18.43 -47.57 -38.62
C ALA G 197 18.95 -47.92 -40.02
N ARG G 198 18.29 -48.87 -40.70
CA ARG G 198 18.50 -49.18 -42.15
C ARG G 198 18.26 -47.90 -42.96
N GLU G 199 18.75 -47.89 -44.19
CA GLU G 199 18.68 -46.72 -45.10
C GLU G 199 17.20 -46.38 -45.37
N GLY G 200 16.83 -45.10 -45.28
CA GLY G 200 15.52 -44.58 -45.68
C GLY G 200 14.40 -44.98 -44.75
N HIS G 201 14.73 -45.23 -43.47
CA HIS G 201 13.77 -45.47 -42.35
C HIS G 201 14.07 -44.48 -41.22
N ALA G 202 13.01 -43.92 -40.63
CA ALA G 202 13.04 -42.88 -39.57
C ALA G 202 12.26 -43.37 -38.34
N ILE G 203 12.62 -42.86 -37.17
CA ILE G 203 11.86 -43.09 -35.91
C ILE G 203 10.65 -42.17 -35.94
N TYR G 204 9.49 -42.70 -35.54
CA TYR G 204 8.24 -41.92 -35.38
C TYR G 204 8.45 -40.93 -34.23
N PRO G 205 8.42 -39.60 -34.49
CA PRO G 205 8.71 -38.61 -33.46
C PRO G 205 7.66 -38.47 -32.35
N LEU G 206 6.47 -39.05 -32.50
CA LEU G 206 5.36 -38.92 -31.53
C LEU G 206 5.36 -40.13 -30.59
N ASP G 207 6.28 -40.13 -29.64
CA ASP G 207 6.35 -41.11 -28.55
C ASP G 207 6.82 -42.47 -29.08
N GLY G 208 7.61 -42.48 -30.15
CA GLY G 208 8.08 -43.70 -30.84
C GLY G 208 9.59 -43.90 -30.72
N THR G 209 10.26 -43.22 -29.79
CA THR G 209 11.72 -43.40 -29.49
C THR G 209 11.92 -44.76 -28.83
N PRO G 210 12.84 -45.58 -29.34
CA PRO G 210 13.10 -46.90 -28.77
C PRO G 210 14.07 -46.80 -27.59
N GLU G 211 14.30 -47.93 -26.92
CA GLU G 211 15.34 -48.06 -25.86
C GLU G 211 16.73 -48.03 -26.52
N LEU G 212 16.94 -48.81 -27.58
CA LEU G 212 18.22 -48.85 -28.33
C LEU G 212 18.00 -48.30 -29.73
N GLU G 213 19.03 -47.68 -30.27
CA GLU G 213 19.16 -47.33 -31.70
C GLU G 213 20.53 -47.84 -32.16
N ALA G 214 20.59 -48.44 -33.34
CA ALA G 214 21.81 -49.04 -33.92
C ALA G 214 21.60 -49.17 -35.42
N LYS G 215 22.68 -49.23 -36.18
CA LYS G 215 22.60 -49.18 -37.66
C LYS G 215 22.35 -50.56 -38.22
N THR G 216 22.80 -51.59 -37.51
CA THR G 216 22.70 -52.98 -37.97
C THR G 216 22.18 -53.85 -36.83
N VAL G 217 21.71 -55.05 -37.16
CA VAL G 217 21.34 -56.09 -36.16
C VAL G 217 22.60 -56.48 -35.39
N LEU G 218 23.75 -56.54 -36.06
CA LEU G 218 25.06 -56.87 -35.44
C LEU G 218 25.35 -55.86 -34.32
N GLU G 219 25.22 -54.56 -34.62
CA GLU G 219 25.36 -53.45 -33.63
C GLU G 219 24.36 -53.62 -32.48
N VAL G 220 23.14 -54.08 -32.77
CA VAL G 220 22.11 -54.33 -31.73
C VAL G 220 22.61 -55.48 -30.85
N ALA G 221 23.10 -56.56 -31.46
CA ALA G 221 23.65 -57.75 -30.74
C ALA G 221 24.82 -57.30 -29.86
N ARG G 222 25.67 -56.41 -30.38
CA ARG G 222 26.89 -55.94 -29.67
C ARG G 222 26.49 -55.12 -28.45
N THR G 223 25.52 -54.22 -28.62
CA THR G 223 25.05 -53.27 -27.58
C THR G 223 24.37 -54.04 -26.43
N LEU G 224 23.65 -55.13 -26.74
CA LEU G 224 22.87 -55.93 -25.77
C LEU G 224 23.81 -56.77 -24.90
N LEU G 225 24.82 -57.37 -25.54
CA LEU G 225 25.87 -58.18 -24.87
C LEU G 225 26.93 -57.22 -24.32
N LYS G 226 26.52 -55.95 -24.19
CA LYS G 226 27.23 -54.79 -23.62
C LYS G 226 28.60 -54.65 -24.27
N VAL H 5 -33.31 -46.42 -59.59
CA VAL H 5 -32.34 -46.39 -58.38
C VAL H 5 -32.75 -45.20 -57.51
N LYS H 6 -33.10 -45.54 -56.27
CA LYS H 6 -33.54 -44.55 -55.26
C LYS H 6 -32.42 -43.56 -55.01
N LYS H 7 -32.83 -42.34 -54.72
CA LYS H 7 -31.88 -41.32 -54.27
C LYS H 7 -31.55 -41.57 -52.82
N PRO H 8 -30.29 -41.30 -52.46
CA PRO H 8 -29.87 -41.26 -51.06
C PRO H 8 -30.59 -40.13 -50.31
N GLU H 9 -30.99 -40.40 -49.07
CA GLU H 9 -31.53 -39.39 -48.11
C GLU H 9 -30.37 -38.58 -47.52
N LEU H 10 -29.17 -39.17 -47.46
CA LEU H 10 -27.97 -38.52 -46.88
C LEU H 10 -26.77 -38.76 -47.80
N LEU H 11 -25.93 -37.73 -47.96
CA LEU H 11 -24.63 -37.83 -48.68
C LEU H 11 -23.49 -37.40 -47.76
N ILE H 12 -22.51 -38.28 -47.57
CA ILE H 12 -21.32 -38.03 -46.69
C ILE H 12 -20.13 -37.82 -47.61
N PHE H 13 -19.49 -36.66 -47.52
CA PHE H 13 -18.37 -36.26 -48.39
C PHE H 13 -17.07 -36.33 -47.60
N ASP H 14 -16.14 -37.16 -48.06
CA ASP H 14 -14.70 -36.95 -47.76
C ASP H 14 -14.36 -35.53 -48.19
N VAL H 15 -13.46 -34.86 -47.46
CA VAL H 15 -13.08 -33.45 -47.67
C VAL H 15 -11.75 -33.37 -48.43
N ASN H 16 -10.69 -34.01 -47.94
CA ASN H 16 -9.30 -33.64 -48.28
C ASN H 16 -8.97 -33.85 -49.76
N GLU H 17 -9.42 -34.85 -50.49
CA GLU H 17 -9.12 -34.84 -51.95
C GLU H 17 -10.40 -34.74 -52.76
N THR H 18 -11.49 -35.15 -52.15
CA THR H 18 -12.82 -35.26 -52.80
C THR H 18 -13.33 -33.86 -53.09
N LEU H 19 -13.18 -32.92 -52.15
CA LEU H 19 -13.72 -31.54 -52.29
C LEU H 19 -12.59 -30.51 -52.41
N LEU H 20 -11.53 -30.65 -51.64
CA LEU H 20 -10.41 -29.67 -51.61
C LEU H 20 -9.29 -30.11 -52.55
N ASP H 21 -8.74 -29.15 -53.31
CA ASP H 21 -7.57 -29.32 -54.20
C ASP H 21 -6.32 -29.25 -53.32
N MET H 22 -5.55 -30.32 -53.28
CA MET H 22 -4.34 -30.42 -52.40
C MET H 22 -3.18 -29.63 -53.02
N GLY H 23 -3.41 -29.00 -54.17
CA GLY H 23 -2.37 -28.40 -55.04
C GLY H 23 -1.40 -27.52 -54.27
N PRO H 24 -1.90 -26.52 -53.54
CA PRO H 24 -1.02 -25.61 -52.81
C PRO H 24 -0.08 -26.37 -51.87
N LEU H 25 -0.58 -27.35 -51.11
CA LEU H 25 0.23 -28.19 -50.19
C LEU H 25 1.13 -29.16 -50.98
N GLU H 26 0.56 -29.86 -51.97
CA GLU H 26 1.29 -30.81 -52.87
C GLU H 26 2.51 -30.12 -53.49
N ASN H 27 2.33 -28.90 -53.99
CA ASN H 27 3.40 -28.14 -54.70
C ASN H 27 4.45 -27.68 -53.69
N ALA H 28 4.05 -27.21 -52.52
CA ALA H 28 4.97 -26.77 -51.45
C ALA H 28 5.91 -27.93 -51.08
N ILE H 29 5.34 -29.10 -50.82
CA ILE H 29 6.10 -30.30 -50.36
C ILE H 29 7.03 -30.74 -51.49
N ASN H 30 6.49 -30.95 -52.69
CA ASN H 30 7.20 -31.56 -53.84
C ASN H 30 8.43 -30.75 -54.22
N GLU H 31 8.30 -29.44 -54.09
CA GLU H 31 9.29 -28.44 -54.50
C GLU H 31 10.37 -28.34 -53.43
N SER H 32 9.97 -28.32 -52.15
CA SER H 32 10.85 -28.31 -50.96
C SER H 32 11.71 -29.58 -50.93
N LEU H 33 11.13 -30.73 -51.26
CA LEU H 33 11.83 -32.04 -51.22
C LEU H 33 12.32 -32.38 -52.63
N ASN H 34 12.03 -31.55 -53.62
CA ASN H 34 12.68 -31.65 -54.95
C ASN H 34 12.38 -33.00 -55.59
N SER H 35 11.14 -33.45 -55.49
CA SER H 35 10.61 -34.66 -56.17
C SER H 35 9.10 -34.51 -56.37
N GLU H 36 8.55 -35.04 -57.46
CA GLU H 36 7.10 -34.94 -57.75
C GLU H 36 6.34 -35.99 -56.95
N HIS H 37 7.06 -36.95 -56.35
CA HIS H 37 6.46 -38.08 -55.57
C HIS H 37 6.47 -37.80 -54.06
N ALA H 38 6.96 -36.63 -53.62
CA ALA H 38 7.24 -36.34 -52.19
C ALA H 38 5.91 -36.30 -51.43
N PHE H 39 4.93 -35.59 -51.97
CA PHE H 39 3.57 -35.43 -51.40
C PHE H 39 2.89 -36.80 -51.29
N SER H 40 2.93 -37.59 -52.36
CA SER H 40 2.32 -38.93 -52.40
C SER H 40 2.85 -39.74 -51.24
N LEU H 41 4.18 -39.78 -51.08
CA LEU H 41 4.82 -40.66 -50.08
C LEU H 41 4.48 -40.15 -48.68
N TRP H 42 4.56 -38.84 -48.47
CA TRP H 42 4.31 -38.20 -47.16
C TRP H 42 2.87 -38.47 -46.70
N PHE H 43 1.92 -38.24 -47.60
CA PHE H 43 0.48 -38.31 -47.29
C PHE H 43 0.10 -39.78 -47.04
N ARG H 44 0.74 -40.70 -47.76
CA ARG H 44 0.52 -42.14 -47.48
C ARG H 44 1.05 -42.44 -46.08
N THR H 45 2.19 -41.87 -45.71
CA THR H 45 2.83 -42.09 -44.40
C THR H 45 1.93 -41.51 -43.29
N LEU H 46 1.40 -40.31 -43.51
CA LEU H 46 0.49 -39.63 -42.55
C LEU H 46 -0.69 -40.57 -42.26
N LEU H 47 -1.29 -41.13 -43.31
CA LEU H 47 -2.51 -41.98 -43.23
C LEU H 47 -2.15 -43.28 -42.51
N HIS H 48 -1.03 -43.90 -42.88
CA HIS H 48 -0.53 -45.15 -42.27
C HIS H 48 -0.40 -44.95 -40.75
N TYR H 49 0.23 -43.84 -40.34
CA TYR H 49 0.50 -43.58 -38.91
C TYR H 49 -0.82 -43.25 -38.21
N SER H 50 -1.79 -42.66 -38.91
CA SER H 50 -3.10 -42.33 -38.31
C SER H 50 -3.77 -43.63 -37.90
N LEU H 51 -3.72 -44.64 -38.75
CA LEU H 51 -4.34 -45.96 -38.45
C LEU H 51 -3.47 -46.70 -37.43
N THR H 52 -2.17 -46.44 -37.42
CA THR H 52 -1.24 -47.00 -36.40
C THR H 52 -1.67 -46.49 -35.02
N GLU H 53 -1.90 -45.18 -34.90
CA GLU H 53 -2.33 -44.52 -33.63
C GLU H 53 -3.62 -45.20 -33.14
N THR H 54 -4.61 -45.35 -34.02
CA THR H 54 -5.92 -45.97 -33.69
C THR H 54 -5.71 -47.41 -33.21
N LEU H 55 -5.01 -48.24 -33.98
CA LEU H 55 -4.80 -49.69 -33.65
C LEU H 55 -3.95 -49.86 -32.38
N THR H 56 -3.22 -48.84 -31.93
CA THR H 56 -2.39 -48.88 -30.68
C THR H 56 -3.14 -48.14 -29.56
N GLY H 57 -4.45 -47.92 -29.74
CA GLY H 57 -5.35 -47.33 -28.73
C GLY H 57 -4.91 -45.93 -28.34
N ASN H 58 -4.69 -45.05 -29.32
CA ASN H 58 -4.31 -43.64 -29.08
C ASN H 58 -4.94 -42.79 -30.19
N TYR H 59 -5.16 -41.53 -29.90
CA TYR H 59 -5.59 -40.51 -30.89
C TYR H 59 -4.55 -39.38 -30.85
N VAL H 60 -4.09 -38.96 -32.02
CA VAL H 60 -3.27 -37.72 -32.18
C VAL H 60 -3.94 -36.86 -33.27
N ASP H 61 -4.08 -35.57 -33.01
CA ASP H 61 -4.50 -34.54 -33.98
C ASP H 61 -3.84 -34.83 -35.35
N PHE H 62 -4.62 -34.77 -36.44
CA PHE H 62 -4.19 -35.09 -37.82
C PHE H 62 -3.03 -34.18 -38.25
N GLY H 63 -3.08 -32.91 -37.88
CA GLY H 63 -2.03 -31.94 -38.21
C GLY H 63 -0.71 -32.30 -37.55
N THR H 64 -0.78 -32.83 -36.33
CA THR H 64 0.41 -33.20 -35.50
C THR H 64 1.13 -34.40 -36.14
N ILE H 65 0.35 -35.41 -36.56
CA ILE H 65 0.87 -36.61 -37.28
C ILE H 65 1.47 -36.15 -38.60
N GLY H 66 0.83 -35.18 -39.26
CA GLY H 66 1.32 -34.65 -40.54
C GLY H 66 2.71 -34.07 -40.38
N LYS H 67 2.90 -33.22 -39.38
CA LYS H 67 4.20 -32.56 -39.16
C LYS H 67 5.25 -33.61 -38.85
N ALA H 68 4.88 -34.60 -38.02
CA ALA H 68 5.79 -35.66 -37.56
C ALA H 68 6.23 -36.46 -38.79
N THR H 69 5.28 -36.88 -39.61
CA THR H 69 5.55 -37.74 -40.79
C THR H 69 6.25 -36.91 -41.86
N LEU H 70 6.13 -35.58 -41.84
CA LEU H 70 6.83 -34.72 -42.81
C LEU H 70 8.32 -34.66 -42.44
N LYS H 71 8.64 -34.63 -41.15
CA LYS H 71 10.05 -34.66 -40.67
C LYS H 71 10.66 -35.99 -41.04
N MET H 72 9.85 -37.06 -41.06
CA MET H 72 10.31 -38.42 -41.38
C MET H 72 10.57 -38.51 -42.89
N THR H 73 9.69 -37.86 -43.66
CA THR H 73 9.66 -37.99 -45.14
C THR H 73 10.78 -37.13 -45.71
N MET H 74 11.01 -35.94 -45.16
CA MET H 74 12.05 -35.03 -45.67
C MET H 74 13.43 -35.68 -45.59
N ARG H 75 13.65 -36.58 -44.62
CA ARG H 75 14.94 -37.29 -44.39
C ARG H 75 15.21 -38.24 -45.57
N LYS H 76 14.17 -38.89 -46.08
CA LYS H 76 14.30 -39.86 -47.20
C LYS H 76 14.70 -39.16 -48.48
N PHE H 77 14.47 -37.85 -48.58
CA PHE H 77 14.76 -37.06 -49.80
C PHE H 77 16.07 -36.27 -49.58
N GLY H 78 16.82 -36.58 -48.52
CA GLY H 78 18.13 -35.94 -48.23
C GLY H 78 17.99 -34.48 -47.84
N LYS H 79 16.80 -34.05 -47.45
CA LYS H 79 16.54 -32.63 -47.07
C LYS H 79 16.40 -32.56 -45.55
N ASN H 80 16.75 -31.40 -44.99
CA ASN H 80 16.61 -31.09 -43.55
C ASN H 80 16.01 -29.70 -43.46
N LEU H 81 14.70 -29.61 -43.50
CA LEU H 81 13.95 -28.32 -43.47
C LEU H 81 13.92 -27.80 -42.03
N SER H 82 13.97 -26.49 -41.86
CA SER H 82 13.84 -25.78 -40.57
C SER H 82 12.38 -25.86 -40.12
N GLU H 83 12.14 -25.57 -38.84
CA GLU H 83 10.79 -25.64 -38.22
C GLU H 83 9.91 -24.60 -38.90
N ASP H 84 10.49 -23.42 -39.15
CA ASP H 84 9.81 -22.27 -39.79
C ASP H 84 9.24 -22.69 -41.13
N ARG H 85 10.08 -23.33 -41.94
CA ARG H 85 9.70 -23.78 -43.30
C ARG H 85 8.63 -24.89 -43.24
N LEU H 86 8.82 -25.90 -42.38
CA LEU H 86 7.84 -27.01 -42.20
C LEU H 86 6.48 -26.41 -41.89
N ASP H 87 6.42 -25.37 -41.04
CA ASP H 87 5.15 -24.75 -40.61
C ASP H 87 4.57 -24.01 -41.82
N ALA H 88 5.42 -23.33 -42.59
CA ALA H 88 5.06 -22.57 -43.81
C ALA H 88 4.39 -23.52 -44.83
N ILE H 89 5.07 -24.63 -45.13
CA ILE H 89 4.56 -25.68 -46.06
C ILE H 89 3.21 -26.20 -45.55
N LEU H 90 3.13 -26.54 -44.26
CA LEU H 90 1.93 -27.23 -43.66
C LEU H 90 0.76 -26.26 -43.55
N GLY H 91 1.04 -24.97 -43.41
CA GLY H 91 0.03 -23.88 -43.38
C GLY H 91 -0.91 -23.92 -44.58
N ASN H 92 -0.48 -24.52 -45.69
CA ASN H 92 -1.28 -24.61 -46.94
C ASN H 92 -2.51 -25.49 -46.72
N ILE H 93 -2.51 -26.35 -45.70
CA ILE H 93 -3.67 -27.27 -45.48
C ILE H 93 -4.90 -26.41 -45.16
N LYS H 94 -4.70 -25.23 -44.58
CA LYS H 94 -5.78 -24.27 -44.22
C LYS H 94 -6.23 -23.46 -45.44
N LYS H 95 -5.42 -23.42 -46.51
CA LYS H 95 -5.67 -22.56 -47.71
C LYS H 95 -5.85 -23.45 -48.94
N LEU H 96 -6.68 -24.48 -48.84
CA LEU H 96 -6.97 -25.38 -49.98
C LEU H 96 -8.24 -24.90 -50.66
N PRO H 97 -8.18 -24.46 -51.94
CA PRO H 97 -9.38 -24.07 -52.67
C PRO H 97 -10.17 -25.33 -53.02
N ALA H 98 -11.48 -25.17 -53.20
CA ALA H 98 -12.39 -26.24 -53.66
C ALA H 98 -12.03 -26.57 -55.10
N HIS H 99 -12.18 -27.84 -55.50
CA HIS H 99 -12.17 -28.22 -56.93
C HIS H 99 -13.27 -27.41 -57.63
N GLU H 100 -13.04 -27.18 -58.92
CA GLU H 100 -13.85 -26.33 -59.82
C GLU H 100 -15.30 -26.81 -59.89
N ASP H 101 -15.51 -28.14 -59.85
CA ASP H 101 -16.82 -28.80 -60.03
C ASP H 101 -17.66 -28.76 -58.74
N VAL H 102 -17.06 -28.54 -57.57
CA VAL H 102 -17.64 -28.90 -56.25
C VAL H 102 -18.88 -28.04 -55.97
N LYS H 103 -18.72 -26.71 -55.97
CA LYS H 103 -19.80 -25.79 -55.54
C LYS H 103 -21.07 -26.02 -56.37
N GLU H 104 -20.93 -26.34 -57.65
CA GLU H 104 -22.07 -26.58 -58.58
C GLU H 104 -22.69 -27.94 -58.23
N GLY H 105 -21.87 -28.97 -58.03
CA GLY H 105 -22.33 -30.31 -57.63
C GLY H 105 -23.15 -30.28 -56.36
N LEU H 106 -22.67 -29.55 -55.34
CA LEU H 106 -23.28 -29.46 -53.99
C LEU H 106 -24.57 -28.65 -54.09
N LYS H 107 -24.54 -27.59 -54.88
CA LYS H 107 -25.71 -26.72 -55.12
C LYS H 107 -26.88 -27.55 -55.63
N MET H 108 -26.66 -28.35 -56.67
CA MET H 108 -27.67 -29.25 -57.29
C MET H 108 -28.26 -30.18 -56.23
N LEU H 109 -27.39 -30.78 -55.41
CA LEU H 109 -27.75 -31.84 -54.43
C LEU H 109 -28.55 -31.20 -53.28
N LYS H 110 -28.19 -29.98 -52.90
CA LYS H 110 -28.86 -29.22 -51.81
C LYS H 110 -30.25 -28.79 -52.31
N GLU H 111 -30.37 -28.45 -53.59
CA GLU H 111 -31.65 -28.05 -54.21
C GLU H 111 -32.59 -29.26 -54.35
N ALA H 112 -32.03 -30.46 -54.54
CA ALA H 112 -32.79 -31.73 -54.64
C ALA H 112 -33.23 -32.20 -53.25
N GLN H 113 -32.96 -31.38 -52.22
CA GLN H 113 -33.35 -31.61 -50.81
C GLN H 113 -32.75 -32.93 -50.31
N ILE H 114 -31.46 -33.11 -50.55
CA ILE H 114 -30.63 -34.21 -49.99
C ILE H 114 -29.76 -33.61 -48.89
N LYS H 115 -29.74 -34.26 -47.72
CA LYS H 115 -28.89 -33.87 -46.57
C LYS H 115 -27.43 -34.11 -46.92
N LEU H 116 -26.62 -33.05 -46.82
CA LEU H 116 -25.19 -33.11 -47.15
C LEU H 116 -24.39 -32.94 -45.86
N VAL H 117 -23.51 -33.88 -45.59
CA VAL H 117 -22.55 -33.81 -44.44
C VAL H 117 -21.15 -34.13 -44.96
N ALA H 118 -20.16 -33.59 -44.27
CA ALA H 118 -18.72 -33.87 -44.47
C ALA H 118 -18.21 -34.78 -43.35
N LEU H 119 -17.27 -35.67 -43.66
CA LEU H 119 -16.60 -36.54 -42.65
C LEU H 119 -15.09 -36.59 -42.96
N SER H 120 -14.29 -35.92 -42.13
CA SER H 120 -12.84 -35.70 -42.37
C SER H 120 -12.03 -36.23 -41.19
N ASN H 121 -10.79 -36.68 -41.46
CA ASN H 121 -9.79 -37.06 -40.43
C ASN H 121 -9.22 -35.78 -39.76
N SER H 122 -9.31 -34.63 -40.41
CA SER H 122 -8.91 -33.33 -39.83
C SER H 122 -9.68 -33.08 -38.53
N ASN H 123 -9.04 -32.47 -37.53
CA ASN H 123 -9.69 -32.12 -36.25
C ASN H 123 -10.77 -31.07 -36.53
N GLY H 124 -11.72 -30.89 -35.60
CA GLY H 124 -12.92 -30.03 -35.76
C GLY H 124 -12.57 -28.62 -36.21
N LYS H 125 -11.55 -27.99 -35.61
CA LYS H 125 -11.19 -26.57 -35.86
C LYS H 125 -10.56 -26.44 -37.23
N LEU H 126 -9.64 -27.33 -37.57
CA LEU H 126 -8.97 -27.33 -38.89
C LEU H 126 -10.01 -27.54 -39.99
N LEU H 127 -11.01 -28.39 -39.77
CA LEU H 127 -12.05 -28.75 -40.77
C LEU H 127 -12.97 -27.56 -41.00
N ASN H 128 -13.26 -26.76 -39.96
CA ASN H 128 -14.04 -25.49 -40.09
C ASN H 128 -13.21 -24.49 -40.89
N ALA H 129 -11.93 -24.36 -40.58
CA ALA H 129 -11.00 -23.41 -41.25
C ALA H 129 -10.90 -23.78 -42.75
N GLN H 130 -10.79 -25.07 -43.07
CA GLN H 130 -10.65 -25.56 -44.47
C GLN H 130 -11.91 -25.18 -45.26
N LEU H 131 -13.10 -25.50 -44.72
CA LEU H 131 -14.39 -25.38 -45.44
C LEU H 131 -14.83 -23.91 -45.54
N GLN H 132 -14.44 -23.08 -44.57
CA GLN H 132 -14.71 -21.62 -44.57
C GLN H 132 -13.87 -20.96 -45.68
N PHE H 133 -12.62 -21.38 -45.82
CA PHE H 133 -11.66 -20.78 -46.78
C PHE H 133 -12.04 -21.17 -48.22
N ALA H 134 -12.58 -22.37 -48.42
CA ALA H 134 -12.99 -22.91 -49.74
C ALA H 134 -14.44 -22.45 -50.08
N GLY H 135 -15.09 -21.75 -49.16
CA GLY H 135 -16.51 -21.36 -49.26
C GLY H 135 -17.43 -22.55 -49.46
N LEU H 136 -17.21 -23.66 -48.74
CA LEU H 136 -18.07 -24.88 -48.82
C LEU H 136 -18.89 -25.10 -47.55
N ALA H 137 -18.64 -24.34 -46.48
CA ALA H 137 -19.21 -24.58 -45.13
C ALA H 137 -20.73 -24.55 -45.20
N ASP H 138 -21.31 -23.56 -45.89
CA ASP H 138 -22.77 -23.29 -45.88
C ASP H 138 -23.57 -24.35 -46.64
N TYR H 139 -22.90 -25.22 -47.42
CA TYR H 139 -23.56 -26.29 -48.21
C TYR H 139 -23.88 -27.53 -47.34
N PHE H 140 -23.29 -27.68 -46.15
CA PHE H 140 -23.42 -28.89 -45.29
C PHE H 140 -24.32 -28.62 -44.09
N ASP H 141 -25.19 -29.57 -43.75
CA ASP H 141 -26.11 -29.47 -42.59
C ASP H 141 -25.31 -29.66 -41.29
N ALA H 142 -24.26 -30.50 -41.37
CA ALA H 142 -23.31 -30.83 -40.29
C ALA H 142 -21.95 -31.25 -40.86
N ILE H 143 -20.85 -30.95 -40.15
CA ILE H 143 -19.46 -31.40 -40.49
C ILE H 143 -18.87 -32.20 -39.33
N PHE H 144 -18.64 -33.50 -39.57
CA PHE H 144 -18.08 -34.48 -38.62
C PHE H 144 -16.54 -34.53 -38.75
N SER H 145 -15.87 -34.28 -37.63
CA SER H 145 -14.42 -34.58 -37.44
C SER H 145 -14.28 -35.91 -36.70
N VAL H 146 -13.14 -36.58 -36.84
CA VAL H 146 -12.82 -37.86 -36.13
C VAL H 146 -12.65 -37.62 -34.64
N GLU H 147 -12.40 -36.37 -34.21
CA GLU H 147 -12.53 -35.95 -32.79
C GLU H 147 -13.95 -36.26 -32.30
N ALA H 148 -14.97 -35.92 -33.12
CA ALA H 148 -16.42 -36.09 -32.84
C ALA H 148 -16.84 -37.56 -33.05
N VAL H 149 -15.87 -38.48 -33.14
CA VAL H 149 -16.07 -39.96 -33.20
C VAL H 149 -15.00 -40.71 -32.39
N GLY H 150 -13.85 -40.08 -32.08
CA GLY H 150 -12.73 -40.69 -31.32
C GLY H 150 -11.65 -41.29 -32.23
N ARG H 151 -12.04 -41.97 -33.31
CA ARG H 151 -11.11 -42.80 -34.11
C ARG H 151 -11.21 -42.49 -35.62
N TYR H 152 -10.09 -42.72 -36.31
CA TYR H 152 -9.83 -42.38 -37.73
C TYR H 152 -10.62 -43.29 -38.70
N LYS H 153 -11.07 -42.70 -39.81
CA LYS H 153 -11.57 -43.44 -41.01
C LYS H 153 -10.39 -44.22 -41.57
N PRO H 154 -10.63 -45.45 -42.12
CA PRO H 154 -11.96 -45.96 -42.38
C PRO H 154 -12.54 -46.96 -41.37
N GLU H 155 -12.36 -46.69 -40.08
CA GLU H 155 -12.94 -47.53 -39.00
C GLU H 155 -14.46 -47.41 -39.05
N LEU H 156 -15.16 -48.54 -38.99
CA LEU H 156 -16.62 -48.64 -39.30
C LEU H 156 -17.41 -47.75 -38.34
N ALA H 157 -16.89 -47.50 -37.14
CA ALA H 157 -17.58 -46.68 -36.11
C ALA H 157 -17.71 -45.21 -36.55
N SER H 158 -16.83 -44.72 -37.42
CA SER H 158 -16.79 -43.30 -37.85
C SER H 158 -17.99 -43.00 -38.76
N TYR H 159 -18.30 -43.92 -39.68
CA TYR H 159 -19.46 -43.83 -40.60
C TYR H 159 -20.74 -44.02 -39.79
N ARG H 160 -20.76 -45.02 -38.92
CA ARG H 160 -21.95 -45.38 -38.11
C ARG H 160 -22.32 -44.23 -37.15
N ALA H 161 -21.36 -43.41 -36.72
CA ALA H 161 -21.64 -42.28 -35.81
C ALA H 161 -22.42 -41.21 -36.58
N VAL H 162 -22.16 -41.07 -37.89
CA VAL H 162 -22.82 -40.06 -38.77
C VAL H 162 -24.26 -40.52 -38.99
N LEU H 163 -24.44 -41.79 -39.41
CA LEU H 163 -25.77 -42.43 -39.63
C LEU H 163 -26.68 -42.18 -38.43
N GLU H 164 -26.25 -42.57 -37.23
CA GLU H 164 -27.09 -42.52 -36.00
C GLU H 164 -27.37 -41.05 -35.62
N THR H 165 -26.42 -40.14 -35.86
CA THR H 165 -26.53 -38.70 -35.52
C THR H 165 -27.53 -38.01 -36.47
N MET H 166 -27.49 -38.35 -37.76
CA MET H 166 -28.34 -37.74 -38.80
C MET H 166 -29.67 -38.51 -38.92
N LYS H 167 -29.80 -39.63 -38.23
CA LYS H 167 -31.06 -40.42 -38.13
C LYS H 167 -31.41 -41.00 -39.50
N VAL H 168 -30.40 -41.42 -40.26
CA VAL H 168 -30.61 -41.99 -41.62
C VAL H 168 -30.03 -43.40 -41.61
N PRO H 169 -30.80 -44.42 -42.03
CA PRO H 169 -30.25 -45.76 -42.18
C PRO H 169 -29.06 -45.78 -43.13
N ALA H 170 -28.24 -46.83 -43.03
CA ALA H 170 -27.00 -47.03 -43.82
C ALA H 170 -27.35 -47.16 -45.31
N GLU H 171 -28.42 -47.90 -45.63
CA GLU H 171 -28.81 -48.25 -47.02
C GLU H 171 -29.37 -47.01 -47.74
N ASN H 172 -29.77 -45.96 -46.99
CA ASN H 172 -30.27 -44.67 -47.52
C ASN H 172 -29.16 -43.61 -47.46
N THR H 173 -27.93 -44.01 -47.14
CA THR H 173 -26.77 -43.08 -47.08
C THR H 173 -25.76 -43.48 -48.14
N MET H 174 -25.16 -42.48 -48.80
CA MET H 174 -24.11 -42.70 -49.81
C MET H 174 -22.87 -41.88 -49.43
N MET H 175 -21.74 -42.57 -49.39
CA MET H 175 -20.40 -42.00 -49.11
C MET H 175 -19.78 -41.54 -50.44
N VAL H 176 -19.41 -40.27 -50.52
CA VAL H 176 -18.70 -39.68 -51.71
C VAL H 176 -17.23 -39.45 -51.33
N ALA H 177 -16.31 -40.20 -51.93
CA ALA H 177 -14.86 -40.14 -51.62
C ALA H 177 -14.01 -40.39 -52.86
N ALA H 178 -12.84 -39.73 -52.92
CA ALA H 178 -11.77 -39.92 -53.93
C ALA H 178 -10.72 -40.93 -53.46
N ASN H 179 -10.89 -41.54 -52.28
CA ASN H 179 -9.93 -42.51 -51.66
C ASN H 179 -10.53 -43.92 -51.72
N GLY H 180 -9.75 -44.90 -52.19
CA GLY H 180 -10.19 -46.30 -52.30
C GLY H 180 -10.51 -46.90 -50.94
N TRP H 181 -9.75 -46.51 -49.92
CA TRP H 181 -9.89 -47.02 -48.54
C TRP H 181 -11.13 -46.43 -47.88
N ASP H 182 -11.45 -45.18 -48.18
CA ASP H 182 -12.70 -44.53 -47.68
C ASP H 182 -13.90 -45.25 -48.32
N ILE H 183 -13.80 -45.62 -49.58
CA ILE H 183 -14.89 -46.37 -50.27
C ILE H 183 -15.07 -47.69 -49.52
N LEU H 184 -13.99 -48.44 -49.35
CA LEU H 184 -14.01 -49.79 -48.71
C LEU H 184 -14.69 -49.71 -47.33
N GLY H 185 -14.28 -48.75 -46.50
CA GLY H 185 -14.79 -48.53 -45.13
C GLY H 185 -16.29 -48.34 -45.14
N ALA H 186 -16.78 -47.43 -45.98
CA ALA H 186 -18.21 -47.09 -46.14
C ALA H 186 -19.00 -48.33 -46.59
N LYS H 187 -18.56 -49.02 -47.64
CA LYS H 187 -19.17 -50.28 -48.11
C LYS H 187 -19.40 -51.22 -46.93
N ARG H 188 -18.35 -51.48 -46.14
CA ARG H 188 -18.35 -52.50 -45.06
C ARG H 188 -19.12 -52.01 -43.83
N ALA H 189 -19.48 -50.73 -43.80
CA ALA H 189 -20.36 -50.14 -42.78
C ALA H 189 -21.80 -50.13 -43.28
N GLY H 190 -22.04 -50.67 -44.49
CA GLY H 190 -23.36 -50.90 -45.10
C GLY H 190 -23.83 -49.74 -45.98
N LEU H 191 -22.98 -48.74 -46.21
CA LEU H 191 -23.35 -47.52 -46.97
C LEU H 191 -23.26 -47.79 -48.47
N ARG H 192 -23.93 -46.94 -49.24
CA ARG H 192 -23.75 -46.84 -50.70
C ARG H 192 -22.54 -45.94 -50.96
N THR H 193 -21.87 -46.14 -52.09
CA THR H 193 -20.54 -45.56 -52.36
C THR H 193 -20.50 -44.93 -53.75
N ALA H 194 -19.95 -43.72 -53.83
CA ALA H 194 -19.60 -43.02 -55.08
C ALA H 194 -18.12 -42.63 -55.01
N PHE H 195 -17.32 -43.21 -55.88
CA PHE H 195 -15.89 -42.89 -56.04
C PHE H 195 -15.76 -41.70 -57.00
N VAL H 196 -15.12 -40.62 -56.56
CA VAL H 196 -14.73 -39.47 -57.41
C VAL H 196 -13.31 -39.72 -57.93
N ALA H 197 -13.17 -40.10 -59.21
CA ALA H 197 -11.89 -40.48 -59.88
C ALA H 197 -11.03 -39.23 -60.12
N ARG H 198 -10.57 -38.58 -59.06
CA ARG H 198 -9.57 -37.49 -59.14
C ARG H 198 -8.26 -38.09 -59.66
N GLU H 199 -7.37 -37.24 -60.17
CA GLU H 199 -6.04 -37.61 -60.72
C GLU H 199 -5.22 -38.31 -59.63
N GLY H 200 -4.58 -39.43 -59.97
CA GLY H 200 -3.62 -40.15 -59.11
C GLY H 200 -4.28 -40.93 -57.98
N HIS H 201 -5.58 -41.22 -58.08
CA HIS H 201 -6.35 -42.04 -57.10
C HIS H 201 -6.91 -43.27 -57.82
N ALA H 202 -6.83 -44.44 -57.18
CA ALA H 202 -7.31 -45.74 -57.71
C ALA H 202 -8.35 -46.33 -56.78
N ILE H 203 -9.22 -47.18 -57.33
CA ILE H 203 -10.15 -48.02 -56.54
C ILE H 203 -9.34 -49.21 -56.02
N TYR H 204 -9.59 -49.61 -54.78
CA TYR H 204 -8.98 -50.79 -54.13
C TYR H 204 -9.54 -52.03 -54.81
N PRO H 205 -8.74 -52.79 -55.59
CA PRO H 205 -9.24 -53.95 -56.34
C PRO H 205 -9.83 -55.11 -55.50
N LEU H 206 -9.51 -55.19 -54.21
CA LEU H 206 -9.95 -56.29 -53.31
C LEU H 206 -11.28 -55.89 -52.67
N ASP H 207 -12.36 -56.14 -53.40
CA ASP H 207 -13.76 -55.92 -52.94
C ASP H 207 -13.99 -54.45 -52.58
N GLY H 208 -13.42 -53.51 -53.35
CA GLY H 208 -13.53 -52.06 -53.08
C GLY H 208 -14.24 -51.31 -54.20
N THR H 209 -14.94 -52.03 -55.08
CA THR H 209 -15.71 -51.44 -56.20
C THR H 209 -16.90 -50.68 -55.62
N PRO H 210 -17.05 -49.38 -55.95
CA PRO H 210 -18.16 -48.59 -55.44
C PRO H 210 -19.41 -48.85 -56.28
N GLU H 211 -20.53 -48.23 -55.88
CA GLU H 211 -21.82 -48.27 -56.63
C GLU H 211 -21.68 -47.38 -57.88
N LEU H 212 -21.08 -46.19 -57.74
CA LEU H 212 -20.89 -45.22 -58.84
C LEU H 212 -19.42 -44.84 -58.94
N GLU H 213 -18.94 -44.64 -60.16
CA GLU H 213 -17.68 -43.92 -60.49
C GLU H 213 -18.03 -42.66 -61.29
N ALA H 214 -17.39 -41.55 -60.98
CA ALA H 214 -17.49 -40.29 -61.75
C ALA H 214 -16.16 -39.53 -61.59
N LYS H 215 -15.87 -38.62 -62.51
CA LYS H 215 -14.56 -37.91 -62.56
C LYS H 215 -14.59 -36.68 -61.67
N THR H 216 -15.78 -36.19 -61.37
CA THR H 216 -16.00 -34.96 -60.57
C THR H 216 -17.22 -35.17 -59.68
N VAL H 217 -17.31 -34.36 -58.64
CA VAL H 217 -18.49 -34.33 -57.71
C VAL H 217 -19.71 -33.90 -58.53
N LEU H 218 -19.53 -32.92 -59.41
CA LEU H 218 -20.60 -32.42 -60.32
C LEU H 218 -21.20 -33.59 -61.09
N GLU H 219 -20.33 -34.47 -61.60
CA GLU H 219 -20.77 -35.65 -62.37
C GLU H 219 -21.52 -36.64 -61.46
N VAL H 220 -21.09 -36.77 -60.20
CA VAL H 220 -21.77 -37.62 -59.19
C VAL H 220 -23.18 -37.04 -58.99
N ALA H 221 -23.29 -35.71 -58.84
CA ALA H 221 -24.57 -35.00 -58.60
C ALA H 221 -25.51 -35.22 -59.79
N ARG H 222 -25.00 -35.16 -61.01
CA ARG H 222 -25.77 -35.38 -62.25
C ARG H 222 -26.27 -36.84 -62.33
N THR H 223 -25.40 -37.80 -62.05
CA THR H 223 -25.74 -39.24 -62.13
C THR H 223 -26.85 -39.59 -61.14
N LEU H 224 -26.84 -38.98 -59.95
CA LEU H 224 -27.81 -39.32 -58.86
C LEU H 224 -29.16 -38.70 -59.18
N LEU H 225 -29.17 -37.41 -59.54
CA LEU H 225 -30.41 -36.60 -59.67
C LEU H 225 -31.19 -36.98 -60.92
N LYS H 226 -30.59 -37.72 -61.83
CA LYS H 226 -31.31 -38.09 -63.06
C LYS H 226 -32.33 -39.18 -62.73
N VAL I 5 -34.17 -10.93 -25.02
CA VAL I 5 -33.00 -11.87 -25.03
C VAL I 5 -32.66 -12.21 -26.47
N LYS I 6 -31.37 -12.35 -26.74
CA LYS I 6 -30.83 -12.81 -28.03
C LYS I 6 -31.30 -14.25 -28.25
N LYS I 7 -31.68 -14.57 -29.47
CA LYS I 7 -32.21 -15.91 -29.81
C LYS I 7 -31.06 -16.81 -30.21
N PRO I 8 -30.94 -18.03 -29.63
CA PRO I 8 -29.84 -18.92 -29.98
C PRO I 8 -30.03 -19.55 -31.37
N GLU I 9 -28.93 -19.79 -32.10
CA GLU I 9 -28.93 -20.46 -33.42
C GLU I 9 -29.12 -21.97 -33.26
N LEU I 10 -28.65 -22.53 -32.13
CA LEU I 10 -28.65 -23.99 -31.83
C LEU I 10 -29.08 -24.21 -30.37
N LEU I 11 -30.03 -25.12 -30.16
CA LEU I 11 -30.45 -25.61 -28.82
C LEU I 11 -30.05 -27.07 -28.71
N ILE I 12 -29.33 -27.40 -27.63
CA ILE I 12 -28.97 -28.81 -27.28
C ILE I 12 -29.87 -29.24 -26.13
N PHE I 13 -30.60 -30.33 -26.32
CA PHE I 13 -31.56 -30.89 -25.32
C PHE I 13 -30.95 -32.15 -24.70
N ASP I 14 -30.81 -32.17 -23.36
CA ASP I 14 -30.72 -33.44 -22.58
C ASP I 14 -32.02 -34.20 -22.83
N VAL I 15 -31.96 -35.53 -22.86
CA VAL I 15 -33.10 -36.41 -23.24
C VAL I 15 -33.80 -36.97 -21.99
N ASN I 16 -33.08 -37.74 -21.16
CA ASN I 16 -33.66 -38.45 -19.99
C ASN I 16 -34.08 -37.39 -18.97
N GLU I 17 -35.36 -37.30 -18.60
CA GLU I 17 -35.92 -36.32 -17.62
C GLU I 17 -36.31 -35.02 -18.33
N THR I 18 -35.36 -34.33 -18.97
CA THR I 18 -35.59 -33.05 -19.66
C THR I 18 -36.76 -33.20 -20.65
N LEU I 19 -36.74 -34.21 -21.50
CA LEU I 19 -37.79 -34.47 -22.51
C LEU I 19 -38.64 -35.69 -22.12
N LEU I 20 -37.98 -36.78 -21.71
CA LEU I 20 -38.67 -38.07 -21.44
C LEU I 20 -39.15 -38.11 -19.98
N ASP I 21 -40.35 -38.62 -19.76
CA ASP I 21 -40.94 -38.86 -18.43
C ASP I 21 -40.42 -40.21 -17.94
N MET I 22 -39.69 -40.24 -16.82
CA MET I 22 -39.04 -41.46 -16.30
C MET I 22 -40.06 -42.34 -15.58
N GLY I 23 -41.27 -41.81 -15.34
CA GLY I 23 -42.43 -42.50 -14.72
C GLY I 23 -42.41 -44.02 -14.88
N PRO I 24 -42.55 -44.58 -16.10
CA PRO I 24 -42.63 -46.04 -16.28
C PRO I 24 -41.47 -46.80 -15.62
N LEU I 25 -40.25 -46.28 -15.76
CA LEU I 25 -39.02 -46.89 -15.21
C LEU I 25 -38.95 -46.61 -13.71
N GLU I 26 -39.23 -45.38 -13.29
CA GLU I 26 -39.20 -45.00 -11.86
C GLU I 26 -40.17 -45.89 -11.09
N ASN I 27 -41.41 -46.02 -11.56
CA ASN I 27 -42.46 -46.84 -10.90
C ASN I 27 -42.02 -48.31 -10.90
N ALA I 28 -41.52 -48.81 -12.02
CA ALA I 28 -41.11 -50.23 -12.17
C ALA I 28 -40.11 -50.60 -11.06
N ILE I 29 -39.13 -49.73 -10.80
CA ILE I 29 -38.04 -49.95 -9.80
C ILE I 29 -38.59 -49.81 -8.38
N ASN I 30 -39.30 -48.71 -8.10
CA ASN I 30 -39.87 -48.36 -6.77
C ASN I 30 -40.80 -49.46 -6.25
N GLU I 31 -41.58 -50.07 -7.16
CA GLU I 31 -42.48 -51.22 -6.91
C GLU I 31 -41.67 -52.44 -6.53
N SER I 32 -40.72 -52.82 -7.39
CA SER I 32 -39.90 -54.05 -7.25
C SER I 32 -39.19 -54.06 -5.89
N LEU I 33 -38.68 -52.90 -5.46
CA LEU I 33 -37.84 -52.79 -4.25
C LEU I 33 -38.65 -52.21 -3.08
N ASN I 34 -39.95 -51.97 -3.25
CA ASN I 34 -40.90 -51.55 -2.18
C ASN I 34 -40.49 -50.25 -1.50
N SER I 35 -40.06 -49.25 -2.26
CA SER I 35 -39.57 -47.97 -1.72
C SER I 35 -39.77 -46.88 -2.77
N GLU I 36 -40.19 -45.70 -2.35
CA GLU I 36 -40.35 -44.56 -3.29
C GLU I 36 -38.97 -43.96 -3.58
N HIS I 37 -37.92 -44.36 -2.85
CA HIS I 37 -36.55 -43.79 -2.97
C HIS I 37 -35.64 -44.72 -3.78
N ALA I 38 -36.11 -45.89 -4.19
CA ALA I 38 -35.27 -46.90 -4.86
C ALA I 38 -34.68 -46.29 -6.14
N PHE I 39 -35.54 -45.75 -7.01
CA PHE I 39 -35.17 -45.20 -8.35
C PHE I 39 -34.13 -44.10 -8.18
N SER I 40 -34.41 -43.10 -7.34
CA SER I 40 -33.50 -41.97 -7.06
C SER I 40 -32.11 -42.51 -6.70
N LEU I 41 -32.04 -43.49 -5.80
CA LEU I 41 -30.76 -44.03 -5.30
C LEU I 41 -30.06 -44.84 -6.40
N TRP I 42 -30.79 -45.69 -7.11
CA TRP I 42 -30.25 -46.46 -8.26
C TRP I 42 -29.70 -45.53 -9.36
N PHE I 43 -30.51 -44.56 -9.82
CA PHE I 43 -30.16 -43.71 -10.99
C PHE I 43 -28.93 -42.87 -10.65
N ARG I 44 -28.88 -42.29 -9.45
CA ARG I 44 -27.74 -41.49 -8.97
C ARG I 44 -26.50 -42.36 -8.85
N THR I 45 -26.66 -43.65 -8.56
CA THR I 45 -25.55 -44.65 -8.51
C THR I 45 -25.08 -44.97 -9.93
N LEU I 46 -26.03 -45.09 -10.88
CA LEU I 46 -25.78 -45.33 -12.32
C LEU I 46 -24.94 -44.16 -12.84
N LEU I 47 -25.36 -42.94 -12.57
CA LEU I 47 -24.66 -41.72 -13.05
C LEU I 47 -23.25 -41.68 -12.44
N HIS I 48 -23.11 -42.03 -11.16
CA HIS I 48 -21.82 -42.03 -10.43
C HIS I 48 -20.84 -43.02 -11.07
N TYR I 49 -21.28 -44.24 -11.38
CA TYR I 49 -20.42 -45.27 -11.98
C TYR I 49 -20.15 -44.94 -13.46
N SER I 50 -21.04 -44.21 -14.13
CA SER I 50 -20.83 -43.80 -15.54
C SER I 50 -19.61 -42.88 -15.59
N LEU I 51 -19.54 -41.90 -14.68
CA LEU I 51 -18.40 -40.93 -14.55
C LEU I 51 -17.15 -41.62 -14.00
N THR I 52 -17.32 -42.63 -13.13
CA THR I 52 -16.24 -43.52 -12.64
C THR I 52 -15.57 -44.19 -13.84
N GLU I 53 -16.34 -44.81 -14.73
CA GLU I 53 -15.85 -45.50 -15.95
C GLU I 53 -14.99 -44.54 -16.77
N THR I 54 -15.45 -43.31 -17.02
CA THR I 54 -14.73 -42.35 -17.89
C THR I 54 -13.40 -41.98 -17.21
N LEU I 55 -13.43 -41.72 -15.90
CA LEU I 55 -12.26 -41.22 -15.13
C LEU I 55 -11.23 -42.34 -14.91
N THR I 56 -11.63 -43.59 -15.13
CA THR I 56 -10.73 -44.78 -15.08
C THR I 56 -10.37 -45.21 -16.53
N GLY I 57 -10.71 -44.40 -17.53
CA GLY I 57 -10.27 -44.57 -18.92
C GLY I 57 -10.99 -45.73 -19.61
N ASN I 58 -12.27 -45.94 -19.31
CA ASN I 58 -13.10 -47.01 -19.92
C ASN I 58 -14.47 -46.44 -20.33
N TYR I 59 -15.11 -47.06 -21.32
CA TYR I 59 -16.52 -46.81 -21.68
C TYR I 59 -17.29 -48.13 -21.52
N VAL I 60 -18.47 -48.05 -20.93
CA VAL I 60 -19.47 -49.16 -20.88
C VAL I 60 -20.82 -48.54 -21.23
N ASP I 61 -21.56 -49.19 -22.13
CA ASP I 61 -22.86 -48.65 -22.63
C ASP I 61 -23.76 -48.42 -21.40
N PHE I 62 -24.55 -47.35 -21.44
CA PHE I 62 -25.43 -46.84 -20.35
C PHE I 62 -26.32 -47.97 -19.78
N GLY I 63 -26.80 -48.89 -20.64
CA GLY I 63 -27.71 -49.98 -20.25
C GLY I 63 -27.04 -51.01 -19.37
N THR I 64 -25.78 -51.39 -19.66
CA THR I 64 -24.99 -52.40 -18.90
C THR I 64 -24.67 -51.90 -17.48
N ILE I 65 -24.18 -50.65 -17.37
CA ILE I 65 -23.94 -49.98 -16.05
C ILE I 65 -25.27 -50.02 -15.29
N GLY I 66 -26.39 -49.68 -15.96
CA GLY I 66 -27.74 -49.64 -15.35
C GLY I 66 -28.13 -50.95 -14.70
N LYS I 67 -27.85 -52.06 -15.36
CA LYS I 67 -28.20 -53.41 -14.87
C LYS I 67 -27.27 -53.82 -13.73
N ALA I 68 -25.98 -53.50 -13.82
CA ALA I 68 -25.01 -53.79 -12.75
C ALA I 68 -25.40 -52.99 -11.49
N THR I 69 -25.63 -51.69 -11.61
CA THR I 69 -25.96 -50.80 -10.46
C THR I 69 -27.35 -51.20 -9.91
N LEU I 70 -28.23 -51.81 -10.71
CA LEU I 70 -29.56 -52.17 -10.19
C LEU I 70 -29.42 -53.40 -9.30
N LYS I 71 -28.53 -54.33 -9.67
CA LYS I 71 -28.22 -55.53 -8.85
C LYS I 71 -27.60 -55.07 -7.52
N MET I 72 -26.69 -54.10 -7.54
CA MET I 72 -26.09 -53.52 -6.32
C MET I 72 -27.20 -52.91 -5.46
N THR I 73 -28.15 -52.20 -6.08
CA THR I 73 -29.19 -51.42 -5.38
C THR I 73 -30.25 -52.37 -4.81
N MET I 74 -30.67 -53.39 -5.55
CA MET I 74 -31.75 -54.30 -5.08
C MET I 74 -31.34 -54.93 -3.76
N ARG I 75 -30.06 -55.21 -3.57
CA ARG I 75 -29.56 -55.84 -2.32
C ARG I 75 -29.68 -54.92 -1.12
N LYS I 76 -29.33 -53.64 -1.27
CA LYS I 76 -29.51 -52.66 -0.19
C LYS I 76 -30.95 -52.73 0.31
N PHE I 77 -31.90 -53.02 -0.58
CA PHE I 77 -33.36 -53.02 -0.28
C PHE I 77 -33.80 -54.46 0.06
N GLY I 78 -32.84 -55.35 0.28
CA GLY I 78 -33.14 -56.74 0.71
C GLY I 78 -34.03 -57.47 -0.28
N LYS I 79 -33.90 -57.16 -1.57
CA LYS I 79 -34.55 -57.92 -2.66
C LYS I 79 -33.47 -58.61 -3.49
N ASN I 80 -33.85 -59.71 -4.12
CA ASN I 80 -32.97 -60.42 -5.08
C ASN I 80 -33.82 -60.76 -6.31
N LEU I 81 -33.85 -59.86 -7.31
CA LEU I 81 -34.69 -60.03 -8.53
C LEU I 81 -33.98 -61.00 -9.49
N SER I 82 -34.76 -61.83 -10.18
CA SER I 82 -34.27 -62.72 -11.26
C SER I 82 -33.78 -61.86 -12.44
N GLU I 83 -33.07 -62.47 -13.38
CA GLU I 83 -32.52 -61.78 -14.58
C GLU I 83 -33.65 -61.33 -15.50
N ASP I 84 -34.73 -62.11 -15.58
CA ASP I 84 -35.94 -61.82 -16.40
C ASP I 84 -36.58 -60.53 -15.89
N ARG I 85 -36.81 -60.47 -14.60
CA ARG I 85 -37.45 -59.32 -13.91
C ARG I 85 -36.60 -58.06 -14.09
N LEU I 86 -35.29 -58.16 -13.88
CA LEU I 86 -34.33 -57.04 -14.07
C LEU I 86 -34.45 -56.50 -15.49
N ASP I 87 -34.54 -57.39 -16.49
CA ASP I 87 -34.58 -57.02 -17.93
C ASP I 87 -35.91 -56.35 -18.27
N ALA I 88 -37.01 -56.86 -17.72
CA ALA I 88 -38.36 -56.27 -17.85
C ALA I 88 -38.36 -54.85 -17.26
N ILE I 89 -37.80 -54.67 -16.06
CA ILE I 89 -37.76 -53.33 -15.40
C ILE I 89 -36.94 -52.37 -16.28
N LEU I 90 -35.76 -52.78 -16.72
CA LEU I 90 -34.84 -51.89 -17.48
C LEU I 90 -35.39 -51.63 -18.88
N GLY I 91 -36.18 -52.56 -19.43
CA GLY I 91 -36.90 -52.40 -20.71
C GLY I 91 -37.65 -51.08 -20.77
N ASN I 92 -38.09 -50.57 -19.63
CA ASN I 92 -38.93 -49.34 -19.55
C ASN I 92 -38.11 -48.13 -20.01
N ILE I 93 -36.78 -48.23 -20.03
CA ILE I 93 -35.90 -47.13 -20.53
C ILE I 93 -36.34 -46.76 -21.96
N LYS I 94 -36.75 -47.75 -22.79
CA LYS I 94 -37.11 -47.58 -24.22
C LYS I 94 -38.60 -47.22 -24.40
N LYS I 95 -39.37 -47.20 -23.31
CA LYS I 95 -40.84 -46.99 -23.32
C LYS I 95 -41.18 -45.82 -22.41
N LEU I 96 -40.34 -44.79 -22.44
CA LEU I 96 -40.60 -43.49 -21.79
C LEU I 96 -41.31 -42.58 -22.80
N PRO I 97 -42.54 -42.12 -22.47
CA PRO I 97 -43.24 -41.12 -23.26
C PRO I 97 -42.67 -39.73 -22.95
N ALA I 98 -42.89 -38.77 -23.84
CA ALA I 98 -42.42 -37.39 -23.67
C ALA I 98 -43.32 -36.72 -22.65
N HIS I 99 -42.78 -35.83 -21.83
CA HIS I 99 -43.59 -34.89 -21.00
C HIS I 99 -44.57 -34.15 -21.92
N GLU I 100 -45.77 -33.82 -21.42
CA GLU I 100 -46.90 -33.24 -22.19
C GLU I 100 -46.48 -31.96 -22.91
N ASP I 101 -45.63 -31.16 -22.28
CA ASP I 101 -45.24 -29.79 -22.75
C ASP I 101 -44.23 -29.83 -23.90
N VAL I 102 -43.58 -30.96 -24.15
CA VAL I 102 -42.32 -31.01 -24.95
C VAL I 102 -42.63 -30.73 -26.42
N LYS I 103 -43.59 -31.45 -27.03
CA LYS I 103 -43.82 -31.45 -28.50
C LYS I 103 -44.27 -30.05 -28.96
N GLU I 104 -45.11 -29.38 -28.18
CA GLU I 104 -45.50 -27.97 -28.46
C GLU I 104 -44.25 -27.09 -28.45
N GLY I 105 -43.47 -27.15 -27.38
CA GLY I 105 -42.25 -26.35 -27.22
C GLY I 105 -41.29 -26.54 -28.38
N LEU I 106 -40.99 -27.79 -28.74
CA LEU I 106 -40.03 -28.13 -29.81
C LEU I 106 -40.55 -27.58 -31.14
N LYS I 107 -41.87 -27.72 -31.37
CA LYS I 107 -42.56 -27.23 -32.59
C LYS I 107 -42.36 -25.72 -32.72
N MET I 108 -42.67 -24.95 -31.67
CA MET I 108 -42.43 -23.49 -31.65
C MET I 108 -40.99 -23.20 -32.09
N LEU I 109 -40.02 -23.84 -31.45
CA LEU I 109 -38.60 -23.50 -31.57
C LEU I 109 -38.11 -23.91 -32.96
N LYS I 110 -38.65 -25.01 -33.49
CA LYS I 110 -38.29 -25.48 -34.85
C LYS I 110 -38.86 -24.49 -35.88
N GLU I 111 -40.07 -24.00 -35.67
CA GLU I 111 -40.74 -23.02 -36.57
C GLU I 111 -39.99 -21.69 -36.52
N ALA I 112 -39.35 -21.36 -35.39
CA ALA I 112 -38.54 -20.13 -35.20
C ALA I 112 -37.17 -20.31 -35.88
N GLN I 113 -37.00 -21.34 -36.71
CA GLN I 113 -35.76 -21.62 -37.49
C GLN I 113 -34.55 -21.76 -36.55
N ILE I 114 -34.76 -22.33 -35.37
CA ILE I 114 -33.66 -22.68 -34.43
C ILE I 114 -33.31 -24.14 -34.67
N LYS I 115 -32.02 -24.44 -34.88
CA LYS I 115 -31.51 -25.83 -34.95
C LYS I 115 -31.68 -26.50 -33.59
N LEU I 116 -32.34 -27.66 -33.59
CA LEU I 116 -32.63 -28.47 -32.39
C LEU I 116 -31.87 -29.79 -32.48
N VAL I 117 -31.01 -30.06 -31.50
CA VAL I 117 -30.26 -31.34 -31.39
C VAL I 117 -30.46 -31.92 -29.99
N ALA I 118 -30.36 -33.24 -29.89
CA ALA I 118 -30.36 -33.98 -28.62
C ALA I 118 -28.91 -34.38 -28.26
N LEU I 119 -28.55 -34.34 -26.97
CA LEU I 119 -27.26 -34.90 -26.45
C LEU I 119 -27.53 -35.75 -25.22
N SER I 120 -27.41 -37.07 -25.32
CA SER I 120 -27.76 -38.09 -24.27
C SER I 120 -26.57 -38.99 -23.98
N ASN I 121 -26.47 -39.50 -22.75
CA ASN I 121 -25.45 -40.49 -22.33
C ASN I 121 -25.84 -41.87 -22.88
N SER I 122 -27.12 -42.10 -23.19
CA SER I 122 -27.59 -43.31 -23.91
C SER I 122 -26.72 -43.52 -25.14
N ASN I 123 -26.48 -44.78 -25.51
CA ASN I 123 -25.75 -45.14 -26.76
C ASN I 123 -26.69 -44.87 -27.94
N GLY I 124 -26.13 -44.82 -29.15
CA GLY I 124 -26.83 -44.44 -30.39
C GLY I 124 -28.16 -45.15 -30.53
N LYS I 125 -28.17 -46.48 -30.46
CA LYS I 125 -29.36 -47.31 -30.79
C LYS I 125 -30.44 -47.14 -29.72
N LEU I 126 -30.05 -47.15 -28.45
CA LEU I 126 -30.99 -46.91 -27.33
C LEU I 126 -31.62 -45.53 -27.52
N LEU I 127 -30.80 -44.50 -27.80
CA LEU I 127 -31.27 -43.10 -27.98
C LEU I 127 -32.29 -43.02 -29.11
N ASN I 128 -32.00 -43.62 -30.27
CA ASN I 128 -32.92 -43.70 -31.45
C ASN I 128 -34.24 -44.36 -31.01
N ALA I 129 -34.14 -45.47 -30.28
CA ALA I 129 -35.30 -46.25 -29.80
C ALA I 129 -36.16 -45.38 -28.87
N GLN I 130 -35.54 -44.61 -27.97
CA GLN I 130 -36.24 -43.77 -26.96
C GLN I 130 -37.07 -42.71 -27.68
N LEU I 131 -36.45 -42.00 -28.61
CA LEU I 131 -37.04 -40.84 -29.33
C LEU I 131 -38.08 -41.34 -30.35
N GLN I 132 -37.89 -42.55 -30.90
CA GLN I 132 -38.88 -43.14 -31.83
C GLN I 132 -40.14 -43.53 -31.04
N PHE I 133 -39.98 -44.06 -29.84
CA PHE I 133 -41.10 -44.43 -28.96
C PHE I 133 -41.90 -43.17 -28.55
N ALA I 134 -41.23 -42.10 -28.16
CA ALA I 134 -41.88 -40.86 -27.68
C ALA I 134 -42.35 -39.98 -28.86
N GLY I 135 -41.99 -40.36 -30.11
CA GLY I 135 -42.20 -39.58 -31.35
C GLY I 135 -41.61 -38.18 -31.31
N LEU I 136 -40.35 -38.05 -30.87
CA LEU I 136 -39.59 -36.76 -30.81
C LEU I 136 -38.46 -36.74 -31.83
N ALA I 137 -38.11 -37.88 -32.45
CA ALA I 137 -36.95 -37.99 -33.37
C ALA I 137 -37.03 -36.92 -34.47
N ASP I 138 -38.21 -36.71 -35.08
CA ASP I 138 -38.40 -35.82 -36.26
C ASP I 138 -38.20 -34.34 -35.92
N TYR I 139 -38.20 -33.92 -34.64
CA TYR I 139 -38.06 -32.50 -34.22
C TYR I 139 -36.60 -32.07 -34.15
N PHE I 140 -35.65 -32.99 -34.33
CA PHE I 140 -34.20 -32.72 -34.15
C PHE I 140 -33.48 -32.85 -35.49
N ASP I 141 -32.58 -31.90 -35.77
CA ASP I 141 -31.76 -31.91 -37.00
C ASP I 141 -30.70 -33.00 -36.88
N ALA I 142 -30.26 -33.27 -35.64
CA ALA I 142 -29.29 -34.34 -35.30
C ALA I 142 -29.47 -34.77 -33.85
N ILE I 143 -29.17 -36.05 -33.54
CA ILE I 143 -29.17 -36.61 -32.16
C ILE I 143 -27.78 -37.17 -31.84
N PHE I 144 -27.12 -36.60 -30.83
CA PHE I 144 -25.75 -36.97 -30.41
C PHE I 144 -25.79 -37.90 -29.21
N SER I 145 -25.21 -39.10 -29.38
CA SER I 145 -24.89 -40.07 -28.31
C SER I 145 -23.47 -39.81 -27.81
N VAL I 146 -23.16 -40.26 -26.59
CA VAL I 146 -21.80 -40.19 -26.00
C VAL I 146 -20.88 -41.23 -26.66
N GLU I 147 -21.44 -42.17 -27.43
CA GLU I 147 -20.66 -42.97 -28.41
C GLU I 147 -20.16 -42.08 -29.55
N ALA I 148 -21.00 -41.14 -30.03
CA ALA I 148 -20.66 -40.12 -31.05
C ALA I 148 -19.83 -38.97 -30.45
N VAL I 149 -19.26 -39.14 -29.24
CA VAL I 149 -18.27 -38.20 -28.62
C VAL I 149 -17.17 -38.95 -27.83
N GLY I 150 -17.34 -40.24 -27.51
CA GLY I 150 -16.33 -41.03 -26.76
C GLY I 150 -16.50 -40.94 -25.25
N ARG I 151 -16.92 -39.77 -24.72
CA ARG I 151 -16.91 -39.43 -23.27
C ARG I 151 -18.28 -38.97 -22.77
N TYR I 152 -18.68 -39.44 -21.58
CA TYR I 152 -19.96 -39.11 -20.92
C TYR I 152 -20.07 -37.61 -20.64
N LYS I 153 -21.30 -37.11 -20.62
CA LYS I 153 -21.64 -35.79 -20.06
C LYS I 153 -21.48 -35.85 -18.54
N PRO I 154 -21.03 -34.78 -17.86
CA PRO I 154 -20.84 -33.46 -18.45
C PRO I 154 -19.39 -33.07 -18.82
N GLU I 155 -18.64 -33.99 -19.43
CA GLU I 155 -17.29 -33.63 -19.91
C GLU I 155 -17.39 -32.54 -20.98
N LEU I 156 -16.56 -31.49 -20.88
CA LEU I 156 -16.63 -30.31 -21.79
C LEU I 156 -16.52 -30.72 -23.25
N ALA I 157 -15.75 -31.77 -23.58
CA ALA I 157 -15.55 -32.24 -24.99
C ALA I 157 -16.88 -32.74 -25.57
N SER I 158 -17.85 -33.15 -24.74
CA SER I 158 -19.16 -33.67 -25.21
C SER I 158 -19.96 -32.53 -25.84
N TYR I 159 -20.03 -31.38 -25.19
CA TYR I 159 -20.78 -30.20 -25.68
C TYR I 159 -20.04 -29.64 -26.91
N ARG I 160 -18.72 -29.46 -26.80
CA ARG I 160 -17.88 -28.85 -27.87
C ARG I 160 -17.97 -29.69 -29.16
N ALA I 161 -18.04 -31.01 -29.05
CA ALA I 161 -18.20 -31.90 -30.22
C ALA I 161 -19.47 -31.50 -30.98
N VAL I 162 -20.55 -31.17 -30.27
CA VAL I 162 -21.86 -30.79 -30.88
C VAL I 162 -21.70 -29.42 -31.56
N LEU I 163 -21.17 -28.41 -30.87
CA LEU I 163 -20.85 -27.06 -31.43
C LEU I 163 -20.10 -27.18 -32.76
N GLU I 164 -19.01 -27.94 -32.79
CA GLU I 164 -18.13 -28.01 -33.99
C GLU I 164 -18.87 -28.76 -35.12
N THR I 165 -19.61 -29.81 -34.80
CA THR I 165 -20.38 -30.63 -35.79
C THR I 165 -21.52 -29.80 -36.42
N MET I 166 -22.19 -28.95 -35.65
CA MET I 166 -23.36 -28.16 -36.11
C MET I 166 -22.90 -26.80 -36.66
N LYS I 167 -21.61 -26.50 -36.57
CA LYS I 167 -20.99 -25.25 -37.10
C LYS I 167 -21.57 -24.01 -36.42
N VAL I 168 -21.92 -24.09 -35.13
CA VAL I 168 -22.51 -22.95 -34.36
C VAL I 168 -21.59 -22.66 -33.18
N PRO I 169 -21.19 -21.38 -32.99
CA PRO I 169 -20.34 -21.03 -31.87
C PRO I 169 -21.03 -21.33 -30.53
N ALA I 170 -20.25 -21.49 -29.47
CA ALA I 170 -20.71 -21.81 -28.09
C ALA I 170 -21.71 -20.75 -27.61
N GLU I 171 -21.40 -19.47 -27.85
CA GLU I 171 -22.15 -18.30 -27.33
C GLU I 171 -23.53 -18.21 -28.02
N ASN I 172 -23.68 -18.79 -29.21
CA ASN I 172 -24.98 -18.83 -29.93
C ASN I 172 -25.64 -20.19 -29.72
N THR I 173 -25.16 -20.97 -28.75
CA THR I 173 -25.78 -22.26 -28.37
C THR I 173 -26.30 -22.18 -26.95
N MET I 174 -27.47 -22.79 -26.73
CA MET I 174 -28.12 -22.88 -25.40
C MET I 174 -28.44 -24.35 -25.12
N MET I 175 -27.90 -24.85 -24.00
CA MET I 175 -28.14 -26.22 -23.50
C MET I 175 -29.41 -26.16 -22.64
N VAL I 176 -30.35 -27.07 -22.90
CA VAL I 176 -31.63 -27.18 -22.16
C VAL I 176 -31.58 -28.49 -21.40
N ALA I 177 -31.60 -28.43 -20.07
CA ALA I 177 -31.36 -29.60 -19.21
C ALA I 177 -32.18 -29.48 -17.93
N ALA I 178 -32.69 -30.61 -17.43
CA ALA I 178 -33.35 -30.74 -16.12
C ALA I 178 -32.34 -31.11 -15.03
N ASN I 179 -31.04 -31.21 -15.33
CA ASN I 179 -29.98 -31.70 -14.39
C ASN I 179 -28.96 -30.58 -14.13
N GLY I 180 -28.73 -30.24 -12.86
CA GLY I 180 -27.77 -29.20 -12.42
C GLY I 180 -26.37 -29.45 -12.98
N TRP I 181 -25.93 -30.70 -13.01
CA TRP I 181 -24.59 -31.10 -13.52
C TRP I 181 -24.52 -30.86 -15.03
N ASP I 182 -25.61 -31.10 -15.76
CA ASP I 182 -25.66 -30.88 -17.22
C ASP I 182 -25.57 -29.38 -17.47
N ILE I 183 -26.24 -28.58 -16.63
CA ILE I 183 -26.19 -27.09 -16.69
C ILE I 183 -24.74 -26.69 -16.45
N LEU I 184 -24.13 -27.22 -15.39
CA LEU I 184 -22.76 -26.85 -14.95
C LEU I 184 -21.81 -27.11 -16.12
N GLY I 185 -21.92 -28.28 -16.75
CA GLY I 185 -21.02 -28.72 -17.82
C GLY I 185 -21.10 -27.77 -18.99
N ALA I 186 -22.30 -27.58 -19.50
CA ALA I 186 -22.61 -26.66 -20.63
C ALA I 186 -22.06 -25.26 -20.33
N LYS I 187 -22.31 -24.70 -19.14
CA LYS I 187 -21.81 -23.35 -18.74
C LYS I 187 -20.31 -23.27 -18.94
N ARG I 188 -19.56 -24.30 -18.50
CA ARG I 188 -18.08 -24.29 -18.41
C ARG I 188 -17.48 -24.57 -19.80
N ALA I 189 -18.29 -25.05 -20.74
CA ALA I 189 -17.93 -25.23 -22.16
C ALA I 189 -18.34 -23.97 -22.96
N GLY I 190 -18.86 -22.95 -22.28
CA GLY I 190 -19.12 -21.62 -22.87
C GLY I 190 -20.53 -21.42 -23.40
N LEU I 191 -21.40 -22.43 -23.29
CA LEU I 191 -22.80 -22.39 -23.80
C LEU I 191 -23.66 -21.54 -22.87
N ARG I 192 -24.80 -21.10 -23.38
CA ARG I 192 -25.94 -20.57 -22.60
C ARG I 192 -26.75 -21.76 -22.05
N THR I 193 -27.45 -21.54 -20.94
CA THR I 193 -28.12 -22.64 -20.21
C THR I 193 -29.57 -22.29 -19.95
N ALA I 194 -30.46 -23.24 -20.20
CA ALA I 194 -31.87 -23.23 -19.74
C ALA I 194 -32.07 -24.42 -18.81
N PHE I 195 -32.40 -24.16 -17.55
CA PHE I 195 -32.78 -25.21 -16.58
C PHE I 195 -34.29 -25.44 -16.63
N VAL I 196 -34.72 -26.65 -16.94
CA VAL I 196 -36.15 -27.07 -16.84
C VAL I 196 -36.38 -27.68 -15.45
N ALA I 197 -36.98 -26.93 -14.53
CA ALA I 197 -37.24 -27.31 -13.11
C ALA I 197 -38.41 -28.30 -13.03
N ARG I 198 -38.20 -29.49 -13.57
CA ARG I 198 -39.09 -30.67 -13.42
C ARG I 198 -39.04 -31.16 -11.98
N GLU I 199 -39.99 -31.99 -11.58
CA GLU I 199 -40.16 -32.48 -10.18
C GLU I 199 -38.93 -33.28 -9.73
N GLY I 200 -38.36 -32.91 -8.57
CA GLY I 200 -37.30 -33.64 -7.86
C GLY I 200 -35.90 -33.37 -8.40
N HIS I 201 -35.73 -32.25 -9.11
CA HIS I 201 -34.42 -31.78 -9.66
C HIS I 201 -34.14 -30.36 -9.17
N ALA I 202 -32.92 -30.11 -8.70
CA ALA I 202 -32.47 -28.82 -8.13
C ALA I 202 -31.31 -28.26 -8.95
N ILE I 203 -31.18 -26.94 -9.00
CA ILE I 203 -29.97 -26.25 -9.56
C ILE I 203 -28.83 -26.53 -8.59
N TYR I 204 -27.66 -26.83 -9.14
CA TYR I 204 -26.40 -26.99 -8.38
C TYR I 204 -26.02 -25.60 -7.88
N PRO I 205 -26.05 -25.36 -6.55
CA PRO I 205 -25.79 -24.03 -6.00
C PRO I 205 -24.37 -23.48 -6.23
N LEU I 206 -23.38 -24.34 -6.52
CA LEU I 206 -21.96 -23.94 -6.65
C LEU I 206 -21.70 -23.54 -8.10
N ASP I 207 -22.09 -22.31 -8.44
CA ASP I 207 -21.79 -21.68 -9.75
C ASP I 207 -22.50 -22.46 -10.87
N GLY I 208 -23.69 -22.99 -10.59
CA GLY I 208 -24.49 -23.80 -11.53
C GLY I 208 -25.81 -23.13 -11.89
N THR I 209 -25.99 -21.84 -11.55
CA THR I 209 -27.19 -21.04 -11.91
C THR I 209 -27.22 -20.83 -13.41
N PRO I 210 -28.35 -21.17 -14.06
CA PRO I 210 -28.45 -21.07 -15.51
C PRO I 210 -28.85 -19.67 -15.94
N GLU I 211 -28.83 -19.39 -17.24
CA GLU I 211 -29.31 -18.10 -17.79
C GLU I 211 -30.83 -18.00 -17.61
N LEU I 212 -31.56 -19.05 -18.00
CA LEU I 212 -33.03 -19.12 -17.82
C LEU I 212 -33.37 -20.29 -16.90
N GLU I 213 -34.49 -20.16 -16.20
CA GLU I 213 -35.12 -21.22 -15.40
C GLU I 213 -36.60 -21.24 -15.77
N ALA I 214 -37.12 -22.39 -16.17
CA ALA I 214 -38.55 -22.59 -16.48
C ALA I 214 -39.01 -23.96 -15.96
N LYS I 215 -40.31 -24.19 -15.90
CA LYS I 215 -40.90 -25.43 -15.34
C LYS I 215 -41.10 -26.47 -16.43
N THR I 216 -41.21 -26.03 -17.67
CA THR I 216 -41.46 -26.93 -18.82
C THR I 216 -40.57 -26.50 -19.97
N VAL I 217 -40.41 -27.37 -20.95
CA VAL I 217 -39.74 -27.04 -22.23
C VAL I 217 -40.58 -26.00 -22.97
N LEU I 218 -41.90 -26.13 -22.90
CA LEU I 218 -42.87 -25.19 -23.53
C LEU I 218 -42.59 -23.78 -23.02
N GLU I 219 -42.43 -23.65 -21.71
CA GLU I 219 -42.21 -22.35 -21.04
C GLU I 219 -40.83 -21.80 -21.41
N VAL I 220 -39.86 -22.67 -21.68
CA VAL I 220 -38.51 -22.26 -22.16
C VAL I 220 -38.70 -21.63 -23.55
N ALA I 221 -39.45 -22.28 -24.43
CA ALA I 221 -39.71 -21.82 -25.82
C ALA I 221 -40.40 -20.45 -25.77
N ARG I 222 -41.34 -20.27 -24.86
CA ARG I 222 -42.10 -19.00 -24.71
C ARG I 222 -41.16 -17.87 -24.28
N THR I 223 -40.23 -18.15 -23.36
CA THR I 223 -39.27 -17.16 -22.81
C THR I 223 -38.28 -16.76 -23.92
N LEU I 224 -37.88 -17.69 -24.80
CA LEU I 224 -36.85 -17.43 -25.83
C LEU I 224 -37.48 -16.63 -26.99
N LEU I 225 -38.65 -17.08 -27.47
CA LEU I 225 -39.37 -16.48 -28.62
C LEU I 225 -40.18 -15.28 -28.13
N LYS I 226 -39.70 -14.65 -27.06
CA LYS I 226 -40.27 -13.42 -26.49
C LYS I 226 -41.54 -13.76 -25.71
N VAL J 5 0.00 -65.08 0.95
CA VAL J 5 0.05 -63.91 0.04
C VAL J 5 1.30 -63.10 0.35
N LYS J 6 1.73 -62.35 -0.64
CA LYS J 6 2.93 -61.49 -0.54
C LYS J 6 2.56 -60.20 0.18
N LYS J 7 3.43 -59.73 1.06
CA LYS J 7 3.16 -58.58 1.95
C LYS J 7 3.45 -57.30 1.17
N PRO J 8 2.51 -56.35 1.10
CA PRO J 8 2.75 -55.12 0.33
C PRO J 8 3.69 -54.18 1.10
N GLU J 9 4.46 -53.36 0.38
CA GLU J 9 5.34 -52.31 0.96
C GLU J 9 4.50 -51.12 1.44
N LEU J 10 3.44 -50.76 0.71
CA LEU J 10 2.60 -49.58 1.02
C LEU J 10 1.12 -49.98 1.02
N LEU J 11 0.37 -49.49 2.02
CA LEU J 11 -1.11 -49.62 2.12
C LEU J 11 -1.74 -48.23 2.07
N ILE J 12 -2.59 -47.99 1.05
CA ILE J 12 -3.36 -46.73 0.91
C ILE J 12 -4.77 -47.00 1.43
N PHE J 13 -5.27 -46.14 2.33
CA PHE J 13 -6.56 -46.29 3.05
C PHE J 13 -7.51 -45.15 2.64
N ASP J 14 -8.62 -45.51 2.01
CA ASP J 14 -9.81 -44.63 2.00
C ASP J 14 -10.09 -44.28 3.46
N VAL J 15 -10.62 -43.10 3.72
CA VAL J 15 -10.86 -42.55 5.08
C VAL J 15 -12.36 -42.63 5.38
N ASN J 16 -13.17 -41.82 4.70
CA ASN J 16 -14.64 -41.69 4.93
C ASN J 16 -15.30 -43.04 4.65
N GLU J 17 -15.43 -43.92 5.65
CA GLU J 17 -16.27 -45.16 5.64
C GLU J 17 -15.37 -46.36 5.89
N THR J 18 -14.25 -46.42 5.18
CA THR J 18 -13.22 -47.47 5.34
C THR J 18 -12.60 -47.37 6.73
N LEU J 19 -12.37 -46.14 7.24
CA LEU J 19 -11.79 -45.92 8.59
C LEU J 19 -12.81 -45.24 9.53
N LEU J 20 -13.52 -44.22 9.09
CA LEU J 20 -14.41 -43.41 9.96
C LEU J 20 -15.83 -43.96 9.88
N ASP J 21 -16.50 -44.03 11.03
CA ASP J 21 -17.93 -44.39 11.18
C ASP J 21 -18.75 -43.14 10.85
N MET J 22 -19.58 -43.21 9.81
CA MET J 22 -20.38 -42.06 9.30
C MET J 22 -21.63 -41.89 10.18
N GLY J 23 -21.82 -42.77 11.16
CA GLY J 23 -22.97 -42.80 12.09
C GLY J 23 -23.48 -41.41 12.47
N PRO J 24 -22.65 -40.57 13.15
CA PRO J 24 -23.06 -39.24 13.56
C PRO J 24 -23.72 -38.43 12.42
N LEU J 25 -23.09 -38.45 11.24
CA LEU J 25 -23.54 -37.67 10.07
C LEU J 25 -24.78 -38.33 9.47
N GLU J 26 -24.71 -39.66 9.30
CA GLU J 26 -25.85 -40.49 8.80
C GLU J 26 -27.11 -40.18 9.61
N ASN J 27 -27.08 -40.41 10.93
CA ASN J 27 -28.23 -40.18 11.85
C ASN J 27 -28.70 -38.72 11.74
N ALA J 28 -27.79 -37.76 11.79
CA ALA J 28 -28.10 -36.32 11.73
C ALA J 28 -28.93 -36.01 10.47
N ILE J 29 -28.53 -36.54 9.31
CA ILE J 29 -29.21 -36.32 7.99
C ILE J 29 -30.56 -37.05 8.00
N ASN J 30 -30.55 -38.32 8.39
CA ASN J 30 -31.73 -39.20 8.35
C ASN J 30 -32.85 -38.65 9.24
N GLU J 31 -32.56 -38.21 10.46
CA GLU J 31 -33.63 -37.71 11.36
C GLU J 31 -34.06 -36.30 10.91
N SER J 32 -33.14 -35.49 10.40
CA SER J 32 -33.40 -34.12 9.94
C SER J 32 -34.32 -34.10 8.71
N LEU J 33 -34.26 -35.14 7.86
CA LEU J 33 -35.03 -35.28 6.59
C LEU J 33 -36.12 -36.35 6.73
N ASN J 34 -36.15 -37.02 7.88
CA ASN J 34 -37.27 -37.92 8.26
C ASN J 34 -37.33 -39.11 7.29
N SER J 35 -36.18 -39.75 7.03
CA SER J 35 -36.06 -40.93 6.15
C SER J 35 -34.74 -41.65 6.43
N GLU J 36 -34.72 -42.99 6.35
CA GLU J 36 -33.50 -43.81 6.60
C GLU J 36 -32.62 -43.81 5.35
N HIS J 37 -33.15 -43.35 4.21
CA HIS J 37 -32.48 -43.37 2.89
C HIS J 37 -31.91 -42.01 2.52
N ALA J 38 -32.12 -40.99 3.36
CA ALA J 38 -31.71 -39.58 3.12
C ALA J 38 -30.18 -39.47 2.98
N PHE J 39 -29.43 -40.15 3.86
CA PHE J 39 -27.95 -40.07 3.88
C PHE J 39 -27.38 -40.74 2.63
N SER J 40 -27.79 -41.98 2.34
CA SER J 40 -27.40 -42.74 1.13
C SER J 40 -27.56 -41.88 -0.11
N LEU J 41 -28.75 -41.28 -0.29
CA LEU J 41 -29.08 -40.51 -1.52
C LEU J 41 -28.22 -39.25 -1.57
N TRP J 42 -28.09 -38.56 -0.44
CA TRP J 42 -27.27 -37.33 -0.33
C TRP J 42 -25.81 -37.66 -0.63
N PHE J 43 -25.26 -38.71 -0.01
CA PHE J 43 -23.81 -39.04 -0.10
C PHE J 43 -23.46 -39.45 -1.52
N ARG J 44 -24.37 -40.18 -2.17
CA ARG J 44 -24.20 -40.61 -3.58
C ARG J 44 -24.32 -39.36 -4.47
N THR J 45 -25.17 -38.41 -4.12
CA THR J 45 -25.28 -37.14 -4.87
C THR J 45 -23.97 -36.34 -4.74
N LEU J 46 -23.44 -36.25 -3.53
CA LEU J 46 -22.15 -35.56 -3.24
C LEU J 46 -21.04 -36.21 -4.08
N LEU J 47 -21.04 -37.53 -4.22
CA LEU J 47 -19.99 -38.27 -4.94
C LEU J 47 -20.14 -38.02 -6.44
N HIS J 48 -21.38 -38.00 -6.92
CA HIS J 48 -21.70 -37.77 -8.35
C HIS J 48 -21.21 -36.38 -8.76
N TYR J 49 -21.54 -35.37 -7.96
CA TYR J 49 -21.26 -33.94 -8.28
C TYR J 49 -19.77 -33.65 -8.12
N SER J 50 -19.13 -34.35 -7.20
CA SER J 50 -17.66 -34.39 -7.00
C SER J 50 -16.98 -34.79 -8.32
N LEU J 51 -17.40 -35.90 -8.93
CA LEU J 51 -16.85 -36.39 -10.23
C LEU J 51 -17.27 -35.46 -11.37
N THR J 52 -18.46 -34.87 -11.28
CA THR J 52 -18.94 -33.85 -12.24
C THR J 52 -17.92 -32.71 -12.28
N GLU J 53 -17.52 -32.22 -11.11
CA GLU J 53 -16.62 -31.05 -10.97
C GLU J 53 -15.31 -31.36 -11.70
N THR J 54 -14.72 -32.52 -11.43
CA THR J 54 -13.45 -32.98 -12.05
C THR J 54 -13.60 -33.00 -13.58
N LEU J 55 -14.63 -33.68 -14.09
CA LEU J 55 -14.86 -33.88 -15.55
C LEU J 55 -15.12 -32.55 -16.27
N THR J 56 -15.57 -31.50 -15.55
CA THR J 56 -15.84 -30.14 -16.11
C THR J 56 -14.63 -29.21 -15.86
N GLY J 57 -13.51 -29.79 -15.39
CA GLY J 57 -12.21 -29.12 -15.29
C GLY J 57 -12.18 -28.08 -14.18
N ASN J 58 -12.90 -28.35 -13.09
CA ASN J 58 -12.94 -27.49 -11.89
C ASN J 58 -12.70 -28.36 -10.66
N TYR J 59 -12.24 -27.72 -9.59
CA TYR J 59 -12.16 -28.32 -8.23
C TYR J 59 -12.90 -27.43 -7.25
N VAL J 60 -13.75 -28.02 -6.42
CA VAL J 60 -14.37 -27.36 -5.24
C VAL J 60 -14.12 -28.29 -4.06
N ASP J 61 -13.84 -27.72 -2.89
CA ASP J 61 -13.57 -28.50 -1.66
C ASP J 61 -14.80 -29.36 -1.35
N PHE J 62 -14.56 -30.53 -0.76
CA PHE J 62 -15.56 -31.61 -0.47
C PHE J 62 -16.70 -31.06 0.42
N GLY J 63 -16.36 -30.29 1.46
CA GLY J 63 -17.32 -29.70 2.39
C GLY J 63 -18.34 -28.81 1.70
N THR J 64 -17.92 -28.02 0.71
CA THR J 64 -18.79 -27.05 -0.01
C THR J 64 -19.76 -27.81 -0.91
N ILE J 65 -19.26 -28.83 -1.63
CA ILE J 65 -20.12 -29.73 -2.45
C ILE J 65 -21.13 -30.40 -1.51
N GLY J 66 -20.70 -30.76 -0.31
CA GLY J 66 -21.55 -31.44 0.68
C GLY J 66 -22.73 -30.58 1.03
N LYS J 67 -22.48 -29.31 1.27
CA LYS J 67 -23.53 -28.34 1.69
C LYS J 67 -24.51 -28.15 0.53
N ALA J 68 -23.98 -27.88 -0.66
CA ALA J 68 -24.75 -27.63 -1.89
C ALA J 68 -25.69 -28.81 -2.15
N THR J 69 -25.15 -30.03 -2.11
CA THR J 69 -25.88 -31.28 -2.45
C THR J 69 -26.89 -31.57 -1.34
N LEU J 70 -26.63 -31.13 -0.11
CA LEU J 70 -27.57 -31.36 1.02
C LEU J 70 -28.78 -30.44 0.85
N LYS J 71 -28.59 -29.22 0.35
CA LYS J 71 -29.72 -28.30 0.01
C LYS J 71 -30.53 -28.93 -1.11
N MET J 72 -29.85 -29.58 -2.07
CA MET J 72 -30.51 -30.23 -3.22
C MET J 72 -31.34 -31.40 -2.69
N THR J 73 -30.75 -32.18 -1.78
CA THR J 73 -31.33 -33.45 -1.26
C THR J 73 -32.54 -33.14 -0.37
N MET J 74 -32.45 -32.12 0.49
CA MET J 74 -33.47 -31.86 1.54
C MET J 74 -34.82 -31.57 0.87
N ARG J 75 -34.81 -30.89 -0.27
CA ARG J 75 -36.04 -30.54 -1.02
C ARG J 75 -36.76 -31.77 -1.53
N LYS J 76 -35.96 -32.72 -1.94
CA LYS J 76 -36.41 -34.01 -2.49
C LYS J 76 -37.21 -34.75 -1.40
N PHE J 77 -36.99 -34.38 -0.13
CA PHE J 77 -37.67 -34.96 1.06
C PHE J 77 -38.67 -33.95 1.62
N GLY J 78 -38.95 -32.89 0.86
CA GLY J 78 -39.99 -31.88 1.17
C GLY J 78 -39.62 -30.97 2.32
N LYS J 79 -38.46 -31.19 2.96
CA LYS J 79 -37.96 -30.36 4.09
C LYS J 79 -37.28 -29.10 3.54
N ASN J 80 -37.18 -28.09 4.39
CA ASN J 80 -36.56 -26.78 4.05
C ASN J 80 -35.86 -26.26 5.30
N LEU J 81 -34.66 -26.76 5.56
CA LEU J 81 -33.84 -26.44 6.76
C LEU J 81 -33.18 -25.06 6.55
N SER J 82 -32.90 -24.39 7.67
CA SER J 82 -32.11 -23.12 7.73
C SER J 82 -30.62 -23.43 7.58
N GLU J 83 -29.81 -22.40 7.34
CA GLU J 83 -28.34 -22.54 7.17
C GLU J 83 -27.68 -22.95 8.49
N ASP J 84 -28.17 -22.46 9.62
CA ASP J 84 -27.68 -22.84 10.97
C ASP J 84 -27.78 -24.35 11.12
N ARG J 85 -28.90 -24.93 10.66
CA ARG J 85 -29.24 -26.36 10.83
C ARG J 85 -28.36 -27.21 9.92
N LEU J 86 -28.24 -26.80 8.65
CA LEU J 86 -27.37 -27.46 7.64
C LEU J 86 -25.93 -27.50 8.17
N ASP J 87 -25.41 -26.37 8.65
CA ASP J 87 -24.01 -26.24 9.14
C ASP J 87 -23.82 -27.17 10.34
N ALA J 88 -24.85 -27.27 11.19
CA ALA J 88 -24.85 -28.11 12.41
C ALA J 88 -24.74 -29.59 12.02
N ILE J 89 -25.57 -30.00 11.04
CA ILE J 89 -25.64 -31.40 10.51
C ILE J 89 -24.29 -31.76 9.87
N LEU J 90 -23.80 -30.93 8.95
CA LEU J 90 -22.52 -31.18 8.22
C LEU J 90 -21.34 -31.19 9.20
N GLY J 91 -21.40 -30.42 10.28
CA GLY J 91 -20.33 -30.30 11.30
C GLY J 91 -19.89 -31.67 11.81
N ASN J 92 -20.79 -32.65 11.75
CA ASN J 92 -20.54 -34.06 12.17
C ASN J 92 -19.39 -34.69 11.36
N ILE J 93 -19.12 -34.20 10.15
CA ILE J 93 -18.07 -34.74 9.23
C ILE J 93 -16.70 -34.63 9.90
N LYS J 94 -16.49 -33.61 10.76
CA LYS J 94 -15.23 -33.40 11.52
C LYS J 94 -15.22 -34.21 12.82
N LYS J 95 -16.37 -34.76 13.23
CA LYS J 95 -16.55 -35.51 14.50
C LYS J 95 -17.04 -36.93 14.21
N LEU J 96 -16.35 -37.62 13.31
CA LEU J 96 -16.61 -39.05 13.05
C LEU J 96 -15.59 -39.86 13.81
N PRO J 97 -16.02 -40.79 14.69
CA PRO J 97 -15.08 -41.67 15.40
C PRO J 97 -14.64 -42.75 14.41
N ALA J 98 -13.45 -43.32 14.61
CA ALA J 98 -12.98 -44.54 13.91
C ALA J 98 -13.91 -45.71 14.23
N HIS J 99 -14.07 -46.65 13.30
CA HIS J 99 -14.68 -47.97 13.55
C HIS J 99 -13.83 -48.66 14.62
N GLU J 100 -14.47 -49.51 15.43
CA GLU J 100 -13.85 -50.17 16.61
C GLU J 100 -12.66 -51.04 16.21
N ASP J 101 -12.62 -51.55 14.97
CA ASP J 101 -11.58 -52.49 14.52
C ASP J 101 -10.32 -51.77 14.00
N VAL J 102 -10.40 -50.46 13.73
CA VAL J 102 -9.43 -49.73 12.86
C VAL J 102 -8.07 -49.67 13.57
N LYS J 103 -8.03 -49.08 14.78
CA LYS J 103 -6.79 -48.82 15.57
C LYS J 103 -6.00 -50.13 15.73
N GLU J 104 -6.63 -51.23 16.11
CA GLU J 104 -5.96 -52.55 16.27
C GLU J 104 -5.34 -52.97 14.93
N GLY J 105 -6.09 -52.79 13.84
CA GLY J 105 -5.68 -53.20 12.49
C GLY J 105 -4.46 -52.42 12.03
N LEU J 106 -4.48 -51.10 12.21
CA LEU J 106 -3.39 -50.18 11.81
C LEU J 106 -2.15 -50.47 12.66
N LYS J 107 -2.31 -50.67 13.97
CA LYS J 107 -1.20 -51.07 14.89
C LYS J 107 -0.50 -52.33 14.39
N MET J 108 -1.25 -53.38 14.07
CA MET J 108 -0.67 -54.63 13.54
C MET J 108 0.21 -54.26 12.35
N LEU J 109 -0.35 -53.44 11.44
CA LEU J 109 0.25 -53.22 10.11
C LEU J 109 1.48 -52.34 10.28
N LYS J 110 1.38 -51.33 11.15
CA LYS J 110 2.51 -50.43 11.48
C LYS J 110 3.67 -51.26 12.05
N GLU J 111 3.37 -52.10 13.03
CA GLU J 111 4.32 -52.99 13.73
C GLU J 111 5.05 -53.91 12.75
N ALA J 112 4.35 -54.34 11.69
CA ALA J 112 4.89 -55.26 10.67
C ALA J 112 5.77 -54.49 9.69
N GLN J 113 6.05 -53.20 9.98
CA GLN J 113 6.99 -52.31 9.22
C GLN J 113 6.43 -52.05 7.81
N ILE J 114 5.11 -51.90 7.67
CA ILE J 114 4.41 -51.59 6.38
C ILE J 114 4.05 -50.10 6.39
N LYS J 115 4.47 -49.36 5.35
CA LYS J 115 4.13 -47.92 5.17
C LYS J 115 2.62 -47.76 5.03
N LEU J 116 2.03 -46.91 5.85
CA LEU J 116 0.57 -46.65 5.88
C LEU J 116 0.34 -45.20 5.47
N VAL J 117 -0.39 -44.99 4.38
CA VAL J 117 -0.85 -43.65 3.94
C VAL J 117 -2.37 -43.69 3.78
N ALA J 118 -2.99 -42.51 3.91
CA ALA J 118 -4.42 -42.26 3.70
C ALA J 118 -4.58 -41.45 2.41
N LEU J 119 -5.59 -41.79 1.60
CA LEU J 119 -6.04 -41.02 0.41
C LEU J 119 -7.54 -40.74 0.50
N SER J 120 -7.92 -39.47 0.63
CA SER J 120 -9.32 -39.02 0.88
C SER J 120 -9.71 -37.94 -0.14
N ASN J 121 -10.99 -37.92 -0.50
CA ASN J 121 -11.61 -36.84 -1.30
C ASN J 121 -11.77 -35.57 -0.45
N SER J 122 -11.77 -35.68 0.87
CA SER J 122 -11.77 -34.51 1.79
C SER J 122 -10.55 -33.63 1.49
N ASN J 123 -10.66 -32.32 1.70
CA ASN J 123 -9.53 -31.36 1.53
C ASN J 123 -8.57 -31.52 2.72
N GLY J 124 -7.32 -31.06 2.55
CA GLY J 124 -6.23 -31.22 3.54
C GLY J 124 -6.65 -30.84 4.94
N LYS J 125 -7.31 -29.70 5.12
CA LYS J 125 -7.67 -29.14 6.45
C LYS J 125 -8.69 -30.04 7.11
N LEU J 126 -9.77 -30.40 6.40
CA LEU J 126 -10.85 -31.30 6.88
C LEU J 126 -10.28 -32.68 7.21
N LEU J 127 -9.40 -33.22 6.35
CA LEU J 127 -8.80 -34.55 6.53
C LEU J 127 -8.02 -34.59 7.83
N ASN J 128 -7.16 -33.59 8.08
CA ASN J 128 -6.36 -33.48 9.33
C ASN J 128 -7.33 -33.46 10.53
N ALA J 129 -8.36 -32.60 10.48
CA ALA J 129 -9.37 -32.45 11.56
C ALA J 129 -10.05 -33.80 11.83
N GLN J 130 -10.47 -34.50 10.76
CA GLN J 130 -11.17 -35.81 10.84
C GLN J 130 -10.27 -36.84 11.52
N LEU J 131 -9.00 -36.94 11.11
CA LEU J 131 -8.07 -38.00 11.58
C LEU J 131 -7.52 -37.66 12.97
N GLN J 132 -7.57 -36.40 13.37
CA GLN J 132 -7.09 -35.98 14.72
C GLN J 132 -8.19 -36.29 15.74
N PHE J 133 -9.44 -36.05 15.36
CA PHE J 133 -10.63 -36.35 16.20
C PHE J 133 -10.78 -37.86 16.42
N ALA J 134 -10.48 -38.67 15.40
CA ALA J 134 -10.59 -40.15 15.44
C ALA J 134 -9.34 -40.78 16.08
N GLY J 135 -8.30 -39.96 16.33
CA GLY J 135 -7.01 -40.38 16.90
C GLY J 135 -6.33 -41.39 16.01
N LEU J 136 -6.37 -41.17 14.68
CA LEU J 136 -5.77 -42.06 13.64
C LEU J 136 -4.57 -41.40 12.96
N ALA J 137 -4.38 -40.08 13.10
CA ALA J 137 -3.32 -39.29 12.42
C ALA J 137 -1.94 -39.97 12.56
N ASP J 138 -1.54 -40.32 13.79
CA ASP J 138 -0.15 -40.78 14.10
C ASP J 138 0.13 -42.14 13.43
N TYR J 139 -0.89 -42.89 12.98
CA TYR J 139 -0.73 -44.24 12.36
C TYR J 139 -0.22 -44.16 10.91
N PHE J 140 -0.31 -43.00 10.27
CA PHE J 140 0.01 -42.82 8.83
C PHE J 140 1.30 -42.00 8.64
N ASP J 141 2.19 -42.48 7.77
CA ASP J 141 3.46 -41.81 7.40
C ASP J 141 3.16 -40.51 6.66
N ALA J 142 2.14 -40.52 5.80
CA ALA J 142 1.64 -39.34 5.04
C ALA J 142 0.13 -39.44 4.87
N ILE J 143 -0.52 -38.29 4.71
CA ILE J 143 -2.00 -38.16 4.54
C ILE J 143 -2.28 -37.41 3.24
N PHE J 144 -2.75 -38.10 2.19
CA PHE J 144 -3.03 -37.52 0.84
C PHE J 144 -4.50 -37.07 0.71
N SER J 145 -4.69 -35.78 0.44
CA SER J 145 -5.96 -35.12 0.06
C SER J 145 -5.99 -34.93 -1.46
N VAL J 146 -7.17 -34.85 -2.06
CA VAL J 146 -7.34 -34.59 -3.52
C VAL J 146 -6.90 -33.16 -3.86
N GLU J 147 -6.73 -32.26 -2.89
CA GLU J 147 -6.02 -30.96 -3.04
C GLU J 147 -4.55 -31.22 -3.45
N ALA J 148 -3.91 -32.20 -2.81
CA ALA J 148 -2.51 -32.64 -3.06
C ALA J 148 -2.41 -33.54 -4.30
N VAL J 149 -3.45 -33.57 -5.16
CA VAL J 149 -3.44 -34.26 -6.49
C VAL J 149 -4.18 -33.45 -7.57
N GLY J 150 -5.10 -32.54 -7.19
CA GLY J 150 -5.90 -31.72 -8.12
C GLY J 150 -7.28 -32.33 -8.39
N ARG J 151 -7.38 -33.67 -8.43
CA ARG J 151 -8.52 -34.45 -9.01
C ARG J 151 -9.05 -35.51 -8.04
N TYR J 152 -10.37 -35.61 -7.94
CA TYR J 152 -11.10 -36.59 -7.10
C TYR J 152 -10.82 -38.03 -7.55
N LYS J 153 -10.74 -38.94 -6.57
CA LYS J 153 -10.87 -40.40 -6.73
C LYS J 153 -12.24 -40.71 -7.31
N PRO J 154 -12.40 -41.75 -8.15
CA PRO J 154 -11.33 -42.70 -8.46
C PRO J 154 -10.49 -42.42 -9.73
N GLU J 155 -10.14 -41.16 -9.98
CA GLU J 155 -9.31 -40.84 -11.16
C GLU J 155 -7.92 -41.44 -10.97
N LEU J 156 -7.45 -42.21 -11.95
CA LEU J 156 -6.17 -42.97 -11.87
C LEU J 156 -5.05 -42.08 -11.32
N ALA J 157 -4.96 -40.80 -11.73
CA ALA J 157 -3.88 -39.87 -11.34
C ALA J 157 -3.81 -39.70 -9.83
N SER J 158 -4.91 -39.91 -9.12
CA SER J 158 -4.97 -39.77 -7.63
C SER J 158 -4.09 -40.86 -6.98
N TYR J 159 -4.25 -42.11 -7.41
CA TYR J 159 -3.51 -43.26 -6.84
C TYR J 159 -2.03 -43.11 -7.21
N ARG J 160 -1.76 -42.85 -8.49
CA ARG J 160 -0.39 -42.76 -9.07
C ARG J 160 0.42 -41.66 -8.38
N ALA J 161 -0.21 -40.56 -7.98
CA ALA J 161 0.48 -39.46 -7.26
C ALA J 161 1.03 -39.98 -5.94
N VAL J 162 0.28 -40.84 -5.24
CA VAL J 162 0.70 -41.45 -3.95
C VAL J 162 1.85 -42.45 -4.22
N LEU J 163 1.71 -43.34 -5.19
CA LEU J 163 2.78 -44.29 -5.61
C LEU J 163 4.09 -43.53 -5.81
N GLU J 164 4.11 -42.53 -6.68
CA GLU J 164 5.35 -41.82 -7.06
C GLU J 164 5.91 -41.03 -5.87
N THR J 165 5.03 -40.46 -5.02
CA THR J 165 5.41 -39.62 -3.85
C THR J 165 6.07 -40.48 -2.76
N MET J 166 5.58 -41.71 -2.56
CA MET J 166 6.08 -42.67 -1.54
C MET J 166 7.21 -43.54 -2.12
N LYS J 167 7.47 -43.43 -3.42
CA LYS J 167 8.54 -44.16 -4.15
C LYS J 167 8.31 -45.68 -4.12
N VAL J 168 7.06 -46.12 -4.12
CA VAL J 168 6.68 -47.57 -4.14
C VAL J 168 5.99 -47.88 -5.46
N PRO J 169 6.38 -48.96 -6.18
CA PRO J 169 5.68 -49.38 -7.38
C PRO J 169 4.20 -49.73 -7.10
N ALA J 170 3.39 -49.74 -8.16
CA ALA J 170 1.96 -50.08 -8.13
C ALA J 170 1.77 -51.52 -7.61
N GLU J 171 2.55 -52.47 -8.11
CA GLU J 171 2.37 -53.92 -7.81
C GLU J 171 2.73 -54.24 -6.34
N ASN J 172 3.45 -53.35 -5.65
CA ASN J 172 3.83 -53.53 -4.23
C ASN J 172 2.94 -52.66 -3.34
N THR J 173 1.92 -52.04 -3.92
CA THR J 173 0.97 -51.17 -3.17
C THR J 173 -0.42 -51.78 -3.19
N MET J 174 -1.08 -51.76 -2.03
CA MET J 174 -2.46 -52.27 -1.88
C MET J 174 -3.35 -51.12 -1.40
N MET J 175 -4.48 -50.93 -2.09
CA MET J 175 -5.53 -49.96 -1.72
C MET J 175 -6.54 -50.68 -0.82
N VAL J 176 -6.89 -50.09 0.31
CA VAL J 176 -7.89 -50.66 1.27
C VAL J 176 -9.07 -49.71 1.26
N ALA J 177 -10.22 -50.14 0.76
CA ALA J 177 -11.41 -49.26 0.58
C ALA J 177 -12.69 -50.05 0.78
N ALA J 178 -13.67 -49.44 1.43
CA ALA J 178 -15.05 -49.98 1.58
C ALA J 178 -15.96 -49.44 0.46
N ASN J 179 -15.40 -48.95 -0.66
CA ASN J 179 -16.14 -48.34 -1.79
C ASN J 179 -15.77 -49.10 -3.07
N GLY J 180 -16.74 -49.64 -3.81
CA GLY J 180 -16.49 -50.45 -5.03
C GLY J 180 -15.77 -49.64 -6.09
N TRP J 181 -16.08 -48.37 -6.20
CA TRP J 181 -15.51 -47.45 -7.22
C TRP J 181 -14.03 -47.21 -6.89
N ASP J 182 -13.73 -47.01 -5.61
CA ASP J 182 -12.34 -46.81 -5.10
C ASP J 182 -11.50 -48.07 -5.37
N ILE J 183 -12.09 -49.25 -5.19
CA ILE J 183 -11.48 -50.56 -5.56
C ILE J 183 -11.19 -50.58 -7.04
N LEU J 184 -12.17 -50.16 -7.86
CA LEU J 184 -12.11 -50.25 -9.35
C LEU J 184 -10.99 -49.34 -9.86
N GLY J 185 -10.97 -48.10 -9.39
CA GLY J 185 -9.94 -47.09 -9.75
C GLY J 185 -8.54 -47.56 -9.40
N ALA J 186 -8.33 -47.95 -8.14
CA ALA J 186 -7.04 -48.50 -7.66
C ALA J 186 -6.65 -49.70 -8.53
N LYS J 187 -7.57 -50.59 -8.81
CA LYS J 187 -7.31 -51.83 -9.59
C LYS J 187 -6.79 -51.44 -10.98
N ARG J 188 -7.34 -50.39 -11.60
CA ARG J 188 -7.02 -49.95 -12.98
C ARG J 188 -5.82 -49.00 -12.98
N ALA J 189 -5.36 -48.56 -11.81
CA ALA J 189 -4.11 -47.78 -11.68
C ALA J 189 -2.95 -48.75 -11.39
N GLY J 190 -3.21 -50.06 -11.36
CA GLY J 190 -2.19 -51.12 -11.22
C GLY J 190 -2.03 -51.64 -9.79
N LEU J 191 -2.75 -51.07 -8.81
CA LEU J 191 -2.64 -51.42 -7.36
C LEU J 191 -3.31 -52.76 -7.05
N ARG J 192 -2.84 -53.41 -5.99
CA ARG J 192 -3.55 -54.48 -5.29
C ARG J 192 -4.71 -53.85 -4.52
N THR J 193 -5.76 -54.62 -4.25
CA THR J 193 -7.01 -54.10 -3.65
C THR J 193 -7.43 -55.02 -2.51
N ALA J 194 -7.86 -54.42 -1.40
CA ALA J 194 -8.58 -55.05 -0.29
C ALA J 194 -9.89 -54.31 -0.13
N PHE J 195 -11.02 -55.00 -0.35
CA PHE J 195 -12.37 -54.48 -0.07
C PHE J 195 -12.73 -54.76 1.40
N VAL J 196 -13.07 -53.71 2.16
CA VAL J 196 -13.62 -53.81 3.54
C VAL J 196 -15.14 -53.79 3.43
N ALA J 197 -15.81 -54.92 3.70
CA ALA J 197 -17.28 -55.11 3.54
C ALA J 197 -18.05 -54.48 4.71
N ARG J 198 -17.91 -53.17 4.88
CA ARG J 198 -18.72 -52.38 5.84
C ARG J 198 -20.19 -52.48 5.42
N GLU J 199 -21.09 -52.32 6.38
CA GLU J 199 -22.56 -52.37 6.17
C GLU J 199 -22.94 -51.33 5.10
N GLY J 200 -23.73 -51.74 4.10
CA GLY J 200 -24.39 -50.86 3.11
C GLY J 200 -23.54 -50.64 1.88
N HIS J 201 -22.43 -51.38 1.73
CA HIS J 201 -21.47 -51.24 0.61
C HIS J 201 -21.34 -52.56 -0.14
N ALA J 202 -21.40 -52.49 -1.47
CA ALA J 202 -21.31 -53.64 -2.39
C ALA J 202 -20.08 -53.46 -3.30
N ILE J 203 -19.56 -54.58 -3.76
CA ILE J 203 -18.51 -54.62 -4.82
C ILE J 203 -19.18 -54.32 -6.16
N TYR J 204 -18.48 -53.58 -7.02
CA TYR J 204 -18.92 -53.25 -8.40
C TYR J 204 -18.83 -54.51 -9.26
N PRO J 205 -19.97 -55.04 -9.78
CA PRO J 205 -19.98 -56.30 -10.52
C PRO J 205 -19.22 -56.28 -11.86
N LEU J 206 -18.98 -55.10 -12.43
CA LEU J 206 -18.34 -54.95 -13.77
C LEU J 206 -16.83 -54.78 -13.59
N ASP J 207 -16.14 -55.91 -13.36
CA ASP J 207 -14.66 -56.01 -13.26
C ASP J 207 -14.15 -55.28 -12.00
N GLY J 208 -14.93 -55.29 -10.92
CA GLY J 208 -14.64 -54.54 -9.69
C GLY J 208 -14.28 -55.44 -8.53
N THR J 209 -13.95 -56.71 -8.80
CA THR J 209 -13.59 -57.75 -7.79
C THR J 209 -12.20 -57.45 -7.25
N PRO J 210 -12.05 -57.28 -5.92
CA PRO J 210 -10.73 -57.00 -5.33
C PRO J 210 -9.92 -58.30 -5.17
N GLU J 211 -8.64 -58.16 -4.82
CA GLU J 211 -7.75 -59.30 -4.46
C GLU J 211 -8.22 -59.92 -3.12
N LEU J 212 -8.55 -59.10 -2.12
CA LEU J 212 -9.02 -59.56 -0.79
C LEU J 212 -10.38 -58.95 -0.47
N GLU J 213 -11.22 -59.74 0.21
CA GLU J 213 -12.43 -59.28 0.91
C GLU J 213 -12.26 -59.54 2.40
N ALA J 214 -12.67 -58.61 3.25
CA ALA J 214 -12.68 -58.76 4.71
C ALA J 214 -13.75 -57.84 5.27
N LYS J 215 -14.27 -58.15 6.46
CA LYS J 215 -15.43 -57.45 7.04
C LYS J 215 -14.96 -56.20 7.79
N THR J 216 -13.70 -56.20 8.21
CA THR J 216 -13.08 -55.10 9.01
C THR J 216 -11.64 -54.85 8.54
N VAL J 217 -11.08 -53.73 8.95
CA VAL J 217 -9.66 -53.38 8.68
C VAL J 217 -8.77 -54.36 9.43
N LEU J 218 -9.15 -54.70 10.68
CA LEU J 218 -8.47 -55.69 11.53
C LEU J 218 -8.37 -57.03 10.81
N GLU J 219 -9.44 -57.48 10.15
CA GLU J 219 -9.45 -58.74 9.37
C GLU J 219 -8.49 -58.63 8.18
N VAL J 220 -8.38 -57.43 7.60
CA VAL J 220 -7.46 -57.19 6.46
C VAL J 220 -6.03 -57.35 6.98
N ALA J 221 -5.73 -56.72 8.11
CA ALA J 221 -4.42 -56.81 8.79
C ALA J 221 -4.05 -58.29 8.98
N ARG J 222 -4.97 -59.06 9.58
CA ARG J 222 -4.78 -60.49 9.90
C ARG J 222 -4.56 -61.32 8.64
N THR J 223 -5.28 -61.01 7.56
CA THR J 223 -5.21 -61.78 6.29
C THR J 223 -3.83 -61.53 5.65
N LEU J 224 -3.30 -60.33 5.80
CA LEU J 224 -2.02 -59.92 5.13
C LEU J 224 -0.85 -60.52 5.90
N LEU J 225 -0.92 -60.50 7.23
CA LEU J 225 0.16 -60.93 8.15
C LEU J 225 0.01 -62.43 8.49
N LYS J 226 0.02 -63.30 7.47
CA LYS J 226 -0.26 -64.76 7.54
C LYS J 226 -1.75 -65.01 7.37
N VAL K 5 19.26 -21.13 16.55
CA VAL K 5 18.22 -21.37 15.52
C VAL K 5 17.37 -22.56 15.93
N LYS K 6 16.06 -22.41 15.82
CA LYS K 6 15.14 -23.53 16.07
C LYS K 6 15.31 -24.52 14.93
N LYS K 7 15.32 -25.81 15.24
CA LYS K 7 15.47 -26.88 14.25
C LYS K 7 14.11 -27.13 13.63
N PRO K 8 13.99 -27.21 12.29
CA PRO K 8 12.70 -27.47 11.65
C PRO K 8 12.34 -28.96 11.64
N GLU K 9 11.05 -29.29 11.78
CA GLU K 9 10.53 -30.68 11.74
C GLU K 9 10.61 -31.24 10.32
N LEU K 10 10.49 -30.39 9.30
CA LEU K 10 10.48 -30.81 7.87
C LEU K 10 11.33 -29.86 7.02
N LEU K 11 12.12 -30.43 6.12
CA LEU K 11 12.88 -29.69 5.08
C LEU K 11 12.38 -30.10 3.70
N ILE K 12 11.93 -29.12 2.91
CA ILE K 12 11.56 -29.30 1.49
C ILE K 12 12.70 -28.75 0.63
N PHE K 13 13.24 -29.61 -0.24
CA PHE K 13 14.34 -29.33 -1.17
C PHE K 13 13.80 -29.14 -2.59
N ASP K 14 14.11 -28.00 -3.21
CA ASP K 14 14.13 -27.86 -4.69
C ASP K 14 15.19 -28.83 -5.21
N VAL K 15 14.99 -29.39 -6.40
CA VAL K 15 15.83 -30.49 -6.95
C VAL K 15 16.79 -29.91 -7.99
N ASN K 16 16.26 -29.19 -8.98
CA ASN K 16 16.96 -28.97 -10.27
C ASN K 16 18.25 -28.20 -10.07
N GLU K 17 18.34 -27.18 -9.27
CA GLU K 17 19.62 -26.43 -9.18
C GLU K 17 20.24 -26.70 -7.81
N THR K 18 19.34 -26.76 -6.83
CA THR K 18 19.60 -26.86 -5.38
C THR K 18 20.36 -28.15 -5.08
N LEU K 19 19.96 -29.27 -5.69
CA LEU K 19 20.58 -30.61 -5.44
C LEU K 19 21.35 -31.08 -6.69
N LEU K 20 20.76 -31.02 -7.87
CA LEU K 20 21.41 -31.55 -9.10
C LEU K 20 22.26 -30.45 -9.76
N ASP K 21 23.44 -30.84 -10.26
CA ASP K 21 24.38 -30.01 -11.05
C ASP K 21 23.88 -30.06 -12.49
N MET K 22 23.47 -28.91 -13.01
CA MET K 22 22.88 -28.78 -14.37
C MET K 22 23.98 -28.87 -15.44
N GLY K 23 25.24 -29.06 -15.03
CA GLY K 23 26.43 -29.00 -15.92
C GLY K 23 26.26 -29.78 -17.22
N PRO K 24 25.92 -31.08 -17.16
CA PRO K 24 25.73 -31.88 -18.38
C PRO K 24 24.74 -31.26 -19.38
N LEU K 25 23.63 -30.71 -18.89
CA LEU K 25 22.57 -30.07 -19.72
C LEU K 25 23.03 -28.66 -20.14
N GLU K 26 23.56 -27.87 -19.21
CA GLU K 26 24.05 -26.50 -19.49
C GLU K 26 25.07 -26.56 -20.61
N ASN K 27 26.02 -27.50 -20.56
CA ASN K 27 27.15 -27.59 -21.54
C ASN K 27 26.60 -28.09 -22.87
N ALA K 28 25.64 -29.00 -22.84
CA ALA K 28 25.00 -29.56 -24.06
C ALA K 28 24.36 -28.45 -24.90
N ILE K 29 23.61 -27.56 -24.26
CA ILE K 29 22.86 -26.45 -24.91
C ILE K 29 23.83 -25.35 -25.34
N ASN K 30 24.72 -24.90 -24.46
CA ASN K 30 25.68 -23.79 -24.71
C ASN K 30 26.59 -24.10 -25.90
N GLU K 31 27.09 -25.33 -26.00
CA GLU K 31 27.94 -25.80 -27.12
C GLU K 31 27.12 -25.87 -28.41
N SER K 32 25.90 -26.41 -28.34
CA SER K 32 25.00 -26.65 -29.49
C SER K 32 24.53 -25.33 -30.10
N LEU K 33 24.26 -24.31 -29.28
CA LEU K 33 23.79 -22.97 -29.71
C LEU K 33 24.94 -21.97 -29.72
N ASN K 34 26.13 -22.42 -29.34
CA ASN K 34 27.39 -21.65 -29.54
C ASN K 34 27.28 -20.34 -28.75
N SER K 35 26.81 -20.43 -27.50
CA SER K 35 26.79 -19.28 -26.55
C SER K 35 26.91 -19.80 -25.11
N GLU K 36 27.58 -19.01 -24.31
CA GLU K 36 27.70 -19.10 -22.84
C GLU K 36 26.34 -18.86 -22.17
N HIS K 37 25.46 -18.09 -22.81
CA HIS K 37 24.18 -17.61 -22.22
C HIS K 37 22.97 -18.40 -22.73
N ALA K 38 23.17 -19.39 -23.59
CA ALA K 38 22.04 -20.11 -24.23
C ALA K 38 21.22 -20.80 -23.14
N PHE K 39 21.88 -21.48 -22.20
CA PHE K 39 21.19 -22.26 -21.17
C PHE K 39 20.39 -21.34 -20.24
N SER K 40 20.98 -20.21 -19.85
CA SER K 40 20.31 -19.21 -19.00
C SER K 40 19.00 -18.77 -19.68
N LEU K 41 19.06 -18.39 -20.96
CA LEU K 41 17.90 -17.80 -21.66
C LEU K 41 16.85 -18.89 -21.89
N TRP K 42 17.29 -20.09 -22.27
CA TRP K 42 16.38 -21.23 -22.52
C TRP K 42 15.64 -21.60 -21.25
N PHE K 43 16.36 -21.73 -20.13
CA PHE K 43 15.78 -22.25 -18.87
C PHE K 43 14.82 -21.21 -18.30
N ARG K 44 15.19 -19.93 -18.35
CA ARG K 44 14.31 -18.83 -17.92
C ARG K 44 13.05 -18.83 -18.79
N THR K 45 13.19 -19.11 -20.08
CA THR K 45 12.03 -19.21 -21.02
C THR K 45 11.15 -20.40 -20.64
N LEU K 46 11.74 -21.53 -20.25
CA LEU K 46 11.01 -22.75 -19.82
C LEU K 46 10.22 -22.45 -18.55
N LEU K 47 10.79 -21.70 -17.62
CA LEU K 47 10.12 -21.34 -16.34
C LEU K 47 8.98 -20.36 -16.62
N HIS K 48 9.21 -19.40 -17.54
CA HIS K 48 8.22 -18.38 -17.95
C HIS K 48 6.98 -19.09 -18.50
N TYR K 49 7.17 -20.05 -19.40
CA TYR K 49 6.06 -20.69 -20.13
C TYR K 49 5.33 -21.66 -19.20
N SER K 50 6.05 -22.19 -18.21
CA SER K 50 5.49 -23.14 -17.22
C SER K 50 4.47 -22.39 -16.37
N LEU K 51 4.80 -21.17 -15.96
CA LEU K 51 3.89 -20.32 -15.16
C LEU K 51 2.76 -19.82 -16.08
N THR K 52 3.07 -19.63 -17.37
CA THR K 52 2.09 -19.23 -18.42
C THR K 52 1.02 -20.33 -18.52
N GLU K 53 1.47 -21.58 -18.60
CA GLU K 53 0.55 -22.73 -18.63
C GLU K 53 -0.37 -22.69 -17.39
N THR K 54 0.18 -22.50 -16.20
CA THR K 54 -0.58 -22.55 -14.92
C THR K 54 -1.63 -21.41 -14.91
N LEU K 55 -1.21 -20.19 -15.21
CA LEU K 55 -2.08 -18.98 -15.19
C LEU K 55 -3.16 -19.05 -16.28
N THR K 56 -3.01 -19.91 -17.29
CA THR K 56 -4.00 -20.06 -18.39
C THR K 56 -4.79 -21.36 -18.18
N GLY K 57 -4.66 -21.97 -17.01
CA GLY K 57 -5.48 -23.10 -16.55
C GLY K 57 -5.15 -24.40 -17.24
N ASN K 58 -3.89 -24.58 -17.64
CA ASN K 58 -3.41 -25.81 -18.31
C ASN K 58 -2.17 -26.32 -17.56
N TYR K 59 -1.92 -27.63 -17.68
CA TYR K 59 -0.68 -28.31 -17.24
C TYR K 59 -0.05 -29.05 -18.43
N VAL K 60 1.24 -28.85 -18.66
CA VAL K 60 2.06 -29.64 -19.61
C VAL K 60 3.29 -30.13 -18.85
N ASP K 61 3.70 -31.37 -19.06
CA ASP K 61 4.84 -31.94 -18.31
C ASP K 61 6.08 -31.10 -18.64
N PHE K 62 6.93 -30.89 -17.65
CA PHE K 62 8.17 -30.05 -17.72
C PHE K 62 9.00 -30.40 -18.96
N GLY K 63 9.17 -31.68 -19.27
CA GLY K 63 10.01 -32.13 -20.39
C GLY K 63 9.51 -31.59 -21.72
N THR K 64 8.19 -31.59 -21.92
CA THR K 64 7.57 -31.16 -23.20
C THR K 64 7.75 -29.65 -23.39
N ILE K 65 7.52 -28.84 -22.34
CA ILE K 65 7.73 -27.36 -22.37
C ILE K 65 9.22 -27.11 -22.62
N GLY K 66 10.09 -27.95 -22.05
CA GLY K 66 11.56 -27.86 -22.22
C GLY K 66 11.95 -27.98 -23.68
N LYS K 67 11.36 -28.94 -24.38
CA LYS K 67 11.62 -29.15 -25.83
C LYS K 67 11.04 -27.97 -26.63
N ALA K 68 9.78 -27.63 -26.38
CA ALA K 68 9.07 -26.53 -27.10
C ALA K 68 9.92 -25.26 -27.04
N THR K 69 10.34 -24.88 -25.83
CA THR K 69 11.07 -23.62 -25.58
C THR K 69 12.49 -23.70 -26.15
N LEU K 70 13.04 -24.92 -26.22
CA LEU K 70 14.41 -25.09 -26.80
C LEU K 70 14.35 -24.81 -28.30
N LYS K 71 13.30 -25.29 -28.98
CA LYS K 71 13.02 -24.96 -30.40
C LYS K 71 12.85 -23.44 -30.56
N MET K 72 12.20 -22.75 -29.63
CA MET K 72 12.06 -21.28 -29.69
C MET K 72 13.43 -20.62 -29.45
N THR K 73 14.22 -21.13 -28.51
CA THR K 73 15.49 -20.51 -28.11
C THR K 73 16.56 -20.75 -29.19
N MET K 74 16.61 -21.92 -29.81
CA MET K 74 17.64 -22.25 -30.83
C MET K 74 17.53 -21.27 -32.01
N ARG K 75 16.31 -20.87 -32.38
CA ARG K 75 16.02 -19.91 -33.48
C ARG K 75 16.75 -18.59 -33.21
N LYS K 76 16.72 -18.18 -31.96
CA LYS K 76 17.18 -16.88 -31.43
C LYS K 76 18.73 -16.80 -31.49
N PHE K 77 19.38 -17.97 -31.65
CA PHE K 77 20.85 -18.14 -31.74
C PHE K 77 21.26 -18.58 -33.15
N GLY K 78 20.30 -18.53 -34.10
CA GLY K 78 20.52 -18.75 -35.55
C GLY K 78 20.80 -20.19 -35.90
N LYS K 79 20.49 -21.13 -34.98
CA LYS K 79 20.67 -22.59 -35.17
C LYS K 79 19.31 -23.21 -35.49
N ASN K 80 19.34 -24.34 -36.21
CA ASN K 80 18.13 -25.16 -36.47
C ASN K 80 18.50 -26.62 -36.20
N LEU K 81 18.33 -27.08 -34.95
CA LEU K 81 18.75 -28.43 -34.51
C LEU K 81 17.69 -29.44 -34.96
N SER K 82 18.11 -30.65 -35.33
CA SER K 82 17.22 -31.78 -35.70
C SER K 82 16.53 -32.32 -34.44
N GLU K 83 15.45 -33.08 -34.62
CA GLU K 83 14.69 -33.75 -33.53
C GLU K 83 15.62 -34.69 -32.74
N ASP K 84 16.49 -35.40 -33.48
CA ASP K 84 17.44 -36.39 -32.94
C ASP K 84 18.36 -35.70 -31.92
N ARG K 85 18.82 -34.51 -32.28
CA ARG K 85 19.81 -33.75 -31.48
C ARG K 85 19.16 -33.02 -30.30
N LEU K 86 17.95 -32.49 -30.49
CA LEU K 86 17.19 -31.84 -29.39
C LEU K 86 17.01 -32.88 -28.29
N ASP K 87 16.59 -34.10 -28.65
CA ASP K 87 16.31 -35.22 -27.72
C ASP K 87 17.62 -35.63 -27.04
N ALA K 88 18.72 -35.62 -27.79
CA ALA K 88 20.09 -35.95 -27.31
C ALA K 88 20.47 -34.97 -26.20
N ILE K 89 20.35 -33.68 -26.49
CA ILE K 89 20.64 -32.55 -25.56
C ILE K 89 19.71 -32.65 -24.35
N LEU K 90 18.40 -32.80 -24.55
CA LEU K 90 17.42 -32.78 -23.44
C LEU K 90 17.48 -34.07 -22.62
N GLY K 91 18.01 -35.16 -23.19
CA GLY K 91 18.22 -36.44 -22.48
C GLY K 91 19.07 -36.26 -21.24
N ASN K 92 19.97 -35.26 -21.26
CA ASN K 92 20.92 -34.91 -20.16
C ASN K 92 20.19 -34.51 -18.87
N ILE K 93 18.89 -34.24 -18.90
CA ILE K 93 18.13 -33.85 -17.67
C ILE K 93 17.96 -35.10 -16.79
N LYS K 94 18.04 -36.30 -17.38
CA LYS K 94 17.90 -37.59 -16.65
C LYS K 94 19.25 -38.04 -16.07
N LYS K 95 20.35 -37.46 -16.51
CA LYS K 95 21.69 -37.86 -16.01
C LYS K 95 22.42 -36.65 -15.47
N LEU K 96 21.79 -35.98 -14.50
CA LEU K 96 22.40 -34.88 -13.73
C LEU K 96 22.96 -35.47 -12.44
N PRO K 97 24.28 -35.33 -12.22
CA PRO K 97 24.90 -35.78 -10.97
C PRO K 97 24.60 -34.77 -9.86
N ALA K 98 24.47 -35.22 -8.61
CA ALA K 98 24.30 -34.34 -7.44
C ALA K 98 25.53 -33.45 -7.30
N HIS K 99 25.36 -32.24 -6.78
CA HIS K 99 26.47 -31.37 -6.33
C HIS K 99 27.24 -32.12 -5.25
N GLU K 100 28.51 -31.78 -5.15
CA GLU K 100 29.53 -32.49 -4.34
C GLU K 100 29.17 -32.46 -2.85
N ASP K 101 28.49 -31.42 -2.38
CA ASP K 101 28.18 -31.15 -0.95
C ASP K 101 26.86 -31.81 -0.50
N VAL K 102 26.06 -32.36 -1.43
CA VAL K 102 24.62 -32.67 -1.21
C VAL K 102 24.49 -33.90 -0.31
N LYS K 103 25.11 -35.01 -0.70
CA LYS K 103 25.02 -36.31 0.03
C LYS K 103 25.43 -36.11 1.50
N GLU K 104 26.53 -35.38 1.75
CA GLU K 104 27.01 -35.13 3.13
C GLU K 104 25.96 -34.35 3.91
N GLY K 105 25.52 -33.21 3.36
CA GLY K 105 24.51 -32.31 3.97
C GLY K 105 23.20 -33.02 4.27
N LEU K 106 22.72 -33.85 3.33
CA LEU K 106 21.48 -34.66 3.50
C LEU K 106 21.71 -35.64 4.65
N LYS K 107 22.85 -36.34 4.65
CA LYS K 107 23.25 -37.33 5.68
C LYS K 107 23.13 -36.69 7.09
N MET K 108 23.74 -35.53 7.29
CA MET K 108 23.71 -34.83 8.60
C MET K 108 22.26 -34.63 9.05
N LEU K 109 21.41 -34.13 8.14
CA LEU K 109 20.03 -33.68 8.45
C LEU K 109 19.15 -34.91 8.75
N LYS K 110 19.37 -36.00 8.01
CA LYS K 110 18.65 -37.28 8.24
C LYS K 110 19.06 -37.82 9.63
N GLU K 111 20.34 -37.74 9.95
CA GLU K 111 20.93 -38.19 11.23
C GLU K 111 20.33 -37.40 12.38
N ALA K 112 20.02 -36.12 12.13
CA ALA K 112 19.43 -35.19 13.13
C ALA K 112 17.93 -35.45 13.30
N GLN K 113 17.38 -36.46 12.60
CA GLN K 113 15.97 -36.91 12.68
C GLN K 113 15.04 -35.80 12.19
N ILE K 114 15.46 -35.15 11.10
CA ILE K 114 14.63 -34.16 10.35
C ILE K 114 14.08 -34.86 9.10
N LYS K 115 12.77 -34.74 8.88
CA LYS K 115 12.07 -35.26 7.68
C LYS K 115 12.59 -34.49 6.46
N LEU K 116 13.04 -35.21 5.43
CA LEU K 116 13.53 -34.61 4.17
C LEU K 116 12.59 -35.03 3.04
N VAL K 117 11.95 -34.06 2.39
CA VAL K 117 11.16 -34.29 1.16
C VAL K 117 11.72 -33.40 0.04
N ALA K 118 11.57 -33.85 -1.21
CA ALA K 118 11.85 -33.07 -2.45
C ALA K 118 10.54 -32.46 -2.98
N LEU K 119 10.62 -31.31 -3.63
CA LEU K 119 9.50 -30.73 -4.42
C LEU K 119 10.08 -30.17 -5.72
N SER K 120 9.79 -30.80 -6.86
CA SER K 120 10.35 -30.41 -8.19
C SER K 120 9.21 -30.11 -9.16
N ASN K 121 9.48 -29.27 -10.15
CA ASN K 121 8.54 -28.97 -11.27
C ASN K 121 8.56 -30.16 -12.23
N SER K 122 9.59 -31.02 -12.18
CA SER K 122 9.67 -32.24 -13.01
C SER K 122 8.48 -33.15 -12.67
N ASN K 123 7.98 -33.92 -13.65
CA ASN K 123 6.85 -34.86 -13.43
C ASN K 123 7.37 -36.03 -12.58
N GLY K 124 6.46 -36.76 -11.93
CA GLY K 124 6.78 -37.86 -11.00
C GLY K 124 7.82 -38.81 -11.57
N LYS K 125 7.70 -39.17 -12.84
CA LYS K 125 8.52 -40.25 -13.45
C LYS K 125 9.92 -39.71 -13.73
N LEU K 126 10.03 -38.52 -14.30
CA LEU K 126 11.33 -37.82 -14.54
C LEU K 126 12.04 -37.63 -13.20
N LEU K 127 11.37 -37.02 -12.22
CA LEU K 127 11.93 -36.74 -10.87
C LEU K 127 12.53 -38.03 -10.28
N ASN K 128 11.84 -39.16 -10.42
CA ASN K 128 12.28 -40.46 -9.85
C ASN K 128 13.56 -40.91 -10.56
N ALA K 129 13.62 -40.75 -11.89
CA ALA K 129 14.80 -41.07 -12.73
C ALA K 129 15.97 -40.17 -12.35
N GLN K 130 15.71 -38.90 -12.06
CA GLN K 130 16.77 -37.89 -11.76
C GLN K 130 17.46 -38.28 -10.45
N LEU K 131 16.67 -38.49 -9.39
CA LEU K 131 17.13 -38.76 -8.01
C LEU K 131 17.75 -40.16 -7.89
N GLN K 132 17.39 -41.09 -8.77
CA GLN K 132 17.98 -42.45 -8.79
C GLN K 132 19.38 -42.37 -9.43
N PHE K 133 19.50 -41.63 -10.52
CA PHE K 133 20.80 -41.42 -11.22
C PHE K 133 21.81 -40.73 -10.30
N ALA K 134 21.36 -39.72 -9.54
CA ALA K 134 22.22 -38.92 -8.63
C ALA K 134 22.43 -39.65 -7.30
N GLY K 135 21.71 -40.76 -7.06
CA GLY K 135 21.75 -41.55 -5.82
C GLY K 135 21.27 -40.75 -4.64
N LEU K 136 20.19 -39.97 -4.80
CA LEU K 136 19.63 -39.11 -3.73
C LEU K 136 18.28 -39.64 -3.24
N ALA K 137 17.63 -40.55 -3.96
CA ALA K 137 16.23 -40.99 -3.70
C ALA K 137 16.07 -41.41 -2.25
N ASP K 138 16.99 -42.25 -1.75
CA ASP K 138 16.88 -42.93 -0.43
C ASP K 138 17.00 -41.94 0.74
N TYR K 139 17.43 -40.70 0.50
CA TYR K 139 17.55 -39.66 1.56
C TYR K 139 16.20 -39.03 1.90
N PHE K 140 15.20 -39.14 1.01
CA PHE K 140 13.91 -38.42 1.17
C PHE K 140 12.80 -39.40 1.56
N ASP K 141 12.01 -39.03 2.58
CA ASP K 141 10.81 -39.77 3.08
C ASP K 141 9.73 -39.81 2.00
N ALA K 142 9.61 -38.73 1.22
CA ALA K 142 8.68 -38.59 0.07
C ALA K 142 9.26 -37.61 -0.94
N ILE K 143 8.97 -37.82 -2.23
CA ILE K 143 9.35 -36.89 -3.34
C ILE K 143 8.10 -36.40 -4.07
N PHE K 144 7.85 -35.09 -4.00
CA PHE K 144 6.66 -34.40 -4.53
C PHE K 144 6.99 -33.83 -5.92
N SER K 145 6.17 -34.21 -6.90
CA SER K 145 6.11 -33.63 -8.26
C SER K 145 4.92 -32.67 -8.35
N VAL K 146 4.98 -31.69 -9.24
CA VAL K 146 3.87 -30.74 -9.49
C VAL K 146 2.68 -31.51 -10.07
N GLU K 147 2.90 -32.65 -10.74
CA GLU K 147 1.81 -33.62 -11.06
C GLU K 147 1.02 -33.99 -9.79
N ALA K 148 1.73 -34.27 -8.68
CA ALA K 148 1.17 -34.57 -7.33
C ALA K 148 0.73 -33.28 -6.60
N VAL K 149 0.48 -32.18 -7.33
CA VAL K 149 -0.07 -30.88 -6.81
C VAL K 149 -1.03 -30.25 -7.84
N GLY K 150 -0.85 -30.52 -9.15
CA GLY K 150 -1.64 -29.94 -10.26
C GLY K 150 -0.93 -28.75 -10.88
N ARG K 151 -0.31 -27.90 -10.05
CA ARG K 151 0.21 -26.54 -10.41
C ARG K 151 1.70 -26.41 -10.12
N TYR K 152 2.41 -25.66 -10.97
CA TYR K 152 3.87 -25.38 -10.90
C TYR K 152 4.21 -24.45 -9.73
N LYS K 153 5.37 -24.67 -9.13
CA LYS K 153 6.03 -23.70 -8.22
C LYS K 153 6.36 -22.43 -9.02
N PRO K 154 6.31 -21.24 -8.39
CA PRO K 154 6.08 -21.08 -6.95
C PRO K 154 4.65 -20.81 -6.50
N GLU K 155 3.65 -21.48 -7.08
CA GLU K 155 2.26 -21.29 -6.61
C GLU K 155 2.12 -21.79 -5.16
N LEU K 156 1.60 -20.95 -4.28
CA LEU K 156 1.49 -21.19 -2.82
C LEU K 156 0.92 -22.60 -2.55
N ALA K 157 -0.06 -23.05 -3.34
CA ALA K 157 -0.75 -24.33 -3.15
C ALA K 157 0.24 -25.50 -3.22
N SER K 158 1.37 -25.34 -3.93
CA SER K 158 2.39 -26.40 -4.13
C SER K 158 3.10 -26.71 -2.81
N TYR K 159 3.50 -25.69 -2.06
CA TYR K 159 4.14 -25.83 -0.73
C TYR K 159 3.11 -26.36 0.27
N ARG K 160 1.92 -25.77 0.28
CA ARG K 160 0.86 -26.11 1.27
C ARG K 160 0.44 -27.57 1.11
N ALA K 161 0.49 -28.11 -0.11
CA ALA K 161 0.16 -29.53 -0.37
C ALA K 161 1.18 -30.44 0.33
N VAL K 162 2.46 -30.02 0.41
CA VAL K 162 3.55 -30.80 1.06
C VAL K 162 3.33 -30.73 2.58
N LEU K 163 3.06 -29.53 3.10
CA LEU K 163 2.79 -29.33 4.54
C LEU K 163 1.73 -30.33 4.97
N GLU K 164 0.55 -30.28 4.35
CA GLU K 164 -0.66 -30.99 4.84
C GLU K 164 -0.46 -32.50 4.70
N THR K 165 0.25 -32.94 3.67
CA THR K 165 0.54 -34.39 3.41
C THR K 165 1.49 -34.95 4.48
N MET K 166 2.56 -34.21 4.82
CA MET K 166 3.58 -34.64 5.82
C MET K 166 3.12 -34.33 7.26
N LYS K 167 1.99 -33.63 7.42
CA LYS K 167 1.33 -33.29 8.70
C LYS K 167 2.22 -32.38 9.56
N VAL K 168 3.00 -31.49 8.93
CA VAL K 168 3.88 -30.50 9.61
C VAL K 168 3.32 -29.11 9.33
N PRO K 169 3.16 -28.25 10.37
CA PRO K 169 2.76 -26.86 10.14
C PRO K 169 3.79 -26.10 9.29
N ALA K 170 3.35 -24.99 8.70
CA ALA K 170 4.18 -24.08 7.89
C ALA K 170 5.40 -23.60 8.69
N GLU K 171 5.21 -23.15 9.93
CA GLU K 171 6.22 -22.43 10.74
C GLU K 171 7.32 -23.39 11.24
N ASN K 172 7.09 -24.71 11.13
CA ASN K 172 8.10 -25.75 11.48
C ASN K 172 8.71 -26.36 10.21
N THR K 173 8.41 -25.81 9.03
CA THR K 173 8.93 -26.31 7.73
C THR K 173 9.90 -25.29 7.15
N MET K 174 11.05 -25.75 6.65
CA MET K 174 12.03 -24.88 5.97
C MET K 174 12.18 -25.34 4.52
N MET K 175 11.99 -24.42 3.57
CA MET K 175 12.18 -24.68 2.13
C MET K 175 13.64 -24.35 1.81
N VAL K 176 14.33 -25.26 1.11
CA VAL K 176 15.76 -25.11 0.71
C VAL K 176 15.80 -25.03 -0.82
N ALA K 177 16.23 -23.88 -1.35
CA ALA K 177 16.21 -23.60 -2.80
C ALA K 177 17.38 -22.70 -3.20
N ALA K 178 17.90 -22.93 -4.42
CA ALA K 178 18.89 -22.06 -5.10
C ALA K 178 18.22 -21.05 -6.05
N ASN K 179 16.89 -20.86 -5.94
CA ASN K 179 16.06 -20.02 -6.84
C ASN K 179 15.33 -18.94 -6.02
N GLY K 180 15.57 -17.67 -6.35
CA GLY K 180 14.93 -16.54 -5.64
C GLY K 180 13.42 -16.67 -5.61
N TRP K 181 12.83 -17.18 -6.68
CA TRP K 181 11.36 -17.26 -6.87
C TRP K 181 10.79 -18.39 -6.00
N ASP K 182 11.56 -19.46 -5.86
CA ASP K 182 11.23 -20.61 -4.99
C ASP K 182 11.29 -20.16 -3.52
N ILE K 183 12.27 -19.31 -3.18
CA ILE K 183 12.34 -18.70 -1.83
C ILE K 183 11.09 -17.87 -1.62
N LEU K 184 10.74 -17.03 -2.61
CA LEU K 184 9.67 -16.01 -2.49
C LEU K 184 8.33 -16.73 -2.27
N GLY K 185 8.08 -17.78 -3.05
CA GLY K 185 6.86 -18.60 -2.95
C GLY K 185 6.75 -19.30 -1.60
N ALA K 186 7.80 -19.97 -1.15
CA ALA K 186 7.79 -20.66 0.15
C ALA K 186 7.56 -19.63 1.25
N LYS K 187 8.26 -18.50 1.17
CA LYS K 187 8.20 -17.44 2.20
C LYS K 187 6.75 -16.97 2.37
N ARG K 188 6.02 -16.82 1.26
CA ARG K 188 4.62 -16.28 1.19
C ARG K 188 3.59 -17.38 1.48
N ALA K 189 4.00 -18.66 1.44
CA ALA K 189 3.17 -19.81 1.86
C ALA K 189 3.39 -20.10 3.36
N GLY K 190 4.24 -19.30 4.02
CA GLY K 190 4.37 -19.26 5.49
C GLY K 190 5.53 -20.09 6.01
N LEU K 191 6.32 -20.69 5.11
CA LEU K 191 7.48 -21.56 5.46
C LEU K 191 8.69 -20.70 5.83
N ARG K 192 9.64 -21.31 6.52
CA ARG K 192 11.02 -20.78 6.72
C ARG K 192 11.82 -21.10 5.47
N THR K 193 12.87 -20.33 5.19
CA THR K 193 13.60 -20.35 3.91
C THR K 193 15.11 -20.38 4.17
N ALA K 194 15.80 -21.28 3.46
CA ALA K 194 17.27 -21.34 3.31
C ALA K 194 17.62 -21.23 1.82
N PHE K 195 18.41 -20.22 1.47
CA PHE K 195 18.87 -19.96 0.08
C PHE K 195 20.27 -20.56 -0.09
N VAL K 196 20.40 -21.54 -0.98
CA VAL K 196 21.71 -22.12 -1.42
C VAL K 196 22.23 -21.23 -2.55
N ALA K 197 23.23 -20.39 -2.25
CA ALA K 197 23.92 -19.47 -3.18
C ALA K 197 24.84 -20.26 -4.11
N ARG K 198 24.27 -21.12 -4.97
CA ARG K 198 24.96 -21.73 -6.12
C ARG K 198 25.33 -20.64 -7.14
N GLU K 199 26.37 -20.89 -7.94
CA GLU K 199 26.90 -19.96 -8.97
C GLU K 199 25.77 -19.56 -9.93
N GLY K 200 25.66 -18.26 -10.23
CA GLY K 200 24.79 -17.70 -11.29
C GLY K 200 23.34 -17.57 -10.85
N HIS K 201 23.07 -17.60 -9.53
CA HIS K 201 21.72 -17.49 -8.92
C HIS K 201 21.72 -16.37 -7.86
N ALA K 202 20.70 -15.53 -7.89
CA ALA K 202 20.58 -14.34 -7.05
C ALA K 202 19.27 -14.42 -6.25
N ILE K 203 19.25 -13.75 -5.10
CA ILE K 203 18.03 -13.50 -4.30
C ILE K 203 17.22 -12.40 -4.99
N TYR K 204 15.90 -12.56 -5.01
CA TYR K 204 14.95 -11.58 -5.56
C TYR K 204 14.91 -10.38 -4.63
N PRO K 205 15.37 -9.18 -5.06
CA PRO K 205 15.48 -8.02 -4.18
C PRO K 205 14.15 -7.48 -3.61
N LEU K 206 13.00 -7.90 -4.14
CA LEU K 206 11.68 -7.35 -3.74
C LEU K 206 11.03 -8.27 -2.70
N ASP K 207 11.49 -8.18 -1.45
CA ASP K 207 10.91 -8.92 -0.29
C ASP K 207 11.15 -10.42 -0.47
N GLY K 208 12.31 -10.81 -1.01
CA GLY K 208 12.65 -12.21 -1.31
C GLY K 208 13.77 -12.73 -0.43
N THR K 209 14.15 -11.96 0.60
CA THR K 209 15.25 -12.26 1.54
C THR K 209 14.89 -13.52 2.31
N PRO K 210 15.78 -14.56 2.32
CA PRO K 210 15.51 -15.79 3.07
C PRO K 210 15.87 -15.67 4.55
N GLU K 211 15.43 -16.62 5.37
CA GLU K 211 15.84 -16.73 6.80
C GLU K 211 17.35 -17.03 6.87
N LEU K 212 17.83 -18.01 6.08
CA LEU K 212 19.26 -18.41 6.02
C LEU K 212 19.77 -18.28 4.60
N GLU K 213 21.07 -18.02 4.48
CA GLU K 213 21.83 -18.01 3.21
C GLU K 213 23.07 -18.86 3.45
N ALA K 214 23.40 -19.79 2.57
CA ALA K 214 24.64 -20.57 2.62
C ALA K 214 25.07 -20.93 1.20
N LYS K 215 26.33 -21.30 1.02
CA LYS K 215 26.95 -21.53 -0.31
C LYS K 215 26.55 -22.90 -0.85
N THR K 216 26.25 -23.83 0.06
CA THR K 216 26.05 -25.27 -0.25
C THR K 216 24.97 -25.85 0.67
N VAL K 217 24.49 -27.02 0.31
CA VAL K 217 23.46 -27.74 1.13
C VAL K 217 24.15 -28.17 2.43
N LEU K 218 25.39 -28.65 2.33
CA LEU K 218 26.25 -29.02 3.49
C LEU K 218 26.30 -27.87 4.50
N GLU K 219 26.52 -26.64 4.01
CA GLU K 219 26.63 -25.42 4.86
C GLU K 219 25.29 -25.14 5.50
N VAL K 220 24.20 -25.42 4.79
CA VAL K 220 22.81 -25.22 5.32
C VAL K 220 22.64 -26.18 6.48
N ALA K 221 22.97 -27.46 6.28
CA ALA K 221 22.93 -28.50 7.32
C ALA K 221 23.70 -28.01 8.55
N ARG K 222 24.95 -27.54 8.34
CA ARG K 222 25.86 -27.11 9.44
C ARG K 222 25.24 -25.96 10.23
N THR K 223 24.69 -24.96 9.53
CA THR K 223 24.10 -23.76 10.16
C THR K 223 22.89 -24.13 11.01
N LEU K 224 22.08 -25.11 10.56
CA LEU K 224 20.82 -25.53 11.24
C LEU K 224 21.14 -26.32 12.50
N LEU K 225 22.23 -27.09 12.46
CA LEU K 225 22.59 -28.04 13.53
C LEU K 225 23.63 -27.37 14.42
N LYS K 226 23.47 -26.04 14.55
CA LYS K 226 24.30 -25.18 15.40
C LYS K 226 25.76 -25.35 15.05
N VAL L 5 -13.09 -13.69 -44.16
CA VAL L 5 -12.86 -13.55 -42.70
C VAL L 5 -13.91 -12.62 -42.09
N LYS L 6 -14.50 -13.06 -40.98
CA LYS L 6 -15.48 -12.30 -40.19
C LYS L 6 -14.73 -11.17 -39.46
N LYS L 7 -15.24 -9.95 -39.54
CA LYS L 7 -14.56 -8.77 -38.97
C LYS L 7 -14.80 -8.74 -37.46
N PRO L 8 -13.76 -8.54 -36.62
CA PRO L 8 -13.99 -8.43 -35.18
C PRO L 8 -14.57 -7.05 -34.81
N GLU L 9 -15.50 -7.00 -33.85
CA GLU L 9 -16.04 -5.74 -33.25
C GLU L 9 -14.95 -5.04 -32.43
N LEU L 10 -14.04 -5.80 -31.80
CA LEU L 10 -13.02 -5.24 -30.87
C LEU L 10 -11.66 -5.85 -31.18
N LEU L 11 -10.61 -5.03 -31.16
CA LEU L 11 -9.20 -5.46 -31.25
C LEU L 11 -8.45 -4.99 -30.01
N ILE L 12 -7.87 -5.93 -29.26
CA ILE L 12 -6.96 -5.66 -28.10
C ILE L 12 -5.51 -5.83 -28.57
N PHE L 13 -4.70 -4.80 -28.36
CA PHE L 13 -3.28 -4.72 -28.81
C PHE L 13 -2.35 -4.82 -27.60
N ASP L 14 -1.48 -5.83 -27.56
CA ASP L 14 -0.25 -5.81 -26.72
C ASP L 14 0.55 -4.60 -27.20
N VAL L 15 1.25 -3.96 -26.30
CA VAL L 15 1.87 -2.63 -26.53
C VAL L 15 3.37 -2.81 -26.73
N ASN L 16 4.02 -3.53 -25.80
CA ASN L 16 5.49 -3.44 -25.58
C ASN L 16 6.28 -4.00 -26.75
N GLU L 17 5.79 -4.91 -27.56
CA GLU L 17 6.61 -5.38 -28.70
C GLU L 17 5.79 -5.23 -29.98
N THR L 18 4.51 -5.50 -29.81
CA THR L 18 3.47 -5.50 -30.86
C THR L 18 3.38 -4.11 -31.47
N LEU L 19 3.46 -3.04 -30.68
CA LEU L 19 3.31 -1.65 -31.17
C LEU L 19 4.62 -0.85 -31.04
N LEU L 20 5.28 -0.90 -29.87
CA LEU L 20 6.46 -0.06 -29.56
C LEU L 20 7.74 -0.80 -29.94
N ASP L 21 8.71 -0.09 -30.51
CA ASP L 21 10.05 -0.64 -30.89
C ASP L 21 10.94 -0.61 -29.64
N MET L 22 11.33 -1.80 -29.16
CA MET L 22 12.12 -1.97 -27.91
C MET L 22 13.58 -1.53 -28.09
N GLY L 23 13.97 -1.21 -29.34
CA GLY L 23 15.32 -0.84 -29.77
C GLY L 23 16.06 0.03 -28.77
N PRO L 24 15.59 1.25 -28.46
CA PRO L 24 16.26 2.10 -27.48
C PRO L 24 16.59 1.37 -26.16
N LEU L 25 15.65 0.61 -25.62
CA LEU L 25 15.84 -0.11 -24.34
C LEU L 25 16.79 -1.29 -24.56
N GLU L 26 16.63 -1.98 -25.69
CA GLU L 26 17.37 -3.21 -26.03
C GLU L 26 18.85 -2.85 -26.15
N ASN L 27 19.14 -1.71 -26.80
CA ASN L 27 20.52 -1.26 -27.07
C ASN L 27 21.17 -0.84 -25.74
N ALA L 28 20.48 -0.01 -24.97
CA ALA L 28 20.92 0.49 -23.64
C ALA L 28 21.39 -0.68 -22.76
N ILE L 29 20.58 -1.75 -22.66
CA ILE L 29 20.89 -2.95 -21.82
C ILE L 29 22.04 -3.77 -22.38
N ASN L 30 21.99 -4.06 -23.69
CA ASN L 30 22.95 -4.95 -24.43
C ASN L 30 24.34 -4.33 -24.39
N GLU L 31 24.39 -3.01 -24.46
CA GLU L 31 25.64 -2.21 -24.49
C GLU L 31 26.20 -2.14 -23.06
N SER L 32 25.35 -1.91 -22.07
CA SER L 32 25.74 -1.78 -20.63
C SER L 32 26.26 -3.12 -20.09
N LEU L 33 25.69 -4.23 -20.55
CA LEU L 33 26.06 -5.59 -20.08
C LEU L 33 26.96 -6.27 -21.12
N ASN L 34 27.24 -5.60 -22.23
CA ASN L 34 28.28 -6.01 -23.20
C ASN L 34 27.93 -7.41 -23.78
N SER L 35 26.71 -7.59 -24.25
CA SER L 35 26.21 -8.86 -24.85
C SER L 35 24.94 -8.57 -25.64
N GLU L 36 24.78 -9.18 -26.81
CA GLU L 36 23.56 -9.01 -27.63
C GLU L 36 22.40 -9.81 -27.02
N HIS L 37 22.67 -10.71 -26.08
CA HIS L 37 21.64 -11.59 -25.46
C HIS L 37 21.16 -11.06 -24.12
N ALA L 38 21.73 -9.95 -23.63
CA ALA L 38 21.44 -9.41 -22.27
C ALA L 38 19.96 -8.99 -22.17
N PHE L 39 19.41 -8.31 -23.17
CA PHE L 39 18.02 -7.78 -23.13
C PHE L 39 17.02 -8.95 -23.09
N SER L 40 17.23 -9.94 -23.97
CA SER L 40 16.35 -11.14 -24.04
C SER L 40 16.30 -11.81 -22.68
N LEU L 41 17.47 -11.97 -22.04
CA LEU L 41 17.57 -12.71 -20.75
C LEU L 41 16.92 -11.88 -19.64
N TRP L 42 17.16 -10.57 -19.65
CA TRP L 42 16.58 -9.68 -18.62
C TRP L 42 15.06 -9.61 -18.79
N PHE L 43 14.58 -9.46 -20.03
CA PHE L 43 13.14 -9.22 -20.28
C PHE L 43 12.37 -10.51 -19.93
N ARG L 44 12.94 -11.65 -20.28
CA ARG L 44 12.35 -12.97 -19.96
C ARG L 44 12.35 -13.19 -18.44
N THR L 45 13.32 -12.61 -17.74
CA THR L 45 13.42 -12.71 -16.25
C THR L 45 12.38 -11.79 -15.63
N LEU L 46 12.23 -10.59 -16.17
CA LEU L 46 11.14 -9.65 -15.80
C LEU L 46 9.80 -10.38 -15.89
N LEU L 47 9.51 -11.00 -17.04
CA LEU L 47 8.19 -11.64 -17.30
C LEU L 47 8.00 -12.79 -16.33
N HIS L 48 9.04 -13.62 -16.15
CA HIS L 48 9.01 -14.80 -15.24
C HIS L 48 8.67 -14.35 -13.81
N TYR L 49 9.31 -13.29 -13.31
CA TYR L 49 9.09 -12.76 -11.94
C TYR L 49 7.73 -12.05 -11.83
N SER L 50 7.22 -11.47 -12.92
CA SER L 50 5.88 -10.82 -12.95
C SER L 50 4.82 -11.89 -12.72
N LEU L 51 4.95 -13.06 -13.36
CA LEU L 51 4.02 -14.22 -13.15
C LEU L 51 4.27 -14.83 -11.78
N THR L 52 5.51 -14.79 -11.28
CA THR L 52 5.86 -15.25 -9.92
C THR L 52 5.06 -14.44 -8.90
N GLU L 53 5.14 -13.11 -8.99
CA GLU L 53 4.41 -12.16 -8.11
C GLU L 53 2.92 -12.53 -8.09
N THR L 54 2.32 -12.83 -9.25
CA THR L 54 0.86 -13.07 -9.36
C THR L 54 0.51 -14.37 -8.64
N LEU L 55 1.27 -15.43 -8.91
CA LEU L 55 1.06 -16.81 -8.38
C LEU L 55 1.36 -16.88 -6.88
N THR L 56 1.94 -15.83 -6.29
CA THR L 56 2.20 -15.75 -4.83
C THR L 56 1.26 -14.72 -4.19
N GLY L 57 0.23 -14.30 -4.93
CA GLY L 57 -0.86 -13.45 -4.42
C GLY L 57 -0.40 -12.04 -4.12
N ASN L 58 0.49 -11.50 -4.96
CA ASN L 58 1.02 -10.13 -4.78
C ASN L 58 0.98 -9.42 -6.15
N TYR L 59 0.97 -8.08 -6.12
CA TYR L 59 1.18 -7.22 -7.31
C TYR L 59 2.33 -6.26 -7.01
N VAL L 60 3.28 -6.18 -7.93
CA VAL L 60 4.32 -5.11 -7.92
C VAL L 60 4.32 -4.43 -9.29
N ASP L 61 4.32 -3.11 -9.29
CA ASP L 61 4.58 -2.24 -10.47
C ASP L 61 5.61 -2.89 -11.40
N PHE L 62 5.32 -2.96 -12.70
CA PHE L 62 6.15 -3.62 -13.75
C PHE L 62 7.54 -2.98 -13.79
N GLY L 63 7.62 -1.66 -13.69
CA GLY L 63 8.90 -0.93 -13.75
C GLY L 63 9.81 -1.31 -12.60
N THR L 64 9.23 -1.58 -11.42
CA THR L 64 9.95 -1.96 -10.17
C THR L 64 10.55 -3.37 -10.31
N ILE L 65 9.78 -4.34 -10.80
CA ILE L 65 10.27 -5.71 -11.11
C ILE L 65 11.36 -5.59 -12.18
N GLY L 66 11.20 -4.65 -13.12
CA GLY L 66 12.18 -4.43 -14.20
C GLY L 66 13.53 -4.06 -13.62
N LYS L 67 13.55 -3.19 -12.63
CA LYS L 67 14.81 -2.73 -12.00
C LYS L 67 15.41 -3.87 -11.15
N ALA L 68 14.57 -4.56 -10.39
CA ALA L 68 15.02 -5.69 -9.54
C ALA L 68 15.71 -6.73 -10.44
N THR L 69 15.03 -7.17 -11.51
CA THR L 69 15.52 -8.23 -12.40
C THR L 69 16.73 -7.76 -13.20
N LEU L 70 16.89 -6.45 -13.42
CA LEU L 70 18.09 -5.92 -14.12
C LEU L 70 19.30 -6.08 -13.20
N LYS L 71 19.12 -5.77 -11.92
CA LYS L 71 20.15 -5.92 -10.89
C LYS L 71 20.57 -7.39 -10.84
N MET L 72 19.62 -8.31 -10.96
CA MET L 72 19.86 -9.78 -10.96
C MET L 72 20.59 -10.17 -12.25
N THR L 73 20.18 -9.62 -13.39
CA THR L 73 20.69 -9.98 -14.74
C THR L 73 22.12 -9.43 -14.89
N MET L 74 22.40 -8.21 -14.39
CA MET L 74 23.72 -7.56 -14.61
C MET L 74 24.84 -8.41 -13.98
N ARG L 75 24.53 -9.17 -12.94
CA ARG L 75 25.49 -10.03 -12.22
C ARG L 75 25.93 -11.21 -13.09
N LYS L 76 25.01 -11.80 -13.84
CA LYS L 76 25.30 -12.90 -14.77
C LYS L 76 26.26 -12.49 -15.90
N PHE L 77 26.42 -11.18 -16.14
CA PHE L 77 27.27 -10.60 -17.22
C PHE L 77 28.47 -9.90 -16.58
N GLY L 78 28.73 -10.18 -15.29
CA GLY L 78 29.90 -9.68 -14.54
C GLY L 78 29.95 -8.17 -14.43
N LYS L 79 28.81 -7.48 -14.57
CA LYS L 79 28.72 -5.99 -14.43
C LYS L 79 28.12 -5.64 -13.08
N ASN L 80 28.44 -4.45 -12.58
CA ASN L 80 27.87 -3.89 -11.33
C ASN L 80 27.53 -2.42 -11.57
N LEU L 81 26.37 -2.17 -12.17
CA LEU L 81 25.90 -0.82 -12.57
C LEU L 81 25.41 -0.07 -11.34
N SER L 82 25.72 1.22 -11.27
CA SER L 82 25.23 2.17 -10.24
C SER L 82 23.74 2.42 -10.45
N GLU L 83 23.07 2.95 -9.43
CA GLU L 83 21.63 3.30 -9.45
C GLU L 83 21.35 4.34 -10.54
N ASP L 84 22.25 5.31 -10.71
CA ASP L 84 22.10 6.37 -11.74
C ASP L 84 22.03 5.71 -13.11
N ARG L 85 22.90 4.73 -13.35
CA ARG L 85 23.06 4.03 -14.65
C ARG L 85 21.85 3.12 -14.94
N LEU L 86 21.37 2.39 -13.92
CA LEU L 86 20.15 1.53 -13.98
C LEU L 86 18.91 2.37 -14.36
N ASP L 87 18.70 3.51 -13.72
CA ASP L 87 17.57 4.43 -14.00
C ASP L 87 17.67 4.97 -15.43
N ALA L 88 18.87 5.39 -15.87
CA ALA L 88 19.12 5.96 -17.21
C ALA L 88 18.77 4.93 -18.28
N ILE L 89 19.19 3.68 -18.08
CA ILE L 89 18.87 2.55 -19.00
C ILE L 89 17.35 2.34 -19.02
N LEU L 90 16.72 2.16 -17.86
CA LEU L 90 15.27 1.81 -17.76
C LEU L 90 14.43 3.00 -18.20
N GLY L 91 14.99 4.22 -18.17
CA GLY L 91 14.31 5.46 -18.64
C GLY L 91 13.82 5.32 -20.07
N ASN L 92 14.48 4.45 -20.85
CA ASN L 92 14.20 4.22 -22.28
C ASN L 92 12.83 3.55 -22.49
N ILE L 93 12.23 2.98 -21.45
CA ILE L 93 10.90 2.32 -21.59
C ILE L 93 9.84 3.37 -21.92
N LYS L 94 10.03 4.62 -21.46
CA LYS L 94 9.10 5.76 -21.68
C LYS L 94 9.32 6.41 -23.05
N LYS L 95 10.45 6.12 -23.71
CA LYS L 95 10.91 6.80 -24.96
C LYS L 95 11.01 5.79 -26.11
N LEU L 96 10.06 4.89 -26.22
CA LEU L 96 10.03 3.88 -27.31
C LEU L 96 9.17 4.42 -28.45
N PRO L 97 9.73 4.54 -29.67
CA PRO L 97 8.94 4.93 -30.84
C PRO L 97 8.10 3.75 -31.35
N ALA L 98 6.97 4.06 -31.98
CA ALA L 98 6.12 3.06 -32.65
C ALA L 98 6.94 2.39 -33.74
N HIS L 99 6.67 1.10 -34.00
CA HIS L 99 7.06 0.46 -35.28
C HIS L 99 6.41 1.26 -36.40
N GLU L 100 7.03 1.18 -37.56
CA GLU L 100 6.85 2.08 -38.72
C GLU L 100 5.49 1.79 -39.37
N ASP L 101 5.06 0.53 -39.32
CA ASP L 101 3.80 -0.01 -39.90
C ASP L 101 2.57 0.30 -39.04
N VAL L 102 2.74 0.73 -37.79
CA VAL L 102 1.67 0.72 -36.73
C VAL L 102 0.61 1.78 -37.07
N LYS L 103 1.02 3.04 -37.15
CA LYS L 103 0.11 4.20 -37.28
C LYS L 103 -0.82 4.02 -38.48
N GLU L 104 -0.27 3.53 -39.59
CA GLU L 104 -1.02 3.26 -40.84
C GLU L 104 -2.02 2.11 -40.59
N GLY L 105 -1.57 1.01 -39.98
CA GLY L 105 -2.40 -0.17 -39.69
C GLY L 105 -3.55 0.17 -38.74
N LEU L 106 -3.27 0.97 -37.72
CA LEU L 106 -4.30 1.37 -36.74
C LEU L 106 -5.31 2.26 -37.47
N LYS L 107 -4.82 3.18 -38.29
CA LYS L 107 -5.70 4.12 -39.02
C LYS L 107 -6.72 3.32 -39.84
N MET L 108 -6.26 2.32 -40.59
CA MET L 108 -7.13 1.45 -41.41
C MET L 108 -8.24 0.91 -40.52
N LEU L 109 -7.84 0.33 -39.39
CA LEU L 109 -8.73 -0.50 -38.54
C LEU L 109 -9.77 0.41 -37.90
N LYS L 110 -9.36 1.62 -37.52
CA LYS L 110 -10.23 2.61 -36.85
C LYS L 110 -11.24 3.15 -37.88
N GLU L 111 -10.82 3.30 -39.14
CA GLU L 111 -11.69 3.74 -40.25
C GLU L 111 -12.70 2.65 -40.61
N ALA L 112 -12.34 1.37 -40.39
CA ALA L 112 -13.25 0.21 -40.55
C ALA L 112 -14.22 0.10 -39.36
N GLN L 113 -14.33 1.14 -38.53
CA GLN L 113 -15.29 1.21 -37.40
C GLN L 113 -15.08 0.00 -36.47
N ILE L 114 -13.82 -0.42 -36.29
CA ILE L 114 -13.45 -1.46 -35.28
C ILE L 114 -12.98 -0.74 -34.02
N LYS L 115 -13.49 -1.14 -32.86
CA LYS L 115 -13.02 -0.63 -31.55
C LYS L 115 -11.61 -1.16 -31.31
N LEU L 116 -10.69 -0.24 -31.01
CA LEU L 116 -9.27 -0.51 -30.71
C LEU L 116 -9.00 -0.17 -29.24
N VAL L 117 -8.54 -1.16 -28.47
CA VAL L 117 -8.05 -0.95 -27.08
C VAL L 117 -6.65 -1.53 -26.98
N ALA L 118 -5.88 -1.06 -26.01
CA ALA L 118 -4.53 -1.54 -25.66
C ALA L 118 -4.63 -2.30 -24.33
N LEU L 119 -3.88 -3.39 -24.19
CA LEU L 119 -3.72 -4.13 -22.90
C LEU L 119 -2.23 -4.34 -22.64
N SER L 120 -1.67 -3.66 -21.65
CA SER L 120 -0.22 -3.72 -21.29
C SER L 120 -0.04 -4.14 -19.85
N ASN L 121 1.07 -4.82 -19.55
CA ASN L 121 1.50 -5.14 -18.16
C ASN L 121 2.05 -3.87 -17.51
N SER L 122 2.36 -2.83 -18.30
CA SER L 122 2.82 -1.53 -17.78
C SER L 122 1.71 -1.00 -16.89
N ASN L 123 2.03 -0.24 -15.84
CA ASN L 123 1.01 0.41 -14.98
C ASN L 123 0.37 1.55 -15.77
N GLY L 124 -0.72 2.13 -15.25
CA GLY L 124 -1.55 3.13 -15.96
C GLY L 124 -0.77 4.38 -16.37
N LYS L 125 0.03 4.95 -15.46
CA LYS L 125 0.84 6.18 -15.72
C LYS L 125 1.89 5.90 -16.79
N LEU L 126 2.64 4.80 -16.64
CA LEU L 126 3.71 4.43 -17.61
C LEU L 126 3.08 4.19 -19.00
N LEU L 127 1.96 3.49 -19.07
CA LEU L 127 1.32 3.08 -20.35
C LEU L 127 0.86 4.34 -21.07
N ASN L 128 0.37 5.31 -20.31
CA ASN L 128 -0.11 6.62 -20.86
C ASN L 128 1.09 7.39 -21.42
N ALA L 129 2.20 7.42 -20.67
CA ALA L 129 3.46 8.09 -21.05
C ALA L 129 4.03 7.45 -22.33
N GLN L 130 4.01 6.11 -22.41
CA GLN L 130 4.59 5.34 -23.54
C GLN L 130 3.84 5.71 -24.80
N LEU L 131 2.50 5.75 -24.73
CA LEU L 131 1.61 5.91 -25.91
C LEU L 131 1.52 7.39 -26.33
N GLN L 132 1.69 8.33 -25.39
CA GLN L 132 1.82 9.77 -25.73
C GLN L 132 3.12 9.97 -26.51
N PHE L 133 4.22 9.35 -26.06
CA PHE L 133 5.56 9.54 -26.68
C PHE L 133 5.55 9.02 -28.12
N ALA L 134 4.87 7.91 -28.39
CA ALA L 134 4.87 7.24 -29.72
C ALA L 134 3.79 7.83 -30.61
N GLY L 135 2.96 8.72 -30.05
CA GLY L 135 1.77 9.31 -30.70
C GLY L 135 0.76 8.25 -31.13
N LEU L 136 0.44 7.29 -30.25
CA LEU L 136 -0.49 6.18 -30.53
C LEU L 136 -1.77 6.34 -29.69
N ALA L 137 -1.74 7.14 -28.62
CA ALA L 137 -2.82 7.27 -27.62
C ALA L 137 -4.17 7.57 -28.30
N ASP L 138 -4.21 8.45 -29.29
CA ASP L 138 -5.48 8.93 -29.92
C ASP L 138 -6.14 7.81 -30.75
N TYR L 139 -5.42 6.74 -31.11
CA TYR L 139 -5.95 5.63 -31.93
C TYR L 139 -6.83 4.65 -31.12
N PHE L 140 -6.80 4.73 -29.79
CA PHE L 140 -7.46 3.72 -28.92
C PHE L 140 -8.65 4.34 -28.18
N ASP L 141 -9.78 3.63 -28.17
CA ASP L 141 -11.01 4.05 -27.45
C ASP L 141 -10.77 3.95 -25.94
N ALA L 142 -9.98 2.97 -25.52
CA ALA L 142 -9.60 2.74 -24.10
C ALA L 142 -8.22 2.09 -24.03
N ILE L 143 -7.49 2.38 -22.95
CA ILE L 143 -6.14 1.84 -22.66
C ILE L 143 -6.19 1.06 -21.33
N PHE L 144 -6.03 -0.25 -21.35
CA PHE L 144 -6.08 -1.12 -20.14
C PHE L 144 -4.66 -1.48 -19.64
N SER L 145 -4.41 -1.13 -18.37
CA SER L 145 -3.24 -1.52 -17.55
C SER L 145 -3.61 -2.73 -16.69
N VAL L 146 -2.62 -3.51 -16.26
CA VAL L 146 -2.82 -4.65 -15.31
C VAL L 146 -3.24 -4.13 -13.95
N GLU L 147 -2.96 -2.87 -13.63
CA GLU L 147 -3.54 -2.18 -12.45
C GLU L 147 -5.07 -2.19 -12.60
N ALA L 148 -5.57 -1.89 -13.80
CA ALA L 148 -7.00 -1.83 -14.15
C ALA L 148 -7.61 -3.24 -14.30
N VAL L 149 -6.86 -4.32 -14.02
CA VAL L 149 -7.43 -5.71 -13.92
C VAL L 149 -6.89 -6.45 -12.69
N GLY L 150 -5.96 -5.88 -11.91
CA GLY L 150 -5.42 -6.50 -10.68
C GLY L 150 -4.24 -7.43 -10.94
N ARG L 151 -4.26 -8.22 -12.02
CA ARG L 151 -3.28 -9.33 -12.25
C ARG L 151 -2.75 -9.32 -13.69
N TYR L 152 -1.51 -9.79 -13.85
CA TYR L 152 -0.68 -9.74 -15.08
C TYR L 152 -1.23 -10.67 -16.15
N LYS L 153 -0.97 -10.31 -17.41
CA LYS L 153 -1.09 -11.24 -18.56
C LYS L 153 -0.02 -12.32 -18.45
N PRO L 154 -0.27 -13.54 -18.97
CA PRO L 154 -1.49 -13.88 -19.68
C PRO L 154 -2.62 -14.52 -18.85
N GLU L 155 -2.92 -13.98 -17.66
CA GLU L 155 -3.99 -14.57 -16.83
C GLU L 155 -5.34 -14.26 -17.47
N LEU L 156 -6.20 -15.28 -17.62
CA LEU L 156 -7.43 -15.23 -18.43
C LEU L 156 -8.31 -14.05 -18.01
N ALA L 157 -8.32 -13.69 -16.72
CA ALA L 157 -9.21 -12.65 -16.18
C ALA L 157 -8.81 -11.29 -16.74
N SER L 158 -7.57 -11.14 -17.26
CA SER L 158 -7.07 -9.83 -17.74
C SER L 158 -7.81 -9.49 -19.04
N TYR L 159 -7.88 -10.44 -19.96
CA TYR L 159 -8.60 -10.28 -21.25
C TYR L 159 -10.10 -10.12 -20.97
N ARG L 160 -10.64 -10.97 -20.09
CA ARG L 160 -12.08 -11.02 -19.75
C ARG L 160 -12.53 -9.67 -19.19
N ALA L 161 -11.66 -8.98 -18.45
CA ALA L 161 -11.96 -7.64 -17.87
C ALA L 161 -12.17 -6.64 -19.02
N VAL L 162 -11.39 -6.76 -20.11
CA VAL L 162 -11.49 -5.85 -21.28
C VAL L 162 -12.83 -6.12 -21.98
N LEU L 163 -13.16 -7.39 -22.27
CA LEU L 163 -14.42 -7.82 -22.93
C LEU L 163 -15.62 -7.20 -22.20
N GLU L 164 -15.75 -7.43 -20.90
CA GLU L 164 -16.92 -7.01 -20.11
C GLU L 164 -16.96 -5.48 -20.06
N THR L 165 -15.82 -4.82 -19.93
CA THR L 165 -15.73 -3.34 -19.86
C THR L 165 -16.13 -2.73 -21.20
N MET L 166 -15.74 -3.34 -22.33
CA MET L 166 -16.04 -2.86 -23.71
C MET L 166 -17.36 -3.44 -24.23
N LYS L 167 -18.01 -4.33 -23.49
CA LYS L 167 -19.36 -4.89 -23.80
C LYS L 167 -19.31 -5.64 -25.13
N VAL L 168 -18.18 -6.27 -25.43
CA VAL L 168 -18.00 -7.11 -26.66
C VAL L 168 -17.77 -8.53 -26.18
N PRO L 169 -18.52 -9.52 -26.71
CA PRO L 169 -18.24 -10.92 -26.39
C PRO L 169 -16.84 -11.34 -26.85
N ALA L 170 -16.38 -12.47 -26.35
CA ALA L 170 -15.04 -13.04 -26.63
C ALA L 170 -14.86 -13.26 -28.14
N GLU L 171 -15.85 -13.86 -28.78
CA GLU L 171 -15.80 -14.38 -30.18
C GLU L 171 -15.70 -13.22 -31.18
N ASN L 172 -16.16 -12.03 -30.78
CA ASN L 172 -16.13 -10.79 -31.61
C ASN L 172 -14.91 -9.97 -31.22
N THR L 173 -14.04 -10.52 -30.38
CA THR L 173 -12.77 -9.85 -29.99
C THR L 173 -11.58 -10.62 -30.56
N MET L 174 -10.55 -9.88 -31.01
CA MET L 174 -9.30 -10.47 -31.51
C MET L 174 -8.13 -9.78 -30.80
N MET L 175 -7.23 -10.60 -30.22
CA MET L 175 -6.00 -10.15 -29.53
C MET L 175 -4.87 -10.11 -30.57
N VAL L 176 -4.16 -8.99 -30.60
CA VAL L 176 -3.05 -8.75 -31.54
C VAL L 176 -1.79 -8.65 -30.69
N ALA L 177 -0.87 -9.60 -30.81
CA ALA L 177 0.32 -9.65 -29.94
C ALA L 177 1.49 -10.27 -30.70
N ALA L 178 2.69 -9.79 -30.38
CA ALA L 178 3.97 -10.32 -30.91
C ALA L 178 4.57 -11.35 -29.93
N ASN L 179 3.80 -11.85 -28.97
CA ASN L 179 4.29 -12.79 -27.92
C ASN L 179 3.48 -14.08 -28.02
N GLY L 180 4.13 -15.24 -27.95
CA GLY L 180 3.46 -16.56 -27.95
C GLY L 180 2.56 -16.78 -26.75
N TRP L 181 2.97 -16.30 -25.57
CA TRP L 181 2.26 -16.46 -24.27
C TRP L 181 0.99 -15.60 -24.27
N ASP L 182 1.04 -14.44 -24.93
CA ASP L 182 -0.10 -13.49 -25.02
C ASP L 182 -1.14 -14.10 -25.97
N ILE L 183 -0.70 -14.67 -27.09
CA ILE L 183 -1.57 -15.46 -28.01
C ILE L 183 -2.24 -16.55 -27.18
N LEU L 184 -1.45 -17.40 -26.52
CA LEU L 184 -1.94 -18.59 -25.78
C LEU L 184 -3.01 -18.18 -24.76
N GLY L 185 -2.75 -17.11 -23.99
CA GLY L 185 -3.67 -16.59 -22.96
C GLY L 185 -4.99 -16.15 -23.57
N ALA L 186 -4.94 -15.31 -24.60
CA ALA L 186 -6.12 -14.79 -25.34
C ALA L 186 -6.94 -15.96 -25.89
N LYS L 187 -6.28 -16.80 -26.68
CA LYS L 187 -6.85 -18.04 -27.23
C LYS L 187 -7.65 -18.80 -26.16
N ARG L 188 -7.09 -18.97 -24.96
CA ARG L 188 -7.71 -19.82 -23.89
C ARG L 188 -8.78 -19.04 -23.12
N ALA L 189 -8.82 -17.72 -23.29
CA ALA L 189 -9.91 -16.85 -22.79
C ALA L 189 -11.05 -16.78 -23.81
N GLY L 190 -10.98 -17.54 -24.91
CA GLY L 190 -12.02 -17.61 -25.95
C GLY L 190 -11.95 -16.51 -27.00
N LEU L 191 -10.87 -15.71 -27.00
CA LEU L 191 -10.62 -14.64 -28.01
C LEU L 191 -10.07 -15.26 -29.31
N ARG L 192 -10.29 -14.55 -30.42
CA ARG L 192 -9.57 -14.73 -31.69
C ARG L 192 -8.20 -14.09 -31.51
N THR L 193 -7.22 -14.51 -32.31
CA THR L 193 -5.78 -14.21 -32.09
C THR L 193 -5.12 -13.88 -33.42
N ALA L 194 -4.38 -12.78 -33.43
CA ALA L 194 -3.49 -12.35 -34.52
C ALA L 194 -2.08 -12.24 -33.95
N PHE L 195 -1.14 -13.01 -34.47
CA PHE L 195 0.28 -12.99 -34.06
C PHE L 195 1.06 -12.10 -35.03
N VAL L 196 1.69 -11.04 -34.51
CA VAL L 196 2.58 -10.13 -35.28
C VAL L 196 4.00 -10.69 -35.19
N ALA L 197 4.49 -11.30 -36.27
CA ALA L 197 5.78 -12.03 -36.32
C ALA L 197 6.94 -11.03 -36.43
N ARG L 198 7.09 -10.18 -35.42
CA ARG L 198 8.28 -9.32 -35.23
C ARG L 198 9.52 -10.20 -35.13
N GLU L 199 10.69 -9.60 -35.35
CA GLU L 199 12.04 -10.23 -35.24
C GLU L 199 12.25 -10.78 -33.81
N GLY L 200 12.74 -12.02 -33.71
CA GLY L 200 13.20 -12.62 -32.44
C GLY L 200 12.06 -13.10 -31.56
N HIS L 201 10.86 -13.27 -32.14
CA HIS L 201 9.66 -13.80 -31.45
C HIS L 201 9.12 -15.03 -32.18
N ALA L 202 8.75 -16.07 -31.43
CA ALA L 202 8.27 -17.38 -31.93
C ALA L 202 6.91 -17.73 -31.32
N ILE L 203 6.08 -18.39 -32.11
CA ILE L 203 4.77 -18.93 -31.65
C ILE L 203 5.07 -20.10 -30.73
N TYR L 204 4.36 -20.16 -29.62
CA TYR L 204 4.47 -21.28 -28.66
C TYR L 204 3.96 -22.52 -29.36
N PRO L 205 4.81 -23.55 -29.60
CA PRO L 205 4.39 -24.74 -30.35
C PRO L 205 3.35 -25.63 -29.67
N LEU L 206 3.06 -25.40 -28.38
CA LEU L 206 2.13 -26.25 -27.59
C LEU L 206 0.76 -25.59 -27.53
N ASP L 207 -0.02 -25.82 -28.59
CA ASP L 207 -1.43 -25.34 -28.72
C ASP L 207 -1.44 -23.81 -28.74
N GLY L 208 -0.39 -23.17 -29.29
CA GLY L 208 -0.25 -21.69 -29.31
C GLY L 208 -0.39 -21.09 -30.70
N THR L 209 -0.81 -21.86 -31.71
CA THR L 209 -1.08 -21.38 -33.09
C THR L 209 -2.24 -20.39 -33.06
N PRO L 210 -2.05 -19.16 -33.60
CA PRO L 210 -3.10 -18.15 -33.63
C PRO L 210 -4.00 -18.34 -34.85
N GLU L 211 -5.04 -17.52 -34.97
CA GLU L 211 -5.96 -17.52 -36.15
C GLU L 211 -5.21 -16.94 -37.36
N LEU L 212 -4.62 -15.76 -37.19
CA LEU L 212 -3.85 -15.07 -38.25
C LEU L 212 -2.40 -14.94 -37.79
N GLU L 213 -1.50 -14.89 -38.77
CA GLU L 213 -0.07 -14.58 -38.59
C GLU L 213 0.31 -13.59 -39.71
N ALA L 214 0.96 -12.50 -39.36
CA ALA L 214 1.46 -11.49 -40.31
C ALA L 214 2.72 -10.87 -39.71
N LYS L 215 3.58 -10.29 -40.54
CA LYS L 215 4.88 -9.72 -40.10
C LYS L 215 4.66 -8.39 -39.37
N THR L 216 3.61 -7.66 -39.74
CA THR L 216 3.37 -6.28 -39.24
C THR L 216 1.91 -6.12 -38.80
N VAL L 217 1.64 -5.07 -38.05
CA VAL L 217 0.25 -4.67 -37.68
C VAL L 217 -0.47 -4.23 -38.96
N LEU L 218 0.23 -3.54 -39.87
CA LEU L 218 -0.35 -3.13 -41.17
C LEU L 218 -0.84 -4.38 -41.89
N GLU L 219 0.01 -5.40 -42.00
CA GLU L 219 -0.35 -6.68 -42.68
C GLU L 219 -1.57 -7.29 -41.98
N VAL L 220 -1.67 -7.16 -40.66
CA VAL L 220 -2.80 -7.73 -39.87
C VAL L 220 -4.06 -6.98 -40.31
N ALA L 221 -3.98 -5.65 -40.34
CA ALA L 221 -5.09 -4.75 -40.75
C ALA L 221 -5.55 -5.12 -42.16
N ARG L 222 -4.60 -5.31 -43.10
CA ARG L 222 -4.89 -5.66 -44.53
C ARG L 222 -5.59 -7.00 -44.62
N THR L 223 -5.14 -8.00 -43.86
CA THR L 223 -5.69 -9.37 -43.86
C THR L 223 -7.14 -9.34 -43.35
N LEU L 224 -7.43 -8.52 -42.34
CA LEU L 224 -8.79 -8.45 -41.74
C LEU L 224 -9.75 -7.80 -42.74
N LEU L 225 -9.24 -6.94 -43.63
CA LEU L 225 -10.02 -6.11 -44.59
C LEU L 225 -9.66 -6.54 -46.04
N VAL M 5 -18.81 24.85 -14.74
CA VAL M 5 -18.99 25.51 -15.98
C VAL M 5 -18.60 24.65 -17.15
N LYS M 6 -17.27 24.56 -17.34
CA LYS M 6 -16.68 23.73 -18.39
C LYS M 6 -17.41 22.42 -18.31
N LYS M 7 -17.68 21.83 -19.45
CA LYS M 7 -18.37 20.53 -19.46
C LYS M 7 -17.33 19.46 -19.24
N PRO M 8 -17.68 18.45 -18.42
CA PRO M 8 -16.81 17.30 -18.27
C PRO M 8 -16.75 16.50 -19.58
N GLU M 9 -15.55 16.06 -19.95
CA GLU M 9 -15.29 15.16 -21.10
C GLU M 9 -15.88 13.77 -20.81
N LEU M 10 -15.89 13.37 -19.53
CA LEU M 10 -16.31 12.02 -19.09
C LEU M 10 -17.22 12.14 -17.87
N LEU M 11 -18.31 11.38 -17.87
CA LEU M 11 -19.23 11.21 -16.70
C LEU M 11 -19.20 9.74 -16.28
N ILE M 12 -18.85 9.51 -15.01
CA ILE M 12 -18.87 8.16 -14.37
C ILE M 12 -20.12 8.09 -13.49
N PHE M 13 -20.98 7.10 -13.74
CA PHE M 13 -22.27 6.90 -13.04
C PHE M 13 -22.15 5.71 -12.10
N ASP M 14 -22.40 5.91 -10.80
CA ASP M 14 -22.84 4.82 -9.89
C ASP M 14 -24.13 4.23 -10.48
N VAL M 15 -24.30 2.91 -10.38
CA VAL M 15 -25.42 2.16 -11.02
C VAL M 15 -26.49 1.91 -9.96
N ASN M 16 -26.27 1.01 -8.99
CA ASN M 16 -27.24 0.73 -7.90
C ASN M 16 -27.68 2.05 -7.30
N GLU M 17 -28.98 2.35 -7.22
CA GLU M 17 -29.50 3.52 -6.46
C GLU M 17 -29.54 4.78 -7.34
N THR M 18 -28.37 5.20 -7.85
CA THR M 18 -28.18 6.42 -8.70
C THR M 18 -28.91 6.27 -10.04
N LEU M 19 -28.89 5.09 -10.66
CA LEU M 19 -29.60 4.78 -11.94
C LEU M 19 -30.76 3.80 -11.68
N LEU M 20 -30.51 2.70 -10.98
CA LEU M 20 -31.52 1.62 -10.77
C LEU M 20 -32.34 1.94 -9.54
N ASP M 21 -33.66 1.74 -9.65
CA ASP M 21 -34.63 1.82 -8.53
C ASP M 21 -34.51 0.51 -7.75
N MET M 22 -34.17 0.61 -6.46
CA MET M 22 -33.95 -0.57 -5.58
C MET M 22 -35.29 -1.11 -5.11
N GLY M 23 -36.39 -0.43 -5.44
CA GLY M 23 -37.76 -0.72 -4.96
C GLY M 23 -38.05 -2.22 -4.88
N PRO M 24 -37.92 -2.97 -6.00
CA PRO M 24 -38.20 -4.40 -5.99
C PRO M 24 -37.45 -5.13 -4.87
N LEU M 25 -36.14 -4.85 -4.74
CA LEU M 25 -35.24 -5.50 -3.75
C LEU M 25 -35.57 -5.02 -2.33
N GLU M 26 -35.79 -3.71 -2.18
CA GLU M 26 -36.09 -3.07 -0.86
C GLU M 26 -37.37 -3.69 -0.29
N ASN M 27 -38.45 -3.70 -1.08
CA ASN M 27 -39.79 -4.22 -0.69
C ASN M 27 -39.66 -5.71 -0.37
N ALA M 28 -38.97 -6.49 -1.22
CA ALA M 28 -38.77 -7.95 -1.02
C ALA M 28 -38.19 -8.21 0.38
N ILE M 29 -37.20 -7.41 0.79
CA ILE M 29 -36.47 -7.57 2.07
C ILE M 29 -37.32 -7.05 3.23
N ASN M 30 -37.94 -5.89 3.04
CA ASN M 30 -38.76 -5.22 4.09
C ASN M 30 -39.96 -6.10 4.46
N GLU M 31 -40.63 -6.68 3.46
CA GLU M 31 -41.78 -7.59 3.67
C GLU M 31 -41.32 -8.88 4.38
N SER M 32 -40.27 -9.50 3.85
CA SER M 32 -39.71 -10.79 4.35
C SER M 32 -39.25 -10.67 5.80
N LEU M 33 -38.68 -9.52 6.20
CA LEU M 33 -38.15 -9.30 7.57
C LEU M 33 -39.14 -8.49 8.39
N ASN M 34 -40.23 -8.01 7.77
CA ASN M 34 -41.39 -7.45 8.49
C ASN M 34 -40.97 -6.15 9.20
N SER M 35 -40.25 -5.27 8.50
CA SER M 35 -39.78 -3.95 9.00
C SER M 35 -39.36 -3.09 7.80
N GLU M 36 -39.68 -1.79 7.83
CA GLU M 36 -39.35 -0.84 6.74
C GLU M 36 -37.89 -0.40 6.89
N HIS M 37 -37.22 -0.83 7.97
CA HIS M 37 -35.79 -0.51 8.27
C HIS M 37 -34.85 -1.68 7.94
N ALA M 38 -35.40 -2.83 7.55
CA ALA M 38 -34.60 -4.03 7.18
C ALA M 38 -33.61 -3.71 6.04
N PHE M 39 -34.06 -3.11 4.94
CA PHE M 39 -33.24 -2.93 3.72
C PHE M 39 -32.06 -2.01 4.03
N SER M 40 -32.32 -0.85 4.65
CA SER M 40 -31.30 0.14 5.08
C SER M 40 -30.21 -0.54 5.91
N LEU M 41 -30.60 -1.38 6.87
CA LEU M 41 -29.63 -2.03 7.79
C LEU M 41 -28.85 -3.11 7.03
N TRP M 42 -29.54 -3.88 6.20
CA TRP M 42 -28.89 -4.94 5.38
C TRP M 42 -27.86 -4.26 4.46
N PHE M 43 -28.31 -3.31 3.65
CA PHE M 43 -27.49 -2.75 2.54
C PHE M 43 -26.25 -2.06 3.14
N ARG M 44 -26.43 -1.39 4.28
CA ARG M 44 -25.32 -0.74 5.03
C ARG M 44 -24.34 -1.81 5.55
N THR M 45 -24.86 -2.95 5.98
CA THR M 45 -24.04 -4.09 6.46
C THR M 45 -23.27 -4.68 5.28
N LEU M 46 -23.90 -4.75 4.10
CA LEU M 46 -23.30 -5.31 2.86
C LEU M 46 -22.13 -4.40 2.46
N LEU M 47 -22.35 -3.09 2.51
CA LEU M 47 -21.34 -2.10 2.11
C LEU M 47 -20.18 -2.18 3.10
N HIS M 48 -20.49 -2.36 4.37
CA HIS M 48 -19.47 -2.42 5.45
C HIS M 48 -18.58 -3.65 5.22
N TYR M 49 -19.16 -4.81 4.92
CA TYR M 49 -18.40 -6.07 4.79
C TYR M 49 -17.69 -6.12 3.45
N SER M 50 -18.14 -5.33 2.47
CA SER M 50 -17.45 -5.18 1.17
C SER M 50 -16.10 -4.50 1.42
N LEU M 51 -16.10 -3.39 2.16
CA LEU M 51 -14.88 -2.63 2.52
C LEU M 51 -13.99 -3.46 3.48
N THR M 52 -14.61 -4.29 4.34
CA THR M 52 -13.92 -5.23 5.24
C THR M 52 -13.11 -6.23 4.41
N GLU M 53 -13.69 -6.79 3.36
CA GLU M 53 -13.00 -7.72 2.43
C GLU M 53 -11.78 -7.01 1.81
N THR M 54 -11.95 -5.79 1.30
CA THR M 54 -10.86 -5.03 0.64
C THR M 54 -9.72 -4.73 1.63
N LEU M 55 -10.05 -4.36 2.88
CA LEU M 55 -9.06 -3.98 3.93
C LEU M 55 -8.39 -5.20 4.57
N THR M 56 -8.88 -6.42 4.31
CA THR M 56 -8.26 -7.69 4.76
C THR M 56 -7.66 -8.43 3.57
N GLY M 57 -7.43 -7.73 2.45
CA GLY M 57 -6.71 -8.20 1.25
C GLY M 57 -7.44 -9.30 0.52
N ASN M 58 -8.77 -9.29 0.52
CA ASN M 58 -9.59 -10.33 -0.17
C ASN M 58 -10.67 -9.66 -1.01
N TYR M 59 -11.08 -10.34 -2.09
CA TYR M 59 -12.25 -9.97 -2.92
C TYR M 59 -13.27 -11.11 -2.93
N VAL M 60 -14.52 -10.79 -2.66
CA VAL M 60 -15.70 -11.68 -2.86
C VAL M 60 -16.68 -10.91 -3.74
N ASP M 61 -17.36 -11.58 -4.65
CA ASP M 61 -18.34 -10.89 -5.54
C ASP M 61 -19.45 -10.32 -4.66
N PHE M 62 -20.03 -9.20 -5.13
CA PHE M 62 -21.02 -8.39 -4.39
C PHE M 62 -22.22 -9.26 -3.98
N GLY M 63 -22.71 -10.08 -4.91
CA GLY M 63 -23.87 -10.97 -4.70
C GLY M 63 -23.67 -11.89 -3.51
N THR M 64 -22.49 -12.52 -3.41
CA THR M 64 -22.16 -13.49 -2.31
C THR M 64 -22.17 -12.77 -0.95
N ILE M 65 -21.61 -11.56 -0.85
CA ILE M 65 -21.56 -10.75 0.41
C ILE M 65 -23.00 -10.43 0.78
N GLY M 66 -23.79 -10.05 -0.23
CA GLY M 66 -25.22 -9.72 -0.08
C GLY M 66 -25.94 -10.86 0.60
N LYS M 67 -25.77 -12.08 0.09
CA LYS M 67 -26.43 -13.29 0.64
C LYS M 67 -25.96 -13.50 2.09
N ALA M 68 -24.66 -13.35 2.35
CA ALA M 68 -24.06 -13.66 3.66
C ALA M 68 -24.58 -12.65 4.69
N THR M 69 -24.65 -11.37 4.30
CA THR M 69 -25.07 -10.26 5.19
C THR M 69 -26.59 -10.25 5.35
N LEU M 70 -27.34 -10.82 4.40
CA LEU M 70 -28.80 -10.97 4.53
C LEU M 70 -29.09 -11.98 5.63
N LYS M 71 -28.41 -13.14 5.62
CA LYS M 71 -28.50 -14.20 6.66
C LYS M 71 -28.16 -13.61 8.02
N MET M 72 -27.18 -12.73 8.09
CA MET M 72 -26.78 -12.08 9.38
C MET M 72 -27.89 -11.12 9.79
N THR M 73 -28.51 -10.44 8.81
CA THR M 73 -29.49 -9.35 9.05
C THR M 73 -30.83 -9.95 9.48
N MET M 74 -31.26 -11.05 8.87
CA MET M 74 -32.58 -11.68 9.13
C MET M 74 -32.65 -12.10 10.61
N ARG M 75 -31.51 -12.51 11.18
CA ARG M 75 -31.43 -13.02 12.56
C ARG M 75 -31.71 -11.88 13.54
N LYS M 76 -31.31 -10.66 13.19
CA LYS M 76 -31.58 -9.46 14.01
C LYS M 76 -33.06 -9.14 14.06
N PHE M 77 -33.81 -9.56 13.05
CA PHE M 77 -35.27 -9.33 12.95
C PHE M 77 -36.02 -10.60 13.40
N GLY M 78 -35.33 -11.49 14.11
CA GLY M 78 -35.90 -12.71 14.73
C GLY M 78 -36.45 -13.67 13.70
N LYS M 79 -35.95 -13.58 12.47
CA LYS M 79 -36.47 -14.38 11.35
C LYS M 79 -35.43 -15.38 10.85
N ASN M 80 -35.89 -16.51 10.32
CA ASN M 80 -35.01 -17.59 9.83
C ASN M 80 -35.53 -18.07 8.48
N LEU M 81 -35.17 -17.34 7.43
CA LEU M 81 -35.61 -17.62 6.05
C LEU M 81 -34.88 -18.85 5.50
N SER M 82 -35.58 -19.59 4.64
CA SER M 82 -35.02 -20.73 3.89
C SER M 82 -34.13 -20.19 2.77
N GLU M 83 -33.36 -21.07 2.18
CA GLU M 83 -32.36 -20.67 1.18
C GLU M 83 -33.04 -20.34 -0.14
N ASP M 84 -34.09 -21.07 -0.48
CA ASP M 84 -34.95 -20.80 -1.67
C ASP M 84 -35.35 -19.34 -1.67
N ARG M 85 -35.82 -18.88 -0.51
CA ARG M 85 -36.46 -17.55 -0.40
C ARG M 85 -35.38 -16.47 -0.46
N LEU M 86 -34.26 -16.65 0.26
CA LEU M 86 -33.10 -15.74 0.21
C LEU M 86 -32.69 -15.53 -1.25
N ASP M 87 -32.63 -16.60 -2.05
CA ASP M 87 -32.27 -16.56 -3.50
C ASP M 87 -33.36 -15.81 -4.26
N ALA M 88 -34.63 -16.05 -3.96
CA ALA M 88 -35.79 -15.37 -4.59
C ALA M 88 -35.68 -13.86 -4.32
N ILE M 89 -35.47 -13.47 -3.05
CA ILE M 89 -35.35 -12.04 -2.61
C ILE M 89 -34.18 -11.37 -3.36
N LEU M 90 -32.98 -11.93 -3.23
CA LEU M 90 -31.74 -11.35 -3.81
C LEU M 90 -31.81 -11.34 -5.34
N GLY M 91 -32.58 -12.27 -5.94
CA GLY M 91 -32.77 -12.38 -7.40
C GLY M 91 -33.26 -11.06 -7.99
N ASN M 92 -33.89 -10.22 -7.16
CA ASN M 92 -34.46 -8.90 -7.56
C ASN M 92 -33.35 -7.95 -8.00
N ILE M 93 -32.11 -8.19 -7.58
CA ILE M 93 -30.94 -7.34 -7.92
C ILE M 93 -30.75 -7.32 -9.45
N LYS M 94 -31.18 -8.38 -10.16
CA LYS M 94 -30.99 -8.52 -11.63
C LYS M 94 -32.15 -7.87 -12.38
N LYS M 95 -33.30 -7.68 -11.73
CA LYS M 95 -34.51 -7.10 -12.36
C LYS M 95 -34.92 -5.82 -11.64
N LEU M 96 -33.99 -4.86 -11.60
CA LEU M 96 -34.27 -3.50 -11.08
C LEU M 96 -34.54 -2.60 -12.27
N PRO M 97 -35.69 -1.91 -12.33
CA PRO M 97 -35.97 -0.95 -13.39
C PRO M 97 -35.16 0.33 -13.16
N ALA M 98 -34.89 1.05 -14.26
CA ALA M 98 -34.30 2.40 -14.24
C ALA M 98 -35.30 3.37 -13.63
N HIS M 99 -34.84 4.33 -12.82
CA HIS M 99 -35.65 5.50 -12.43
C HIS M 99 -36.17 6.17 -13.71
N GLU M 100 -37.37 6.76 -13.68
CA GLU M 100 -38.05 7.35 -14.85
C GLU M 100 -37.18 8.42 -15.51
N ASP M 101 -36.36 9.12 -14.75
CA ASP M 101 -35.62 10.33 -15.21
C ASP M 101 -34.36 9.93 -15.96
N VAL M 102 -33.91 8.68 -15.84
CA VAL M 102 -32.52 8.25 -16.21
C VAL M 102 -32.37 8.33 -17.73
N LYS M 103 -33.17 7.55 -18.46
CA LYS M 103 -33.01 7.36 -19.94
C LYS M 103 -32.97 8.73 -20.63
N GLU M 104 -33.81 9.67 -20.18
CA GLU M 104 -33.91 11.01 -20.81
C GLU M 104 -32.62 11.78 -20.50
N GLY M 105 -32.14 11.70 -19.26
CA GLY M 105 -30.92 12.41 -18.81
C GLY M 105 -29.71 11.93 -19.57
N LEU M 106 -29.57 10.61 -19.67
CA LEU M 106 -28.45 9.93 -20.38
C LEU M 106 -28.49 10.31 -21.86
N LYS M 107 -29.68 10.31 -22.46
CA LYS M 107 -29.96 10.69 -23.87
C LYS M 107 -29.42 12.11 -24.16
N MET M 108 -29.72 13.07 -23.30
CA MET M 108 -29.24 14.46 -23.47
C MET M 108 -27.71 14.48 -23.40
N LEU M 109 -27.14 13.78 -22.42
CA LEU M 109 -25.68 13.83 -22.15
C LEU M 109 -24.93 13.12 -23.29
N LYS M 110 -25.48 12.01 -23.79
CA LYS M 110 -24.89 11.27 -24.94
C LYS M 110 -24.91 12.15 -26.20
N GLU M 111 -26.05 12.82 -26.44
CA GLU M 111 -26.25 13.74 -27.59
C GLU M 111 -25.25 14.90 -27.51
N ALA M 112 -24.92 15.33 -26.29
CA ALA M 112 -24.00 16.48 -26.03
C ALA M 112 -22.54 16.05 -26.23
N GLN M 113 -22.31 14.85 -26.78
CA GLN M 113 -20.95 14.33 -27.13
C GLN M 113 -20.10 14.23 -25.87
N ILE M 114 -20.72 13.80 -24.76
CA ILE M 114 -20.00 13.54 -23.47
C ILE M 114 -19.86 12.02 -23.34
N LYS M 115 -18.66 11.55 -23.05
CA LYS M 115 -18.41 10.11 -22.79
C LYS M 115 -19.13 9.73 -21.49
N LEU M 116 -19.92 8.65 -21.54
CA LEU M 116 -20.66 8.10 -20.37
C LEU M 116 -20.16 6.69 -20.06
N VAL M 117 -19.71 6.49 -18.81
CA VAL M 117 -19.30 5.15 -18.29
C VAL M 117 -20.00 4.89 -16.97
N ALA M 118 -20.20 3.62 -16.66
CA ALA M 118 -20.75 3.12 -15.37
C ALA M 118 -19.61 2.55 -14.53
N LEU M 119 -19.63 2.79 -13.22
CA LEU M 119 -18.70 2.15 -12.25
C LEU M 119 -19.52 1.56 -11.10
N SER M 120 -19.65 0.23 -11.00
CA SER M 120 -20.50 -0.45 -10.00
C SER M 120 -19.67 -1.42 -9.14
N ASN M 121 -20.07 -1.61 -7.87
CA ASN M 121 -19.50 -2.62 -6.95
C ASN M 121 -19.96 -4.02 -7.40
N SER M 122 -21.01 -4.11 -8.21
CA SER M 122 -21.50 -5.39 -8.80
C SER M 122 -20.39 -6.00 -9.67
N ASN M 123 -20.30 -7.34 -9.76
CA ASN M 123 -19.34 -8.02 -10.64
C ASN M 123 -19.77 -7.81 -12.10
N GLY M 124 -18.89 -8.05 -13.06
CA GLY M 124 -19.10 -7.75 -14.50
C GLY M 124 -20.34 -8.43 -15.08
N LYS M 125 -20.60 -9.70 -14.74
CA LYS M 125 -21.73 -10.47 -15.29
C LYS M 125 -23.05 -9.88 -14.75
N LEU M 126 -23.13 -9.68 -13.43
CA LEU M 126 -24.28 -9.07 -12.73
C LEU M 126 -24.54 -7.68 -13.31
N LEU M 127 -23.50 -6.85 -13.46
CA LEU M 127 -23.62 -5.45 -13.94
C LEU M 127 -24.20 -5.44 -15.35
N ASN M 128 -23.72 -6.35 -16.23
CA ASN M 128 -24.21 -6.49 -17.63
C ASN M 128 -25.69 -6.89 -17.60
N ALA M 129 -26.06 -7.83 -16.74
CA ALA M 129 -27.44 -8.33 -16.54
C ALA M 129 -28.34 -7.19 -16.04
N GLN M 130 -27.85 -6.40 -15.08
CA GLN M 130 -28.60 -5.29 -14.43
C GLN M 130 -28.96 -4.24 -15.48
N LEU M 131 -27.98 -3.82 -16.29
CA LEU M 131 -28.10 -2.69 -17.25
C LEU M 131 -28.90 -3.13 -18.48
N GLN M 132 -28.89 -4.43 -18.81
CA GLN M 132 -29.62 -4.95 -19.98
C GLN M 132 -31.10 -5.03 -19.63
N PHE M 133 -31.41 -5.39 -18.38
CA PHE M 133 -32.78 -5.48 -17.86
C PHE M 133 -33.43 -4.09 -17.86
N ALA M 134 -32.69 -3.09 -17.38
CA ALA M 134 -33.16 -1.69 -17.25
C ALA M 134 -33.08 -0.98 -18.61
N GLY M 135 -32.49 -1.63 -19.63
CA GLY M 135 -32.24 -1.05 -20.95
C GLY M 135 -31.37 0.20 -20.92
N LEU M 136 -30.27 0.19 -20.14
CA LEU M 136 -29.33 1.32 -20.01
C LEU M 136 -27.98 1.02 -20.68
N ALA M 137 -27.72 -0.23 -21.07
CA ALA M 137 -26.39 -0.71 -21.52
C ALA M 137 -25.88 0.10 -22.72
N ASP M 138 -26.78 0.49 -23.64
CA ASP M 138 -26.38 1.08 -24.95
C ASP M 138 -25.94 2.54 -24.77
N TYR M 139 -26.30 3.18 -23.65
CA TYR M 139 -25.99 4.61 -23.39
C TYR M 139 -24.51 4.81 -23.03
N PHE M 140 -23.84 3.77 -22.55
CA PHE M 140 -22.46 3.84 -21.98
C PHE M 140 -21.43 3.31 -22.97
N ASP M 141 -20.30 4.02 -23.10
CA ASP M 141 -19.19 3.65 -24.01
C ASP M 141 -18.46 2.45 -23.40
N ALA M 142 -18.44 2.39 -22.07
CA ALA M 142 -17.74 1.37 -21.25
C ALA M 142 -18.44 1.21 -19.90
N ILE M 143 -18.43 -0.02 -19.38
CA ILE M 143 -19.07 -0.43 -18.09
C ILE M 143 -17.98 -1.03 -17.20
N PHE M 144 -17.58 -0.32 -16.13
CA PHE M 144 -16.52 -0.76 -15.20
C PHE M 144 -17.18 -1.46 -14.01
N SER M 145 -16.73 -2.69 -13.74
CA SER M 145 -16.98 -3.45 -12.49
C SER M 145 -15.74 -3.36 -11.60
N VAL M 146 -15.92 -3.55 -10.29
CA VAL M 146 -14.83 -3.65 -9.28
C VAL M 146 -13.98 -4.92 -9.50
N GLU M 147 -14.47 -5.92 -10.23
CA GLU M 147 -13.64 -7.02 -10.81
C GLU M 147 -12.62 -6.43 -11.81
N ALA M 148 -13.05 -5.50 -12.66
CA ALA M 148 -12.23 -4.76 -13.66
C ALA M 148 -11.37 -3.68 -12.99
N VAL M 149 -11.16 -3.75 -11.66
CA VAL M 149 -10.36 -2.80 -10.84
C VAL M 149 -9.60 -3.54 -9.71
N GLY M 150 -10.14 -4.66 -9.21
CA GLY M 150 -9.57 -5.42 -8.08
C GLY M 150 -10.29 -5.11 -6.78
N ARG M 151 -10.58 -3.81 -6.53
CA ARG M 151 -11.03 -3.29 -5.20
C ARG M 151 -12.34 -2.51 -5.28
N TYR M 152 -13.07 -2.53 -4.16
CA TYR M 152 -14.40 -1.90 -4.00
C TYR M 152 -14.24 -0.40 -3.91
N LYS M 153 -15.25 0.33 -4.41
CA LYS M 153 -15.46 1.77 -4.14
C LYS M 153 -15.80 1.89 -2.65
N PRO M 154 -15.43 3.00 -1.97
CA PRO M 154 -14.85 4.17 -2.62
C PRO M 154 -13.32 4.24 -2.61
N GLU M 155 -12.64 3.11 -2.79
CA GLU M 155 -11.16 3.15 -2.84
C GLU M 155 -10.70 3.95 -4.06
N LEU M 156 -9.82 4.92 -3.82
CA LEU M 156 -9.30 5.89 -4.83
C LEU M 156 -8.90 5.15 -6.12
N ALA M 157 -8.29 3.97 -6.04
CA ALA M 157 -7.77 3.22 -7.20
C ALA M 157 -8.90 2.89 -8.18
N SER M 158 -10.15 2.78 -7.72
CA SER M 158 -11.30 2.38 -8.58
C SER M 158 -11.62 3.53 -9.55
N TYR M 159 -11.62 4.77 -9.08
CA TYR M 159 -11.91 5.94 -9.93
C TYR M 159 -10.76 6.09 -10.93
N ARG M 160 -9.52 6.05 -10.42
CA ARG M 160 -8.29 6.31 -11.21
C ARG M 160 -8.14 5.27 -12.31
N ALA M 161 -8.64 4.06 -12.09
CA ALA M 161 -8.59 2.98 -13.11
C ALA M 161 -9.42 3.43 -14.33
N VAL M 162 -10.55 4.08 -14.08
CA VAL M 162 -11.52 4.55 -15.12
C VAL M 162 -10.86 5.71 -15.87
N LEU M 163 -10.35 6.72 -15.14
CA LEU M 163 -9.61 7.87 -15.73
C LEU M 163 -8.59 7.34 -16.75
N GLU M 164 -7.67 6.49 -16.30
CA GLU M 164 -6.50 6.06 -17.11
C GLU M 164 -6.97 5.16 -18.25
N THR M 165 -7.97 4.33 -18.01
CA THR M 165 -8.55 3.50 -19.09
C THR M 165 -9.15 4.39 -20.19
N MET M 166 -9.93 5.42 -19.81
CA MET M 166 -10.72 6.28 -20.74
C MET M 166 -9.87 7.46 -21.25
N LYS M 167 -8.68 7.67 -20.67
CA LYS M 167 -7.65 8.66 -21.11
C LYS M 167 -8.14 10.08 -20.86
N VAL M 168 -8.93 10.28 -19.81
CA VAL M 168 -9.50 11.62 -19.44
C VAL M 168 -8.93 12.01 -18.09
N PRO M 169 -8.32 13.22 -17.95
CA PRO M 169 -7.78 13.64 -16.66
C PRO M 169 -8.89 13.68 -15.60
N ALA M 170 -8.48 13.82 -14.34
CA ALA M 170 -9.40 13.80 -13.17
C ALA M 170 -10.31 15.03 -13.25
N GLU M 171 -9.71 16.20 -13.49
CA GLU M 171 -10.43 17.52 -13.44
C GLU M 171 -11.49 17.61 -14.53
N ASN M 172 -11.36 16.83 -15.60
CA ASN M 172 -12.28 16.83 -16.77
C ASN M 172 -13.30 15.70 -16.62
N THR M 173 -13.31 15.03 -15.47
CA THR M 173 -14.23 13.89 -15.21
C THR M 173 -15.16 14.25 -14.05
N MET M 174 -16.44 13.91 -14.17
CA MET M 174 -17.44 14.18 -13.10
C MET M 174 -18.08 12.86 -12.67
N MET M 175 -18.07 12.58 -11.37
CA MET M 175 -18.70 11.36 -10.80
C MET M 175 -20.15 11.70 -10.45
N VAL M 176 -21.09 10.86 -10.87
CA VAL M 176 -22.55 11.04 -10.60
C VAL M 176 -23.01 9.88 -9.73
N ALA M 177 -23.41 10.17 -8.50
CA ALA M 177 -23.73 9.14 -7.49
C ALA M 177 -24.76 9.67 -6.49
N ALA M 178 -25.64 8.77 -6.05
CA ALA M 178 -26.66 9.02 -5.01
C ALA M 178 -26.14 8.61 -3.63
N ASN M 179 -24.82 8.40 -3.46
CA ASN M 179 -24.18 7.91 -2.21
C ASN M 179 -23.12 8.93 -1.74
N GLY M 180 -23.18 9.36 -0.49
CA GLY M 180 -22.26 10.36 0.07
C GLY M 180 -20.82 9.88 0.01
N TRP M 181 -20.61 8.57 0.22
CA TRP M 181 -19.28 7.92 0.30
C TRP M 181 -18.69 7.86 -1.11
N ASP M 182 -19.54 7.62 -2.11
CA ASP M 182 -19.14 7.55 -3.52
C ASP M 182 -18.74 8.96 -4.00
N ILE M 183 -19.37 10.01 -3.46
CA ILE M 183 -18.99 11.42 -3.68
C ILE M 183 -17.64 11.67 -2.98
N LEU M 184 -17.49 11.16 -1.75
CA LEU M 184 -16.29 11.43 -0.95
C LEU M 184 -15.07 10.80 -1.63
N GLY M 185 -15.22 9.56 -2.09
CA GLY M 185 -14.15 8.83 -2.80
C GLY M 185 -13.71 9.57 -4.04
N ALA M 186 -14.66 9.90 -4.91
CA ALA M 186 -14.44 10.58 -6.21
C ALA M 186 -13.71 11.91 -5.95
N LYS M 187 -14.20 12.69 -4.98
CA LYS M 187 -13.61 14.00 -4.62
C LYS M 187 -12.12 13.79 -4.40
N ARG M 188 -11.78 12.79 -3.58
CA ARG M 188 -10.41 12.60 -3.05
C ARG M 188 -9.52 11.96 -4.13
N ALA M 189 -10.10 11.41 -5.19
CA ALA M 189 -9.36 10.92 -6.38
C ALA M 189 -9.16 12.07 -7.37
N GLY M 190 -9.76 13.24 -7.09
CA GLY M 190 -9.57 14.50 -7.83
C GLY M 190 -10.68 14.79 -8.84
N LEU M 191 -11.77 14.00 -8.84
CA LEU M 191 -12.88 14.13 -9.82
C LEU M 191 -13.85 15.23 -9.38
N ARG M 192 -14.61 15.75 -10.34
CA ARG M 192 -15.80 16.60 -10.08
C ARG M 192 -16.96 15.70 -9.65
N THR M 193 -17.84 16.22 -8.81
CA THR M 193 -18.89 15.40 -8.15
C THR M 193 -20.25 16.02 -8.44
N ALA M 194 -21.22 15.18 -8.81
CA ALA M 194 -22.66 15.49 -8.90
C ALA M 194 -23.43 14.51 -8.00
N PHE M 195 -24.05 15.03 -6.94
CA PHE M 195 -24.91 14.23 -6.03
C PHE M 195 -26.34 14.20 -6.59
N VAL M 196 -26.86 12.99 -6.86
CA VAL M 196 -28.30 12.75 -7.19
C VAL M 196 -29.06 12.48 -5.90
N ALA M 197 -29.79 13.48 -5.39
CA ALA M 197 -30.46 13.48 -4.06
C ALA M 197 -31.74 12.65 -4.13
N ARG M 198 -31.62 11.35 -4.35
CA ARG M 198 -32.75 10.40 -4.32
C ARG M 198 -33.19 10.20 -2.88
N GLU M 199 -34.42 9.74 -2.68
CA GLU M 199 -35.04 9.60 -1.34
C GLU M 199 -34.15 8.77 -0.42
N GLY M 200 -34.02 9.20 0.84
CA GLY M 200 -33.39 8.43 1.93
C GLY M 200 -31.87 8.39 1.84
N HIS M 201 -31.26 9.27 1.05
CA HIS M 201 -29.78 9.42 0.87
C HIS M 201 -29.34 10.82 1.29
N ALA M 202 -28.33 10.91 2.16
CA ALA M 202 -27.75 12.18 2.67
C ALA M 202 -26.34 12.35 2.12
N ILE M 203 -25.86 13.58 2.08
CA ILE M 203 -24.44 13.94 1.81
C ILE M 203 -23.66 13.71 3.10
N TYR M 204 -22.43 13.22 2.98
CA TYR M 204 -21.51 13.00 4.13
C TYR M 204 -21.03 14.36 4.61
N PRO M 205 -21.40 14.79 5.85
CA PRO M 205 -21.06 16.12 6.38
C PRO M 205 -19.57 16.49 6.52
N LEU M 206 -18.69 15.49 6.66
CA LEU M 206 -17.24 15.70 6.81
C LEU M 206 -16.59 15.82 5.42
N ASP M 207 -16.66 16.99 4.82
CA ASP M 207 -15.91 17.31 3.58
C ASP M 207 -16.41 16.41 2.44
N GLY M 208 -17.70 16.05 2.46
CA GLY M 208 -18.34 15.25 1.40
C GLY M 208 -19.25 16.07 0.51
N THR M 209 -19.19 17.41 0.55
CA THR M 209 -20.03 18.32 -0.29
C THR M 209 -19.63 18.20 -1.76
N PRO M 210 -20.59 17.91 -2.68
CA PRO M 210 -20.26 17.78 -4.08
C PRO M 210 -20.18 19.16 -4.75
N GLU M 211 -19.91 19.18 -6.05
CA GLU M 211 -19.93 20.42 -6.89
C GLU M 211 -21.39 20.73 -7.21
N LEU M 212 -22.15 19.74 -7.70
CA LEU M 212 -23.60 19.89 -8.04
C LEU M 212 -24.43 18.98 -7.14
N GLU M 213 -25.65 19.41 -6.90
CA GLU M 213 -26.70 18.63 -6.19
C GLU M 213 -27.98 18.77 -7.03
N ALA M 214 -28.66 17.66 -7.30
CA ALA M 214 -29.88 17.64 -8.12
C ALA M 214 -30.74 16.45 -7.69
N LYS M 215 -32.06 16.53 -7.92
CA LYS M 215 -33.04 15.53 -7.47
C LYS M 215 -32.94 14.28 -8.34
N THR M 216 -32.59 14.46 -9.61
CA THR M 216 -32.62 13.41 -10.65
C THR M 216 -31.40 13.53 -11.58
N VAL M 217 -31.14 12.48 -12.35
CA VAL M 217 -30.04 12.43 -13.34
C VAL M 217 -30.44 13.40 -14.46
N LEU M 218 -31.73 13.46 -14.76
CA LEU M 218 -32.30 14.42 -15.73
C LEU M 218 -31.95 15.84 -15.30
N GLU M 219 -32.17 16.20 -14.03
CA GLU M 219 -31.80 17.53 -13.46
C GLU M 219 -30.29 17.76 -13.57
N VAL M 220 -29.49 16.71 -13.41
CA VAL M 220 -28.00 16.79 -13.52
C VAL M 220 -27.66 17.12 -14.98
N ALA M 221 -28.27 16.41 -15.94
CA ALA M 221 -28.07 16.62 -17.39
C ALA M 221 -28.41 18.08 -17.74
N ARG M 222 -29.55 18.57 -17.24
CA ARG M 222 -30.04 19.95 -17.48
C ARG M 222 -29.06 20.98 -16.89
N THR M 223 -28.58 20.77 -15.66
CA THR M 223 -27.67 21.71 -14.97
C THR M 223 -26.34 21.84 -15.73
N LEU M 224 -25.89 20.76 -16.40
CA LEU M 224 -24.60 20.75 -17.15
C LEU M 224 -24.76 21.50 -18.47
N LEU M 225 -25.99 21.64 -18.91
CA LEU M 225 -26.40 22.05 -20.27
C LEU M 225 -26.53 23.59 -20.36
N VAL N 5 -6.58 -28.02 24.60
CA VAL N 5 -6.32 -26.91 23.67
C VAL N 5 -5.09 -26.15 24.13
N LYS N 6 -4.29 -25.71 23.18
CA LYS N 6 -3.03 -25.00 23.46
C LYS N 6 -3.32 -23.59 23.96
N LYS N 7 -2.57 -23.16 24.97
CA LYS N 7 -2.81 -21.90 25.70
C LYS N 7 -2.10 -20.78 24.96
N PRO N 8 -2.78 -19.68 24.56
CA PRO N 8 -2.13 -18.60 23.84
C PRO N 8 -1.23 -17.77 24.78
N GLU N 9 -0.12 -17.25 24.26
CA GLU N 9 0.82 -16.38 25.02
C GLU N 9 0.23 -14.97 25.14
N LEU N 10 -0.61 -14.56 24.17
CA LEU N 10 -1.19 -13.20 24.11
C LEU N 10 -2.66 -13.31 23.73
N LEU N 11 -3.50 -12.49 24.36
CA LEU N 11 -4.93 -12.31 23.97
C LEU N 11 -5.14 -10.85 23.61
N ILE N 12 -5.68 -10.61 22.41
CA ILE N 12 -6.10 -9.26 21.94
C ILE N 12 -7.63 -9.18 22.03
N PHE N 13 -8.15 -8.23 22.82
CA PHE N 13 -9.59 -8.00 23.02
C PHE N 13 -10.04 -6.77 22.23
N ASP N 14 -11.06 -6.94 21.38
CA ASP N 14 -11.92 -5.83 20.89
C ASP N 14 -12.59 -5.23 22.13
N VAL N 15 -12.88 -3.93 22.12
CA VAL N 15 -13.36 -3.19 23.31
C VAL N 15 -14.87 -2.95 23.20
N ASN N 16 -15.33 -2.34 22.10
CA ASN N 16 -16.62 -1.62 22.09
C ASN N 16 -17.77 -2.58 22.33
N GLU N 17 -17.78 -3.78 21.79
CA GLU N 17 -18.96 -4.66 22.00
C GLU N 17 -18.57 -5.83 22.90
N THR N 18 -17.33 -6.26 22.71
CA THR N 18 -16.73 -7.48 23.29
C THR N 18 -16.60 -7.32 24.82
N LEU N 19 -16.19 -6.13 25.29
CA LEU N 19 -15.97 -5.88 26.73
C LEU N 19 -17.03 -4.89 27.24
N LEU N 20 -17.29 -3.81 26.50
CA LEU N 20 -18.17 -2.71 26.96
C LEU N 20 -19.60 -3.03 26.56
N ASP N 21 -20.56 -2.77 27.47
CA ASP N 21 -22.02 -2.81 27.19
C ASP N 21 -22.41 -1.47 26.55
N MET N 22 -22.86 -1.51 25.29
CA MET N 22 -23.22 -0.29 24.51
C MET N 22 -24.56 0.25 24.99
N GLY N 23 -25.22 -0.41 25.96
CA GLY N 23 -26.56 -0.07 26.48
C GLY N 23 -26.78 1.43 26.64
N PRO N 24 -25.98 2.14 27.45
CA PRO N 24 -26.20 3.58 27.65
C PRO N 24 -26.27 4.37 26.34
N LEU N 25 -25.47 4.02 25.34
CA LEU N 25 -25.38 4.75 24.04
C LEU N 25 -26.52 4.27 23.12
N GLU N 26 -26.79 2.98 23.09
CA GLU N 26 -27.91 2.36 22.33
C GLU N 26 -29.23 3.02 22.76
N ASN N 27 -29.52 3.08 24.05
CA ASN N 27 -30.82 3.60 24.59
C ASN N 27 -30.91 5.11 24.34
N ALA N 28 -29.82 5.85 24.50
CA ALA N 28 -29.75 7.31 24.24
C ALA N 28 -30.12 7.64 22.79
N ILE N 29 -29.68 6.82 21.82
CA ILE N 29 -29.90 7.03 20.35
C ILE N 29 -31.28 6.51 20.00
N ASN N 30 -31.62 5.28 20.41
CA ASN N 30 -32.94 4.63 20.14
C ASN N 30 -34.09 5.52 20.64
N GLU N 31 -33.92 6.17 21.81
CA GLU N 31 -34.94 7.07 22.41
C GLU N 31 -35.04 8.38 21.62
N SER N 32 -33.91 9.04 21.40
CA SER N 32 -33.85 10.34 20.67
C SER N 32 -34.42 10.24 19.26
N LEU N 33 -34.27 9.11 18.57
CA LEU N 33 -34.75 8.93 17.17
C LEU N 33 -36.01 8.08 17.19
N ASN N 34 -36.43 7.68 18.39
CA ASN N 34 -37.75 7.05 18.66
C ASN N 34 -37.91 5.83 17.76
N SER N 35 -36.92 4.92 17.81
CA SER N 35 -36.91 3.62 17.09
C SER N 35 -35.93 2.68 17.81
N GLU N 36 -36.24 1.39 17.93
CA GLU N 36 -35.32 0.36 18.46
C GLU N 36 -34.18 0.10 17.47
N HIS N 37 -34.35 0.51 16.20
CA HIS N 37 -33.44 0.15 15.08
C HIS N 37 -32.45 1.28 14.76
N ALA N 38 -32.49 2.40 15.48
CA ALA N 38 -31.64 3.60 15.23
C ALA N 38 -30.16 3.32 15.52
N PHE N 39 -29.87 2.70 16.66
CA PHE N 39 -28.50 2.37 17.10
C PHE N 39 -27.81 1.46 16.07
N SER N 40 -28.46 0.34 15.70
CA SER N 40 -27.95 -0.67 14.74
C SER N 40 -27.57 0.00 13.42
N LEU N 41 -28.46 0.85 12.89
CA LEU N 41 -28.25 1.50 11.57
C LEU N 41 -27.13 2.55 11.68
N TRP N 42 -27.09 3.30 12.79
CA TRP N 42 -26.11 4.39 12.99
C TRP N 42 -24.71 3.79 13.15
N PHE N 43 -24.57 2.80 14.03
CA PHE N 43 -23.26 2.19 14.36
C PHE N 43 -22.72 1.51 13.10
N ARG N 44 -23.58 0.83 12.35
CA ARG N 44 -23.17 0.14 11.10
C ARG N 44 -22.70 1.20 10.09
N THR N 45 -23.33 2.37 10.08
CA THR N 45 -22.98 3.52 9.20
C THR N 45 -21.63 4.10 9.65
N LEU N 46 -21.48 4.31 10.95
CA LEU N 46 -20.20 4.74 11.58
C LEU N 46 -19.06 3.83 11.09
N LEU N 47 -19.26 2.51 11.11
CA LEU N 47 -18.20 1.52 10.78
C LEU N 47 -17.92 1.58 9.28
N HIS N 48 -18.96 1.70 8.46
CA HIS N 48 -18.83 1.81 6.99
C HIS N 48 -17.98 3.03 6.64
N TYR N 49 -18.29 4.19 7.23
CA TYR N 49 -17.64 5.48 6.89
C TYR N 49 -16.21 5.51 7.45
N SER N 50 -15.97 4.85 8.58
CA SER N 50 -14.61 4.70 9.16
C SER N 50 -13.72 3.98 8.15
N LEU N 51 -14.21 2.88 7.55
CA LEU N 51 -13.45 2.09 6.55
C LEU N 51 -13.37 2.89 5.24
N THR N 52 -14.38 3.72 4.97
CA THR N 52 -14.43 4.66 3.83
C THR N 52 -13.28 5.66 3.97
N GLU N 53 -13.08 6.21 5.16
CA GLU N 53 -11.97 7.16 5.44
C GLU N 53 -10.63 6.48 5.10
N THR N 54 -10.39 5.29 5.64
CA THR N 54 -9.12 4.54 5.47
C THR N 54 -8.85 4.31 3.97
N LEU N 55 -9.86 3.81 3.24
CA LEU N 55 -9.72 3.41 1.82
C LEU N 55 -9.60 4.64 0.90
N THR N 56 -9.90 5.84 1.40
CA THR N 56 -9.71 7.13 0.68
C THR N 56 -8.48 7.87 1.22
N GLY N 57 -7.65 7.19 2.01
CA GLY N 57 -6.33 7.68 2.45
C GLY N 57 -6.42 8.83 3.44
N ASN N 58 -7.41 8.78 4.33
CA ASN N 58 -7.59 9.79 5.40
C ASN N 58 -7.96 9.09 6.71
N TYR N 59 -7.60 9.70 7.84
CA TYR N 59 -7.97 9.28 9.20
C TYR N 59 -8.79 10.43 9.82
N VAL N 60 -9.89 10.07 10.47
CA VAL N 60 -10.73 10.99 11.29
C VAL N 60 -11.02 10.25 12.59
N ASP N 61 -10.90 10.91 13.75
CA ASP N 61 -11.06 10.24 15.07
C ASP N 61 -12.47 9.66 15.13
N PHE N 62 -12.63 8.52 15.81
CA PHE N 62 -13.85 7.69 15.84
C PHE N 62 -15.05 8.54 16.29
N GLY N 63 -14.84 9.49 17.20
CA GLY N 63 -15.88 10.34 17.78
C GLY N 63 -16.46 11.33 16.78
N THR N 64 -15.63 11.89 15.88
CA THR N 64 -16.04 12.87 14.84
C THR N 64 -16.84 12.19 13.70
N ILE N 65 -16.47 10.97 13.29
CA ILE N 65 -17.26 10.15 12.32
C ILE N 65 -18.60 9.81 13.00
N GLY N 66 -18.57 9.52 14.30
CA GLY N 66 -19.77 9.16 15.09
C GLY N 66 -20.80 10.26 15.04
N LYS N 67 -20.36 11.49 15.21
CA LYS N 67 -21.26 12.67 15.18
C LYS N 67 -21.81 12.88 13.76
N ALA N 68 -20.94 12.91 12.75
CA ALA N 68 -21.33 13.11 11.34
C ALA N 68 -22.38 12.06 10.95
N THR N 69 -22.14 10.78 11.28
CA THR N 69 -23.01 9.65 10.87
C THR N 69 -24.31 9.69 11.67
N LEU N 70 -24.30 10.28 12.87
CA LEU N 70 -25.54 10.41 13.68
C LEU N 70 -26.44 11.47 13.04
N LYS N 71 -25.87 12.56 12.55
CA LYS N 71 -26.58 13.63 11.78
C LYS N 71 -27.20 13.03 10.52
N MET N 72 -26.51 12.12 9.82
CA MET N 72 -27.06 11.42 8.62
C MET N 72 -28.20 10.48 9.04
N THR N 73 -27.99 9.67 10.08
CA THR N 73 -28.97 8.66 10.55
C THR N 73 -30.25 9.32 11.07
N MET N 74 -30.15 10.44 11.80
CA MET N 74 -31.34 11.09 12.41
C MET N 74 -32.31 11.54 11.29
N ARG N 75 -31.80 12.01 10.15
CA ARG N 75 -32.61 12.43 8.98
C ARG N 75 -33.53 11.27 8.57
N LYS N 76 -33.02 10.04 8.62
CA LYS N 76 -33.79 8.84 8.21
C LYS N 76 -34.91 8.51 9.21
N PHE N 77 -34.92 9.12 10.39
CA PHE N 77 -35.97 8.90 11.41
C PHE N 77 -36.81 10.18 11.56
N GLY N 78 -36.65 11.11 10.61
CA GLY N 78 -37.41 12.36 10.53
C GLY N 78 -37.10 13.29 11.68
N LYS N 79 -35.99 13.08 12.38
CA LYS N 79 -35.56 13.95 13.49
C LYS N 79 -34.51 14.94 13.00
N ASN N 80 -34.30 15.99 13.76
CA ASN N 80 -33.22 16.98 13.56
C ASN N 80 -32.78 17.50 14.94
N LEU N 81 -31.92 16.73 15.60
CA LEU N 81 -31.43 17.01 16.98
C LEU N 81 -30.46 18.19 16.93
N SER N 82 -30.50 19.05 17.95
CA SER N 82 -29.51 20.14 18.16
C SER N 82 -28.15 19.54 18.50
N GLU N 83 -27.08 20.30 18.20
CA GLU N 83 -25.67 19.97 18.54
C GLU N 83 -25.59 19.56 20.01
N ASP N 84 -26.15 20.38 20.91
CA ASP N 84 -26.20 20.11 22.37
C ASP N 84 -26.61 18.66 22.61
N ARG N 85 -27.63 18.17 21.92
CA ARG N 85 -28.16 16.80 22.16
C ARG N 85 -27.27 15.71 21.58
N LEU N 86 -26.81 15.93 20.35
CA LEU N 86 -25.85 15.03 19.66
C LEU N 86 -24.66 14.79 20.59
N ASP N 87 -24.11 15.86 21.19
CA ASP N 87 -22.98 15.81 22.15
C ASP N 87 -23.36 15.03 23.41
N ALA N 88 -24.52 15.31 24.00
CA ALA N 88 -25.06 14.58 25.17
C ALA N 88 -25.21 13.10 24.82
N ILE N 89 -25.81 12.79 23.67
CA ILE N 89 -26.04 11.39 23.24
C ILE N 89 -24.69 10.68 23.09
N LEU N 90 -23.76 11.27 22.33
CA LEU N 90 -22.44 10.68 21.98
C LEU N 90 -21.49 10.68 23.19
N GLY N 91 -21.76 11.50 24.21
CA GLY N 91 -21.00 11.48 25.47
C GLY N 91 -21.04 10.12 26.13
N ASN N 92 -22.10 9.34 25.88
CA ASN N 92 -22.33 8.00 26.46
C ASN N 92 -21.27 7.00 25.99
N ILE N 93 -20.50 7.31 24.95
CA ILE N 93 -19.38 6.45 24.47
C ILE N 93 -18.32 6.32 25.59
N LYS N 94 -18.14 7.36 26.41
CA LYS N 94 -17.12 7.45 27.51
C LYS N 94 -17.65 6.85 28.82
N LYS N 95 -18.94 6.46 28.84
CA LYS N 95 -19.67 6.04 30.07
C LYS N 95 -20.33 4.70 29.80
N LEU N 96 -19.64 3.80 29.10
CA LEU N 96 -20.08 2.39 28.90
C LEU N 96 -19.50 1.53 30.01
N PRO N 97 -20.36 0.83 30.80
CA PRO N 97 -19.91 -0.10 31.81
C PRO N 97 -19.54 -1.43 31.16
N ALA N 98 -18.74 -2.24 31.84
CA ALA N 98 -18.29 -3.57 31.35
C ALA N 98 -19.44 -4.55 31.44
N HIS N 99 -19.55 -5.48 30.50
CA HIS N 99 -20.43 -6.67 30.61
C HIS N 99 -20.10 -7.41 31.90
N GLU N 100 -21.09 -8.05 32.55
CA GLU N 100 -20.98 -8.62 33.91
C GLU N 100 -19.88 -9.68 33.99
N ASP N 101 -19.65 -10.38 32.87
CA ASP N 101 -18.77 -11.57 32.78
C ASP N 101 -17.30 -11.18 32.56
N VAL N 102 -16.98 -9.92 32.25
CA VAL N 102 -15.66 -9.49 31.72
C VAL N 102 -14.61 -9.55 32.84
N LYS N 103 -14.84 -8.89 33.97
CA LYS N 103 -13.83 -8.71 35.05
C LYS N 103 -13.37 -10.06 35.60
N GLU N 104 -14.31 -10.99 35.78
CA GLU N 104 -14.00 -12.36 36.27
C GLU N 104 -13.14 -13.09 35.23
N GLY N 105 -13.56 -13.07 33.97
CA GLY N 105 -12.85 -13.70 32.84
C GLY N 105 -11.42 -13.16 32.69
N LEU N 106 -11.25 -11.85 32.84
CA LEU N 106 -9.93 -11.19 32.65
C LEU N 106 -9.02 -11.61 33.81
N LYS N 107 -9.54 -11.62 35.04
CA LYS N 107 -8.77 -12.07 36.23
C LYS N 107 -8.20 -13.47 36.04
N MET N 108 -9.06 -14.42 35.66
CA MET N 108 -8.65 -15.83 35.40
C MET N 108 -7.49 -15.83 34.42
N LEU N 109 -7.61 -15.05 33.35
CA LEU N 109 -6.61 -15.03 32.24
C LEU N 109 -5.34 -14.35 32.73
N LYS N 110 -5.47 -13.32 33.58
CA LYS N 110 -4.31 -12.56 34.09
C LYS N 110 -3.55 -13.38 35.14
N GLU N 111 -4.27 -14.16 35.93
CA GLU N 111 -3.69 -15.09 36.94
C GLU N 111 -2.93 -16.21 36.23
N ALA N 112 -3.44 -16.67 35.08
CA ALA N 112 -2.83 -17.77 34.29
C ALA N 112 -1.57 -17.27 33.56
N GLN N 113 -1.19 -16.01 33.78
CA GLN N 113 0.04 -15.36 33.25
C GLN N 113 -0.03 -15.24 31.73
N ILE N 114 -1.22 -15.05 31.19
CA ILE N 114 -1.44 -14.71 29.75
C ILE N 114 -1.41 -13.18 29.60
N LYS N 115 -0.62 -12.70 28.64
CA LYS N 115 -0.55 -11.26 28.26
C LYS N 115 -1.92 -10.86 27.70
N LEU N 116 -2.53 -9.83 28.25
CA LEU N 116 -3.83 -9.33 27.80
C LEU N 116 -3.67 -7.90 27.30
N VAL N 117 -3.99 -7.66 26.04
CA VAL N 117 -3.99 -6.29 25.46
C VAL N 117 -5.38 -5.99 24.88
N ALA N 118 -5.68 -4.71 24.69
CA ALA N 118 -6.88 -4.22 23.97
C ALA N 118 -6.45 -3.67 22.62
N LEU N 119 -7.32 -3.84 21.61
CA LEU N 119 -7.20 -3.16 20.30
C LEU N 119 -8.57 -2.59 19.91
N SER N 120 -8.69 -1.27 19.84
CA SER N 120 -9.95 -0.52 19.59
C SER N 120 -9.77 0.45 18.43
N ASN N 121 -10.87 0.74 17.73
CA ASN N 121 -10.94 1.79 16.68
C ASN N 121 -10.98 3.18 17.37
N SER N 122 -11.33 3.25 18.65
CA SER N 122 -11.33 4.49 19.46
C SER N 122 -9.92 5.08 19.46
N ASN N 123 -9.80 6.41 19.48
CA ASN N 123 -8.49 7.11 19.58
C ASN N 123 -7.95 6.82 20.98
N GLY N 124 -6.66 7.10 21.20
CA GLY N 124 -5.91 6.80 22.43
C GLY N 124 -6.60 7.34 23.67
N LYS N 125 -6.93 8.64 23.67
CA LYS N 125 -7.55 9.34 24.82
C LYS N 125 -8.94 8.77 25.13
N LEU N 126 -9.76 8.57 24.10
CA LEU N 126 -11.13 8.02 24.26
C LEU N 126 -11.04 6.60 24.84
N LEU N 127 -10.18 5.75 24.28
CA LEU N 127 -9.99 4.35 24.72
C LEU N 127 -9.61 4.32 26.21
N ASN N 128 -8.66 5.16 26.64
CA ASN N 128 -8.25 5.28 28.07
C ASN N 128 -9.50 5.61 28.89
N ALA N 129 -10.21 6.65 28.49
CA ALA N 129 -11.37 7.17 29.24
C ALA N 129 -12.39 6.03 29.39
N GLN N 130 -12.71 5.35 28.30
CA GLN N 130 -13.67 4.23 28.25
C GLN N 130 -13.28 3.18 29.29
N LEU N 131 -12.04 2.68 29.20
CA LEU N 131 -11.58 1.52 30.01
C LEU N 131 -11.42 1.94 31.48
N GLN N 132 -11.15 3.22 31.77
CA GLN N 132 -11.03 3.70 33.17
C GLN N 132 -12.44 3.77 33.77
N PHE N 133 -13.43 4.20 32.98
CA PHE N 133 -14.86 4.27 33.39
C PHE N 133 -15.38 2.86 33.72
N ALA N 134 -15.03 1.85 32.91
CA ALA N 134 -15.46 0.43 33.09
C ALA N 134 -14.56 -0.31 34.11
N GLY N 135 -13.56 0.37 34.68
CA GLY N 135 -12.54 -0.24 35.56
C GLY N 135 -11.94 -1.51 34.96
N LEU N 136 -11.50 -1.45 33.70
CA LEU N 136 -10.83 -2.59 33.02
C LEU N 136 -9.38 -2.24 32.69
N ALA N 137 -8.95 -0.97 32.77
CA ALA N 137 -7.60 -0.50 32.35
C ALA N 137 -6.49 -1.35 32.98
N ASP N 138 -6.56 -1.68 34.28
CA ASP N 138 -5.47 -2.34 35.05
C ASP N 138 -5.32 -3.83 34.69
N TYR N 139 -6.26 -4.43 33.95
CA TYR N 139 -6.24 -5.85 33.51
C TYR N 139 -5.39 -6.02 32.25
N PHE N 140 -5.07 -4.93 31.55
CA PHE N 140 -4.32 -4.96 30.26
C PHE N 140 -2.90 -4.47 30.49
N ASP N 141 -1.95 -5.19 29.89
CA ASP N 141 -0.50 -4.85 29.86
C ASP N 141 -0.34 -3.59 29.01
N ALA N 142 -1.13 -3.47 27.94
CA ALA N 142 -1.08 -2.35 26.96
C ALA N 142 -2.42 -2.26 26.25
N ILE N 143 -2.83 -1.04 25.85
CA ILE N 143 -4.09 -0.79 25.09
C ILE N 143 -3.78 -0.07 23.78
N PHE N 144 -3.99 -0.75 22.65
CA PHE N 144 -3.64 -0.26 21.30
C PHE N 144 -4.83 0.48 20.68
N SER N 145 -4.61 1.74 20.29
CA SER N 145 -5.56 2.56 19.51
C SER N 145 -5.20 2.44 18.03
N VAL N 146 -6.15 2.70 17.14
CA VAL N 146 -5.89 2.77 15.67
C VAL N 146 -5.01 3.98 15.39
N GLU N 147 -4.99 5.00 16.26
CA GLU N 147 -3.98 6.09 16.22
C GLU N 147 -2.57 5.50 16.30
N ALA N 148 -2.38 4.49 17.17
CA ALA N 148 -1.12 3.75 17.40
C ALA N 148 -0.90 2.61 16.38
N VAL N 149 -1.61 2.62 15.24
CA VAL N 149 -1.22 1.86 14.01
C VAL N 149 -1.52 2.65 12.71
N GLY N 150 -2.19 3.81 12.76
CA GLY N 150 -2.51 4.63 11.57
C GLY N 150 -3.89 4.35 10.98
N ARG N 151 -4.24 3.07 10.83
CA ARG N 151 -5.42 2.59 10.03
C ARG N 151 -6.35 1.71 10.88
N TYR N 152 -7.64 1.80 10.57
CA TYR N 152 -8.78 1.14 11.27
C TYR N 152 -8.71 -0.39 11.11
N LYS N 153 -9.21 -1.11 12.12
CA LYS N 153 -9.58 -2.54 12.00
C LYS N 153 -10.79 -2.68 11.09
N PRO N 154 -10.91 -3.77 10.31
CA PRO N 154 -10.00 -4.92 10.41
C PRO N 154 -8.81 -5.00 9.45
N GLU N 155 -8.08 -3.91 9.25
CA GLU N 155 -6.88 -3.94 8.37
C GLU N 155 -5.82 -4.80 9.03
N LEU N 156 -5.18 -5.68 8.25
CA LEU N 156 -4.25 -6.72 8.75
C LEU N 156 -3.06 -6.08 9.50
N ALA N 157 -2.57 -4.92 9.07
CA ALA N 157 -1.42 -4.26 9.73
C ALA N 157 -1.78 -3.84 11.16
N SER N 158 -3.06 -3.68 11.51
CA SER N 158 -3.48 -3.30 12.90
C SER N 158 -3.14 -4.44 13.88
N TYR N 159 -3.48 -5.69 13.52
CA TYR N 159 -3.20 -6.89 14.36
C TYR N 159 -1.68 -7.08 14.43
N ARG N 160 -1.01 -7.07 13.27
CA ARG N 160 0.45 -7.35 13.15
C ARG N 160 1.25 -6.32 13.95
N ALA N 161 0.80 -5.06 14.03
CA ALA N 161 1.42 -4.01 14.88
C ALA N 161 1.46 -4.48 16.35
N VAL N 162 0.36 -5.06 16.82
CA VAL N 162 0.20 -5.53 18.23
C VAL N 162 1.18 -6.69 18.44
N LEU N 163 1.21 -7.68 17.54
CA LEU N 163 2.09 -8.89 17.61
C LEU N 163 3.55 -8.43 17.75
N GLU N 164 4.04 -7.59 16.84
CA GLU N 164 5.47 -7.23 16.81
C GLU N 164 5.80 -6.45 18.11
N THR N 165 4.88 -5.62 18.60
CA THR N 165 5.11 -4.74 19.78
C THR N 165 5.17 -5.57 21.08
N MET N 166 4.32 -6.59 21.20
CA MET N 166 4.25 -7.45 22.40
C MET N 166 5.25 -8.62 22.28
N LYS N 167 5.90 -8.79 21.14
CA LYS N 167 6.95 -9.83 20.92
C LYS N 167 6.35 -11.23 20.94
N VAL N 168 5.12 -11.40 20.45
CA VAL N 168 4.48 -12.74 20.39
C VAL N 168 4.13 -13.03 18.94
N PRO N 169 4.48 -14.22 18.42
CA PRO N 169 4.06 -14.65 17.09
C PRO N 169 2.53 -14.77 16.93
N ALA N 170 2.08 -14.74 15.67
CA ALA N 170 0.64 -14.75 15.30
C ALA N 170 0.00 -16.03 15.83
N GLU N 171 0.65 -17.18 15.62
CA GLU N 171 0.09 -18.52 15.94
C GLU N 171 -0.07 -18.71 17.46
N ASN N 172 0.60 -17.89 18.27
CA ASN N 172 0.49 -17.91 19.75
C ASN N 172 -0.39 -16.75 20.24
N THR N 173 -1.00 -15.99 19.34
CA THR N 173 -1.93 -14.89 19.70
C THR N 173 -3.35 -15.35 19.37
N MET N 174 -4.32 -14.98 20.21
CA MET N 174 -5.77 -15.19 19.95
C MET N 174 -6.51 -13.85 20.08
N MET N 175 -7.27 -13.49 19.05
CA MET N 175 -8.14 -12.29 19.05
C MET N 175 -9.48 -12.68 19.69
N VAL N 176 -9.96 -11.85 20.61
CA VAL N 176 -11.31 -12.01 21.23
C VAL N 176 -12.17 -10.83 20.76
N ALA N 177 -13.24 -11.11 20.02
CA ALA N 177 -14.12 -10.06 19.46
C ALA N 177 -15.55 -10.59 19.33
N ALA N 178 -16.50 -9.68 19.54
CA ALA N 178 -17.96 -9.91 19.35
C ALA N 178 -18.39 -9.48 17.95
N ASN N 179 -17.46 -9.27 17.01
CA ASN N 179 -17.73 -8.75 15.65
C ASN N 179 -17.24 -9.79 14.64
N GLY N 180 -18.03 -10.12 13.62
CA GLY N 180 -17.65 -11.11 12.60
C GLY N 180 -16.47 -10.64 11.75
N TRP N 181 -16.36 -9.33 11.55
CA TRP N 181 -15.34 -8.67 10.69
C TRP N 181 -13.99 -8.67 11.43
N ASP N 182 -14.01 -8.40 12.74
CA ASP N 182 -12.79 -8.41 13.58
C ASP N 182 -12.21 -9.82 13.59
N ILE N 183 -13.08 -10.83 13.68
CA ILE N 183 -12.69 -12.26 13.63
C ILE N 183 -12.05 -12.50 12.26
N LEU N 184 -12.68 -12.02 11.19
CA LEU N 184 -12.19 -12.24 9.82
C LEU N 184 -10.79 -11.62 9.69
N GLY N 185 -10.61 -10.38 10.17
CA GLY N 185 -9.36 -9.63 10.04
C GLY N 185 -8.22 -10.38 10.69
N ALA N 186 -8.39 -10.71 11.97
CA ALA N 186 -7.39 -11.43 12.80
C ALA N 186 -7.09 -12.78 12.16
N LYS N 187 -8.11 -13.52 11.78
CA LYS N 187 -7.95 -14.86 11.14
C LYS N 187 -7.02 -14.71 9.93
N ARG N 188 -7.21 -13.67 9.12
CA ARG N 188 -6.43 -13.43 7.88
C ARG N 188 -5.04 -12.85 8.20
N ALA N 189 -4.82 -12.38 9.42
CA ALA N 189 -3.50 -11.90 9.88
C ALA N 189 -2.72 -13.04 10.54
N GLY N 190 -3.32 -14.23 10.61
CA GLY N 190 -2.66 -15.45 11.08
C GLY N 190 -2.96 -15.75 12.54
N LEU N 191 -3.84 -14.97 13.17
CA LEU N 191 -4.14 -15.11 14.63
C LEU N 191 -5.18 -16.22 14.84
N ARG N 192 -5.19 -16.80 16.03
CA ARG N 192 -6.30 -17.65 16.52
C ARG N 192 -7.47 -16.72 16.86
N THR N 193 -8.71 -17.23 16.87
CA THR N 193 -9.90 -16.36 17.04
C THR N 193 -10.88 -16.99 18.03
N ALA N 194 -11.39 -16.17 18.95
CA ALA N 194 -12.53 -16.51 19.83
C ALA N 194 -13.63 -15.47 19.58
N PHE N 195 -14.79 -15.94 19.12
CA PHE N 195 -16.01 -15.12 18.92
C PHE N 195 -16.87 -15.17 20.19
N VAL N 196 -17.03 -14.03 20.84
CA VAL N 196 -18.00 -13.83 21.95
C VAL N 196 -19.36 -13.50 21.32
N ALA N 197 -20.29 -14.46 21.33
CA ALA N 197 -21.65 -14.35 20.74
C ALA N 197 -22.57 -13.53 21.65
N ARG N 198 -22.31 -12.22 21.77
CA ARG N 198 -23.20 -11.25 22.45
C ARG N 198 -24.48 -11.08 21.63
N GLU N 199 -25.52 -10.54 22.25
CA GLU N 199 -26.86 -10.36 21.64
C GLU N 199 -26.72 -9.50 20.38
N GLY N 200 -27.31 -9.93 19.26
CA GLY N 200 -27.45 -9.12 18.03
C GLY N 200 -26.19 -9.10 17.17
N HIS N 201 -25.26 -10.03 17.44
CA HIS N 201 -23.99 -10.20 16.68
C HIS N 201 -23.95 -11.61 16.08
N ALA N 202 -23.59 -11.72 14.80
CA ALA N 202 -23.48 -13.00 14.06
C ALA N 202 -22.05 -13.19 13.56
N ILE N 203 -21.66 -14.44 13.31
CA ILE N 203 -20.39 -14.76 12.59
C ILE N 203 -20.61 -14.45 11.11
N TYR N 204 -19.58 -13.91 10.46
CA TYR N 204 -19.55 -13.68 9.00
C TYR N 204 -19.45 -15.04 8.30
N PRO N 205 -20.53 -15.52 7.63
CA PRO N 205 -20.54 -16.84 7.00
C PRO N 205 -19.50 -17.12 5.89
N LEU N 206 -18.83 -16.10 5.33
CA LEU N 206 -17.81 -16.25 4.26
C LEU N 206 -16.42 -16.34 4.91
N ASP N 207 -16.08 -17.53 5.39
CA ASP N 207 -14.72 -17.88 5.88
C ASP N 207 -14.38 -17.08 7.15
N GLY N 208 -15.38 -16.71 7.95
CA GLY N 208 -15.21 -15.95 9.19
C GLY N 208 -15.44 -16.81 10.45
N THR N 209 -15.45 -18.13 10.31
CA THR N 209 -15.66 -19.08 11.44
C THR N 209 -14.45 -19.04 12.36
N PRO N 210 -14.63 -18.77 13.67
CA PRO N 210 -13.52 -18.68 14.60
C PRO N 210 -13.08 -20.07 15.05
N GLU N 211 -11.99 -20.12 15.81
CA GLU N 211 -11.51 -21.35 16.49
C GLU N 211 -12.52 -21.69 17.60
N LEU N 212 -12.87 -20.73 18.46
CA LEU N 212 -13.85 -20.89 19.57
C LEU N 212 -15.06 -20.00 19.34
N GLU N 213 -16.22 -20.48 19.79
CA GLU N 213 -17.44 -19.67 20.03
C GLU N 213 -17.82 -19.78 21.52
N ALA N 214 -18.06 -18.65 22.16
CA ALA N 214 -18.58 -18.61 23.56
C ALA N 214 -19.60 -17.48 23.66
N LYS N 215 -20.39 -17.49 24.74
CA LYS N 215 -21.46 -16.49 24.95
C LYS N 215 -20.92 -15.35 25.79
N THR N 216 -19.91 -15.61 26.60
CA THR N 216 -19.26 -14.57 27.44
C THR N 216 -17.74 -14.67 27.30
N VAL N 217 -17.06 -13.63 27.75
CA VAL N 217 -15.58 -13.57 27.85
C VAL N 217 -15.17 -14.55 28.95
N LEU N 218 -15.98 -14.68 30.00
CA LEU N 218 -15.77 -15.63 31.12
C LEU N 218 -15.71 -17.05 30.56
N GLU N 219 -16.60 -17.37 29.62
CA GLU N 219 -16.67 -18.72 29.00
C GLU N 219 -15.47 -18.95 28.08
N VAL N 220 -14.90 -17.90 27.50
CA VAL N 220 -13.66 -17.99 26.66
C VAL N 220 -12.49 -18.32 27.61
N ALA N 221 -12.38 -17.60 28.73
CA ALA N 221 -11.34 -17.82 29.77
C ALA N 221 -11.40 -19.27 30.27
N ARG N 222 -12.61 -19.74 30.57
CA ARG N 222 -12.92 -21.09 31.10
C ARG N 222 -12.51 -22.14 30.06
N THR N 223 -12.75 -21.90 28.78
CA THR N 223 -12.43 -22.86 27.68
C THR N 223 -10.92 -22.91 27.46
N LEU N 224 -10.20 -21.79 27.61
CA LEU N 224 -8.75 -21.72 27.33
C LEU N 224 -7.93 -22.34 28.46
N LEU N 225 -8.37 -22.16 29.72
CA LEU N 225 -7.67 -22.70 30.91
C LEU N 225 -8.18 -24.12 31.18
N LYS N 226 -8.36 -24.90 30.10
CA LYS N 226 -9.05 -26.23 30.03
C LYS N 226 -10.52 -26.08 30.35
N VAL O 5 14.86 12.98 43.59
CA VAL O 5 14.29 12.72 42.24
C VAL O 5 13.12 11.75 42.38
N LYS O 6 11.96 12.15 41.88
CA LYS O 6 10.76 11.30 41.74
C LYS O 6 11.05 10.16 40.75
N LYS O 7 10.63 8.93 41.05
CA LYS O 7 10.83 7.79 40.12
C LYS O 7 9.79 7.84 39.02
N PRO O 8 10.17 7.59 37.76
CA PRO O 8 9.20 7.46 36.68
C PRO O 8 8.48 6.10 36.76
N GLU O 9 7.22 6.06 36.31
CA GLU O 9 6.41 4.82 36.17
C GLU O 9 6.78 4.10 34.88
N LEU O 10 7.34 4.81 33.88
CA LEU O 10 7.66 4.22 32.56
C LEU O 10 9.00 4.77 32.06
N LEU O 11 9.89 3.90 31.61
CA LEU O 11 11.15 4.28 30.91
C LEU O 11 11.06 3.81 29.46
N ILE O 12 11.26 4.74 28.52
CA ILE O 12 11.31 4.45 27.05
C ILE O 12 12.78 4.55 26.65
N PHE O 13 13.32 3.48 26.07
CA PHE O 13 14.73 3.38 25.62
C PHE O 13 14.79 3.46 24.10
N ASP O 14 15.55 4.42 23.56
CA ASP O 14 16.11 4.30 22.19
C ASP O 14 16.95 3.02 22.16
N VAL O 15 17.02 2.36 21.00
CA VAL O 15 17.70 1.04 20.86
C VAL O 15 19.08 1.24 20.23
N ASN O 16 19.17 1.72 18.99
CA ASN O 16 20.47 1.80 18.27
C ASN O 16 21.34 2.81 19.04
N GLU O 17 22.53 2.42 19.51
CA GLU O 17 23.53 3.29 20.18
C GLU O 17 23.24 3.39 21.67
N THR O 18 22.00 3.66 22.05
CA THR O 18 21.60 3.79 23.46
C THR O 18 21.79 2.44 24.14
N LEU O 19 21.34 1.35 23.51
CA LEU O 19 21.42 -0.02 24.06
C LEU O 19 22.39 -0.89 23.27
N LEU O 20 22.30 -0.88 21.94
CA LEU O 20 23.14 -1.75 21.08
C LEU O 20 24.44 -1.03 20.73
N ASP O 21 25.55 -1.77 20.76
CA ASP O 21 26.87 -1.31 20.29
C ASP O 21 26.88 -1.39 18.76
N MET O 22 27.08 -0.26 18.09
CA MET O 22 27.07 -0.15 16.60
C MET O 22 28.40 -0.65 16.01
N GLY O 23 29.36 -1.06 16.87
CA GLY O 23 30.72 -1.49 16.50
C GLY O 23 30.76 -2.39 15.26
N PRO O 24 30.06 -3.54 15.24
CA PRO O 24 30.12 -4.45 14.10
C PRO O 24 29.75 -3.77 12.78
N LEU O 25 28.69 -2.94 12.79
CA LEU O 25 28.17 -2.19 11.61
C LEU O 25 29.10 -1.01 11.29
N GLU O 26 29.47 -0.25 12.31
CA GLU O 26 30.44 0.88 12.17
C GLU O 26 31.73 0.35 11.52
N ASN O 27 32.28 -0.76 12.03
CA ASN O 27 33.58 -1.31 11.55
C ASN O 27 33.44 -1.82 10.10
N ALA O 28 32.35 -2.52 9.80
CA ALA O 28 32.08 -3.08 8.46
C ALA O 28 32.06 -1.97 7.40
N ILE O 29 31.43 -0.83 7.71
CA ILE O 29 31.26 0.29 6.74
C ILE O 29 32.61 0.99 6.59
N ASN O 30 33.21 1.39 7.71
CA ASN O 30 34.44 2.21 7.76
C ASN O 30 35.52 1.52 6.94
N GLU O 31 35.62 0.21 7.16
CA GLU O 31 36.58 -0.70 6.52
C GLU O 31 36.33 -0.74 5.01
N SER O 32 35.06 -0.85 4.64
CA SER O 32 34.60 -0.96 3.24
C SER O 32 34.85 0.33 2.49
N LEU O 33 34.71 1.49 3.15
CA LEU O 33 34.82 2.81 2.48
C LEU O 33 36.15 3.47 2.86
N ASN O 34 37.01 2.77 3.60
CA ASN O 34 38.42 3.20 3.87
C ASN O 34 38.43 4.54 4.59
N SER O 35 37.60 4.70 5.63
CA SER O 35 37.50 5.99 6.38
C SER O 35 36.88 5.73 7.74
N GLU O 36 37.39 6.40 8.78
CA GLU O 36 36.82 6.30 10.14
C GLU O 36 35.54 7.13 10.22
N HIS O 37 35.27 7.98 9.23
CA HIS O 37 34.11 8.92 9.21
C HIS O 37 32.94 8.35 8.39
N ALA O 38 33.16 7.31 7.60
CA ALA O 38 32.16 6.78 6.66
C ALA O 38 30.88 6.42 7.41
N PHE O 39 30.97 5.79 8.57
CA PHE O 39 29.76 5.30 9.28
C PHE O 39 28.94 6.49 9.77
N SER O 40 29.58 7.47 10.40
CA SER O 40 28.96 8.71 10.90
C SER O 40 28.19 9.44 9.80
N LEU O 41 28.83 9.61 8.64
CA LEU O 41 28.24 10.39 7.52
C LEU O 41 27.06 9.59 6.96
N TRP O 42 27.19 8.26 6.85
CA TRP O 42 26.14 7.39 6.27
C TRP O 42 24.92 7.42 7.20
N PHE O 43 25.15 7.25 8.49
CA PHE O 43 24.06 7.06 9.47
C PHE O 43 23.30 8.38 9.59
N ARG O 44 24.02 9.50 9.52
CA ARG O 44 23.43 10.87 9.56
C ARG O 44 22.59 11.08 8.30
N THR O 45 23.05 10.55 7.17
CA THR O 45 22.31 10.64 5.88
C THR O 45 21.04 9.80 5.97
N LEU O 46 21.13 8.58 6.51
CA LEU O 46 19.98 7.69 6.75
C LEU O 46 18.95 8.45 7.59
N LEU O 47 19.37 9.02 8.72
CA LEU O 47 18.48 9.75 9.66
C LEU O 47 17.86 10.95 8.96
N HIS O 48 18.62 11.69 8.16
CA HIS O 48 18.12 12.88 7.42
C HIS O 48 17.00 12.47 6.46
N TYR O 49 17.22 11.41 5.69
CA TYR O 49 16.27 10.95 4.65
C TYR O 49 15.08 10.29 5.35
N SER O 50 15.28 9.77 6.56
CA SER O 50 14.16 9.19 7.36
C SER O 50 13.14 10.28 7.67
N LEU O 51 13.62 11.47 8.04
CA LEU O 51 12.76 12.64 8.37
C LEU O 51 12.27 13.29 7.07
N THR O 52 13.04 13.19 5.99
CA THR O 52 12.61 13.67 4.64
C THR O 52 11.36 12.89 4.19
N GLU O 53 11.38 11.57 4.35
CA GLU O 53 10.24 10.69 3.99
C GLU O 53 9.00 11.15 4.78
N THR O 54 9.14 11.39 6.09
CA THR O 54 8.01 11.75 6.98
C THR O 54 7.43 13.09 6.51
N LEU O 55 8.26 14.13 6.36
CA LEU O 55 7.84 15.51 5.98
C LEU O 55 7.34 15.58 4.52
N THR O 56 7.49 14.55 3.71
CA THR O 56 6.97 14.48 2.32
C THR O 56 5.81 13.49 2.27
N GLY O 57 5.24 13.15 3.43
CA GLY O 57 4.02 12.33 3.57
C GLY O 57 4.20 10.89 3.11
N ASN O 58 5.39 10.32 3.31
CA ASN O 58 5.68 8.92 2.92
C ASN O 58 6.31 8.19 4.11
N TYR O 59 6.11 6.87 4.16
CA TYR O 59 6.90 5.95 5.03
C TYR O 59 7.66 4.93 4.18
N VAL O 60 8.93 4.72 4.50
CA VAL O 60 9.76 3.62 3.95
C VAL O 60 10.50 2.94 5.09
N ASP O 61 10.46 1.62 5.10
CA ASP O 61 11.27 0.75 5.97
C ASP O 61 12.64 1.40 6.20
N PHE O 62 13.09 1.45 7.46
CA PHE O 62 14.39 2.00 7.91
C PHE O 62 15.54 1.31 7.16
N GLY O 63 15.46 0.01 6.96
CA GLY O 63 16.55 -0.75 6.32
C GLY O 63 16.68 -0.33 4.88
N THR O 64 15.55 -0.11 4.21
CA THR O 64 15.51 0.25 2.76
C THR O 64 16.17 1.61 2.56
N ILE O 65 15.94 2.55 3.47
CA ILE O 65 16.55 3.91 3.44
C ILE O 65 18.05 3.74 3.75
N GLY O 66 18.40 2.86 4.69
CA GLY O 66 19.80 2.57 5.03
C GLY O 66 20.56 2.07 3.82
N LYS O 67 20.01 1.13 3.08
CA LYS O 67 20.70 0.60 1.88
C LYS O 67 20.82 1.70 0.83
N ALA O 68 19.76 2.48 0.63
CA ALA O 68 19.71 3.52 -0.43
C ALA O 68 20.78 4.58 -0.14
N THR O 69 20.78 5.10 1.08
CA THR O 69 21.72 6.16 1.55
C THR O 69 23.15 5.61 1.61
N LEU O 70 23.35 4.29 1.75
CA LEU O 70 24.72 3.70 1.76
C LEU O 70 25.28 3.73 0.32
N LYS O 71 24.46 3.39 -0.66
CA LYS O 71 24.80 3.55 -2.09
C LYS O 71 25.16 5.02 -2.38
N MET O 72 24.44 5.95 -1.76
CA MET O 72 24.70 7.40 -1.98
C MET O 72 26.04 7.73 -1.32
N THR O 73 26.28 7.25 -0.10
CA THR O 73 27.46 7.61 0.72
C THR O 73 28.72 6.96 0.15
N MET O 74 28.61 5.74 -0.40
CA MET O 74 29.82 5.02 -0.88
C MET O 74 30.44 5.80 -2.04
N ARG O 75 29.61 6.48 -2.83
CA ARG O 75 30.03 7.27 -4.04
C ARG O 75 30.98 8.38 -3.59
N LYS O 76 30.72 8.96 -2.42
CA LYS O 76 31.51 10.09 -1.87
C LYS O 76 32.87 9.66 -1.35
N PHE O 77 33.07 8.35 -1.17
CA PHE O 77 34.38 7.77 -0.72
C PHE O 77 35.04 7.03 -1.89
N GLY O 78 34.58 7.29 -3.12
CA GLY O 78 35.18 6.78 -4.36
C GLY O 78 34.98 5.28 -4.54
N LYS O 79 34.10 4.67 -3.76
CA LYS O 79 33.82 3.20 -3.81
C LYS O 79 32.49 2.94 -4.52
N ASN O 80 32.41 1.79 -5.19
CA ASN O 80 31.18 1.25 -5.84
C ASN O 80 30.99 -0.21 -5.43
N LEU O 81 30.46 -0.44 -4.23
CA LEU O 81 30.30 -1.79 -3.65
C LEU O 81 29.23 -2.57 -4.41
N SER O 82 29.40 -3.88 -4.58
CA SER O 82 28.39 -4.80 -5.17
C SER O 82 27.23 -4.94 -4.19
N GLU O 83 26.08 -5.40 -4.68
CA GLU O 83 24.86 -5.63 -3.86
C GLU O 83 25.19 -6.61 -2.73
N ASP O 84 25.92 -7.68 -3.08
CA ASP O 84 26.30 -8.76 -2.13
C ASP O 84 26.98 -8.15 -0.92
N ARG O 85 27.97 -7.29 -1.16
CA ARG O 85 28.73 -6.64 -0.08
C ARG O 85 27.83 -5.74 0.75
N LEU O 86 27.09 -4.87 0.07
CA LEU O 86 26.13 -3.93 0.71
C LEU O 86 25.23 -4.73 1.65
N ASP O 87 24.72 -5.88 1.21
CA ASP O 87 23.84 -6.74 2.03
C ASP O 87 24.63 -7.29 3.24
N ALA O 88 25.85 -7.78 2.99
CA ALA O 88 26.75 -8.38 4.01
C ALA O 88 27.03 -7.37 5.12
N ILE O 89 27.36 -6.13 4.75
CA ILE O 89 27.67 -4.99 5.66
C ILE O 89 26.42 -4.62 6.47
N LEU O 90 25.27 -4.42 5.83
CA LEU O 90 24.03 -3.98 6.51
C LEU O 90 23.48 -5.13 7.35
N GLY O 91 23.78 -6.39 6.97
CA GLY O 91 23.44 -7.59 7.75
C GLY O 91 23.83 -7.46 9.22
N ASN O 92 24.90 -6.70 9.51
CA ASN O 92 25.43 -6.49 10.88
C ASN O 92 24.42 -5.75 11.75
N ILE O 93 23.38 -5.14 11.18
CA ILE O 93 22.39 -4.37 12.02
C ILE O 93 21.61 -5.37 12.90
N LYS O 94 21.52 -6.63 12.48
CA LYS O 94 20.82 -7.70 13.24
C LYS O 94 21.75 -8.35 14.27
N LYS O 95 23.06 -8.11 14.20
CA LYS O 95 24.11 -8.79 15.03
C LYS O 95 24.85 -7.75 15.88
N LEU O 96 24.13 -6.81 16.46
CA LEU O 96 24.73 -5.81 17.38
C LEU O 96 24.56 -6.35 18.79
N PRO O 97 25.69 -6.49 19.53
CA PRO O 97 25.64 -6.82 20.94
C PRO O 97 25.24 -5.60 21.78
N ALA O 98 24.70 -5.84 22.97
CA ALA O 98 24.40 -4.79 23.96
C ALA O 98 25.71 -4.16 24.41
N HIS O 99 25.68 -2.89 24.76
CA HIS O 99 26.75 -2.27 25.56
C HIS O 99 26.76 -3.01 26.89
N GLU O 100 27.94 -3.01 27.48
CA GLU O 100 28.39 -3.90 28.57
C GLU O 100 27.66 -3.52 29.87
N ASP O 101 27.17 -2.27 29.95
CA ASP O 101 26.45 -1.70 31.12
C ASP O 101 24.93 -1.92 31.05
N VAL O 102 24.40 -2.38 29.93
CA VAL O 102 22.93 -2.34 29.63
C VAL O 102 22.19 -3.37 30.48
N LYS O 103 22.57 -4.65 30.44
CA LYS O 103 21.82 -5.77 31.10
C LYS O 103 21.71 -5.50 32.60
N GLU O 104 22.79 -5.02 33.21
CA GLU O 104 22.86 -4.71 34.66
C GLU O 104 21.95 -3.53 35.00
N GLY O 105 22.03 -2.45 34.22
CA GLY O 105 21.15 -1.27 34.32
C GLY O 105 19.66 -1.65 34.22
N LEU O 106 19.30 -2.42 33.18
CA LEU O 106 17.90 -2.80 32.90
C LEU O 106 17.41 -3.67 34.05
N LYS O 107 18.28 -4.54 34.55
CA LYS O 107 17.90 -5.49 35.61
C LYS O 107 17.55 -4.74 36.90
N MET O 108 18.38 -3.78 37.31
CA MET O 108 18.11 -2.92 38.49
C MET O 108 16.72 -2.30 38.36
N LEU O 109 16.46 -1.69 37.20
CA LEU O 109 15.26 -0.85 36.93
C LEU O 109 14.01 -1.76 36.99
N LYS O 110 14.09 -2.95 36.39
CA LYS O 110 12.95 -3.91 36.36
C LYS O 110 12.65 -4.40 37.77
N GLU O 111 13.69 -4.61 38.59
CA GLU O 111 13.59 -4.98 40.03
C GLU O 111 12.85 -3.90 40.81
N ALA O 112 13.05 -2.62 40.46
CA ALA O 112 12.41 -1.45 41.10
C ALA O 112 10.94 -1.33 40.66
N GLN O 113 10.44 -2.26 39.84
CA GLN O 113 9.03 -2.32 39.35
C GLN O 113 8.69 -1.08 38.52
N ILE O 114 9.64 -0.66 37.68
CA ILE O 114 9.47 0.39 36.65
C ILE O 114 9.21 -0.32 35.32
N LYS O 115 8.18 0.11 34.58
CA LYS O 115 7.84 -0.46 33.25
C LYS O 115 8.90 0.01 32.26
N LEU O 116 9.41 -0.91 31.45
CA LEU O 116 10.52 -0.64 30.51
C LEU O 116 10.00 -1.00 29.12
N VAL O 117 10.09 -0.03 28.22
CA VAL O 117 9.71 -0.24 26.80
C VAL O 117 10.82 0.36 25.92
N ALA O 118 10.94 -0.18 24.72
CA ALA O 118 11.86 0.32 23.69
C ALA O 118 11.03 1.06 22.64
N LEU O 119 11.66 2.04 21.99
CA LEU O 119 11.06 2.76 20.83
C LEU O 119 12.17 3.00 19.81
N SER O 120 12.09 2.36 18.66
CA SER O 120 13.15 2.38 17.62
C SER O 120 12.56 2.77 16.26
N ASN O 121 13.39 3.34 15.37
CA ASN O 121 13.02 3.63 13.96
C ASN O 121 13.13 2.33 13.14
N SER O 122 13.74 1.29 13.69
CA SER O 122 13.77 -0.06 13.08
C SER O 122 12.32 -0.55 12.96
N ASN O 123 12.03 -1.40 11.98
CA ASN O 123 10.67 -1.97 11.78
C ASN O 123 10.51 -3.09 12.82
N GLY O 124 9.28 -3.53 13.06
CA GLY O 124 8.95 -4.49 14.13
C GLY O 124 9.80 -5.75 14.05
N LYS O 125 9.87 -6.40 12.88
CA LYS O 125 10.62 -7.68 12.70
C LYS O 125 12.10 -7.44 13.02
N LEU O 126 12.69 -6.38 12.49
CA LEU O 126 14.13 -6.08 12.68
C LEU O 126 14.38 -5.82 14.17
N LEU O 127 13.55 -4.98 14.79
CA LEU O 127 13.70 -4.63 16.23
C LEU O 127 13.66 -5.90 17.08
N ASN O 128 12.71 -6.81 16.82
CA ASN O 128 12.59 -8.10 17.55
C ASN O 128 13.88 -8.89 17.39
N ALA O 129 14.42 -8.97 16.17
CA ALA O 129 15.67 -9.72 15.87
C ALA O 129 16.83 -9.07 16.61
N GLN O 130 16.92 -7.74 16.58
CA GLN O 130 18.03 -6.99 17.20
C GLN O 130 18.11 -7.35 18.69
N LEU O 131 16.97 -7.32 19.38
CA LEU O 131 16.88 -7.43 20.87
C LEU O 131 16.96 -8.90 21.30
N GLN O 132 16.50 -9.84 20.47
CA GLN O 132 16.70 -11.30 20.66
C GLN O 132 18.20 -11.60 20.63
N PHE O 133 18.93 -11.06 19.66
CA PHE O 133 20.36 -11.32 19.45
C PHE O 133 21.20 -10.73 20.59
N ALA O 134 20.85 -9.55 21.07
CA ALA O 134 21.53 -8.89 22.21
C ALA O 134 20.99 -9.45 23.55
N GLY O 135 20.04 -10.39 23.50
CA GLY O 135 19.35 -10.93 24.68
C GLY O 135 18.85 -9.82 25.58
N LEU O 136 18.19 -8.79 25.01
CA LEU O 136 17.57 -7.68 25.78
C LEU O 136 16.03 -7.77 25.73
N ALA O 137 15.47 -8.63 24.89
CA ALA O 137 14.01 -8.62 24.59
C ALA O 137 13.23 -8.75 25.90
N ASP O 138 13.61 -9.68 26.77
CA ASP O 138 12.82 -10.10 27.95
C ASP O 138 12.79 -8.98 29.01
N TYR O 139 13.66 -7.97 28.94
CA TYR O 139 13.69 -6.83 29.91
C TYR O 139 12.52 -5.86 29.66
N PHE O 140 11.86 -5.94 28.50
CA PHE O 140 10.87 -4.93 28.06
C PHE O 140 9.46 -5.52 28.10
N ASP O 141 8.51 -4.75 28.64
CA ASP O 141 7.06 -5.10 28.65
C ASP O 141 6.51 -4.98 27.22
N ALA O 142 6.96 -3.99 26.45
CA ALA O 142 6.56 -3.75 25.04
C ALA O 142 7.74 -3.15 24.26
N ILE O 143 7.77 -3.46 22.97
CA ILE O 143 8.82 -3.02 22.00
C ILE O 143 8.16 -2.26 20.84
N PHE O 144 8.25 -0.94 20.83
CA PHE O 144 7.54 -0.05 19.87
C PHE O 144 8.45 0.23 18.67
N SER O 145 7.98 -0.17 17.49
CA SER O 145 8.54 0.22 16.18
C SER O 145 7.73 1.40 15.65
N VAL O 146 8.33 2.19 14.75
CA VAL O 146 7.68 3.37 14.11
C VAL O 146 6.66 2.91 13.09
N GLU O 147 6.66 1.62 12.72
CA GLU O 147 5.52 0.98 12.00
C GLU O 147 4.28 0.98 12.89
N ALA O 148 4.47 0.72 14.19
CA ALA O 148 3.42 0.75 15.24
C ALA O 148 3.09 2.20 15.64
N VAL O 149 3.57 3.21 14.90
CA VAL O 149 3.19 4.65 15.08
C VAL O 149 2.95 5.38 13.74
N GLY O 150 3.37 4.83 12.59
CA GLY O 150 3.24 5.47 11.26
C GLY O 150 4.41 6.38 10.88
N ARG O 151 5.02 7.09 11.86
CA ARG O 151 6.01 8.15 11.54
C ARG O 151 7.24 8.09 12.48
N TYR O 152 8.37 8.49 11.89
CA TYR O 152 9.74 8.44 12.45
C TYR O 152 9.92 9.39 13.65
N LYS O 153 10.69 8.95 14.64
CA LYS O 153 11.25 9.83 15.69
C LYS O 153 12.15 10.84 15.00
N PRO O 154 12.24 12.10 15.50
CA PRO O 154 11.63 12.49 16.78
C PRO O 154 10.26 13.18 16.72
N GLU O 155 9.37 12.78 15.82
CA GLU O 155 8.03 13.38 15.73
C GLU O 155 7.28 13.11 17.05
N LEU O 156 6.65 14.13 17.59
CA LEU O 156 5.99 14.11 18.93
C LEU O 156 4.95 12.99 19.02
N ALA O 157 4.30 12.62 17.92
CA ALA O 157 3.23 11.59 17.91
C ALA O 157 3.81 10.21 18.28
N SER O 158 5.10 9.95 18.02
CA SER O 158 5.75 8.62 18.28
C SER O 158 5.79 8.36 19.79
N TYR O 159 6.26 9.33 20.56
CA TYR O 159 6.37 9.24 22.03
C TYR O 159 4.95 9.14 22.62
N ARG O 160 4.01 9.93 22.12
CA ARG O 160 2.62 10.03 22.67
C ARG O 160 1.88 8.73 22.44
N ALA O 161 2.18 8.02 21.35
CA ALA O 161 1.58 6.70 21.05
C ALA O 161 1.99 5.70 22.12
N VAL O 162 3.24 5.77 22.59
CA VAL O 162 3.78 4.87 23.65
C VAL O 162 3.04 5.19 24.97
N LEU O 163 2.99 6.48 25.36
CA LEU O 163 2.31 6.98 26.58
C LEU O 163 0.89 6.42 26.65
N GLU O 164 0.12 6.67 25.60
CA GLU O 164 -1.33 6.33 25.54
C GLU O 164 -1.49 4.80 25.51
N THR O 165 -0.58 4.07 24.87
CA THR O 165 -0.63 2.58 24.83
C THR O 165 -0.30 1.98 26.21
N MET O 166 0.70 2.53 26.92
CA MET O 166 1.19 1.99 28.21
C MET O 166 0.37 2.57 29.38
N LYS O 167 -0.47 3.57 29.10
CA LYS O 167 -1.39 4.17 30.11
C LYS O 167 -0.58 4.89 31.19
N VAL O 168 0.51 5.53 30.80
CA VAL O 168 1.34 6.36 31.72
C VAL O 168 1.38 7.79 31.20
N PRO O 169 1.05 8.79 32.04
CA PRO O 169 1.17 10.20 31.67
C PRO O 169 2.59 10.56 31.24
N ALA O 170 2.73 11.67 30.52
CA ALA O 170 4.01 12.16 29.97
C ALA O 170 4.95 12.52 31.11
N GLU O 171 4.44 13.14 32.19
CA GLU O 171 5.26 13.69 33.30
C GLU O 171 5.80 12.54 34.15
N ASN O 172 5.22 11.34 34.04
CA ASN O 172 5.66 10.13 34.78
C ASN O 172 6.47 9.21 33.84
N THR O 173 6.83 9.69 32.66
CA THR O 173 7.60 8.90 31.67
C THR O 173 8.94 9.58 31.39
N MET O 174 10.00 8.78 31.31
CA MET O 174 11.36 9.28 31.05
C MET O 174 11.87 8.56 29.80
N MET O 175 12.29 9.35 28.82
CA MET O 175 12.97 8.87 27.61
C MET O 175 14.46 8.78 27.93
N VAL O 176 15.03 7.60 27.70
CA VAL O 176 16.48 7.33 27.79
C VAL O 176 17.04 7.18 26.36
N ALA O 177 17.93 8.08 25.98
CA ALA O 177 18.52 8.03 24.63
C ALA O 177 19.92 8.61 24.64
N ALA O 178 20.73 8.16 23.68
CA ALA O 178 22.11 8.61 23.40
C ALA O 178 22.11 9.59 22.21
N ASN O 179 20.94 10.10 21.81
CA ASN O 179 20.79 11.00 20.65
C ASN O 179 20.20 12.33 21.16
N GLY O 180 20.74 13.45 20.70
CA GLY O 180 20.30 14.79 21.13
C GLY O 180 18.90 15.09 20.63
N TRP O 181 18.60 14.65 19.42
CA TRP O 181 17.31 14.88 18.72
C TRP O 181 16.23 14.04 19.38
N ASP O 182 16.59 12.86 19.89
CA ASP O 182 15.65 11.96 20.59
C ASP O 182 15.30 12.55 21.97
N ILE O 183 16.29 13.16 22.63
CA ILE O 183 16.05 13.96 23.87
C ILE O 183 15.12 15.12 23.48
N LEU O 184 15.49 15.91 22.48
CA LEU O 184 14.72 17.11 22.06
C LEU O 184 13.26 16.69 21.81
N GLY O 185 13.04 15.64 21.03
CA GLY O 185 11.69 15.15 20.70
C GLY O 185 10.90 14.87 21.97
N ALA O 186 11.38 13.95 22.80
CA ALA O 186 10.68 13.48 24.01
C ALA O 186 10.40 14.67 24.93
N LYS O 187 11.37 15.56 25.07
CA LYS O 187 11.28 16.78 25.91
C LYS O 187 10.06 17.58 25.44
N ARG O 188 9.92 17.81 24.15
CA ARG O 188 8.86 18.66 23.55
C ARG O 188 7.53 17.92 23.53
N ALA O 189 7.56 16.59 23.74
CA ALA O 189 6.36 15.73 23.89
C ALA O 189 5.96 15.67 25.35
N GLY O 190 6.68 16.38 26.23
CA GLY O 190 6.35 16.53 27.66
C GLY O 190 6.99 15.48 28.56
N LEU O 191 7.83 14.61 28.02
CA LEU O 191 8.49 13.53 28.81
C LEU O 191 9.69 14.10 29.57
N ARG O 192 10.11 13.36 30.60
CA ARG O 192 11.42 13.53 31.27
C ARG O 192 12.47 12.83 30.39
N THR O 193 13.72 13.31 30.44
CA THR O 193 14.79 12.90 29.51
C THR O 193 16.04 12.50 30.31
N ALA O 194 16.65 11.40 29.90
CA ALA O 194 17.98 10.94 30.35
C ALA O 194 18.87 10.77 29.12
N PHE O 195 19.93 11.56 29.02
CA PHE O 195 20.93 11.43 27.95
C PHE O 195 22.02 10.46 28.40
N VAL O 196 22.26 9.41 27.64
CA VAL O 196 23.41 8.47 27.83
C VAL O 196 24.55 8.96 26.92
N ALA O 197 25.64 9.45 27.54
CA ALA O 197 26.80 10.07 26.87
C ALA O 197 27.75 8.99 26.33
N ARG O 198 27.28 8.16 25.41
CA ARG O 198 28.12 7.25 24.60
C ARG O 198 29.10 8.07 23.76
N GLU O 199 30.15 7.42 23.26
CA GLU O 199 31.24 8.09 22.52
C GLU O 199 30.70 8.61 21.18
N GLY O 200 31.07 9.85 20.82
CA GLY O 200 30.76 10.42 19.50
C GLY O 200 29.35 10.98 19.42
N HIS O 201 28.67 11.15 20.57
CA HIS O 201 27.30 11.72 20.67
C HIS O 201 27.32 12.95 21.57
N ALA O 202 26.67 14.03 21.12
CA ALA O 202 26.58 15.32 21.83
C ALA O 202 25.13 15.62 22.18
N ILE O 203 24.89 16.38 23.24
CA ILE O 203 23.59 17.06 23.52
C ILE O 203 23.42 18.22 22.54
N TYR O 204 22.20 18.40 22.03
CA TYR O 204 21.84 19.54 21.15
C TYR O 204 21.81 20.81 22.00
N PRO O 205 22.69 21.81 21.71
CA PRO O 205 22.78 23.01 22.53
C PRO O 205 21.55 23.95 22.56
N LEU O 206 20.66 23.86 21.57
CA LEU O 206 19.45 24.70 21.43
C LEU O 206 18.27 24.01 22.13
N ASP O 207 18.20 24.21 23.44
CA ASP O 207 17.07 23.80 24.32
C ASP O 207 16.98 22.27 24.33
N GLY O 208 18.11 21.58 24.15
CA GLY O 208 18.17 20.11 24.11
C GLY O 208 18.73 19.51 25.39
N THR O 209 18.87 20.31 26.45
CA THR O 209 19.45 19.87 27.75
C THR O 209 18.49 18.87 28.36
N PRO O 210 18.96 17.66 28.76
CA PRO O 210 18.10 16.66 29.38
C PRO O 210 17.96 16.94 30.88
N GLU O 211 17.09 16.18 31.55
CA GLU O 211 16.94 16.23 33.03
C GLU O 211 18.20 15.61 33.67
N LEU O 212 18.61 14.42 33.21
CA LEU O 212 19.80 13.69 33.72
C LEU O 212 20.78 13.49 32.57
N GLU O 213 22.06 13.44 32.92
CA GLU O 213 23.17 13.08 32.01
C GLU O 213 23.98 11.98 32.72
N ALA O 214 24.32 10.91 32.02
CA ALA O 214 25.14 9.81 32.54
C ALA O 214 25.94 9.18 31.40
N LYS O 215 26.97 8.41 31.72
CA LYS O 215 27.92 7.81 30.75
C LYS O 215 27.36 6.49 30.23
N THR O 216 26.56 5.83 31.06
CA THR O 216 26.05 4.46 30.81
C THR O 216 24.60 4.35 31.28
N VAL O 217 23.88 3.37 30.72
CA VAL O 217 22.50 3.03 31.16
C VAL O 217 22.55 2.65 32.64
N LEU O 218 23.64 2.02 33.06
CA LEU O 218 23.83 1.60 34.47
C LEU O 218 23.87 2.83 35.38
N GLU O 219 24.63 3.85 35.00
CA GLU O 219 24.71 5.13 35.76
C GLU O 219 23.31 5.77 35.83
N VAL O 220 22.53 5.67 34.75
CA VAL O 220 21.16 6.24 34.69
C VAL O 220 20.32 5.46 35.70
N ALA O 221 20.40 4.13 35.69
CA ALA O 221 19.65 3.26 36.62
C ALA O 221 19.97 3.65 38.07
N ARG O 222 21.25 3.91 38.38
CA ARG O 222 21.73 4.26 39.74
C ARG O 222 21.16 5.61 40.14
N THR O 223 21.23 6.59 39.22
CA THR O 223 20.80 7.98 39.49
C THR O 223 19.29 8.05 39.75
N LEU O 224 18.50 7.17 39.13
CA LEU O 224 17.04 7.11 39.32
C LEU O 224 16.70 6.44 40.66
N LEU O 225 17.52 5.48 41.12
CA LEU O 225 17.28 4.71 42.38
C LEU O 225 18.22 5.19 43.49
N VAL P 5 9.87 19.32 -24.84
CA VAL P 5 9.77 19.80 -23.43
C VAL P 5 9.03 21.14 -23.39
N LYS P 6 7.93 21.16 -22.65
CA LYS P 6 7.19 22.41 -22.36
C LYS P 6 8.02 23.30 -21.44
N LYS P 7 8.00 24.60 -21.71
CA LYS P 7 8.75 25.63 -20.95
C LYS P 7 7.99 25.89 -19.65
N PRO P 8 8.66 25.94 -18.48
CA PRO P 8 7.98 26.25 -17.24
C PRO P 8 7.71 27.75 -17.08
N GLU P 9 6.57 28.11 -16.48
CA GLU P 9 6.18 29.52 -16.21
C GLU P 9 6.99 30.07 -15.04
N LEU P 10 7.38 29.20 -14.11
CA LEU P 10 8.09 29.57 -12.87
C LEU P 10 9.21 28.56 -12.64
N LEU P 11 10.39 29.06 -12.28
CA LEU P 11 11.56 28.26 -11.84
C LEU P 11 11.87 28.66 -10.40
N ILE P 12 11.92 27.65 -9.52
CA ILE P 12 12.33 27.78 -8.09
C ILE P 12 13.73 27.20 -7.95
N PHE P 13 14.69 28.04 -7.54
CA PHE P 13 16.11 27.66 -7.32
C PHE P 13 16.35 27.44 -5.82
N ASP P 14 16.91 26.28 -5.46
CA ASP P 14 17.72 26.10 -4.22
C ASP P 14 18.95 27.02 -4.35
N VAL P 15 19.48 27.51 -3.24
CA VAL P 15 20.59 28.52 -3.24
C VAL P 15 21.90 27.85 -2.84
N ASN P 16 21.98 27.34 -1.60
CA ASN P 16 23.20 26.71 -1.05
C ASN P 16 23.55 25.51 -1.92
N GLU P 17 24.72 25.48 -2.57
CA GLU P 17 25.21 24.35 -3.39
C GLU P 17 24.66 24.41 -4.81
N THR P 18 23.35 24.56 -4.98
CA THR P 18 22.73 24.62 -6.31
C THR P 18 23.29 25.84 -7.05
N LEU P 19 23.28 27.01 -6.41
CA LEU P 19 23.78 28.28 -7.00
C LEU P 19 25.13 28.66 -6.39
N LEU P 20 25.27 28.56 -5.07
CA LEU P 20 26.46 29.07 -4.35
C LEU P 20 27.53 27.95 -4.25
N ASP P 21 28.79 28.32 -4.43
CA ASP P 21 29.95 27.42 -4.23
C ASP P 21 30.28 27.43 -2.74
N MET P 22 30.17 26.28 -2.08
CA MET P 22 30.35 26.14 -0.60
C MET P 22 31.85 26.11 -0.27
N GLY P 23 32.72 26.22 -1.27
CA GLY P 23 34.18 26.04 -1.17
C GLY P 23 34.79 26.76 0.02
N PRO P 24 34.63 28.10 0.12
CA PRO P 24 35.14 28.86 1.26
C PRO P 24 34.76 28.28 2.64
N LEU P 25 33.51 27.82 2.79
CA LEU P 25 32.96 27.27 4.06
C LEU P 25 33.50 25.85 4.27
N GLU P 26 33.35 25.02 3.24
CA GLU P 26 33.83 23.61 3.21
C GLU P 26 35.32 23.58 3.61
N ASN P 27 36.16 24.42 3.00
CA ASN P 27 37.62 24.50 3.27
C ASN P 27 37.89 25.00 4.70
N ALA P 28 37.14 26.00 5.19
CA ALA P 28 37.31 26.54 6.54
C ALA P 28 37.08 25.46 7.62
N ILE P 29 36.03 24.64 7.47
CA ILE P 29 35.68 23.54 8.43
C ILE P 29 36.68 22.39 8.30
N ASN P 30 36.94 21.93 7.06
CA ASN P 30 37.86 20.79 6.76
C ASN P 30 39.25 21.08 7.33
N GLU P 31 39.71 22.32 7.19
CA GLU P 31 41.04 22.74 7.71
C GLU P 31 41.06 22.88 9.23
N SER P 32 39.95 23.31 9.82
CA SER P 32 39.83 23.49 11.29
C SER P 32 39.75 22.13 11.99
N LEU P 33 39.05 21.16 11.38
CA LEU P 33 38.80 19.82 12.00
C LEU P 33 39.72 18.74 11.42
N ASN P 34 40.56 19.09 10.44
CA ASN P 34 41.64 18.20 9.93
C ASN P 34 41.05 16.93 9.31
N SER P 35 40.13 17.09 8.37
CA SER P 35 39.43 16.00 7.65
C SER P 35 38.69 16.57 6.44
N GLU P 36 38.76 15.89 5.32
CA GLU P 36 38.09 16.35 4.07
C GLU P 36 36.60 15.98 4.17
N HIS P 37 36.18 15.25 5.21
CA HIS P 37 34.77 14.79 5.39
C HIS P 37 34.04 15.60 6.46
N ALA P 38 34.73 16.52 7.15
CA ALA P 38 34.21 17.32 8.28
C ALA P 38 33.02 18.16 7.84
N PHE P 39 33.12 18.83 6.70
CA PHE P 39 32.04 19.70 6.17
C PHE P 39 30.81 18.83 5.88
N SER P 40 31.01 17.68 5.22
CA SER P 40 29.91 16.76 4.81
C SER P 40 29.17 16.28 6.07
N LEU P 41 29.91 15.91 7.11
CA LEU P 41 29.28 15.38 8.34
C LEU P 41 28.54 16.53 9.04
N TRP P 42 29.13 17.73 9.05
CA TRP P 42 28.54 18.89 9.76
C TRP P 42 27.25 19.34 9.07
N PHE P 43 27.33 19.58 7.78
CA PHE P 43 26.19 20.11 6.98
C PHE P 43 25.04 19.12 7.09
N ARG P 44 25.34 17.81 7.05
CA ARG P 44 24.28 16.77 7.09
C ARG P 44 23.65 16.77 8.49
N THR P 45 24.43 17.12 9.51
CA THR P 45 23.94 17.19 10.90
C THR P 45 23.06 18.44 11.04
N LEU P 46 23.49 19.54 10.43
CA LEU P 46 22.71 20.79 10.34
C LEU P 46 21.33 20.51 9.72
N LEU P 47 21.29 19.87 8.55
CA LEU P 47 20.02 19.52 7.85
C LEU P 47 19.17 18.61 8.75
N HIS P 48 19.78 17.58 9.32
CA HIS P 48 19.06 16.60 10.19
C HIS P 48 18.33 17.35 11.31
N TYR P 49 19.01 18.28 11.99
CA TYR P 49 18.48 18.97 13.19
C TYR P 49 17.47 20.02 12.73
N SER P 50 17.60 20.54 11.51
CA SER P 50 16.64 21.50 10.91
C SER P 50 15.29 20.81 10.73
N LEU P 51 15.28 19.61 10.17
CA LEU P 51 14.07 18.76 10.02
C LEU P 51 13.58 18.29 11.40
N THR P 52 14.48 18.13 12.37
CA THR P 52 14.14 17.78 13.77
C THR P 52 13.35 18.93 14.38
N GLU P 53 13.80 20.17 14.18
CA GLU P 53 13.15 21.38 14.74
C GLU P 53 11.71 21.44 14.20
N THR P 54 11.53 21.29 12.89
CA THR P 54 10.21 21.31 12.21
C THR P 54 9.30 20.22 12.79
N LEU P 55 9.78 18.96 12.82
CA LEU P 55 9.00 17.78 13.30
C LEU P 55 8.71 17.83 14.81
N THR P 56 9.43 18.64 15.60
CA THR P 56 9.12 18.86 17.04
C THR P 56 8.30 20.15 17.21
N GLY P 57 7.86 20.76 16.09
CA GLY P 57 6.96 21.93 16.05
C GLY P 57 7.63 23.20 16.53
N ASN P 58 8.87 23.44 16.10
CA ASN P 58 9.67 24.63 16.48
C ASN P 58 10.38 25.14 15.21
N TYR P 59 10.72 26.43 15.18
CA TYR P 59 11.60 27.02 14.16
C TYR P 59 12.81 27.68 14.82
N VAL P 60 14.00 27.40 14.30
CA VAL P 60 15.26 28.10 14.71
C VAL P 60 15.94 28.51 13.41
N ASP P 61 16.48 29.71 13.33
CA ASP P 61 17.14 30.20 12.08
C ASP P 61 18.33 29.27 11.77
N PHE P 62 18.53 29.06 10.48
CA PHE P 62 19.56 28.19 9.87
C PHE P 62 20.97 28.49 10.40
N GLY P 63 21.31 29.77 10.53
CA GLY P 63 22.62 30.19 11.06
C GLY P 63 22.84 29.69 12.48
N THR P 64 21.80 29.73 13.32
CA THR P 64 21.88 29.31 14.75
C THR P 64 22.05 27.79 14.87
N ILE P 65 21.33 27.00 14.08
CA ILE P 65 21.44 25.51 14.08
C ILE P 65 22.82 25.15 13.57
N GLY P 66 23.31 25.85 12.55
CA GLY P 66 24.66 25.65 11.99
C GLY P 66 25.71 25.73 13.09
N LYS P 67 25.64 26.79 13.90
CA LYS P 67 26.61 27.05 15.00
C LYS P 67 26.56 25.93 16.03
N ALA P 68 25.34 25.52 16.44
CA ALA P 68 25.09 24.46 17.44
C ALA P 68 25.64 23.13 16.92
N THR P 69 25.37 22.80 15.66
CA THR P 69 25.75 21.49 15.06
C THR P 69 27.25 21.49 14.78
N LEU P 70 27.86 22.67 14.57
CA LEU P 70 29.32 22.78 14.37
C LEU P 70 30.03 22.45 15.68
N LYS P 71 29.52 22.92 16.83
CA LYS P 71 30.06 22.62 18.17
C LYS P 71 30.02 21.10 18.39
N MET P 72 28.89 20.48 18.05
CA MET P 72 28.67 19.02 18.19
C MET P 72 29.66 18.28 17.31
N THR P 73 29.85 18.75 16.08
CA THR P 73 30.71 18.12 15.06
C THR P 73 32.18 18.21 15.49
N MET P 74 32.64 19.35 16.01
CA MET P 74 34.09 19.57 16.26
C MET P 74 34.58 18.61 17.35
N ARG P 75 33.69 18.21 18.27
CA ARG P 75 33.98 17.25 19.36
C ARG P 75 34.19 15.84 18.85
N LYS P 76 33.44 15.53 17.81
CA LYS P 76 33.41 14.23 17.16
C LYS P 76 34.75 14.06 16.40
N PHE P 77 35.45 15.19 16.17
CA PHE P 77 36.80 15.24 15.51
C PHE P 77 37.90 15.56 16.53
N GLY P 78 37.58 15.48 17.82
CA GLY P 78 38.52 15.63 18.95
C GLY P 78 39.08 17.05 19.08
N LYS P 79 38.36 18.04 18.56
CA LYS P 79 38.78 19.47 18.61
C LYS P 79 37.90 20.23 19.58
N ASN P 80 38.49 21.20 20.25
CA ASN P 80 37.80 22.15 21.15
C ASN P 80 38.16 23.59 20.76
N LEU P 81 37.47 24.15 19.77
CA LEU P 81 37.74 25.51 19.25
C LEU P 81 37.06 26.54 20.17
N SER P 82 37.57 27.77 20.19
CA SER P 82 36.98 28.96 20.84
C SER P 82 35.81 29.48 20.01
N GLU P 83 34.92 30.29 20.60
CA GLU P 83 33.77 30.93 19.92
C GLU P 83 34.25 31.79 18.75
N ASP P 84 35.35 32.53 18.94
CA ASP P 84 35.93 33.41 17.90
C ASP P 84 36.18 32.59 16.64
N ARG P 85 36.71 31.37 16.80
CA ARG P 85 37.05 30.44 15.69
C ARG P 85 35.82 29.95 14.93
N LEU P 86 34.85 29.44 15.70
CA LEU P 86 33.59 28.86 15.18
C LEU P 86 32.85 29.96 14.41
N ASP P 87 32.77 31.17 14.96
CA ASP P 87 32.10 32.31 14.30
C ASP P 87 32.83 32.58 12.98
N ALA P 88 34.17 32.60 13.00
CA ALA P 88 35.00 32.99 11.84
C ALA P 88 34.80 31.98 10.72
N ILE P 89 34.72 30.70 11.08
CA ILE P 89 34.44 29.56 10.16
C ILE P 89 33.05 29.77 9.56
N LEU P 90 32.01 29.88 10.41
CA LEU P 90 30.60 30.07 9.97
C LEU P 90 30.45 31.30 9.08
N GLY P 91 31.11 32.40 9.44
CA GLY P 91 31.12 33.67 8.69
C GLY P 91 31.24 33.46 7.19
N ASN P 92 31.88 32.37 6.75
CA ASN P 92 32.13 32.10 5.31
C ASN P 92 30.82 31.82 4.57
N ILE P 93 29.73 31.57 5.29
CA ILE P 93 28.42 31.26 4.65
C ILE P 93 27.88 32.52 3.97
N LYS P 94 28.26 33.71 4.47
CA LYS P 94 27.91 35.03 3.86
C LYS P 94 28.85 35.40 2.70
N LYS P 95 29.97 34.70 2.55
CA LYS P 95 31.00 35.02 1.51
C LYS P 95 31.13 33.89 0.48
N LEU P 96 30.02 33.28 0.06
CA LEU P 96 30.06 32.18 -0.94
C LEU P 96 29.85 32.77 -2.32
N PRO P 97 30.83 32.63 -3.24
CA PRO P 97 30.65 33.07 -4.62
C PRO P 97 29.74 32.10 -5.38
N ALA P 98 29.16 32.55 -6.48
CA ALA P 98 28.33 31.72 -7.38
C ALA P 98 29.26 30.74 -8.10
N HIS P 99 28.75 29.55 -8.40
CA HIS P 99 29.34 28.64 -9.41
C HIS P 99 29.40 29.41 -10.73
N GLU P 100 30.41 29.11 -11.54
CA GLU P 100 30.77 29.90 -12.76
C GLU P 100 29.65 29.87 -13.79
N ASP P 101 28.81 28.84 -13.78
CA ASP P 101 27.77 28.60 -14.81
C ASP P 101 26.49 29.40 -14.51
N VAL P 102 26.31 29.86 -13.27
CA VAL P 102 24.99 30.29 -12.72
C VAL P 102 24.53 31.55 -13.44
N LYS P 103 25.36 32.60 -13.51
CA LYS P 103 24.98 33.94 -14.01
C LYS P 103 24.56 33.86 -15.48
N GLU P 104 25.34 33.18 -16.31
CA GLU P 104 24.99 32.90 -17.73
C GLU P 104 23.65 32.18 -17.80
N GLY P 105 23.50 31.12 -17.01
CA GLY P 105 22.30 30.26 -16.96
C GLY P 105 21.06 31.07 -16.65
N LEU P 106 21.14 31.84 -15.56
CA LEU P 106 20.03 32.70 -15.04
C LEU P 106 19.68 33.79 -16.06
N LYS P 107 20.69 34.34 -16.74
CA LYS P 107 20.52 35.38 -17.79
C LYS P 107 19.71 34.82 -18.96
N MET P 108 20.06 33.63 -19.47
CA MET P 108 19.29 32.97 -20.55
C MET P 108 17.82 32.89 -20.16
N LEU P 109 17.55 32.34 -18.96
CA LEU P 109 16.19 32.00 -18.48
C LEU P 109 15.41 33.29 -18.30
N LYS P 110 16.06 34.33 -17.79
CA LYS P 110 15.41 35.65 -17.54
C LYS P 110 15.08 36.27 -18.90
N GLU P 111 15.95 36.04 -19.88
CA GLU P 111 15.80 36.55 -21.25
C GLU P 111 14.64 35.84 -21.96
N ALA P 112 14.40 34.57 -21.64
CA ALA P 112 13.29 33.77 -22.22
C ALA P 112 11.98 34.06 -21.49
N GLN P 113 11.96 35.08 -20.62
CA GLN P 113 10.75 35.60 -19.93
C GLN P 113 10.18 34.50 -19.02
N ILE P 114 11.07 33.74 -18.37
CA ILE P 114 10.71 32.77 -17.29
C ILE P 114 10.88 33.49 -15.96
N LYS P 115 9.86 33.42 -15.09
CA LYS P 115 9.91 33.94 -13.71
C LYS P 115 10.91 33.10 -12.92
N LEU P 116 11.89 33.75 -12.30
CA LEU P 116 12.93 33.10 -11.47
C LEU P 116 12.75 33.55 -10.02
N VAL P 117 12.54 32.60 -9.12
CA VAL P 117 12.53 32.81 -7.65
C VAL P 117 13.54 31.85 -7.03
N ALA P 118 14.08 32.23 -5.88
CA ALA P 118 14.92 31.39 -5.02
C ALA P 118 14.08 30.92 -3.83
N LEU P 119 14.37 29.72 -3.30
CA LEU P 119 13.80 29.16 -2.04
C LEU P 119 14.93 28.52 -1.24
N SER P 120 15.29 29.11 -0.09
CA SER P 120 16.47 28.71 0.73
C SER P 120 16.03 28.42 2.17
N ASN P 121 16.74 27.50 2.85
CA ASN P 121 16.60 27.22 4.31
C ASN P 121 17.27 28.35 5.11
N SER P 122 18.14 29.13 4.46
CA SER P 122 18.70 30.39 5.04
C SER P 122 17.56 31.36 5.41
N ASN P 123 17.69 32.06 6.54
CA ASN P 123 16.70 33.07 7.03
C ASN P 123 16.77 34.29 6.10
N GLY P 124 15.77 35.17 6.15
CA GLY P 124 15.62 36.30 5.21
C GLY P 124 16.90 37.13 5.10
N LYS P 125 17.51 37.48 6.23
CA LYS P 125 18.66 38.42 6.31
C LYS P 125 19.91 37.74 5.74
N LEU P 126 20.15 36.49 6.13
CA LEU P 126 21.29 35.69 5.60
C LEU P 126 21.15 35.49 4.08
N LEU P 127 19.97 35.08 3.60
CA LEU P 127 19.71 34.77 2.17
C LEU P 127 19.99 36.02 1.33
N ASN P 128 19.53 37.17 1.81
CA ASN P 128 19.70 38.48 1.16
C ASN P 128 21.21 38.76 1.09
N ALA P 129 21.93 38.53 2.19
CA ALA P 129 23.38 38.74 2.30
C ALA P 129 24.13 37.86 1.28
N GLN P 130 23.76 36.58 1.21
CA GLN P 130 24.47 35.55 0.38
C GLN P 130 24.33 35.91 -1.10
N LEU P 131 23.12 36.22 -1.53
CA LEU P 131 22.81 36.48 -2.95
C LEU P 131 23.37 37.86 -3.35
N GLN P 132 23.56 38.77 -2.41
CA GLN P 132 24.08 40.13 -2.72
C GLN P 132 25.60 40.05 -2.85
N PHE P 133 26.25 39.21 -2.04
CA PHE P 133 27.70 38.93 -2.13
C PHE P 133 28.06 38.21 -3.45
N ALA P 134 27.22 37.26 -3.90
CA ALA P 134 27.45 36.46 -5.13
C ALA P 134 26.92 37.20 -6.36
N GLY P 135 26.24 38.33 -6.17
CA GLY P 135 25.69 39.15 -7.25
C GLY P 135 24.65 38.40 -8.06
N LEU P 136 23.71 37.73 -7.40
CA LEU P 136 22.62 36.96 -8.06
C LEU P 136 21.23 37.56 -7.76
N ALA P 137 21.10 38.45 -6.79
CA ALA P 137 19.80 38.93 -6.25
C ALA P 137 18.94 39.52 -7.38
N ASP P 138 19.55 40.23 -8.33
CA ASP P 138 18.82 41.00 -9.37
C ASP P 138 18.23 40.04 -10.42
N TYR P 139 18.65 38.77 -10.44
CA TYR P 139 18.11 37.75 -11.40
C TYR P 139 16.76 37.19 -10.93
N PHE P 140 16.38 37.37 -9.66
CA PHE P 140 15.16 36.75 -9.07
C PHE P 140 14.06 37.81 -8.88
N ASP P 141 12.84 37.44 -9.27
CA ASP P 141 11.65 38.31 -9.13
C ASP P 141 11.31 38.36 -7.65
N ALA P 142 11.54 37.26 -6.93
CA ALA P 142 11.33 37.13 -5.47
C ALA P 142 12.30 36.12 -4.85
N ILE P 143 12.61 36.29 -3.57
CA ILE P 143 13.57 35.43 -2.80
C ILE P 143 12.86 34.86 -1.56
N PHE P 144 12.43 33.60 -1.62
CA PHE P 144 11.72 32.93 -0.49
C PHE P 144 12.70 32.26 0.50
N SER P 145 12.67 32.70 1.76
CA SER P 145 13.27 32.03 2.93
C SER P 145 12.20 31.19 3.65
N VAL P 146 12.63 30.09 4.26
CA VAL P 146 11.72 29.22 5.06
C VAL P 146 11.27 29.95 6.33
N GLU P 147 11.91 31.05 6.70
CA GLU P 147 11.46 31.96 7.77
C GLU P 147 10.05 32.48 7.43
N ALA P 148 9.85 32.87 6.17
CA ALA P 148 8.56 33.35 5.62
C ALA P 148 7.55 32.20 5.47
N VAL P 149 7.95 30.92 5.61
CA VAL P 149 7.00 29.76 5.55
C VAL P 149 6.85 29.08 6.91
N GLY P 150 7.76 29.33 7.86
CA GLY P 150 7.82 28.70 9.20
C GLY P 150 8.51 27.35 9.22
N ARG P 151 8.48 26.60 8.10
CA ARG P 151 8.87 25.17 8.03
C ARG P 151 9.97 24.94 6.98
N TYR P 152 11.00 24.19 7.34
CA TYR P 152 12.16 23.83 6.51
C TYR P 152 11.75 22.95 5.33
N LYS P 153 12.48 23.13 4.23
CA LYS P 153 12.47 22.19 3.09
C LYS P 153 13.04 20.87 3.59
N PRO P 154 12.60 19.71 3.06
CA PRO P 154 11.62 19.65 1.97
C PRO P 154 10.16 19.42 2.38
N GLU P 155 9.69 20.13 3.42
CA GLU P 155 8.27 20.06 3.86
C GLU P 155 7.40 20.67 2.75
N LEU P 156 6.34 19.98 2.34
CA LEU P 156 5.59 20.26 1.09
C LEU P 156 5.02 21.68 1.11
N ALA P 157 4.74 22.22 2.28
CA ALA P 157 4.16 23.58 2.44
C ALA P 157 5.14 24.65 1.95
N SER P 158 6.44 24.39 1.93
CA SER P 158 7.48 25.38 1.52
C SER P 158 7.34 25.69 0.02
N TYR P 159 7.22 24.67 -0.81
CA TYR P 159 7.08 24.80 -2.29
C TYR P 159 5.71 25.41 -2.61
N ARG P 160 4.67 24.91 -1.95
CA ARG P 160 3.25 25.32 -2.16
C ARG P 160 3.05 26.80 -1.81
N ALA P 161 3.75 27.31 -0.81
CA ALA P 161 3.71 28.74 -0.43
C ALA P 161 4.25 29.59 -1.58
N VAL P 162 5.29 29.11 -2.29
CA VAL P 162 5.91 29.83 -3.45
C VAL P 162 4.92 29.80 -4.61
N LEU P 163 4.34 28.63 -4.90
CA LEU P 163 3.34 28.44 -5.99
C LEU P 163 2.22 29.49 -5.82
N GLU P 164 1.56 29.49 -4.67
CA GLU P 164 0.38 30.34 -4.39
C GLU P 164 0.80 31.81 -4.45
N THR P 165 1.98 32.16 -3.95
CA THR P 165 2.47 33.57 -3.93
C THR P 165 2.76 34.11 -5.35
N MET P 166 3.31 33.29 -6.25
CA MET P 166 3.68 33.70 -7.63
C MET P 166 2.50 33.46 -8.60
N LYS P 167 1.40 32.89 -8.09
CA LYS P 167 0.16 32.61 -8.87
C LYS P 167 0.48 31.71 -10.06
N VAL P 168 1.29 30.67 -9.86
CA VAL P 168 1.63 29.68 -10.91
C VAL P 168 1.25 28.30 -10.40
N PRO P 169 0.51 27.49 -11.18
CA PRO P 169 0.22 26.12 -10.81
C PRO P 169 1.50 25.26 -10.67
N ALA P 170 1.40 24.18 -9.90
CA ALA P 170 2.51 23.26 -9.62
C ALA P 170 3.05 22.64 -10.93
N GLU P 171 2.18 22.30 -11.88
CA GLU P 171 2.58 21.56 -13.12
C GLU P 171 3.34 22.50 -14.08
N ASN P 172 3.26 23.81 -13.89
CA ASN P 172 3.98 24.83 -14.70
C ASN P 172 5.16 25.39 -13.89
N THR P 173 5.52 24.71 -12.81
CA THR P 173 6.65 25.13 -11.94
C THR P 173 7.71 24.03 -11.96
N MET P 174 8.98 24.42 -12.11
CA MET P 174 10.12 23.48 -12.07
C MET P 174 11.05 23.89 -10.91
N MET P 175 11.38 22.93 -10.05
CA MET P 175 12.34 23.13 -8.94
C MET P 175 13.72 22.77 -9.49
N VAL P 176 14.70 23.64 -9.28
CA VAL P 176 16.11 23.40 -9.71
C VAL P 176 16.95 23.24 -8.44
N ALA P 177 17.41 22.02 -8.14
CA ALA P 177 18.14 21.71 -6.88
C ALA P 177 19.24 20.68 -7.13
N ALA P 178 20.36 20.86 -6.42
CA ALA P 178 21.51 19.93 -6.41
C ALA P 178 21.41 18.95 -5.22
N ASN P 179 20.24 18.80 -4.62
CA ASN P 179 20.01 17.94 -3.42
C ASN P 179 18.89 16.94 -3.75
N GLY P 180 19.07 15.68 -3.39
CA GLY P 180 18.09 14.64 -3.72
C GLY P 180 16.81 14.85 -2.93
N TRP P 181 16.94 15.31 -1.69
CA TRP P 181 15.80 15.53 -0.76
C TRP P 181 14.93 16.70 -1.27
N ASP P 182 15.55 17.71 -1.85
CA ASP P 182 14.88 18.93 -2.37
C ASP P 182 14.10 18.55 -3.64
N ILE P 183 14.65 17.62 -4.43
CA ILE P 183 13.99 17.07 -5.63
C ILE P 183 12.81 16.23 -5.13
N LEU P 184 13.03 15.36 -4.16
CA LEU P 184 11.99 14.44 -3.65
C LEU P 184 10.79 15.27 -3.16
N GLY P 185 11.04 16.29 -2.33
CA GLY P 185 10.00 17.19 -1.80
C GLY P 185 9.24 17.89 -2.91
N ALA P 186 9.92 18.49 -3.87
CA ALA P 186 9.29 19.25 -4.97
C ALA P 186 8.41 18.31 -5.79
N LYS P 187 8.91 17.12 -6.14
CA LYS P 187 8.13 16.10 -6.89
C LYS P 187 6.82 15.87 -6.17
N ARG P 188 6.90 15.65 -4.86
CA ARG P 188 5.77 15.21 -4.01
C ARG P 188 4.80 16.37 -3.77
N ALA P 189 5.22 17.60 -4.07
CA ALA P 189 4.39 18.83 -4.04
C ALA P 189 3.81 19.11 -5.42
N GLY P 190 4.05 18.23 -6.39
CA GLY P 190 3.46 18.30 -7.74
C GLY P 190 4.33 19.04 -8.72
N LEU P 191 5.51 19.53 -8.34
CA LEU P 191 6.36 20.39 -9.19
C LEU P 191 7.16 19.51 -10.14
N ARG P 192 7.60 20.09 -11.24
CA ARG P 192 8.61 19.48 -12.11
C ARG P 192 9.97 19.67 -11.43
N THR P 193 10.96 18.85 -11.74
CA THR P 193 12.27 18.84 -11.06
C THR P 193 13.41 18.83 -12.08
N ALA P 194 14.41 19.68 -11.87
CA ALA P 194 15.72 19.63 -12.54
C ALA P 194 16.78 19.40 -11.49
N PHE P 195 17.58 18.34 -11.65
CA PHE P 195 18.70 18.01 -10.73
C PHE P 195 19.99 18.54 -11.34
N VAL P 196 20.64 19.49 -10.66
CA VAL P 196 22.00 19.99 -11.02
C VAL P 196 23.02 19.09 -10.31
N ALA P 197 23.79 18.33 -11.09
CA ALA P 197 24.71 17.28 -10.62
C ALA P 197 26.06 17.92 -10.25
N ARG P 198 26.04 18.75 -9.21
CA ARG P 198 27.25 19.29 -8.57
C ARG P 198 28.05 18.13 -7.97
N GLU P 199 29.37 18.28 -7.92
CA GLU P 199 30.32 17.34 -7.26
C GLU P 199 29.80 16.97 -5.87
N GLY P 200 29.66 15.67 -5.59
CA GLY P 200 29.46 15.14 -4.23
C GLY P 200 28.00 15.05 -3.85
N HIS P 201 27.11 15.14 -4.85
CA HIS P 201 25.65 15.10 -4.66
C HIS P 201 25.04 13.98 -5.52
N ALA P 202 24.15 13.20 -4.91
CA ALA P 202 23.52 12.01 -5.50
C ALA P 202 22.00 12.20 -5.53
N ILE P 203 21.36 11.64 -6.52
CA ILE P 203 19.89 11.48 -6.55
C ILE P 203 19.51 10.45 -5.48
N TYR P 204 18.41 10.70 -4.79
CA TYR P 204 17.82 9.74 -3.82
C TYR P 204 17.25 8.59 -4.63
N PRO P 205 17.78 7.35 -4.49
CA PRO P 205 17.31 6.20 -5.26
C PRO P 205 15.86 5.75 -5.00
N LEU P 206 15.22 6.22 -3.93
CA LEU P 206 13.84 5.78 -3.57
C LEU P 206 12.81 6.79 -4.10
N ASP P 207 12.47 6.65 -5.38
CA ASP P 207 11.44 7.44 -6.09
C ASP P 207 11.87 8.92 -6.11
N GLY P 208 13.17 9.18 -6.16
CA GLY P 208 13.72 10.54 -6.17
C GLY P 208 14.22 10.99 -7.54
N THR P 209 14.04 10.21 -8.61
CA THR P 209 14.54 10.59 -9.96
C THR P 209 13.81 11.85 -10.43
N PRO P 210 14.57 12.86 -10.93
CA PRO P 210 13.98 14.09 -11.45
C PRO P 210 13.50 13.96 -12.90
N GLU P 211 12.74 14.95 -13.37
CA GLU P 211 12.37 15.07 -14.81
C GLU P 211 13.62 15.33 -15.66
N LEU P 212 14.52 16.24 -15.24
CA LEU P 212 15.80 16.58 -15.93
C LEU P 212 17.01 16.33 -15.02
N GLU P 213 18.15 16.03 -15.64
CA GLU P 213 19.47 15.94 -14.99
C GLU P 213 20.45 16.73 -15.86
N ALA P 214 21.32 17.52 -15.27
CA ALA P 214 22.36 18.27 -15.99
C ALA P 214 23.49 18.58 -15.01
N LYS P 215 24.67 18.91 -15.53
CA LYS P 215 25.89 19.15 -14.71
C LYS P 215 25.87 20.54 -14.09
N THR P 216 25.28 21.50 -14.79
CA THR P 216 25.31 22.94 -14.41
C THR P 216 23.92 23.56 -14.57
N VAL P 217 23.70 24.72 -13.96
CA VAL P 217 22.46 25.52 -14.13
C VAL P 217 22.37 25.98 -15.58
N LEU P 218 23.50 26.32 -16.19
CA LEU P 218 23.61 26.72 -17.62
C LEU P 218 23.09 25.60 -18.53
N GLU P 219 23.50 24.36 -18.29
CA GLU P 219 22.99 23.18 -19.03
C GLU P 219 21.47 23.05 -18.85
N VAL P 220 20.96 23.30 -17.64
CA VAL P 220 19.50 23.22 -17.36
C VAL P 220 18.80 24.24 -18.24
N ALA P 221 19.32 25.47 -18.26
CA ALA P 221 18.78 26.60 -19.04
C ALA P 221 18.73 26.22 -20.53
N ARG P 222 19.82 25.67 -21.05
CA ARG P 222 19.91 25.24 -22.47
C ARG P 222 18.86 24.18 -22.77
N THR P 223 18.66 23.21 -21.88
CA THR P 223 17.71 22.09 -22.07
C THR P 223 16.29 22.64 -22.19
N LEU P 224 15.94 23.61 -21.34
CA LEU P 224 14.55 24.11 -21.24
C LEU P 224 14.16 24.95 -22.44
N LEU P 225 15.07 25.81 -22.93
CA LEU P 225 14.80 26.77 -24.04
C LEU P 225 14.80 26.06 -25.40
N LYS P 226 14.43 24.76 -25.42
CA LYS P 226 14.35 23.79 -26.55
C LYS P 226 15.71 23.15 -26.83
N VAL Q 5 5.85 64.29 -1.65
CA VAL Q 5 6.07 62.89 -1.16
C VAL Q 5 6.93 62.13 -2.16
N LYS Q 6 7.93 61.43 -1.63
CA LYS Q 6 8.70 60.44 -2.39
C LYS Q 6 7.82 59.25 -2.74
N LYS Q 7 7.96 58.68 -3.93
CA LYS Q 7 7.18 57.50 -4.35
C LYS Q 7 7.73 56.26 -3.66
N PRO Q 8 6.86 55.36 -3.16
CA PRO Q 8 7.31 54.06 -2.66
C PRO Q 8 7.65 53.11 -3.82
N GLU Q 9 8.68 52.28 -3.63
CA GLU Q 9 9.13 51.24 -4.60
C GLU Q 9 8.11 50.09 -4.61
N LEU Q 10 7.45 49.85 -3.48
CA LEU Q 10 6.56 48.68 -3.27
C LEU Q 10 5.30 49.08 -2.50
N LEU Q 11 4.16 48.60 -2.97
CA LEU Q 11 2.87 48.80 -2.26
C LEU Q 11 2.33 47.43 -1.84
N ILE Q 12 2.04 47.30 -0.54
CA ILE Q 12 1.40 46.09 0.00
C ILE Q 12 -0.07 46.46 0.24
N PHE Q 13 -0.98 45.69 -0.35
CA PHE Q 13 -2.45 45.88 -0.23
C PHE Q 13 -3.06 44.80 0.66
N ASP Q 14 -3.69 45.20 1.76
CA ASP Q 14 -4.73 44.36 2.43
C ASP Q 14 -5.78 44.06 1.35
N VAL Q 15 -6.42 42.90 1.43
CA VAL Q 15 -7.34 42.37 0.38
C VAL Q 15 -8.78 42.50 0.86
N ASN Q 16 -9.19 41.77 1.91
CA ASN Q 16 -10.56 41.83 2.47
C ASN Q 16 -10.83 43.27 2.90
N GLU Q 17 -11.78 43.94 2.26
CA GLU Q 17 -12.28 45.27 2.71
C GLU Q 17 -11.56 46.36 1.92
N THR Q 18 -10.23 46.39 1.99
CA THR Q 18 -9.37 47.38 1.31
C THR Q 18 -9.56 47.28 -0.21
N LEU Q 19 -9.71 46.07 -0.76
CA LEU Q 19 -9.86 45.84 -2.22
C LEU Q 19 -11.21 45.18 -2.52
N LEU Q 20 -11.58 44.15 -1.79
CA LEU Q 20 -12.84 43.40 -2.00
C LEU Q 20 -13.96 44.06 -1.18
N ASP Q 21 -15.14 44.20 -1.80
CA ASP Q 21 -16.41 44.59 -1.15
C ASP Q 21 -16.98 43.38 -0.40
N MET Q 22 -17.15 43.53 0.92
CA MET Q 22 -17.59 42.45 1.83
C MET Q 22 -19.11 42.27 1.70
N GLY Q 23 -19.81 43.23 1.09
CA GLY Q 23 -21.28 43.26 0.85
C GLY Q 23 -21.89 41.87 0.73
N PRO Q 24 -21.53 41.06 -0.29
CA PRO Q 24 -22.13 39.73 -0.44
C PRO Q 24 -22.12 38.88 0.84
N LEU Q 25 -20.98 38.84 1.56
CA LEU Q 25 -20.81 38.05 2.82
C LEU Q 25 -21.54 38.76 3.96
N GLU Q 26 -21.32 40.08 4.10
CA GLU Q 26 -21.95 40.95 5.14
C GLU Q 26 -23.47 40.77 5.16
N ASN Q 27 -24.11 40.88 3.98
CA ASN Q 27 -25.58 40.76 3.82
C ASN Q 27 -26.00 39.34 4.20
N ALA Q 28 -25.29 38.33 3.70
CA ALA Q 28 -25.61 36.88 3.89
C ALA Q 28 -25.67 36.54 5.38
N ILE Q 29 -24.77 37.12 6.19
CA ILE Q 29 -24.69 36.88 7.66
C ILE Q 29 -25.75 37.72 8.36
N ASN Q 30 -25.86 39.00 8.02
CA ASN Q 30 -26.76 39.97 8.70
C ASN Q 30 -28.22 39.48 8.56
N GLU Q 31 -28.57 38.99 7.37
CA GLU Q 31 -29.92 38.46 7.05
C GLU Q 31 -30.19 37.17 7.83
N SER Q 32 -29.23 36.24 7.81
CA SER Q 32 -29.34 34.90 8.45
C SER Q 32 -29.43 35.02 9.97
N LEU Q 33 -28.86 36.08 10.57
CA LEU Q 33 -28.84 36.28 12.04
C LEU Q 33 -29.76 37.43 12.45
N ASN Q 34 -30.44 38.09 11.51
CA ASN Q 34 -31.46 39.14 11.79
C ASN Q 34 -30.89 40.31 12.58
N SER Q 35 -29.77 40.86 12.14
CA SER Q 35 -29.18 42.07 12.74
C SER Q 35 -28.19 42.67 11.75
N GLU Q 36 -28.12 43.99 11.70
CA GLU Q 36 -27.15 44.70 10.84
C GLU Q 36 -25.77 44.64 11.52
N HIS Q 37 -25.70 44.26 12.80
CA HIS Q 37 -24.44 44.22 13.60
C HIS Q 37 -23.84 42.80 13.67
N ALA Q 38 -24.54 41.80 13.12
CA ALA Q 38 -24.11 40.38 13.13
C ALA Q 38 -22.74 40.23 12.47
N PHE Q 39 -22.54 40.75 11.26
CA PHE Q 39 -21.27 40.65 10.51
C PHE Q 39 -20.11 41.28 11.31
N SER Q 40 -20.27 42.52 11.78
CA SER Q 40 -19.25 43.25 12.58
C SER Q 40 -18.79 42.39 13.77
N LEU Q 41 -19.73 41.82 14.52
CA LEU Q 41 -19.40 41.05 15.75
C LEU Q 41 -18.68 39.74 15.39
N TRP Q 42 -19.17 39.03 14.36
CA TRP Q 42 -18.57 37.76 13.87
C TRP Q 42 -17.15 38.01 13.36
N PHE Q 43 -16.99 38.98 12.45
CA PHE Q 43 -15.69 39.25 11.79
C PHE Q 43 -14.69 39.71 12.85
N ARG Q 44 -15.12 40.51 13.83
CA ARG Q 44 -14.25 40.96 14.94
C ARG Q 44 -13.89 39.75 15.82
N THR Q 45 -14.77 38.78 15.95
CA THR Q 45 -14.50 37.52 16.69
C THR Q 45 -13.50 36.66 15.90
N LEU Q 46 -13.69 36.54 14.59
CA LEU Q 46 -12.78 35.81 13.68
C LEU Q 46 -11.37 36.41 13.82
N LEU Q 47 -11.25 37.73 13.80
CA LEU Q 47 -9.92 38.39 13.88
C LEU Q 47 -9.32 38.09 15.26
N HIS Q 48 -10.14 38.16 16.31
CA HIS Q 48 -9.68 38.00 17.71
C HIS Q 48 -9.15 36.58 17.92
N TYR Q 49 -9.86 35.58 17.41
CA TYR Q 49 -9.49 34.15 17.57
C TYR Q 49 -8.33 33.82 16.63
N SER Q 50 -8.14 34.60 15.55
CA SER Q 50 -7.01 34.39 14.62
C SER Q 50 -5.72 34.74 15.36
N LEU Q 51 -5.72 35.88 16.06
CA LEU Q 51 -4.55 36.36 16.85
C LEU Q 51 -4.35 35.46 18.06
N THR Q 52 -5.44 34.95 18.66
CA THR Q 52 -5.41 33.94 19.75
C THR Q 52 -4.62 32.71 19.27
N GLU Q 53 -4.91 32.23 18.05
CA GLU Q 53 -4.23 31.06 17.47
C GLU Q 53 -2.73 31.36 17.45
N THR Q 54 -2.32 32.53 16.95
CA THR Q 54 -0.89 32.94 16.81
C THR Q 54 -0.22 33.00 18.20
N LEU Q 55 -0.86 33.68 19.16
CA LEU Q 55 -0.33 33.88 20.54
C LEU Q 55 -0.34 32.57 21.37
N THR Q 56 -1.01 31.52 20.91
CA THR Q 56 -0.97 30.18 21.53
C THR Q 56 -0.09 29.24 20.69
N GLY Q 57 0.70 29.79 19.74
CA GLY Q 57 1.69 29.07 18.93
C GLY Q 57 1.06 28.01 18.04
N ASN Q 58 -0.10 28.30 17.46
CA ASN Q 58 -0.80 27.42 16.50
C ASN Q 58 -1.20 28.23 15.26
N TYR Q 59 -1.38 27.56 14.13
CA TYR Q 59 -1.97 28.16 12.90
C TYR Q 59 -3.16 27.30 12.49
N VAL Q 60 -4.26 27.97 12.15
CA VAL Q 60 -5.52 27.35 11.61
C VAL Q 60 -5.94 28.20 10.41
N ASP Q 61 -6.21 27.54 9.29
CA ASP Q 61 -6.85 28.13 8.08
C ASP Q 61 -7.89 29.19 8.47
N PHE Q 62 -7.86 30.35 7.81
CA PHE Q 62 -8.76 31.52 8.08
C PHE Q 62 -10.23 31.13 7.82
N GLY Q 63 -10.48 30.33 6.78
CA GLY Q 63 -11.82 29.78 6.48
C GLY Q 63 -12.37 29.00 7.66
N THR Q 64 -11.55 28.11 8.24
CA THR Q 64 -11.94 27.20 9.35
C THR Q 64 -12.25 28.00 10.62
N ILE Q 65 -11.46 29.03 10.94
CA ILE Q 65 -11.71 29.89 12.12
C ILE Q 65 -13.02 30.66 11.85
N GLY Q 66 -13.24 31.03 10.59
CA GLY Q 66 -14.46 31.72 10.13
C GLY Q 66 -15.69 30.90 10.44
N LYS Q 67 -15.65 29.61 10.10
CA LYS Q 67 -16.79 28.67 10.34
C LYS Q 67 -17.03 28.54 11.85
N ALA Q 68 -15.98 28.22 12.62
CA ALA Q 68 -16.03 28.05 14.08
C ALA Q 68 -16.65 29.28 14.73
N THR Q 69 -16.16 30.47 14.41
CA THR Q 69 -16.56 31.75 15.05
C THR Q 69 -17.98 32.12 14.61
N LEU Q 70 -18.41 31.64 13.44
CA LEU Q 70 -19.80 31.88 12.96
C LEU Q 70 -20.76 31.04 13.81
N LYS Q 71 -20.40 29.78 14.08
CA LYS Q 71 -21.14 28.87 14.98
C LYS Q 71 -21.25 29.50 16.37
N MET Q 72 -20.18 30.14 16.84
CA MET Q 72 -20.17 30.80 18.17
C MET Q 72 -21.07 32.03 18.13
N THR Q 73 -21.03 32.79 17.04
CA THR Q 73 -21.69 34.11 16.92
C THR Q 73 -23.18 33.91 16.71
N MET Q 74 -23.57 32.88 15.94
CA MET Q 74 -25.00 32.63 15.59
C MET Q 74 -25.79 32.38 16.88
N ARG Q 75 -25.23 31.65 17.84
CA ARG Q 75 -25.91 31.29 19.10
C ARG Q 75 -26.29 32.55 19.87
N LYS Q 76 -25.43 33.55 19.74
CA LYS Q 76 -25.43 34.79 20.53
C LYS Q 76 -26.58 35.68 20.01
N PHE Q 77 -27.14 35.35 18.84
CA PHE Q 77 -28.34 35.97 18.23
C PHE Q 77 -29.55 35.02 18.28
N GLY Q 78 -29.47 33.97 19.11
CA GLY Q 78 -30.52 32.96 19.32
C GLY Q 78 -30.79 32.09 18.09
N LYS Q 79 -29.88 32.02 17.12
CA LYS Q 79 -30.04 31.21 15.88
C LYS Q 79 -29.29 29.87 16.03
N ASN Q 80 -29.66 28.90 15.19
CA ASN Q 80 -29.00 27.57 15.09
C ASN Q 80 -29.08 27.12 13.62
N LEU Q 81 -28.16 27.61 12.79
CA LEU Q 81 -28.10 27.33 11.32
C LEU Q 81 -27.53 25.93 11.10
N SER Q 82 -28.03 25.24 10.06
CA SER Q 82 -27.49 23.93 9.61
C SER Q 82 -26.14 24.16 8.94
N GLU Q 83 -25.34 23.10 8.81
CA GLU Q 83 -23.99 23.14 8.18
C GLU Q 83 -24.10 23.52 6.70
N ASP Q 84 -25.13 23.01 6.00
CA ASP Q 84 -25.41 23.36 4.58
C ASP Q 84 -25.46 24.89 4.45
N ARG Q 85 -26.17 25.55 5.35
CA ARG Q 85 -26.42 27.00 5.25
C ARG Q 85 -25.18 27.81 5.64
N LEU Q 86 -24.46 27.39 6.68
CA LEU Q 86 -23.18 28.01 7.13
C LEU Q 86 -22.21 28.06 5.94
N ASP Q 87 -22.05 26.93 5.23
CA ASP Q 87 -21.17 26.77 4.04
C ASP Q 87 -21.65 27.72 2.93
N ALA Q 88 -22.96 27.82 2.72
CA ALA Q 88 -23.58 28.71 1.70
C ALA Q 88 -23.21 30.16 2.00
N ILE Q 89 -23.39 30.60 3.26
CA ILE Q 89 -23.06 31.96 3.75
C ILE Q 89 -21.56 32.23 3.57
N LEU Q 90 -20.70 31.34 4.11
CA LEU Q 90 -19.22 31.50 4.07
C LEU Q 90 -18.68 31.35 2.64
N GLY Q 91 -19.42 30.63 1.76
CA GLY Q 91 -19.10 30.45 0.33
C GLY Q 91 -18.88 31.79 -0.36
N ASN Q 92 -19.52 32.85 0.16
CA ASN Q 92 -19.55 34.23 -0.42
C ASN Q 92 -18.16 34.86 -0.38
N ILE Q 93 -17.27 34.36 0.48
CA ILE Q 93 -15.90 34.93 0.66
C ILE Q 93 -15.08 34.73 -0.63
N LYS Q 94 -15.42 33.75 -1.45
CA LYS Q 94 -14.77 33.48 -2.77
C LYS Q 94 -15.41 34.32 -3.89
N LYS Q 95 -16.57 34.93 -3.63
CA LYS Q 95 -17.41 35.63 -4.65
C LYS Q 95 -17.56 37.09 -4.25
N LEU Q 96 -16.48 37.73 -3.81
CA LEU Q 96 -16.48 39.17 -3.44
C LEU Q 96 -16.00 39.95 -4.65
N PRO Q 97 -16.82 40.89 -5.18
CA PRO Q 97 -16.37 41.79 -6.25
C PRO Q 97 -15.45 42.89 -5.70
N ALA Q 98 -14.53 43.38 -6.53
CA ALA Q 98 -13.66 44.54 -6.22
C ALA Q 98 -14.53 45.79 -6.01
N HIS Q 99 -14.10 46.68 -5.13
CA HIS Q 99 -14.65 48.06 -5.02
C HIS Q 99 -14.45 48.75 -6.38
N GLU Q 100 -15.37 49.63 -6.76
CA GLU Q 100 -15.39 50.27 -8.11
C GLU Q 100 -14.11 51.06 -8.39
N ASP Q 101 -13.44 51.54 -7.34
CA ASP Q 101 -12.28 52.46 -7.45
C ASP Q 101 -10.97 51.68 -7.65
N VAL Q 102 -10.99 50.36 -7.40
CA VAL Q 102 -9.74 49.56 -7.22
C VAL Q 102 -9.02 49.48 -8.57
N LYS Q 103 -9.68 48.93 -9.59
CA LYS Q 103 -9.01 48.51 -10.86
C LYS Q 103 -8.34 49.73 -11.50
N GLU Q 104 -9.00 50.88 -11.43
CA GLU Q 104 -8.49 52.18 -11.95
C GLU Q 104 -7.26 52.60 -11.13
N GLY Q 105 -7.35 52.49 -9.80
CA GLY Q 105 -6.26 52.86 -8.86
C GLY Q 105 -5.02 51.99 -9.05
N LEU Q 106 -5.21 50.67 -9.17
CA LEU Q 106 -4.09 49.70 -9.35
C LEU Q 106 -3.43 49.98 -10.70
N LYS Q 107 -4.25 50.27 -11.71
CA LYS Q 107 -3.78 50.48 -13.10
C LYS Q 107 -2.87 51.71 -13.17
N MET Q 108 -3.21 52.80 -12.48
CA MET Q 108 -2.36 54.03 -12.34
C MET Q 108 -1.01 53.67 -11.72
N LEU Q 109 -1.06 52.91 -10.62
CA LEU Q 109 0.13 52.59 -9.81
C LEU Q 109 1.03 51.65 -10.60
N LYS Q 110 0.46 50.67 -11.29
CA LYS Q 110 1.24 49.68 -12.07
C LYS Q 110 1.92 50.38 -13.25
N GLU Q 111 1.22 51.35 -13.85
CA GLU Q 111 1.70 52.20 -14.96
C GLU Q 111 2.90 53.04 -14.50
N ALA Q 112 2.89 53.48 -13.25
CA ALA Q 112 3.95 54.32 -12.62
C ALA Q 112 5.17 53.46 -12.24
N GLN Q 113 5.22 52.21 -12.69
CA GLN Q 113 6.37 51.28 -12.47
C GLN Q 113 6.54 51.00 -10.98
N ILE Q 114 5.46 50.96 -10.18
CA ILE Q 114 5.51 50.63 -8.72
C ILE Q 114 5.15 49.15 -8.57
N LYS Q 115 5.96 48.40 -7.83
CA LYS Q 115 5.71 46.99 -7.48
C LYS Q 115 4.47 46.91 -6.59
N LEU Q 116 3.48 46.11 -6.99
CA LEU Q 116 2.22 45.93 -6.21
C LEU Q 116 2.10 44.47 -5.76
N VAL Q 117 1.93 44.27 -4.46
CA VAL Q 117 1.68 42.91 -3.88
C VAL Q 117 0.50 43.01 -2.92
N ALA Q 118 -0.15 41.87 -2.72
CA ALA Q 118 -1.25 41.67 -1.76
C ALA Q 118 -0.71 40.93 -0.54
N LEU Q 119 -1.24 41.23 0.63
CA LEU Q 119 -0.97 40.49 1.88
C LEU Q 119 -2.31 40.26 2.59
N SER Q 120 -2.79 39.02 2.65
CA SER Q 120 -4.11 38.68 3.25
C SER Q 120 -3.95 37.56 4.28
N ASN Q 121 -4.81 37.56 5.30
CA ASN Q 121 -4.92 36.47 6.30
C ASN Q 121 -5.56 35.23 5.65
N SER Q 122 -6.19 35.34 4.47
CA SER Q 122 -6.76 34.17 3.75
C SER Q 122 -5.63 33.22 3.37
N ASN Q 123 -5.91 31.92 3.29
CA ASN Q 123 -4.89 30.91 2.87
C ASN Q 123 -4.59 31.14 1.38
N GLY Q 124 -3.51 30.55 0.88
CA GLY Q 124 -3.00 30.78 -0.49
C GLY Q 124 -4.03 30.50 -1.56
N LYS Q 125 -4.77 29.39 -1.44
CA LYS Q 125 -5.76 28.97 -2.47
C LYS Q 125 -6.96 29.92 -2.42
N LEU Q 126 -7.47 30.17 -1.21
CA LEU Q 126 -8.59 31.13 -1.02
C LEU Q 126 -8.21 32.47 -1.67
N LEU Q 127 -7.07 33.03 -1.29
CA LEU Q 127 -6.61 34.37 -1.77
C LEU Q 127 -6.51 34.39 -3.29
N ASN Q 128 -6.05 33.30 -3.91
CA ASN Q 128 -5.97 33.18 -5.39
C ASN Q 128 -7.39 33.21 -5.98
N ALA Q 129 -8.30 32.41 -5.43
CA ALA Q 129 -9.71 32.32 -5.88
C ALA Q 129 -10.35 33.70 -5.74
N GLN Q 130 -10.11 34.39 -4.63
CA GLN Q 130 -10.73 35.71 -4.32
C GLN Q 130 -10.35 36.72 -5.41
N LEU Q 131 -9.06 36.84 -5.70
CA LEU Q 131 -8.51 37.90 -6.58
C LEU Q 131 -8.79 37.58 -8.05
N GLN Q 132 -8.94 36.31 -8.41
CA GLN Q 132 -9.30 35.90 -9.79
C GLN Q 132 -10.76 36.28 -10.06
N PHE Q 133 -11.64 36.04 -9.09
CA PHE Q 133 -13.10 36.32 -9.18
C PHE Q 133 -13.33 37.83 -9.33
N ALA Q 134 -12.59 38.65 -8.59
CA ALA Q 134 -12.66 40.13 -8.64
C ALA Q 134 -11.88 40.66 -9.84
N GLY Q 135 -11.17 39.79 -10.56
CA GLY Q 135 -10.29 40.17 -11.69
C GLY Q 135 -9.20 41.13 -11.27
N LEU Q 136 -8.57 40.88 -10.11
CA LEU Q 136 -7.48 41.75 -9.57
C LEU Q 136 -6.11 41.06 -9.65
N ALA Q 137 -6.07 39.75 -9.86
CA ALA Q 137 -4.85 38.91 -9.71
C ALA Q 137 -3.72 39.46 -10.60
N ASP Q 138 -4.03 39.93 -11.82
CA ASP Q 138 -3.01 40.26 -12.84
C ASP Q 138 -2.33 41.59 -12.49
N TYR Q 139 -2.90 42.36 -11.56
CA TYR Q 139 -2.34 43.68 -11.17
C TYR Q 139 -1.14 43.50 -10.23
N PHE Q 140 -0.97 42.32 -9.63
CA PHE Q 140 0.02 42.09 -8.54
C PHE Q 140 1.17 41.19 -9.00
N ASP Q 141 2.41 41.59 -8.67
CA ASP Q 141 3.64 40.84 -8.98
C ASP Q 141 3.72 39.58 -8.12
N ALA Q 142 3.10 39.62 -6.94
CA ALA Q 142 3.05 38.51 -5.98
C ALA Q 142 1.88 38.72 -5.02
N ILE Q 143 1.26 37.63 -4.55
CA ILE Q 143 0.16 37.68 -3.54
C ILE Q 143 0.52 36.81 -2.32
N PHE Q 144 0.66 37.45 -1.15
CA PHE Q 144 1.20 36.88 0.10
C PHE Q 144 0.03 36.48 1.01
N SER Q 145 -0.09 35.18 1.27
CA SER Q 145 -0.99 34.59 2.28
C SER Q 145 -0.21 34.38 3.57
N VAL Q 146 -0.91 34.22 4.69
CA VAL Q 146 -0.28 33.93 6.02
C VAL Q 146 0.38 32.55 5.99
N GLU Q 147 -0.05 31.65 5.13
CA GLU Q 147 0.63 30.34 4.88
C GLU Q 147 2.06 30.60 4.39
N ALA Q 148 2.26 31.62 3.56
CA ALA Q 148 3.57 32.09 3.03
C ALA Q 148 4.33 33.00 4.00
N VAL Q 149 3.77 33.35 5.18
CA VAL Q 149 4.47 34.10 6.28
C VAL Q 149 4.28 33.44 7.66
N GLY Q 150 3.57 32.32 7.80
CA GLY Q 150 3.57 31.49 9.01
C GLY Q 150 2.58 32.00 10.06
N ARG Q 151 2.40 33.31 10.15
CA ARG Q 151 1.62 33.93 11.26
C ARG Q 151 0.75 35.09 10.73
N TYR Q 152 -0.33 35.37 11.46
CA TYR Q 152 -1.39 36.34 11.09
C TYR Q 152 -0.90 37.77 11.25
N LYS Q 153 -1.32 38.65 10.35
CA LYS Q 153 -1.26 40.12 10.54
C LYS Q 153 -2.12 40.46 11.75
N PRO Q 154 -1.76 41.49 12.55
CA PRO Q 154 -0.63 42.36 12.26
C PRO Q 154 0.69 42.05 12.96
N GLU Q 155 1.10 40.78 13.03
CA GLU Q 155 2.42 40.45 13.61
C GLU Q 155 3.53 40.99 12.68
N LEU Q 156 4.46 41.74 13.26
CA LEU Q 156 5.55 42.45 12.52
C LEU Q 156 6.20 41.51 11.49
N ALA Q 157 6.48 40.25 11.84
CA ALA Q 157 7.21 39.29 10.97
C ALA Q 157 6.47 39.10 9.65
N SER Q 158 5.15 39.35 9.61
CA SER Q 158 4.35 39.09 8.38
C SER Q 158 4.75 40.12 7.31
N TYR Q 159 4.78 41.40 7.69
CA TYR Q 159 5.17 42.51 6.78
C TYR Q 159 6.62 42.30 6.34
N ARG Q 160 7.49 41.96 7.30
CA ARG Q 160 8.95 41.81 7.08
C ARG Q 160 9.22 40.70 6.06
N ALA Q 161 8.39 39.66 6.05
CA ALA Q 161 8.55 38.50 5.16
C ALA Q 161 8.36 38.97 3.72
N VAL Q 162 7.47 39.95 3.51
CA VAL Q 162 7.14 40.53 2.18
C VAL Q 162 8.32 41.40 1.74
N LEU Q 163 8.79 42.29 2.62
CA LEU Q 163 9.93 43.22 2.35
C LEU Q 163 11.12 42.39 1.83
N GLU Q 164 11.49 41.35 2.59
CA GLU Q 164 12.73 40.57 2.35
C GLU Q 164 12.57 39.76 1.06
N THR Q 165 11.39 39.21 0.82
CA THR Q 165 11.06 38.43 -0.40
C THR Q 165 11.08 39.33 -1.65
N MET Q 166 10.62 40.58 -1.56
CA MET Q 166 10.54 41.50 -2.72
C MET Q 166 11.81 42.37 -2.79
N LYS Q 167 12.74 42.20 -1.83
CA LYS Q 167 14.08 42.86 -1.81
C LYS Q 167 13.89 44.37 -1.78
N VAL Q 168 12.86 44.86 -1.09
CA VAL Q 168 12.58 46.31 -0.90
C VAL Q 168 12.71 46.63 0.58
N PRO Q 169 13.50 47.67 0.97
CA PRO Q 169 13.56 48.08 2.36
C PRO Q 169 12.19 48.55 2.85
N ALA Q 170 12.01 48.58 4.16
CA ALA Q 170 10.75 48.99 4.82
C ALA Q 170 10.44 50.44 4.46
N GLU Q 171 11.43 51.33 4.46
CA GLU Q 171 11.20 52.79 4.30
C GLU Q 171 10.75 53.11 2.87
N ASN Q 172 10.93 52.19 1.92
CA ASN Q 172 10.49 52.35 0.51
C ASN Q 172 9.23 51.52 0.24
N THR Q 173 8.59 51.02 1.30
CA THR Q 173 7.36 50.20 1.17
C THR Q 173 6.20 50.92 1.88
N MET Q 174 5.06 50.97 1.22
CA MET Q 174 3.83 51.52 1.82
C MET Q 174 2.78 50.41 1.91
N MET Q 175 2.18 50.28 3.09
CA MET Q 175 1.06 49.37 3.38
C MET Q 175 -0.23 50.15 3.18
N VAL Q 176 -1.12 49.63 2.35
CA VAL Q 176 -2.43 50.24 2.02
C VAL Q 176 -3.49 49.30 2.61
N ALA Q 177 -4.23 49.78 3.59
CA ALA Q 177 -5.22 48.95 4.32
C ALA Q 177 -6.36 49.83 4.81
N ALA Q 178 -7.55 49.22 4.90
CA ALA Q 178 -8.77 49.83 5.44
C ALA Q 178 -8.97 49.46 6.91
N ASN Q 179 -7.96 48.88 7.59
CA ASN Q 179 -8.03 48.43 8.99
C ASN Q 179 -7.03 49.25 9.82
N GLY Q 180 -7.43 49.71 11.01
CA GLY Q 180 -6.56 50.48 11.90
C GLY Q 180 -5.42 49.63 12.44
N TRP Q 181 -5.68 48.34 12.63
CA TRP Q 181 -4.72 47.37 13.23
C TRP Q 181 -3.64 47.04 12.19
N ASP Q 182 -4.04 46.89 10.93
CA ASP Q 182 -3.11 46.65 9.79
C ASP Q 182 -2.20 47.87 9.61
N ILE Q 183 -2.72 49.09 9.81
CA ILE Q 183 -1.92 50.34 9.77
C ILE Q 183 -0.93 50.30 10.93
N LEU Q 184 -1.40 49.95 12.13
CA LEU Q 184 -0.54 49.95 13.35
C LEU Q 184 0.61 48.94 13.18
N GLY Q 185 0.31 47.74 12.68
CA GLY Q 185 1.31 46.68 12.44
C GLY Q 185 2.40 47.15 11.49
N ALA Q 186 2.01 47.65 10.32
CA ALA Q 186 2.93 48.03 9.23
C ALA Q 186 3.78 49.20 9.70
N LYS Q 187 3.16 50.11 10.44
CA LYS Q 187 3.81 51.33 10.97
C LYS Q 187 4.96 50.89 11.87
N ARG Q 188 4.73 49.93 12.76
CA ARG Q 188 5.70 49.49 13.79
C ARG Q 188 6.70 48.50 13.18
N ALA Q 189 6.43 48.00 11.97
CA ALA Q 189 7.37 47.17 11.18
C ALA Q 189 8.23 48.07 10.29
N GLY Q 190 8.06 49.39 10.38
CA GLY Q 190 8.92 50.40 9.74
C GLY Q 190 8.43 50.81 8.36
N LEU Q 191 7.23 50.39 7.98
CA LEU Q 191 6.63 50.67 6.65
C LEU Q 191 5.93 52.04 6.68
N ARG Q 192 5.80 52.67 5.52
CA ARG Q 192 4.91 53.83 5.33
C ARG Q 192 3.49 53.30 5.24
N THR Q 193 2.49 54.09 5.64
CA THR Q 193 1.07 53.63 5.76
C THR Q 193 0.13 54.57 5.01
N ALA Q 194 -0.87 53.98 4.35
CA ALA Q 194 -1.99 54.66 3.66
C ALA Q 194 -3.29 54.00 4.11
N PHE Q 195 -4.11 54.73 4.86
CA PHE Q 195 -5.43 54.26 5.32
C PHE Q 195 -6.50 54.59 4.28
N VAL Q 196 -7.21 53.56 3.80
CA VAL Q 196 -8.42 53.70 2.93
C VAL Q 196 -9.65 53.74 3.84
N ALA Q 197 -10.19 54.95 4.06
CA ALA Q 197 -11.36 55.24 4.95
C ALA Q 197 -12.65 54.75 4.28
N ARG Q 198 -12.78 53.42 4.13
CA ARG Q 198 -14.04 52.78 3.70
C ARG Q 198 -15.04 52.87 4.86
N GLU Q 199 -16.32 52.66 4.56
CA GLU Q 199 -17.45 52.86 5.49
C GLU Q 199 -17.34 51.87 6.66
N GLY Q 200 -17.45 52.39 7.90
CA GLY Q 200 -17.54 51.58 9.14
C GLY Q 200 -16.19 51.17 9.69
N HIS Q 201 -15.11 51.78 9.18
CA HIS Q 201 -13.70 51.53 9.59
C HIS Q 201 -13.09 52.83 10.12
N ALA Q 202 -12.44 52.76 11.28
CA ALA Q 202 -11.82 53.91 11.98
C ALA Q 202 -10.31 53.67 12.15
N ILE Q 203 -9.54 54.75 12.23
CA ILE Q 203 -8.10 54.77 12.63
C ILE Q 203 -8.02 54.35 14.09
N TYR Q 204 -7.02 53.56 14.46
CA TYR Q 204 -6.70 53.27 15.88
C TYR Q 204 -6.17 54.56 16.50
N PRO Q 205 -6.88 55.13 17.51
CA PRO Q 205 -6.46 56.40 18.11
C PRO Q 205 -5.14 56.37 18.89
N LEU Q 206 -4.65 55.19 19.27
CA LEU Q 206 -3.43 55.04 20.10
C LEU Q 206 -2.21 54.82 19.18
N ASP Q 207 -1.66 55.91 18.66
CA ASP Q 207 -0.43 55.94 17.83
C ASP Q 207 -0.64 55.12 16.56
N GLY Q 208 -1.86 55.18 15.98
CA GLY Q 208 -2.26 54.40 14.79
C GLY Q 208 -2.52 55.28 13.58
N THR Q 209 -2.03 56.53 13.62
CA THR Q 209 -2.18 57.55 12.55
C THR Q 209 -1.32 57.17 11.36
N PRO Q 210 -1.89 57.00 10.16
CA PRO Q 210 -1.11 56.66 8.97
C PRO Q 210 -0.38 57.87 8.40
N GLU Q 211 0.49 57.64 7.42
CA GLU Q 211 1.19 58.73 6.70
C GLU Q 211 0.18 59.48 5.82
N LEU Q 212 -0.70 58.79 5.11
CA LEU Q 212 -1.80 59.46 4.38
C LEU Q 212 -3.10 58.68 4.51
N GLU Q 213 -4.20 59.40 4.25
CA GLU Q 213 -5.60 58.98 4.51
C GLU Q 213 -6.40 59.36 3.27
N ALA Q 214 -7.16 58.41 2.74
CA ALA Q 214 -7.97 58.59 1.51
C ALA Q 214 -9.25 57.76 1.62
N LYS Q 215 -10.26 58.09 0.83
CA LYS Q 215 -11.59 57.45 0.85
C LYS Q 215 -11.54 56.15 0.03
N THR Q 216 -10.71 56.13 -1.01
CA THR Q 216 -10.66 55.04 -2.02
C THR Q 216 -9.20 54.74 -2.37
N VAL Q 217 -8.97 53.60 -3.01
CA VAL Q 217 -7.63 53.17 -3.48
C VAL Q 217 -7.24 54.11 -4.61
N LEU Q 218 -8.19 54.45 -5.48
CA LEU Q 218 -8.00 55.46 -6.56
C LEU Q 218 -7.47 56.78 -5.95
N GLU Q 219 -8.05 57.24 -4.83
CA GLU Q 219 -7.61 58.51 -4.16
C GLU Q 219 -6.18 58.35 -3.63
N VAL Q 220 -5.82 57.14 -3.20
CA VAL Q 220 -4.46 56.81 -2.71
C VAL Q 220 -3.48 56.93 -3.89
N ALA Q 221 -3.84 56.32 -5.02
CA ALA Q 221 -3.03 56.33 -6.26
C ALA Q 221 -2.80 57.78 -6.69
N ARG Q 222 -3.86 58.59 -6.66
CA ARG Q 222 -3.82 60.03 -7.07
C ARG Q 222 -2.89 60.81 -6.14
N THR Q 223 -2.95 60.56 -4.82
CA THR Q 223 -2.17 61.30 -3.80
C THR Q 223 -0.67 60.98 -3.93
N LEU Q 224 -0.32 59.74 -4.28
CA LEU Q 224 1.09 59.30 -4.36
C LEU Q 224 1.74 59.88 -5.62
N LEU Q 225 1.07 59.76 -6.78
CA LEU Q 225 1.61 60.17 -8.10
C LEU Q 225 1.36 61.66 -8.33
N LYS Q 226 0.58 62.27 -7.43
CA LYS Q 226 0.05 63.66 -7.57
C LYS Q 226 -0.68 63.83 -8.88
N VAL R 5 -10.86 11.98 39.62
CA VAL R 5 -9.63 12.69 39.18
C VAL R 5 -8.91 13.31 40.38
N LYS R 6 -7.58 13.47 40.25
CA LYS R 6 -6.82 14.20 41.28
C LYS R 6 -7.30 15.64 41.38
N LYS R 7 -7.09 16.14 42.59
CA LYS R 7 -7.38 17.53 42.96
C LYS R 7 -6.21 18.37 42.49
N PRO R 8 -6.46 19.52 41.84
CA PRO R 8 -5.37 20.42 41.46
C PRO R 8 -4.80 21.12 42.70
N GLU R 9 -3.47 21.28 42.73
CA GLU R 9 -2.74 22.08 43.76
C GLU R 9 -3.07 23.57 43.63
N LEU R 10 -3.25 24.06 42.38
CA LEU R 10 -3.40 25.51 42.08
C LEU R 10 -4.56 25.73 41.14
N LEU R 11 -5.44 26.70 41.45
CA LEU R 11 -6.54 27.17 40.56
C LEU R 11 -6.28 28.62 40.17
N ILE R 12 -6.24 28.88 38.86
CA ILE R 12 -6.10 30.25 38.29
C ILE R 12 -7.47 30.62 37.73
N PHE R 13 -7.99 31.78 38.14
CA PHE R 13 -9.33 32.30 37.75
C PHE R 13 -9.16 33.54 36.87
N ASP R 14 -9.76 33.53 35.67
CA ASP R 14 -10.10 34.77 34.91
C ASP R 14 -11.06 35.57 35.78
N VAL R 15 -10.98 36.89 35.72
CA VAL R 15 -11.72 37.81 36.61
C VAL R 15 -12.95 38.34 35.87
N ASN R 16 -12.75 39.16 34.84
CA ASN R 16 -13.84 39.83 34.10
C ASN R 16 -14.74 38.74 33.55
N GLU R 17 -15.98 38.62 34.02
CA GLU R 17 -16.96 37.70 33.39
C GLU R 17 -17.00 36.36 34.13
N THR R 18 -15.85 35.71 34.29
CA THR R 18 -15.71 34.42 35.01
C THR R 18 -16.08 34.60 36.48
N LEU R 19 -15.63 35.69 37.11
CA LEU R 19 -15.96 36.03 38.52
C LEU R 19 -16.90 37.24 38.58
N LEU R 20 -16.54 38.37 37.95
CA LEU R 20 -17.34 39.62 38.05
C LEU R 20 -18.48 39.57 37.03
N ASP R 21 -19.61 40.19 37.37
CA ASP R 21 -20.81 40.37 36.50
C ASP R 21 -20.64 41.68 35.74
N MET R 22 -20.57 41.62 34.41
CA MET R 22 -20.32 42.78 33.53
C MET R 22 -21.62 43.59 33.37
N GLY R 23 -22.71 43.15 34.00
CA GLY R 23 -24.04 43.78 33.95
C GLY R 23 -24.00 45.30 33.97
N PRO R 24 -23.50 45.94 35.06
CA PRO R 24 -23.43 47.39 35.15
C PRO R 24 -22.77 48.06 33.92
N LEU R 25 -21.65 47.52 33.43
CA LEU R 25 -20.90 48.07 32.27
C LEU R 25 -21.66 47.74 30.96
N GLU R 26 -22.13 46.50 30.81
CA GLU R 26 -22.86 46.01 29.61
C GLU R 26 -24.11 46.87 29.37
N ASN R 27 -24.88 47.14 30.43
CA ASN R 27 -26.14 47.93 30.38
C ASN R 27 -25.80 49.41 30.10
N ALA R 28 -24.73 49.94 30.71
CA ALA R 28 -24.28 51.34 30.53
C ALA R 28 -23.95 51.61 29.05
N ILE R 29 -23.30 50.66 28.37
CA ILE R 29 -22.84 50.82 26.95
C ILE R 29 -24.01 50.55 26.00
N ASN R 30 -24.78 49.47 26.25
CA ASN R 30 -25.90 49.00 25.37
C ASN R 30 -26.98 50.08 25.26
N GLU R 31 -27.16 50.83 26.34
CA GLU R 31 -28.24 51.82 26.53
C GLU R 31 -27.79 53.16 25.93
N SER R 32 -26.51 53.53 26.11
CA SER R 32 -25.86 54.76 25.57
C SER R 32 -25.81 54.72 24.04
N LEU R 33 -25.66 53.53 23.45
CA LEU R 33 -25.51 53.33 21.98
C LEU R 33 -26.79 52.73 21.38
N ASN R 34 -27.81 52.45 22.18
CA ASN R 34 -29.14 52.02 21.69
C ASN R 34 -29.07 50.69 20.94
N SER R 35 -28.42 49.70 21.51
CA SER R 35 -28.34 48.34 20.93
C SER R 35 -27.96 47.36 22.04
N GLU R 36 -28.54 46.16 22.00
CA GLU R 36 -28.18 45.09 22.97
C GLU R 36 -26.83 44.48 22.57
N HIS R 37 -26.35 44.72 21.35
CA HIS R 37 -25.09 44.13 20.80
C HIS R 37 -23.89 45.08 20.96
N ALA R 38 -24.08 46.32 21.43
CA ALA R 38 -23.02 47.36 21.56
C ALA R 38 -21.88 46.86 22.46
N PHE R 39 -22.19 46.30 23.62
CA PHE R 39 -21.18 45.84 24.60
C PHE R 39 -20.35 44.70 23.98
N SER R 40 -21.03 43.72 23.38
CA SER R 40 -20.40 42.55 22.72
C SER R 40 -19.37 43.01 21.69
N LEU R 41 -19.75 43.95 20.81
CA LEU R 41 -18.88 44.42 19.70
C LEU R 41 -17.70 45.20 20.29
N TRP R 42 -17.98 46.07 21.25
CA TRP R 42 -16.95 46.93 21.89
C TRP R 42 -15.91 46.05 22.59
N PHE R 43 -16.37 45.17 23.49
CA PHE R 43 -15.49 44.30 24.29
C PHE R 43 -14.64 43.43 23.35
N ARG R 44 -15.24 42.84 22.32
CA ARG R 44 -14.53 41.99 21.33
C ARG R 44 -13.54 42.87 20.56
N THR R 45 -13.81 44.16 20.43
CA THR R 45 -12.87 45.08 19.76
C THR R 45 -11.74 45.43 20.74
N LEU R 46 -12.07 45.58 22.02
CA LEU R 46 -11.06 45.80 23.08
C LEU R 46 -10.09 44.61 23.11
N LEU R 47 -10.61 43.38 23.08
CA LEU R 47 -9.80 42.15 23.16
C LEU R 47 -8.90 42.06 21.93
N HIS R 48 -9.43 42.39 20.75
CA HIS R 48 -8.69 42.28 19.46
C HIS R 48 -7.50 43.23 19.46
N TYR R 49 -7.71 44.44 19.96
CA TYR R 49 -6.66 45.51 19.94
C TYR R 49 -5.66 45.21 21.06
N SER R 50 -6.10 44.57 22.13
CA SER R 50 -5.16 44.16 23.21
C SER R 50 -4.16 43.15 22.63
N LEU R 51 -4.63 42.20 21.81
CA LEU R 51 -3.74 41.19 21.16
C LEU R 51 -2.94 41.84 20.03
N THR R 52 -3.50 42.85 19.36
CA THR R 52 -2.83 43.65 18.31
C THR R 52 -1.64 44.40 18.92
N GLU R 53 -1.83 45.02 20.09
CA GLU R 53 -0.75 45.70 20.85
C GLU R 53 0.39 44.71 21.10
N THR R 54 0.07 43.54 21.66
CA THR R 54 1.08 42.50 22.01
C THR R 54 1.87 42.09 20.77
N LEU R 55 1.20 41.76 19.66
CA LEU R 55 1.85 41.21 18.44
C LEU R 55 2.66 42.29 17.69
N THR R 56 2.50 43.58 18.05
CA THR R 56 3.24 44.72 17.45
C THR R 56 4.30 45.24 18.44
N GLY R 57 4.63 44.44 19.46
CA GLY R 57 5.73 44.69 20.40
C GLY R 57 5.44 45.84 21.35
N ASN R 58 4.18 46.05 21.75
CA ASN R 58 3.79 47.21 22.60
C ASN R 58 2.82 46.76 23.70
N TYR R 59 2.85 47.45 24.83
CA TYR R 59 1.88 47.31 25.94
C TYR R 59 1.17 48.64 26.16
N VAL R 60 -0.15 48.58 26.30
CA VAL R 60 -1.00 49.73 26.71
C VAL R 60 -1.95 49.21 27.78
N ASP R 61 -2.16 50.00 28.81
CA ASP R 61 -3.16 49.78 29.90
C ASP R 61 -4.50 49.33 29.30
N PHE R 62 -5.06 48.24 29.83
CA PHE R 62 -6.37 47.66 29.40
C PHE R 62 -7.45 48.73 29.39
N GLY R 63 -7.46 49.64 30.37
CA GLY R 63 -8.40 50.77 30.48
C GLY R 63 -8.30 51.72 29.30
N THR R 64 -7.07 52.07 28.92
CA THR R 64 -6.78 53.02 27.82
C THR R 64 -7.26 52.45 26.48
N ILE R 65 -7.01 51.16 26.22
CA ILE R 65 -7.51 50.50 24.98
C ILE R 65 -9.04 50.53 25.00
N GLY R 66 -9.65 50.30 26.17
CA GLY R 66 -11.11 50.25 26.35
C GLY R 66 -11.74 51.54 25.90
N LYS R 67 -11.15 52.66 26.33
CA LYS R 67 -11.66 54.02 26.03
C LYS R 67 -11.52 54.30 24.53
N ALA R 68 -10.37 53.97 23.93
CA ALA R 68 -10.08 54.17 22.48
C ALA R 68 -11.08 53.35 21.64
N THR R 69 -11.26 52.07 21.96
CA THR R 69 -12.16 51.14 21.23
C THR R 69 -13.63 51.51 21.48
N LEU R 70 -13.95 52.22 22.58
CA LEU R 70 -15.34 52.68 22.85
C LEU R 70 -15.65 53.85 21.92
N LYS R 71 -14.69 54.75 21.69
CA LYS R 71 -14.80 55.87 20.73
C LYS R 71 -14.90 55.36 19.29
N MET R 72 -14.22 54.25 18.97
CA MET R 72 -14.29 53.63 17.63
C MET R 72 -15.66 52.95 17.44
N THR R 73 -16.16 52.31 18.49
CA THR R 73 -17.41 51.50 18.46
C THR R 73 -18.64 52.41 18.42
N MET R 74 -18.65 53.51 19.19
CA MET R 74 -19.79 54.45 19.29
C MET R 74 -20.10 55.04 17.90
N ARG R 75 -19.08 55.26 17.08
CA ARG R 75 -19.20 55.80 15.69
C ARG R 75 -20.07 54.86 14.86
N LYS R 76 -19.87 53.55 15.02
CA LYS R 76 -20.58 52.50 14.25
C LYS R 76 -22.07 52.44 14.58
N PHE R 77 -22.47 52.98 15.75
CA PHE R 77 -23.88 53.04 16.20
C PHE R 77 -24.41 54.46 16.01
N GLY R 78 -23.66 55.31 15.28
CA GLY R 78 -24.06 56.67 14.88
C GLY R 78 -24.13 57.63 16.06
N LYS R 79 -23.54 57.27 17.20
CA LYS R 79 -23.47 58.14 18.42
C LYS R 79 -22.12 58.84 18.45
N ASN R 80 -22.05 59.93 19.21
CA ASN R 80 -20.80 60.70 19.43
C ASN R 80 -20.83 61.25 20.86
N LEU R 81 -20.44 60.41 21.82
CA LEU R 81 -20.58 60.68 23.26
C LEU R 81 -19.44 61.60 23.72
N SER R 82 -19.74 62.52 24.63
CA SER R 82 -18.76 63.40 25.31
C SER R 82 -17.80 62.56 26.15
N GLU R 83 -16.61 63.07 26.42
CA GLU R 83 -15.58 62.37 27.23
C GLU R 83 -16.12 62.12 28.64
N ASP R 84 -16.89 63.08 29.16
CA ASP R 84 -17.49 63.03 30.52
C ASP R 84 -18.34 61.77 30.64
N ARG R 85 -19.09 61.49 29.59
CA ARG R 85 -20.04 60.36 29.53
C ARG R 85 -19.29 59.04 29.31
N LEU R 86 -18.27 59.06 28.44
CA LEU R 86 -17.39 57.90 28.17
C LEU R 86 -16.72 57.46 29.48
N ASP R 87 -16.26 58.43 30.29
CA ASP R 87 -15.57 58.17 31.59
C ASP R 87 -16.57 57.59 32.61
N ALA R 88 -17.80 58.12 32.65
CA ALA R 88 -18.90 57.67 33.54
C ALA R 88 -19.26 56.21 33.19
N ILE R 89 -19.39 55.91 31.89
CA ILE R 89 -19.70 54.55 31.36
C ILE R 89 -18.56 53.60 31.77
N LEU R 90 -17.31 53.96 31.45
CA LEU R 90 -16.13 53.09 31.68
C LEU R 90 -15.87 52.96 33.19
N GLY R 91 -16.26 53.96 33.97
CA GLY R 91 -16.17 53.94 35.45
C GLY R 91 -16.80 52.68 36.04
N ASN R 92 -17.80 52.11 35.37
CA ASN R 92 -18.53 50.88 35.80
C ASN R 92 -17.59 49.67 35.90
N ILE R 93 -16.39 49.73 35.28
CA ILE R 93 -15.42 48.60 35.32
C ILE R 93 -14.97 48.36 36.77
N LYS R 94 -14.93 49.42 37.60
CA LYS R 94 -14.46 49.37 39.01
C LYS R 94 -15.57 48.98 39.99
N LYS R 95 -16.83 48.98 39.56
CA LYS R 95 -18.00 48.65 40.44
C LYS R 95 -18.81 47.51 39.80
N LEU R 96 -18.12 46.42 39.46
CA LEU R 96 -18.77 45.16 39.02
C LEU R 96 -18.92 44.27 40.24
N PRO R 97 -20.16 43.85 40.59
CA PRO R 97 -20.36 42.90 41.69
C PRO R 97 -19.99 41.49 41.22
N ALA R 98 -19.63 40.61 42.16
CA ALA R 98 -19.36 39.18 41.88
C ALA R 98 -20.66 38.47 41.52
N HIS R 99 -20.61 37.47 40.63
CA HIS R 99 -21.73 36.51 40.37
C HIS R 99 -22.10 35.81 41.69
N GLU R 100 -23.39 35.47 41.87
CA GLU R 100 -23.92 34.96 43.17
C GLU R 100 -23.21 33.68 43.60
N ASP R 101 -22.68 32.92 42.66
CA ASP R 101 -22.12 31.55 42.91
C ASP R 101 -20.65 31.64 43.35
N VAL R 102 -19.96 32.76 43.14
CA VAL R 102 -18.48 32.87 43.21
C VAL R 102 -18.00 32.69 44.65
N LYS R 103 -18.54 33.48 45.59
CA LYS R 103 -18.07 33.53 47.00
C LYS R 103 -18.21 32.15 47.65
N GLU R 104 -19.33 31.46 47.43
CA GLU R 104 -19.56 30.08 47.93
C GLU R 104 -18.52 29.13 47.33
N GLY R 105 -18.41 29.11 45.99
CA GLY R 105 -17.48 28.26 45.23
C GLY R 105 -16.04 28.43 45.69
N LEU R 106 -15.57 29.68 45.86
CA LEU R 106 -14.18 29.99 46.27
C LEU R 106 -13.98 29.56 47.73
N LYS R 107 -15.00 29.71 48.56
CA LYS R 107 -14.92 29.31 49.98
C LYS R 107 -14.67 27.80 50.11
N MET R 108 -15.42 26.97 49.37
CA MET R 108 -15.26 25.49 49.34
C MET R 108 -13.86 25.10 48.89
N LEU R 109 -13.31 25.82 47.91
CA LEU R 109 -12.02 25.50 47.27
C LEU R 109 -10.87 25.93 48.19
N LYS R 110 -11.03 27.03 48.93
CA LYS R 110 -10.04 27.49 49.94
C LYS R 110 -10.04 26.50 51.12
N GLU R 111 -11.23 26.10 51.60
CA GLU R 111 -11.42 25.10 52.69
C GLU R 111 -10.73 23.78 52.32
N ALA R 112 -10.74 23.38 51.04
CA ALA R 112 -10.14 22.12 50.53
C ALA R 112 -8.62 22.27 50.36
N GLN R 113 -8.02 23.36 50.84
CA GLN R 113 -6.55 23.57 50.87
C GLN R 113 -6.00 23.68 49.44
N ILE R 114 -6.77 24.25 48.52
CA ILE R 114 -6.32 24.51 47.11
C ILE R 114 -5.92 25.99 47.02
N LYS R 115 -4.72 26.26 46.51
CA LYS R 115 -4.21 27.65 46.32
C LYS R 115 -5.05 28.32 45.23
N LEU R 116 -5.68 29.46 45.54
CA LEU R 116 -6.49 30.25 44.57
C LEU R 116 -5.74 31.53 44.18
N VAL R 117 -5.51 31.73 42.89
CA VAL R 117 -4.95 33.00 42.34
C VAL R 117 -5.90 33.47 41.24
N ALA R 118 -5.84 34.76 40.94
CA ALA R 118 -6.53 35.40 39.80
C ALA R 118 -5.50 35.81 38.76
N LEU R 119 -5.88 35.79 37.48
CA LEU R 119 -5.06 36.27 36.33
C LEU R 119 -5.97 37.07 35.40
N SER R 120 -5.82 38.41 35.40
CA SER R 120 -6.65 39.37 34.62
C SER R 120 -5.80 40.17 33.62
N ASN R 121 -6.44 40.64 32.54
CA ASN R 121 -5.82 41.58 31.56
C ASN R 121 -5.81 43.00 32.13
N SER R 122 -6.66 43.27 33.14
CA SER R 122 -6.70 44.55 33.87
C SER R 122 -5.32 44.81 34.50
N ASN R 123 -4.92 46.07 34.64
CA ASN R 123 -3.63 46.44 35.28
C ASN R 123 -3.75 46.22 36.78
N GLY R 124 -2.62 46.20 37.49
CA GLY R 124 -2.52 45.85 38.92
C GLY R 124 -3.51 46.62 39.79
N LYS R 125 -3.62 47.93 39.59
CA LYS R 125 -4.43 48.81 40.48
C LYS R 125 -5.92 48.63 40.16
N LEU R 126 -6.28 48.65 38.88
CA LEU R 126 -7.67 48.36 38.45
C LEU R 126 -8.11 47.00 39.00
N LEU R 127 -7.27 45.96 38.87
CA LEU R 127 -7.59 44.58 39.33
C LEU R 127 -7.83 44.58 40.85
N ASN R 128 -6.97 45.24 41.63
CA ASN R 128 -7.12 45.41 43.10
C ASN R 128 -8.47 46.09 43.40
N ALA R 129 -8.76 47.21 42.74
CA ALA R 129 -10.01 47.97 42.93
C ALA R 129 -11.22 47.06 42.65
N GLN R 130 -11.18 46.30 41.54
CA GLN R 130 -12.30 45.44 41.06
C GLN R 130 -12.66 44.38 42.13
N LEU R 131 -11.64 43.69 42.64
CA LEU R 131 -11.82 42.57 43.58
C LEU R 131 -12.14 43.11 44.99
N GLN R 132 -11.63 44.28 45.35
CA GLN R 132 -11.95 44.94 46.65
C GLN R 132 -13.45 45.27 46.66
N PHE R 133 -13.97 45.77 45.54
CA PHE R 133 -15.39 46.17 45.38
C PHE R 133 -16.31 44.94 45.45
N ALA R 134 -15.94 43.85 44.76
CA ALA R 134 -16.70 42.58 44.72
C ALA R 134 -16.53 41.79 46.03
N GLY R 135 -15.54 42.16 46.86
CA GLY R 135 -15.21 41.47 48.12
C GLY R 135 -14.66 40.07 47.87
N LEU R 136 -13.78 39.93 46.88
CA LEU R 136 -13.15 38.64 46.49
C LEU R 136 -11.65 38.64 46.80
N ALA R 137 -11.05 39.79 47.15
CA ALA R 137 -9.58 39.96 47.29
C ALA R 137 -9.03 38.94 48.29
N ASP R 138 -9.74 38.72 49.40
CA ASP R 138 -9.24 37.92 50.55
C ASP R 138 -9.20 36.43 50.21
N TYR R 139 -9.86 35.99 49.12
CA TYR R 139 -9.96 34.57 48.69
C TYR R 139 -8.71 34.09 47.93
N PHE R 140 -7.87 35.01 47.43
CA PHE R 140 -6.72 34.68 46.56
C PHE R 140 -5.40 34.89 47.32
N ASP R 141 -4.49 33.93 47.19
CA ASP R 141 -3.12 33.97 47.80
C ASP R 141 -2.28 35.01 47.07
N ALA R 142 -2.56 35.21 45.79
CA ALA R 142 -1.98 36.28 44.95
C ALA R 142 -2.95 36.64 43.83
N ILE R 143 -2.85 37.85 43.29
CA ILE R 143 -3.60 38.28 42.06
C ILE R 143 -2.61 38.80 41.02
N PHE R 144 -2.53 38.13 39.86
CA PHE R 144 -1.60 38.44 38.75
C PHE R 144 -2.31 39.32 37.71
N SER R 145 -1.72 40.48 37.43
CA SER R 145 -2.05 41.37 36.29
C SER R 145 -1.11 41.05 35.12
N VAL R 146 -1.51 41.37 33.89
CA VAL R 146 -0.64 41.28 32.68
C VAL R 146 0.50 42.31 32.77
N GLU R 147 0.38 43.34 33.61
CA GLU R 147 1.50 44.23 34.01
C GLU R 147 2.61 43.39 34.66
N ALA R 148 2.24 42.47 35.56
CA ALA R 148 3.13 41.54 36.31
C ALA R 148 3.56 40.33 35.47
N VAL R 149 3.32 40.37 34.14
CA VAL R 149 3.74 39.33 33.15
C VAL R 149 4.26 39.97 31.84
N GLY R 150 4.00 41.26 31.61
CA GLY R 150 4.45 41.98 30.40
C GLY R 150 3.45 41.88 29.25
N ARG R 151 2.84 40.69 29.07
CA ARG R 151 2.09 40.28 27.85
C ARG R 151 0.67 39.82 28.23
N TYR R 152 -0.30 40.18 27.38
CA TYR R 152 -1.76 39.88 27.50
C TYR R 152 -2.04 38.38 27.35
N LYS R 153 -3.01 37.87 28.10
CA LYS R 153 -3.64 36.55 27.83
C LYS R 153 -4.34 36.61 26.48
N PRO R 154 -4.46 35.48 25.73
CA PRO R 154 -4.05 34.16 26.20
C PRO R 154 -2.63 33.73 25.82
N GLU R 155 -1.68 34.66 25.73
CA GLU R 155 -0.29 34.31 25.39
C GLU R 155 0.25 33.34 26.45
N LEU R 156 0.93 32.28 26.01
CA LEU R 156 1.31 31.12 26.86
C LEU R 156 2.17 31.62 28.03
N ALA R 157 3.04 32.61 27.80
CA ALA R 157 4.00 33.12 28.82
C ALA R 157 3.24 33.74 30.00
N SER R 158 1.98 34.15 29.81
CA SER R 158 1.14 34.71 30.91
C SER R 158 0.87 33.62 31.96
N TYR R 159 0.43 32.43 31.53
CA TYR R 159 0.03 31.31 32.42
C TYR R 159 1.30 30.78 33.08
N ARG R 160 2.38 30.60 32.31
CA ARG R 160 3.66 30.03 32.76
C ARG R 160 4.29 30.92 33.84
N ALA R 161 4.10 32.24 33.81
CA ALA R 161 4.64 33.18 34.82
C ALA R 161 3.96 32.91 36.16
N VAL R 162 2.69 32.53 36.15
CA VAL R 162 1.94 32.22 37.40
C VAL R 162 2.46 30.88 37.95
N LEU R 163 2.47 29.83 37.13
CA LEU R 163 3.02 28.50 37.50
C LEU R 163 4.35 28.69 38.23
N GLU R 164 5.32 29.35 37.59
CA GLU R 164 6.71 29.47 38.10
C GLU R 164 6.73 30.28 39.40
N THR R 165 5.87 31.30 39.51
CA THR R 165 5.80 32.19 40.69
C THR R 165 5.18 31.45 41.87
N MET R 166 4.16 30.64 41.64
CA MET R 166 3.45 29.85 42.70
C MET R 166 4.17 28.51 42.96
N LYS R 167 5.18 28.16 42.14
CA LYS R 167 6.01 26.94 42.28
C LYS R 167 5.13 25.70 42.09
N VAL R 168 4.17 25.75 41.19
CA VAL R 168 3.23 24.63 40.91
C VAL R 168 3.43 24.21 39.45
N PRO R 169 3.62 22.91 39.15
CA PRO R 169 3.75 22.46 37.77
C PRO R 169 2.45 22.68 37.00
N ALA R 170 2.56 22.74 35.67
CA ALA R 170 1.44 22.94 34.74
C ALA R 170 0.35 21.88 34.98
N GLU R 171 0.72 20.60 35.07
CA GLU R 171 -0.22 19.44 35.13
C GLU R 171 -1.00 19.44 36.44
N ASN R 172 -0.51 20.13 37.48
CA ASN R 172 -1.19 20.24 38.81
C ASN R 172 -1.99 21.55 38.92
N THR R 173 -2.02 22.35 37.85
CA THR R 173 -2.73 23.65 37.80
C THR R 173 -3.93 23.58 36.85
N MET R 174 -5.07 24.11 37.27
CA MET R 174 -6.29 24.19 36.44
C MET R 174 -6.68 25.67 36.26
N MET R 175 -6.88 26.09 35.02
CA MET R 175 -7.39 27.44 34.66
C MET R 175 -8.91 27.38 34.63
N VAL R 176 -9.57 28.28 35.35
CA VAL R 176 -11.05 28.45 35.38
C VAL R 176 -11.37 29.73 34.62
N ALA R 177 -12.02 29.64 33.46
CA ALA R 177 -12.34 30.80 32.61
C ALA R 177 -13.71 30.62 31.96
N ALA R 178 -14.43 31.73 31.76
CA ALA R 178 -15.70 31.79 31.01
C ALA R 178 -15.44 32.21 29.55
N ASN R 179 -14.17 32.30 29.10
CA ASN R 179 -13.81 32.64 27.70
C ASN R 179 -13.14 31.44 27.03
N GLY R 180 -13.58 31.10 25.81
CA GLY R 180 -13.01 30.00 25.01
C GLY R 180 -11.54 30.21 24.68
N TRP R 181 -11.10 31.46 24.53
CA TRP R 181 -9.70 31.80 24.16
C TRP R 181 -8.79 31.60 25.38
N ASP R 182 -9.29 31.92 26.57
CA ASP R 182 -8.56 31.73 27.85
C ASP R 182 -8.37 30.24 28.09
N ILE R 183 -9.39 29.42 27.82
CA ILE R 183 -9.33 27.93 27.88
C ILE R 183 -8.26 27.45 26.88
N LEU R 184 -8.27 27.94 25.64
CA LEU R 184 -7.32 27.49 24.59
C LEU R 184 -5.88 27.84 24.98
N GLY R 185 -5.69 29.04 25.56
CA GLY R 185 -4.37 29.52 26.00
C GLY R 185 -3.78 28.64 27.08
N ALA R 186 -4.53 28.45 28.17
CA ALA R 186 -4.15 27.62 29.34
C ALA R 186 -3.86 26.17 28.91
N LYS R 187 -4.77 25.60 28.13
CA LYS R 187 -4.71 24.22 27.61
C LYS R 187 -3.39 24.01 26.83
N ARG R 188 -2.95 24.98 26.04
CA ARG R 188 -1.71 24.89 25.20
C ARG R 188 -0.46 25.27 26.02
N ALA R 189 -0.63 25.80 27.23
CA ALA R 189 0.45 26.06 28.21
C ALA R 189 0.65 24.83 29.12
N GLY R 190 -0.19 23.81 28.95
CA GLY R 190 -0.09 22.51 29.65
C GLY R 190 -1.01 22.41 30.86
N LEU R 191 -1.83 23.43 31.13
CA LEU R 191 -2.73 23.47 32.31
C LEU R 191 -3.96 22.62 32.03
N ARG R 192 -4.60 22.15 33.09
CA ARG R 192 -5.98 21.62 33.05
C ARG R 192 -6.92 22.82 32.94
N THR R 193 -8.11 22.64 32.38
CA THR R 193 -9.05 23.73 32.05
C THR R 193 -10.44 23.41 32.62
N ALA R 194 -11.14 24.42 33.14
CA ALA R 194 -12.54 24.37 33.59
C ALA R 194 -13.30 25.54 32.97
N PHE R 195 -14.22 25.27 32.06
CA PHE R 195 -15.05 26.30 31.38
C PHE R 195 -16.30 26.61 32.20
N VAL R 196 -16.45 27.87 32.65
CA VAL R 196 -17.69 28.39 33.29
C VAL R 196 -18.62 28.90 32.18
N ALA R 197 -19.65 28.11 31.83
CA ALA R 197 -20.64 28.39 30.78
C ALA R 197 -21.65 29.45 31.25
N ARG R 198 -21.20 30.70 31.39
CA ARG R 198 -22.08 31.86 31.68
C ARG R 198 -22.79 32.27 30.41
N GLU R 199 -23.77 33.17 30.55
CA GLU R 199 -24.66 33.63 29.45
C GLU R 199 -23.84 34.27 28.33
N GLY R 200 -24.03 33.83 27.08
CA GLY R 200 -23.51 34.48 25.86
C GLY R 200 -22.05 34.15 25.59
N HIS R 201 -21.54 33.05 26.16
CA HIS R 201 -20.14 32.58 26.04
C HIS R 201 -20.12 31.14 25.54
N ALA R 202 -19.31 30.86 24.54
CA ALA R 202 -19.23 29.53 23.89
C ALA R 202 -17.79 29.01 23.96
N ILE R 203 -17.64 27.70 23.92
CA ILE R 203 -16.31 27.06 23.79
C ILE R 203 -15.84 27.23 22.35
N TYR R 204 -14.59 27.61 22.18
CA TYR R 204 -13.92 27.62 20.85
C TYR R 204 -13.94 26.20 20.31
N PRO R 205 -14.68 25.90 19.22
CA PRO R 205 -14.76 24.55 18.68
C PRO R 205 -13.45 23.94 18.16
N LEU R 206 -12.44 24.76 17.85
CA LEU R 206 -11.18 24.28 17.21
C LEU R 206 -10.14 23.93 18.29
N ASP R 207 -10.29 22.73 18.87
CA ASP R 207 -9.36 22.13 19.87
C ASP R 207 -9.39 22.94 21.18
N GLY R 208 -10.51 23.61 21.48
CA GLY R 208 -10.67 24.49 22.66
C GLY R 208 -11.61 23.91 23.69
N THR R 209 -11.80 22.59 23.63
CA THR R 209 -12.71 21.85 24.53
C THR R 209 -11.97 21.63 25.85
N PRO R 210 -12.55 22.10 26.99
CA PRO R 210 -11.91 21.97 28.30
C PRO R 210 -12.02 20.57 28.92
N GLU R 211 -11.34 20.35 30.04
CA GLU R 211 -11.38 19.08 30.81
C GLU R 211 -12.75 18.95 31.48
N LEU R 212 -13.26 20.05 32.05
CA LEU R 212 -14.66 20.06 32.53
C LEU R 212 -15.36 21.37 32.24
N GLU R 213 -16.69 21.27 32.24
CA GLU R 213 -17.65 22.32 31.84
C GLU R 213 -18.72 22.37 32.93
N ALA R 214 -19.03 23.56 33.43
CA ALA R 214 -20.05 23.79 34.47
C ALA R 214 -20.67 25.17 34.23
N LYS R 215 -21.83 25.44 34.81
CA LYS R 215 -22.59 26.67 34.52
C LYS R 215 -22.20 27.81 35.45
N THR R 216 -21.66 27.46 36.62
CA THR R 216 -21.23 28.41 37.66
C THR R 216 -19.88 27.96 38.20
N VAL R 217 -19.21 28.85 38.96
CA VAL R 217 -17.92 28.56 39.65
C VAL R 217 -18.21 27.57 40.79
N LEU R 218 -19.37 27.72 41.43
CA LEU R 218 -19.85 26.83 42.52
C LEU R 218 -19.90 25.39 42.00
N GLU R 219 -20.47 25.20 40.80
CA GLU R 219 -20.58 23.88 40.12
C GLU R 219 -19.20 23.35 39.76
N VAL R 220 -18.23 24.22 39.45
CA VAL R 220 -16.83 23.82 39.16
C VAL R 220 -16.20 23.30 40.46
N ALA R 221 -16.44 23.99 41.58
CA ALA R 221 -15.97 23.60 42.93
C ALA R 221 -16.55 22.23 43.28
N ARG R 222 -17.87 22.05 43.14
CA ARG R 222 -18.56 20.79 43.49
C ARG R 222 -17.95 19.63 42.70
N THR R 223 -17.74 19.82 41.39
CA THR R 223 -17.29 18.76 40.46
C THR R 223 -15.88 18.32 40.86
N LEU R 224 -15.00 19.25 41.23
CA LEU R 224 -13.59 18.97 41.56
C LEU R 224 -13.49 18.25 42.91
N LEU R 225 -14.35 18.64 43.85
CA LEU R 225 -14.25 18.22 45.27
C LEU R 225 -15.09 16.96 45.53
N LYS R 226 -15.31 16.10 44.52
CA LYS R 226 -15.98 14.79 44.68
C LYS R 226 -15.94 13.89 43.45
N VAL S 5 10.28 48.56 66.69
CA VAL S 5 10.25 48.51 65.21
C VAL S 5 9.02 47.72 64.76
N LYS S 6 8.25 48.31 63.86
CA LYS S 6 7.07 47.67 63.26
C LYS S 6 7.49 46.43 62.47
N LYS S 7 6.60 45.45 62.44
CA LYS S 7 6.83 44.17 61.75
C LYS S 7 6.36 44.27 60.30
N PRO S 8 7.20 43.92 59.31
CA PRO S 8 6.77 43.92 57.91
C PRO S 8 5.85 42.72 57.63
N GLU S 9 4.78 42.94 56.87
CA GLU S 9 3.85 41.88 56.38
C GLU S 9 4.55 40.99 55.34
N LEU S 10 5.41 41.58 54.49
CA LEU S 10 6.08 40.89 53.36
C LEU S 10 7.59 41.18 53.36
N LEU S 11 8.40 40.16 53.10
CA LEU S 11 9.87 40.27 52.95
C LEU S 11 10.26 39.79 51.54
N ILE S 12 10.84 40.68 50.74
CA ILE S 12 11.39 40.33 49.39
C ILE S 12 12.90 40.15 49.55
N PHE S 13 13.44 39.02 49.09
CA PHE S 13 14.87 38.64 49.20
C PHE S 13 15.50 38.64 47.82
N ASP S 14 16.55 39.44 47.62
CA ASP S 14 17.51 39.20 46.53
C ASP S 14 18.05 37.80 46.76
N VAL S 15 18.44 37.11 45.69
CA VAL S 15 18.86 35.69 45.72
C VAL S 15 20.38 35.65 45.59
N ASN S 16 20.93 36.16 44.50
CA ASN S 16 22.30 35.79 44.03
C ASN S 16 23.38 36.10 45.06
N GLU S 17 23.42 37.22 45.76
CA GLU S 17 24.52 37.40 46.74
C GLU S 17 23.97 37.23 48.16
N THR S 18 22.73 37.69 48.34
CA THR S 18 22.04 37.79 49.65
C THR S 18 21.85 36.38 50.24
N LEU S 19 21.39 35.42 49.43
CA LEU S 19 21.07 34.04 49.90
C LEU S 19 22.14 33.05 49.43
N LEU S 20 22.50 33.06 48.15
CA LEU S 20 23.43 32.06 47.57
C LEU S 20 24.88 32.53 47.76
N ASP S 21 25.76 31.59 48.07
CA ASP S 21 27.24 31.79 48.07
C ASP S 21 27.71 31.68 46.63
N MET S 22 28.30 32.76 46.09
CA MET S 22 28.81 32.83 44.70
C MET S 22 30.19 32.16 44.59
N GLY S 23 30.72 31.69 45.73
CA GLY S 23 32.07 31.08 45.86
C GLY S 23 32.41 30.13 44.73
N PRO S 24 31.61 29.07 44.48
CA PRO S 24 31.89 28.13 43.39
C PRO S 24 32.10 28.80 42.03
N LEU S 25 31.24 29.77 41.72
CA LEU S 25 31.32 30.55 40.45
C LEU S 25 32.53 31.49 40.51
N GLU S 26 32.68 32.24 41.62
CA GLU S 26 33.78 33.22 41.85
C GLU S 26 35.15 32.53 41.67
N ASN S 27 35.38 31.41 42.36
CA ASN S 27 36.64 30.64 42.30
C ASN S 27 36.86 30.12 40.88
N ALA S 28 35.81 29.59 40.23
CA ALA S 28 35.90 29.02 38.86
C ALA S 28 36.46 30.07 37.90
N ILE S 29 35.93 31.30 37.97
CA ILE S 29 36.29 32.42 37.05
C ILE S 29 37.70 32.90 37.40
N ASN S 30 37.94 33.18 38.68
CA ASN S 30 39.22 33.71 39.21
C ASN S 30 40.36 32.77 38.77
N GLU S 31 40.17 31.46 38.96
CA GLU S 31 41.13 30.40 38.58
C GLU S 31 41.43 30.48 37.08
N SER S 32 40.36 30.47 36.28
CA SER S 32 40.42 30.34 34.80
C SER S 32 41.09 31.57 34.18
N LEU S 33 40.87 32.75 34.78
CA LEU S 33 41.40 34.04 34.26
C LEU S 33 42.64 34.46 35.05
N ASN S 34 42.99 33.72 36.10
CA ASN S 34 44.30 33.84 36.79
C ASN S 34 44.37 35.20 37.49
N SER S 35 43.32 35.56 38.24
CA SER S 35 43.20 36.84 38.98
C SER S 35 42.08 36.70 40.03
N GLU S 36 42.23 37.36 41.17
CA GLU S 36 41.20 37.34 42.25
C GLU S 36 40.14 38.42 41.98
N HIS S 37 40.39 39.31 41.01
CA HIS S 37 39.48 40.44 40.66
C HIS S 37 38.65 40.12 39.43
N ALA S 38 38.89 38.96 38.79
CA ALA S 38 38.25 38.53 37.53
C ALA S 38 36.74 38.45 37.73
N PHE S 39 36.28 37.87 38.84
CA PHE S 39 34.84 37.68 39.14
C PHE S 39 34.16 39.03 39.38
N SER S 40 34.82 39.91 40.13
CA SER S 40 34.27 41.24 40.50
C SER S 40 34.04 42.07 39.23
N LEU S 41 35.02 42.11 38.35
CA LEU S 41 34.94 42.91 37.09
C LEU S 41 33.88 42.31 36.16
N TRP S 42 33.80 40.98 36.04
CA TRP S 42 32.82 40.28 35.18
C TRP S 42 31.40 40.55 35.70
N PHE S 43 31.15 40.25 36.98
CA PHE S 43 29.77 40.31 37.55
C PHE S 43 29.24 41.74 37.53
N ARG S 44 30.14 42.72 37.68
CA ARG S 44 29.78 44.15 37.58
C ARG S 44 29.45 44.45 36.11
N THR S 45 30.22 43.88 35.18
CA THR S 45 30.00 44.02 33.71
C THR S 45 28.66 43.36 33.32
N LEU S 46 28.35 42.19 33.88
CA LEU S 46 27.04 41.53 33.69
C LEU S 46 25.89 42.47 34.12
N LEU S 47 25.99 43.08 35.29
CA LEU S 47 24.91 43.95 35.85
C LEU S 47 24.77 45.22 35.00
N HIS S 48 25.90 45.82 34.60
CA HIS S 48 25.92 47.05 33.76
C HIS S 48 25.16 46.76 32.46
N TYR S 49 25.53 45.71 31.72
CA TYR S 49 24.92 45.35 30.42
C TYR S 49 23.46 44.91 30.63
N SER S 50 23.11 44.34 31.79
CA SER S 50 21.71 43.95 32.08
C SER S 50 20.84 45.21 32.11
N LEU S 51 21.35 46.28 32.70
CA LEU S 51 20.65 47.60 32.73
C LEU S 51 20.76 48.28 31.37
N THR S 52 21.83 48.01 30.60
CA THR S 52 22.00 48.52 29.22
C THR S 52 20.89 47.95 28.33
N GLU S 53 20.60 46.66 28.45
CA GLU S 53 19.54 45.97 27.67
C GLU S 53 18.20 46.67 27.97
N THR S 54 17.91 46.93 29.24
CA THR S 54 16.61 47.50 29.68
C THR S 54 16.46 48.91 29.12
N LEU S 55 17.49 49.75 29.22
CA LEU S 55 17.46 51.18 28.79
C LEU S 55 17.44 51.30 27.26
N THR S 56 17.84 50.26 26.54
CA THR S 56 17.72 50.19 25.06
C THR S 56 16.50 49.36 24.65
N GLY S 57 15.56 49.11 25.58
CA GLY S 57 14.23 48.52 25.33
C GLY S 57 14.30 47.09 24.84
N ASN S 58 15.17 46.27 25.42
CA ASN S 58 15.38 44.85 25.06
C ASN S 58 15.53 44.02 26.33
N TYR S 59 15.14 42.74 26.26
CA TYR S 59 15.33 41.76 27.35
C TYR S 59 16.13 40.57 26.80
N VAL S 60 17.17 40.20 27.53
CA VAL S 60 18.01 38.99 27.30
C VAL S 60 18.11 38.26 28.64
N ASP S 61 17.97 36.93 28.66
CA ASP S 61 18.01 36.16 29.93
C ASP S 61 19.40 36.38 30.56
N PHE S 62 19.43 36.41 31.90
CA PHE S 62 20.62 36.70 32.74
C PHE S 62 21.80 35.79 32.39
N GLY S 63 21.54 34.50 32.16
CA GLY S 63 22.55 33.51 31.76
C GLY S 63 23.28 33.91 30.49
N THR S 64 22.54 34.31 29.45
CA THR S 64 23.07 34.67 28.11
C THR S 64 23.98 35.91 28.24
N ILE S 65 23.55 36.89 29.04
CA ILE S 65 24.33 38.15 29.27
C ILE S 65 25.62 37.76 30.01
N GLY S 66 25.49 36.89 31.02
CA GLY S 66 26.63 36.28 31.73
C GLY S 66 27.67 35.72 30.78
N LYS S 67 27.24 34.86 29.86
CA LYS S 67 28.14 34.23 28.85
C LYS S 67 28.83 35.33 28.02
N ALA S 68 28.05 36.29 27.51
CA ALA S 68 28.53 37.35 26.60
C ALA S 68 29.63 38.16 27.29
N THR S 69 29.38 38.56 28.54
CA THR S 69 30.26 39.46 29.31
C THR S 69 31.50 38.70 29.78
N LEU S 70 31.40 37.38 29.96
CA LEU S 70 32.57 36.56 30.37
C LEU S 70 33.57 36.50 29.20
N LYS S 71 33.07 36.33 27.97
CA LYS S 71 33.92 36.34 26.74
C LYS S 71 34.59 37.72 26.59
N MET S 72 33.91 38.79 27.00
CA MET S 72 34.46 40.16 26.99
C MET S 72 35.54 40.27 28.08
N THR S 73 35.23 39.75 29.27
CA THR S 73 36.10 39.84 30.48
C THR S 73 37.38 39.01 30.29
N MET S 74 37.28 37.78 29.77
CA MET S 74 38.46 36.90 29.61
C MET S 74 39.48 37.58 28.69
N ARG S 75 39.01 38.29 27.66
CA ARG S 75 39.82 39.05 26.68
C ARG S 75 40.74 40.04 27.40
N LYS S 76 40.18 40.73 28.39
CA LYS S 76 40.89 41.77 29.20
C LYS S 76 42.02 41.15 30.02
N PHE S 77 41.91 39.87 30.36
CA PHE S 77 42.90 39.15 31.18
C PHE S 77 43.85 38.33 30.28
N GLY S 78 43.80 38.56 28.96
CA GLY S 78 44.71 37.94 27.97
C GLY S 78 44.46 36.45 27.79
N LYS S 79 43.29 35.95 28.23
CA LYS S 79 42.87 34.53 28.08
C LYS S 79 41.91 34.39 26.90
N ASN S 80 41.80 33.18 26.37
CA ASN S 80 40.84 32.81 25.29
C ASN S 80 40.30 31.40 25.59
N LEU S 81 39.42 31.29 26.57
CA LEU S 81 38.80 30.01 27.00
C LEU S 81 37.95 29.46 25.85
N SER S 82 37.84 28.14 25.76
CA SER S 82 36.96 27.42 24.80
C SER S 82 35.52 27.49 25.31
N GLU S 83 34.55 27.27 24.42
CA GLU S 83 33.09 27.30 24.73
C GLU S 83 32.78 26.30 25.84
N ASP S 84 33.35 25.10 25.71
CA ASP S 84 33.23 23.98 26.69
C ASP S 84 33.53 24.52 28.08
N ARG S 85 34.66 25.22 28.17
CA ARG S 85 35.27 25.74 29.41
C ARG S 85 34.37 26.83 30.01
N LEU S 86 33.95 27.79 29.18
CA LEU S 86 33.00 28.87 29.57
C LEU S 86 31.70 28.25 30.12
N ASP S 87 31.11 27.29 29.39
CA ASP S 87 29.84 26.63 29.79
C ASP S 87 30.05 25.94 31.14
N ALA S 88 31.22 25.31 31.32
CA ALA S 88 31.58 24.57 32.56
C ALA S 88 31.58 25.53 33.74
N ILE S 89 32.23 26.69 33.56
CA ILE S 89 32.41 27.74 34.62
C ILE S 89 31.03 28.32 34.97
N LEU S 90 30.23 28.72 33.97
CA LEU S 90 28.90 29.37 34.15
C LEU S 90 27.90 28.37 34.77
N GLY S 91 28.04 27.08 34.45
CA GLY S 91 27.23 25.98 35.01
C GLY S 91 27.17 26.04 36.53
N ASN S 92 28.21 26.59 37.17
CA ASN S 92 28.30 26.74 38.64
C ASN S 92 27.16 27.62 39.16
N ILE S 93 26.55 28.45 38.31
CA ILE S 93 25.47 29.37 38.77
C ILE S 93 24.25 28.56 39.22
N LYS S 94 24.10 27.32 38.70
CA LYS S 94 22.99 26.38 39.03
C LYS S 94 23.34 25.57 40.28
N LYS S 95 24.62 25.53 40.64
CA LYS S 95 25.16 24.73 41.77
C LYS S 95 25.78 25.66 42.81
N LEU S 96 25.03 26.67 43.26
CA LEU S 96 25.48 27.59 44.33
C LEU S 96 24.82 27.14 45.62
N PRO S 97 25.60 26.78 46.66
CA PRO S 97 25.04 26.47 47.98
C PRO S 97 24.59 27.73 48.70
N ALA S 98 23.59 27.62 49.58
CA ALA S 98 23.11 28.72 50.43
C ALA S 98 24.21 29.09 51.41
N HIS S 99 24.30 30.36 51.82
CA HIS S 99 25.13 30.79 52.98
C HIS S 99 24.63 30.08 54.24
N GLU S 100 25.55 29.82 55.18
CA GLU S 100 25.29 28.98 56.37
C GLU S 100 24.15 29.54 57.23
N ASP S 101 23.92 30.86 57.17
CA ASP S 101 23.03 31.58 58.12
C ASP S 101 21.59 31.59 57.60
N VAL S 102 21.39 31.37 56.29
CA VAL S 102 20.09 31.72 55.62
C VAL S 102 18.99 30.79 56.13
N LYS S 103 19.22 29.47 56.08
CA LYS S 103 18.19 28.43 56.35
C LYS S 103 17.56 28.72 57.71
N GLU S 104 18.40 28.95 58.72
CA GLU S 104 17.97 29.26 60.11
C GLU S 104 17.22 30.59 60.14
N GLY S 105 17.81 31.64 59.51
CA GLY S 105 17.22 32.98 59.41
C GLY S 105 15.85 32.92 58.77
N LEU S 106 15.76 32.27 57.60
CA LEU S 106 14.52 32.09 56.80
C LEU S 106 13.46 31.42 57.70
N LYS S 107 13.85 30.34 58.38
CA LYS S 107 13.02 29.50 59.30
C LYS S 107 12.38 30.40 60.37
N MET S 108 13.18 31.27 61.01
CA MET S 108 12.74 32.17 62.10
C MET S 108 11.65 33.10 61.59
N LEU S 109 11.83 33.62 60.37
CA LEU S 109 10.94 34.63 59.75
C LEU S 109 9.62 33.97 59.34
N LYS S 110 9.69 32.72 58.85
CA LYS S 110 8.50 31.96 58.37
C LYS S 110 7.65 31.58 59.57
N GLU S 111 8.29 31.18 60.68
CA GLU S 111 7.63 30.84 61.96
C GLU S 111 6.92 32.07 62.52
N ALA S 112 7.51 33.25 62.32
CA ALA S 112 6.96 34.55 62.79
C ALA S 112 5.74 34.95 61.94
N GLN S 113 5.30 34.10 61.01
CA GLN S 113 4.09 34.31 60.16
C GLN S 113 4.31 35.49 59.21
N ILE S 114 5.55 35.66 58.73
CA ILE S 114 5.94 36.71 57.74
C ILE S 114 5.99 36.08 56.34
N LYS S 115 5.20 36.60 55.39
CA LYS S 115 5.25 36.16 53.97
C LYS S 115 6.66 36.36 53.42
N LEU S 116 7.25 35.32 52.87
CA LEU S 116 8.60 35.38 52.26
C LEU S 116 8.50 35.10 50.76
N VAL S 117 8.96 36.04 49.94
CA VAL S 117 9.08 35.90 48.47
C VAL S 117 10.53 36.23 48.08
N ALA S 118 10.97 35.68 46.95
CA ALA S 118 12.25 36.02 46.29
C ALA S 118 11.96 36.93 45.10
N LEU S 119 12.93 37.78 44.75
CA LEU S 119 12.95 38.58 43.51
C LEU S 119 14.37 38.54 42.95
N SER S 120 14.59 37.83 41.83
CA SER S 120 15.94 37.63 41.22
C SER S 120 15.95 38.12 39.78
N ASN S 121 17.13 38.50 39.28
CA ASN S 121 17.35 38.88 37.86
C ASN S 121 17.47 37.60 37.01
N SER S 122 17.66 36.44 37.65
CA SER S 122 17.68 35.11 36.98
C SER S 122 16.31 34.87 36.34
N ASN S 123 16.26 34.12 35.24
CA ASN S 123 14.99 33.72 34.58
C ASN S 123 14.30 32.69 35.47
N GLY S 124 12.99 32.51 35.31
CA GLY S 124 12.14 31.67 36.18
C GLY S 124 12.71 30.29 36.39
N LYS S 125 13.28 29.67 35.35
CA LYS S 125 13.76 28.27 35.39
C LYS S 125 15.11 28.20 36.09
N LEU S 126 16.03 29.09 35.71
CA LEU S 126 17.33 29.22 36.41
C LEU S 126 17.09 29.49 37.90
N LEU S 127 16.07 30.30 38.24
CA LEU S 127 15.79 30.67 39.65
C LEU S 127 15.27 29.45 40.41
N ASN S 128 14.37 28.67 39.80
CA ASN S 128 13.82 27.43 40.41
C ASN S 128 14.97 26.44 40.66
N ALA S 129 15.88 26.27 39.70
CA ALA S 129 17.02 25.32 39.75
C ALA S 129 17.97 25.75 40.88
N GLN S 130 18.27 27.04 40.98
CA GLN S 130 19.18 27.62 42.00
C GLN S 130 18.64 27.33 43.40
N LEU S 131 17.35 27.57 43.62
CA LEU S 131 16.73 27.51 44.98
C LEU S 131 16.52 26.06 45.39
N GLN S 132 16.30 25.16 44.43
CA GLN S 132 16.07 23.73 44.73
C GLN S 132 17.42 23.10 45.11
N PHE S 133 18.48 23.41 44.38
CA PHE S 133 19.86 22.93 44.65
C PHE S 133 20.33 23.37 46.04
N ALA S 134 19.96 24.58 46.46
CA ALA S 134 20.36 25.17 47.77
C ALA S 134 19.33 24.80 48.84
N GLY S 135 18.24 24.11 48.45
CA GLY S 135 17.14 23.73 49.34
C GLY S 135 16.54 24.92 50.05
N LEU S 136 16.23 26.00 49.33
CA LEU S 136 15.61 27.24 49.90
C LEU S 136 14.18 27.42 49.37
N ALA S 137 13.80 26.68 48.33
CA ALA S 137 12.55 26.89 47.56
C ALA S 137 11.34 26.84 48.49
N ASP S 138 11.32 25.90 49.44
CA ASP S 138 10.12 25.60 50.26
C ASP S 138 9.88 26.72 51.27
N TYR S 139 10.84 27.61 51.51
CA TYR S 139 10.72 28.70 52.51
C TYR S 139 9.83 29.84 52.00
N PHE S 140 9.73 30.03 50.67
CA PHE S 140 9.08 31.21 50.04
C PHE S 140 7.66 30.86 49.57
N ASP S 141 6.71 31.76 49.80
CA ASP S 141 5.30 31.62 49.32
C ASP S 141 5.26 31.79 47.79
N ALA S 142 6.15 32.63 47.24
CA ALA S 142 6.25 32.92 45.80
C ALA S 142 7.69 33.27 45.43
N ILE S 143 8.07 33.04 44.17
CA ILE S 143 9.42 33.27 43.63
C ILE S 143 9.30 34.11 42.36
N PHE S 144 9.65 35.39 42.40
CA PHE S 144 9.50 36.32 41.26
C PHE S 144 10.78 36.37 40.44
N SER S 145 10.64 36.19 39.12
CA SER S 145 11.72 36.36 38.13
C SER S 145 11.45 37.67 37.38
N VAL S 146 12.49 38.31 36.85
CA VAL S 146 12.36 39.55 36.03
C VAL S 146 11.69 39.22 34.70
N GLU S 147 11.65 37.95 34.29
CA GLU S 147 10.73 37.46 33.22
C GLU S 147 9.28 37.75 33.60
N ALA S 148 8.90 37.43 34.84
CA ALA S 148 7.55 37.68 35.43
C ALA S 148 7.38 39.15 35.83
N VAL S 149 8.22 40.05 35.30
CA VAL S 149 8.10 41.54 35.44
C VAL S 149 8.41 42.25 34.09
N GLY S 150 9.16 41.62 33.17
CA GLY S 150 9.59 42.23 31.89
C GLY S 150 10.97 42.87 32.00
N ARG S 151 11.29 43.49 33.14
CA ARG S 151 12.44 44.44 33.31
C ARG S 151 13.29 44.13 34.54
N TYR S 152 14.60 44.35 34.39
CA TYR S 152 15.65 44.08 35.40
C TYR S 152 15.52 45.03 36.60
N LYS S 153 15.86 44.52 37.78
CA LYS S 153 16.14 45.31 38.99
C LYS S 153 17.40 46.14 38.74
N PRO S 154 17.53 47.36 39.30
CA PRO S 154 16.54 47.91 40.24
C PRO S 154 15.43 48.81 39.69
N GLU S 155 14.84 48.48 38.56
CA GLU S 155 13.75 49.32 38.01
C GLU S 155 12.52 49.21 38.91
N LEU S 156 11.92 50.33 39.26
CA LEU S 156 10.89 50.46 40.32
C LEU S 156 9.69 49.53 40.05
N ALA S 157 9.39 49.26 38.78
CA ALA S 157 8.27 48.38 38.36
C ALA S 157 8.51 46.96 38.88
N SER S 158 9.77 46.54 39.03
CA SER S 158 10.10 45.17 39.49
C SER S 158 9.55 44.96 40.91
N TYR S 159 9.86 45.88 41.83
CA TYR S 159 9.41 45.85 43.25
C TYR S 159 7.88 45.97 43.31
N ARG S 160 7.30 46.95 42.62
CA ARG S 160 5.85 47.24 42.69
C ARG S 160 5.04 46.06 42.17
N ALA S 161 5.58 45.31 41.20
CA ALA S 161 4.92 44.13 40.61
C ALA S 161 4.67 43.11 41.71
N VAL S 162 5.69 42.87 42.55
CA VAL S 162 5.64 41.94 43.72
C VAL S 162 4.60 42.46 44.72
N LEU S 163 4.60 43.75 45.04
CA LEU S 163 3.64 44.35 45.99
C LEU S 163 2.21 44.04 45.53
N GLU S 164 1.83 44.44 44.32
CA GLU S 164 0.44 44.36 43.83
C GLU S 164 0.01 42.89 43.73
N THR S 165 0.93 41.98 43.39
CA THR S 165 0.66 40.52 43.25
C THR S 165 0.43 39.90 44.64
N MET S 166 1.21 40.28 45.65
CA MET S 166 1.10 39.73 47.03
C MET S 166 0.06 40.52 47.83
N LYS S 167 -0.50 41.61 47.27
CA LYS S 167 -1.56 42.46 47.90
C LYS S 167 -1.06 43.07 49.22
N VAL S 168 0.20 43.49 49.28
CA VAL S 168 0.83 44.14 50.47
C VAL S 168 1.26 45.54 50.03
N PRO S 169 0.87 46.61 50.76
CA PRO S 169 1.38 47.95 50.46
C PRO S 169 2.91 48.02 50.62
N ALA S 170 3.51 49.07 50.04
CA ALA S 170 4.98 49.26 50.00
C ALA S 170 5.53 49.46 51.41
N GLU S 171 4.83 50.26 52.23
CA GLU S 171 5.26 50.65 53.61
C GLU S 171 5.30 49.43 54.56
N ASN S 172 4.57 48.36 54.21
CA ASN S 172 4.51 47.10 54.99
C ASN S 172 5.44 46.04 54.40
N THR S 173 6.21 46.39 53.36
CA THR S 173 7.14 45.45 52.68
C THR S 173 8.57 45.87 53.00
N MET S 174 9.46 44.90 53.22
CA MET S 174 10.91 45.16 53.43
C MET S 174 11.72 44.32 52.43
N MET S 175 12.65 44.97 51.73
CA MET S 175 13.54 44.33 50.74
C MET S 175 14.83 43.93 51.47
N VAL S 176 15.26 42.68 51.28
CA VAL S 176 16.51 42.16 51.91
C VAL S 176 17.52 41.87 50.81
N ALA S 177 18.61 42.65 50.76
CA ALA S 177 19.59 42.58 49.66
C ALA S 177 20.98 42.90 50.19
N ALA S 178 21.98 42.21 49.66
CA ALA S 178 23.43 42.45 49.87
C ALA S 178 23.99 43.41 48.81
N ASN S 179 23.14 44.07 48.03
CA ASN S 179 23.54 44.98 46.92
C ASN S 179 23.02 46.39 47.22
N GLY S 180 23.90 47.40 47.15
CA GLY S 180 23.57 48.81 47.39
C GLY S 180 22.51 49.31 46.41
N TRP S 181 22.63 48.86 45.16
CA TRP S 181 21.71 49.25 44.05
C TRP S 181 20.32 48.64 44.29
N ASP S 182 20.26 47.42 44.80
CA ASP S 182 18.97 46.75 45.11
C ASP S 182 18.28 47.53 46.24
N ILE S 183 19.04 47.97 47.24
CA ILE S 183 18.55 48.78 48.39
C ILE S 183 17.99 50.10 47.86
N LEU S 184 18.77 50.81 47.04
CA LEU S 184 18.39 52.12 46.46
C LEU S 184 17.10 51.98 45.66
N GLY S 185 17.03 50.94 44.80
CA GLY S 185 15.83 50.62 43.99
C GLY S 185 14.59 50.52 44.85
N ALA S 186 14.58 49.55 45.78
CA ALA S 186 13.46 49.24 46.71
C ALA S 186 13.09 50.49 47.52
N LYS S 187 14.09 51.20 48.02
CA LYS S 187 13.91 52.45 48.81
C LYS S 187 13.08 53.46 47.98
N ARG S 188 13.41 53.65 46.71
CA ARG S 188 12.75 54.65 45.83
C ARG S 188 11.43 54.10 45.26
N ALA S 189 11.16 52.81 45.44
CA ALA S 189 9.85 52.18 45.16
C ALA S 189 8.94 52.24 46.40
N GLY S 190 9.45 52.75 47.54
CA GLY S 190 8.67 53.02 48.76
C GLY S 190 8.77 51.89 49.79
N LEU S 191 9.68 50.94 49.59
CA LEU S 191 9.81 49.76 50.46
C LEU S 191 10.76 50.09 51.62
N ARG S 192 10.63 49.34 52.72
CA ARG S 192 11.62 49.28 53.82
C ARG S 192 12.79 48.42 53.33
N THR S 193 13.99 48.64 53.87
CA THR S 193 15.25 48.08 53.31
C THR S 193 16.06 47.43 54.44
N ALA S 194 16.70 46.29 54.15
CA ALA S 194 17.61 45.57 55.05
C ALA S 194 18.86 45.16 54.26
N PHE S 195 19.99 45.78 54.56
CA PHE S 195 21.27 45.51 53.89
C PHE S 195 21.94 44.33 54.62
N VAL S 196 22.35 43.31 53.89
CA VAL S 196 23.14 42.17 54.43
C VAL S 196 24.61 42.38 54.05
N ALA S 197 25.43 42.85 55.01
CA ALA S 197 26.82 43.32 54.76
C ALA S 197 27.75 42.12 54.56
N ARG S 198 27.54 41.39 53.46
CA ARG S 198 28.43 40.26 53.06
C ARG S 198 29.77 40.85 52.62
N GLU S 199 30.78 39.98 52.51
CA GLU S 199 32.16 40.33 52.12
C GLU S 199 32.14 40.96 50.72
N GLY S 200 32.79 42.12 50.55
CA GLY S 200 33.07 42.76 49.25
C GLY S 200 31.90 43.58 48.72
N HIS S 201 30.89 43.86 49.56
CA HIS S 201 29.66 44.62 49.22
C HIS S 201 29.53 45.83 50.15
N ALA S 202 29.27 47.01 49.57
CA ALA S 202 29.17 48.31 50.25
C ALA S 202 27.78 48.93 50.01
N ILE S 203 27.28 49.72 50.96
CA ILE S 203 26.09 50.61 50.77
C ILE S 203 26.49 51.74 49.81
N TYR S 204 25.59 52.08 48.89
CA TYR S 204 25.69 53.25 47.98
C TYR S 204 25.56 54.52 48.81
N PRO S 205 26.65 55.31 48.95
CA PRO S 205 26.66 56.49 49.81
C PRO S 205 25.65 57.58 49.42
N LEU S 206 25.23 57.64 48.14
CA LEU S 206 24.31 58.68 47.61
C LEU S 206 22.87 58.27 47.87
N ASP S 207 22.38 58.53 49.08
CA ASP S 207 20.97 58.33 49.50
C ASP S 207 20.61 56.83 49.41
N GLY S 208 21.60 55.94 49.59
CA GLY S 208 21.42 54.47 49.50
C GLY S 208 21.42 53.79 50.86
N THR S 209 21.28 54.56 51.94
CA THR S 209 21.32 54.06 53.34
C THR S 209 20.05 53.26 53.63
N PRO S 210 20.18 52.00 54.10
CA PRO S 210 19.01 51.18 54.41
C PRO S 210 18.43 51.53 55.78
N GLU S 211 17.26 50.99 56.10
CA GLU S 211 16.65 51.10 57.45
C GLU S 211 17.43 50.21 58.44
N LEU S 212 17.86 49.02 58.04
CA LEU S 212 18.64 48.09 58.88
C LEU S 212 19.90 47.64 58.16
N GLU S 213 20.93 47.29 58.92
CA GLU S 213 22.22 46.75 58.43
C GLU S 213 22.59 45.59 59.35
N ALA S 214 22.82 44.41 58.80
CA ALA S 214 23.27 43.21 59.53
C ALA S 214 24.25 42.44 58.65
N LYS S 215 25.02 41.53 59.24
CA LYS S 215 26.15 40.85 58.55
C LYS S 215 25.67 39.57 57.90
N THR S 216 24.55 39.04 58.40
CA THR S 216 23.93 37.79 57.89
C THR S 216 22.42 37.99 57.85
N VAL S 217 21.75 37.13 57.08
CA VAL S 217 20.26 37.08 56.97
C VAL S 217 19.70 36.67 58.34
N LEU S 218 20.39 35.75 59.03
CA LEU S 218 20.07 35.29 60.40
C LEU S 218 20.03 36.52 61.34
N GLU S 219 21.01 37.43 61.22
CA GLU S 219 21.12 38.68 62.03
C GLU S 219 19.95 39.62 61.71
N VAL S 220 19.53 39.66 60.44
CA VAL S 220 18.36 40.47 59.98
C VAL S 220 17.10 39.92 60.64
N ALA S 221 16.94 38.59 60.62
CA ALA S 221 15.83 37.86 61.24
C ALA S 221 15.75 38.22 62.73
N ARG S 222 16.89 38.17 63.43
CA ARG S 222 17.01 38.45 64.88
C ARG S 222 16.63 39.91 65.16
N THR S 223 17.20 40.85 64.40
CA THR S 223 17.00 42.32 64.57
C THR S 223 15.51 42.66 64.42
N LEU S 224 14.79 41.94 63.56
CA LEU S 224 13.36 42.22 63.30
C LEU S 224 12.52 41.64 64.45
N LEU S 225 13.06 40.60 65.12
CA LEU S 225 12.38 39.81 66.18
C LEU S 225 13.04 40.12 67.54
N VAL T 5 32.07 53.36 1.01
CA VAL T 5 30.94 53.47 1.97
C VAL T 5 30.44 54.92 1.97
N LYS T 6 29.14 55.13 2.21
CA LYS T 6 28.57 56.50 2.24
C LYS T 6 29.16 57.25 3.42
N LYS T 7 29.51 58.52 3.21
CA LYS T 7 30.07 59.32 4.32
C LYS T 7 28.89 59.89 5.11
N PRO T 8 29.01 59.89 6.45
CA PRO T 8 27.96 60.37 7.32
C PRO T 8 27.90 61.90 7.28
N GLU T 9 26.68 62.43 7.41
CA GLU T 9 26.37 63.87 7.55
C GLU T 9 26.86 64.36 8.92
N LEU T 10 26.75 63.51 9.95
CA LEU T 10 27.03 63.85 11.37
C LEU T 10 27.81 62.72 12.05
N LEU T 11 28.85 63.07 12.81
CA LEU T 11 29.63 62.13 13.66
C LEU T 11 29.44 62.53 15.14
N ILE T 12 28.92 61.59 15.94
CA ILE T 12 28.80 61.73 17.42
C ILE T 12 29.94 60.94 18.05
N PHE T 13 30.76 61.62 18.86
CA PHE T 13 31.94 61.04 19.54
C PHE T 13 31.63 60.89 21.03
N ASP T 14 31.73 59.66 21.56
CA ASP T 14 31.98 59.43 23.00
C ASP T 14 33.26 60.20 23.34
N VAL T 15 33.41 60.64 24.59
CA VAL T 15 34.54 61.51 25.03
C VAL T 15 35.50 60.68 25.87
N ASN T 16 35.01 60.03 26.94
CA ASN T 16 35.85 59.60 28.08
C ASN T 16 36.89 58.56 27.68
N GLU T 17 36.65 57.57 26.83
CA GLU T 17 37.79 56.65 26.49
C GLU T 17 38.14 56.82 25.02
N THR T 18 37.13 57.09 24.21
CA THR T 18 37.20 57.21 22.75
C THR T 18 38.19 58.32 22.37
N LEU T 19 38.11 59.49 23.02
CA LEU T 19 38.91 60.69 22.67
C LEU T 19 39.99 60.95 23.72
N LEU T 20 39.61 60.94 25.00
CA LEU T 20 40.53 61.25 26.12
C LEU T 20 41.24 59.94 26.52
N ASP T 21 42.55 60.02 26.79
CA ASP T 21 43.36 58.94 27.40
C ASP T 21 43.14 59.02 28.92
N MET T 22 42.65 57.92 29.51
CA MET T 22 42.28 57.84 30.95
C MET T 22 43.54 57.65 31.81
N GLY T 23 44.71 57.55 31.17
CA GLY T 23 46.03 57.25 31.79
C GLY T 23 46.24 57.93 33.15
N PRO T 24 46.22 59.28 33.21
CA PRO T 24 46.39 59.99 34.49
C PRO T 24 45.47 59.52 35.63
N LEU T 25 44.19 59.28 35.34
CA LEU T 25 43.16 58.84 36.33
C LEU T 25 43.33 57.34 36.64
N GLU T 26 43.51 56.52 35.60
CA GLU T 26 43.73 55.06 35.71
C GLU T 26 44.92 54.82 36.65
N ASN T 27 46.06 55.46 36.38
CA ASN T 27 47.33 55.31 37.14
C ASN T 27 47.14 55.82 38.58
N ALA T 28 46.47 56.97 38.76
CA ALA T 28 46.23 57.58 40.09
C ALA T 28 45.48 56.59 40.99
N ILE T 29 44.43 55.94 40.48
CA ILE T 29 43.56 54.98 41.22
C ILE T 29 44.32 53.68 41.47
N ASN T 30 44.89 53.09 40.41
CA ASN T 30 45.64 51.81 40.47
C ASN T 30 46.76 51.89 41.51
N GLU T 31 47.49 53.01 41.52
CA GLU T 31 48.59 53.26 42.49
C GLU T 31 48.05 53.37 43.90
N SER T 32 47.01 54.17 44.15
CA SER T 32 46.50 54.46 45.51
C SER T 32 45.73 53.27 46.11
N LEU T 33 45.29 52.31 45.29
CA LEU T 33 44.62 51.07 45.77
C LEU T 33 45.54 49.86 45.60
N ASN T 34 46.64 50.01 44.86
CA ASN T 34 47.74 49.02 44.82
C ASN T 34 47.25 47.78 44.06
N SER T 35 46.68 47.99 42.86
CA SER T 35 46.16 46.94 41.97
C SER T 35 45.99 47.51 40.56
N GLU T 36 46.33 46.74 39.53
CA GLU T 36 46.17 47.13 38.10
C GLU T 36 44.68 47.12 37.71
N HIS T 37 43.83 46.47 38.50
CA HIS T 37 42.42 46.20 38.17
C HIS T 37 41.49 47.18 38.90
N ALA T 38 42.02 48.06 39.77
CA ALA T 38 41.23 48.97 40.62
C ALA T 38 40.40 49.92 39.74
N PHE T 39 41.04 50.54 38.75
CA PHE T 39 40.38 51.50 37.82
C PHE T 39 39.22 50.80 37.10
N SER T 40 39.50 49.68 36.44
CA SER T 40 38.51 48.87 35.68
C SER T 40 37.28 48.59 36.55
N LEU T 41 37.46 48.12 37.78
CA LEU T 41 36.33 47.74 38.67
C LEU T 41 35.56 49.00 39.05
N TRP T 42 36.27 50.08 39.38
CA TRP T 42 35.67 51.35 39.86
C TRP T 42 34.81 51.97 38.75
N PHE T 43 35.41 52.15 37.57
CA PHE T 43 34.75 52.81 36.42
C PHE T 43 33.53 52.01 36.01
N ARG T 44 33.61 50.68 36.07
CA ARG T 44 32.47 49.78 35.75
C ARG T 44 31.41 49.93 36.84
N THR T 45 31.83 50.15 38.09
CA THR T 45 30.88 50.37 39.23
C THR T 45 30.19 51.72 39.02
N LEU T 46 30.95 52.73 38.58
CA LEU T 46 30.46 54.11 38.30
C LEU T 46 29.37 54.05 37.22
N LEU T 47 29.67 53.37 36.12
CA LEU T 47 28.73 53.18 34.96
C LEU T 47 27.50 52.43 35.44
N HIS T 48 27.67 51.39 36.27
CA HIS T 48 26.53 50.58 36.78
C HIS T 48 25.58 51.50 37.55
N TYR T 49 26.10 52.32 38.45
CA TYR T 49 25.27 53.13 39.37
C TYR T 49 24.66 54.31 38.59
N SER T 50 25.36 54.78 37.55
CA SER T 50 24.79 55.83 36.66
C SER T 50 23.48 55.31 36.04
N LEU T 51 23.48 54.09 35.51
CA LEU T 51 22.24 53.48 34.93
C LEU T 51 21.25 53.13 36.04
N THR T 52 21.75 52.84 37.24
CA THR T 52 20.91 52.61 38.44
C THR T 52 20.12 53.88 38.78
N GLU T 53 20.78 55.05 38.77
CA GLU T 53 20.14 56.36 39.05
C GLU T 53 19.03 56.60 38.02
N THR T 54 19.29 56.37 36.74
CA THR T 54 18.34 56.65 35.64
C THR T 54 17.12 55.73 35.77
N LEU T 55 17.33 54.44 36.04
CA LEU T 55 16.24 53.42 36.10
C LEU T 55 15.41 53.57 37.37
N THR T 56 15.88 54.34 38.37
CA THR T 56 15.15 54.63 39.62
C THR T 56 14.57 56.06 39.57
N GLY T 57 14.70 56.75 38.42
CA GLY T 57 14.06 58.04 38.12
C GLY T 57 14.77 59.19 38.80
N ASN T 58 16.11 59.18 38.81
CA ASN T 58 16.94 60.24 39.45
C ASN T 58 18.13 60.55 38.55
N TYR T 59 18.68 61.76 38.65
CA TYR T 59 19.94 62.20 38.00
C TYR T 59 20.92 62.72 39.05
N VAL T 60 22.18 62.28 38.96
CA VAL T 60 23.28 62.75 39.85
C VAL T 60 24.48 62.97 38.94
N ASP T 61 25.16 64.11 39.08
CA ASP T 61 26.27 64.46 38.17
C ASP T 61 27.30 63.33 38.24
N PHE T 62 27.96 63.06 37.12
CA PHE T 62 28.91 61.94 36.92
C PHE T 62 30.04 61.97 37.95
N GLY T 63 30.54 63.17 38.28
CA GLY T 63 31.61 63.37 39.27
C GLY T 63 31.20 62.87 40.64
N THR T 64 29.98 63.21 41.08
CA THR T 64 29.43 62.83 42.42
C THR T 64 29.34 61.30 42.53
N ILE T 65 28.79 60.63 41.50
CA ILE T 65 28.68 59.14 41.46
C ILE T 65 30.09 58.56 41.45
N GLY T 66 31.01 59.20 40.73
CA GLY T 66 32.43 58.80 40.64
C GLY T 66 33.05 58.72 42.01
N LYS T 67 32.80 59.74 42.85
CA LYS T 67 33.40 59.83 44.20
C LYS T 67 32.78 58.73 45.08
N ALA T 68 31.45 58.62 45.08
CA ALA T 68 30.67 57.67 45.91
C ALA T 68 31.12 56.24 45.61
N THR T 69 31.28 55.89 44.33
CA THR T 69 31.66 54.52 43.89
C THR T 69 33.16 54.30 44.13
N LEU T 70 33.97 55.36 44.22
CA LEU T 70 35.41 55.26 44.57
C LEU T 70 35.53 54.89 46.06
N LYS T 71 34.74 55.51 46.93
CA LYS T 71 34.69 55.19 48.39
C LYS T 71 34.28 53.73 48.60
N MET T 72 33.36 53.22 47.78
CA MET T 72 32.89 51.80 47.84
C MET T 72 34.01 50.89 47.35
N THR T 73 34.68 51.24 46.25
CA THR T 73 35.70 50.40 45.58
C THR T 73 36.98 50.33 46.43
N MET T 74 37.36 51.40 47.12
CA MET T 74 38.61 51.44 47.93
C MET T 74 38.53 50.42 49.07
N ARG T 75 37.35 50.25 49.67
CA ARG T 75 37.12 49.35 50.84
C ARG T 75 37.26 47.90 50.43
N LYS T 76 36.99 47.65 49.16
CA LYS T 76 37.06 46.34 48.52
C LYS T 76 38.53 45.95 48.29
N PHE T 77 39.43 46.94 48.24
CA PHE T 77 40.90 46.76 48.14
C PHE T 77 41.59 46.96 49.50
N GLY T 78 40.82 47.09 50.58
CA GLY T 78 41.31 47.18 51.96
C GLY T 78 41.97 48.51 52.29
N LYS T 79 41.74 49.53 51.46
CA LYS T 79 42.27 50.91 51.69
C LYS T 79 41.16 51.78 52.28
N ASN T 80 41.57 52.87 52.95
CA ASN T 80 40.63 53.90 53.49
C ASN T 80 41.27 55.28 53.30
N LEU T 81 41.18 55.80 52.06
CA LEU T 81 41.81 57.08 51.65
C LEU T 81 41.03 58.23 52.27
N SER T 82 41.70 59.35 52.58
CA SER T 82 41.10 60.59 53.09
C SER T 82 40.36 61.31 51.96
N GLU T 83 39.45 62.22 52.30
CA GLU T 83 38.67 63.07 51.35
C GLU T 83 39.62 63.89 50.47
N ASP T 84 40.67 64.46 51.06
CA ASP T 84 41.73 65.23 50.36
C ASP T 84 42.26 64.40 49.20
N ARG T 85 42.59 63.13 49.46
CA ARG T 85 43.27 62.27 48.47
C ARG T 85 42.27 61.79 47.40
N LEU T 86 41.04 61.50 47.79
CA LEU T 86 39.95 61.12 46.86
C LEU T 86 39.77 62.24 45.83
N ASP T 87 39.68 63.49 46.30
CA ASP T 87 39.53 64.70 45.43
C ASP T 87 40.76 64.85 44.52
N ALA T 88 41.96 64.58 45.03
CA ALA T 88 43.24 64.64 44.27
C ALA T 88 43.22 63.62 43.13
N ILE T 89 42.81 62.39 43.43
CA ILE T 89 42.70 61.28 42.44
C ILE T 89 41.63 61.66 41.39
N LEU T 90 40.43 62.03 41.83
CA LEU T 90 39.29 62.34 40.93
C LEU T 90 39.58 63.60 40.11
N GLY T 91 40.39 64.53 40.64
CA GLY T 91 40.83 65.77 39.96
C GLY T 91 41.42 65.50 38.58
N ASN T 92 42.04 64.34 38.40
CA ASN T 92 42.66 63.88 37.13
C ASN T 92 41.62 63.81 36.01
N ILE T 93 40.32 63.75 36.31
CA ILE T 93 39.24 63.67 35.29
C ILE T 93 39.29 64.93 34.42
N LYS T 94 39.73 66.07 34.98
CA LYS T 94 39.78 67.38 34.27
C LYS T 94 41.10 67.53 33.50
N LYS T 95 42.10 66.69 33.79
CA LYS T 95 43.46 66.77 33.21
C LYS T 95 43.74 65.52 32.38
N LEU T 96 42.81 65.14 31.52
CA LEU T 96 43.00 63.97 30.63
C LEU T 96 43.43 64.49 29.28
N PRO T 97 44.65 64.13 28.81
CA PRO T 97 45.12 64.53 27.49
C PRO T 97 44.47 63.67 26.39
N ALA T 98 44.34 64.21 25.18
CA ALA T 98 43.81 63.46 24.01
C ALA T 98 44.75 62.30 23.69
N HIS T 99 44.21 61.20 23.13
CA HIS T 99 45.01 60.16 22.45
C HIS T 99 45.73 60.82 21.27
N GLU T 100 46.91 60.32 20.93
CA GLU T 100 47.79 60.89 19.89
C GLU T 100 47.07 61.02 18.55
N ASP T 101 46.16 60.09 18.25
CA ASP T 101 45.53 59.93 16.90
C ASP T 101 44.36 60.90 16.70
N VAL T 102 43.82 61.47 17.77
CA VAL T 102 42.49 62.15 17.79
C VAL T 102 42.56 63.43 16.96
N LYS T 103 43.44 64.36 17.34
CA LYS T 103 43.51 65.72 16.74
C LYS T 103 43.66 65.62 15.22
N GLU T 104 44.51 64.70 14.74
CA GLU T 104 44.67 64.41 13.28
C GLU T 104 43.34 63.95 12.70
N GLY T 105 42.73 62.93 13.31
CA GLY T 105 41.47 62.30 12.85
C GLY T 105 40.36 63.31 12.74
N LEU T 106 40.18 64.12 13.79
CA LEU T 106 39.12 65.17 13.85
C LEU T 106 39.37 66.20 12.75
N LYS T 107 40.63 66.61 12.57
CA LYS T 107 41.05 67.59 11.55
C LYS T 107 40.64 67.11 10.15
N MET T 108 40.95 65.85 9.80
CA MET T 108 40.58 65.23 8.51
C MET T 108 39.07 65.30 8.31
N LEU T 109 38.31 64.94 9.35
CA LEU T 109 36.83 64.81 9.29
C LEU T 109 36.19 66.20 9.16
N LYS T 110 36.67 67.17 9.93
CA LYS T 110 36.14 68.57 9.87
C LYS T 110 36.42 69.14 8.49
N GLU T 111 37.57 68.77 7.91
CA GLU T 111 38.04 69.21 6.58
C GLU T 111 37.13 68.65 5.49
N ALA T 112 36.61 67.43 5.70
CA ALA T 112 35.73 66.72 4.74
C ALA T 112 34.29 67.25 4.84
N GLN T 113 34.08 68.37 5.54
CA GLN T 113 32.77 69.08 5.69
C GLN T 113 31.76 68.19 6.43
N ILE T 114 32.23 67.37 7.39
CA ILE T 114 31.38 66.50 8.25
C ILE T 114 31.19 67.22 9.60
N LYS T 115 29.92 67.41 10.01
CA LYS T 115 29.53 67.93 11.34
C LYS T 115 30.09 67.00 12.42
N LEU T 116 30.85 67.56 13.36
CA LEU T 116 31.40 66.80 14.51
C LEU T 116 30.79 67.32 15.81
N VAL T 117 30.17 66.43 16.59
CA VAL T 117 29.59 66.75 17.92
C VAL T 117 30.13 65.71 18.90
N ALA T 118 30.19 66.07 20.18
CA ALA T 118 30.55 65.17 21.30
C ALA T 118 29.30 64.87 22.14
N LEU T 119 29.20 63.66 22.67
CA LEU T 119 28.13 63.25 23.62
C LEU T 119 28.78 62.47 24.77
N SER T 120 28.85 63.08 25.95
CA SER T 120 29.53 62.52 27.15
C SER T 120 28.52 62.36 28.30
N ASN T 121 28.78 61.42 29.20
CA ASN T 121 28.01 61.24 30.46
C ASN T 121 28.40 62.34 31.46
N SER T 122 29.57 62.96 31.29
CA SER T 122 30.05 64.08 32.14
C SER T 122 29.04 65.24 32.05
N ASN T 123 28.92 66.05 33.11
CA ASN T 123 28.03 67.25 33.11
C ASN T 123 28.65 68.33 32.20
N GLY T 124 27.86 69.34 31.84
CA GLY T 124 28.27 70.41 30.90
C GLY T 124 29.59 71.06 31.28
N LYS T 125 29.74 71.46 32.55
CA LYS T 125 30.93 72.18 33.04
C LYS T 125 32.16 71.29 32.89
N LEU T 126 32.13 70.10 33.51
CA LEU T 126 33.23 69.11 33.44
C LEU T 126 33.56 68.81 31.97
N LEU T 127 32.55 68.64 31.11
CA LEU T 127 32.74 68.30 29.68
C LEU T 127 33.51 69.43 29.00
N ASN T 128 33.20 70.68 29.32
CA ASN T 128 33.89 71.88 28.75
C ASN T 128 35.34 71.89 29.24
N ALA T 129 35.57 71.71 30.53
CA ALA T 129 36.92 71.71 31.14
C ALA T 129 37.77 70.62 30.46
N GLN T 130 37.23 69.40 30.34
CA GLN T 130 37.95 68.21 29.82
C GLN T 130 38.46 68.53 28.41
N LEU T 131 37.61 69.09 27.55
CA LEU T 131 37.87 69.26 26.10
C LEU T 131 38.73 70.51 25.87
N GLN T 132 38.62 71.52 26.73
CA GLN T 132 39.51 72.70 26.70
C GLN T 132 40.94 72.23 27.02
N PHE T 133 41.08 71.38 28.04
CA PHE T 133 42.38 70.84 28.51
C PHE T 133 43.06 70.00 27.42
N ALA T 134 42.30 69.14 26.73
CA ALA T 134 42.80 68.28 25.63
C ALA T 134 42.98 69.09 24.35
N GLY T 135 42.50 70.34 24.33
CA GLY T 135 42.46 71.21 23.15
C GLY T 135 41.64 70.59 22.02
N LEU T 136 40.46 70.03 22.33
CA LEU T 136 39.55 69.38 21.35
C LEU T 136 38.27 70.19 21.14
N ALA T 137 37.98 71.18 22.00
CA ALA T 137 36.71 71.94 22.03
C ALA T 137 36.40 72.53 20.64
N ASP T 138 37.42 73.07 19.97
CA ASP T 138 37.25 73.86 18.71
C ASP T 138 36.94 72.94 17.51
N TYR T 139 37.12 71.62 17.63
CA TYR T 139 36.85 70.63 16.55
C TYR T 139 35.35 70.32 16.42
N PHE T 140 34.54 70.61 17.44
CA PHE T 140 33.11 70.23 17.50
C PHE T 140 32.20 71.44 17.25
N ASP T 141 31.17 71.26 16.44
CA ASP T 141 30.09 72.27 16.22
C ASP T 141 29.24 72.41 17.49
N ALA T 142 29.06 71.32 18.24
CA ALA T 142 28.34 71.30 19.54
C ALA T 142 28.91 70.20 20.44
N ILE T 143 28.72 70.35 21.74
CA ILE T 143 29.15 69.38 22.79
C ILE T 143 27.96 69.06 23.68
N PHE T 144 27.41 67.85 23.59
CA PHE T 144 26.19 67.43 24.32
C PHE T 144 26.56 66.70 25.59
N SER T 145 26.08 67.22 26.73
CA SER T 145 26.12 66.56 28.06
C SER T 145 24.79 65.86 28.33
N VAL T 146 24.79 64.86 29.21
CA VAL T 146 23.57 64.13 29.66
C VAL T 146 22.72 65.07 30.52
N GLU T 147 23.26 66.19 30.99
CA GLU T 147 22.47 67.31 31.58
C GLU T 147 21.58 67.92 30.48
N ALA T 148 22.13 68.07 29.27
CA ALA T 148 21.42 68.55 28.05
C ALA T 148 20.57 67.44 27.40
N VAL T 149 20.30 66.33 28.12
CA VAL T 149 19.35 65.25 27.71
C VAL T 149 18.53 64.72 28.89
N GLY T 150 18.92 64.99 30.14
CA GLY T 150 18.24 64.47 31.35
C GLY T 150 18.73 63.09 31.77
N ARG T 151 19.01 62.19 30.81
CA ARG T 151 19.19 60.73 31.04
C ARG T 151 20.52 60.23 30.46
N TYR T 152 21.18 59.34 31.19
CA TYR T 152 22.51 58.75 30.89
C TYR T 152 22.46 57.89 29.63
N LYS T 153 23.55 57.87 28.87
CA LYS T 153 23.81 56.85 27.82
C LYS T 153 23.98 55.51 28.52
N PRO T 154 23.65 54.38 27.86
CA PRO T 154 23.17 54.35 26.48
C PRO T 154 21.67 54.39 26.24
N GLU T 155 20.90 55.14 27.03
CA GLU T 155 19.44 55.28 26.80
C GLU T 155 19.19 55.93 25.44
N LEU T 156 18.28 55.36 24.66
CA LEU T 156 18.06 55.73 23.24
C LEU T 156 17.75 57.22 23.11
N ALA T 157 17.07 57.82 24.09
CA ALA T 157 16.67 59.25 24.06
C ALA T 157 17.91 60.16 24.02
N SER T 158 19.05 59.74 24.55
CA SER T 158 20.29 60.58 24.57
C SER T 158 20.82 60.81 23.15
N TYR T 159 20.86 59.77 22.31
CA TYR T 159 21.31 59.86 20.90
C TYR T 159 20.28 60.68 20.09
N ARG T 160 18.99 60.34 20.23
CA ARG T 160 17.87 60.96 19.47
C ARG T 160 17.81 62.47 19.73
N ALA T 161 18.15 62.91 20.94
CA ALA T 161 18.20 64.34 21.30
C ALA T 161 19.22 65.03 20.40
N VAL T 162 20.38 64.40 20.16
CA VAL T 162 21.49 64.96 19.32
C VAL T 162 21.03 64.98 17.85
N LEU T 163 20.44 63.90 17.35
CA LEU T 163 19.89 63.83 15.97
C LEU T 163 18.98 65.04 15.73
N GLU T 164 17.93 65.20 16.55
CA GLU T 164 16.86 66.22 16.35
C GLU T 164 17.45 67.63 16.51
N THR T 165 18.43 67.82 17.40
CA THR T 165 19.04 69.16 17.66
C THR T 165 19.92 69.58 16.48
N MET T 166 20.64 68.63 15.86
CA MET T 166 21.54 68.88 14.70
C MET T 166 20.79 68.76 13.38
N LYS T 167 19.50 68.37 13.44
CA LYS T 167 18.57 68.30 12.28
C LYS T 167 19.04 67.24 11.28
N VAL T 168 19.73 66.20 11.73
CA VAL T 168 20.30 65.12 10.89
C VAL T 168 19.54 63.83 11.17
N PRO T 169 19.02 63.13 10.16
CA PRO T 169 18.36 61.85 10.40
C PRO T 169 19.35 60.83 10.98
N ALA T 170 18.82 59.79 11.62
CA ALA T 170 19.58 58.71 12.28
C ALA T 170 20.51 58.00 11.28
N GLU T 171 19.96 57.60 10.12
CA GLU T 171 20.67 56.76 9.11
C GLU T 171 21.86 57.53 8.52
N ASN T 172 21.87 58.86 8.62
CA ASN T 172 22.98 59.72 8.13
C ASN T 172 23.94 60.09 9.27
N THR T 173 23.76 59.52 10.46
CA THR T 173 24.56 59.85 11.67
C THR T 173 25.33 58.61 12.08
N MET T 174 26.62 58.77 12.43
CA MET T 174 27.48 57.66 12.89
C MET T 174 28.03 57.99 14.27
N MET T 175 27.86 57.04 15.21
CA MET T 175 28.36 57.11 16.59
C MET T 175 29.76 56.48 16.60
N VAL T 176 30.75 57.22 17.09
CA VAL T 176 32.15 56.75 17.30
C VAL T 176 32.35 56.57 18.80
N ALA T 177 32.53 55.33 19.27
CA ALA T 177 32.71 55.02 20.71
C ALA T 177 33.68 53.85 20.90
N ALA T 178 34.46 53.90 21.99
CA ALA T 178 35.36 52.82 22.45
C ALA T 178 34.65 51.86 23.42
N ASN T 179 33.33 52.02 23.62
CA ASN T 179 32.53 51.24 24.61
C ASN T 179 31.46 50.43 23.88
N GLY T 180 31.34 49.14 24.23
CA GLY T 180 30.40 48.21 23.57
C GLY T 180 28.95 48.62 23.80
N TRP T 181 28.66 49.12 25.01
CA TRP T 181 27.30 49.54 25.43
C TRP T 181 26.91 50.80 24.67
N ASP T 182 27.88 51.67 24.39
CA ASP T 182 27.65 52.94 23.64
C ASP T 182 27.35 52.58 22.19
N ILE T 183 28.01 51.55 21.67
CA ILE T 183 27.77 51.03 20.30
C ILE T 183 26.36 50.44 20.28
N LEU T 184 26.00 49.64 21.28
CA LEU T 184 24.69 48.96 21.33
C LEU T 184 23.56 50.00 21.34
N GLY T 185 23.67 51.02 22.20
CA GLY T 185 22.66 52.08 22.31
C GLY T 185 22.44 52.75 20.97
N ALA T 186 23.50 53.31 20.39
CA ALA T 186 23.50 54.01 19.08
C ALA T 186 22.86 53.12 18.02
N LYS T 187 23.29 51.87 17.91
CA LYS T 187 22.72 50.88 16.96
C LYS T 187 21.21 50.89 17.10
N ARG T 188 20.71 50.69 18.33
CA ARG T 188 19.28 50.48 18.62
C ARG T 188 18.50 51.79 18.53
N ALA T 189 19.20 52.93 18.55
CA ALA T 189 18.63 54.27 18.26
C ALA T 189 18.62 54.55 16.74
N GLY T 190 19.10 53.61 15.92
CA GLY T 190 19.04 53.63 14.45
C GLY T 190 20.29 54.24 13.82
N LEU T 191 21.29 54.58 14.62
CA LEU T 191 22.54 55.23 14.14
C LEU T 191 23.45 54.18 13.50
N ARG T 192 24.35 54.65 12.64
CA ARG T 192 25.54 53.92 12.16
C ARG T 192 26.55 53.99 13.30
N THR T 193 27.44 53.01 13.37
CA THR T 193 28.37 52.83 14.51
C THR T 193 29.77 52.60 13.98
N ALA T 194 30.75 53.23 14.62
CA ALA T 194 32.19 52.97 14.44
C ALA T 194 32.82 52.68 15.82
N PHE T 195 33.32 51.47 16.02
CA PHE T 195 33.97 51.04 17.28
C PHE T 195 35.48 51.32 17.20
N VAL T 196 36.00 52.10 18.15
CA VAL T 196 37.45 52.37 18.31
C VAL T 196 37.98 51.35 19.31
N ALA T 197 38.68 50.32 18.83
CA ALA T 197 39.21 49.19 19.64
C ALA T 197 40.44 49.67 20.43
N ARG T 198 40.24 50.56 21.39
CA ARG T 198 41.29 51.01 22.34
C ARG T 198 41.56 49.89 23.34
N GLU T 199 42.71 49.97 24.00
CA GLU T 199 43.28 48.91 24.86
C GLU T 199 42.29 48.60 26.00
N GLY T 200 41.87 47.33 26.14
CA GLY T 200 41.06 46.85 27.28
C GLY T 200 39.55 47.07 27.09
N HIS T 201 39.08 47.22 25.85
CA HIS T 201 37.65 47.38 25.49
C HIS T 201 37.27 46.36 24.41
N ALA T 202 36.14 45.66 24.59
CA ALA T 202 35.66 44.60 23.67
C ALA T 202 34.24 44.93 23.21
N ILE T 203 33.90 44.48 22.00
CA ILE T 203 32.53 44.57 21.45
C ILE T 203 31.62 43.66 22.29
N TYR T 204 30.44 44.16 22.64
CA TYR T 204 29.38 43.37 23.28
C TYR T 204 28.90 42.32 22.28
N PRO T 205 29.16 41.02 22.54
CA PRO T 205 28.86 39.97 21.56
C PRO T 205 27.38 39.78 21.21
N LEU T 206 26.45 40.26 22.05
CA LEU T 206 24.98 40.09 21.85
C LEU T 206 24.44 41.23 20.99
N ASP T 207 24.61 41.10 19.67
CA ASP T 207 24.00 41.99 18.66
C ASP T 207 24.58 43.39 18.79
N GLY T 208 25.83 43.50 19.24
CA GLY T 208 26.53 44.78 19.45
C GLY T 208 27.61 45.03 18.42
N THR T 209 27.59 44.32 17.30
CA THR T 209 28.61 44.42 16.22
C THR T 209 28.43 45.75 15.51
N PRO T 210 29.49 46.59 15.43
CA PRO T 210 29.38 47.88 14.75
C PRO T 210 29.43 47.72 13.22
N GLU T 211 29.21 48.81 12.50
CA GLU T 211 29.32 48.87 11.02
C GLU T 211 30.80 48.82 10.66
N LEU T 212 31.66 49.57 11.37
CA LEU T 212 33.12 49.42 11.19
C LEU T 212 33.86 49.43 12.52
N GLU T 213 35.03 48.77 12.50
CA GLU T 213 36.01 48.64 13.60
C GLU T 213 37.33 49.24 13.15
N ALA T 214 38.02 49.92 14.05
CA ALA T 214 39.35 50.54 13.79
C ALA T 214 40.09 50.66 15.11
N LYS T 215 41.42 50.78 15.04
CA LYS T 215 42.31 50.82 16.23
C LYS T 215 42.31 52.23 16.85
N THR T 216 42.13 53.24 16.01
CA THR T 216 42.27 54.67 16.36
C THR T 216 41.16 55.48 15.69
N VAL T 217 40.93 56.69 16.21
CA VAL T 217 40.01 57.69 15.61
C VAL T 217 40.57 58.05 14.23
N LEU T 218 41.89 58.20 14.12
CA LEU T 218 42.59 58.52 12.85
C LEU T 218 42.22 57.46 11.81
N GLU T 219 42.21 56.19 12.22
CA GLU T 219 41.92 55.06 11.30
C GLU T 219 40.44 55.09 10.90
N VAL T 220 39.55 55.45 11.83
CA VAL T 220 38.08 55.62 11.58
C VAL T 220 37.92 56.66 10.47
N ALA T 221 38.60 57.81 10.61
CA ALA T 221 38.57 58.93 9.64
C ALA T 221 39.04 58.46 8.26
N ARG T 222 40.15 57.73 8.21
CA ARG T 222 40.74 57.21 6.94
C ARG T 222 39.75 56.26 6.26
N THR T 223 39.15 55.36 7.01
CA THR T 223 38.20 54.34 6.50
C THR T 223 36.97 55.04 5.92
N LEU T 224 36.58 56.20 6.47
CA LEU T 224 35.36 56.95 6.04
C LEU T 224 35.69 57.80 4.80
N LEU T 225 36.86 58.44 4.81
CA LEU T 225 37.28 59.46 3.80
C LEU T 225 38.01 58.77 2.65
N LYS T 226 37.41 57.71 2.12
CA LYS T 226 38.06 56.90 1.09
C LYS T 226 37.01 56.09 0.32
N VAL U 5 25.80 99.14 20.43
CA VAL U 5 25.67 97.90 21.26
C VAL U 5 26.61 96.83 20.72
N LYS U 6 27.17 96.07 21.65
CA LYS U 6 28.03 94.91 21.36
C LYS U 6 27.20 93.82 20.70
N LYS U 7 27.79 93.13 19.73
CA LYS U 7 27.11 92.12 18.91
C LYS U 7 27.19 90.78 19.64
N PRO U 8 26.07 90.06 19.84
CA PRO U 8 26.11 88.76 20.52
C PRO U 8 26.66 87.65 19.59
N GLU U 9 27.39 86.69 20.17
CA GLU U 9 27.95 85.51 19.45
C GLU U 9 26.84 84.52 19.09
N LEU U 10 25.79 84.44 19.90
CA LEU U 10 24.70 83.44 19.76
C LEU U 10 23.34 84.10 20.00
N LEU U 11 22.37 83.79 19.14
CA LEU U 11 20.98 84.27 19.27
C LEU U 11 20.07 83.05 19.46
N ILE U 12 19.29 83.03 20.56
CA ILE U 12 18.32 81.93 20.84
C ILE U 12 16.93 82.51 20.58
N PHE U 13 16.15 81.81 19.76
CA PHE U 13 14.81 82.25 19.29
C PHE U 13 13.73 81.34 19.86
N ASP U 14 12.83 81.88 20.70
CA ASP U 14 11.49 81.30 20.92
C ASP U 14 10.89 81.11 19.54
N VAL U 15 10.06 80.07 19.38
CA VAL U 15 9.47 79.69 18.07
C VAL U 15 7.99 80.09 18.06
N ASN U 16 7.17 79.51 18.94
CA ASN U 16 5.69 79.57 18.83
C ASN U 16 5.17 80.95 19.16
N GLU U 17 5.50 81.99 18.42
CA GLU U 17 4.84 83.32 18.55
C GLU U 17 5.83 84.35 18.05
N THR U 18 7.07 84.22 18.54
CA THR U 18 8.22 85.04 18.14
C THR U 18 8.46 84.88 16.63
N LEU U 19 8.41 83.65 16.10
CA LEU U 19 8.68 83.36 14.66
C LEU U 19 7.41 82.93 13.94
N LEU U 20 6.65 82.00 14.51
CA LEU U 20 5.45 81.44 13.84
C LEU U 20 4.23 82.32 14.15
N ASP U 21 3.40 82.57 13.14
CA ASP U 21 2.08 83.24 13.26
C ASP U 21 1.09 82.16 13.71
N MET U 22 0.48 82.34 14.89
CA MET U 22 -0.45 81.38 15.54
C MET U 22 -1.85 81.50 14.93
N GLY U 23 -2.00 82.37 13.92
CA GLY U 23 -3.30 82.74 13.29
C GLY U 23 -4.14 81.53 12.93
N PRO U 24 -3.61 80.58 12.12
CA PRO U 24 -4.38 79.39 11.72
C PRO U 24 -4.97 78.65 12.92
N LEU U 25 -4.17 78.45 13.98
CA LEU U 25 -4.60 77.78 15.23
C LEU U 25 -5.57 78.71 15.98
N GLU U 26 -5.16 79.96 16.19
CA GLU U 26 -5.94 80.96 16.97
C GLU U 26 -7.36 81.02 16.40
N ASN U 27 -7.47 81.16 15.07
CA ASN U 27 -8.77 81.30 14.36
C ASN U 27 -9.57 80.01 14.54
N ALA U 28 -8.95 78.85 14.30
CA ALA U 28 -9.55 77.50 14.42
C ALA U 28 -10.24 77.33 15.78
N ILE U 29 -9.55 77.73 16.86
CA ILE U 29 -10.03 77.62 18.27
C ILE U 29 -11.18 78.62 18.47
N ASN U 30 -10.92 79.89 18.15
CA ASN U 30 -11.84 81.03 18.42
C ASN U 30 -13.19 80.75 17.76
N GLU U 31 -13.20 80.23 16.54
CA GLU U 31 -14.48 80.03 15.82
C GLU U 31 -15.18 78.76 16.31
N SER U 32 -14.46 77.66 16.60
CA SER U 32 -15.09 76.43 17.15
C SER U 32 -15.64 76.66 18.56
N LEU U 33 -15.01 77.56 19.32
CA LEU U 33 -15.42 77.88 20.71
C LEU U 33 -16.37 79.08 20.70
N ASN U 34 -16.38 79.83 19.60
CA ASN U 34 -17.35 80.94 19.34
C ASN U 34 -17.02 82.11 20.27
N SER U 35 -15.75 82.48 20.37
CA SER U 35 -15.25 83.62 21.19
C SER U 35 -13.85 84.00 20.71
N GLU U 36 -13.50 85.28 20.77
CA GLU U 36 -12.18 85.78 20.33
C GLU U 36 -11.17 85.62 21.48
N HIS U 37 -11.65 85.24 22.68
CA HIS U 37 -10.80 85.06 23.89
C HIS U 37 -10.45 83.59 24.14
N ALA U 38 -11.04 82.65 23.39
CA ALA U 38 -10.87 81.20 23.59
C ALA U 38 -9.39 80.79 23.48
N PHE U 39 -8.68 81.22 22.44
CA PHE U 39 -7.25 80.89 22.19
C PHE U 39 -6.36 81.40 23.33
N SER U 40 -6.50 82.67 23.71
CA SER U 40 -5.75 83.32 24.81
C SER U 40 -5.90 82.48 26.09
N LEU U 41 -7.11 82.08 26.44
CA LEU U 41 -7.39 81.35 27.72
C LEU U 41 -6.78 79.94 27.63
N TRP U 42 -6.97 79.27 26.49
CA TRP U 42 -6.50 77.87 26.27
C TRP U 42 -4.97 77.84 26.32
N PHE U 43 -4.31 78.73 25.57
CA PHE U 43 -2.83 78.71 25.39
C PHE U 43 -2.15 79.03 26.73
N ARG U 44 -2.68 80.00 27.46
CA ARG U 44 -2.22 80.31 28.83
C ARG U 44 -2.45 79.09 29.73
N THR U 45 -3.60 78.42 29.60
CA THR U 45 -3.89 77.19 30.36
C THR U 45 -2.88 76.11 29.95
N LEU U 46 -2.53 76.01 28.66
CA LEU U 46 -1.48 75.07 28.16
C LEU U 46 -0.14 75.37 28.84
N LEU U 47 0.26 76.65 28.89
CA LEU U 47 1.56 77.05 29.50
C LEU U 47 1.53 76.76 31.00
N HIS U 48 0.42 77.08 31.67
CA HIS U 48 0.26 76.87 33.14
C HIS U 48 0.50 75.40 33.45
N TYR U 49 -0.16 74.50 32.71
CA TYR U 49 -0.15 73.04 32.98
C TYR U 49 1.21 72.47 32.59
N SER U 50 1.91 73.11 31.65
CA SER U 50 3.26 72.65 31.20
C SER U 50 4.25 72.85 32.35
N LEU U 51 4.19 74.00 33.02
CA LEU U 51 4.99 74.28 34.23
C LEU U 51 4.50 73.44 35.42
N THR U 52 3.20 73.13 35.48
CA THR U 52 2.62 72.23 36.52
C THR U 52 3.25 70.84 36.39
N GLU U 53 3.35 70.32 35.17
CA GLU U 53 3.98 69.00 34.90
C GLU U 53 5.42 69.01 35.40
N THR U 54 6.19 70.05 35.10
CA THR U 54 7.63 70.17 35.48
C THR U 54 7.76 70.20 37.00
N LEU U 55 7.00 71.06 37.69
CA LEU U 55 7.09 71.25 39.16
C LEU U 55 6.60 70.01 39.94
N THR U 56 5.86 69.11 39.29
CA THR U 56 5.41 67.83 39.90
C THR U 56 6.33 66.68 39.47
N GLY U 57 7.42 67.01 38.78
CA GLY U 57 8.50 66.07 38.40
C GLY U 57 8.10 65.15 37.25
N ASN U 58 7.35 65.66 36.28
CA ASN U 58 6.87 64.88 35.12
C ASN U 58 7.06 65.68 33.83
N TYR U 59 7.22 64.98 32.70
CA TYR U 59 7.22 65.57 31.35
C TYR U 59 6.10 64.92 30.53
N VAL U 60 5.30 65.74 29.86
CA VAL U 60 4.34 65.29 28.81
C VAL U 60 4.59 66.14 27.58
N ASP U 61 4.57 65.55 26.38
CA ASP U 61 4.84 66.32 25.15
C ASP U 61 3.81 67.46 25.06
N PHE U 62 4.25 68.62 24.57
CA PHE U 62 3.46 69.87 24.43
C PHE U 62 2.11 69.61 23.73
N GLY U 63 2.11 68.85 22.65
CA GLY U 63 0.90 68.46 21.91
C GLY U 63 -0.16 67.85 22.81
N THR U 64 0.21 66.82 23.58
CA THR U 64 -0.72 66.06 24.46
C THR U 64 -1.34 67.01 25.49
N ILE U 65 -0.54 67.90 26.09
CA ILE U 65 -1.03 68.88 27.09
C ILE U 65 -2.03 69.80 26.38
N GLY U 66 -1.70 70.20 25.14
CA GLY U 66 -2.55 71.07 24.32
C GLY U 66 -3.94 70.48 24.15
N LYS U 67 -4.01 69.23 23.72
CA LYS U 67 -5.29 68.51 23.56
C LYS U 67 -6.03 68.47 24.89
N ALA U 68 -5.35 68.11 25.98
CA ALA U 68 -5.97 67.94 27.31
C ALA U 68 -6.62 69.25 27.75
N THR U 69 -5.85 70.34 27.68
CA THR U 69 -6.25 71.71 28.11
C THR U 69 -7.34 72.26 27.18
N LEU U 70 -7.34 71.87 25.91
CA LEU U 70 -8.39 72.29 24.96
C LEU U 70 -9.71 71.63 25.37
N LYS U 71 -9.69 70.36 25.78
CA LYS U 71 -10.90 69.66 26.30
C LYS U 71 -11.41 70.39 27.54
N MET U 72 -10.50 70.89 28.37
CA MET U 72 -10.85 71.62 29.62
C MET U 72 -11.46 72.96 29.23
N THR U 73 -10.78 73.70 28.36
CA THR U 73 -11.17 75.07 27.92
C THR U 73 -12.54 75.02 27.25
N MET U 74 -12.81 74.03 26.40
CA MET U 74 -14.05 74.00 25.58
C MET U 74 -15.27 73.97 26.50
N ARG U 75 -15.14 73.34 27.66
CA ARG U 75 -16.28 73.16 28.61
C ARG U 75 -16.63 74.49 29.25
N LYS U 76 -15.66 75.37 29.41
CA LYS U 76 -15.88 76.73 29.95
C LYS U 76 -16.71 77.58 28.99
N PHE U 77 -16.62 77.30 27.69
CA PHE U 77 -17.35 78.04 26.63
C PHE U 77 -18.61 77.28 26.23
N GLY U 78 -19.00 76.26 27.01
CA GLY U 78 -20.26 75.50 26.86
C GLY U 78 -20.26 74.61 25.63
N LYS U 79 -19.10 74.34 25.02
CA LYS U 79 -18.98 73.47 23.82
C LYS U 79 -18.52 72.07 24.23
N ASN U 80 -18.79 71.09 23.37
CA ASN U 80 -18.33 69.68 23.53
C ASN U 80 -17.98 69.14 22.13
N LEU U 81 -16.78 69.46 21.65
CA LEU U 81 -16.30 69.06 20.30
C LEU U 81 -15.93 67.58 20.32
N SER U 82 -16.06 66.93 19.16
CA SER U 82 -15.67 65.51 18.93
C SER U 82 -14.15 65.42 18.87
N GLU U 83 -13.61 64.21 19.06
CA GLU U 83 -12.16 63.92 18.99
C GLU U 83 -11.63 64.29 17.60
N ASP U 84 -12.40 63.98 16.56
CA ASP U 84 -12.02 64.24 15.14
C ASP U 84 -11.76 65.74 14.99
N ARG U 85 -12.65 66.55 15.54
CA ARG U 85 -12.62 68.01 15.39
C ARG U 85 -11.42 68.62 16.15
N LEU U 86 -11.21 68.20 17.40
CA LEU U 86 -10.07 68.64 18.25
C LEU U 86 -8.76 68.40 17.49
N ASP U 87 -8.59 67.22 16.88
CA ASP U 87 -7.36 66.84 16.14
C ASP U 87 -7.21 67.77 14.93
N ALA U 88 -8.33 68.09 14.27
CA ALA U 88 -8.38 69.00 13.10
C ALA U 88 -7.91 70.40 13.53
N ILE U 89 -8.52 70.94 14.59
CA ILE U 89 -8.12 72.24 15.22
C ILE U 89 -6.62 72.20 15.58
N LEU U 90 -6.20 71.24 16.41
CA LEU U 90 -4.81 71.14 16.94
C LEU U 90 -3.80 70.88 15.82
N GLY U 91 -4.25 70.27 14.71
CA GLY U 91 -3.42 69.96 13.53
C GLY U 91 -2.76 71.19 12.98
N ASN U 92 -3.38 72.36 13.21
CA ASN U 92 -2.94 73.69 12.72
C ASN U 92 -1.57 74.07 13.33
N ILE U 93 -1.17 73.49 14.47
CA ILE U 93 0.14 73.76 15.14
C ILE U 93 1.29 73.40 14.19
N LYS U 94 1.08 72.46 13.26
CA LYS U 94 2.11 71.99 12.30
C LYS U 94 2.09 72.84 11.02
N LYS U 95 1.03 73.65 10.84
CA LYS U 95 0.77 74.45 9.62
C LYS U 95 0.74 75.95 9.97
N LEU U 96 1.73 76.42 10.70
CA LEU U 96 1.84 77.85 11.08
C LEU U 96 2.89 78.50 10.18
N PRO U 97 2.49 79.53 9.39
CA PRO U 97 3.45 80.23 8.54
C PRO U 97 4.31 81.16 9.41
N ALA U 98 5.55 81.40 8.99
CA ALA U 98 6.43 82.43 9.59
C ALA U 98 5.74 83.79 9.49
N HIS U 99 5.97 84.67 10.47
CA HIS U 99 5.67 86.13 10.35
C HIS U 99 6.47 86.69 9.18
N GLU U 100 5.93 87.73 8.53
CA GLU U 100 6.47 88.32 7.28
C GLU U 100 7.91 88.79 7.46
N ASP U 101 8.24 89.32 8.64
CA ASP U 101 9.54 89.97 8.93
C ASP U 101 10.64 88.94 9.21
N VAL U 102 10.27 87.68 9.47
CA VAL U 102 11.16 86.67 10.12
C VAL U 102 12.31 86.32 9.16
N LYS U 103 11.97 85.81 7.97
CA LYS U 103 12.96 85.27 7.02
C LYS U 103 14.02 86.33 6.72
N GLU U 104 13.59 87.58 6.53
CA GLU U 104 14.46 88.74 6.22
C GLU U 104 15.32 89.04 7.44
N GLY U 105 14.71 89.17 8.63
CA GLY U 105 15.42 89.31 9.91
C GLY U 105 16.52 88.27 10.06
N LEU U 106 16.18 86.99 9.92
CA LEU U 106 17.12 85.87 10.20
C LEU U 106 18.25 85.88 9.19
N LYS U 107 17.94 86.19 7.94
CA LYS U 107 18.93 86.21 6.82
C LYS U 107 20.02 87.24 7.12
N MET U 108 19.59 88.45 7.49
CA MET U 108 20.44 89.59 7.91
C MET U 108 21.41 89.14 9.00
N LEU U 109 20.91 88.45 10.03
CA LEU U 109 21.67 88.00 11.22
C LEU U 109 22.64 86.88 10.84
N LYS U 110 22.23 85.97 9.94
CA LYS U 110 23.07 84.83 9.52
C LYS U 110 24.22 85.34 8.64
N GLU U 111 23.93 86.36 7.83
CA GLU U 111 24.91 87.09 7.00
C GLU U 111 25.97 87.77 7.86
N ALA U 112 25.57 88.29 9.04
CA ALA U 112 26.46 88.95 10.01
C ALA U 112 27.30 87.92 10.78
N GLN U 113 27.16 86.63 10.46
CA GLN U 113 27.99 85.50 10.99
C GLN U 113 27.71 85.32 12.48
N ILE U 114 26.44 85.47 12.84
CA ILE U 114 25.91 85.18 14.21
C ILE U 114 25.29 83.78 14.17
N LYS U 115 25.69 82.92 15.10
CA LYS U 115 25.06 81.59 15.29
C LYS U 115 23.60 81.81 15.70
N LEU U 116 22.69 81.14 15.00
CA LEU U 116 21.23 81.20 15.27
C LEU U 116 20.76 79.81 15.69
N VAL U 117 20.15 79.71 16.87
CA VAL U 117 19.49 78.48 17.37
C VAL U 117 18.05 78.83 17.76
N ALA U 118 17.17 77.84 17.71
CA ALA U 118 15.78 77.89 18.23
C ALA U 118 15.73 77.12 19.56
N LEU U 119 14.87 77.56 20.47
CA LEU U 119 14.52 76.85 21.71
C LEU U 119 13.00 76.92 21.90
N SER U 120 12.31 75.78 21.76
CA SER U 120 10.83 75.70 21.81
C SER U 120 10.39 74.66 22.85
N ASN U 121 9.21 74.89 23.44
CA ASN U 121 8.51 73.94 24.34
C ASN U 121 7.92 72.76 23.54
N SER U 122 7.82 72.89 22.21
CA SER U 122 7.38 71.81 21.30
C SER U 122 8.40 70.65 21.35
N ASN U 123 7.93 69.41 21.21
CA ASN U 123 8.80 68.21 21.18
C ASN U 123 9.63 68.21 19.88
N GLY U 124 10.70 67.42 19.82
CA GLY U 124 11.73 67.48 18.76
C GLY U 124 11.14 67.29 17.37
N LYS U 125 10.18 66.37 17.22
CA LYS U 125 9.58 66.02 15.92
C LYS U 125 8.63 67.15 15.50
N LEU U 126 7.75 67.58 16.40
CA LEU U 126 6.79 68.69 16.15
C LEU U 126 7.55 69.95 15.76
N LEU U 127 8.64 70.27 16.46
CA LEU U 127 9.46 71.48 16.19
C LEU U 127 10.11 71.36 14.82
N ASN U 128 10.51 70.15 14.43
CA ASN U 128 11.13 69.88 13.11
C ASN U 128 10.07 70.11 12.02
N ALA U 129 8.84 69.64 12.26
CA ALA U 129 7.68 69.75 11.35
C ALA U 129 7.28 71.23 11.18
N GLN U 130 7.22 71.98 12.29
CA GLN U 130 6.81 73.40 12.31
C GLN U 130 7.74 74.25 11.45
N LEU U 131 9.05 74.07 11.58
CA LEU U 131 10.08 74.97 10.98
C LEU U 131 10.32 74.60 9.52
N GLN U 132 10.03 73.35 9.14
CA GLN U 132 10.09 72.86 7.74
C GLN U 132 8.93 73.50 6.97
N PHE U 133 7.75 73.51 7.57
CA PHE U 133 6.51 74.05 6.97
C PHE U 133 6.63 75.57 6.76
N ALA U 134 7.21 76.29 7.71
CA ALA U 134 7.40 77.75 7.67
C ALA U 134 8.66 78.10 6.86
N GLY U 135 9.48 77.10 6.54
CA GLY U 135 10.73 77.26 5.76
C GLY U 135 11.77 78.05 6.54
N LEU U 136 11.91 77.79 7.84
CA LEU U 136 12.86 78.50 8.73
C LEU U 136 14.00 77.55 9.16
N ALA U 137 13.86 76.25 8.91
CA ALA U 137 14.76 75.20 9.47
C ALA U 137 16.22 75.47 9.10
N ASP U 138 16.47 76.01 7.89
CA ASP U 138 17.84 76.10 7.31
C ASP U 138 18.61 77.28 7.92
N TYR U 139 17.91 78.24 8.54
CA TYR U 139 18.53 79.47 9.11
C TYR U 139 19.29 79.14 10.39
N PHE U 140 18.92 78.04 11.09
CA PHE U 140 19.42 77.70 12.44
C PHE U 140 20.50 76.61 12.40
N ASP U 141 21.64 76.88 13.05
CA ASP U 141 22.77 75.92 13.19
C ASP U 141 22.30 74.73 14.03
N ALA U 142 21.30 74.93 14.89
CA ALA U 142 20.77 73.89 15.82
C ALA U 142 19.36 74.26 16.26
N ILE U 143 18.54 73.25 16.55
CA ILE U 143 17.12 73.38 16.98
C ILE U 143 16.91 72.64 18.29
N PHE U 144 16.73 73.36 19.41
CA PHE U 144 16.60 72.78 20.78
C PHE U 144 15.13 72.64 21.18
N SER U 145 14.73 71.41 21.51
CA SER U 145 13.42 71.05 22.10
C SER U 145 13.61 70.85 23.60
N VAL U 146 12.53 71.00 24.37
CA VAL U 146 12.55 70.76 25.84
C VAL U 146 12.76 69.26 26.14
N GLU U 147 12.47 68.37 25.18
CA GLU U 147 12.90 66.94 25.23
C GLU U 147 14.43 66.89 25.35
N ALA U 148 15.14 67.67 24.53
CA ALA U 148 16.61 67.77 24.51
C ALA U 148 17.13 68.60 25.69
N VAL U 149 16.31 68.78 26.74
CA VAL U 149 16.78 69.34 28.04
C VAL U 149 15.88 68.91 29.21
N GLY U 150 14.92 67.99 29.00
CA GLY U 150 14.10 67.36 30.06
C GLY U 150 12.97 68.25 30.57
N ARG U 151 13.20 69.56 30.72
CA ARG U 151 12.32 70.51 31.47
C ARG U 151 11.91 71.71 30.62
N TYR U 152 10.66 72.15 30.78
CA TYR U 152 10.00 73.27 30.05
C TYR U 152 10.66 74.61 30.37
N LYS U 153 10.63 75.54 29.40
CA LYS U 153 10.91 76.98 29.64
C LYS U 153 9.78 77.53 30.50
N PRO U 154 10.04 78.52 31.38
CA PRO U 154 11.31 79.23 31.43
C PRO U 154 12.29 78.76 32.51
N GLU U 155 12.43 77.45 32.72
CA GLU U 155 13.37 76.95 33.75
C GLU U 155 14.81 77.22 33.29
N LEU U 156 15.64 77.74 34.19
CA LEU U 156 17.01 78.25 33.91
C LEU U 156 17.85 77.16 33.23
N ALA U 157 17.59 75.89 33.54
CA ALA U 157 18.33 74.72 33.01
C ALA U 157 18.15 74.62 31.49
N SER U 158 17.00 75.04 30.95
CA SER U 158 16.70 74.92 29.50
C SER U 158 17.60 75.87 28.69
N TYR U 159 17.83 77.11 29.16
CA TYR U 159 18.71 78.12 28.52
C TYR U 159 20.17 77.69 28.67
N ARG U 160 20.57 77.30 29.88
CA ARG U 160 21.98 76.93 30.20
C ARG U 160 22.41 75.72 29.36
N ALA U 161 21.49 74.82 29.02
CA ALA U 161 21.74 73.64 28.17
C ALA U 161 22.20 74.12 26.79
N VAL U 162 21.53 75.14 26.24
CA VAL U 162 21.85 75.70 24.90
C VAL U 162 23.24 76.35 24.97
N LEU U 163 23.50 77.16 26.00
CA LEU U 163 24.82 77.83 26.17
C LEU U 163 25.95 76.79 26.12
N GLU U 164 25.88 75.75 26.95
CA GLU U 164 27.00 74.80 27.15
C GLU U 164 27.17 73.94 25.90
N THR U 165 26.06 73.65 25.20
CA THR U 165 26.04 72.86 23.95
C THR U 165 26.74 73.63 22.84
N MET U 166 26.41 74.91 22.69
CA MET U 166 26.93 75.77 21.60
C MET U 166 28.30 76.34 21.98
N LYS U 167 28.73 76.14 23.24
CA LYS U 167 30.03 76.57 23.83
C LYS U 167 30.11 78.11 23.89
N VAL U 168 29.00 78.80 24.09
CA VAL U 168 28.94 80.29 24.14
C VAL U 168 28.57 80.70 25.56
N PRO U 169 29.33 81.61 26.20
CA PRO U 169 28.96 82.12 27.52
C PRO U 169 27.58 82.80 27.50
N ALA U 170 26.98 82.94 28.68
CA ALA U 170 25.64 83.55 28.88
C ALA U 170 25.66 85.02 28.44
N GLU U 171 26.71 85.78 28.82
CA GLU U 171 26.81 87.24 28.57
C GLU U 171 26.93 87.53 27.06
N ASN U 172 27.41 86.57 26.25
CA ASN U 172 27.58 86.70 24.78
C ASN U 172 26.39 86.09 24.05
N THR U 173 25.34 85.68 24.78
CA THR U 173 24.11 85.07 24.16
C THR U 173 22.93 86.01 24.38
N MET U 174 22.07 86.12 23.38
CA MET U 174 20.85 86.94 23.47
C MET U 174 19.64 86.06 23.16
N MET U 175 18.65 86.06 24.05
CA MET U 175 17.36 85.36 23.85
C MET U 175 16.40 86.33 23.16
N VAL U 176 15.80 85.89 22.05
CA VAL U 176 14.77 86.65 21.28
C VAL U 176 13.44 85.95 21.51
N ALA U 177 12.47 86.63 22.10
CA ALA U 177 11.18 86.02 22.47
C ALA U 177 10.09 87.09 22.52
N ALA U 178 8.87 86.68 22.19
CA ALA U 178 7.65 87.51 22.24
C ALA U 178 6.91 87.30 23.57
N ASN U 179 7.51 86.56 24.50
CA ASN U 179 6.88 86.14 25.79
C ASN U 179 7.65 86.79 26.95
N GLY U 180 6.92 87.44 27.88
CA GLY U 180 7.54 88.11 29.03
C GLY U 180 8.28 87.12 29.91
N TRP U 181 7.66 85.96 30.14
CA TRP U 181 8.17 84.86 31.01
C TRP U 181 9.46 84.30 30.41
N ASP U 182 9.53 84.22 29.09
CA ASP U 182 10.71 83.71 28.36
C ASP U 182 11.84 84.72 28.51
N ILE U 183 11.51 86.02 28.53
CA ILE U 183 12.51 87.10 28.75
C ILE U 183 13.01 86.99 30.20
N LEU U 184 12.09 86.85 31.17
CA LEU U 184 12.43 86.76 32.61
C LEU U 184 13.37 85.58 32.85
N GLY U 185 13.03 84.40 32.33
CA GLY U 185 13.86 83.19 32.48
C GLY U 185 15.25 83.39 31.92
N ALA U 186 15.33 83.89 30.68
CA ALA U 186 16.62 84.11 29.95
C ALA U 186 17.48 85.12 30.72
N LYS U 187 16.87 86.22 31.19
CA LYS U 187 17.55 87.25 32.03
C LYS U 187 18.19 86.56 33.22
N ARG U 188 17.44 85.73 33.94
CA ARG U 188 17.87 85.16 35.24
C ARG U 188 18.84 84.01 35.01
N ALA U 189 18.99 83.53 33.77
CA ALA U 189 20.04 82.56 33.38
C ALA U 189 21.33 83.30 32.98
N GLY U 190 21.31 84.64 32.97
CA GLY U 190 22.48 85.50 32.67
C GLY U 190 22.60 85.88 31.21
N LEU U 191 21.56 85.65 30.40
CA LEU U 191 21.55 85.94 28.94
C LEU U 191 21.11 87.38 28.73
N ARG U 192 21.48 87.95 27.58
CA ARG U 192 20.91 89.22 27.08
C ARG U 192 19.53 88.89 26.49
N THR U 193 18.65 89.88 26.39
CA THR U 193 17.21 89.65 26.07
C THR U 193 16.76 90.66 25.02
N ALA U 194 16.00 90.19 24.04
CA ALA U 194 15.29 91.00 23.02
C ALA U 194 13.81 90.61 23.01
N PHE U 195 12.93 91.51 23.41
CA PHE U 195 11.46 91.30 23.36
C PHE U 195 10.95 91.70 21.98
N VAL U 196 10.26 90.79 21.31
CA VAL U 196 9.54 91.08 20.04
C VAL U 196 8.09 91.36 20.41
N ALA U 197 7.71 92.64 20.45
CA ALA U 197 6.35 93.11 20.83
C ALA U 197 5.34 92.75 19.73
N ARG U 198 5.11 91.45 19.51
CA ARG U 198 3.98 90.93 18.69
C ARG U 198 2.69 91.32 19.39
N GLU U 199 1.58 91.31 18.67
CA GLU U 199 0.25 91.75 19.17
C GLU U 199 -0.18 90.82 20.32
N GLY U 200 -0.76 91.38 21.39
CA GLY U 200 -1.38 90.64 22.50
C GLY U 200 -0.36 90.10 23.49
N HIS U 201 0.87 90.61 23.48
CA HIS U 201 1.96 90.21 24.41
C HIS U 201 2.54 91.44 25.12
N ALA U 202 2.57 91.41 26.45
CA ALA U 202 3.14 92.47 27.33
C ALA U 202 4.46 91.98 27.92
N ILE U 203 5.28 92.93 28.38
CA ILE U 203 6.49 92.64 29.20
C ILE U 203 6.03 92.42 30.65
N TYR U 204 6.71 91.54 31.37
CA TYR U 204 6.44 91.25 32.81
C TYR U 204 6.97 92.42 33.62
N PRO U 205 6.07 93.19 34.29
CA PRO U 205 6.50 94.39 35.02
C PRO U 205 7.43 94.15 36.20
N LEU U 206 7.42 92.94 36.77
CA LEU U 206 8.27 92.58 37.94
C LEU U 206 9.64 92.12 37.45
N ASP U 207 10.51 93.08 37.15
CA ASP U 207 11.95 92.85 36.83
C ASP U 207 12.08 92.07 35.52
N GLY U 208 11.11 92.23 34.60
CA GLY U 208 11.05 91.49 33.32
C GLY U 208 11.44 92.34 32.12
N THR U 209 12.09 93.49 32.35
CA THR U 209 12.48 94.46 31.30
C THR U 209 13.64 93.89 30.50
N PRO U 210 13.50 93.75 29.16
CA PRO U 210 14.60 93.25 28.32
C PRO U 210 15.63 94.34 28.02
N GLU U 211 16.75 93.96 27.41
CA GLU U 211 17.80 94.88 26.94
C GLU U 211 17.30 95.66 25.72
N LEU U 212 16.64 94.99 24.76
CA LEU U 212 16.04 95.62 23.54
C LEU U 212 14.55 95.30 23.44
N GLU U 213 13.81 96.19 22.82
CA GLU U 213 12.36 96.09 22.54
C GLU U 213 12.15 96.53 21.09
N ALA U 214 11.50 95.71 20.29
CA ALA U 214 11.22 95.92 18.86
C ALA U 214 9.89 95.26 18.52
N LYS U 215 9.24 95.66 17.43
CA LYS U 215 7.90 95.16 17.03
C LYS U 215 8.03 93.89 16.18
N THR U 216 9.18 93.71 15.55
CA THR U 216 9.43 92.59 14.61
C THR U 216 10.84 92.03 14.86
N VAL U 217 11.10 90.83 14.32
CA VAL U 217 12.43 90.17 14.36
C VAL U 217 13.38 90.95 13.44
N LEU U 218 12.83 91.51 12.36
CA LEU U 218 13.56 92.38 11.40
C LEU U 218 14.11 93.58 12.17
N GLU U 219 13.25 94.30 12.91
CA GLU U 219 13.62 95.47 13.74
C GLU U 219 14.70 95.09 14.75
N VAL U 220 14.63 93.89 15.33
CA VAL U 220 15.68 93.36 16.26
C VAL U 220 16.99 93.27 15.48
N ALA U 221 16.98 92.61 14.31
CA ALA U 221 18.15 92.43 13.45
C ALA U 221 18.76 93.80 13.11
N ARG U 222 17.90 94.77 12.78
CA ARG U 222 18.32 96.15 12.39
C ARG U 222 18.97 96.84 13.60
N THR U 223 18.34 96.75 14.78
CA THR U 223 18.85 97.37 16.03
C THR U 223 20.21 96.78 16.41
N LEU U 224 20.48 95.52 16.09
CA LEU U 224 21.72 94.85 16.54
C LEU U 224 22.88 95.32 15.65
N LEU U 225 22.61 95.78 14.42
CA LEU U 225 23.68 95.89 13.39
C LEU U 225 24.00 97.34 12.98
N VAL V 5 -15.47 53.70 52.22
CA VAL V 5 -14.14 54.34 52.09
C VAL V 5 -13.56 54.64 53.47
N LYS V 6 -12.26 54.40 53.58
CA LYS V 6 -11.43 54.72 54.74
C LYS V 6 -11.53 56.22 55.01
N LYS V 7 -11.73 56.61 56.27
CA LYS V 7 -11.83 58.02 56.67
C LYS V 7 -10.41 58.58 56.76
N PRO V 8 -10.10 59.73 56.14
CA PRO V 8 -8.77 60.33 56.27
C PRO V 8 -8.56 61.02 57.63
N GLU V 9 -7.32 60.94 58.10
CA GLU V 9 -6.84 61.51 59.39
C GLU V 9 -6.73 63.04 59.25
N LEU V 10 -6.33 63.52 58.07
CA LEU V 10 -6.09 64.96 57.79
C LEU V 10 -6.73 65.36 56.46
N LEU V 11 -7.36 66.53 56.44
CA LEU V 11 -7.93 67.16 55.21
C LEU V 11 -7.25 68.52 54.98
N ILE V 12 -6.59 68.66 53.83
CA ILE V 12 -5.97 69.93 53.36
C ILE V 12 -6.92 70.57 52.34
N PHE V 13 -7.22 71.85 52.52
CA PHE V 13 -8.16 72.62 51.67
C PHE V 13 -7.40 73.73 50.93
N ASP V 14 -7.46 73.74 49.59
CA ASP V 14 -7.19 74.96 48.78
C ASP V 14 -8.20 76.01 49.23
N VAL V 15 -7.84 77.29 49.17
CA VAL V 15 -8.62 78.41 49.77
C VAL V 15 -9.39 79.12 48.65
N ASN V 16 -8.67 79.88 47.81
CA ASN V 16 -9.25 80.67 46.68
C ASN V 16 -10.01 79.69 45.78
N GLU V 17 -11.32 79.89 45.60
CA GLU V 17 -12.20 79.09 44.71
C GLU V 17 -12.76 77.87 45.44
N THR V 18 -11.90 77.03 46.01
CA THR V 18 -12.36 75.81 46.72
C THR V 18 -13.23 76.22 47.91
N LEU V 19 -12.79 77.22 48.68
CA LEU V 19 -13.51 77.70 49.90
C LEU V 19 -14.13 79.07 49.64
N LEU V 20 -13.35 80.03 49.14
CA LEU V 20 -13.82 81.44 48.96
C LEU V 20 -14.45 81.60 47.57
N ASP V 21 -15.59 82.30 47.53
CA ASP V 21 -16.27 82.73 46.28
C ASP V 21 -15.49 83.91 45.71
N MET V 22 -15.00 83.77 44.47
CA MET V 22 -14.16 84.80 43.80
C MET V 22 -15.05 85.92 43.21
N GLY V 23 -16.38 85.78 43.31
CA GLY V 23 -17.40 86.70 42.77
C GLY V 23 -16.96 88.16 42.82
N PRO V 24 -16.78 88.76 44.02
CA PRO V 24 -16.45 90.19 44.14
C PRO V 24 -15.23 90.63 43.32
N LEU V 25 -14.19 89.80 43.28
CA LEU V 25 -12.94 90.10 42.52
C LEU V 25 -13.22 89.86 41.03
N GLU V 26 -13.82 88.70 40.71
CA GLU V 26 -14.21 88.30 39.33
C GLU V 26 -15.04 89.42 38.69
N ASN V 27 -16.09 89.90 39.39
CA ASN V 27 -17.02 90.96 38.90
C ASN V 27 -16.28 92.29 38.76
N ALA V 28 -15.47 92.68 39.75
CA ALA V 28 -14.68 93.94 39.74
C ALA V 28 -13.78 93.99 38.49
N ILE V 29 -13.10 92.88 38.17
CA ILE V 29 -12.15 92.75 37.03
C ILE V 29 -12.93 92.83 35.72
N ASN V 30 -13.93 91.95 35.58
CA ASN V 30 -14.74 91.75 34.36
C ASN V 30 -15.38 93.07 33.92
N GLU V 31 -15.96 93.82 34.87
CA GLU V 31 -16.69 95.07 34.53
C GLU V 31 -15.68 96.21 34.30
N SER V 32 -14.49 96.19 34.92
CA SER V 32 -13.41 97.18 34.71
C SER V 32 -12.77 97.02 33.33
N LEU V 33 -12.75 95.80 32.77
CA LEU V 33 -12.11 95.47 31.47
C LEU V 33 -13.17 95.17 30.39
N ASN V 34 -14.46 95.29 30.72
CA ASN V 34 -15.60 95.09 29.77
C ASN V 34 -15.50 93.72 29.10
N SER V 35 -15.38 92.64 29.86
CA SER V 35 -15.41 91.26 29.33
C SER V 35 -15.67 90.28 30.46
N GLU V 36 -16.49 89.26 30.23
CA GLU V 36 -16.74 88.17 31.20
C GLU V 36 -15.51 87.27 31.31
N HIS V 37 -14.61 87.33 30.32
CA HIS V 37 -13.43 86.42 30.19
C HIS V 37 -12.17 87.05 30.80
N ALA V 38 -12.22 88.33 31.20
CA ALA V 38 -11.07 89.11 31.69
C ALA V 38 -10.50 88.48 32.98
N PHE V 39 -11.36 88.05 33.89
CA PHE V 39 -10.95 87.44 35.19
C PHE V 39 -10.25 86.10 34.94
N SER V 40 -10.84 85.24 34.11
CA SER V 40 -10.32 83.88 33.79
C SER V 40 -8.91 84.01 33.20
N LEU V 41 -8.73 84.92 32.25
CA LEU V 41 -7.44 85.09 31.54
C LEU V 41 -6.41 85.67 32.51
N TRP V 42 -6.84 86.59 33.40
CA TRP V 42 -5.94 87.29 34.35
C TRP V 42 -5.43 86.31 35.39
N PHE V 43 -6.35 85.59 36.03
CA PHE V 43 -6.03 84.64 37.12
C PHE V 43 -5.10 83.55 36.56
N ARG V 44 -5.43 83.00 35.40
CA ARG V 44 -4.59 81.98 34.72
C ARG V 44 -3.20 82.58 34.49
N THR V 45 -3.11 83.84 34.09
CA THR V 45 -1.80 84.52 33.89
C THR V 45 -1.10 84.65 35.24
N LEU V 46 -1.85 84.94 36.31
CA LEU V 46 -1.29 85.05 37.68
C LEU V 46 -0.64 83.70 38.05
N LEU V 47 -1.37 82.60 37.86
CA LEU V 47 -0.88 81.25 38.22
C LEU V 47 0.35 80.88 37.38
N HIS V 48 0.34 81.19 36.08
CA HIS V 48 1.47 80.91 35.16
C HIS V 48 2.74 81.63 35.64
N TYR V 49 2.62 82.90 36.00
CA TYR V 49 3.78 83.74 36.41
C TYR V 49 4.25 83.32 37.81
N SER V 50 3.33 82.82 38.65
CA SER V 50 3.66 82.31 40.01
C SER V 50 4.61 81.12 39.87
N LEU V 51 4.31 80.19 38.95
CA LEU V 51 5.13 79.00 38.68
C LEU V 51 6.39 79.42 37.93
N THR V 52 6.33 80.49 37.15
CA THR V 52 7.49 81.10 36.45
C THR V 52 8.51 81.59 37.49
N GLU V 53 8.04 82.32 38.50
CA GLU V 53 8.88 82.84 39.60
C GLU V 53 9.60 81.68 40.28
N THR V 54 8.89 80.60 40.63
CA THR V 54 9.46 79.39 41.28
C THR V 54 10.52 78.75 40.37
N LEU V 55 10.22 78.54 39.09
CA LEU V 55 11.11 77.79 38.15
C LEU V 55 12.36 78.60 37.78
N THR V 56 12.36 79.92 38.07
CA THR V 56 13.52 80.83 37.84
C THR V 56 14.23 81.14 39.17
N GLY V 57 13.86 80.44 40.25
CA GLY V 57 14.55 80.48 41.56
C GLY V 57 14.26 81.75 42.32
N ASN V 58 13.01 82.24 42.27
CA ASN V 58 12.58 83.48 42.95
C ASN V 58 11.20 83.29 43.59
N TYR V 59 10.93 84.02 44.66
CA TYR V 59 9.59 84.10 45.28
C TYR V 59 9.14 85.57 45.28
N VAL V 60 7.90 85.79 44.84
CA VAL V 60 7.22 87.10 44.92
C VAL V 60 5.84 86.86 45.53
N ASP V 61 5.48 87.69 46.51
CA ASP V 61 4.16 87.74 47.18
C ASP V 61 3.07 87.55 46.12
N PHE V 62 2.07 86.70 46.40
CA PHE V 62 0.95 86.37 45.47
C PHE V 62 0.20 87.64 45.04
N GLY V 63 -0.08 88.56 45.96
CA GLY V 63 -0.73 89.85 45.66
C GLY V 63 0.08 90.69 44.67
N THR V 64 1.41 90.76 44.84
CA THR V 64 2.34 91.55 43.97
C THR V 64 2.26 91.05 42.51
N ILE V 65 2.35 89.73 42.30
CA ILE V 65 2.26 89.10 40.94
C ILE V 65 0.88 89.44 40.39
N GLY V 66 -0.15 89.40 41.24
CA GLY V 66 -1.54 89.71 40.84
C GLY V 66 -1.63 91.08 40.19
N LYS V 67 -1.05 92.09 40.83
CA LYS V 67 -1.05 93.50 40.33
C LYS V 67 -0.28 93.58 39.01
N ALA V 68 0.89 92.94 38.94
CA ALA V 68 1.75 92.94 37.74
C ALA V 68 0.98 92.33 36.56
N THR V 69 0.36 91.16 36.77
CA THR V 69 -0.37 90.40 35.72
C THR V 69 -1.67 91.11 35.36
N LEU V 70 -2.23 91.92 36.26
CA LEU V 70 -3.46 92.71 35.96
C LEU V 70 -3.11 93.86 35.02
N LYS V 71 -1.99 94.56 35.26
CA LYS V 71 -1.47 95.61 34.37
C LYS V 71 -1.17 95.03 32.98
N MET V 72 -0.74 93.77 32.90
CA MET V 72 -0.45 93.09 31.60
C MET V 72 -1.77 92.70 30.94
N THR V 73 -2.74 92.22 31.72
CA THR V 73 -4.05 91.74 31.23
C THR V 73 -4.87 92.92 30.70
N MET V 74 -4.94 94.04 31.43
CA MET V 74 -5.78 95.21 31.04
C MET V 74 -5.35 95.73 29.66
N ARG V 75 -4.04 95.71 29.36
CA ARG V 75 -3.45 96.13 28.05
C ARG V 75 -4.12 95.37 26.91
N LYS V 76 -4.31 94.06 27.06
CA LYS V 76 -4.90 93.18 26.02
C LYS V 76 -6.37 93.48 25.78
N PHE V 77 -7.04 94.15 26.72
CA PHE V 77 -8.48 94.51 26.63
C PHE V 77 -8.61 95.99 26.25
N GLY V 78 -7.49 96.60 25.79
CA GLY V 78 -7.41 97.98 25.32
C GLY V 78 -7.66 99.02 26.41
N LYS V 79 -7.51 98.63 27.69
CA LYS V 79 -7.75 99.54 28.84
C LYS V 79 -6.41 99.88 29.51
N ASN V 80 -6.42 100.91 30.35
CA ASN V 80 -5.24 101.39 31.11
C ASN V 80 -5.73 102.05 32.40
N LEU V 81 -6.07 101.21 33.38
CA LEU V 81 -6.62 101.60 34.70
C LEU V 81 -5.53 102.34 35.49
N SER V 82 -5.94 103.33 36.28
CA SER V 82 -5.06 104.08 37.23
C SER V 82 -4.72 103.16 38.40
N GLU V 83 -3.69 103.52 39.16
CA GLU V 83 -3.17 102.67 40.25
C GLU V 83 -4.19 102.62 41.39
N ASP V 84 -4.89 103.72 41.65
CA ASP V 84 -6.00 103.82 42.65
C ASP V 84 -7.05 102.74 42.35
N ARG V 85 -7.38 102.58 41.06
CA ARG V 85 -8.44 101.67 40.54
C ARG V 85 -7.96 100.22 40.65
N LEU V 86 -6.71 99.95 40.26
CA LEU V 86 -6.09 98.60 40.34
C LEU V 86 -6.12 98.11 41.80
N ASP V 87 -5.68 98.96 42.73
CA ASP V 87 -5.63 98.65 44.18
C ASP V 87 -7.04 98.36 44.70
N ALA V 88 -8.01 99.19 44.30
CA ALA V 88 -9.43 99.06 44.69
C ALA V 88 -9.96 97.71 44.20
N ILE V 89 -9.64 97.31 42.97
CA ILE V 89 -10.08 96.01 42.37
C ILE V 89 -9.42 94.85 43.13
N LEU V 90 -8.09 94.89 43.30
CA LEU V 90 -7.31 93.82 43.98
C LEU V 90 -7.68 93.76 45.47
N GLY V 91 -8.06 94.90 46.07
CA GLY V 91 -8.60 94.99 47.44
C GLY V 91 -9.64 93.91 47.71
N ASN V 92 -10.42 93.54 46.69
CA ASN V 92 -11.53 92.55 46.79
C ASN V 92 -11.03 91.18 47.23
N ILE V 93 -9.73 90.90 47.07
CA ILE V 93 -9.09 89.58 47.42
C ILE V 93 -9.27 89.33 48.92
N LYS V 94 -9.24 90.38 49.75
CA LYS V 94 -9.35 90.31 51.24
C LYS V 94 -10.83 90.22 51.68
N LYS V 95 -11.78 90.49 50.79
CA LYS V 95 -13.23 90.59 51.12
C LYS V 95 -14.00 89.53 50.32
N LEU V 96 -13.50 88.30 50.29
CA LEU V 96 -14.16 87.18 49.59
C LEU V 96 -14.99 86.40 50.60
N PRO V 97 -16.31 86.31 50.38
CA PRO V 97 -17.18 85.53 51.26
C PRO V 97 -17.01 84.05 50.93
N ALA V 98 -17.18 83.20 51.93
CA ALA V 98 -17.20 81.72 51.77
C ALA V 98 -18.38 81.35 50.86
N HIS V 99 -18.21 80.34 50.01
CA HIS V 99 -19.34 79.62 49.37
C HIS V 99 -20.29 79.16 50.48
N GLU V 100 -21.60 79.16 50.22
CA GLU V 100 -22.65 78.89 51.24
C GLU V 100 -22.53 77.49 51.83
N ASP V 101 -21.91 76.56 51.12
CA ASP V 101 -21.87 75.12 51.49
C ASP V 101 -20.70 74.81 52.44
N VAL V 102 -19.70 75.69 52.55
CA VAL V 102 -18.40 75.32 53.21
C VAL V 102 -18.60 75.21 54.73
N LYS V 103 -19.17 76.23 55.39
CA LYS V 103 -19.25 76.30 56.87
C LYS V 103 -19.93 75.06 57.44
N GLU V 104 -20.96 74.55 56.77
CA GLU V 104 -21.70 73.33 57.20
C GLU V 104 -20.82 72.09 56.94
N GLY V 105 -20.12 72.07 55.81
CA GLY V 105 -19.21 70.96 55.41
C GLY V 105 -18.04 70.84 56.35
N LEU V 106 -17.40 71.96 56.69
CA LEU V 106 -16.23 72.02 57.61
C LEU V 106 -16.64 71.56 59.01
N LYS V 107 -17.81 72.04 59.47
CA LYS V 107 -18.37 71.74 60.82
C LYS V 107 -18.61 70.23 60.97
N MET V 108 -19.20 69.62 59.95
CA MET V 108 -19.49 68.17 59.88
C MET V 108 -18.18 67.38 59.96
N LEU V 109 -17.13 67.86 59.29
CA LEU V 109 -15.78 67.21 59.22
C LEU V 109 -15.03 67.40 60.55
N LYS V 110 -15.15 68.58 61.16
CA LYS V 110 -14.48 68.92 62.44
C LYS V 110 -15.08 68.03 63.54
N GLU V 111 -16.42 67.88 63.55
CA GLU V 111 -17.16 67.07 64.56
C GLU V 111 -16.85 65.58 64.40
N ALA V 112 -16.42 65.16 63.21
CA ALA V 112 -16.05 63.76 62.90
C ALA V 112 -14.61 63.47 63.35
N GLN V 113 -13.99 64.42 64.08
CA GLN V 113 -12.64 64.28 64.70
C GLN V 113 -11.57 64.18 63.60
N ILE V 114 -11.76 64.87 62.47
CA ILE V 114 -10.77 64.95 61.36
C ILE V 114 -10.05 66.29 61.48
N LYS V 115 -8.71 66.26 61.50
CA LYS V 115 -7.85 67.47 61.47
C LYS V 115 -8.04 68.18 60.11
N LEU V 116 -8.41 69.46 60.15
CA LEU V 116 -8.63 70.31 58.94
C LEU V 116 -7.60 71.42 58.88
N VAL V 117 -6.85 71.47 57.78
CA VAL V 117 -5.84 72.54 57.53
C VAL V 117 -6.10 73.14 56.16
N ALA V 118 -5.68 74.39 55.98
CA ALA V 118 -5.73 75.11 54.68
C ALA V 118 -4.31 75.25 54.14
N LEU V 119 -4.16 75.21 52.81
CA LEU V 119 -2.90 75.46 52.07
C LEU V 119 -3.20 76.39 50.88
N SER V 120 -2.73 77.63 50.94
CA SER V 120 -3.00 78.68 49.93
C SER V 120 -1.68 79.21 49.37
N ASN V 121 -1.72 79.71 48.13
CA ASN V 121 -0.61 80.44 47.47
C ASN V 121 -0.53 81.86 48.04
N SER V 122 -1.61 82.34 48.65
CA SER V 122 -1.65 83.64 49.37
C SER V 122 -0.54 83.67 50.42
N ASN V 123 0.05 84.83 50.68
CA ASN V 123 1.04 85.01 51.78
C ASN V 123 0.32 84.90 53.13
N GLY V 124 1.06 84.68 54.23
CA GLY V 124 0.52 84.37 55.57
C GLY V 124 -0.48 85.40 56.04
N LYS V 125 -0.19 86.69 55.86
CA LYS V 125 -1.07 87.78 56.36
C LYS V 125 -2.34 87.88 55.52
N LEU V 126 -2.19 87.86 54.19
CA LEU V 126 -3.35 87.87 53.26
C LEU V 126 -4.25 86.68 53.56
N LEU V 127 -3.68 85.49 53.79
CA LEU V 127 -4.44 84.24 54.05
C LEU V 127 -5.22 84.41 55.37
N ASN V 128 -4.59 84.92 56.42
CA ASN V 128 -5.24 85.22 57.73
C ASN V 128 -6.41 86.18 57.51
N ALA V 129 -6.17 87.29 56.81
CA ALA V 129 -7.19 88.33 56.50
C ALA V 129 -8.38 87.68 55.77
N GLN V 130 -8.11 86.86 54.75
CA GLN V 130 -9.12 86.20 53.90
C GLN V 130 -10.06 85.34 54.76
N LEU V 131 -9.50 84.45 55.58
CA LEU V 131 -10.27 83.44 56.33
C LEU V 131 -11.02 84.08 57.50
N GLN V 132 -10.50 85.20 58.03
CA GLN V 132 -11.14 85.93 59.14
C GLN V 132 -12.35 86.67 58.59
N PHE V 133 -12.21 87.30 57.43
CA PHE V 133 -13.33 87.97 56.72
C PHE V 133 -14.45 86.96 56.44
N ALA V 134 -14.11 85.76 55.96
CA ALA V 134 -15.08 84.72 55.57
C ALA V 134 -15.65 84.02 56.82
N GLY V 135 -15.02 84.21 57.99
CA GLY V 135 -15.33 83.49 59.24
C GLY V 135 -15.07 82.00 59.11
N LEU V 136 -13.93 81.62 58.52
CA LEU V 136 -13.53 80.20 58.32
C LEU V 136 -12.32 79.85 59.19
N ALA V 137 -11.65 80.83 59.79
CA ALA V 137 -10.34 80.66 60.47
C ALA V 137 -10.43 79.57 61.53
N ASP V 138 -11.49 79.62 62.36
CA ASP V 138 -11.63 78.80 63.60
C ASP V 138 -11.90 77.31 63.26
N TYR V 139 -12.21 76.97 62.02
CA TYR V 139 -12.45 75.56 61.58
C TYR V 139 -11.13 74.82 61.35
N PHE V 140 -10.02 75.53 61.15
CA PHE V 140 -8.70 74.92 60.81
C PHE V 140 -7.75 74.92 62.01
N ASP V 141 -7.13 73.76 62.27
CA ASP V 141 -6.12 73.54 63.35
C ASP V 141 -4.88 74.35 63.01
N ALA V 142 -4.57 74.45 61.72
CA ALA V 142 -3.43 75.22 61.15
C ALA V 142 -3.79 75.71 59.75
N ILE V 143 -3.20 76.83 59.33
CA ILE V 143 -3.32 77.38 57.94
C ILE V 143 -1.92 77.64 57.37
N PHE V 144 -1.54 76.87 56.35
CA PHE V 144 -0.22 76.94 55.68
C PHE V 144 -0.28 77.89 54.49
N SER V 145 0.64 78.85 54.47
CA SER V 145 0.97 79.75 53.34
C SER V 145 2.21 79.21 52.61
N VAL V 146 2.41 79.61 51.35
CA VAL V 146 3.60 79.22 50.53
C VAL V 146 4.82 80.04 50.95
N GLU V 147 4.65 81.07 51.79
CA GLU V 147 5.76 81.67 52.59
C GLU V 147 6.28 80.62 53.59
N ALA V 148 5.38 79.89 54.25
CA ALA V 148 5.64 78.82 55.24
C ALA V 148 6.01 77.50 54.56
N VAL V 149 6.48 77.53 53.30
CA VAL V 149 7.11 76.35 52.62
C VAL V 149 8.04 76.80 51.46
N GLY V 150 8.18 78.11 51.21
CA GLY V 150 9.16 78.71 50.26
C GLY V 150 8.62 78.80 48.83
N ARG V 151 7.92 77.76 48.34
CA ARG V 151 7.60 77.55 46.89
C ARG V 151 6.09 77.38 46.69
N TYR V 152 5.62 77.81 45.53
CA TYR V 152 4.19 77.81 45.10
C TYR V 152 3.71 76.39 44.84
N LYS V 153 2.44 76.14 45.16
CA LYS V 153 1.70 74.94 44.68
C LYS V 153 1.62 75.02 43.16
N PRO V 154 1.61 73.88 42.44
CA PRO V 154 1.50 72.55 43.05
C PRO V 154 2.81 71.76 43.23
N GLU V 155 3.87 72.43 43.71
CA GLU V 155 5.15 71.73 43.90
C GLU V 155 5.02 70.74 45.07
N LEU V 156 5.58 69.55 44.91
CA LEU V 156 5.30 68.40 45.79
C LEU V 156 5.75 68.73 47.22
N ALA V 157 6.79 69.55 47.37
CA ALA V 157 7.34 69.96 48.69
C ALA V 157 6.31 70.75 49.51
N SER V 158 5.33 71.38 48.87
CA SER V 158 4.33 72.24 49.57
C SER V 158 3.39 71.33 50.36
N TYR V 159 2.94 70.24 49.74
CA TYR V 159 2.01 69.28 50.37
C TYR V 159 2.77 68.51 51.46
N ARG V 160 4.00 68.05 51.16
CA ARG V 160 4.84 67.25 52.09
C ARG V 160 5.18 68.06 53.34
N ALA V 161 5.32 69.37 53.23
CA ALA V 161 5.63 70.22 54.39
C ALA V 161 4.45 70.13 55.36
N VAL V 162 3.23 70.05 54.82
CA VAL V 162 1.97 70.01 55.62
C VAL V 162 1.86 68.62 56.27
N LEU V 163 2.11 67.54 55.53
CA LEU V 163 2.14 66.15 56.05
C LEU V 163 3.05 66.05 57.27
N GLU V 164 4.29 66.52 57.15
CA GLU V 164 5.34 66.36 58.19
C GLU V 164 5.04 67.29 59.36
N THR V 165 4.45 68.46 59.11
CA THR V 165 4.11 69.45 60.16
C THR V 165 2.96 68.90 61.02
N MET V 166 1.96 68.25 60.40
CA MET V 166 0.73 67.73 61.07
C MET V 166 0.92 66.28 61.55
N LYS V 167 2.05 65.66 61.19
CA LYS V 167 2.50 64.30 61.64
C LYS V 167 1.57 63.23 61.09
N VAL V 168 1.01 63.45 59.90
CA VAL V 168 0.06 62.52 59.24
C VAL V 168 0.71 62.00 57.96
N PRO V 169 0.73 60.68 57.73
CA PRO V 169 1.29 60.12 56.51
C PRO V 169 0.49 60.60 55.28
N ALA V 170 1.11 60.44 54.10
CA ALA V 170 0.53 60.80 52.79
C ALA V 170 -0.80 60.06 52.56
N GLU V 171 -0.82 58.75 52.79
CA GLU V 171 -1.94 57.84 52.41
C GLU V 171 -3.17 58.05 53.33
N ASN V 172 -3.01 58.79 54.43
CA ASN V 172 -4.09 59.12 55.40
C ASN V 172 -4.46 60.60 55.30
N THR V 173 -3.94 61.31 54.32
CA THR V 173 -4.27 62.74 54.07
C THR V 173 -5.04 62.83 52.76
N MET V 174 -6.09 63.65 52.74
CA MET V 174 -6.89 63.96 51.53
C MET V 174 -6.82 65.46 51.24
N MET V 175 -6.39 65.82 50.02
CA MET V 175 -6.38 67.20 49.50
C MET V 175 -7.75 67.49 48.85
N VAL V 176 -8.38 68.59 49.23
CA VAL V 176 -9.70 69.06 48.72
C VAL V 176 -9.43 70.35 47.95
N ALA V 177 -9.63 70.33 46.62
CA ALA V 177 -9.30 71.46 45.73
C ALA V 177 -10.24 71.49 44.52
N ALA V 178 -10.63 72.69 44.10
CA ALA V 178 -11.44 72.95 42.89
C ALA V 178 -10.53 73.23 41.69
N ASN V 179 -9.22 72.95 41.79
CA ASN V 179 -8.23 73.16 40.70
C ASN V 179 -7.70 71.79 40.25
N GLY V 180 -7.63 71.55 38.94
CA GLY V 180 -7.09 70.30 38.35
C GLY V 180 -5.63 70.11 38.71
N TRP V 181 -4.88 71.21 38.77
CA TRP V 181 -3.41 71.22 39.01
C TRP V 181 -3.14 70.96 40.49
N ASP V 182 -3.99 71.47 41.38
CA ASP V 182 -3.88 71.25 42.84
C ASP V 182 -4.18 69.78 43.14
N ILE V 183 -5.12 69.17 42.40
CA ILE V 183 -5.39 67.72 42.48
C ILE V 183 -4.17 66.95 41.97
N LEU V 184 -3.66 67.30 40.78
CA LEU V 184 -2.49 66.63 40.15
C LEU V 184 -1.27 66.68 41.07
N GLY V 185 -1.00 67.83 41.70
CA GLY V 185 0.13 68.03 42.62
C GLY V 185 0.05 67.09 43.82
N ALA V 186 -1.03 67.21 44.59
CA ALA V 186 -1.34 66.38 45.78
C ALA V 186 -1.22 64.89 45.42
N LYS V 187 -1.87 64.47 44.34
CA LYS V 187 -1.91 63.06 43.88
C LYS V 187 -0.48 62.53 43.67
N ARG V 188 0.43 63.36 43.17
CA ARG V 188 1.84 62.97 42.85
C ARG V 188 2.74 63.09 44.09
N ALA V 189 2.25 63.76 45.15
CA ALA V 189 2.92 63.83 46.47
C ALA V 189 2.42 62.71 47.39
N GLY V 190 1.52 61.85 46.90
CA GLY V 190 1.08 60.62 47.57
C GLY V 190 -0.24 60.79 48.31
N LEU V 191 -0.89 61.95 48.20
CA LEU V 191 -2.16 62.27 48.90
C LEU V 191 -3.34 61.69 48.14
N ARG V 192 -4.39 61.35 48.88
CA ARG V 192 -5.75 61.15 48.33
C ARG V 192 -6.26 62.53 47.90
N THR V 193 -7.24 62.55 46.99
CA THR V 193 -7.72 63.78 46.33
C THR V 193 -9.25 63.78 46.30
N ALA V 194 -9.86 64.93 46.59
CA ALA V 194 -11.29 65.23 46.43
C ALA V 194 -11.43 66.50 45.60
N PHE V 195 -11.97 66.38 44.39
CA PHE V 195 -12.22 67.52 43.47
C PHE V 195 -13.61 68.12 43.75
N VAL V 196 -13.65 69.44 44.03
CA VAL V 196 -14.90 70.22 44.22
C VAL V 196 -15.23 70.92 42.90
N ALA V 197 -16.18 70.36 42.15
CA ALA V 197 -16.63 70.82 40.82
C ALA V 197 -17.39 72.13 40.96
N ARG V 198 -16.69 73.20 41.36
CA ARG V 198 -17.19 74.60 41.27
C ARG V 198 -17.36 74.95 39.79
N GLU V 199 -18.15 75.98 39.49
CA GLU V 199 -18.48 76.42 38.11
C GLU V 199 -17.24 76.95 37.38
N GLY V 200 -16.97 76.42 36.18
CA GLY V 200 -15.89 76.88 35.28
C GLY V 200 -14.54 76.28 35.63
N HIS V 201 -14.55 75.11 36.29
CA HIS V 201 -13.33 74.36 36.68
C HIS V 201 -13.44 72.92 36.14
N ALA V 202 -12.38 72.47 35.44
CA ALA V 202 -12.30 71.14 34.81
C ALA V 202 -11.18 70.31 35.47
N ILE V 203 -11.36 68.99 35.50
CA ILE V 203 -10.32 68.02 35.91
C ILE V 203 -9.28 67.96 34.79
N TYR V 204 -8.00 67.86 35.14
CA TYR V 204 -6.89 67.76 34.18
C TYR V 204 -6.92 66.35 33.59
N PRO V 205 -7.24 66.19 32.29
CA PRO V 205 -7.43 64.86 31.71
C PRO V 205 -6.20 63.94 31.73
N LEU V 206 -5.00 64.52 31.79
CA LEU V 206 -3.74 63.73 31.76
C LEU V 206 -3.41 63.29 33.18
N ASP V 207 -4.02 62.19 33.62
CA ASP V 207 -3.72 61.47 34.89
C ASP V 207 -3.98 62.40 36.08
N GLY V 208 -4.97 63.28 35.98
CA GLY V 208 -5.35 64.23 37.05
C GLY V 208 -6.71 63.90 37.65
N THR V 209 -7.15 62.64 37.51
CA THR V 209 -8.45 62.13 38.02
C THR V 209 -8.37 62.02 39.53
N PRO V 210 -9.32 62.61 40.29
CA PRO V 210 -9.28 62.53 41.74
C PRO V 210 -9.86 61.20 42.24
N GLU V 211 -9.76 60.95 43.54
CA GLU V 211 -10.41 59.79 44.20
C GLU V 211 -11.92 60.09 44.28
N LEU V 212 -12.30 61.32 44.67
CA LEU V 212 -13.72 61.74 44.80
C LEU V 212 -13.96 63.01 43.99
N GLU V 213 -15.16 63.12 43.44
CA GLU V 213 -15.65 64.32 42.75
C GLU V 213 -16.98 64.68 43.40
N ALA V 214 -17.20 65.95 43.71
CA ALA V 214 -18.44 66.48 44.32
C ALA V 214 -18.63 67.93 43.91
N LYS V 215 -19.87 68.42 43.97
CA LYS V 215 -20.25 69.78 43.51
C LYS V 215 -19.86 70.82 44.56
N THR V 216 -19.87 70.42 45.83
CA THR V 216 -19.65 71.34 46.98
C THR V 216 -18.76 70.66 48.02
N VAL V 217 -18.18 71.47 48.91
CA VAL V 217 -17.41 70.98 50.09
C VAL V 217 -18.34 70.12 50.95
N LEU V 218 -19.59 70.61 51.17
CA LEU V 218 -20.62 69.91 51.97
C LEU V 218 -20.83 68.50 51.41
N GLU V 219 -20.90 68.37 50.08
CA GLU V 219 -21.08 67.06 49.40
C GLU V 219 -19.86 66.18 49.69
N VAL V 220 -18.67 66.78 49.77
CA VAL V 220 -17.40 66.05 50.03
C VAL V 220 -17.46 65.49 51.45
N ALA V 221 -17.88 66.32 52.41
CA ALA V 221 -18.05 65.95 53.85
C ALA V 221 -18.98 64.73 53.96
N ARG V 222 -20.11 64.81 53.25
CA ARG V 222 -21.22 63.82 53.23
C ARG V 222 -20.73 62.47 52.69
N THR V 223 -19.91 62.49 51.63
CA THR V 223 -19.36 61.28 50.95
C THR V 223 -18.32 60.57 51.85
N LEU V 224 -17.52 61.33 52.60
CA LEU V 224 -16.45 60.75 53.45
C LEU V 224 -17.09 60.06 54.65
N LEU V 225 -18.25 60.55 55.10
CA LEU V 225 -19.02 60.02 56.25
C LEU V 225 -20.30 59.34 55.75
N VAL W 5 -0.39 89.21 83.56
CA VAL W 5 -0.87 89.05 82.32
C VAL W 5 -1.18 87.44 82.27
N LYS W 6 -2.33 87.11 81.97
CA LYS W 6 -2.51 86.47 80.66
C LYS W 6 -1.62 85.25 80.50
N LYS W 7 -2.33 84.29 80.01
CA LYS W 7 -1.81 82.97 79.71
C LYS W 7 -1.60 82.99 78.21
N PRO W 8 -0.45 82.48 77.74
CA PRO W 8 -0.21 82.35 76.32
C PRO W 8 -1.29 81.47 75.67
N GLU W 9 -1.85 81.91 74.54
CA GLU W 9 -2.74 81.08 73.67
C GLU W 9 -1.92 79.96 73.01
N LEU W 10 -0.62 80.21 72.71
CA LEU W 10 0.27 79.26 71.98
C LEU W 10 1.65 79.20 72.63
N LEU W 11 2.22 78.00 72.72
CA LEU W 11 3.61 77.76 73.18
C LEU W 11 4.39 77.06 72.07
N ILE W 12 5.54 77.64 71.71
CA ILE W 12 6.49 77.04 70.75
C ILE W 12 7.65 76.49 71.57
N PHE W 13 8.00 75.22 71.33
CA PHE W 13 9.07 74.50 72.05
C PHE W 13 10.23 74.24 71.08
N ASP W 14 11.42 74.73 71.41
CA ASP W 14 12.68 74.16 70.88
C ASP W 14 12.65 72.67 71.26
N VAL W 15 13.27 71.81 70.46
CA VAL W 15 13.23 70.33 70.64
C VAL W 15 14.57 69.89 71.24
N ASN W 16 15.68 70.23 70.60
CA ASN W 16 16.97 69.49 70.77
C ASN W 16 17.48 69.56 72.20
N GLU W 17 17.60 70.67 72.89
CA GLU W 17 18.08 70.55 74.30
C GLU W 17 16.89 70.68 75.25
N THR W 18 15.93 71.50 74.85
CA THR W 18 14.80 71.96 75.69
C THR W 18 13.94 70.76 76.09
N LEU W 19 13.66 69.85 75.17
CA LEU W 19 12.76 68.68 75.42
C LEU W 19 13.58 67.40 75.45
N LEU W 20 14.47 67.18 74.48
CA LEU W 20 15.26 65.94 74.36
C LEU W 20 16.57 66.07 75.15
N ASP W 21 16.90 65.02 75.92
CA ASP W 21 18.21 64.84 76.60
C ASP W 21 19.20 64.35 75.54
N MET W 22 20.27 65.13 75.31
CA MET W 22 21.31 64.88 74.27
C MET W 22 22.31 63.84 74.77
N GLY W 23 22.12 63.32 76.01
CA GLY W 23 22.96 62.32 76.68
C GLY W 23 23.55 61.28 75.72
N PRO W 24 22.72 60.43 75.07
CA PRO W 24 23.22 59.40 74.14
C PRO W 24 24.19 59.95 73.08
N LEU W 25 23.88 61.11 72.51
CA LEU W 25 24.70 61.73 71.43
C LEU W 25 25.96 62.37 72.03
N GLU W 26 25.80 63.12 73.14
CA GLU W 26 26.89 63.85 73.85
C GLU W 26 27.95 62.85 74.31
N ASN W 27 27.53 61.76 74.99
CA ASN W 27 28.42 60.69 75.52
C ASN W 27 29.12 60.00 74.34
N ALA W 28 28.39 59.67 73.28
CA ALA W 28 28.93 58.99 72.08
C ALA W 28 30.10 59.79 71.53
N ILE W 29 29.96 61.11 71.43
CA ILE W 29 30.97 62.03 70.80
C ILE W 29 32.12 62.25 71.79
N ASN W 30 31.81 62.51 73.06
CA ASN W 30 32.79 62.79 74.13
C ASN W 30 33.74 61.60 74.28
N GLU W 31 33.18 60.40 74.33
CA GLU W 31 33.93 59.11 74.38
C GLU W 31 34.85 58.97 73.17
N SER W 32 34.30 59.15 71.96
CA SER W 32 35.02 58.83 70.69
C SER W 32 36.12 59.86 70.42
N LEU W 33 35.98 61.08 70.94
CA LEU W 33 36.98 62.17 70.76
C LEU W 33 37.80 62.33 72.05
N ASN W 34 37.39 61.67 73.12
CA ASN W 34 38.21 61.51 74.35
C ASN W 34 38.32 62.86 75.05
N SER W 35 37.20 63.54 75.21
CA SER W 35 37.08 64.89 75.81
C SER W 35 35.63 65.15 76.16
N GLU W 36 35.37 65.73 77.33
CA GLU W 36 34.00 66.06 77.80
C GLU W 36 33.51 67.35 77.12
N HIS W 37 34.35 68.05 76.36
CA HIS W 37 33.98 69.31 75.66
C HIS W 37 33.76 69.07 74.16
N ALA W 38 34.06 67.88 73.65
CA ALA W 38 33.99 67.52 72.22
C ALA W 38 32.58 67.78 71.68
N PHE W 39 31.54 67.44 72.43
CA PHE W 39 30.13 67.63 72.02
C PHE W 39 29.82 69.13 71.90
N SER W 40 30.07 69.88 72.97
CA SER W 40 29.77 71.33 73.02
C SER W 40 30.42 72.03 71.82
N LEU W 41 31.68 71.69 71.51
CA LEU W 41 32.44 72.38 70.44
C LEU W 41 31.85 71.99 69.08
N TRP W 42 31.47 70.73 68.91
CA TRP W 42 30.92 70.22 67.63
C TRP W 42 29.54 70.83 67.39
N PHE W 43 28.65 70.72 68.38
CA PHE W 43 27.26 71.22 68.30
C PHE W 43 27.28 72.73 68.00
N ARG W 44 28.17 73.49 68.66
CA ARG W 44 28.29 74.95 68.45
C ARG W 44 28.81 75.19 67.03
N THR W 45 29.69 74.32 66.53
CA THR W 45 30.24 74.41 65.16
C THR W 45 29.10 74.15 64.17
N LEU W 46 28.30 73.11 64.44
CA LEU W 46 27.09 72.78 63.65
C LEU W 46 26.19 74.02 63.54
N LEU W 47 25.85 74.63 64.68
CA LEU W 47 24.94 75.81 64.73
C LEU W 47 25.55 76.96 63.92
N HIS W 48 26.85 77.20 64.06
CA HIS W 48 27.57 78.31 63.38
C HIS W 48 27.50 78.12 61.87
N TYR W 49 27.66 76.89 61.39
CA TYR W 49 27.68 76.60 59.93
C TYR W 49 26.24 76.64 59.38
N SER W 50 25.24 76.26 60.17
CA SER W 50 23.82 76.33 59.78
C SER W 50 23.47 77.79 59.44
N LEU W 51 23.93 78.75 60.27
CA LEU W 51 23.68 80.21 60.06
C LEU W 51 24.61 80.72 58.94
N THR W 52 25.76 80.09 58.74
CA THR W 52 26.65 80.42 57.61
C THR W 52 25.91 80.12 56.30
N GLU W 53 25.28 78.95 56.20
CA GLU W 53 24.60 78.50 54.95
C GLU W 53 23.53 79.55 54.62
N THR W 54 22.75 79.98 55.63
CA THR W 54 21.61 80.92 55.45
C THR W 54 22.12 82.28 54.98
N LEU W 55 23.15 82.83 55.61
CA LEU W 55 23.73 84.16 55.27
C LEU W 55 24.43 84.12 53.92
N THR W 56 24.73 82.93 53.37
CA THR W 56 25.33 82.75 52.02
C THR W 56 24.27 82.27 51.01
N GLY W 57 23.00 82.25 51.42
CA GLY W 57 21.86 82.02 50.51
C GLY W 57 21.71 80.56 50.13
N ASN W 58 22.03 79.64 51.04
CA ASN W 58 21.90 78.19 50.79
C ASN W 58 21.12 77.54 51.95
N TYR W 59 20.50 76.39 51.70
CA TYR W 59 19.94 75.52 52.77
C TYR W 59 20.56 74.14 52.61
N VAL W 60 21.05 73.58 53.72
CA VAL W 60 21.52 72.17 53.78
C VAL W 60 20.83 71.52 54.96
N ASP W 61 20.34 70.30 54.77
CA ASP W 61 19.72 69.45 55.82
C ASP W 61 20.60 69.56 57.09
N PHE W 62 19.99 69.78 58.26
CA PHE W 62 20.68 69.87 59.58
C PHE W 62 21.53 68.62 59.83
N GLY W 63 21.02 67.44 59.51
CA GLY W 63 21.75 66.16 59.66
C GLY W 63 23.05 66.16 58.88
N THR W 64 23.02 66.69 57.65
CA THR W 64 24.20 66.72 56.73
C THR W 64 25.28 67.64 57.29
N ILE W 65 24.90 68.82 57.79
CA ILE W 65 25.83 69.81 58.37
C ILE W 65 26.49 69.16 59.60
N GLY W 66 25.69 68.53 60.45
CA GLY W 66 26.16 67.79 61.64
C GLY W 66 27.28 66.82 61.31
N LYS W 67 27.16 66.09 60.19
CA LYS W 67 28.14 65.07 59.77
C LYS W 67 29.41 65.79 59.34
N ALA W 68 29.26 66.78 58.45
CA ALA W 68 30.38 67.56 57.90
C ALA W 68 31.16 68.16 59.07
N THR W 69 30.48 68.78 60.04
CA THR W 69 31.12 69.51 61.17
C THR W 69 31.76 68.52 62.15
N LEU W 70 31.24 67.30 62.25
CA LEU W 70 31.84 66.25 63.12
C LEU W 70 33.17 65.78 62.53
N LYS W 71 33.25 65.66 61.20
CA LYS W 71 34.52 65.35 60.47
C LYS W 71 35.53 66.48 60.67
N MET W 72 35.07 67.73 60.79
CA MET W 72 35.92 68.91 61.06
C MET W 72 36.37 68.85 62.52
N THR W 73 35.45 68.55 63.44
CA THR W 73 35.70 68.56 64.90
C THR W 73 36.64 67.40 65.29
N MET W 74 36.50 66.22 64.68
CA MET W 74 37.30 65.02 65.04
C MET W 74 38.78 65.31 64.77
N ARG W 75 39.07 65.99 63.66
CA ARG W 75 40.44 66.40 63.23
C ARG W 75 41.10 67.23 64.33
N LYS W 76 40.30 68.09 64.93
CA LYS W 76 40.66 69.06 65.99
C LYS W 76 41.12 68.33 67.26
N PHE W 77 40.67 67.08 67.47
CA PHE W 77 40.97 66.24 68.66
C PHE W 77 41.96 65.11 68.30
N GLY W 78 42.57 65.19 67.11
CA GLY W 78 43.63 64.27 66.63
C GLY W 78 43.08 62.88 66.32
N LYS W 79 41.76 62.74 66.19
CA LYS W 79 41.08 61.47 65.81
C LYS W 79 40.84 61.48 64.30
N ASN W 80 40.54 60.31 63.75
CA ASN W 80 40.10 60.10 62.34
C ASN W 80 39.18 58.88 62.30
N LEU W 81 37.91 59.08 62.65
CA LEU W 81 36.89 58.01 62.72
C LEU W 81 36.48 57.62 61.29
N SER W 82 36.10 56.35 61.09
CA SER W 82 35.55 55.80 59.83
C SER W 82 34.11 56.29 59.68
N GLU W 83 33.57 56.25 58.47
CA GLU W 83 32.18 56.70 58.20
C GLU W 83 31.18 55.82 58.95
N ASP W 84 31.44 54.52 59.04
CA ASP W 84 30.61 53.54 59.80
C ASP W 84 30.41 54.08 61.21
N ARG W 85 31.49 54.60 61.80
CA ARG W 85 31.50 55.00 63.22
C ARG W 85 30.84 56.38 63.38
N LEU W 86 31.13 57.33 62.47
CA LEU W 86 30.47 58.66 62.44
C LEU W 86 28.95 58.46 62.39
N ASP W 87 28.47 57.62 61.46
CA ASP W 87 27.02 57.33 61.26
C ASP W 87 26.45 56.68 62.53
N ALA W 88 27.20 55.78 63.17
CA ALA W 88 26.83 55.09 64.44
C ALA W 88 26.63 56.13 65.55
N ILE W 89 27.57 57.06 65.70
CA ILE W 89 27.51 58.18 66.69
C ILE W 89 26.31 59.06 66.34
N LEU W 90 26.21 59.54 65.10
CA LEU W 90 25.17 60.50 64.66
C LEU W 90 23.78 59.85 64.75
N GLY W 91 23.69 58.53 64.58
CA GLY W 91 22.44 57.77 64.73
C GLY W 91 21.73 58.08 66.05
N ASN W 92 22.48 58.45 67.08
CA ASN W 92 21.93 58.71 68.43
C ASN W 92 20.92 59.86 68.39
N ILE W 93 20.98 60.75 67.39
CA ILE W 93 20.06 61.92 67.25
C ILE W 93 18.62 61.41 67.25
N LYS W 94 18.38 60.22 66.66
CA LYS W 94 17.02 59.63 66.52
C LYS W 94 16.55 59.02 67.84
N LYS W 95 17.47 58.55 68.68
CA LYS W 95 17.11 57.81 69.93
C LYS W 95 17.54 58.64 71.13
N LEU W 96 17.04 59.87 71.19
CA LEU W 96 17.20 60.76 72.36
C LEU W 96 15.94 60.64 73.21
N PRO W 97 16.07 60.19 74.48
CA PRO W 97 14.94 60.16 75.38
C PRO W 97 14.58 61.58 75.82
N ALA W 98 13.31 61.82 76.13
CA ALA W 98 12.80 63.07 76.73
C ALA W 98 13.46 63.29 78.09
N HIS W 99 13.70 64.55 78.47
CA HIS W 99 13.99 64.92 79.88
C HIS W 99 12.79 64.45 80.72
N GLU W 100 13.07 64.25 81.98
CA GLU W 100 12.21 63.52 82.94
C GLU W 100 11.00 64.39 83.31
N ASP W 101 11.13 65.72 83.15
CA ASP W 101 10.11 66.71 83.59
C ASP W 101 9.14 67.07 82.45
N VAL W 102 9.49 66.79 81.19
CA VAL W 102 8.77 67.36 80.00
C VAL W 102 7.35 66.77 79.92
N LYS W 103 7.22 65.44 79.91
CA LYS W 103 5.91 64.75 79.71
C LYS W 103 4.87 65.31 80.69
N GLU W 104 5.27 65.50 81.95
CA GLU W 104 4.38 66.01 83.02
C GLU W 104 4.07 67.49 82.74
N GLY W 105 5.10 68.25 82.36
CA GLY W 105 4.98 69.69 82.01
C GLY W 105 4.05 69.90 80.82
N LEU W 106 4.21 69.10 79.77
CA LEU W 106 3.40 69.23 78.53
C LEU W 106 1.94 68.88 78.86
N LYS W 107 1.73 67.82 79.63
CA LYS W 107 0.38 67.37 80.09
C LYS W 107 -0.38 68.51 80.76
N MET W 108 0.22 69.13 81.77
CA MET W 108 -0.37 70.29 82.49
C MET W 108 -0.80 71.35 81.48
N LEU W 109 0.07 71.65 80.51
CA LEU W 109 -0.12 72.76 79.55
C LEU W 109 -1.26 72.42 78.58
N LYS W 110 -1.36 71.15 78.17
CA LYS W 110 -2.44 70.69 77.26
C LYS W 110 -3.77 70.68 78.02
N GLU W 111 -3.75 70.35 79.32
CA GLU W 111 -4.92 70.40 80.26
C GLU W 111 -5.48 71.82 80.30
N ALA W 112 -4.60 72.82 80.43
CA ALA W 112 -4.97 74.26 80.48
C ALA W 112 -5.49 74.74 79.12
N GLN W 113 -5.53 73.84 78.12
CA GLN W 113 -6.07 74.09 76.76
C GLN W 113 -5.25 75.19 76.08
N ILE W 114 -3.93 75.06 76.19
CA ILE W 114 -2.96 75.92 75.45
C ILE W 114 -2.43 75.09 74.29
N LYS W 115 -2.43 75.67 73.09
CA LYS W 115 -1.86 75.04 71.87
C LYS W 115 -0.34 74.85 72.05
N LEU W 116 0.14 73.64 71.79
CA LEU W 116 1.57 73.27 71.92
C LEU W 116 2.11 72.89 70.54
N VAL W 117 3.13 73.61 70.09
CA VAL W 117 3.82 73.32 68.81
C VAL W 117 5.32 73.22 69.09
N ALA W 118 6.05 72.52 68.24
CA ALA W 118 7.52 72.43 68.28
C ALA W 118 8.09 73.18 67.06
N LEU W 119 9.25 73.81 67.24
CA LEU W 119 10.06 74.43 66.17
C LEU W 119 11.51 73.98 66.30
N SER W 120 12.02 73.21 65.34
CA SER W 120 13.37 72.56 65.38
C SER W 120 14.11 72.87 64.08
N ASN W 121 15.45 72.89 64.12
CA ASN W 121 16.30 73.00 62.92
C ASN W 121 16.42 71.62 62.25
N SER W 122 16.09 70.54 62.96
CA SER W 122 15.99 69.18 62.39
C SER W 122 15.03 69.23 61.20
N ASN W 123 15.25 68.43 60.16
CA ASN W 123 14.30 68.31 59.02
C ASN W 123 13.01 67.65 59.54
N GLY W 124 11.92 67.72 58.76
CA GLY W 124 10.57 67.25 59.16
C GLY W 124 10.53 65.76 59.47
N LYS W 125 11.25 64.95 58.71
CA LYS W 125 11.29 63.46 58.91
C LYS W 125 12.05 63.14 60.19
N LEU W 126 13.24 63.71 60.35
CA LEU W 126 14.08 63.50 61.57
C LEU W 126 13.28 63.98 62.79
N LEU W 127 12.63 65.14 62.70
CA LEU W 127 11.90 65.75 63.84
C LEU W 127 10.75 64.81 64.24
N ASN W 128 10.11 64.20 63.24
CA ASN W 128 9.02 63.21 63.45
C ASN W 128 9.58 61.97 64.16
N ALA W 129 10.69 61.41 63.68
CA ALA W 129 11.36 60.23 64.28
C ALA W 129 11.76 60.54 65.73
N GLN W 130 12.37 61.70 65.98
CA GLN W 130 12.88 62.10 67.32
C GLN W 130 11.73 62.10 68.34
N LEU W 131 10.61 62.76 68.02
CA LEU W 131 9.47 62.99 68.97
C LEU W 131 8.63 61.72 69.16
N GLN W 132 8.67 60.79 68.20
CA GLN W 132 7.95 59.50 68.31
C GLN W 132 8.75 58.58 69.24
N PHE W 133 10.08 58.58 69.11
CA PHE W 133 10.99 57.76 69.96
C PHE W 133 10.87 58.20 71.43
N ALA W 134 10.77 59.50 71.69
CA ALA W 134 10.68 60.08 73.04
C ALA W 134 9.22 60.03 73.53
N GLY W 135 8.27 59.65 72.67
CA GLY W 135 6.84 59.63 72.98
C GLY W 135 6.28 61.01 73.30
N LEU W 136 6.71 62.06 72.58
CA LEU W 136 6.28 63.47 72.81
C LEU W 136 5.38 63.97 71.68
N ALA W 137 5.31 63.23 70.56
CA ALA W 137 4.62 63.64 69.30
C ALA W 137 3.17 64.03 69.58
N ASP W 138 2.43 63.23 70.35
CA ASP W 138 0.97 63.36 70.55
C ASP W 138 0.63 64.56 71.43
N TYR W 139 1.62 65.21 72.06
CA TYR W 139 1.42 66.38 72.95
C TYR W 139 1.23 67.66 72.14
N PHE W 140 1.78 67.70 70.92
CA PHE W 140 1.83 68.89 70.05
C PHE W 140 0.74 68.81 68.97
N ASP W 141 0.04 69.93 68.76
CA ASP W 141 -0.97 70.11 67.68
C ASP W 141 -0.28 70.09 66.31
N ALA W 142 0.96 70.59 66.24
CA ALA W 142 1.81 70.66 65.03
C ALA W 142 3.29 70.65 65.43
N ILE W 143 4.15 70.14 64.55
CA ILE W 143 5.64 70.23 64.69
C ILE W 143 6.26 70.85 63.44
N PHE W 144 6.85 72.03 63.60
CA PHE W 144 7.46 72.83 62.51
C PHE W 144 8.95 72.54 62.41
N SER W 145 9.39 72.20 61.20
CA SER W 145 10.81 72.05 60.81
C SER W 145 11.21 73.27 59.98
N VAL W 146 12.50 73.59 59.93
CA VAL W 146 13.09 74.72 59.14
C VAL W 146 12.88 74.45 57.65
N GLU W 147 12.69 73.19 57.29
CA GLU W 147 12.25 72.75 55.94
C GLU W 147 10.87 73.36 55.65
N ALA W 148 9.98 73.44 56.66
CA ALA W 148 8.61 74.01 56.59
C ALA W 148 8.59 75.53 56.89
N VAL W 149 9.75 76.20 56.94
CA VAL W 149 9.86 77.70 56.97
C VAL W 149 10.99 78.20 56.04
N GLY W 150 11.81 77.33 55.43
CA GLY W 150 12.86 77.70 54.45
C GLY W 150 14.21 78.02 55.08
N ARG W 151 14.21 78.68 56.25
CA ARG W 151 15.40 79.30 56.90
C ARG W 151 15.56 78.87 58.37
N TYR W 152 16.81 78.71 58.81
CA TYR W 152 17.20 78.26 60.18
C TYR W 152 16.81 79.29 61.25
N LYS W 153 16.43 78.79 62.42
CA LYS W 153 16.45 79.56 63.69
C LYS W 153 17.87 80.06 63.93
N PRO W 154 18.07 81.26 64.49
CA PRO W 154 16.98 82.07 65.03
C PRO W 154 16.50 83.21 64.14
N GLU W 155 16.42 83.00 62.82
CA GLU W 155 15.95 84.04 61.88
C GLU W 155 14.47 84.32 62.16
N LEU W 156 14.08 85.60 62.13
CA LEU W 156 12.77 86.08 62.61
C LEU W 156 11.64 85.38 61.85
N ALA W 157 11.82 85.14 60.55
CA ALA W 157 10.82 84.53 59.65
C ALA W 157 10.42 83.12 60.12
N SER W 158 11.27 82.41 60.86
CA SER W 158 11.00 81.03 61.33
C SER W 158 9.89 81.07 62.39
N TYR W 159 9.97 82.00 63.33
CA TYR W 159 8.96 82.18 64.40
C TYR W 159 7.68 82.68 63.75
N ARG W 160 7.77 83.71 62.92
CA ARG W 160 6.60 84.39 62.30
C ARG W 160 5.84 83.40 61.41
N ALA W 161 6.52 82.41 60.85
CA ALA W 161 5.90 81.36 60.03
C ALA W 161 4.95 80.52 60.89
N VAL W 162 5.37 80.22 62.13
CA VAL W 162 4.57 79.42 63.11
C VAL W 162 3.37 80.27 63.55
N LEU W 163 3.58 81.55 63.85
CA LEU W 163 2.52 82.48 64.33
C LEU W 163 1.37 82.49 63.33
N GLU W 164 1.67 82.83 62.07
CA GLU W 164 0.66 82.99 61.00
C GLU W 164 -0.01 81.64 60.70
N THR W 165 0.72 80.51 60.82
CA THR W 165 0.20 79.15 60.53
C THR W 165 -0.82 78.76 61.61
N MET W 166 -0.53 79.07 62.89
CA MET W 166 -1.37 78.67 64.05
C MET W 166 -2.40 79.77 64.33
N LYS W 167 -2.32 80.92 63.63
CA LYS W 167 -3.34 82.01 63.65
C LYS W 167 -3.29 82.73 65.00
N VAL W 168 -2.14 82.72 65.66
CA VAL W 168 -1.97 83.32 67.02
C VAL W 168 -1.05 84.52 66.87
N PRO W 169 -1.42 85.69 67.43
CA PRO W 169 -0.53 86.85 67.39
C PRO W 169 0.74 86.61 68.21
N ALA W 170 1.79 87.36 67.90
CA ALA W 170 3.13 87.26 68.51
C ALA W 170 3.03 87.46 70.03
N GLU W 171 2.25 88.46 70.47
CA GLU W 171 2.16 88.86 71.91
C GLU W 171 1.43 87.79 72.72
N ASN W 172 0.63 86.92 72.08
CA ASN W 172 -0.10 85.81 72.74
C ASN W 172 0.67 84.49 72.61
N THR W 173 1.89 84.53 72.08
CA THR W 173 2.74 83.32 71.88
C THR W 173 3.99 83.43 72.76
N MET W 174 4.37 82.31 73.41
CA MET W 174 5.60 82.21 74.22
C MET W 174 6.50 81.11 73.65
N MET W 175 7.77 81.44 73.42
CA MET W 175 8.81 80.50 72.93
C MET W 175 9.52 79.91 74.15
N VAL W 176 9.57 78.59 74.22
CA VAL W 176 10.25 77.85 75.33
C VAL W 176 11.52 77.22 74.75
N ALA W 177 12.68 77.67 75.23
CA ALA W 177 13.98 77.21 74.72
C ALA W 177 15.03 77.20 75.84
N ALA W 178 15.98 76.27 75.72
CA ALA W 178 17.16 76.12 76.59
C ALA W 178 18.39 76.77 75.93
N ASN W 179 18.22 77.55 74.85
CA ASN W 179 19.34 78.26 74.17
C ASN W 179 19.08 79.75 74.23
N GLY W 180 20.11 80.54 74.54
CA GLY W 180 20.04 82.00 74.66
C GLY W 180 19.74 82.67 73.33
N TRP W 181 20.26 82.11 72.24
CA TRP W 181 20.05 82.61 70.86
C TRP W 181 18.60 82.40 70.46
N ASP W 182 18.02 81.26 70.83
CA ASP W 182 16.61 80.92 70.48
C ASP W 182 15.67 81.86 71.23
N ILE W 183 16.05 82.28 72.44
CA ILE W 183 15.30 83.30 73.23
C ILE W 183 15.41 84.63 72.50
N LEU W 184 16.62 85.02 72.11
CA LEU W 184 16.92 86.33 71.46
C LEU W 184 16.12 86.48 70.17
N GLY W 185 16.12 85.44 69.33
CA GLY W 185 15.36 85.40 68.06
C GLY W 185 13.88 85.62 68.29
N ALA W 186 13.26 84.80 69.13
CA ALA W 186 11.83 84.88 69.47
C ALA W 186 11.53 86.26 70.07
N LYS W 187 12.37 86.69 71.01
CA LYS W 187 12.23 88.01 71.67
C LYS W 187 12.10 89.09 70.59
N ARG W 188 12.97 89.05 69.57
CA ARG W 188 13.06 90.08 68.50
C ARG W 188 11.98 89.86 67.43
N ALA W 189 11.32 88.70 67.42
CA ALA W 189 10.14 88.42 66.57
C ALA W 189 8.85 88.79 67.30
N GLY W 190 8.94 89.33 68.51
CA GLY W 190 7.80 89.92 69.26
C GLY W 190 7.18 88.92 70.23
N LEU W 191 7.80 87.77 70.45
CA LEU W 191 7.24 86.67 71.27
C LEU W 191 7.60 86.87 72.73
N ARG W 192 6.77 86.31 73.62
CA ARG W 192 7.10 86.06 75.04
C ARG W 192 8.13 84.93 75.03
N THR W 193 9.01 84.88 76.04
CA THR W 193 10.11 83.88 76.11
C THR W 193 10.16 83.25 77.49
N ALA W 194 10.34 81.93 77.53
CA ALA W 194 10.66 81.13 78.74
C ALA W 194 11.97 80.38 78.50
N PHE W 195 12.99 80.70 79.30
CA PHE W 195 14.30 80.01 79.26
C PHE W 195 14.30 78.85 80.25
N VAL W 196 14.61 77.65 79.75
CA VAL W 196 14.78 76.41 80.57
C VAL W 196 16.28 76.26 80.88
N ALA W 197 16.69 76.61 82.11
CA ALA W 197 18.09 76.66 82.56
C ALA W 197 18.60 75.24 82.73
N ARG W 198 18.71 74.50 81.64
CA ARG W 198 19.34 73.14 81.64
C ARG W 198 20.83 73.32 81.83
N GLU W 199 21.52 72.23 82.11
CA GLU W 199 22.96 72.20 82.46
C GLU W 199 23.80 72.60 81.24
N GLY W 200 24.74 73.54 81.44
CA GLY W 200 25.74 73.94 80.43
C GLY W 200 25.19 74.95 79.44
N HIS W 201 24.09 75.62 79.78
CA HIS W 201 23.40 76.62 78.92
C HIS W 201 23.23 77.91 79.71
N ALA W 202 23.63 79.04 79.13
CA ALA W 202 23.52 80.38 79.76
C ALA W 202 22.66 81.32 78.90
N ILE W 203 22.05 82.32 79.54
CA ILE W 203 21.30 83.41 78.87
C ILE W 203 22.33 84.32 78.20
N TYR W 204 22.00 84.84 77.02
CA TYR W 204 22.81 85.82 76.27
C TYR W 204 22.68 87.17 76.97
N PRO W 205 23.76 87.68 77.59
CA PRO W 205 23.67 88.90 78.36
C PRO W 205 23.41 90.17 77.55
N LEU W 206 23.52 90.14 76.22
CA LEU W 206 23.22 91.32 75.36
C LEU W 206 21.76 91.29 74.91
N ASP W 207 20.86 91.77 75.79
CA ASP W 207 19.42 91.99 75.53
C ASP W 207 18.73 90.64 75.26
N GLY W 208 19.26 89.56 75.86
CA GLY W 208 18.76 88.18 75.68
C GLY W 208 18.07 87.67 76.92
N THR W 209 17.68 88.57 77.83
CA THR W 209 16.92 88.24 79.07
C THR W 209 15.52 87.79 78.68
N PRO W 210 15.07 86.60 79.12
CA PRO W 210 13.70 86.15 78.88
C PRO W 210 12.68 86.76 79.86
N GLU W 211 11.40 86.49 79.65
CA GLU W 211 10.33 86.92 80.59
C GLU W 211 10.37 86.02 81.84
N LEU W 212 10.45 84.70 81.64
CA LEU W 212 10.52 83.69 82.72
C LEU W 212 11.83 82.93 82.59
N GLU W 213 12.31 82.45 83.74
CA GLU W 213 13.50 81.56 83.85
C GLU W 213 13.11 80.44 84.80
N ALA W 214 13.31 79.20 84.39
CA ALA W 214 12.99 77.98 85.16
C ALA W 214 14.05 76.94 84.84
N LYS W 215 14.17 75.91 85.67
CA LYS W 215 15.22 74.88 85.49
C LYS W 215 14.69 73.73 84.67
N THR W 216 13.37 73.57 84.63
CA THR W 216 12.70 72.46 83.93
C THR W 216 11.46 72.99 83.20
N VAL W 217 11.02 72.22 82.21
CA VAL W 217 9.79 72.50 81.41
C VAL W 217 8.59 72.40 82.36
N LEU W 218 8.62 71.41 83.26
CA LEU W 218 7.60 71.19 84.32
C LEU W 218 7.46 72.49 85.13
N GLU W 219 8.59 73.10 85.49
CA GLU W 219 8.62 74.33 86.31
C GLU W 219 8.04 75.52 85.53
N VAL W 220 8.32 75.58 84.21
CA VAL W 220 7.75 76.61 83.29
C VAL W 220 6.22 76.47 83.31
N ALA W 221 5.74 75.22 83.15
CA ALA W 221 4.30 74.86 83.15
C ALA W 221 3.67 75.32 84.48
N ARG W 222 4.37 75.04 85.58
CA ARG W 222 3.96 75.37 86.97
C ARG W 222 3.81 76.90 87.11
N THR W 223 4.77 77.67 86.57
CA THR W 223 4.86 79.15 86.70
C THR W 223 3.73 79.84 85.95
N LEU W 224 3.29 79.27 84.83
CA LEU W 224 2.27 79.93 83.96
C LEU W 224 0.86 79.75 84.54
N LEU W 225 0.70 78.80 85.46
CA LEU W 225 -0.61 78.38 85.99
C LEU W 225 -1.02 79.26 87.18
N VAL X 5 48.91 78.83 37.56
CA VAL X 5 48.24 79.79 38.49
C VAL X 5 48.44 81.21 37.97
N LYS X 6 47.37 81.85 37.52
CA LYS X 6 47.36 83.31 37.36
C LYS X 6 47.45 83.98 38.73
N LYS X 7 48.15 85.11 38.76
CA LYS X 7 48.26 85.88 40.00
C LYS X 7 47.04 86.77 40.15
N PRO X 8 46.51 86.83 41.38
CA PRO X 8 45.45 87.78 41.70
C PRO X 8 46.02 89.19 41.84
N GLU X 9 45.23 90.18 41.45
CA GLU X 9 45.53 91.63 41.59
C GLU X 9 45.41 92.04 43.06
N LEU X 10 44.56 91.35 43.84
CA LEU X 10 44.18 91.75 45.23
C LEU X 10 44.12 90.50 46.11
N LEU X 11 44.71 90.58 47.30
CA LEU X 11 44.62 89.53 48.33
C LEU X 11 43.95 90.12 49.57
N ILE X 12 42.82 89.51 49.99
CA ILE X 12 42.10 89.85 51.25
C ILE X 12 42.49 88.82 52.31
N PHE X 13 43.02 89.29 53.46
CA PHE X 13 43.47 88.45 54.60
C PHE X 13 42.49 88.53 55.78
N ASP X 14 41.93 87.40 56.22
CA ASP X 14 41.36 87.25 57.58
C ASP X 14 42.50 87.58 58.56
N VAL X 15 42.17 88.21 59.69
CA VAL X 15 43.19 88.72 60.64
C VAL X 15 43.31 87.75 61.81
N ASN X 16 42.20 87.47 62.49
CA ASN X 16 42.25 86.93 63.87
C ASN X 16 42.98 85.58 63.91
N GLU X 17 42.84 84.66 63.00
CA GLU X 17 43.50 83.34 63.18
C GLU X 17 44.60 83.20 62.14
N THR X 18 44.31 83.73 60.96
CA THR X 18 45.11 83.65 59.72
C THR X 18 46.47 84.33 59.93
N LEU X 19 46.47 85.56 60.48
CA LEU X 19 47.69 86.39 60.65
C LEU X 19 48.14 86.42 62.12
N LEU X 20 47.23 86.67 63.06
CA LEU X 20 47.58 86.82 64.50
C LEU X 20 47.58 85.45 65.17
N ASP X 21 48.55 85.24 66.05
CA ASP X 21 48.64 84.05 66.93
C ASP X 21 47.73 84.32 68.12
N MET X 22 46.73 83.47 68.34
CA MET X 22 45.69 83.65 69.39
C MET X 22 46.24 83.18 70.76
N GLY X 23 47.52 82.76 70.80
CA GLY X 23 48.18 82.13 71.96
C GLY X 23 47.91 82.86 73.27
N PRO X 24 48.28 84.15 73.39
CA PRO X 24 48.04 84.91 74.62
C PRO X 24 46.58 84.86 75.10
N LEU X 25 45.61 85.00 74.18
CA LEU X 25 44.16 84.98 74.52
C LEU X 25 43.74 83.55 74.85
N GLU X 26 44.22 82.58 74.07
CA GLU X 26 43.86 81.14 74.22
C GLU X 26 44.30 80.64 75.60
N ASN X 27 45.55 80.94 75.98
CA ASN X 27 46.16 80.48 77.26
C ASN X 27 45.48 81.19 78.43
N ALA X 28 45.18 82.49 78.29
CA ALA X 28 44.48 83.30 79.31
C ALA X 28 43.12 82.66 79.67
N ILE X 29 42.32 82.29 78.67
CA ILE X 29 40.95 81.73 78.87
C ILE X 29 41.08 80.31 79.41
N ASN X 30 41.94 79.50 78.77
CA ASN X 30 42.09 78.06 79.06
C ASN X 30 42.49 77.87 80.52
N GLU X 31 43.43 78.68 81.01
CA GLU X 31 43.95 78.62 82.40
C GLU X 31 42.90 79.10 83.41
N SER X 32 42.20 80.19 83.10
CA SER X 32 41.18 80.81 84.00
C SER X 32 40.01 79.85 84.20
N LEU X 33 39.66 79.09 83.15
CA LEU X 33 38.47 78.19 83.11
C LEU X 33 38.92 76.73 83.26
N ASN X 34 40.22 76.45 83.26
CA ASN X 34 40.77 75.14 83.67
C ASN X 34 40.36 74.07 82.66
N SER X 35 40.56 74.34 81.38
CA SER X 35 40.25 73.40 80.28
C SER X 35 41.00 73.85 79.04
N GLU X 36 41.50 72.90 78.23
CA GLU X 36 42.19 73.19 76.96
C GLU X 36 41.18 73.65 75.90
N HIS X 37 39.90 73.34 76.09
CA HIS X 37 38.83 73.50 75.07
C HIS X 37 38.03 74.78 75.32
N ALA X 38 38.36 75.53 76.39
CA ALA X 38 37.60 76.70 76.87
C ALA X 38 37.61 77.79 75.78
N PHE X 39 38.77 78.04 75.19
CA PHE X 39 38.93 79.08 74.13
C PHE X 39 38.09 78.70 72.91
N SER X 40 38.24 77.46 72.44
CA SER X 40 37.56 76.95 71.22
C SER X 40 36.05 77.10 71.41
N LEU X 41 35.52 76.71 72.57
CA LEU X 41 34.06 76.74 72.83
C LEU X 41 33.57 78.19 72.90
N TRP X 42 34.34 79.08 73.54
CA TRP X 42 34.02 80.52 73.69
C TRP X 42 34.04 81.21 72.31
N PHE X 43 35.12 81.01 71.54
CA PHE X 43 35.34 81.71 70.26
C PHE X 43 34.27 81.28 69.25
N ARG X 44 33.88 80.00 69.27
CA ARG X 44 32.80 79.47 68.41
C ARG X 44 31.46 80.03 68.87
N THR X 45 31.26 80.22 70.18
CA THR X 45 30.05 80.87 70.75
C THR X 45 30.02 82.33 70.31
N LEU X 46 31.17 83.02 70.33
CA LEU X 46 31.30 84.42 69.84
C LEU X 46 30.85 84.49 68.37
N LEU X 47 31.37 83.61 67.51
CA LEU X 47 31.09 83.65 66.05
C LEU X 47 29.60 83.38 65.81
N HIS X 48 29.05 82.38 66.49
CA HIS X 48 27.63 81.99 66.39
C HIS X 48 26.75 83.20 66.71
N TYR X 49 27.02 83.91 67.81
CA TYR X 49 26.18 85.05 68.28
C TYR X 49 26.38 86.27 67.37
N SER X 50 27.56 86.42 66.76
CA SER X 50 27.86 87.49 65.76
C SER X 50 26.88 87.34 64.59
N LEU X 51 26.73 86.13 64.06
CA LEU X 51 25.80 85.82 62.96
C LEU X 51 24.35 85.88 63.46
N THR X 52 24.11 85.58 64.74
CA THR X 52 22.78 85.69 65.40
C THR X 52 22.36 87.17 65.40
N GLU X 53 23.28 88.09 65.70
CA GLU X 53 22.98 89.55 65.74
C GLU X 53 22.59 89.98 64.32
N THR X 54 23.37 89.61 63.31
CA THR X 54 23.14 90.00 61.89
C THR X 54 21.76 89.50 61.43
N LEU X 55 21.43 88.23 61.67
CA LEU X 55 20.18 87.57 61.19
C LEU X 55 18.95 88.06 61.97
N THR X 56 19.12 88.79 63.08
CA THR X 56 17.99 89.41 63.83
C THR X 56 17.94 90.92 63.56
N GLY X 57 18.78 91.43 62.64
CA GLY X 57 18.76 92.82 62.18
C GLY X 57 19.46 93.76 63.14
N ASN X 58 20.47 93.27 63.88
CA ASN X 58 21.24 94.12 64.83
C ASN X 58 22.74 94.00 64.53
N TYR X 59 23.51 95.03 64.89
CA TYR X 59 24.99 95.00 64.94
C TYR X 59 25.40 95.32 66.37
N VAL X 60 26.34 94.53 66.89
CA VAL X 60 27.04 94.83 68.17
C VAL X 60 28.55 94.70 67.91
N ASP X 61 29.33 95.61 68.47
CA ASP X 61 30.82 95.59 68.46
C ASP X 61 31.28 94.14 68.76
N PHE X 62 32.25 93.63 68.01
CA PHE X 62 32.79 92.24 68.14
C PHE X 62 33.35 92.04 69.56
N GLY X 63 34.02 93.06 70.11
CA GLY X 63 34.56 93.06 71.49
C GLY X 63 33.47 92.86 72.55
N THR X 64 32.36 93.58 72.43
CA THR X 64 31.19 93.53 73.34
C THR X 64 30.60 92.11 73.37
N ILE X 65 30.50 91.45 72.19
CA ILE X 65 29.97 90.06 72.04
C ILE X 65 30.97 89.10 72.70
N GLY X 66 32.27 89.35 72.50
CA GLY X 66 33.34 88.56 73.15
C GLY X 66 33.13 88.49 74.65
N LYS X 67 32.96 89.65 75.29
CA LYS X 67 32.80 89.74 76.76
C LYS X 67 31.51 89.04 77.16
N ALA X 68 30.43 89.29 76.44
CA ALA X 68 29.10 88.72 76.71
C ALA X 68 29.22 87.18 76.69
N THR X 69 29.83 86.63 75.64
CA THR X 69 29.89 85.15 75.42
C THR X 69 30.91 84.52 76.36
N LEU X 70 31.86 85.32 76.88
CA LEU X 70 32.85 84.83 77.88
C LEU X 70 32.18 84.65 79.23
N LYS X 71 31.28 85.57 79.63
CA LYS X 71 30.44 85.42 80.86
C LYS X 71 29.52 84.20 80.73
N MET X 72 29.04 83.91 79.52
CA MET X 72 28.20 82.72 79.23
C MET X 72 29.07 81.46 79.36
N THR X 73 30.28 81.51 78.80
CA THR X 73 31.19 80.35 78.67
C THR X 73 31.78 79.98 80.03
N MET X 74 32.15 80.95 80.85
CA MET X 74 32.79 80.68 82.18
C MET X 74 31.82 79.87 83.06
N ARG X 75 30.51 80.12 82.96
CA ARG X 75 29.47 79.43 83.77
C ARG X 75 29.37 77.95 83.44
N LYS X 76 29.48 77.60 82.16
CA LYS X 76 29.51 76.18 81.75
C LYS X 76 30.65 75.43 82.43
N PHE X 77 31.74 76.14 82.75
CA PHE X 77 32.96 75.57 83.37
C PHE X 77 32.94 75.80 84.89
N GLY X 78 31.78 76.20 85.42
CA GLY X 78 31.51 76.35 86.86
C GLY X 78 32.35 77.45 87.51
N LYS X 79 32.90 78.38 86.74
CA LYS X 79 33.64 79.56 87.26
C LYS X 79 32.73 80.79 87.28
N ASN X 80 33.05 81.74 88.15
CA ASN X 80 32.35 83.05 88.25
C ASN X 80 33.42 84.13 88.47
N LEU X 81 34.05 84.57 87.38
CA LEU X 81 35.18 85.54 87.39
C LEU X 81 34.60 86.96 87.56
N SER X 82 35.37 87.84 88.20
CA SER X 82 35.06 89.30 88.35
C SER X 82 35.32 90.00 87.01
N GLU X 83 34.78 91.21 86.88
CA GLU X 83 34.90 92.02 85.65
C GLU X 83 36.35 92.40 85.38
N ASP X 84 37.11 92.70 86.43
CA ASP X 84 38.55 93.05 86.33
C ASP X 84 39.27 91.93 85.57
N ARG X 85 38.98 90.69 85.96
CA ARG X 85 39.64 89.46 85.47
C ARG X 85 39.22 89.23 84.02
N LEU X 86 37.92 89.33 83.71
CA LEU X 86 37.37 89.16 82.33
C LEU X 86 38.03 90.19 81.41
N ASP X 87 38.08 91.47 81.83
CA ASP X 87 38.71 92.58 81.06
C ASP X 87 40.20 92.24 80.83
N ALA X 88 40.88 91.74 81.86
CA ALA X 88 42.33 91.41 81.83
C ALA X 88 42.58 90.33 80.79
N ILE X 89 41.75 89.29 80.79
CA ILE X 89 41.81 88.16 79.82
C ILE X 89 41.53 88.72 78.43
N LEU X 90 40.42 89.44 78.27
CA LEU X 90 39.96 89.97 76.96
C LEU X 90 40.95 91.00 76.41
N GLY X 91 41.70 91.67 77.29
CA GLY X 91 42.76 92.63 76.91
C GLY X 91 43.82 92.01 76.02
N ASN X 92 43.98 90.68 76.10
CA ASN X 92 44.98 89.92 75.32
C ASN X 92 44.70 90.05 73.82
N ILE X 93 43.47 90.39 73.42
CA ILE X 93 43.08 90.46 71.98
C ILE X 93 43.83 91.61 71.30
N LYS X 94 44.28 92.61 72.07
CA LYS X 94 45.02 93.79 71.54
C LYS X 94 46.54 93.53 71.54
N LYS X 95 46.97 92.39 72.07
CA LYS X 95 48.41 92.04 72.24
C LYS X 95 48.69 90.70 71.57
N LEU X 96 48.12 90.46 70.38
CA LEU X 96 48.35 89.19 69.65
C LEU X 96 49.49 89.41 68.68
N PRO X 97 50.61 88.65 68.80
CA PRO X 97 51.72 88.75 67.85
C PRO X 97 51.34 88.03 66.55
N ALA X 98 51.97 88.43 65.45
CA ALA X 98 51.88 87.71 64.15
C ALA X 98 52.45 86.30 64.33
N HIS X 99 51.85 85.30 63.69
CA HIS X 99 52.51 84.01 63.40
C HIS X 99 53.83 84.29 62.70
N GLU X 100 54.78 83.39 62.90
CA GLU X 100 56.22 83.54 62.61
C GLU X 100 56.46 83.68 61.09
N ASP X 101 55.57 83.09 60.28
CA ASP X 101 55.69 82.98 58.81
C ASP X 101 55.14 84.23 58.12
N VAL X 102 54.33 85.01 58.82
CA VAL X 102 53.39 85.99 58.20
C VAL X 102 54.18 87.11 57.55
N LYS X 103 55.07 87.76 58.33
CA LYS X 103 55.81 88.97 57.91
C LYS X 103 56.58 88.67 56.61
N GLU X 104 57.23 87.50 56.56
CA GLU X 104 58.01 87.05 55.39
C GLU X 104 57.07 86.86 54.19
N GLY X 105 55.97 86.13 54.40
CA GLY X 105 54.90 85.93 53.41
C GLY X 105 54.45 87.25 52.81
N LEU X 106 54.05 88.20 53.67
CA LEU X 106 53.47 89.50 53.27
C LEU X 106 54.49 90.31 52.46
N LYS X 107 55.74 90.31 52.90
CA LYS X 107 56.86 90.98 52.19
C LYS X 107 56.93 90.48 50.75
N MET X 108 57.08 89.16 50.63
CA MET X 108 57.21 88.43 49.35
C MET X 108 56.08 88.85 48.40
N LEU X 109 54.85 88.93 48.94
CA LEU X 109 53.63 89.24 48.17
C LEU X 109 53.62 90.71 47.77
N LYS X 110 53.98 91.61 48.69
CA LYS X 110 53.92 93.07 48.42
C LYS X 110 55.00 93.42 47.39
N GLU X 111 56.10 92.66 47.42
CA GLU X 111 57.23 92.80 46.49
C GLU X 111 56.78 92.42 45.08
N ALA X 112 55.90 91.42 44.97
CA ALA X 112 55.33 90.93 43.70
C ALA X 112 54.30 91.92 43.13
N GLN X 113 54.15 93.10 43.72
CA GLN X 113 53.25 94.19 43.25
C GLN X 113 51.78 93.75 43.36
N ILE X 114 51.45 92.96 44.39
CA ILE X 114 50.05 92.50 44.70
C ILE X 114 49.48 93.39 45.81
N LYS X 115 48.32 94.01 45.56
CA LYS X 115 47.56 94.77 46.58
C LYS X 115 47.14 93.84 47.72
N LEU X 116 47.56 94.18 48.93
CA LEU X 116 47.22 93.43 50.17
C LEU X 116 46.24 94.28 51.00
N VAL X 117 45.06 93.74 51.30
CA VAL X 117 44.10 94.34 52.27
C VAL X 117 43.76 93.29 53.31
N ALA X 118 43.24 93.75 54.46
CA ALA X 118 42.75 92.90 55.57
C ALA X 118 41.24 93.12 55.71
N LEU X 119 40.49 92.07 56.02
CA LEU X 119 39.05 92.12 56.34
C LEU X 119 38.82 91.34 57.63
N SER X 120 38.43 92.03 58.71
CA SER X 120 38.27 91.46 60.06
C SER X 120 36.86 91.77 60.59
N ASN X 121 36.29 90.89 61.41
CA ASN X 121 35.04 91.15 62.17
C ASN X 121 35.30 92.18 63.29
N SER X 122 36.56 92.37 63.70
CA SER X 122 37.00 93.34 64.74
C SER X 122 36.63 94.74 64.24
N ASN X 123 36.21 95.64 65.14
CA ASN X 123 35.87 97.05 64.78
C ASN X 123 37.15 97.80 64.34
N GLY X 124 36.99 98.96 63.69
CA GLY X 124 38.08 99.72 63.06
C GLY X 124 39.21 100.02 64.03
N LYS X 125 38.89 100.47 65.25
CA LYS X 125 39.87 100.90 66.27
C LYS X 125 40.64 99.69 66.76
N LEU X 126 39.94 98.62 67.15
CA LEU X 126 40.54 97.34 67.61
C LEU X 126 41.46 96.77 66.52
N LEU X 127 40.99 96.75 65.27
CA LEU X 127 41.77 96.18 64.13
C LEU X 127 43.08 96.95 63.99
N ASN X 128 43.02 98.28 64.02
CA ASN X 128 44.23 99.15 63.96
C ASN X 128 45.20 98.78 65.09
N ALA X 129 44.69 98.68 66.32
CA ALA X 129 45.47 98.34 67.55
C ALA X 129 46.14 96.97 67.39
N GLN X 130 45.41 95.97 66.90
CA GLN X 130 45.89 94.57 66.74
C GLN X 130 47.07 94.56 65.76
N LEU X 131 46.92 95.22 64.62
CA LEU X 131 47.90 95.17 63.51
C LEU X 131 49.11 96.02 63.85
N GLN X 132 48.93 97.06 64.67
CA GLN X 132 50.05 97.94 65.12
C GLN X 132 50.92 97.17 66.12
N PHE X 133 50.29 96.46 67.06
CA PHE X 133 50.99 95.60 68.03
C PHE X 133 51.82 94.51 67.32
N ALA X 134 51.23 93.83 66.33
CA ALA X 134 51.86 92.72 65.58
C ALA X 134 52.83 93.26 64.51
N GLY X 135 52.81 94.56 64.24
CA GLY X 135 53.69 95.22 63.25
C GLY X 135 53.37 94.78 61.84
N LEU X 136 52.09 94.63 61.49
CA LEU X 136 51.64 94.17 60.15
C LEU X 136 50.94 95.31 59.38
N ALA X 137 50.58 96.40 60.06
CA ALA X 137 49.70 97.46 59.50
C ALA X 137 50.28 98.01 58.19
N ASP X 138 51.60 98.17 58.09
CA ASP X 138 52.27 98.88 56.97
C ASP X 138 52.24 98.02 55.70
N TYR X 139 51.96 96.70 55.81
CA TYR X 139 51.92 95.74 54.68
C TYR X 139 50.63 95.89 53.85
N PHE X 140 49.56 96.48 54.41
CA PHE X 140 48.22 96.56 53.77
C PHE X 140 47.96 97.95 53.21
N ASP X 141 47.42 98.03 52.00
CA ASP X 141 47.05 99.32 51.34
C ASP X 141 45.79 99.85 52.02
N ALA X 142 44.95 98.97 52.57
CA ALA X 142 43.70 99.28 53.28
C ALA X 142 43.33 98.14 54.26
N ILE X 143 42.68 98.48 55.37
CA ILE X 143 42.19 97.49 56.37
C ILE X 143 40.70 97.71 56.61
N PHE X 144 39.89 96.70 56.28
CA PHE X 144 38.41 96.74 56.31
C PHE X 144 37.89 96.07 57.59
N SER X 145 37.13 96.84 58.37
CA SER X 145 36.29 96.36 59.49
C SER X 145 34.86 96.17 58.98
N VAL X 146 34.14 95.25 59.60
CA VAL X 146 32.70 94.96 59.31
C VAL X 146 31.86 96.15 59.79
N GLU X 147 32.39 96.99 60.67
CA GLU X 147 31.79 98.30 61.03
C GLU X 147 31.63 99.15 59.75
N ALA X 148 32.65 99.14 58.89
CA ALA X 148 32.66 99.87 57.58
C ALA X 148 31.85 99.11 56.53
N VAL X 149 31.21 97.96 56.83
CA VAL X 149 30.26 97.34 55.86
C VAL X 149 28.90 97.01 56.52
N GLY X 150 28.67 97.37 57.80
CA GLY X 150 27.41 97.12 58.53
C GLY X 150 27.30 95.71 59.09
N ARG X 151 27.82 94.68 58.38
CA ARG X 151 27.47 93.24 58.54
C ARG X 151 28.69 92.32 58.68
N TYR X 152 28.55 91.31 59.54
CA TYR X 152 29.60 90.31 59.88
C TYR X 152 29.87 89.39 58.68
N LYS X 153 31.13 88.96 58.55
CA LYS X 153 31.53 87.83 57.69
C LYS X 153 30.87 86.60 58.30
N PRO X 154 30.51 85.57 57.50
CA PRO X 154 30.81 85.53 56.07
C PRO X 154 29.69 85.99 55.15
N GLU X 155 28.96 87.04 55.52
CA GLU X 155 27.89 87.57 54.65
C GLU X 155 28.51 88.11 53.36
N LEU X 156 27.92 87.79 52.22
CA LEU X 156 28.52 88.06 50.89
C LEU X 156 28.82 89.54 50.75
N ALA X 157 27.99 90.41 51.33
CA ALA X 157 28.10 91.88 51.19
C ALA X 157 29.46 92.36 51.68
N SER X 158 30.05 91.72 52.69
CA SER X 158 31.33 92.16 53.32
C SER X 158 32.47 92.04 52.30
N TYR X 159 32.56 90.91 51.58
CA TYR X 159 33.59 90.66 50.55
C TYR X 159 33.39 91.64 49.40
N ARG X 160 32.15 91.77 48.92
CA ARG X 160 31.80 92.60 47.74
C ARG X 160 32.14 94.07 48.03
N ALA X 161 32.01 94.51 49.28
CA ALA X 161 32.32 95.90 49.69
C ALA X 161 33.80 96.19 49.44
N VAL X 162 34.68 95.23 49.74
CA VAL X 162 36.16 95.33 49.57
C VAL X 162 36.47 95.37 48.07
N LEU X 163 35.87 94.47 47.27
CA LEU X 163 36.06 94.42 45.79
C LEU X 163 35.79 95.81 45.18
N GLU X 164 34.60 96.36 45.38
CA GLU X 164 34.15 97.59 44.70
C GLU X 164 35.00 98.79 45.18
N THR X 165 35.45 98.77 46.43
CA THR X 165 36.24 99.87 47.04
C THR X 165 37.66 99.88 46.44
N MET X 166 38.27 98.71 46.25
CA MET X 166 39.65 98.56 45.72
C MET X 166 39.63 98.56 44.19
N LYS X 167 38.44 98.51 43.58
CA LYS X 167 38.21 98.57 42.11
C LYS X 167 38.76 97.32 41.41
N VAL X 168 38.73 96.17 42.08
CA VAL X 168 39.27 94.88 41.58
C VAL X 168 38.09 93.93 41.41
N PRO X 169 37.89 93.33 40.22
CA PRO X 169 36.85 92.32 40.03
C PRO X 169 37.02 91.14 41.00
N ALA X 170 35.95 90.36 41.17
CA ALA X 170 35.86 89.20 42.09
C ALA X 170 36.82 88.08 41.64
N GLU X 171 36.89 87.80 40.34
CA GLU X 171 37.68 86.67 39.78
C GLU X 171 39.18 86.95 39.89
N ASN X 172 39.60 88.21 40.07
CA ASN X 172 41.02 88.64 40.22
C ASN X 172 41.37 88.90 41.68
N THR X 173 40.50 88.49 42.61
CA THR X 173 40.70 88.66 44.08
C THR X 173 40.72 87.29 44.75
N MET X 174 41.70 87.08 45.64
CA MET X 174 41.81 85.84 46.43
C MET X 174 41.66 86.17 47.92
N MET X 175 40.80 85.44 48.61
CA MET X 175 40.61 85.51 50.07
C MET X 175 41.56 84.51 50.73
N VAL X 176 42.34 84.96 51.72
CA VAL X 176 43.29 84.11 52.49
C VAL X 176 42.72 84.04 53.91
N ALA X 177 42.28 82.86 54.35
CA ALA X 177 41.66 82.68 55.67
C ALA X 177 41.93 81.28 56.20
N ALA X 178 42.09 81.17 57.53
CA ALA X 178 42.30 79.91 58.28
C ALA X 178 40.97 79.34 58.76
N ASN X 179 39.84 79.92 58.36
CA ASN X 179 38.49 79.50 58.82
C ASN X 179 37.72 79.00 57.60
N GLY X 180 37.06 77.85 57.72
CA GLY X 180 36.28 77.21 56.64
C GLY X 180 35.14 78.10 56.17
N TRP X 181 34.45 78.74 57.12
CA TRP X 181 33.26 79.60 56.89
C TRP X 181 33.65 80.85 56.10
N ASP X 182 34.87 81.35 56.30
CA ASP X 182 35.39 82.55 55.60
C ASP X 182 35.70 82.14 54.17
N ILE X 183 36.27 80.94 54.00
CA ILE X 183 36.53 80.36 52.64
C ILE X 183 35.19 80.21 51.92
N LEU X 184 34.19 79.62 52.59
CA LEU X 184 32.85 79.39 51.98
C LEU X 184 32.27 80.72 51.50
N GLY X 185 32.35 81.76 52.33
CA GLY X 185 31.70 83.06 52.07
C GLY X 185 32.28 83.72 50.85
N ALA X 186 33.60 83.91 50.84
CA ALA X 186 34.39 84.45 49.71
C ALA X 186 34.10 83.63 48.44
N LYS X 187 34.10 82.30 48.55
CA LYS X 187 33.86 81.38 47.42
C LYS X 187 32.52 81.75 46.75
N ARG X 188 31.47 81.90 47.56
CA ARG X 188 30.08 82.19 47.11
C ARG X 188 29.89 83.67 46.77
N ALA X 189 30.87 84.52 47.11
CA ALA X 189 30.92 85.94 46.66
C ALA X 189 31.67 86.04 45.31
N GLY X 190 32.18 84.93 44.80
CA GLY X 190 32.84 84.87 43.48
C GLY X 190 34.35 85.07 43.55
N LEU X 191 34.95 84.91 44.73
CA LEU X 191 36.40 85.15 44.95
C LEU X 191 37.15 83.83 44.81
N ARG X 192 38.45 83.92 44.53
CA ARG X 192 39.41 82.79 44.65
C ARG X 192 39.76 82.66 46.13
N THR X 193 40.11 81.45 46.58
CA THR X 193 40.26 81.14 48.00
C THR X 193 41.60 80.43 48.24
N ALA X 194 42.29 80.83 49.30
CA ALA X 194 43.49 80.17 49.84
C ALA X 194 43.25 79.88 51.32
N PHE X 195 43.27 78.59 51.70
CA PHE X 195 43.10 78.15 53.10
C PHE X 195 44.47 77.99 53.74
N VAL X 196 44.69 78.67 54.89
CA VAL X 196 45.91 78.51 55.74
C VAL X 196 45.57 77.48 56.82
N ALA X 197 46.06 76.24 56.67
CA ALA X 197 45.77 75.08 57.54
C ALA X 197 46.53 75.21 58.85
N ARG X 198 46.18 76.21 59.67
CA ARG X 198 46.74 76.37 61.03
C ARG X 198 46.16 75.29 61.92
N GLU X 199 46.75 75.10 63.10
CA GLU X 199 46.42 74.03 64.07
C GLU X 199 44.98 74.21 64.57
N GLY X 200 44.18 73.15 64.50
CA GLY X 200 42.80 73.09 65.04
C GLY X 200 41.79 73.79 64.15
N HIS X 201 42.08 73.87 62.84
CA HIS X 201 41.17 74.47 61.82
C HIS X 201 41.03 73.51 60.65
N ALA X 202 39.78 73.23 60.26
CA ALA X 202 39.40 72.30 59.18
C ALA X 202 38.74 73.10 58.06
N ILE X 203 38.79 72.57 56.83
CA ILE X 203 37.98 73.03 55.67
C ILE X 203 36.56 72.48 55.84
N TYR X 204 35.56 73.26 55.41
CA TYR X 204 34.12 72.90 55.46
C TYR X 204 33.83 71.90 54.33
N PRO X 205 33.53 70.61 54.65
CA PRO X 205 33.38 69.58 53.62
C PRO X 205 32.23 69.83 52.62
N LEU X 206 31.21 70.62 52.99
CA LEU X 206 30.03 70.89 52.14
C LEU X 206 30.33 72.07 51.21
N ASP X 207 31.00 71.78 50.10
CA ASP X 207 31.28 72.75 49.02
C ASP X 207 32.14 73.91 49.53
N GLY X 208 33.04 73.68 50.49
CA GLY X 208 33.92 74.70 51.08
C GLY X 208 35.39 74.50 50.75
N THR X 209 35.70 73.65 49.75
CA THR X 209 37.08 73.33 49.30
C THR X 209 37.65 74.58 48.63
N PRO X 210 38.79 75.11 49.09
CA PRO X 210 39.36 76.33 48.51
C PRO X 210 40.18 76.01 47.26
N GLU X 211 40.62 77.03 46.54
CA GLU X 211 41.45 76.87 45.32
C GLU X 211 42.83 76.30 45.69
N LEU X 212 43.47 76.82 46.73
CA LEU X 212 44.73 76.22 47.24
C LEU X 212 44.74 76.14 48.77
N GLU X 213 45.52 75.18 49.27
CA GLU X 213 45.66 74.81 50.70
C GLU X 213 47.16 74.85 51.04
N ALA X 214 47.54 75.58 52.09
CA ALA X 214 48.93 75.68 52.59
C ALA X 214 48.93 75.66 54.12
N LYS X 215 50.08 75.41 54.74
CA LYS X 215 50.23 75.31 56.21
C LYS X 215 50.38 76.70 56.83
N THR X 216 50.93 77.64 56.05
CA THR X 216 51.35 79.00 56.51
C THR X 216 51.05 80.01 55.41
N VAL X 217 51.04 81.29 55.77
CA VAL X 217 50.83 82.43 54.83
C VAL X 217 52.03 82.47 53.89
N LEU X 218 53.22 82.15 54.44
CA LEU X 218 54.50 82.07 53.70
C LEU X 218 54.37 81.06 52.57
N GLU X 219 53.84 79.86 52.87
CA GLU X 219 53.59 78.78 51.89
C GLU X 219 52.57 79.23 50.83
N VAL X 220 51.56 80.01 51.21
CA VAL X 220 50.56 80.57 50.25
C VAL X 220 51.27 81.54 49.30
N ALA X 221 52.11 82.42 49.83
CA ALA X 221 52.94 83.38 49.05
C ALA X 221 53.80 82.61 48.03
N ARG X 222 54.44 81.52 48.47
CA ARG X 222 55.32 80.65 47.64
C ARG X 222 54.50 79.98 46.52
N THR X 223 53.33 79.43 46.84
CA THR X 223 52.45 78.72 45.87
C THR X 223 51.99 79.69 44.77
N LEU X 224 51.75 80.95 45.12
CA LEU X 224 51.22 81.96 44.16
C LEU X 224 52.33 82.40 43.20
N LEU X 225 53.61 82.28 43.61
CA LEU X 225 54.79 82.73 42.83
C LEU X 225 55.52 81.51 42.23
N VAL Y 5 51.23 125.82 54.94
CA VAL Y 5 50.30 124.77 55.46
C VAL Y 5 50.95 123.40 55.36
N LYS Y 6 50.75 122.56 56.36
CA LYS Y 6 51.15 121.14 56.29
C LYS Y 6 50.32 120.43 55.23
N LYS Y 7 50.96 119.61 54.41
CA LYS Y 7 50.22 118.90 53.37
C LYS Y 7 49.65 117.64 53.99
N PRO Y 8 48.38 117.31 53.65
CA PRO Y 8 47.68 116.18 54.23
C PRO Y 8 48.22 114.86 53.67
N GLU Y 9 48.03 113.81 54.46
CA GLU Y 9 48.49 112.42 54.20
C GLU Y 9 47.47 111.77 53.25
N LEU Y 10 46.20 112.16 53.37
CA LEU Y 10 45.05 111.56 52.64
C LEU Y 10 44.07 112.66 52.24
N LEU Y 11 43.63 112.64 50.99
CA LEU Y 11 42.57 113.54 50.48
C LEU Y 11 41.34 112.71 50.11
N ILE Y 12 40.19 113.10 50.66
CA ILE Y 12 38.87 112.49 50.36
C ILE Y 12 38.12 113.50 49.49
N PHE Y 13 37.68 113.03 48.31
CA PHE Y 13 36.95 113.84 47.29
C PHE Y 13 35.49 113.38 47.22
N ASP Y 14 34.56 114.31 47.44
CA ASP Y 14 33.16 114.17 46.97
C ASP Y 14 33.22 114.02 45.45
N VAL Y 15 32.33 113.22 44.87
CA VAL Y 15 32.37 112.81 43.44
C VAL Y 15 31.40 113.67 42.61
N ASN Y 16 30.10 113.60 42.90
CA ASN Y 16 29.05 114.34 42.15
C ASN Y 16 29.22 115.84 42.38
N GLU Y 17 29.51 116.63 41.36
CA GLU Y 17 29.61 118.11 41.45
C GLU Y 17 31.08 118.50 41.66
N THR Y 18 31.69 117.98 42.73
CA THR Y 18 33.10 118.28 43.12
C THR Y 18 34.03 117.85 42.00
N LEU Y 19 33.88 116.63 41.47
CA LEU Y 19 34.73 116.07 40.39
C LEU Y 19 33.96 115.97 39.07
N LEU Y 20 32.69 115.54 39.08
CA LEU Y 20 31.90 115.30 37.85
C LEU Y 20 31.04 116.53 37.54
N ASP Y 21 30.99 116.91 36.26
CA ASP Y 21 30.11 117.98 35.73
C ASP Y 21 28.70 117.41 35.63
N MET Y 22 27.74 118.00 36.35
CA MET Y 22 26.32 117.55 36.41
C MET Y 22 25.55 118.11 35.20
N GLY Y 23 26.25 118.76 34.27
CA GLY Y 23 25.68 119.42 33.08
C GLY Y 23 24.70 118.52 32.33
N PRO Y 24 25.17 117.35 31.82
CA PRO Y 24 24.30 116.42 31.10
C PRO Y 24 22.96 116.14 31.82
N LEU Y 25 23.02 115.84 33.12
CA LEU Y 25 21.82 115.49 33.95
C LEU Y 25 21.01 116.76 34.21
N GLU Y 26 21.70 117.86 34.51
CA GLU Y 26 21.06 119.16 34.87
C GLU Y 26 20.23 119.65 33.66
N ASN Y 27 20.81 119.60 32.46
CA ASN Y 27 20.17 120.05 31.20
C ASN Y 27 18.96 119.15 30.93
N ALA Y 28 19.17 117.82 30.94
CA ALA Y 28 18.13 116.80 30.70
C ALA Y 28 16.87 117.09 31.55
N ILE Y 29 17.05 117.39 32.84
CA ILE Y 29 15.92 117.61 33.80
C ILE Y 29 15.29 118.98 33.54
N ASN Y 30 16.11 120.01 33.36
CA ASN Y 30 15.65 121.43 33.20
C ASN Y 30 14.85 121.56 31.91
N GLU Y 31 15.34 120.95 30.83
CA GLU Y 31 14.61 120.90 29.53
C GLU Y 31 13.26 120.18 29.68
N SER Y 32 13.27 118.95 30.22
CA SER Y 32 12.09 118.07 30.35
C SER Y 32 11.00 118.72 31.22
N LEU Y 33 11.38 119.46 32.27
CA LEU Y 33 10.42 120.08 33.22
C LEU Y 33 10.24 121.57 32.91
N ASN Y 34 11.02 122.11 31.96
CA ASN Y 34 10.78 123.43 31.33
C ASN Y 34 11.02 124.52 32.39
N SER Y 35 12.16 124.44 33.08
CA SER Y 35 12.56 125.37 34.16
C SER Y 35 14.05 125.15 34.47
N GLU Y 36 14.81 126.22 34.69
CA GLU Y 36 16.26 126.12 35.03
C GLU Y 36 16.42 125.74 36.50
N HIS Y 37 15.35 125.84 37.29
CA HIS Y 37 15.36 125.57 38.76
C HIS Y 37 14.97 124.12 39.05
N ALA Y 38 14.59 123.33 38.04
CA ALA Y 38 14.02 121.97 38.21
C ALA Y 38 15.09 121.04 38.82
N PHE Y 39 16.29 121.03 38.26
CA PHE Y 39 17.42 120.19 38.74
C PHE Y 39 17.73 120.48 40.20
N SER Y 40 17.87 121.76 40.56
CA SER Y 40 18.18 122.20 41.95
C SER Y 40 17.12 121.68 42.92
N LEU Y 41 15.83 121.88 42.63
CA LEU Y 41 14.73 121.45 43.54
C LEU Y 41 14.68 119.92 43.61
N TRP Y 42 14.90 119.23 42.49
CA TRP Y 42 14.92 117.75 42.47
C TRP Y 42 16.09 117.25 43.32
N PHE Y 43 17.32 117.64 42.98
CA PHE Y 43 18.57 117.14 43.62
C PHE Y 43 18.51 117.40 45.14
N ARG Y 44 18.02 118.56 45.56
CA ARG Y 44 17.87 118.91 47.00
C ARG Y 44 16.83 117.98 47.62
N THR Y 45 15.79 117.60 46.89
CA THR Y 45 14.73 116.66 47.38
C THR Y 45 15.32 115.24 47.48
N LEU Y 46 16.14 114.85 46.52
CA LEU Y 46 16.91 113.57 46.56
C LEU Y 46 17.77 113.55 47.84
N LEU Y 47 18.52 114.61 48.11
CA LEU Y 47 19.44 114.69 49.27
C LEU Y 47 18.63 114.65 50.56
N HIS Y 48 17.53 115.39 50.63
CA HIS Y 48 16.67 115.46 51.83
C HIS Y 48 16.16 114.05 52.14
N TYR Y 49 15.65 113.35 51.13
CA TYR Y 49 14.97 112.05 51.33
C TYR Y 49 16.03 111.00 51.62
N SER Y 50 17.26 111.21 51.15
CA SER Y 50 18.41 110.30 51.41
C SER Y 50 18.70 110.29 52.92
N LEU Y 51 18.76 111.48 53.53
CA LEU Y 51 18.97 111.63 55.00
C LEU Y 51 17.72 111.20 55.77
N THR Y 52 16.53 111.32 55.18
CA THR Y 52 15.25 110.83 55.76
C THR Y 52 15.27 109.29 55.85
N GLU Y 53 15.79 108.60 54.85
CA GLU Y 53 15.94 107.12 54.89
C GLU Y 53 16.82 106.73 56.09
N THR Y 54 18.01 107.34 56.20
CA THR Y 54 19.01 107.04 57.26
C THR Y 54 18.37 107.25 58.63
N LEU Y 55 17.71 108.41 58.85
CA LEU Y 55 17.19 108.81 60.18
C LEU Y 55 15.96 107.98 60.58
N THR Y 56 15.40 107.21 59.65
CA THR Y 56 14.26 106.29 59.90
C THR Y 56 14.74 104.83 59.87
N GLY Y 57 16.05 104.60 59.84
CA GLY Y 57 16.67 103.28 60.05
C GLY Y 57 16.61 102.42 58.80
N ASN Y 58 16.68 103.04 57.62
CA ASN Y 58 16.57 102.34 56.32
C ASN Y 58 17.69 102.80 55.38
N TYR Y 59 18.10 101.94 54.44
CA TYR Y 59 18.97 102.31 53.30
C TYR Y 59 18.25 102.01 51.99
N VAL Y 60 18.26 102.96 51.07
CA VAL Y 60 17.76 102.77 49.68
C VAL Y 60 18.86 103.26 48.74
N ASP Y 61 19.12 102.49 47.69
CA ASP Y 61 20.03 102.84 46.56
C ASP Y 61 19.78 104.30 46.13
N PHE Y 62 20.85 105.08 45.94
CA PHE Y 62 20.80 106.54 45.59
C PHE Y 62 20.03 106.73 44.28
N GLY Y 63 20.30 105.90 43.27
CA GLY Y 63 19.58 105.84 41.98
C GLY Y 63 18.07 105.76 42.15
N THR Y 64 17.59 104.85 43.01
CA THR Y 64 16.14 104.56 43.27
C THR Y 64 15.44 105.77 43.91
N ILE Y 65 16.07 106.41 44.90
CA ILE Y 65 15.55 107.66 45.54
C ILE Y 65 15.48 108.76 44.47
N GLY Y 66 16.53 108.85 43.63
CA GLY Y 66 16.59 109.77 42.48
C GLY Y 66 15.32 109.70 41.65
N LYS Y 67 14.95 108.49 41.21
CA LYS Y 67 13.74 108.27 40.38
C LYS Y 67 12.46 108.64 41.13
N ALA Y 68 12.32 108.21 42.39
CA ALA Y 68 11.12 108.45 43.21
C ALA Y 68 10.94 109.95 43.44
N THR Y 69 12.04 110.67 43.69
CA THR Y 69 12.06 112.13 43.95
C THR Y 69 11.85 112.90 42.64
N LEU Y 70 12.28 112.35 41.51
CA LEU Y 70 12.03 112.96 40.17
C LEU Y 70 10.52 112.92 39.88
N LYS Y 71 9.86 111.77 40.11
CA LYS Y 71 8.39 111.62 39.92
C LYS Y 71 7.66 112.64 40.80
N MET Y 72 8.17 112.89 42.00
CA MET Y 72 7.54 113.83 42.96
C MET Y 72 7.74 115.26 42.46
N THR Y 73 8.94 115.54 41.92
CA THR Y 73 9.38 116.89 41.47
C THR Y 73 8.66 117.24 40.15
N MET Y 74 8.54 116.32 39.20
CA MET Y 74 7.93 116.58 37.86
C MET Y 74 6.46 116.99 38.04
N ARG Y 75 5.78 116.46 39.06
CA ARG Y 75 4.37 116.79 39.40
C ARG Y 75 4.27 118.30 39.73
N LYS Y 76 5.27 118.84 40.42
CA LYS Y 76 5.31 120.26 40.87
C LYS Y 76 5.44 121.22 39.69
N PHE Y 77 6.02 120.75 38.59
CA PHE Y 77 6.21 121.52 37.33
C PHE Y 77 5.10 121.14 36.33
N GLY Y 78 4.07 120.44 36.83
CA GLY Y 78 2.84 120.01 36.14
C GLY Y 78 3.10 119.07 34.97
N LYS Y 79 4.32 118.56 34.84
CA LYS Y 79 4.68 117.53 33.83
C LYS Y 79 4.34 116.16 34.40
N ASN Y 80 4.27 115.15 33.53
CA ASN Y 80 4.01 113.75 33.91
C ASN Y 80 4.72 112.87 32.88
N LEU Y 81 6.02 112.65 33.09
CA LEU Y 81 6.91 111.93 32.15
C LEU Y 81 6.64 110.43 32.23
N SER Y 82 6.88 109.72 31.13
CA SER Y 82 6.76 108.24 31.07
C SER Y 82 7.98 107.61 31.74
N GLU Y 83 7.85 106.37 32.18
CA GLU Y 83 8.96 105.58 32.79
C GLU Y 83 10.16 105.55 31.84
N ASP Y 84 9.90 105.38 30.54
CA ASP Y 84 10.95 105.30 29.48
C ASP Y 84 11.79 106.58 29.52
N ARG Y 85 11.14 107.72 29.69
CA ARG Y 85 11.80 109.05 29.65
C ARG Y 85 12.57 109.31 30.94
N LEU Y 86 11.96 109.01 32.09
CA LEU Y 86 12.59 109.14 33.42
C LEU Y 86 13.94 108.40 33.40
N ASP Y 87 13.95 107.16 32.87
CA ASP Y 87 15.16 106.29 32.82
C ASP Y 87 16.21 106.91 31.89
N ALA Y 88 15.80 107.48 30.76
CA ALA Y 88 16.67 108.14 29.76
C ALA Y 88 17.35 109.36 30.41
N ILE Y 89 16.57 110.15 31.15
CA ILE Y 89 17.03 111.37 31.89
C ILE Y 89 18.02 110.97 32.98
N LEU Y 90 17.65 110.00 33.84
CA LEU Y 90 18.49 109.55 34.98
C LEU Y 90 19.72 108.79 34.48
N GLY Y 91 19.66 108.21 33.27
CA GLY Y 91 20.78 107.50 32.64
C GLY Y 91 22.03 108.37 32.53
N ASN Y 92 21.83 109.70 32.51
CA ASN Y 92 22.90 110.71 32.37
C ASN Y 92 23.87 110.65 33.56
N ILE Y 93 23.44 110.10 34.71
CA ILE Y 93 24.27 110.06 35.95
C ILE Y 93 25.47 109.13 35.71
N LYS Y 94 25.38 108.18 34.78
CA LYS Y 94 26.46 107.22 34.47
C LYS Y 94 27.45 107.84 33.47
N LYS Y 95 27.05 108.89 32.76
CA LYS Y 95 27.83 109.50 31.64
C LYS Y 95 28.12 110.97 31.96
N LEU Y 96 28.60 111.26 33.17
CA LEU Y 96 29.00 112.63 33.57
C LEU Y 96 30.49 112.78 33.32
N PRO Y 97 30.91 113.78 32.53
CA PRO Y 97 32.33 114.02 32.28
C PRO Y 97 32.93 114.77 33.48
N ALA Y 98 34.22 114.54 33.74
CA ALA Y 98 34.99 115.28 34.75
C ALA Y 98 35.00 116.77 34.37
N HIS Y 99 34.97 117.67 35.35
CA HIS Y 99 35.30 119.11 35.17
C HIS Y 99 36.71 119.18 34.57
N GLU Y 100 37.04 120.20 33.75
CA GLU Y 100 38.30 120.15 32.95
C GLU Y 100 39.50 120.65 33.78
N ASP Y 101 39.39 120.63 35.14
CA ASP Y 101 40.49 121.05 36.05
C ASP Y 101 40.91 119.87 36.92
N VAL Y 102 40.02 118.90 37.14
CA VAL Y 102 40.25 117.79 38.11
C VAL Y 102 41.47 116.97 37.68
N LYS Y 103 41.51 116.50 36.42
CA LYS Y 103 42.54 115.53 35.97
C LYS Y 103 43.93 116.13 36.24
N GLU Y 104 44.13 117.41 35.93
CA GLU Y 104 45.39 118.13 36.25
C GLU Y 104 45.64 118.08 37.75
N GLY Y 105 44.66 118.55 38.53
CA GLY Y 105 44.73 118.65 40.00
C GLY Y 105 45.10 117.32 40.63
N LEU Y 106 44.39 116.25 40.27
CA LEU Y 106 44.58 114.89 40.84
C LEU Y 106 45.99 114.40 40.52
N LYS Y 107 46.48 114.70 39.31
CA LYS Y 107 47.82 114.27 38.82
C LYS Y 107 48.90 114.90 39.70
N MET Y 108 48.85 116.23 39.89
CA MET Y 108 49.80 116.95 40.78
C MET Y 108 49.84 116.27 42.15
N LEU Y 109 48.65 116.05 42.73
CA LEU Y 109 48.48 115.52 44.11
C LEU Y 109 49.02 114.09 44.20
N LYS Y 110 48.73 113.25 43.19
CA LYS Y 110 49.18 111.84 43.18
C LYS Y 110 50.70 111.81 43.07
N GLU Y 111 51.27 112.73 42.28
CA GLU Y 111 52.74 112.87 42.08
C GLU Y 111 53.41 113.30 43.38
N ALA Y 112 52.73 114.11 44.20
CA ALA Y 112 53.22 114.62 45.50
C ALA Y 112 53.10 113.54 46.58
N GLN Y 113 52.70 112.32 46.18
CA GLN Y 113 52.61 111.11 47.04
C GLN Y 113 51.63 111.34 48.18
N ILE Y 114 50.49 111.93 47.84
CA ILE Y 114 49.29 112.05 48.71
C ILE Y 114 48.30 110.97 48.27
N LYS Y 115 47.86 110.14 49.22
CA LYS Y 115 46.81 109.12 49.03
C LYS Y 115 45.51 109.86 48.70
N LEU Y 116 44.87 109.48 47.58
CA LEU Y 116 43.61 110.09 47.10
C LEU Y 116 42.52 109.02 47.08
N VAL Y 117 41.41 109.27 47.75
CA VAL Y 117 40.23 108.34 47.78
C VAL Y 117 39.00 109.17 47.49
N ALA Y 118 37.97 108.53 46.92
CA ALA Y 118 36.66 109.14 46.65
C ALA Y 118 35.63 108.65 47.66
N LEU Y 119 34.64 109.47 47.99
CA LEU Y 119 33.52 109.12 48.89
C LEU Y 119 32.23 109.72 48.34
N SER Y 120 31.36 108.89 47.77
CA SER Y 120 30.08 109.30 47.15
C SER Y 120 28.92 108.65 47.88
N ASN Y 121 27.74 109.24 47.77
CA ASN Y 121 26.46 108.62 48.22
C ASN Y 121 26.01 107.58 47.18
N SER Y 122 26.57 107.61 45.96
CA SER Y 122 26.29 106.63 44.88
C SER Y 122 26.68 105.23 45.38
N ASN Y 123 25.96 104.18 44.95
CA ASN Y 123 26.28 102.77 45.29
C ASN Y 123 27.58 102.38 44.57
N GLY Y 124 28.23 101.30 45.00
CA GLY Y 124 29.55 100.87 44.53
C GLY Y 124 29.62 100.67 43.02
N LYS Y 125 28.62 100.01 42.42
CA LYS Y 125 28.56 99.75 40.97
C LYS Y 125 28.46 101.07 40.20
N LEU Y 126 27.49 101.92 40.57
CA LEU Y 126 27.27 103.24 39.94
C LEU Y 126 28.54 104.09 40.07
N LEU Y 127 29.14 104.14 41.26
CA LEU Y 127 30.36 104.96 41.54
C LEU Y 127 31.48 104.52 40.61
N ASN Y 128 31.71 103.22 40.48
CA ASN Y 128 32.75 102.61 39.62
C ASN Y 128 32.49 103.01 38.16
N ALA Y 129 31.23 102.96 37.70
CA ALA Y 129 30.81 103.29 36.32
C ALA Y 129 31.02 104.77 36.02
N GLN Y 130 30.71 105.66 36.97
CA GLN Y 130 30.84 107.14 36.83
C GLN Y 130 32.31 107.51 36.60
N LEU Y 131 33.22 106.95 37.40
CA LEU Y 131 34.66 107.33 37.43
C LEU Y 131 35.44 106.62 36.31
N GLN Y 132 34.92 105.50 35.80
CA GLN Y 132 35.47 104.80 34.60
C GLN Y 132 35.14 105.64 33.37
N PHE Y 133 33.91 106.18 33.32
CA PHE Y 133 33.38 107.00 32.21
C PHE Y 133 34.11 108.34 32.13
N ALA Y 134 34.38 108.97 33.28
CA ALA Y 134 35.12 110.25 33.39
C ALA Y 134 36.64 110.01 33.28
N GLY Y 135 37.08 108.75 33.30
CA GLY Y 135 38.52 108.38 33.32
C GLY Y 135 39.24 108.94 34.54
N LEU Y 136 38.66 108.77 35.74
CA LEU Y 136 39.22 109.25 37.04
C LEU Y 136 39.51 108.08 37.98
N ALA Y 137 39.06 106.86 37.66
CA ALA Y 137 39.18 105.68 38.55
C ALA Y 137 40.64 105.51 38.98
N ASP Y 138 41.59 105.60 38.04
CA ASP Y 138 43.01 105.19 38.25
C ASP Y 138 43.76 106.20 39.12
N TYR Y 139 43.19 107.39 39.39
CA TYR Y 139 43.82 108.44 40.23
C TYR Y 139 43.69 108.11 41.72
N PHE Y 140 42.69 107.29 42.09
CA PHE Y 140 42.32 106.98 43.49
C PHE Y 140 42.85 105.59 43.89
N ASP Y 141 43.44 105.49 45.09
CA ASP Y 141 43.93 104.22 45.68
C ASP Y 141 42.73 103.36 46.07
N ALA Y 142 41.62 104.02 46.47
CA ALA Y 142 40.33 103.37 46.79
C ALA Y 142 39.17 104.33 46.50
N ILE Y 143 37.98 103.77 46.25
CA ILE Y 143 36.71 104.54 46.10
C ILE Y 143 35.63 103.96 47.03
N PHE Y 144 35.15 104.81 47.94
CA PHE Y 144 34.22 104.45 49.03
C PHE Y 144 32.80 104.85 48.61
N SER Y 145 31.91 103.86 48.61
CA SER Y 145 30.45 104.03 48.49
C SER Y 145 29.83 104.07 49.89
N VAL Y 146 28.58 104.56 50.00
CA VAL Y 146 27.80 104.52 51.27
C VAL Y 146 27.37 103.07 51.55
N GLU Y 147 27.38 102.21 50.54
CA GLU Y 147 27.22 100.73 50.71
C GLU Y 147 28.40 100.19 51.53
N ALA Y 148 29.59 100.74 51.32
CA ALA Y 148 30.86 100.42 52.05
C ALA Y 148 30.98 101.14 53.40
N VAL Y 149 29.99 101.95 53.82
CA VAL Y 149 29.88 102.55 55.20
C VAL Y 149 28.44 102.45 55.78
N GLY Y 150 27.45 101.91 55.05
CA GLY Y 150 26.08 101.65 55.57
C GLY Y 150 25.15 102.86 55.51
N ARG Y 151 25.68 104.06 55.82
CA ARG Y 151 24.90 105.31 56.01
C ARG Y 151 25.46 106.47 55.18
N TYR Y 152 24.54 107.33 54.73
CA TYR Y 152 24.76 108.48 53.83
C TYR Y 152 25.60 109.56 54.52
N LYS Y 153 26.42 110.26 53.72
CA LYS Y 153 27.00 111.57 54.09
C LYS Y 153 25.87 112.57 54.23
N PRO Y 154 25.97 113.55 55.17
CA PRO Y 154 27.19 113.80 55.93
C PRO Y 154 27.24 113.20 57.35
N GLU Y 155 26.81 111.95 57.52
CA GLU Y 155 26.92 111.30 58.84
C GLU Y 155 28.41 111.07 59.16
N LEU Y 156 28.81 111.41 60.39
CA LEU Y 156 30.24 111.44 60.82
C LEU Y 156 30.87 110.07 60.59
N ALA Y 157 30.11 108.99 60.76
CA ALA Y 157 30.59 107.59 60.68
C ALA Y 157 31.07 107.28 59.26
N SER Y 158 30.57 107.99 58.24
CA SER Y 158 30.94 107.77 56.83
C SER Y 158 32.42 108.16 56.64
N TYR Y 159 32.80 109.34 57.12
CA TYR Y 159 34.18 109.89 57.03
C TYR Y 159 35.11 109.01 57.87
N ARG Y 160 34.68 108.66 59.08
CA ARG Y 160 35.51 107.90 60.05
C ARG Y 160 35.83 106.51 59.51
N ALA Y 161 34.94 105.91 58.73
CA ALA Y 161 35.14 104.57 58.15
C ALA Y 161 36.32 104.66 57.17
N VAL Y 162 36.43 105.74 56.41
CA VAL Y 162 37.52 105.99 55.43
C VAL Y 162 38.84 106.17 56.20
N LEU Y 163 38.84 106.99 57.25
CA LEU Y 163 40.04 107.25 58.09
C LEU Y 163 40.63 105.92 58.57
N GLU Y 164 39.81 105.08 59.22
CA GLU Y 164 40.23 103.82 59.87
C GLU Y 164 40.67 102.80 58.81
N THR Y 165 40.05 102.84 57.63
CA THR Y 165 40.33 101.89 56.52
C THR Y 165 41.68 102.24 55.91
N MET Y 166 41.95 103.54 55.70
CA MET Y 166 43.18 104.05 55.05
C MET Y 166 44.30 104.22 56.08
N LYS Y 167 44.00 103.99 57.36
CA LYS Y 167 44.97 103.99 58.49
C LYS Y 167 45.58 105.38 58.64
N VAL Y 168 44.81 106.42 58.32
CA VAL Y 168 45.25 107.84 58.43
C VAL Y 168 44.41 108.51 59.50
N PRO Y 169 45.04 109.23 60.45
CA PRO Y 169 44.31 110.04 61.42
C PRO Y 169 43.45 111.14 60.77
N ALA Y 170 42.41 111.58 61.47
CA ALA Y 170 41.47 112.64 61.05
C ALA Y 170 42.23 113.94 60.72
N GLU Y 171 43.12 114.38 61.63
CA GLU Y 171 43.88 115.66 61.54
C GLU Y 171 44.81 115.68 60.31
N ASN Y 172 45.24 114.50 59.82
CA ASN Y 172 46.11 114.36 58.63
C ASN Y 172 45.28 114.12 57.37
N THR Y 173 43.96 114.25 57.46
CA THR Y 173 43.06 114.01 56.31
C THR Y 173 42.32 115.31 55.99
N MET Y 174 42.18 115.60 54.70
CA MET Y 174 41.45 116.78 54.21
C MET Y 174 40.33 116.32 53.27
N MET Y 175 39.11 116.81 53.53
CA MET Y 175 37.90 116.55 52.72
C MET Y 175 37.80 117.63 51.64
N VAL Y 176 37.69 117.21 50.37
CA VAL Y 176 37.51 118.10 49.19
C VAL Y 176 36.09 117.93 48.65
N ALA Y 177 35.23 118.93 48.81
CA ALA Y 177 33.81 118.88 48.38
C ALA Y 177 33.29 120.25 47.94
N ALA Y 178 32.36 120.25 46.98
CA ALA Y 178 31.66 121.44 46.45
C ALA Y 178 30.32 121.65 47.16
N ASN Y 179 30.02 120.88 48.22
CA ASN Y 179 28.77 121.01 49.00
C ASN Y 179 29.12 121.46 50.42
N GLY Y 180 28.36 122.40 50.95
CA GLY Y 180 28.60 122.99 52.28
C GLY Y 180 28.30 121.99 53.39
N TRP Y 181 27.33 121.10 53.16
CA TRP Y 181 26.89 120.08 54.14
C TRP Y 181 28.00 119.04 54.28
N ASP Y 182 28.65 118.70 53.17
CA ASP Y 182 29.78 117.74 53.12
C ASP Y 182 31.00 118.34 53.83
N ILE Y 183 31.20 119.65 53.72
CA ILE Y 183 32.25 120.42 54.46
C ILE Y 183 31.91 120.37 55.95
N LEU Y 184 30.64 120.57 56.30
CA LEU Y 184 30.19 120.65 57.71
C LEU Y 184 30.40 119.29 58.37
N GLY Y 185 30.03 118.21 57.66
CA GLY Y 185 30.18 116.81 58.12
C GLY Y 185 31.63 116.49 58.44
N ALA Y 186 32.51 116.60 57.44
CA ALA Y 186 33.95 116.26 57.57
C ALA Y 186 34.57 117.08 58.70
N LYS Y 187 34.28 118.37 58.74
CA LYS Y 187 34.77 119.32 59.78
C LYS Y 187 34.47 118.74 61.16
N ARG Y 188 33.23 118.27 61.39
CA ARG Y 188 32.74 117.81 62.73
C ARG Y 188 33.23 116.38 63.02
N ALA Y 189 33.73 115.67 62.01
CA ALA Y 189 34.40 114.35 62.13
C ALA Y 189 35.90 114.56 62.35
N GLY Y 190 36.36 115.82 62.50
CA GLY Y 190 37.75 116.19 62.85
C GLY Y 190 38.65 116.35 61.64
N LEU Y 191 38.09 116.29 60.42
CA LEU Y 191 38.89 116.36 59.16
C LEU Y 191 39.18 117.83 58.83
N ARG Y 192 40.28 118.05 58.10
CA ARG Y 192 40.56 119.32 57.41
C ARG Y 192 39.66 119.38 56.18
N THR Y 193 39.24 120.58 55.78
CA THR Y 193 38.22 120.81 54.73
C THR Y 193 38.74 121.79 53.68
N ALA Y 194 38.57 121.44 52.41
CA ALA Y 194 38.77 122.34 51.23
C ALA Y 194 37.45 122.40 50.46
N PHE Y 195 36.84 123.59 50.38
CA PHE Y 195 35.59 123.84 49.62
C PHE Y 195 35.93 124.29 48.19
N VAL Y 196 35.45 123.55 47.19
CA VAL Y 196 35.56 123.94 45.75
C VAL Y 196 34.31 124.76 45.40
N ALA Y 197 34.46 126.08 45.25
CA ALA Y 197 33.37 127.07 45.01
C ALA Y 197 32.94 127.01 43.53
N ARG Y 198 32.36 125.88 43.14
CA ARG Y 198 31.72 125.69 41.81
C ARG Y 198 30.43 126.49 41.76
N GLU Y 199 29.96 126.80 40.55
CA GLU Y 199 28.76 127.65 40.36
C GLU Y 199 27.56 127.07 41.10
N GLY Y 200 26.79 127.96 41.73
CA GLY Y 200 25.47 127.64 42.32
C GLY Y 200 25.61 126.87 43.61
N HIS Y 201 26.81 126.86 44.20
CA HIS Y 201 27.11 126.18 45.49
C HIS Y 201 27.66 127.18 46.51
N ALA Y 202 27.04 127.25 47.69
CA ALA Y 202 27.38 128.18 48.79
C ALA Y 202 27.97 127.40 49.96
N ILE Y 203 28.71 128.11 50.82
CA ILE Y 203 29.17 127.59 52.13
C ILE Y 203 27.99 127.72 53.10
N TYR Y 204 27.79 126.72 53.95
CA TYR Y 204 26.81 126.80 55.05
C TYR Y 204 27.28 127.86 56.05
N PRO Y 205 26.53 128.95 56.26
CA PRO Y 205 26.96 130.03 57.16
C PRO Y 205 27.08 129.67 58.65
N LEU Y 206 26.41 128.61 59.13
CA LEU Y 206 26.40 128.21 60.57
C LEU Y 206 27.55 127.22 60.83
N ASP Y 207 28.75 127.77 61.03
CA ASP Y 207 29.98 127.06 61.46
C ASP Y 207 30.40 126.06 60.37
N GLY Y 208 30.15 126.40 59.10
CA GLY Y 208 30.45 125.54 57.94
C GLY Y 208 31.61 126.04 57.10
N THR Y 209 32.37 127.03 57.60
CA THR Y 209 33.56 127.62 56.91
C THR Y 209 34.65 126.56 56.83
N PRO Y 210 35.20 126.30 55.64
CA PRO Y 210 36.29 125.34 55.49
C PRO Y 210 37.65 125.93 55.87
N GLU Y 211 38.70 125.09 55.90
CA GLU Y 211 40.11 125.53 56.07
C GLU Y 211 40.58 126.24 54.79
N LEU Y 212 40.35 125.64 53.62
CA LEU Y 212 40.69 126.24 52.30
C LEU Y 212 39.42 126.51 51.51
N GLU Y 213 39.50 127.46 50.58
CA GLU Y 213 38.46 127.79 49.58
C GLU Y 213 39.17 128.08 48.26
N ALA Y 214 38.75 127.42 47.18
CA ALA Y 214 39.29 127.60 45.81
C ALA Y 214 38.14 127.41 44.83
N LYS Y 215 38.33 127.76 43.55
CA LYS Y 215 37.25 127.72 42.53
C LYS Y 215 37.27 126.39 41.79
N THR Y 216 38.43 125.75 41.73
CA THR Y 216 38.63 124.47 41.02
C THR Y 216 39.45 123.54 41.90
N VAL Y 217 39.49 122.26 41.53
CA VAL Y 217 40.28 121.20 42.22
C VAL Y 217 41.75 121.50 41.98
N LEU Y 218 42.07 122.00 40.78
CA LEU Y 218 43.44 122.38 40.37
C LEU Y 218 43.99 123.45 41.31
N GLU Y 219 43.19 124.48 41.61
CA GLU Y 219 43.51 125.57 42.58
C GLU Y 219 43.78 124.97 43.97
N VAL Y 220 43.00 123.97 44.37
CA VAL Y 220 43.17 123.27 45.68
C VAL Y 220 44.52 122.56 45.65
N ALA Y 221 44.83 121.86 44.55
CA ALA Y 221 46.11 121.13 44.39
C ALA Y 221 47.28 122.11 44.53
N ARG Y 222 47.20 123.26 43.84
CA ARG Y 222 48.25 124.31 43.84
C ARG Y 222 48.43 124.90 45.25
N THR Y 223 47.33 125.21 45.93
CA THR Y 223 47.32 125.79 47.31
C THR Y 223 48.02 124.85 48.30
N LEU Y 224 47.84 123.53 48.18
CA LEU Y 224 48.42 122.53 49.13
C LEU Y 224 49.91 122.34 48.84
N LEU Y 225 50.32 122.46 47.58
CA LEU Y 225 51.73 122.41 47.11
C LEU Y 225 52.24 123.84 46.91
N VAL Z 5 -12.88 100.96 61.13
CA VAL Z 5 -11.56 101.46 61.57
C VAL Z 5 -11.63 101.80 63.06
N LYS Z 6 -10.67 101.33 63.84
CA LYS Z 6 -10.54 101.69 65.26
C LYS Z 6 -10.14 103.15 65.40
N LYS Z 7 -10.70 103.82 66.40
CA LYS Z 7 -10.34 105.24 66.65
C LYS Z 7 -9.10 105.24 67.52
N PRO Z 8 -8.09 106.05 67.14
CA PRO Z 8 -6.85 106.16 67.90
C PRO Z 8 -7.10 106.92 69.21
N GLU Z 9 -6.31 106.61 70.25
CA GLU Z 9 -6.37 107.28 71.59
C GLU Z 9 -5.65 108.62 71.53
N LEU Z 10 -4.63 108.75 70.67
CA LEU Z 10 -3.82 109.97 70.54
C LEU Z 10 -3.63 110.32 69.07
N LEU Z 11 -3.78 111.60 68.73
CA LEU Z 11 -3.47 112.17 67.39
C LEU Z 11 -2.33 113.18 67.54
N ILE Z 12 -1.23 112.96 66.80
CA ILE Z 12 -0.08 113.89 66.68
C ILE Z 12 -0.19 114.61 65.34
N PHE Z 13 -0.29 115.93 65.37
CA PHE Z 13 -0.40 116.79 64.16
C PHE Z 13 0.93 117.48 63.88
N ASP Z 14 1.47 117.30 62.67
CA ASP Z 14 2.46 118.25 62.08
C ASP Z 14 1.80 119.63 62.08
N VAL Z 15 2.60 120.69 62.14
CA VAL Z 15 2.09 122.09 62.29
C VAL Z 15 2.26 122.83 60.96
N ASN Z 16 3.49 123.12 60.56
CA ASN Z 16 3.78 123.87 59.29
C ASN Z 16 3.18 123.07 58.13
N GLU Z 17 2.30 123.66 57.34
CA GLU Z 17 1.64 123.06 56.14
C GLU Z 17 0.40 122.26 56.55
N THR Z 18 0.55 121.27 57.42
CA THR Z 18 -0.56 120.38 57.85
C THR Z 18 -1.69 121.23 58.47
N LEU Z 19 -1.36 122.14 59.38
CA LEU Z 19 -2.36 123.01 60.08
C LEU Z 19 -2.26 124.46 59.61
N LEU Z 20 -1.04 124.97 59.43
CA LEU Z 20 -0.80 126.41 59.12
C LEU Z 20 -0.67 126.60 57.59
N ASP Z 21 -1.31 127.64 57.06
CA ASP Z 21 -1.21 128.09 55.66
C ASP Z 21 0.12 128.85 55.52
N MET Z 22 1.01 128.35 54.66
CA MET Z 22 2.36 128.89 54.38
C MET Z 22 2.27 130.08 53.42
N GLY Z 23 1.07 130.41 52.94
CA GLY Z 23 0.81 131.49 51.96
C GLY Z 23 1.61 132.76 52.26
N PRO Z 24 1.40 133.41 53.43
CA PRO Z 24 2.10 134.65 53.76
C PRO Z 24 3.63 134.56 53.59
N LEU Z 25 4.23 133.45 54.04
CA LEU Z 25 5.70 133.19 53.95
C LEU Z 25 6.05 132.84 52.50
N GLU Z 26 5.29 131.92 51.88
CA GLU Z 26 5.52 131.45 50.48
C GLU Z 26 5.50 132.67 49.54
N ASN Z 27 4.49 133.53 49.68
CA ASN Z 27 4.32 134.73 48.82
C ASN Z 27 5.50 135.66 49.08
N ALA Z 28 5.84 135.92 50.34
CA ALA Z 28 6.92 136.86 50.73
C ALA Z 28 8.26 136.46 50.10
N ILE Z 29 8.56 135.17 50.00
CA ILE Z 29 9.86 134.66 49.47
C ILE Z 29 9.83 134.66 47.93
N ASN Z 30 8.77 134.08 47.35
CA ASN Z 30 8.59 133.92 45.87
C ASN Z 30 8.66 135.27 45.18
N GLU Z 31 8.19 136.28 45.88
CA GLU Z 31 7.99 137.64 45.35
C GLU Z 31 9.30 138.41 45.48
N SER Z 32 10.05 138.22 46.57
CA SER Z 32 11.38 138.83 46.83
C SER Z 32 12.45 138.25 45.89
N LEU Z 33 12.33 136.98 45.50
CA LEU Z 33 13.35 136.30 44.67
C LEU Z 33 12.87 136.19 43.23
N ASN Z 34 11.60 136.52 42.97
CA ASN Z 34 11.06 136.67 41.59
C ASN Z 34 10.96 135.29 40.93
N SER Z 35 10.40 134.32 41.65
CA SER Z 35 10.17 132.95 41.14
C SER Z 35 9.11 132.28 42.01
N GLU Z 36 8.24 131.49 41.39
CA GLU Z 36 7.17 130.77 42.13
C GLU Z 36 7.76 129.50 42.73
N HIS Z 37 9.02 129.17 42.42
CA HIS Z 37 9.74 127.97 42.91
C HIS Z 37 10.72 128.32 44.05
N ALA Z 38 10.85 129.60 44.41
CA ALA Z 38 11.83 130.09 45.40
C ALA Z 38 11.52 129.51 46.79
N PHE Z 39 10.25 129.45 47.20
CA PHE Z 39 9.82 128.95 48.53
C PHE Z 39 10.05 127.44 48.61
N SER Z 40 9.70 126.69 47.56
CA SER Z 40 9.87 125.22 47.49
C SER Z 40 11.34 124.86 47.64
N LEU Z 41 12.24 125.57 46.96
CA LEU Z 41 13.70 125.26 46.95
C LEU Z 41 14.34 125.67 48.27
N TRP Z 42 13.92 126.79 48.85
CA TRP Z 42 14.42 127.28 50.17
C TRP Z 42 14.00 126.31 51.28
N PHE Z 43 12.69 126.03 51.39
CA PHE Z 43 12.12 125.18 52.47
C PHE Z 43 12.76 123.79 52.43
N ARG Z 44 12.95 123.24 51.23
CA ARG Z 44 13.55 121.90 51.04
C ARG Z 44 15.02 121.95 51.45
N THR Z 45 15.68 123.08 51.24
CA THR Z 45 17.09 123.30 51.69
C THR Z 45 17.10 123.47 53.21
N LEU Z 46 16.13 124.18 53.78
CA LEU Z 46 15.95 124.30 55.24
C LEU Z 46 15.88 122.90 55.86
N LEU Z 47 14.98 122.04 55.36
CA LEU Z 47 14.71 120.68 55.93
C LEU Z 47 15.96 119.81 55.76
N HIS Z 48 16.61 119.89 54.60
CA HIS Z 48 17.85 119.12 54.33
C HIS Z 48 18.89 119.46 55.40
N TYR Z 49 19.12 120.76 55.67
CA TYR Z 49 20.19 121.22 56.58
C TYR Z 49 19.77 120.89 58.02
N SER Z 50 18.46 120.92 58.32
CA SER Z 50 17.95 120.53 59.65
C SER Z 50 18.37 119.08 59.95
N LEU Z 51 18.24 118.18 58.98
CA LEU Z 51 18.62 116.75 59.15
C LEU Z 51 20.15 116.63 59.10
N THR Z 52 20.83 117.50 58.35
CA THR Z 52 22.31 117.57 58.31
C THR Z 52 22.83 117.86 59.72
N GLU Z 53 22.25 118.84 60.41
CA GLU Z 53 22.63 119.23 61.78
C GLU Z 53 22.55 118.00 62.69
N THR Z 54 21.41 117.30 62.68
CA THR Z 54 21.18 116.11 63.53
C THR Z 54 22.26 115.05 63.26
N LEU Z 55 22.47 114.69 61.99
CA LEU Z 55 23.39 113.61 61.59
C LEU Z 55 24.84 114.02 61.81
N THR Z 56 25.13 115.29 62.12
CA THR Z 56 26.50 115.75 62.49
C THR Z 56 26.55 116.07 64.00
N GLY Z 57 25.59 115.57 64.78
CA GLY Z 57 25.58 115.63 66.26
C GLY Z 57 25.43 117.05 66.80
N ASN Z 58 24.56 117.85 66.20
CA ASN Z 58 24.35 119.27 66.59
C ASN Z 58 22.86 119.58 66.53
N TYR Z 59 22.42 120.58 67.28
CA TYR Z 59 21.07 121.17 67.16
C TYR Z 59 21.20 122.67 66.92
N VAL Z 60 20.45 123.19 65.97
CA VAL Z 60 20.32 124.65 65.71
C VAL Z 60 18.82 124.94 65.62
N ASP Z 61 18.39 126.05 66.23
CA ASP Z 61 17.02 126.62 66.19
C ASP Z 61 16.53 126.63 64.74
N PHE Z 62 15.30 126.16 64.48
CA PHE Z 62 14.71 126.01 63.11
C PHE Z 62 14.70 127.37 62.40
N GLY Z 63 14.28 128.43 63.12
CA GLY Z 63 14.31 129.82 62.63
C GLY Z 63 15.68 130.20 62.10
N THR Z 64 16.76 129.87 62.83
CA THR Z 64 18.17 130.25 62.52
C THR Z 64 18.64 129.55 61.24
N ILE Z 65 18.30 128.26 61.08
CA ILE Z 65 18.61 127.49 59.84
C ILE Z 65 17.82 128.12 58.68
N GLY Z 66 16.57 128.53 58.95
CA GLY Z 66 15.74 129.24 57.97
C GLY Z 66 16.48 130.43 57.37
N LYS Z 67 16.94 131.33 58.23
CA LYS Z 67 17.70 132.54 57.84
C LYS Z 67 18.92 132.14 57.00
N ALA Z 68 19.75 131.25 57.55
CA ALA Z 68 21.03 130.83 56.92
C ALA Z 68 20.76 130.31 55.50
N THR Z 69 19.74 129.45 55.34
CA THR Z 69 19.41 128.79 54.05
C THR Z 69 18.73 129.78 53.11
N LEU Z 70 18.01 130.78 53.65
CA LEU Z 70 17.40 131.83 52.81
C LEU Z 70 18.52 132.66 52.16
N LYS Z 71 19.55 133.05 52.92
CA LYS Z 71 20.77 133.72 52.40
C LYS Z 71 21.44 132.85 51.33
N MET Z 72 21.45 131.53 51.51
CA MET Z 72 22.03 130.59 50.52
C MET Z 72 21.13 130.56 49.28
N THR Z 73 19.81 130.53 49.49
CA THR Z 73 18.79 130.40 48.41
C THR Z 73 18.78 131.68 47.56
N MET Z 74 18.79 132.88 48.16
CA MET Z 74 18.61 134.17 47.44
C MET Z 74 19.72 134.36 46.40
N ARG Z 75 20.94 133.86 46.68
CA ARG Z 75 22.14 133.97 45.81
C ARG Z 75 21.95 133.21 44.51
N LYS Z 76 21.16 132.16 44.59
CA LYS Z 76 20.92 131.16 43.54
C LYS Z 76 19.86 131.72 42.58
N PHE Z 77 19.15 132.78 43.00
CA PHE Z 77 18.16 133.55 42.21
C PHE Z 77 18.71 134.94 41.86
N GLY Z 78 20.01 135.15 42.10
CA GLY Z 78 20.76 136.37 41.73
C GLY Z 78 20.40 137.58 42.57
N LYS Z 79 19.71 137.41 43.70
CA LYS Z 79 19.31 138.54 44.59
C LYS Z 79 20.27 138.62 45.78
N ASN Z 80 20.20 139.74 46.50
CA ASN Z 80 21.05 140.02 47.69
C ASN Z 80 20.26 140.92 48.64
N LEU Z 81 19.31 140.33 49.36
CA LEU Z 81 18.40 141.04 50.30
C LEU Z 81 19.20 141.51 51.50
N SER Z 82 18.81 142.65 52.09
CA SER Z 82 19.35 143.21 53.35
C SER Z 82 18.80 142.41 54.54
N GLU Z 83 19.46 142.51 55.69
CA GLU Z 83 19.05 141.83 56.96
C GLU Z 83 17.62 142.21 57.33
N ASP Z 84 17.27 143.50 57.17
CA ASP Z 84 15.92 144.06 57.47
C ASP Z 84 14.86 143.31 56.67
N ARG Z 85 15.16 143.10 55.38
CA ARG Z 85 14.28 142.42 54.39
C ARG Z 85 14.09 140.95 54.78
N LEU Z 86 15.20 140.25 55.05
CA LEU Z 86 15.22 138.82 55.46
C LEU Z 86 14.36 138.64 56.70
N ASP Z 87 14.57 139.46 57.73
CA ASP Z 87 13.86 139.36 59.03
C ASP Z 87 12.36 139.63 58.83
N ALA Z 88 12.00 140.56 57.95
CA ALA Z 88 10.62 140.92 57.61
C ALA Z 88 9.94 139.74 56.92
N ILE Z 89 10.60 139.17 55.90
CA ILE Z 89 10.16 137.94 55.17
C ILE Z 89 9.96 136.79 56.17
N LEU Z 90 10.97 136.49 56.99
CA LEU Z 90 10.95 135.35 57.94
C LEU Z 90 9.96 135.62 59.09
N GLY Z 91 9.68 136.89 59.39
CA GLY Z 91 8.70 137.30 60.41
C GLY Z 91 7.33 136.68 60.18
N ASN Z 92 7.03 136.30 58.92
CA ASN Z 92 5.74 135.71 58.48
C ASN Z 92 5.49 134.35 59.14
N ILE Z 93 6.55 133.62 59.51
CA ILE Z 93 6.45 132.28 60.16
C ILE Z 93 5.53 132.41 61.39
N LYS Z 94 5.56 133.56 62.08
CA LYS Z 94 4.83 133.80 63.35
C LYS Z 94 3.39 134.24 63.10
N LYS Z 95 3.06 134.64 61.86
CA LYS Z 95 1.70 135.10 61.52
C LYS Z 95 1.17 134.28 60.35
N LEU Z 96 1.20 132.95 60.51
CA LEU Z 96 0.53 132.00 59.58
C LEU Z 96 -0.86 131.72 60.12
N PRO Z 97 -1.92 131.98 59.32
CA PRO Z 97 -3.28 131.63 59.71
C PRO Z 97 -3.54 130.14 59.47
N ALA Z 98 -4.41 129.54 60.27
CA ALA Z 98 -4.87 128.15 60.11
C ALA Z 98 -5.57 128.01 58.75
N HIS Z 99 -5.41 126.87 58.08
CA HIS Z 99 -6.29 126.47 56.96
C HIS Z 99 -7.73 126.51 57.48
N GLU Z 100 -8.69 126.77 56.60
CA GLU Z 100 -10.13 126.92 56.96
C GLU Z 100 -10.70 125.66 57.60
N ASP Z 101 -10.20 124.48 57.21
CA ASP Z 101 -10.77 123.16 57.60
C ASP Z 101 -10.36 122.76 59.02
N VAL Z 102 -9.22 123.25 59.53
CA VAL Z 102 -8.56 122.64 60.73
C VAL Z 102 -9.45 122.86 61.96
N LYS Z 103 -9.90 124.08 62.22
CA LYS Z 103 -10.64 124.44 63.46
C LYS Z 103 -11.88 123.54 63.60
N GLU Z 104 -12.54 123.23 62.48
CA GLU Z 104 -13.72 122.34 62.45
C GLU Z 104 -13.30 120.90 62.74
N GLY Z 105 -12.27 120.41 62.03
CA GLY Z 105 -11.69 119.06 62.20
C GLY Z 105 -11.25 118.80 63.63
N LEU Z 106 -10.46 119.71 64.20
CA LEU Z 106 -9.87 119.59 65.57
C LEU Z 106 -11.00 119.56 66.60
N LYS Z 107 -11.99 120.44 66.47
CA LYS Z 107 -13.14 120.55 67.39
C LYS Z 107 -13.90 119.22 67.42
N MET Z 108 -14.14 118.65 66.24
CA MET Z 108 -14.85 117.37 66.04
C MET Z 108 -14.11 116.23 66.75
N LEU Z 109 -12.77 116.22 66.65
CA LEU Z 109 -11.87 115.19 67.23
C LEU Z 109 -11.76 115.38 68.75
N LYS Z 110 -11.68 116.62 69.23
CA LYS Z 110 -11.59 116.94 70.68
C LYS Z 110 -12.91 116.52 71.35
N GLU Z 111 -14.01 116.72 70.64
CA GLU Z 111 -15.39 116.42 71.11
C GLU Z 111 -15.53 114.90 71.27
N ALA Z 112 -14.87 114.13 70.39
CA ALA Z 112 -14.89 112.64 70.39
C ALA Z 112 -13.97 112.09 71.49
N GLN Z 113 -13.40 112.96 72.33
CA GLN Z 113 -12.59 112.58 73.52
C GLN Z 113 -11.30 111.86 73.09
N ILE Z 114 -10.70 112.37 72.01
CA ILE Z 114 -9.37 111.94 71.50
C ILE Z 114 -8.34 112.99 71.95
N LYS Z 115 -7.23 112.54 72.52
CA LYS Z 115 -6.09 113.43 72.88
C LYS Z 115 -5.44 113.95 71.59
N LEU Z 116 -5.29 115.26 71.51
CA LEU Z 116 -4.64 115.94 70.37
C LEU Z 116 -3.39 116.63 70.88
N VAL Z 117 -2.26 116.30 70.25
CA VAL Z 117 -0.95 116.96 70.52
C VAL Z 117 -0.39 117.43 69.17
N ALA Z 118 0.46 118.45 69.23
CA ALA Z 118 1.24 118.96 68.06
C ALA Z 118 2.67 118.46 68.16
N LEU Z 119 3.32 118.27 67.01
CA LEU Z 119 4.76 117.98 66.94
C LEU Z 119 5.33 118.79 65.77
N SER Z 120 6.20 119.75 66.06
CA SER Z 120 6.79 120.69 65.07
C SER Z 120 8.30 120.74 65.22
N ASN Z 121 9.01 121.03 64.13
CA ASN Z 121 10.48 121.25 64.10
C ASN Z 121 10.79 122.66 64.64
N SER Z 122 9.78 123.53 64.70
CA SER Z 122 9.88 124.89 65.29
C SER Z 122 10.22 124.76 66.78
N ASN Z 123 11.04 125.68 67.31
CA ASN Z 123 11.43 125.71 68.75
C ASN Z 123 10.21 126.06 69.60
N GLY Z 124 10.28 125.81 70.91
CA GLY Z 124 9.13 125.81 71.85
C GLY Z 124 8.37 127.11 71.86
N LYS Z 125 9.08 128.24 71.74
CA LYS Z 125 8.49 129.61 71.82
C LYS Z 125 7.87 130.00 70.48
N LEU Z 126 8.57 129.77 69.38
CA LEU Z 126 8.02 129.99 68.01
C LEU Z 126 6.73 129.16 67.84
N LEU Z 127 6.71 127.91 68.32
CA LEU Z 127 5.55 127.00 68.18
C LEU Z 127 4.36 127.55 68.98
N ASN Z 128 4.59 127.96 70.23
CA ASN Z 128 3.54 128.60 71.08
C ASN Z 128 2.98 129.85 70.38
N ALA Z 129 3.86 130.66 69.78
CA ALA Z 129 3.51 131.92 69.07
C ALA Z 129 2.66 131.59 67.82
N GLN Z 130 3.07 130.59 67.04
CA GLN Z 130 2.39 130.18 65.77
C GLN Z 130 0.95 129.73 66.04
N LEU Z 131 0.72 128.94 67.10
CA LEU Z 131 -0.60 128.31 67.39
C LEU Z 131 -1.49 129.29 68.14
N GLN Z 132 -0.90 130.24 68.87
CA GLN Z 132 -1.65 131.34 69.55
C GLN Z 132 -2.22 132.27 68.48
N PHE Z 133 -1.41 132.58 67.46
CA PHE Z 133 -1.75 133.49 66.32
C PHE Z 133 -2.87 132.90 65.45
N ALA Z 134 -2.86 131.58 65.25
CA ALA Z 134 -3.86 130.85 64.43
C ALA Z 134 -5.04 130.42 65.30
N GLY Z 135 -5.00 130.71 66.60
CA GLY Z 135 -6.04 130.36 67.60
C GLY Z 135 -6.26 128.85 67.70
N LEU Z 136 -5.18 128.05 67.59
CA LEU Z 136 -5.25 126.56 67.61
C LEU Z 136 -4.72 126.01 68.94
N ALA Z 137 -4.04 126.82 69.74
CA ALA Z 137 -3.32 126.37 70.96
C ALA Z 137 -4.26 125.59 71.88
N ASP Z 138 -5.51 126.04 72.01
CA ASP Z 138 -6.47 125.55 73.03
C ASP Z 138 -7.04 124.18 72.65
N TYR Z 139 -6.86 123.73 71.40
CA TYR Z 139 -7.34 122.42 70.91
C TYR Z 139 -6.42 121.27 71.37
N PHE Z 140 -5.15 121.56 71.69
CA PHE Z 140 -4.11 120.54 71.99
C PHE Z 140 -3.87 120.42 73.49
N ASP Z 141 -3.77 119.18 74.00
CA ASP Z 141 -3.49 118.89 75.43
C ASP Z 141 -2.04 119.24 75.72
N ALA Z 142 -1.16 119.00 74.75
CA ALA Z 142 0.28 119.33 74.79
C ALA Z 142 0.79 119.66 73.38
N ILE Z 143 1.79 120.53 73.28
CA ILE Z 143 2.48 120.84 71.99
C ILE Z 143 3.98 120.57 72.13
N PHE Z 144 4.50 119.62 71.34
CA PHE Z 144 5.90 119.12 71.41
C PHE Z 144 6.76 119.86 70.38
N SER Z 145 7.85 120.46 70.85
CA SER Z 145 8.94 121.04 70.04
C SER Z 145 10.10 120.05 69.92
N VAL Z 146 10.92 120.15 68.87
CA VAL Z 146 12.18 119.37 68.77
C VAL Z 146 13.12 119.72 69.92
N GLU Z 147 13.01 120.91 70.50
CA GLU Z 147 13.70 121.28 71.76
C GLU Z 147 13.27 120.34 72.88
N ALA Z 148 12.02 119.89 72.87
CA ALA Z 148 11.39 118.98 73.87
C ALA Z 148 11.60 117.50 73.51
N VAL Z 149 12.17 117.17 72.33
CA VAL Z 149 12.58 115.78 71.94
C VAL Z 149 14.06 115.70 71.51
N GLY Z 150 14.82 116.81 71.47
CA GLY Z 150 16.29 116.81 71.26
C GLY Z 150 16.68 116.78 69.79
N ARG Z 151 15.93 116.03 68.98
CA ARG Z 151 16.24 115.73 67.56
C ARG Z 151 15.07 116.03 66.64
N TYR Z 152 15.37 116.44 65.41
CA TYR Z 152 14.41 116.81 64.34
C TYR Z 152 13.67 115.56 63.85
N LYS Z 153 12.38 115.72 63.50
CA LYS Z 153 11.68 114.68 62.71
C LYS Z 153 12.19 114.77 61.27
N PRO Z 154 12.19 113.65 60.52
CA PRO Z 154 11.49 112.42 60.92
C PRO Z 154 12.28 111.33 61.69
N GLU Z 155 13.23 111.70 62.55
CA GLU Z 155 13.96 110.70 63.36
C GLU Z 155 12.98 110.00 64.31
N LEU Z 156 13.14 108.69 64.47
CA LEU Z 156 12.16 107.81 65.15
C LEU Z 156 11.97 108.23 66.62
N ALA Z 157 13.04 108.76 67.25
CA ALA Z 157 13.05 109.17 68.68
C ALA Z 157 12.05 110.33 68.92
N SER Z 158 11.83 111.19 67.92
CA SER Z 158 10.91 112.36 68.04
C SER Z 158 9.49 111.87 68.35
N TYR Z 159 9.01 110.91 67.55
CA TYR Z 159 7.66 110.33 67.68
C TYR Z 159 7.58 109.60 69.03
N ARG Z 160 8.58 108.77 69.34
CA ARG Z 160 8.60 107.91 70.56
C ARG Z 160 8.58 108.76 71.82
N ALA Z 161 9.23 109.92 71.79
CA ALA Z 161 9.26 110.89 72.91
C ALA Z 161 7.83 111.32 73.25
N VAL Z 162 7.01 111.59 72.24
CA VAL Z 162 5.59 112.02 72.41
C VAL Z 162 4.78 110.84 72.97
N LEU Z 163 4.98 109.62 72.45
CA LEU Z 163 4.25 108.39 72.87
C LEU Z 163 4.42 108.22 74.38
N GLU Z 164 5.68 108.20 74.82
CA GLU Z 164 6.07 107.85 76.21
C GLU Z 164 5.57 108.95 77.14
N THR Z 165 5.68 110.22 76.71
CA THR Z 165 5.24 111.39 77.52
C THR Z 165 3.73 111.32 77.73
N MET Z 166 2.95 111.04 76.68
CA MET Z 166 1.47 111.00 76.73
C MET Z 166 0.99 109.64 77.27
N LYS Z 167 1.89 108.66 77.45
CA LYS Z 167 1.61 107.31 78.02
C LYS Z 167 0.65 106.53 77.11
N VAL Z 168 0.83 106.65 75.80
CA VAL Z 168 -0.03 105.99 74.77
C VAL Z 168 0.90 105.10 73.95
N PRO Z 169 0.56 103.81 73.78
CA PRO Z 169 1.30 102.94 72.85
C PRO Z 169 1.25 103.46 71.41
N ALA Z 170 2.20 103.00 70.59
CA ALA Z 170 2.39 103.43 69.19
C ALA Z 170 1.17 103.04 68.34
N GLU Z 171 0.62 101.84 68.55
CA GLU Z 171 -0.47 101.27 67.70
C GLU Z 171 -1.79 102.01 67.95
N ASN Z 172 -1.91 102.74 69.06
CA ASN Z 172 -3.12 103.53 69.44
C ASN Z 172 -2.89 105.02 69.13
N THR Z 173 -1.80 105.33 68.44
CA THR Z 173 -1.44 106.72 68.05
C THR Z 173 -1.40 106.85 66.52
N MET Z 174 -2.00 107.92 66.02
CA MET Z 174 -2.01 108.28 64.58
C MET Z 174 -1.29 109.63 64.41
N MET Z 175 -0.35 109.68 63.46
CA MET Z 175 0.35 110.90 63.02
C MET Z 175 -0.42 111.49 61.84
N VAL Z 176 -0.78 112.77 61.92
CA VAL Z 176 -1.46 113.54 60.84
C VAL Z 176 -0.44 114.55 60.30
N ALA Z 177 -0.06 114.42 59.03
CA ALA Z 177 0.96 115.28 58.39
C ALA Z 177 0.74 115.36 56.88
N ALA Z 178 1.02 116.53 56.32
CA ALA Z 178 0.97 116.84 54.88
C ALA Z 178 2.34 116.65 54.23
N ASN Z 179 3.24 115.91 54.87
CA ASN Z 179 4.63 115.66 54.40
C ASN Z 179 4.83 114.16 54.23
N GLY Z 180 5.44 113.73 53.12
CA GLY Z 180 5.73 112.31 52.83
C GLY Z 180 6.72 111.73 53.81
N TRP Z 181 7.73 112.52 54.17
CA TRP Z 181 8.84 112.13 55.08
C TRP Z 181 8.29 112.01 56.50
N ASP Z 182 7.33 112.87 56.87
CA ASP Z 182 6.74 112.86 58.24
C ASP Z 182 5.88 111.61 58.38
N ILE Z 183 5.17 111.22 57.31
CA ILE Z 183 4.41 109.94 57.25
C ILE Z 183 5.40 108.77 57.37
N LEU Z 184 6.44 108.75 56.54
CA LEU Z 184 7.48 107.70 56.53
C LEU Z 184 8.03 107.50 57.94
N GLY Z 185 8.44 108.59 58.60
CA GLY Z 185 9.03 108.55 59.96
C GLY Z 185 8.08 107.93 60.97
N ALA Z 186 6.87 108.47 61.07
CA ALA Z 186 5.84 108.02 62.04
C ALA Z 186 5.48 106.55 61.78
N LYS Z 187 5.39 106.17 60.51
CA LYS Z 187 5.06 104.78 60.07
C LYS Z 187 6.15 103.84 60.58
N ARG Z 188 7.42 104.26 60.49
CA ARG Z 188 8.60 103.42 60.84
C ARG Z 188 8.86 103.47 62.34
N ALA Z 189 8.16 104.34 63.07
CA ALA Z 189 8.17 104.42 64.56
C ALA Z 189 6.95 103.67 65.13
N GLY Z 190 6.16 103.00 64.26
CA GLY Z 190 5.06 102.09 64.63
C GLY Z 190 3.72 102.80 64.79
N LEU Z 191 3.64 104.08 64.40
CA LEU Z 191 2.40 104.89 64.50
C LEU Z 191 1.52 104.60 63.28
N ARG Z 192 0.22 104.78 63.45
CA ARG Z 192 -0.75 104.86 62.33
C ARG Z 192 -0.60 106.23 61.67
N THR Z 193 -0.88 106.36 60.37
CA THR Z 193 -0.56 107.57 59.57
C THR Z 193 -1.78 108.03 58.77
N ALA Z 194 -2.03 109.34 58.77
CA ALA Z 194 -3.05 110.03 57.96
C ALA Z 194 -2.37 111.15 57.18
N PHE Z 195 -2.31 111.04 55.86
CA PHE Z 195 -1.73 112.06 54.96
C PHE Z 195 -2.81 113.07 54.57
N VAL Z 196 -2.57 114.35 54.83
CA VAL Z 196 -3.41 115.48 54.35
C VAL Z 196 -2.84 115.94 53.00
N ALA Z 197 -3.48 115.57 51.88
CA ALA Z 197 -3.05 115.88 50.50
C ALA Z 197 -3.28 117.37 50.20
N ARG Z 198 -2.56 118.25 50.92
CA ARG Z 198 -2.48 119.70 50.61
C ARG Z 198 -1.88 119.86 49.21
N GLU Z 199 -2.11 121.01 48.58
CA GLU Z 199 -1.51 121.37 47.28
C GLU Z 199 0.01 121.29 47.33
N GLY Z 200 0.61 120.70 46.27
CA GLY Z 200 2.06 120.72 46.00
C GLY Z 200 2.81 119.76 46.90
N HIS Z 201 2.09 118.83 47.56
CA HIS Z 201 2.64 117.83 48.49
C HIS Z 201 2.25 116.42 48.01
N ALA Z 202 3.26 115.58 47.82
CA ALA Z 202 3.13 114.18 47.34
C ALA Z 202 3.47 113.20 48.48
N ILE Z 203 2.94 111.99 48.38
CA ILE Z 203 3.33 110.83 49.21
C ILE Z 203 4.66 110.27 48.67
N TYR Z 204 5.56 109.89 49.57
CA TYR Z 204 6.84 109.24 49.23
C TYR Z 204 6.53 107.85 48.68
N PRO Z 205 6.78 107.60 47.37
CA PRO Z 205 6.42 106.32 46.76
C PRO Z 205 7.16 105.09 47.31
N LEU Z 206 8.31 105.28 47.98
CA LEU Z 206 9.13 104.16 48.52
C LEU Z 206 8.67 103.81 49.94
N ASP Z 207 7.62 103.01 50.03
CA ASP Z 207 7.07 102.46 51.29
C ASP Z 207 6.63 103.60 52.20
N GLY Z 208 6.05 104.66 51.62
CA GLY Z 208 5.56 105.85 52.35
C GLY Z 208 4.06 106.03 52.23
N THR Z 209 3.32 104.96 51.93
CA THR Z 209 1.83 104.95 51.83
C THR Z 209 1.23 105.00 53.24
N PRO Z 210 0.36 105.98 53.54
CA PRO Z 210 -0.27 106.05 54.85
C PRO Z 210 -1.48 105.12 54.97
N GLU Z 211 -2.03 105.00 56.18
CA GLU Z 211 -3.29 104.26 56.45
C GLU Z 211 -4.46 105.00 55.82
N LEU Z 212 -4.56 106.32 56.02
CA LEU Z 212 -5.62 107.18 55.43
C LEU Z 212 -4.97 108.27 54.58
N GLU Z 213 -5.70 108.70 53.55
CA GLU Z 213 -5.40 109.87 52.69
C GLU Z 213 -6.67 110.73 52.65
N ALA Z 214 -6.55 112.05 52.83
CA ALA Z 214 -7.65 113.04 52.80
C ALA Z 214 -7.12 114.38 52.29
N LYS Z 215 -8.00 115.24 51.77
CA LYS Z 215 -7.63 116.56 51.19
C LYS Z 215 -7.42 117.57 52.31
N THR Z 216 -8.13 117.40 53.42
CA THR Z 216 -8.18 118.36 54.54
C THR Z 216 -8.13 117.60 55.87
N VAL Z 217 -7.81 118.32 56.94
CA VAL Z 217 -7.88 117.83 58.35
C VAL Z 217 -9.34 117.50 58.68
N LEU Z 218 -10.28 118.32 58.22
CA LEU Z 218 -11.75 118.10 58.40
C LEU Z 218 -12.14 116.72 57.83
N GLU Z 219 -11.61 116.38 56.66
CA GLU Z 219 -11.91 115.10 55.95
C GLU Z 219 -11.28 113.94 56.72
N VAL Z 220 -10.12 114.16 57.35
CA VAL Z 220 -9.45 113.15 58.25
C VAL Z 220 -10.38 112.89 59.45
N ALA Z 221 -10.88 113.96 60.06
CA ALA Z 221 -11.77 113.93 61.25
C ALA Z 221 -13.04 113.12 60.93
N ARG Z 222 -13.64 113.41 59.77
CA ARG Z 222 -14.85 112.70 59.29
C ARG Z 222 -14.54 111.22 59.07
N THR Z 223 -13.41 110.90 58.42
CA THR Z 223 -13.04 109.50 58.08
C THR Z 223 -12.79 108.67 59.35
N LEU Z 224 -12.28 109.28 60.43
CA LEU Z 224 -11.99 108.54 61.69
C LEU Z 224 -13.30 108.30 62.45
N LEU Z 225 -14.28 109.20 62.31
CA LEU Z 225 -15.59 109.14 63.00
C LEU Z 225 -16.71 108.85 61.99
#